data_7E5R
#
_entry.id   7E5R
#
loop_
_entity.id
_entity.type
_entity.pdbx_description
1 polymer 'H014 light chain'
2 polymer 'H014 heavy chain'
3 polymer 'Spike glycoprotein'
4 polymer 'P17 heavy chain'
5 polymer 'P17 light chain'
6 polymer 'FC05 light chain'
7 polymer 'FC05 heavy chain'
8 branched 2-acetamido-2-deoxy-beta-D-glucopyranose-(1-4)-2-acetamido-2-deoxy-beta-D-glucopyranose
#
loop_
_entity_poly.entity_id
_entity_poly.type
_entity_poly.pdbx_seq_one_letter_code
_entity_poly.pdbx_strand_id
1 'polypeptide(L)'
;IVLTQSPFQSVSPKEKVTITCRASQSISSNLHWYQQKPDQSPKLLIKYASQSISGIPSRFSGSGSGTDFTLTINSLEAED
FGIYFCQQTNFWPYIFGQGTKLEILKRTVAAPSVFIFPPSDEQLKSGTASVVCLLNNFYPREAKVQWKVDNALQSGNSES
VTEQDSKDSTYSLSSTLTLSKADYEKHKVYACEVTHQGLSSTKSFNRGEC
;
H,D,E
2 'polypeptide(L)'
;EVQLVQSGAEVKKPGATVKISCKVSGYSFSNYYIHWVKQAPGKSLEWIGYIDPFNGGTSDNLKFKGAATLTADTSTDTAY
MELSSLRSEDTAVYYCARSEYDPYYVMDYWGQGTTVTVSSASTKGPSVFPLAPSSKSTSGGTAALGCLVKDYFPEPVTVS
WNSGALTSGVHTFPAVLQSSGLYSLSSVVTVPSSSLGTQTYICNVNHKPSNTKVDKKVEPKSC
;
L,N,O
3 'polypeptide(L)'
;MFVFLVLLPLVSSQCVNLTTRTQLPPAYTNSFTRGVYYPDKVFRSSVLHSTQDLFLPFFSNVTWFHAIHVSGTNGTKRFD
NPVLPFNDGVYFASTEKSNIIRGWIFGTTLDSKTQSLLIVNNATNVVIKVCEFQFCNDPFLGVYYHKNNKSWMESEFRVY
SSANNCTFEYVSQPFLMDLEGKQGNFKNLREFVFKNIDGYFKIYSKHTPINLVRDLPQGFSALEPLVDLPIGINITRFQT
LLALHRSYLTPGDSSSGWTAGAAAYYVGYLQPRTFLLKYNENGTITDAVDCALDPLSETKCTLKSFTVEKGIYQTSNFRV
QPTESIVRFPNITNLCPFGEVFNATRFASVYAWNRKRISNCVADYSVLYNSASFSTFKCYGVSPTKLNDLCFTNVYADSF
VIRGDEVRQIAPGQTGKIADYNYKLPDDFTGCVIAWNSNNLDSKVGGNYNYLYRLFRKSNLKPFERDISTEIYQAGSTPC
NGVEGFNCYFPLQSYGFQPTNGVGYQPYRVVVLSFELLHAPATVCGPKKSTNLVKNKCVNFNFNGLTGTGVLTESNKKFL
PFQQFGRDIADTTDAVRDPQTLEILDITPCSFGGVSVITPGTNTSNQVAVLYQDVNCTEVPVAIHADQLTPTWRVYSTGS
NVFQTRAGCLIGAEHVNNSYECDIPIGAGICASYQTQTNSPGSASSVASQSIIAYTMSLGAENSVAYSNNSIAIPTNFTI
SVTTEILPVSMTKTSVDCTMYICGDSTECSNLLLQYGSFCTQLNRALTGIAVEQDKNTQEVFAQVKQIYKTPPIKDFGGF
NFSQILPDPSKPSKRSFIEDLLFNKVTLADAGFIKQYGDCLGDIAARDLICAQKFNGLTVLPPLLTDEMIAQYTSALLAG
TITSGWTFGAGAALQIPFAMQMAYRFNGIGVTQNVLYENQKLIANQFNSAIGKIQDSLSSTASALGKLQDVVNQNAQALN
TLVKQLSSNFGAISSVLNDILSRLDPPEAEVQIDRLITGRLQSLQTYVTQQLIRAAEIRASANLAATKMSECVLGQSKRV
DFCGKGYHLMSFPQSAPHGVVFLHVTYVPAQEKNFTTAPAICHDGKAHFPREGVFVSNGTHWFVTQRNFYEPQIITTDNT
FVSGNCDVVIGIVNNTVYDPLQPELDSFKEELDKYFKNHTSPDVDLGDISGINASVVNIQKEIDRLNEVAKNLNESLIDL
QELGKYEQGGRGSGYIPEAPRDGQAYVRKDGEWVLLSTFLGRSLEVLFQGPGWSHPQFEKGGGSGGGSGGSSAWSHPQFE
K
;
A,B,C
4 'polypeptide(L)'
;QQLVESGGGVVQPGRSLRLSCAASGFTFSSYAMHWVRQAPGKGLEWVAVISYDGSNKYYADSVKGRFTISRDNSKNTLYL
QMNSLRAEDTAVYYCARHATLMNNKDIWGQGTLVTVSSAS
;
M,T,I
5 'polypeptide(L)'
;GDIQLTQSPSSLSASVGDRVTITCRASQSISSYLNWYQQKPGKAPKLLIYAASSLQSGVPSRFSGSGSGTDFTLTISSLQ
PEDFATYYCQQSYSTPRTFGQGTKVEIK
;
U,V,K
6 'polypeptide(L)'
;SVLTQAPSVSGAPGQKVTISCSGSSSNIGNNYVSWYQQLPGTAPKLLIYDNNKRPSGIPDRFSGSKSGTSATLGITGLQT
GDEADYYCGTWDSSLSAVVFGGGTKLTVL
;
R,S,Q
7 'polypeptide(L)'
;EVQLLEQSGAEVKKPGASVRVSCKVSGYTLPEVAMHWVRQAPGKGLEWMGGFDPEDGETMYAQKFQGRVTMTEDTSTDTA
YMELSSLRSEDTAVYYCATTTPFSSSYWFDPWGQGTLVTV
;
W,X,P
#
loop_
_chem_comp.id
_chem_comp.type
_chem_comp.name
_chem_comp.formula
NAG D-saccharide, beta linking 2-acetamido-2-deoxy-beta-D-glucopyranose 'C8 H15 N O6'
#
# COMPACT_ATOMS: atom_id res chain seq x y z
N ILE A 1 13.49 -3.29 -66.06
CA ILE A 1 12.93 -4.60 -66.38
C ILE A 1 11.56 -4.46 -67.04
N VAL A 2 11.43 -3.45 -67.89
CA VAL A 2 10.18 -3.18 -68.59
C VAL A 2 10.13 -3.98 -69.87
N LEU A 3 8.96 -4.53 -70.19
CA LEU A 3 8.76 -5.32 -71.40
C LEU A 3 7.58 -4.75 -72.18
N THR A 4 7.80 -4.48 -73.46
CA THR A 4 6.82 -3.82 -74.34
C THR A 4 6.74 -4.57 -75.66
N GLN A 5 6.58 -5.89 -75.57
CA GLN A 5 6.79 -6.81 -76.69
C GLN A 5 6.04 -6.41 -77.95
N SER A 6 4.71 -6.46 -77.92
CA SER A 6 3.91 -6.14 -79.09
C SER A 6 2.47 -5.86 -78.67
N PRO A 7 1.89 -4.73 -79.11
CA PRO A 7 0.53 -4.38 -78.67
C PRO A 7 -0.48 -5.49 -78.96
N PHE A 8 -0.62 -5.87 -80.22
CA PHE A 8 -1.51 -6.94 -80.61
C PHE A 8 -1.12 -7.39 -82.02
N GLN A 9 -1.90 -8.33 -82.56
CA GLN A 9 -1.59 -8.93 -83.85
C GLN A 9 -2.79 -8.81 -84.78
N SER A 10 -2.52 -8.53 -86.06
CA SER A 10 -3.55 -8.56 -87.10
C SER A 10 -2.88 -8.96 -88.41
N VAL A 11 -2.90 -10.27 -88.70
CA VAL A 11 -2.30 -10.84 -89.90
C VAL A 11 -3.08 -12.07 -90.29
N SER A 12 -2.84 -12.55 -91.51
CA SER A 12 -3.43 -13.81 -91.94
C SER A 12 -2.83 -14.96 -91.15
N PRO A 13 -3.64 -15.96 -90.79
CA PRO A 13 -3.11 -17.08 -89.98
C PRO A 13 -2.16 -17.99 -90.75
N LYS A 14 -1.61 -18.97 -90.05
CA LYS A 14 -0.69 -19.96 -90.61
C LYS A 14 0.57 -19.35 -91.20
N GLU A 15 0.98 -18.19 -90.70
CA GLU A 15 2.27 -17.60 -91.00
C GLU A 15 3.14 -17.62 -89.75
N LYS A 16 4.46 -17.57 -89.97
CA LYS A 16 5.41 -17.53 -88.87
C LYS A 16 5.38 -16.12 -88.27
N VAL A 17 4.38 -15.88 -87.43
CA VAL A 17 4.11 -14.55 -86.90
C VAL A 17 4.97 -14.31 -85.66
N THR A 18 5.68 -13.20 -85.64
CA THR A 18 6.68 -12.94 -84.61
C THR A 18 6.20 -11.86 -83.66
N ILE A 19 6.48 -12.05 -82.37
CA ILE A 19 6.24 -11.06 -81.33
C ILE A 19 7.55 -10.86 -80.59
N THR A 20 8.09 -9.64 -80.65
CA THR A 20 9.45 -9.37 -80.20
C THR A 20 9.41 -8.63 -78.86
N CYS A 21 9.74 -9.33 -77.79
CA CYS A 21 9.87 -8.72 -76.46
C CYS A 21 11.14 -7.89 -76.44
N ARG A 22 10.98 -6.58 -76.61
CA ARG A 22 12.10 -5.63 -76.53
C ARG A 22 12.25 -5.21 -75.08
N ALA A 23 13.05 -5.97 -74.34
CA ALA A 23 13.30 -5.66 -72.94
C ALA A 23 14.12 -4.38 -72.82
N SER A 24 14.25 -3.91 -71.58
CA SER A 24 14.99 -2.69 -71.29
C SER A 24 16.47 -3.01 -71.27
N GLN A 25 17.29 -2.05 -70.83
CA GLN A 25 18.73 -2.31 -70.73
C GLN A 25 19.08 -3.40 -69.73
N SER A 26 18.10 -3.95 -69.00
CA SER A 26 18.34 -5.15 -68.21
C SER A 26 18.43 -6.37 -69.12
N ILE A 27 19.65 -6.72 -69.55
CA ILE A 27 19.87 -7.83 -70.46
C ILE A 27 19.88 -9.11 -69.62
N SER A 28 18.72 -9.76 -69.51
CA SER A 28 18.56 -10.94 -68.68
C SER A 28 18.37 -12.17 -69.56
N SER A 29 19.28 -13.14 -69.42
CA SER A 29 19.20 -14.35 -70.23
C SER A 29 17.89 -15.10 -70.00
N ASN A 30 17.45 -15.20 -68.75
CA ASN A 30 16.21 -15.88 -68.46
C ASN A 30 15.01 -15.03 -68.87
N LEU A 31 13.91 -15.72 -69.13
CA LEU A 31 12.64 -15.09 -69.52
C LEU A 31 11.58 -16.18 -69.48
N HIS A 32 10.37 -15.83 -69.92
CA HIS A 32 9.30 -16.83 -70.05
C HIS A 32 8.20 -16.27 -70.94
N TRP A 33 7.34 -17.16 -71.38
CA TRP A 33 6.19 -16.80 -72.21
C TRP A 33 4.98 -17.63 -71.80
N TYR A 34 3.88 -16.97 -71.50
CA TYR A 34 2.64 -17.63 -71.10
C TYR A 34 1.52 -17.27 -72.07
N GLN A 35 0.54 -18.16 -72.18
CA GLN A 35 -0.61 -17.96 -73.06
C GLN A 35 -1.84 -17.71 -72.20
N GLN A 36 -2.44 -16.53 -72.34
CA GLN A 36 -3.66 -16.17 -71.64
C GLN A 36 -4.82 -16.15 -72.63
N LYS A 37 -5.94 -16.73 -72.22
CA LYS A 37 -7.17 -16.74 -72.99
C LYS A 37 -8.19 -15.83 -72.33
N PRO A 38 -9.24 -15.42 -73.07
CA PRO A 38 -10.23 -14.51 -72.46
C PRO A 38 -10.88 -15.11 -71.23
N ASP A 39 -10.61 -14.50 -70.07
CA ASP A 39 -11.06 -14.99 -68.77
C ASP A 39 -10.63 -16.44 -68.54
N GLN A 40 -9.35 -16.72 -68.76
CA GLN A 40 -8.78 -18.04 -68.47
C GLN A 40 -7.44 -17.86 -67.79
N SER A 41 -7.21 -18.65 -66.75
CA SER A 41 -5.93 -18.66 -66.05
C SER A 41 -4.81 -18.97 -67.04
N PRO A 42 -3.86 -18.05 -67.25
CA PRO A 42 -2.80 -18.30 -68.23
C PRO A 42 -1.92 -19.47 -67.82
N LYS A 43 -1.11 -19.92 -68.77
CA LYS A 43 -0.19 -21.03 -68.54
C LYS A 43 1.10 -20.76 -69.30
N LEU A 44 2.23 -20.95 -68.62
CA LEU A 44 3.52 -20.67 -69.22
C LEU A 44 3.79 -21.63 -70.38
N LEU A 45 3.93 -21.06 -71.59
CA LEU A 45 4.20 -21.85 -72.78
C LEU A 45 5.70 -22.13 -72.92
N ILE A 46 6.50 -21.08 -72.99
CA ILE A 46 7.93 -21.19 -73.22
C ILE A 46 8.64 -20.90 -71.92
N LYS A 47 9.34 -21.91 -71.39
CA LYS A 47 10.10 -21.76 -70.15
C LYS A 47 11.54 -21.40 -70.47
N TYR A 48 12.07 -20.40 -69.77
CA TYR A 48 13.41 -19.86 -69.97
C TYR A 48 13.64 -19.35 -71.38
N ALA A 49 12.57 -19.16 -72.15
CA ALA A 49 12.60 -18.56 -73.48
C ALA A 49 13.41 -19.36 -74.49
N SER A 50 13.96 -20.50 -74.07
CA SER A 50 14.68 -21.37 -74.98
C SER A 50 14.21 -22.82 -74.84
N GLN A 51 13.77 -23.19 -73.64
CA GLN A 51 13.40 -24.56 -73.34
C GLN A 51 11.89 -24.75 -73.46
N SER A 52 11.49 -25.95 -73.87
CA SER A 52 10.09 -26.30 -74.03
C SER A 52 9.64 -27.19 -72.89
N ILE A 53 8.50 -26.85 -72.29
CA ILE A 53 7.93 -27.66 -71.22
C ILE A 53 7.00 -28.70 -71.83
N SER A 54 6.75 -29.76 -71.08
CA SER A 54 5.98 -30.89 -71.60
C SER A 54 4.54 -30.48 -71.88
N GLY A 55 4.04 -30.86 -73.04
CA GLY A 55 2.65 -30.62 -73.41
C GLY A 55 2.39 -29.37 -74.22
N ILE A 56 3.39 -28.81 -74.88
CA ILE A 56 3.23 -27.60 -75.67
C ILE A 56 3.55 -27.92 -77.12
N PRO A 57 2.64 -27.65 -78.06
CA PRO A 57 2.96 -27.85 -79.47
C PRO A 57 4.07 -26.91 -79.92
N SER A 58 4.81 -27.34 -80.94
CA SER A 58 5.93 -26.56 -81.46
C SER A 58 5.49 -25.48 -82.45
N ARG A 59 4.21 -25.09 -82.44
CA ARG A 59 3.77 -24.02 -83.33
C ARG A 59 4.34 -22.67 -82.91
N PHE A 60 4.59 -22.49 -81.61
CA PHE A 60 5.15 -21.25 -81.09
C PHE A 60 6.52 -21.54 -80.49
N SER A 61 7.57 -21.12 -81.18
CA SER A 61 8.94 -21.23 -80.68
C SER A 61 9.37 -19.94 -79.98
N GLY A 62 10.34 -20.07 -79.10
CA GLY A 62 10.89 -18.91 -78.40
C GLY A 62 12.40 -18.88 -78.47
N SER A 63 12.94 -17.67 -78.67
CA SER A 63 14.37 -17.46 -78.75
C SER A 63 14.67 -16.04 -78.28
N GLY A 64 15.93 -15.63 -78.41
CA GLY A 64 16.31 -14.26 -78.08
C GLY A 64 17.71 -14.20 -77.54
N SER A 65 18.22 -12.96 -77.44
CA SER A 65 19.58 -12.71 -76.97
C SER A 65 19.56 -11.55 -75.99
N GLY A 66 20.30 -11.71 -74.89
CA GLY A 66 20.47 -10.65 -73.92
C GLY A 66 19.15 -10.15 -73.36
N THR A 67 18.77 -8.95 -73.77
CA THR A 67 17.46 -8.41 -73.40
C THR A 67 16.41 -8.71 -74.46
N ASP A 68 16.75 -8.56 -75.73
CA ASP A 68 15.75 -8.62 -76.81
C ASP A 68 15.44 -10.08 -77.12
N PHE A 69 14.23 -10.51 -76.81
CA PHE A 69 13.81 -11.87 -77.10
C PHE A 69 12.66 -11.84 -78.11
N THR A 70 12.32 -13.01 -78.65
CA THR A 70 11.28 -13.12 -79.66
C THR A 70 10.54 -14.43 -79.48
N LEU A 71 9.28 -14.43 -79.92
CA LEU A 71 8.44 -15.63 -79.95
C LEU A 71 7.80 -15.72 -81.32
N THR A 72 8.12 -16.76 -82.06
CA THR A 72 7.62 -16.96 -83.42
C THR A 72 6.57 -18.06 -83.39
N ILE A 73 5.29 -17.68 -83.48
CA ILE A 73 4.21 -18.64 -83.65
C ILE A 73 4.19 -19.03 -85.13
N ASN A 74 4.84 -20.14 -85.45
CA ASN A 74 4.89 -20.63 -86.82
C ASN A 74 3.64 -21.44 -87.12
N SER A 75 2.97 -21.12 -88.23
CA SER A 75 1.72 -21.73 -88.63
C SER A 75 0.69 -21.66 -87.49
N LEU A 76 0.43 -20.43 -87.06
CA LEU A 76 -0.59 -20.19 -86.05
C LEU A 76 -1.96 -20.14 -86.71
N GLU A 77 -2.89 -20.94 -86.20
CA GLU A 77 -4.19 -21.12 -86.82
C GLU A 77 -5.25 -20.29 -86.11
N ALA A 78 -6.50 -20.44 -86.56
CA ALA A 78 -7.63 -19.70 -86.01
C ALA A 78 -8.19 -20.33 -84.73
N GLU A 79 -7.49 -21.31 -84.15
CA GLU A 79 -7.95 -21.95 -82.94
C GLU A 79 -6.97 -21.82 -81.77
N ASP A 80 -5.81 -21.20 -81.98
CA ASP A 80 -4.79 -21.11 -80.95
C ASP A 80 -4.52 -19.68 -80.47
N PHE A 81 -4.77 -18.68 -81.30
CA PHE A 81 -4.33 -17.33 -80.96
C PHE A 81 -5.09 -16.78 -79.77
N GLY A 82 -4.40 -15.97 -78.97
CA GLY A 82 -4.99 -15.31 -77.82
C GLY A 82 -4.12 -14.16 -77.37
N ILE A 83 -3.96 -14.02 -76.05
CA ILE A 83 -2.99 -13.09 -75.48
C ILE A 83 -1.74 -13.88 -75.15
N TYR A 84 -0.57 -13.28 -75.35
CA TYR A 84 0.70 -13.96 -75.09
C TYR A 84 1.59 -13.03 -74.28
N PHE A 85 1.75 -13.35 -73.00
CA PHE A 85 2.48 -12.50 -72.07
C PHE A 85 3.94 -12.93 -71.97
N CYS A 86 4.82 -11.95 -71.92
CA CYS A 86 6.23 -12.19 -71.61
C CYS A 86 6.44 -12.04 -70.10
N GLN A 87 7.29 -12.89 -69.55
CA GLN A 87 7.49 -12.97 -68.12
C GLN A 87 8.96 -12.75 -67.79
N GLN A 88 9.23 -11.88 -66.82
CA GLN A 88 10.58 -11.47 -66.47
C GLN A 88 11.23 -12.51 -65.57
N THR A 89 12.35 -12.13 -64.96
CA THR A 89 13.24 -13.07 -64.28
C THR A 89 13.96 -12.40 -63.12
N ASN A 90 15.12 -12.96 -62.75
CA ASN A 90 15.88 -12.69 -61.52
C ASN A 90 15.79 -11.27 -61.01
N PHE A 91 15.84 -10.26 -61.89
CA PHE A 91 15.65 -8.87 -61.49
C PHE A 91 14.42 -8.77 -60.59
N TRP A 92 14.63 -8.37 -59.33
CA TRP A 92 13.67 -8.57 -58.25
C TRP A 92 12.21 -8.26 -58.60
N PRO A 93 11.86 -7.08 -59.15
CA PRO A 93 10.45 -6.88 -59.52
C PRO A 93 10.10 -7.69 -60.76
N TYR A 94 9.37 -8.79 -60.57
CA TYR A 94 9.04 -9.70 -61.66
C TYR A 94 7.83 -9.16 -62.41
N ILE A 95 8.03 -8.03 -63.07
CA ILE A 95 6.99 -7.39 -63.85
C ILE A 95 6.87 -8.09 -65.20
N PHE A 96 5.64 -8.35 -65.61
CA PHE A 96 5.37 -9.02 -66.88
C PHE A 96 5.00 -7.99 -67.94
N GLY A 97 5.39 -8.26 -69.18
CA GLY A 97 5.10 -7.34 -70.26
C GLY A 97 3.62 -7.13 -70.45
N GLN A 98 3.30 -6.16 -71.31
CA GLN A 98 1.90 -5.84 -71.59
C GLN A 98 1.21 -6.90 -72.45
N GLY A 99 1.84 -8.04 -72.69
CA GLY A 99 1.24 -9.12 -73.43
C GLY A 99 1.24 -8.88 -74.93
N THR A 100 0.96 -9.96 -75.66
CA THR A 100 0.91 -9.93 -77.13
C THR A 100 -0.42 -10.55 -77.55
N LYS A 101 -1.46 -9.73 -77.62
CA LYS A 101 -2.74 -10.20 -78.14
C LYS A 101 -2.57 -10.65 -79.58
N LEU A 102 -3.25 -11.74 -79.94
CA LEU A 102 -3.11 -12.33 -81.27
C LEU A 102 -4.50 -12.43 -81.91
N GLU A 103 -4.77 -11.54 -82.85
CA GLU A 103 -5.96 -11.61 -83.70
C GLU A 103 -5.54 -11.91 -85.13
N ILE A 104 -6.33 -12.74 -85.81
CA ILE A 104 -5.99 -13.18 -87.15
C ILE A 104 -7.22 -13.08 -88.05
N LEU A 105 -6.96 -13.10 -89.36
CA LEU A 105 -8.02 -13.03 -90.35
C LEU A 105 -8.90 -14.27 -90.31
N GLN B 3 -1.42 -28.89 -59.28
CA GLN B 3 -2.63 -28.09 -59.46
C GLN B 3 -2.99 -27.35 -58.19
N LEU B 4 -3.42 -26.10 -58.34
CA LEU B 4 -3.82 -25.27 -57.21
C LEU B 4 -5.30 -24.98 -57.29
N VAL B 5 -5.97 -24.93 -56.14
CA VAL B 5 -7.39 -24.60 -56.05
C VAL B 5 -7.53 -23.41 -55.12
N GLN B 6 -8.44 -22.51 -55.45
CA GLN B 6 -8.71 -21.33 -54.65
C GLN B 6 -10.14 -21.37 -54.14
N SER B 7 -10.53 -20.33 -53.41
CA SER B 7 -11.91 -20.17 -52.98
C SER B 7 -12.72 -19.50 -54.08
N GLY B 8 -14.04 -19.60 -53.97
CA GLY B 8 -14.91 -19.00 -54.96
C GLY B 8 -14.80 -17.49 -54.98
N ALA B 9 -15.35 -16.91 -56.06
CA ALA B 9 -15.32 -15.46 -56.20
C ALA B 9 -16.10 -14.80 -55.07
N GLU B 10 -15.50 -13.78 -54.47
CA GLU B 10 -16.06 -13.11 -53.31
C GLU B 10 -16.25 -11.63 -53.60
N VAL B 11 -17.28 -11.05 -52.97
CA VAL B 11 -17.54 -9.61 -53.03
C VAL B 11 -17.56 -9.09 -51.61
N LYS B 12 -16.74 -8.08 -51.33
CA LYS B 12 -16.54 -7.59 -49.96
C LYS B 12 -16.71 -6.07 -49.92
N LYS B 13 -16.48 -5.51 -48.73
CA LYS B 13 -16.69 -4.13 -48.38
C LYS B 13 -15.37 -3.36 -48.37
N PRO B 14 -15.41 -2.05 -48.51
CA PRO B 14 -14.17 -1.27 -48.42
C PRO B 14 -13.68 -1.16 -46.98
N GLY B 15 -12.38 -0.95 -46.85
CA GLY B 15 -11.79 -0.70 -45.54
C GLY B 15 -11.46 -1.94 -44.75
N ALA B 16 -12.31 -2.96 -44.82
CA ALA B 16 -12.13 -4.17 -44.04
C ALA B 16 -11.08 -5.06 -44.68
N THR B 17 -10.98 -6.30 -44.21
CA THR B 17 -10.02 -7.27 -44.71
C THR B 17 -10.74 -8.51 -45.22
N VAL B 18 -9.95 -9.43 -45.79
CA VAL B 18 -10.47 -10.69 -46.32
C VAL B 18 -9.33 -11.69 -46.31
N LYS B 19 -9.68 -12.97 -46.25
CA LYS B 19 -8.69 -14.05 -46.27
C LYS B 19 -9.06 -15.03 -47.37
N ILE B 20 -8.22 -15.11 -48.40
CA ILE B 20 -8.39 -16.08 -49.47
C ILE B 20 -7.43 -17.23 -49.21
N SER B 21 -7.81 -18.42 -49.65
CA SER B 21 -7.01 -19.61 -49.43
C SER B 21 -6.73 -20.31 -50.76
N CYS B 22 -5.69 -21.13 -50.76
CA CYS B 22 -5.33 -21.91 -51.94
C CYS B 22 -4.74 -23.24 -51.50
N LYS B 23 -5.42 -24.33 -51.85
CA LYS B 23 -4.95 -25.67 -51.59
C LYS B 23 -4.15 -26.21 -52.78
N VAL B 24 -3.33 -27.21 -52.51
CA VAL B 24 -2.39 -27.76 -53.46
C VAL B 24 -2.45 -29.29 -53.43
N SER B 25 -2.33 -29.91 -54.60
CA SER B 25 -2.24 -31.35 -54.71
C SER B 25 -1.41 -31.70 -55.93
N GLY B 26 -0.64 -32.78 -55.83
CA GLY B 26 0.15 -33.27 -56.95
C GLY B 26 1.65 -33.26 -56.72
N TYR B 27 2.13 -32.64 -55.64
CA TYR B 27 3.56 -32.63 -55.33
C TYR B 27 3.72 -32.32 -53.85
N SER B 28 4.97 -32.23 -53.42
CA SER B 28 5.29 -31.88 -52.03
C SER B 28 5.06 -30.39 -51.82
N PHE B 29 4.01 -30.06 -51.07
CA PHE B 29 3.68 -28.65 -50.83
C PHE B 29 4.83 -27.94 -50.10
N SER B 30 5.22 -28.47 -48.94
CA SER B 30 6.15 -27.79 -48.05
C SER B 30 7.51 -27.51 -48.68
N ASN B 31 7.78 -28.01 -49.88
CA ASN B 31 9.05 -27.77 -50.55
C ASN B 31 8.87 -27.11 -51.91
N TYR B 32 7.81 -26.32 -52.06
CA TYR B 32 7.54 -25.65 -53.33
C TYR B 32 6.82 -24.34 -53.06
N TYR B 33 7.44 -23.23 -53.47
CA TYR B 33 6.93 -21.90 -53.17
C TYR B 33 5.52 -21.70 -53.72
N ILE B 34 4.83 -20.70 -53.18
CA ILE B 34 3.48 -20.36 -53.60
C ILE B 34 3.48 -18.89 -53.97
N HIS B 35 3.48 -18.60 -55.27
CA HIS B 35 3.33 -17.24 -55.74
C HIS B 35 1.90 -16.77 -55.55
N TRP B 36 1.73 -15.48 -55.26
CA TRP B 36 0.44 -14.82 -55.28
C TRP B 36 0.56 -13.63 -56.23
N VAL B 37 -0.34 -13.57 -57.21
CA VAL B 37 -0.27 -12.58 -58.28
C VAL B 37 -1.68 -12.03 -58.52
N LYS B 38 -1.80 -10.71 -58.57
CA LYS B 38 -3.08 -10.09 -58.89
C LYS B 38 -3.20 -9.93 -60.40
N GLN B 39 -4.45 -9.95 -60.88
CA GLN B 39 -4.79 -9.67 -62.26
C GLN B 39 -5.87 -8.60 -62.24
N ALA B 40 -5.48 -7.38 -62.62
CA ALA B 40 -6.34 -6.22 -62.52
C ALA B 40 -7.56 -6.37 -63.44
N PRO B 41 -8.63 -5.61 -63.18
CA PRO B 41 -9.82 -5.70 -64.05
C PRO B 41 -9.55 -5.17 -65.45
N GLY B 42 -9.47 -6.07 -66.42
CA GLY B 42 -9.22 -5.67 -67.79
C GLY B 42 -7.90 -4.96 -68.00
N LYS B 43 -6.89 -5.28 -67.21
CA LYS B 43 -5.57 -4.65 -67.33
C LYS B 43 -4.51 -5.73 -67.21
N SER B 44 -3.26 -5.31 -67.07
CA SER B 44 -2.13 -6.23 -67.02
C SER B 44 -2.10 -6.94 -65.65
N LEU B 45 -1.07 -7.76 -65.47
CA LEU B 45 -0.90 -8.51 -64.23
C LEU B 45 -0.12 -7.68 -63.21
N GLU B 46 -0.08 -8.16 -61.98
CA GLU B 46 0.67 -7.51 -60.91
C GLU B 46 1.10 -8.55 -59.91
N TRP B 47 2.41 -8.67 -59.71
CA TRP B 47 2.95 -9.59 -58.71
C TRP B 47 2.74 -9.01 -57.32
N ILE B 48 1.91 -9.68 -56.51
CA ILE B 48 1.68 -9.22 -55.15
C ILE B 48 2.57 -9.93 -54.13
N GLY B 49 3.22 -11.02 -54.51
CA GLY B 49 4.28 -11.56 -53.67
C GLY B 49 4.34 -13.07 -53.82
N TYR B 50 4.94 -13.70 -52.81
CA TYR B 50 4.95 -15.15 -52.72
C TYR B 50 5.33 -15.54 -51.31
N ILE B 51 4.89 -16.73 -50.90
CA ILE B 51 5.20 -17.28 -49.60
C ILE B 51 5.94 -18.60 -49.77
N ASP B 52 6.92 -18.83 -48.89
CA ASP B 52 7.51 -20.15 -48.76
C ASP B 52 6.56 -21.06 -48.00
N PRO B 53 6.37 -22.30 -48.47
CA PRO B 53 5.43 -23.20 -47.78
C PRO B 53 5.95 -23.68 -46.44
N PHE B 54 7.27 -23.74 -46.26
CA PHE B 54 7.86 -24.24 -45.02
C PHE B 54 8.02 -23.13 -43.98
N ASN B 55 8.60 -22.01 -44.36
CA ASN B 55 8.88 -20.91 -43.45
C ASN B 55 8.18 -19.64 -43.95
N GLY B 56 8.38 -18.55 -43.22
CA GLY B 56 7.80 -17.28 -43.60
C GLY B 56 8.55 -16.58 -44.70
N GLY B 57 8.78 -17.27 -45.82
CA GLY B 57 9.47 -16.68 -46.95
C GLY B 57 8.56 -15.77 -47.75
N THR B 58 8.04 -14.74 -47.09
CA THR B 58 7.07 -13.83 -47.71
C THR B 58 7.79 -12.58 -48.24
N SER B 59 8.51 -12.76 -49.33
CA SER B 59 9.07 -11.63 -50.05
C SER B 59 7.93 -10.85 -50.69
N ASP B 60 7.55 -9.74 -50.06
CA ASP B 60 6.31 -9.04 -50.40
C ASP B 60 6.60 -7.88 -51.35
N ASN B 61 5.76 -7.75 -52.37
CA ASN B 61 5.86 -6.62 -53.28
C ASN B 61 5.54 -5.32 -52.54
N LEU B 62 6.16 -4.23 -53.01
CA LEU B 62 6.01 -2.92 -52.39
C LEU B 62 5.03 -2.02 -53.12
N LYS B 63 4.51 -2.44 -54.28
CA LYS B 63 3.65 -1.57 -55.08
C LYS B 63 2.40 -1.15 -54.32
N PHE B 64 1.78 -2.08 -53.60
CA PHE B 64 0.60 -1.79 -52.79
C PHE B 64 0.83 -2.36 -51.39
N LYS B 65 0.77 -1.48 -50.39
CA LYS B 65 0.89 -1.90 -48.99
C LYS B 65 -0.50 -2.00 -48.34
N GLY B 66 -1.30 -2.92 -48.86
CA GLY B 66 -2.61 -3.18 -48.30
C GLY B 66 -2.59 -4.25 -47.23
N ALA B 67 -1.44 -4.42 -46.59
CA ALA B 67 -1.24 -5.43 -45.56
C ALA B 67 -1.63 -6.82 -46.07
N ALA B 68 -1.33 -7.07 -47.34
CA ALA B 68 -1.63 -8.36 -47.97
C ALA B 68 -0.61 -9.39 -47.47
N THR B 69 -0.83 -9.85 -46.25
CA THR B 69 0.09 -10.79 -45.63
C THR B 69 -0.14 -12.19 -46.17
N LEU B 70 0.90 -13.02 -46.08
CA LEU B 70 0.87 -14.38 -46.61
C LEU B 70 1.25 -15.34 -45.49
N THR B 71 0.29 -16.15 -45.05
CA THR B 71 0.55 -17.26 -44.15
C THR B 71 0.25 -18.57 -44.88
N ALA B 72 0.48 -19.69 -44.22
CA ALA B 72 0.23 -20.97 -44.85
C ALA B 72 0.00 -22.02 -43.77
N ASP B 73 -0.37 -23.22 -44.23
CA ASP B 73 -0.61 -24.35 -43.33
C ASP B 73 -0.30 -25.63 -44.09
N THR B 74 0.70 -26.36 -43.60
CA THR B 74 1.12 -27.59 -44.25
C THR B 74 0.28 -28.80 -43.84
N SER B 75 -0.53 -28.66 -42.78
CA SER B 75 -1.45 -29.73 -42.42
C SER B 75 -2.52 -29.91 -43.50
N THR B 76 -3.20 -28.82 -43.86
CA THR B 76 -4.21 -28.85 -44.91
C THR B 76 -3.66 -28.39 -46.25
N ASP B 77 -2.37 -28.05 -46.32
CA ASP B 77 -1.68 -27.71 -47.57
C ASP B 77 -2.29 -26.49 -48.24
N THR B 78 -2.62 -25.48 -47.44
CA THR B 78 -3.31 -24.29 -47.93
C THR B 78 -2.52 -23.04 -47.58
N ALA B 79 -2.21 -22.24 -48.60
CA ALA B 79 -1.62 -20.92 -48.43
C ALA B 79 -2.73 -19.88 -48.35
N TYR B 80 -2.69 -19.06 -47.30
CA TYR B 80 -3.68 -18.02 -47.07
C TYR B 80 -3.07 -16.66 -47.39
N MET B 81 -3.74 -15.93 -48.27
CA MET B 81 -3.43 -14.53 -48.54
C MET B 81 -4.48 -13.68 -47.85
N GLU B 82 -4.08 -12.96 -46.81
CA GLU B 82 -4.97 -12.06 -46.09
C GLU B 82 -4.76 -10.65 -46.62
N LEU B 83 -5.73 -10.17 -47.39
CA LEU B 83 -5.68 -8.83 -47.98
C LEU B 83 -6.51 -7.88 -47.13
N SER B 84 -5.84 -6.90 -46.53
CA SER B 84 -6.50 -5.93 -45.67
C SER B 84 -6.77 -4.64 -46.45
N SER B 85 -7.59 -3.78 -45.84
CA SER B 85 -7.95 -2.48 -46.41
C SER B 85 -8.49 -2.62 -47.83
N LEU B 86 -9.46 -3.52 -48.00
CA LEU B 86 -10.09 -3.72 -49.31
C LEU B 86 -10.62 -2.40 -49.85
N ARG B 87 -10.48 -2.22 -51.16
CA ARG B 87 -10.75 -0.92 -51.77
C ARG B 87 -10.95 -1.12 -53.26
N SER B 88 -11.32 -0.03 -53.94
CA SER B 88 -11.53 -0.06 -55.39
C SER B 88 -10.32 -0.61 -56.13
N GLU B 89 -9.12 -0.41 -55.59
CA GLU B 89 -7.90 -0.92 -56.18
C GLU B 89 -7.66 -2.40 -55.89
N ASP B 90 -8.62 -3.07 -55.25
CA ASP B 90 -8.52 -4.50 -54.96
C ASP B 90 -9.61 -5.31 -55.64
N THR B 91 -10.42 -4.69 -56.49
CA THR B 91 -11.51 -5.39 -57.18
C THR B 91 -10.99 -6.16 -58.40
N ALA B 92 -9.99 -6.99 -58.15
CA ALA B 92 -9.30 -7.74 -59.19
C ALA B 92 -9.32 -9.22 -58.85
N VAL B 93 -8.78 -10.04 -59.75
CA VAL B 93 -8.82 -11.49 -59.59
C VAL B 93 -7.43 -12.00 -59.20
N TYR B 94 -7.36 -12.72 -58.10
CA TYR B 94 -6.10 -13.13 -57.52
C TYR B 94 -5.80 -14.59 -57.84
N TYR B 95 -4.51 -14.89 -58.01
CA TYR B 95 -4.06 -16.20 -58.44
C TYR B 95 -2.95 -16.68 -57.53
N CYS B 96 -3.16 -17.86 -56.93
CA CYS B 96 -2.05 -18.62 -56.39
C CYS B 96 -1.41 -19.43 -57.51
N ALA B 97 -0.09 -19.55 -57.46
CA ALA B 97 0.66 -20.15 -58.55
C ALA B 97 1.79 -21.00 -58.00
N ARG B 98 2.03 -22.14 -58.66
CA ARG B 98 3.17 -22.96 -58.32
C ARG B 98 4.46 -22.26 -58.73
N SER B 99 5.47 -22.36 -57.88
CA SER B 99 6.74 -21.68 -58.12
C SER B 99 7.91 -22.60 -57.80
N GLU B 100 9.07 -22.26 -58.33
CA GLU B 100 10.29 -22.95 -57.98
C GLU B 100 10.72 -22.54 -56.57
N TYR B 101 11.52 -23.42 -55.95
CA TYR B 101 12.09 -23.15 -54.60
C TYR B 101 13.48 -22.54 -54.79
N ASP B 102 14.08 -22.87 -55.94
CA ASP B 102 15.40 -22.34 -56.39
C ASP B 102 15.17 -21.00 -57.12
N PRO B 103 16.23 -20.24 -57.49
CA PRO B 103 16.02 -18.95 -58.16
C PRO B 103 15.76 -19.11 -59.67
N TYR B 104 14.58 -19.65 -60.00
CA TYR B 104 14.10 -19.87 -61.39
C TYR B 104 12.57 -19.76 -61.37
N TYR B 105 12.06 -18.88 -60.51
CA TYR B 105 10.63 -18.64 -60.31
C TYR B 105 9.88 -18.52 -61.62
N VAL B 106 8.94 -19.43 -61.84
CA VAL B 106 8.07 -19.42 -63.00
C VAL B 106 6.64 -19.62 -62.54
N MET B 107 5.71 -18.86 -63.12
CA MET B 107 4.30 -18.97 -62.81
C MET B 107 3.65 -19.81 -63.91
N ASP B 108 3.65 -21.13 -63.70
CA ASP B 108 3.16 -22.07 -64.70
C ASP B 108 1.89 -22.81 -64.27
N TYR B 109 1.83 -23.27 -63.02
CA TYR B 109 0.66 -23.95 -62.50
C TYR B 109 -0.05 -23.00 -61.54
N TRP B 110 -1.31 -22.70 -61.84
CA TRP B 110 -2.06 -21.67 -61.14
C TRP B 110 -3.28 -22.27 -60.47
N GLY B 111 -3.99 -21.44 -59.71
CA GLY B 111 -5.31 -21.75 -59.24
C GLY B 111 -6.37 -21.33 -60.25
N GLN B 112 -7.62 -21.46 -59.84
CA GLN B 112 -8.72 -21.04 -60.71
C GLN B 112 -8.74 -19.53 -60.90
N GLY B 113 -8.22 -18.77 -59.93
CA GLY B 113 -8.32 -17.33 -59.96
C GLY B 113 -9.59 -16.87 -59.29
N THR B 114 -9.43 -16.11 -58.20
CA THR B 114 -10.59 -15.65 -57.39
C THR B 114 -10.67 -14.12 -57.39
N THR B 115 -11.76 -13.58 -57.93
CA THR B 115 -11.97 -12.14 -57.92
C THR B 115 -12.45 -11.70 -56.55
N VAL B 116 -11.86 -10.61 -56.04
CA VAL B 116 -12.35 -10.00 -54.81
C VAL B 116 -12.97 -8.67 -55.18
N THR B 117 -14.26 -8.68 -55.50
CA THR B 117 -14.95 -7.48 -55.93
C THR B 117 -15.15 -6.54 -54.75
N VAL B 118 -15.03 -5.24 -55.01
CA VAL B 118 -15.20 -4.22 -53.98
C VAL B 118 -16.20 -3.19 -54.49
N SER B 119 -17.29 -3.01 -53.75
CA SER B 119 -18.31 -2.02 -54.07
C SER B 119 -18.66 -1.27 -52.79
N SER B 120 -19.61 -0.33 -52.90
CA SER B 120 -20.11 0.36 -51.72
C SER B 120 -20.93 -0.54 -50.81
N ALA B 121 -21.27 -1.74 -51.26
CA ALA B 121 -22.05 -2.68 -50.47
C ALA B 121 -21.61 -4.09 -50.86
N SER B 122 -22.40 -5.09 -50.50
CA SER B 122 -22.11 -6.48 -50.83
C SER B 122 -22.04 -6.69 -52.33
N ILE C 1 54.03 -16.42 36.50
CA ILE C 1 54.77 -17.24 35.55
C ILE C 1 55.85 -16.41 34.86
N VAL C 2 56.50 -15.54 35.63
CA VAL C 2 57.56 -14.68 35.12
C VAL C 2 58.89 -15.40 35.22
N LEU C 3 59.72 -15.23 34.18
CA LEU C 3 61.04 -15.86 34.14
C LEU C 3 62.08 -14.79 33.87
N THR C 4 63.11 -14.76 34.71
CA THR C 4 64.16 -13.73 34.68
C THR C 4 65.53 -14.38 34.79
N GLN C 5 65.75 -15.40 33.95
CA GLN C 5 66.85 -16.35 34.10
C GLN C 5 68.21 -15.69 34.26
N SER C 6 68.68 -15.01 33.23
CA SER C 6 70.00 -14.37 33.28
C SER C 6 70.11 -13.32 32.18
N PRO C 7 70.53 -12.09 32.50
CA PRO C 7 70.58 -11.04 31.48
C PRO C 7 71.42 -11.43 30.27
N PHE C 8 72.69 -11.75 30.50
CA PHE C 8 73.58 -12.19 29.44
C PHE C 8 74.79 -12.86 30.09
N GLN C 9 75.75 -13.25 29.25
CA GLN C 9 76.91 -14.00 29.70
C GLN C 9 78.19 -13.30 29.25
N SER C 10 79.20 -13.29 30.14
CA SER C 10 80.54 -12.82 29.78
C SER C 10 81.53 -13.59 30.63
N VAL C 11 82.05 -14.69 30.06
CA VAL C 11 83.02 -15.56 30.71
C VAL C 11 83.90 -16.20 29.65
N SER C 12 85.00 -16.80 30.10
CA SER C 12 85.84 -17.56 29.19
C SER C 12 85.11 -18.80 28.72
N PRO C 13 85.26 -19.19 27.45
CA PRO C 13 84.54 -20.35 26.93
C PRO C 13 85.04 -21.68 27.49
N LYS C 14 84.37 -22.77 27.12
CA LYS C 14 84.72 -24.13 27.52
C LYS C 14 84.67 -24.34 29.04
N GLU C 15 83.84 -23.54 29.73
CA GLU C 15 83.53 -23.77 31.12
C GLU C 15 82.07 -24.19 31.25
N LYS C 16 81.75 -24.87 32.34
CA LYS C 16 80.37 -25.29 32.63
C LYS C 16 79.59 -24.06 33.07
N VAL C 17 79.16 -23.27 32.10
CA VAL C 17 78.55 -21.98 32.36
C VAL C 17 77.05 -22.18 32.60
N THR C 18 76.56 -21.62 33.71
CA THR C 18 75.20 -21.88 34.16
C THR C 18 74.32 -20.67 33.96
N ILE C 19 73.08 -20.91 33.53
CA ILE C 19 72.05 -19.88 33.43
C ILE C 19 70.84 -20.38 34.21
N THR C 20 70.47 -19.67 35.27
CA THR C 20 69.49 -20.13 36.24
C THR C 20 68.16 -19.41 36.03
N CYS C 21 67.19 -20.13 35.47
CA CYS C 21 65.83 -19.61 35.33
C CYS C 21 65.17 -19.60 36.70
N ARG C 22 65.15 -18.42 37.33
CA ARG C 22 64.48 -18.24 38.62
C ARG C 22 63.02 -17.88 38.35
N ALA C 23 62.19 -18.91 38.25
CA ALA C 23 60.77 -18.70 38.01
C ALA C 23 60.11 -18.07 39.23
N SER C 24 58.86 -17.67 39.05
CA SER C 24 58.10 -17.02 40.11
C SER C 24 57.58 -18.10 41.07
N GLN C 25 56.69 -17.72 41.98
CA GLN C 25 56.10 -18.70 42.88
C GLN C 25 55.26 -19.75 42.17
N SER C 26 55.07 -19.64 40.85
CA SER C 26 54.48 -20.73 40.08
C SER C 26 55.49 -21.85 39.90
N ILE C 27 55.48 -22.83 40.81
CA ILE C 27 56.43 -23.94 40.78
C ILE C 27 55.91 -24.97 39.79
N SER C 28 56.36 -24.89 38.54
CA SER C 28 55.88 -25.73 37.46
C SER C 28 56.98 -26.71 37.05
N SER C 29 56.69 -28.00 37.18
CA SER C 29 57.67 -29.03 36.84
C SER C 29 58.09 -28.93 35.38
N ASN C 30 57.14 -28.70 34.48
CA ASN C 30 57.47 -28.59 33.07
C ASN C 30 58.14 -27.25 32.78
N LEU C 31 58.93 -27.23 31.71
CA LEU C 31 59.64 -26.05 31.23
C LEU C 31 60.21 -26.38 29.87
N HIS C 32 61.00 -25.46 29.32
CA HIS C 32 61.70 -25.73 28.06
C HIS C 32 62.82 -24.72 27.90
N TRP C 33 63.73 -25.02 26.97
CA TRP C 33 64.84 -24.13 26.65
C TRP C 33 65.07 -24.17 25.15
N TYR C 34 65.10 -22.99 24.53
CA TYR C 34 65.33 -22.84 23.10
C TYR C 34 66.57 -21.99 22.85
N GLN C 35 67.21 -22.21 21.70
CA GLN C 35 68.39 -21.46 21.31
C GLN C 35 68.04 -20.54 20.14
N GLN C 36 68.18 -19.25 20.37
CA GLN C 36 67.94 -18.23 19.35
C GLN C 36 69.27 -17.64 18.91
N LYS C 37 69.43 -17.50 17.60
CA LYS C 37 70.59 -16.89 16.98
C LYS C 37 70.22 -15.53 16.41
N PRO C 38 71.21 -14.66 16.15
CA PRO C 38 70.87 -13.33 15.60
C PRO C 38 70.11 -13.42 14.30
N ASP C 39 68.84 -12.98 14.34
CA ASP C 39 67.92 -13.07 13.21
C ASP C 39 67.82 -14.50 12.68
N GLN C 40 67.59 -15.45 13.59
CA GLN C 40 67.34 -16.84 13.23
C GLN C 40 66.19 -17.39 14.05
N SER C 41 65.30 -18.11 13.37
CA SER C 41 64.18 -18.77 14.04
C SER C 41 64.71 -19.69 15.13
N PRO C 42 64.38 -19.45 16.40
CA PRO C 42 64.92 -20.29 17.48
C PRO C 42 64.42 -21.73 17.36
N LYS C 43 65.06 -22.60 18.13
CA LYS C 43 64.71 -24.01 18.16
C LYS C 43 64.85 -24.53 19.58
N LEU C 44 63.84 -25.26 20.05
CA LEU C 44 63.85 -25.76 21.41
C LEU C 44 64.98 -26.78 21.60
N LEU C 45 65.90 -26.45 22.50
CA LEU C 45 67.03 -27.33 22.81
C LEU C 45 66.64 -28.38 23.83
N ILE C 46 66.21 -27.94 25.01
CA ILE C 46 65.91 -28.82 26.13
C ILE C 46 64.39 -28.89 26.25
N LYS C 47 63.83 -30.08 26.04
CA LYS C 47 62.39 -30.30 26.16
C LYS C 47 62.07 -30.80 27.57
N TYR C 48 61.06 -30.21 28.18
CA TYR C 48 60.63 -30.50 29.55
C TYR C 48 61.72 -30.27 30.58
N ALA C 49 62.80 -29.57 30.19
CA ALA C 49 63.89 -29.16 31.08
C ALA C 49 64.63 -30.33 31.69
N SER C 50 64.26 -31.56 31.34
CA SER C 50 64.97 -32.73 31.82
C SER C 50 65.29 -33.69 30.67
N GLN C 51 64.43 -33.70 29.64
CA GLN C 51 64.55 -34.62 28.54
C GLN C 51 65.27 -33.97 27.36
N SER C 52 66.01 -34.78 26.61
CA SER C 52 66.75 -34.32 25.45
C SER C 52 66.04 -34.75 24.17
N ILE C 53 65.87 -33.82 23.25
CA ILE C 53 65.27 -34.13 21.96
C ILE C 53 66.36 -34.53 20.99
N SER C 54 65.97 -35.24 19.93
CA SER C 54 66.93 -35.80 18.99
C SER C 54 67.66 -34.70 18.24
N GLY C 55 68.98 -34.81 18.16
CA GLY C 55 69.79 -33.88 17.39
C GLY C 55 70.40 -32.74 18.17
N ILE C 56 70.51 -32.84 19.49
CA ILE C 56 71.07 -31.79 20.32
C ILE C 56 72.33 -32.32 21.00
N PRO C 57 73.47 -31.65 20.84
CA PRO C 57 74.67 -32.07 21.57
C PRO C 57 74.48 -31.92 23.07
N SER C 58 75.20 -32.73 23.83
CA SER C 58 75.11 -32.72 25.29
C SER C 58 75.97 -31.64 25.93
N ARG C 59 76.38 -30.61 25.16
CA ARG C 59 77.16 -29.53 25.76
C ARG C 59 76.32 -28.69 26.70
N PHE C 60 75.02 -28.58 26.44
CA PHE C 60 74.10 -27.82 27.28
C PHE C 60 73.09 -28.77 27.90
N SER C 61 73.24 -29.03 29.20
CA SER C 61 72.30 -29.84 29.95
C SER C 61 71.26 -28.94 30.66
N GLY C 62 70.11 -29.53 30.95
CA GLY C 62 69.06 -28.82 31.66
C GLY C 62 68.56 -29.61 32.85
N SER C 63 68.30 -28.91 33.95
CA SER C 63 67.79 -29.52 35.17
C SER C 63 67.00 -28.46 35.93
N GLY C 64 66.56 -28.80 37.13
CA GLY C 64 65.87 -27.84 37.98
C GLY C 64 64.83 -28.51 38.85
N SER C 65 64.32 -27.75 39.82
CA SER C 65 63.34 -28.25 40.77
C SER C 65 62.24 -27.21 40.94
N GLY C 66 60.99 -27.68 40.95
CA GLY C 66 59.85 -26.82 41.22
C GLY C 66 59.75 -25.66 40.27
N THR C 67 60.06 -24.47 40.76
CA THR C 67 60.12 -23.28 39.91
C THR C 67 61.53 -23.03 39.40
N ASP C 68 62.53 -23.16 40.27
CA ASP C 68 63.90 -22.74 39.93
C ASP C 68 64.55 -23.81 39.09
N PHE C 69 64.82 -23.50 37.82
CA PHE C 69 65.50 -24.43 36.93
C PHE C 69 66.84 -23.84 36.50
N THR C 70 67.67 -24.66 35.87
CA THR C 70 69.00 -24.24 35.47
C THR C 70 69.36 -24.93 34.15
N LEU C 71 70.23 -24.28 33.38
CA LEU C 71 70.79 -24.83 32.17
C LEU C 71 72.29 -24.63 32.22
N THR C 72 73.04 -25.73 32.22
CA THR C 72 74.50 -25.69 32.30
C THR C 72 75.07 -26.05 30.93
N ILE C 73 75.57 -25.04 30.22
CA ILE C 73 76.31 -25.27 28.98
C ILE C 73 77.72 -25.67 29.39
N ASN C 74 77.97 -26.97 29.44
CA ASN C 74 79.28 -27.49 29.79
C ASN C 74 80.18 -27.51 28.56
N SER C 75 81.37 -26.95 28.70
CA SER C 75 82.33 -26.79 27.59
C SER C 75 81.68 -26.11 26.39
N LEU C 76 81.15 -24.92 26.65
CA LEU C 76 80.58 -24.10 25.59
C LEU C 76 81.70 -23.36 24.86
N GLU C 77 81.73 -23.49 23.53
CA GLU C 77 82.82 -22.97 22.72
C GLU C 77 82.42 -21.66 22.06
N ALA C 78 83.33 -21.14 21.23
CA ALA C 78 83.13 -19.87 20.54
C ALA C 78 82.30 -20.03 19.27
N GLU C 79 81.68 -21.19 19.05
CA GLU C 79 80.86 -21.42 17.86
C GLU C 79 79.42 -21.77 18.18
N ASP C 80 79.05 -21.89 19.45
CA ASP C 80 77.70 -22.30 19.84
C ASP C 80 76.92 -21.23 20.58
N PHE C 81 77.58 -20.30 21.25
CA PHE C 81 76.87 -19.38 22.13
C PHE C 81 75.96 -18.44 21.34
N GLY C 82 74.83 -18.08 21.94
CA GLY C 82 73.89 -17.16 21.36
C GLY C 82 72.94 -16.64 22.41
N ILE C 83 71.67 -16.52 22.06
CA ILE C 83 70.61 -16.24 23.04
C ILE C 83 69.97 -17.57 23.42
N TYR C 84 69.61 -17.71 24.70
CA TYR C 84 69.02 -18.95 25.20
C TYR C 84 67.78 -18.60 26.00
N PHE C 85 66.61 -18.88 25.43
CA PHE C 85 65.33 -18.51 26.02
C PHE C 85 64.77 -19.65 26.85
N CYS C 86 64.21 -19.32 28.00
CA CYS C 86 63.44 -20.26 28.79
C CYS C 86 61.97 -20.16 28.40
N GLN C 87 61.30 -21.30 28.38
CA GLN C 87 59.93 -21.40 27.89
C GLN C 87 59.04 -22.00 28.97
N GLN C 88 57.91 -21.35 29.20
CA GLN C 88 56.99 -21.71 30.29
C GLN C 88 56.12 -22.90 29.87
N THR C 89 55.07 -23.16 30.65
CA THR C 89 54.29 -24.37 30.55
C THR C 89 52.84 -24.14 30.94
N ASN C 90 52.17 -25.22 31.37
CA ASN C 90 50.73 -25.33 31.57
C ASN C 90 50.03 -24.05 32.02
N PHE C 91 50.63 -23.30 32.95
CA PHE C 91 50.08 -22.00 33.34
C PHE C 91 49.71 -21.21 32.10
N TRP C 92 48.42 -20.90 31.95
CA TRP C 92 47.84 -20.49 30.67
C TRP C 92 48.65 -19.46 29.89
N PRO C 93 49.06 -18.31 30.45
CA PRO C 93 49.91 -17.40 29.66
C PRO C 93 51.31 -17.96 29.49
N TYR C 94 51.62 -18.48 28.30
CA TYR C 94 52.89 -19.13 28.03
C TYR C 94 53.94 -18.06 27.72
N ILE C 95 54.25 -17.26 28.73
CA ILE C 95 55.24 -16.20 28.60
C ILE C 95 56.63 -16.81 28.70
N PHE C 96 57.53 -16.38 27.83
CA PHE C 96 58.89 -16.86 27.81
C PHE C 96 59.80 -15.86 28.50
N GLY C 97 60.83 -16.38 29.18
CA GLY C 97 61.76 -15.52 29.88
C GLY C 97 62.45 -14.53 28.96
N GLN C 98 63.18 -13.61 29.57
CA GLN C 98 63.91 -12.59 28.81
C GLN C 98 65.14 -13.16 28.10
N GLY C 99 65.32 -14.48 28.09
CA GLY C 99 66.42 -15.09 27.39
C GLY C 99 67.74 -14.98 28.14
N THR C 100 68.70 -15.76 27.69
CA THR C 100 70.05 -15.80 28.27
C THR C 100 71.05 -15.63 27.13
N LYS C 101 71.36 -14.38 26.80
CA LYS C 101 72.40 -14.11 25.81
C LYS C 101 73.72 -14.66 26.30
N LEU C 102 74.51 -15.22 25.38
CA LEU C 102 75.78 -15.87 25.73
C LEU C 102 76.90 -15.25 24.91
N GLU C 103 77.69 -14.40 25.56
CA GLU C 103 78.91 -13.86 24.99
C GLU C 103 80.11 -14.42 25.74
N ILE C 104 81.18 -14.73 25.02
CA ILE C 104 82.35 -15.38 25.60
C ILE C 104 83.61 -14.67 25.11
N LEU C 105 84.70 -14.90 25.83
CA LEU C 105 85.99 -14.32 25.49
C LEU C 105 86.52 -14.88 24.18
N GLN D 3 58.50 -29.42 9.58
CA GLN D 3 58.97 -28.10 9.18
C GLN D 3 57.82 -27.21 8.73
N LEU D 4 57.88 -25.94 9.11
CA LEU D 4 56.86 -24.97 8.75
C LEU D 4 57.47 -23.92 7.83
N VAL D 5 56.68 -23.45 6.87
CA VAL D 5 57.10 -22.41 5.94
C VAL D 5 56.08 -21.27 6.02
N GLN D 6 56.57 -20.04 5.97
CA GLN D 6 55.73 -18.86 6.01
C GLN D 6 55.82 -18.09 4.70
N SER D 7 55.12 -16.97 4.63
CA SER D 7 55.25 -16.07 3.50
C SER D 7 56.42 -15.12 3.72
N GLY D 8 56.86 -14.48 2.65
CA GLY D 8 57.98 -13.57 2.72
C GLY D 8 57.66 -12.36 3.59
N ALA D 9 58.72 -11.64 3.95
CA ALA D 9 58.57 -10.45 4.76
C ALA D 9 57.73 -9.40 4.03
N GLU D 10 56.75 -8.85 4.74
CA GLU D 10 55.79 -7.91 4.16
C GLU D 10 55.84 -6.59 4.90
N VAL D 11 55.58 -5.51 4.16
CA VAL D 11 55.44 -4.17 4.72
C VAL D 11 54.06 -3.65 4.34
N LYS D 12 53.30 -3.21 5.35
CA LYS D 12 51.90 -2.85 5.16
C LYS D 12 51.63 -1.48 5.79
N LYS D 13 50.37 -1.08 5.72
CA LYS D 13 49.85 0.22 6.12
C LYS D 13 49.18 0.14 7.49
N PRO D 14 49.07 1.27 8.20
CA PRO D 14 48.34 1.25 9.47
C PRO D 14 46.84 1.16 9.25
N GLY D 15 46.17 0.64 10.27
CA GLY D 15 44.72 0.61 10.27
C GLY D 15 44.11 -0.58 9.55
N ALA D 16 44.72 -0.97 8.42
CA ALA D 16 44.18 -2.04 7.59
C ALA D 16 44.51 -3.40 8.21
N THR D 17 44.30 -4.46 7.44
CA THR D 17 44.55 -5.82 7.88
C THR D 17 45.54 -6.50 6.94
N VAL D 18 45.93 -7.73 7.31
CA VAL D 18 46.85 -8.53 6.51
C VAL D 18 46.58 -9.99 6.83
N LYS D 19 46.92 -10.87 5.90
CA LYS D 19 46.76 -12.31 6.08
C LYS D 19 48.09 -13.00 5.79
N ILE D 20 48.69 -13.58 6.83
CA ILE D 20 49.91 -14.36 6.68
C ILE D 20 49.52 -15.83 6.68
N SER D 21 50.30 -16.65 5.99
CA SER D 21 50.02 -18.07 5.88
C SER D 21 51.24 -18.87 6.31
N CYS D 22 50.99 -20.13 6.66
CA CYS D 22 52.07 -21.04 7.05
C CYS D 22 51.70 -22.45 6.61
N LYS D 23 52.49 -23.00 5.71
CA LYS D 23 52.35 -24.38 5.26
C LYS D 23 53.20 -25.32 6.09
N VAL D 24 52.83 -26.60 6.06
CA VAL D 24 53.43 -27.63 6.91
C VAL D 24 53.72 -28.86 6.08
N SER D 25 54.84 -29.52 6.36
CA SER D 25 55.19 -30.78 5.73
C SER D 25 56.03 -31.59 6.71
N GLY D 26 55.85 -32.91 6.68
CA GLY D 26 56.62 -33.81 7.50
C GLY D 26 55.84 -34.60 8.53
N TYR D 27 54.56 -34.29 8.73
CA TYR D 27 53.72 -35.04 9.66
C TYR D 27 52.26 -34.78 9.29
N SER D 28 51.36 -35.36 10.09
CA SER D 28 49.92 -35.16 9.88
C SER D 28 49.54 -33.78 10.38
N PHE D 29 49.21 -32.88 9.45
CA PHE D 29 48.85 -31.52 9.83
C PHE D 29 47.61 -31.51 10.71
N SER D 30 46.51 -32.10 10.23
CA SER D 30 45.21 -31.99 10.88
C SER D 30 45.19 -32.52 12.31
N ASN D 31 46.27 -33.15 12.78
CA ASN D 31 46.31 -33.69 14.14
C ASN D 31 47.49 -33.11 14.92
N TYR D 32 47.87 -31.87 14.61
CA TYR D 32 49.00 -31.23 15.29
C TYR D 32 48.77 -29.73 15.31
N TYR D 33 48.70 -29.16 16.52
CA TYR D 33 48.36 -27.76 16.70
C TYR D 33 49.38 -26.86 15.99
N ILE D 34 48.96 -25.62 15.75
CA ILE D 34 49.80 -24.61 15.10
C ILE D 34 49.84 -23.40 16.01
N HIS D 35 50.96 -23.23 16.73
CA HIS D 35 51.17 -22.04 17.51
C HIS D 35 51.48 -20.86 16.59
N TRP D 36 51.03 -19.67 17.01
CA TRP D 36 51.43 -18.41 16.39
C TRP D 36 51.99 -17.54 17.50
N VAL D 37 53.22 -17.05 17.29
CA VAL D 37 53.96 -16.31 18.31
C VAL D 37 54.63 -15.10 17.66
N LYS D 38 54.45 -13.93 18.25
CA LYS D 38 55.13 -12.73 17.77
C LYS D 38 56.51 -12.61 18.41
N GLN D 39 57.42 -11.99 17.68
CA GLN D 39 58.75 -11.65 18.17
C GLN D 39 58.94 -10.16 17.90
N ALA D 40 58.90 -9.37 18.97
CA ALA D 40 58.92 -7.93 18.89
C ALA D 40 60.25 -7.44 18.31
N PRO D 41 60.29 -6.21 17.79
CA PRO D 41 61.55 -5.69 17.24
C PRO D 41 62.59 -5.46 18.32
N GLY D 42 63.61 -6.31 18.33
CA GLY D 42 64.68 -6.20 19.33
C GLY D 42 64.21 -6.32 20.76
N LYS D 43 63.16 -7.10 21.00
CA LYS D 43 62.63 -7.29 22.35
C LYS D 43 62.32 -8.77 22.54
N SER D 44 61.62 -9.09 23.63
CA SER D 44 61.31 -10.47 23.95
C SER D 44 60.22 -11.01 23.03
N LEU D 45 59.80 -12.23 23.29
CA LEU D 45 58.76 -12.89 22.51
C LEU D 45 57.38 -12.56 23.08
N GLU D 46 56.36 -12.92 22.31
CA GLU D 46 54.98 -12.71 22.74
C GLU D 46 54.10 -13.77 22.08
N TRP D 47 53.42 -14.57 22.91
CA TRP D 47 52.51 -15.59 22.42
C TRP D 47 51.23 -14.91 21.95
N ILE D 48 50.95 -14.98 20.64
CA ILE D 48 49.73 -14.39 20.11
C ILE D 48 48.61 -15.40 19.96
N GLY D 49 48.89 -16.69 20.07
CA GLY D 49 47.85 -17.68 20.21
C GLY D 49 48.24 -18.98 19.55
N TYR D 50 47.22 -19.79 19.24
CA TYR D 50 47.41 -21.00 18.46
C TYR D 50 46.07 -21.45 17.93
N ILE D 51 46.11 -22.19 16.83
CA ILE D 51 44.92 -22.74 16.21
C ILE D 51 45.05 -24.26 16.16
N ASP D 52 43.93 -24.94 16.39
CA ASP D 52 43.82 -26.36 16.10
C ASP D 52 43.70 -26.57 14.58
N PRO D 53 44.44 -27.53 14.02
CA PRO D 53 44.36 -27.73 12.57
C PRO D 53 43.04 -28.33 12.12
N PHE D 54 42.37 -29.10 12.99
CA PHE D 54 41.12 -29.77 12.64
C PHE D 54 39.91 -28.87 12.87
N ASN D 55 39.80 -28.26 14.04
CA ASN D 55 38.66 -27.44 14.42
C ASN D 55 39.14 -26.03 14.76
N GLY D 56 38.20 -25.17 15.15
CA GLY D 56 38.52 -23.81 15.53
C GLY D 56 39.07 -23.70 16.93
N GLY D 57 40.13 -24.47 17.23
CA GLY D 57 40.76 -24.41 18.54
C GLY D 57 41.66 -23.20 18.67
N THR D 58 41.07 -22.01 18.52
CA THR D 58 41.83 -20.77 18.53
C THR D 58 41.77 -20.14 19.93
N SER D 59 42.51 -20.74 20.85
CA SER D 59 42.71 -20.14 22.16
C SER D 59 43.58 -18.90 21.98
N ASP D 60 42.96 -17.73 22.00
CA ASP D 60 43.60 -16.48 21.58
C ASP D 60 44.12 -15.73 22.79
N ASN D 61 45.34 -15.21 22.69
CA ASN D 61 45.90 -14.36 23.72
C ASN D 61 45.11 -13.07 23.84
N LEU D 62 45.07 -12.52 25.05
CA LEU D 62 44.33 -11.30 25.34
C LEU D 62 45.19 -10.05 25.38
N LYS D 63 46.51 -10.20 25.30
CA LYS D 63 47.41 -9.04 25.45
C LYS D 63 47.13 -7.97 24.40
N PHE D 64 46.91 -8.38 23.14
CA PHE D 64 46.58 -7.44 22.08
C PHE D 64 45.35 -7.96 21.35
N LYS D 65 44.29 -7.15 21.31
CA LYS D 65 43.08 -7.49 20.57
C LYS D 65 43.06 -6.77 19.21
N GLY D 66 44.02 -7.15 18.37
CA GLY D 66 44.09 -6.61 17.02
C GLY D 66 43.32 -7.46 16.04
N ALA D 67 42.32 -8.20 16.52
CA ALA D 67 41.51 -9.10 15.70
C ALA D 67 42.39 -10.08 14.94
N ALA D 68 43.47 -10.52 15.58
CA ALA D 68 44.40 -11.48 14.98
C ALA D 68 43.76 -12.86 14.99
N THR D 69 42.83 -13.06 14.07
CA THR D 69 42.10 -14.32 14.00
C THR D 69 42.95 -15.40 13.34
N LEU D 70 42.62 -16.64 13.65
CA LEU D 70 43.37 -17.80 13.17
C LEU D 70 42.41 -18.75 12.47
N THR D 71 42.55 -18.88 11.16
CA THR D 71 41.86 -19.90 10.39
C THR D 71 42.88 -20.87 9.82
N ALA D 72 42.42 -21.90 9.13
CA ALA D 72 43.33 -22.88 8.57
C ALA D 72 42.65 -23.57 7.39
N ASP D 73 43.44 -24.40 6.71
CA ASP D 73 42.95 -25.17 5.57
C ASP D 73 43.76 -26.45 5.47
N THR D 74 43.07 -27.59 5.63
CA THR D 74 43.73 -28.88 5.60
C THR D 74 43.92 -29.40 4.18
N SER D 75 43.27 -28.80 3.19
CA SER D 75 43.52 -29.18 1.81
C SER D 75 44.94 -28.80 1.39
N THR D 76 45.31 -27.54 1.59
CA THR D 76 46.67 -27.08 1.29
C THR D 76 47.58 -27.07 2.52
N ASP D 77 47.06 -27.48 3.67
CA ASP D 77 47.84 -27.65 4.90
C ASP D 77 48.44 -26.32 5.36
N THR D 78 47.65 -25.25 5.28
CA THR D 78 48.14 -23.91 5.59
C THR D 78 47.28 -23.27 6.67
N ALA D 79 47.92 -22.83 7.74
CA ALA D 79 47.26 -22.04 8.77
C ALA D 79 47.42 -20.56 8.46
N TYR D 80 46.31 -19.83 8.45
CA TYR D 80 46.28 -18.41 8.14
C TYR D 80 46.07 -17.62 9.42
N MET D 81 46.98 -16.68 9.68
CA MET D 81 46.83 -15.70 10.74
C MET D 81 46.45 -14.37 10.09
N GLU D 82 45.22 -13.92 10.30
CA GLU D 82 44.75 -12.65 9.78
C GLU D 82 44.88 -11.62 10.90
N LEU D 83 45.84 -10.72 10.75
CA LEU D 83 46.10 -9.67 11.72
C LEU D 83 45.47 -8.38 11.23
N SER D 84 44.48 -7.89 11.96
CA SER D 84 43.78 -6.67 11.60
C SER D 84 44.33 -5.48 12.39
N SER D 85 43.94 -4.28 11.95
CA SER D 85 44.35 -3.03 12.59
C SER D 85 45.86 -2.94 12.74
N LEU D 86 46.57 -3.17 11.64
CA LEU D 86 48.02 -3.06 11.63
C LEU D 86 48.46 -1.70 12.15
N ARG D 87 49.55 -1.70 12.92
CA ARG D 87 49.95 -0.50 13.64
C ARG D 87 51.42 -0.64 14.04
N SER D 88 51.95 0.44 14.63
CA SER D 88 53.35 0.44 15.07
C SER D 88 53.64 -0.71 16.01
N GLU D 89 52.65 -1.16 16.78
CA GLU D 89 52.80 -2.30 17.68
C GLU D 89 52.73 -3.64 16.97
N ASP D 90 52.67 -3.65 15.63
CA ASP D 90 52.64 -4.88 14.86
C ASP D 90 53.84 -5.01 13.93
N THR D 91 54.81 -4.10 14.02
CA THR D 91 55.98 -4.12 13.15
C THR D 91 57.03 -5.12 13.67
N ALA D 92 56.57 -6.35 13.88
CA ALA D 92 57.39 -7.41 14.48
C ALA D 92 57.37 -8.61 13.55
N VAL D 93 58.12 -9.65 13.93
CA VAL D 93 58.29 -10.84 13.09
C VAL D 93 57.48 -11.98 13.70
N TYR D 94 56.61 -12.58 12.89
CA TYR D 94 55.67 -13.57 13.37
C TYR D 94 56.13 -14.98 13.00
N TYR D 95 55.83 -15.93 13.88
CA TYR D 95 56.31 -17.30 13.73
C TYR D 95 55.14 -18.26 13.90
N CYS D 96 54.92 -19.10 12.89
CA CYS D 96 54.14 -20.31 13.09
C CYS D 96 55.06 -21.40 13.64
N ALA D 97 54.52 -22.21 14.54
CA ALA D 97 55.32 -23.18 15.27
C ALA D 97 54.55 -24.48 15.43
N ARG D 98 55.27 -25.59 15.32
CA ARG D 98 54.67 -26.89 15.60
C ARG D 98 54.40 -27.02 17.09
N SER D 99 53.26 -27.62 17.43
CA SER D 99 52.84 -27.73 18.82
C SER D 99 52.27 -29.12 19.06
N GLU D 100 52.23 -29.49 20.34
CA GLU D 100 51.57 -30.72 20.73
C GLU D 100 50.05 -30.54 20.65
N TYR D 101 49.35 -31.66 20.44
CA TYR D 101 47.87 -31.66 20.33
C TYR D 101 47.27 -31.75 21.74
N ASP D 102 48.16 -31.74 22.73
CA ASP D 102 47.83 -31.83 24.18
C ASP D 102 48.54 -30.69 24.92
N PRO D 103 48.18 -30.38 26.18
CA PRO D 103 48.83 -29.30 26.93
C PRO D 103 50.36 -29.44 26.99
N TYR D 104 50.93 -30.42 26.27
CA TYR D 104 52.38 -30.60 26.28
C TYR D 104 53.03 -29.55 25.40
N TYR D 105 52.37 -28.41 25.24
CA TYR D 105 52.68 -27.42 24.21
C TYR D 105 54.14 -26.99 24.28
N VAL D 106 54.88 -27.25 23.21
CA VAL D 106 56.27 -26.85 23.07
C VAL D 106 56.46 -26.21 21.70
N MET D 107 57.19 -25.10 21.66
CA MET D 107 57.49 -24.40 20.42
C MET D 107 58.89 -24.82 19.99
N ASP D 108 58.97 -25.91 19.23
CA ASP D 108 60.24 -26.49 18.81
C ASP D 108 60.49 -26.40 17.32
N TYR D 109 59.49 -26.68 16.49
CA TYR D 109 59.61 -26.58 15.04
C TYR D 109 58.84 -25.35 14.58
N TRP D 110 59.55 -24.42 13.94
CA TRP D 110 59.01 -23.12 13.60
C TRP D 110 59.01 -22.92 12.08
N GLY D 111 58.44 -21.80 11.67
CA GLY D 111 58.60 -21.32 10.31
C GLY D 111 59.83 -20.45 10.19
N GLN D 112 59.98 -19.85 9.01
CA GLN D 112 61.11 -18.96 8.79
C GLN D 112 61.00 -17.69 9.62
N GLY D 113 59.77 -17.29 9.97
CA GLY D 113 59.56 -16.03 10.64
C GLY D 113 59.36 -14.91 9.65
N THR D 114 58.18 -14.31 9.67
CA THR D 114 57.81 -13.24 8.71
C THR D 114 57.55 -11.91 9.43
N THR D 115 58.36 -10.89 9.12
CA THR D 115 58.14 -9.58 9.69
C THR D 115 57.01 -8.87 8.96
N VAL D 116 56.11 -8.25 9.73
CA VAL D 116 55.08 -7.41 9.15
C VAL D 116 55.40 -5.97 9.52
N THR D 117 56.20 -5.31 8.69
CA THR D 117 56.62 -3.94 9.00
C THR D 117 55.45 -2.98 8.80
N VAL D 118 55.39 -1.97 9.66
CA VAL D 118 54.32 -0.97 9.62
C VAL D 118 54.98 0.41 9.63
N SER D 119 54.70 1.19 8.59
CA SER D 119 55.20 2.56 8.46
C SER D 119 54.05 3.45 8.04
N SER D 120 54.34 4.74 7.85
CA SER D 120 53.34 5.66 7.34
C SER D 120 53.01 5.40 5.87
N ALA D 121 53.78 4.55 5.20
CA ALA D 121 53.57 4.23 3.79
C ALA D 121 54.02 2.79 3.58
N SER D 122 54.20 2.41 2.32
CA SER D 122 54.64 1.06 1.97
C SER D 122 56.02 0.77 2.56
N ILE E 1 -52.11 -38.70 15.78
CA ILE E 1 -51.45 -39.89 16.30
C ILE E 1 -51.46 -39.86 17.83
N VAL E 2 -52.56 -39.42 18.40
CA VAL E 2 -52.72 -39.34 19.84
C VAL E 2 -53.25 -40.67 20.37
N LEU E 3 -52.73 -41.10 21.52
CA LEU E 3 -53.15 -42.33 22.15
C LEU E 3 -53.55 -42.06 23.59
N THR E 4 -54.75 -42.50 23.96
CA THR E 4 -55.34 -42.23 25.27
C THR E 4 -55.92 -43.52 25.86
N GLN E 5 -55.09 -44.57 25.85
CA GLN E 5 -55.54 -45.94 26.08
C GLN E 5 -56.39 -46.12 27.32
N SER E 6 -55.79 -45.92 28.50
CA SER E 6 -56.52 -46.12 29.75
C SER E 6 -55.76 -45.43 30.88
N PRO E 7 -56.44 -44.60 31.68
CA PRO E 7 -55.76 -43.87 32.75
C PRO E 7 -54.98 -44.77 33.70
N PHE E 8 -55.67 -45.71 34.32
CA PHE E 8 -55.04 -46.68 35.21
C PHE E 8 -56.01 -47.83 35.42
N GLN E 9 -55.63 -48.77 36.29
CA GLN E 9 -56.40 -49.99 36.51
C GLN E 9 -56.67 -50.15 38.00
N SER E 10 -57.88 -50.60 38.33
CA SER E 10 -58.22 -50.98 39.70
C SER E 10 -59.28 -52.09 39.62
N VAL E 11 -58.80 -53.34 39.66
CA VAL E 11 -59.66 -54.52 39.59
C VAL E 11 -58.98 -55.65 40.36
N SER E 12 -59.75 -56.70 40.63
CA SER E 12 -59.18 -57.88 41.24
C SER E 12 -58.22 -58.58 40.27
N PRO E 13 -57.09 -59.11 40.75
CA PRO E 13 -56.12 -59.73 39.85
C PRO E 13 -56.60 -61.04 39.25
N LYS E 14 -55.80 -61.61 38.36
CA LYS E 14 -56.07 -62.90 37.71
C LYS E 14 -57.35 -62.88 36.87
N GLU E 15 -57.75 -61.70 36.40
CA GLU E 15 -58.80 -61.56 35.41
C GLU E 15 -58.21 -61.10 34.08
N LYS E 16 -58.92 -61.37 33.00
CA LYS E 16 -58.51 -60.94 31.67
C LYS E 16 -58.79 -59.45 31.56
N VAL E 17 -57.87 -58.65 32.11
CA VAL E 17 -58.07 -57.21 32.23
C VAL E 17 -57.60 -56.53 30.95
N THR E 18 -58.46 -55.69 30.38
CA THR E 18 -58.22 -55.11 29.08
C THR E 18 -57.89 -53.63 29.18
N ILE E 19 -56.93 -53.21 28.37
CA ILE E 19 -56.57 -51.80 28.21
C ILE E 19 -56.65 -51.46 26.73
N THR E 20 -57.55 -50.55 26.37
CA THR E 20 -57.91 -50.31 24.98
C THR E 20 -57.28 -49.01 24.51
N CYS E 21 -56.24 -49.12 23.68
CA CYS E 21 -55.62 -47.95 23.05
C CYS E 21 -56.55 -47.44 21.97
N ARG E 22 -57.29 -46.39 22.29
CA ARG E 22 -58.19 -45.73 21.32
C ARG E 22 -57.38 -44.66 20.60
N ALA E 23 -56.75 -45.07 19.49
CA ALA E 23 -55.96 -44.14 18.70
C ALA E 23 -56.87 -43.13 18.01
N SER E 24 -56.24 -42.12 17.41
CA SER E 24 -56.97 -41.07 16.72
C SER E 24 -57.39 -41.57 15.34
N GLN E 25 -57.89 -40.66 14.50
CA GLN E 25 -58.26 -41.07 13.15
C GLN E 25 -57.08 -41.55 12.30
N SER E 26 -55.85 -41.50 12.83
CA SER E 26 -54.73 -42.15 12.18
C SER E 26 -54.82 -43.66 12.39
N ILE E 27 -55.44 -44.36 11.45
CA ILE E 27 -55.64 -45.81 11.56
C ILE E 27 -54.34 -46.48 11.08
N SER E 28 -53.45 -46.79 12.02
CA SER E 28 -52.14 -47.34 11.71
C SER E 28 -52.09 -48.79 12.16
N SER E 29 -51.84 -49.70 11.20
CA SER E 29 -51.79 -51.12 11.51
C SER E 29 -50.70 -51.43 12.54
N ASN E 30 -49.53 -50.80 12.39
CA ASN E 30 -48.44 -51.04 13.31
C ASN E 30 -48.71 -50.32 14.64
N LEU E 31 -48.10 -50.86 15.70
CA LEU E 31 -48.20 -50.32 17.06
C LEU E 31 -47.17 -51.06 17.91
N HIS E 32 -47.20 -50.79 19.21
CA HIS E 32 -46.34 -51.52 20.13
C HIS E 32 -46.86 -51.32 21.56
N TRP E 33 -46.37 -52.16 22.46
CA TRP E 33 -46.71 -52.07 23.87
C TRP E 33 -45.48 -52.38 24.71
N TYR E 34 -45.16 -51.48 25.63
CA TYR E 34 -44.02 -51.64 26.52
C TYR E 34 -44.47 -51.63 27.97
N GLN E 35 -43.69 -52.30 28.83
CA GLN E 35 -43.99 -52.37 30.25
C GLN E 35 -42.97 -51.53 31.02
N GLN E 36 -43.45 -50.50 31.71
CA GLN E 36 -42.62 -49.65 32.54
C GLN E 36 -42.90 -49.93 34.01
N LYS E 37 -41.84 -50.04 34.79
CA LYS E 37 -41.90 -50.24 36.22
C LYS E 37 -41.48 -48.97 36.93
N PRO E 38 -41.82 -48.81 38.22
CA PRO E 38 -41.43 -47.59 38.94
C PRO E 38 -39.92 -47.37 38.93
N ASP E 39 -39.50 -46.31 38.25
CA ASP E 39 -38.08 -45.99 38.05
C ASP E 39 -37.32 -47.18 37.45
N GLN E 40 -37.86 -47.74 36.37
CA GLN E 40 -37.20 -48.81 35.63
C GLN E 40 -37.32 -48.54 34.14
N SER E 41 -36.21 -48.72 33.42
CA SER E 41 -36.21 -48.58 31.97
C SER E 41 -37.24 -49.52 31.36
N PRO E 42 -38.26 -49.01 30.68
CA PRO E 42 -39.30 -49.88 30.13
C PRO E 42 -38.73 -50.81 29.06
N LYS E 43 -39.54 -51.80 28.70
CA LYS E 43 -39.17 -52.78 27.69
C LYS E 43 -40.40 -53.14 26.87
N LEU E 44 -40.25 -53.15 25.54
CA LEU E 44 -41.37 -53.42 24.67
C LEU E 44 -41.85 -54.86 24.85
N LEU E 45 -43.10 -55.01 25.28
CA LEU E 45 -43.70 -56.33 25.49
C LEU E 45 -44.27 -56.88 24.18
N ILE E 46 -45.19 -56.14 23.57
CA ILE E 46 -45.90 -56.60 22.38
C ILE E 46 -45.34 -55.81 21.20
N LYS E 47 -44.71 -56.51 20.26
CA LYS E 47 -44.16 -55.90 19.06
C LYS E 47 -45.18 -55.98 17.93
N TYR E 48 -45.39 -54.87 17.24
CA TYR E 48 -46.36 -54.73 16.16
C TYR E 48 -47.78 -55.03 16.60
N ALA E 49 -48.03 -55.08 17.92
CA ALA E 49 -49.35 -55.24 18.51
C ALA E 49 -50.02 -56.57 18.14
N SER E 50 -49.32 -57.41 17.38
CA SER E 50 -49.85 -58.73 17.05
C SER E 50 -48.80 -59.82 17.30
N GLN E 51 -47.54 -59.46 17.14
CA GLN E 51 -46.44 -60.41 17.24
C GLN E 51 -45.81 -60.38 18.62
N SER E 52 -45.33 -61.53 19.07
CA SER E 52 -44.71 -61.69 20.37
C SER E 52 -43.20 -61.79 20.21
N ILE E 53 -42.46 -61.02 21.01
CA ILE E 53 -41.01 -61.08 20.99
C ILE E 53 -40.55 -62.12 22.01
N SER E 54 -39.32 -62.61 21.83
CA SER E 54 -38.81 -63.69 22.64
C SER E 54 -38.64 -63.25 24.09
N GLY E 55 -39.13 -64.08 25.01
CA GLY E 55 -38.96 -63.84 26.42
C GLY E 55 -40.10 -63.14 27.13
N ILE E 56 -41.30 -63.15 26.55
CA ILE E 56 -42.47 -62.49 27.13
C ILE E 56 -43.52 -63.56 27.44
N PRO E 57 -43.99 -63.65 28.69
CA PRO E 57 -45.08 -64.58 28.99
C PRO E 57 -46.35 -64.19 28.26
N SER E 58 -47.20 -65.19 28.00
CA SER E 58 -48.45 -64.97 27.28
C SER E 58 -49.57 -64.48 28.18
N ARG E 59 -49.26 -63.94 29.36
CA ARG E 59 -50.31 -63.41 30.23
C ARG E 59 -50.93 -62.14 29.65
N PHE E 60 -50.15 -61.37 28.88
CA PHE E 60 -50.63 -60.14 28.25
C PHE E 60 -50.57 -60.31 26.74
N SER E 61 -51.75 -60.47 26.12
CA SER E 61 -51.87 -60.55 24.67
C SER E 61 -52.19 -59.17 24.09
N GLY E 62 -51.86 -58.99 22.83
CA GLY E 62 -52.15 -57.75 22.13
C GLY E 62 -52.85 -58.00 20.81
N SER E 63 -53.83 -57.16 20.50
CA SER E 63 -54.59 -57.26 19.26
C SER E 63 -55.11 -55.87 18.91
N GLY E 64 -55.93 -55.79 17.88
CA GLY E 64 -56.55 -54.53 17.50
C GLY E 64 -56.75 -54.42 16.01
N SER E 65 -57.52 -53.40 15.61
CA SER E 65 -57.85 -53.17 14.21
C SER E 65 -57.72 -51.70 13.89
N GLY E 66 -57.11 -51.39 12.76
CA GLY E 66 -57.00 -50.04 12.26
C GLY E 66 -56.30 -49.12 13.25
N THR E 67 -57.09 -48.24 13.87
CA THR E 67 -56.57 -47.39 14.93
C THR E 67 -56.77 -48.01 16.31
N ASP E 68 -57.95 -48.56 16.57
CA ASP E 68 -58.31 -49.00 17.91
C ASP E 68 -57.66 -50.35 18.21
N PHE E 69 -56.71 -50.36 19.13
CA PHE E 69 -56.05 -51.60 19.52
C PHE E 69 -56.36 -51.89 20.99
N THR E 70 -56.00 -53.10 21.43
CA THR E 70 -56.29 -53.52 22.79
C THR E 70 -55.17 -54.43 23.28
N LEU E 71 -54.98 -54.45 24.59
CA LEU E 71 -54.05 -55.34 25.26
C LEU E 71 -54.78 -56.00 26.42
N THR E 72 -54.91 -57.31 26.36
CA THR E 72 -55.62 -58.07 27.39
C THR E 72 -54.59 -58.83 28.23
N ILE E 73 -54.35 -58.34 29.45
CA ILE E 73 -53.53 -59.06 30.42
C ILE E 73 -54.43 -60.14 31.03
N ASN E 74 -54.36 -61.35 30.49
CA ASN E 74 -55.14 -62.46 31.00
C ASN E 74 -54.43 -63.10 32.19
N SER E 75 -55.17 -63.28 33.28
CA SER E 75 -54.63 -63.79 34.55
C SER E 75 -53.41 -62.99 34.98
N LEU E 76 -53.62 -61.69 35.13
CA LEU E 76 -52.57 -60.80 35.64
C LEU E 76 -52.54 -60.87 37.16
N GLU E 77 -51.36 -61.14 37.71
CA GLU E 77 -51.20 -61.40 39.13
C GLU E 77 -50.67 -60.16 39.85
N ALA E 78 -50.43 -60.31 41.14
CA ALA E 78 -49.94 -59.23 41.99
C ALA E 78 -48.44 -59.02 41.89
N GLU E 79 -47.77 -59.67 40.94
CA GLU E 79 -46.33 -59.54 40.77
C GLU E 79 -45.92 -59.01 39.40
N ASP E 80 -46.88 -58.77 38.50
CA ASP E 80 -46.56 -58.33 37.14
C ASP E 80 -47.06 -56.93 36.81
N PHE E 81 -48.11 -56.45 37.47
CA PHE E 81 -48.74 -55.21 37.05
C PHE E 81 -47.81 -54.01 37.27
N GLY E 82 -47.92 -53.04 36.37
CA GLY E 82 -47.16 -51.80 36.45
C GLY E 82 -47.76 -50.75 35.58
N ILE E 83 -46.93 -49.98 34.88
CA ILE E 83 -47.39 -49.08 33.83
C ILE E 83 -47.22 -49.79 32.49
N TYR E 84 -48.17 -49.56 31.58
CA TYR E 84 -48.14 -50.22 30.28
C TYR E 84 -48.37 -49.16 29.20
N PHE E 85 -47.32 -48.81 28.49
CA PHE E 85 -47.34 -47.75 27.50
C PHE E 85 -47.64 -48.30 26.12
N CYS E 86 -48.48 -47.59 25.37
CA CYS E 86 -48.69 -47.86 23.96
C CYS E 86 -47.72 -47.02 23.14
N GLN E 87 -47.21 -47.60 22.06
CA GLN E 87 -46.17 -46.98 21.25
C GLN E 87 -46.64 -46.87 19.80
N GLN E 88 -46.48 -45.68 19.23
CA GLN E 88 -46.97 -45.37 17.90
C GLN E 88 -46.02 -45.92 16.84
N THR E 89 -46.21 -45.47 15.59
CA THR E 89 -45.58 -46.07 14.43
C THR E 89 -45.34 -45.04 13.33
N ASN E 90 -45.24 -45.52 12.09
CA ASN E 90 -44.78 -44.80 10.90
C ASN E 90 -45.10 -43.31 10.88
N PHE E 91 -46.31 -42.91 11.29
CA PHE E 91 -46.65 -41.50 11.40
C PHE E 91 -45.53 -40.76 12.13
N TRP E 92 -44.88 -39.81 11.43
CA TRP E 92 -43.57 -39.29 11.82
C TRP E 92 -43.42 -38.97 13.30
N PRO E 93 -44.29 -38.18 13.96
CA PRO E 93 -44.11 -37.97 15.40
C PRO E 93 -44.47 -39.22 16.18
N TYR E 94 -43.45 -39.94 16.66
CA TYR E 94 -43.66 -41.21 17.35
C TYR E 94 -44.01 -40.94 18.81
N ILE E 95 -45.19 -40.33 19.00
CA ILE E 95 -45.68 -40.02 20.34
C ILE E 95 -46.27 -41.27 20.96
N PHE E 96 -45.96 -41.49 22.22
CA PHE E 96 -46.45 -42.66 22.96
C PHE E 96 -47.62 -42.25 23.82
N GLY E 97 -48.58 -43.17 23.98
CA GLY E 97 -49.75 -42.89 24.78
C GLY E 97 -49.40 -42.56 26.22
N GLN E 98 -50.42 -42.12 26.95
CA GLN E 98 -50.23 -41.77 28.36
C GLN E 98 -50.05 -42.98 29.27
N GLY E 99 -49.89 -44.17 28.70
CA GLY E 99 -49.63 -45.37 29.48
C GLY E 99 -50.88 -45.91 30.13
N THR E 100 -50.76 -47.15 30.61
CA THR E 100 -51.84 -47.85 31.29
C THR E 100 -51.30 -48.38 32.62
N LYS E 101 -51.37 -47.55 33.66
CA LYS E 101 -50.98 -48.00 34.98
C LYS E 101 -51.90 -49.14 35.43
N LEU E 102 -51.33 -50.13 36.09
CA LEU E 102 -52.07 -51.32 36.50
C LEU E 102 -51.93 -51.50 38.01
N GLU E 103 -53.00 -51.17 38.74
CA GLU E 103 -53.11 -51.46 40.16
C GLU E 103 -54.20 -52.50 40.37
N ILE E 104 -53.97 -53.42 41.30
CA ILE E 104 -54.87 -54.53 41.54
C ILE E 104 -55.10 -54.70 43.03
N LEU E 105 -56.18 -55.41 43.37
CA LEU E 105 -56.54 -55.68 44.75
C LEU E 105 -55.49 -56.57 45.42
N GLN F 3 -27.59 -54.67 24.15
CA GLN F 3 -27.66 -53.87 25.38
C GLN F 3 -26.96 -52.54 25.20
N LEU F 4 -27.56 -51.49 25.76
CA LEU F 4 -27.02 -50.13 25.68
C LEU F 4 -26.62 -49.67 27.08
N VAL F 5 -25.53 -48.93 27.17
CA VAL F 5 -25.04 -48.35 28.42
C VAL F 5 -24.92 -46.85 28.24
N GLN F 6 -25.29 -46.11 29.28
CA GLN F 6 -25.22 -44.66 29.26
C GLN F 6 -24.22 -44.18 30.31
N SER F 7 -24.09 -42.86 30.42
CA SER F 7 -23.28 -42.27 31.48
C SER F 7 -24.12 -42.13 32.75
N GLY F 8 -23.43 -41.92 33.86
CA GLY F 8 -24.11 -41.77 35.13
C GLY F 8 -24.99 -40.53 35.17
N ALA F 9 -25.87 -40.50 36.18
CA ALA F 9 -26.76 -39.37 36.34
C ALA F 9 -25.96 -38.10 36.59
N GLU F 10 -26.32 -37.04 35.87
CA GLU F 10 -25.58 -35.78 35.92
C GLU F 10 -26.51 -34.65 36.35
N VAL F 11 -25.94 -33.66 37.03
CA VAL F 11 -26.64 -32.44 37.41
C VAL F 11 -25.85 -31.27 36.84
N LYS F 12 -26.53 -30.41 36.08
CA LYS F 12 -25.88 -29.34 35.33
C LYS F 12 -26.59 -28.01 35.59
N LYS F 13 -26.10 -26.97 34.91
CA LYS F 13 -26.50 -25.59 35.05
C LYS F 13 -27.45 -25.18 33.93
N PRO F 14 -28.23 -24.13 34.14
CA PRO F 14 -29.10 -23.64 33.06
C PRO F 14 -28.30 -22.89 32.00
N GLY F 15 -28.85 -22.88 30.79
CA GLY F 15 -28.27 -22.10 29.71
C GLY F 15 -27.16 -22.80 28.96
N ALA F 16 -26.32 -23.55 29.68
CA ALA F 16 -25.15 -24.20 29.07
C ALA F 16 -25.59 -25.46 28.34
N THR F 17 -24.63 -26.27 27.94
CA THR F 17 -24.87 -27.51 27.22
C THR F 17 -24.29 -28.70 27.98
N VAL F 18 -24.55 -29.90 27.45
CA VAL F 18 -24.04 -31.13 28.04
C VAL F 18 -23.97 -32.17 26.93
N LYS F 19 -23.09 -33.16 27.12
CA LYS F 19 -22.94 -34.24 26.16
C LYS F 19 -23.07 -35.57 26.89
N ILE F 20 -24.14 -36.31 26.58
CA ILE F 20 -24.34 -37.64 27.12
C ILE F 20 -23.93 -38.64 26.05
N SER F 21 -23.46 -39.81 26.49
CA SER F 21 -22.98 -40.84 25.58
C SER F 21 -23.70 -42.15 25.86
N CYS F 22 -23.70 -43.03 24.85
CA CYS F 22 -24.30 -44.35 24.99
C CYS F 22 -23.51 -45.35 24.16
N LYS F 23 -22.91 -46.31 24.84
CA LYS F 23 -22.18 -47.40 24.20
C LYS F 23 -23.11 -48.60 23.96
N VAL F 24 -22.70 -49.45 23.02
CA VAL F 24 -23.51 -50.56 22.56
C VAL F 24 -22.65 -51.81 22.46
N SER F 25 -23.22 -52.96 22.83
CA SER F 25 -22.56 -54.24 22.67
C SER F 25 -23.63 -55.31 22.43
N GLY F 26 -23.30 -56.30 21.62
CA GLY F 26 -24.17 -57.42 21.35
C GLY F 26 -24.64 -57.56 19.92
N TYR F 27 -24.37 -56.57 19.06
CA TYR F 27 -24.73 -56.65 17.66
C TYR F 27 -23.88 -55.66 16.88
N SER F 28 -24.13 -55.57 15.58
CA SER F 28 -23.42 -54.63 14.72
C SER F 28 -23.97 -53.23 14.96
N PHE F 29 -23.16 -52.38 15.58
CA PHE F 29 -23.61 -51.02 15.89
C PHE F 29 -23.91 -50.25 14.61
N SER F 30 -22.94 -50.18 13.70
CA SER F 30 -23.03 -49.30 12.53
C SER F 30 -24.21 -49.63 11.61
N ASN F 31 -24.94 -50.71 11.87
CA ASN F 31 -26.09 -51.08 11.03
C ASN F 31 -27.37 -51.19 11.87
N TYR F 32 -27.47 -50.40 12.94
CA TYR F 32 -28.65 -50.45 13.80
C TYR F 32 -28.85 -49.09 14.43
N TYR F 33 -30.01 -48.47 14.15
CA TYR F 33 -30.29 -47.11 14.58
C TYR F 33 -30.21 -46.99 16.10
N ILE F 34 -30.07 -45.75 16.56
CA ILE F 34 -29.99 -45.43 17.98
C ILE F 34 -31.06 -44.39 18.27
N HIS F 35 -32.17 -44.81 18.86
CA HIS F 35 -33.19 -43.88 19.32
C HIS F 35 -32.71 -43.15 20.56
N TRP F 36 -33.11 -41.88 20.69
CA TRP F 36 -32.95 -41.11 21.90
C TRP F 36 -34.32 -40.62 22.31
N VAL F 37 -34.71 -40.91 23.55
CA VAL F 37 -36.05 -40.63 24.05
C VAL F 37 -35.94 -40.06 25.45
N LYS F 38 -36.63 -38.95 25.70
CA LYS F 38 -36.69 -38.36 27.03
C LYS F 38 -37.83 -38.98 27.83
N GLN F 39 -37.65 -39.02 29.15
CA GLN F 39 -38.67 -39.45 30.08
C GLN F 39 -38.78 -38.34 31.13
N ALA F 40 -39.88 -37.58 31.05
CA ALA F 40 -40.07 -36.41 31.88
C ALA F 40 -40.17 -36.79 33.35
N PRO F 41 -39.95 -35.83 34.26
CA PRO F 41 -40.04 -36.15 35.69
C PRO F 41 -41.47 -36.46 36.11
N GLY F 42 -41.73 -37.73 36.40
CA GLY F 42 -43.06 -38.15 36.81
C GLY F 42 -44.15 -37.88 35.79
N LYS F 43 -43.81 -37.93 34.51
CA LYS F 43 -44.77 -37.69 33.44
C LYS F 43 -44.55 -38.72 32.35
N SER F 44 -45.19 -38.51 31.20
CA SER F 44 -45.12 -39.45 30.10
C SER F 44 -43.76 -39.37 29.41
N LEU F 45 -43.60 -40.13 28.34
CA LEU F 45 -42.36 -40.15 27.57
C LEU F 45 -42.38 -39.07 26.50
N GLU F 46 -41.22 -38.85 25.88
CA GLU F 46 -41.10 -37.89 24.79
C GLU F 46 -39.97 -38.33 23.87
N TRP F 47 -40.31 -38.55 22.61
CA TRP F 47 -39.31 -38.91 21.61
C TRP F 47 -38.51 -37.68 21.23
N ILE F 48 -37.21 -37.68 21.56
CA ILE F 48 -36.35 -36.55 21.21
C ILE F 48 -35.59 -36.78 19.91
N GLY F 49 -35.56 -38.00 19.39
CA GLY F 49 -35.10 -38.22 18.04
C GLY F 49 -34.42 -39.57 17.92
N TYR F 50 -33.59 -39.69 16.89
CA TYR F 50 -32.75 -40.86 16.71
C TYR F 50 -31.65 -40.53 15.73
N ILE F 51 -30.54 -41.25 15.83
CA ILE F 51 -29.41 -41.09 14.94
C ILE F 51 -29.14 -42.42 14.24
N ASP F 52 -28.77 -42.34 12.96
CA ASP F 52 -28.21 -43.49 12.27
C ASP F 52 -26.77 -43.69 12.71
N PRO F 53 -26.37 -44.93 12.98
CA PRO F 53 -24.99 -45.18 13.43
C PRO F 53 -23.96 -44.98 12.34
N PHE F 54 -24.35 -45.18 11.08
CA PHE F 54 -23.42 -45.06 9.97
C PHE F 54 -23.30 -43.63 9.45
N ASN F 55 -24.43 -42.98 9.19
CA ASN F 55 -24.46 -41.63 8.64
C ASN F 55 -25.22 -40.70 9.59
N GLY F 56 -25.34 -39.44 9.18
CA GLY F 56 -26.07 -38.47 9.98
C GLY F 56 -27.57 -38.58 9.84
N GLY F 57 -28.11 -39.78 10.07
CA GLY F 57 -29.55 -39.98 10.01
C GLY F 57 -30.25 -39.46 11.24
N THR F 58 -30.09 -38.17 11.51
CA THR F 58 -30.64 -37.56 12.73
C THR F 58 -31.98 -36.89 12.42
N SER F 59 -33.00 -37.74 12.24
CA SER F 59 -34.37 -37.24 12.15
C SER F 59 -34.78 -36.73 13.52
N ASP F 60 -34.76 -35.40 13.67
CA ASP F 60 -34.87 -34.77 14.98
C ASP F 60 -36.31 -34.34 15.24
N ASN F 61 -36.79 -34.60 16.45
CA ASN F 61 -38.10 -34.13 16.87
C ASN F 61 -38.13 -32.61 16.92
N LEU F 62 -39.30 -32.04 16.67
CA LEU F 62 -39.49 -30.60 16.65
C LEU F 62 -40.10 -30.04 17.93
N LYS F 63 -40.53 -30.90 18.85
CA LYS F 63 -41.22 -30.43 20.05
C LYS F 63 -40.36 -29.47 20.86
N PHE F 64 -39.08 -29.78 21.02
CA PHE F 64 -38.16 -28.90 21.74
C PHE F 64 -36.91 -28.70 20.88
N LYS F 65 -36.62 -27.45 20.55
CA LYS F 65 -35.41 -27.11 19.80
C LYS F 65 -34.31 -26.61 20.75
N GLY F 66 -33.86 -27.51 21.61
CA GLY F 66 -32.77 -27.21 22.53
C GLY F 66 -31.42 -27.56 21.94
N ALA F 67 -31.33 -27.58 20.61
CA ALA F 67 -30.10 -27.94 19.89
C ALA F 67 -29.58 -29.30 20.35
N ALA F 68 -30.51 -30.22 20.63
CA ALA F 68 -30.17 -31.58 21.06
C ALA F 68 -29.67 -32.36 19.84
N THR F 69 -28.43 -32.08 19.46
CA THR F 69 -27.85 -32.71 18.29
C THR F 69 -27.40 -34.13 18.62
N LEU F 70 -27.32 -34.97 17.58
CA LEU F 70 -26.97 -36.37 17.73
C LEU F 70 -25.79 -36.67 16.82
N THR F 71 -24.63 -36.95 17.42
CA THR F 71 -23.48 -37.47 16.70
C THR F 71 -23.20 -38.89 17.18
N ALA F 72 -22.20 -39.54 16.58
CA ALA F 72 -21.87 -40.90 16.97
C ALA F 72 -20.43 -41.19 16.62
N ASP F 73 -19.97 -42.36 17.06
CA ASP F 73 -18.60 -42.81 16.78
C ASP F 73 -18.61 -44.32 16.72
N THR F 74 -18.27 -44.87 15.55
CA THR F 74 -18.27 -46.31 15.36
C THR F 74 -16.97 -46.96 15.83
N SER F 75 -15.93 -46.17 16.09
CA SER F 75 -14.71 -46.72 16.68
C SER F 75 -14.97 -47.23 18.09
N THR F 76 -15.53 -46.39 18.95
CA THR F 76 -15.87 -46.77 20.32
C THR F 76 -17.33 -47.18 20.46
N ASP F 77 -18.10 -47.14 19.37
CA ASP F 77 -19.48 -47.63 19.33
C ASP F 77 -20.39 -46.82 20.26
N THR F 78 -20.20 -45.51 20.29
CA THR F 78 -20.91 -44.65 21.22
C THR F 78 -21.65 -43.55 20.47
N ALA F 79 -22.96 -43.46 20.71
CA ALA F 79 -23.77 -42.37 20.21
C ALA F 79 -23.82 -41.26 21.25
N TYR F 80 -23.51 -40.04 20.83
CA TYR F 80 -23.48 -38.87 21.69
C TYR F 80 -24.70 -37.99 21.41
N MET F 81 -25.45 -37.71 22.45
CA MET F 81 -26.53 -36.73 22.41
C MET F 81 -26.05 -35.48 23.13
N GLU F 82 -25.83 -34.41 22.36
CA GLU F 82 -25.41 -33.13 22.91
C GLU F 82 -26.65 -32.26 23.08
N LEU F 83 -27.07 -32.07 24.33
CA LEU F 83 -28.24 -31.27 24.65
C LEU F 83 -27.78 -29.89 25.09
N SER F 84 -28.14 -28.87 24.31
CA SER F 84 -27.75 -27.49 24.60
C SER F 84 -28.90 -26.76 25.30
N SER F 85 -28.58 -25.59 25.83
CA SER F 85 -29.55 -24.72 26.52
C SER F 85 -30.30 -25.48 27.62
N LEU F 86 -29.53 -26.15 28.49
CA LEU F 86 -30.13 -26.87 29.60
C LEU F 86 -31.01 -25.95 30.43
N ARG F 87 -32.13 -26.49 30.90
CA ARG F 87 -33.17 -25.67 31.51
C ARG F 87 -34.08 -26.57 32.34
N SER F 88 -35.01 -25.93 33.05
CA SER F 88 -35.97 -26.67 33.87
C SER F 88 -36.72 -27.72 33.07
N GLU F 89 -36.93 -27.49 31.79
CA GLU F 89 -37.60 -28.43 30.90
C GLU F 89 -36.69 -29.57 30.45
N ASP F 90 -35.46 -29.64 30.97
CA ASP F 90 -34.53 -30.70 30.63
C ASP F 90 -34.13 -31.54 31.84
N THR F 91 -34.77 -31.33 32.98
CA THR F 91 -34.45 -32.07 34.20
C THR F 91 -35.15 -33.43 34.22
N ALA F 92 -34.93 -34.18 33.14
CA ALA F 92 -35.59 -35.45 32.92
C ALA F 92 -34.53 -36.53 32.67
N VAL F 93 -34.98 -37.77 32.51
CA VAL F 93 -34.08 -38.91 32.35
C VAL F 93 -34.09 -39.37 30.91
N TYR F 94 -32.91 -39.43 30.30
CA TYR F 94 -32.78 -39.69 28.87
C TYR F 94 -32.37 -41.13 28.62
N TYR F 95 -32.88 -41.70 27.53
CA TYR F 95 -32.68 -43.11 27.20
C TYR F 95 -32.19 -43.23 25.78
N CYS F 96 -31.05 -43.89 25.60
CA CYS F 96 -30.70 -44.44 24.30
C CYS F 96 -31.35 -45.81 24.15
N ALA F 97 -31.80 -46.11 22.94
CA ALA F 97 -32.60 -47.30 22.71
C ALA F 97 -32.20 -47.94 21.39
N ARG F 98 -32.17 -49.27 21.37
CA ARG F 98 -31.95 -49.98 20.12
C ARG F 98 -33.16 -49.83 19.22
N SER F 99 -32.91 -49.67 17.92
CA SER F 99 -33.97 -49.43 16.96
C SER F 99 -33.72 -50.25 15.70
N GLU F 100 -34.78 -50.44 14.92
CA GLU F 100 -34.64 -51.05 13.61
C GLU F 100 -34.01 -50.06 12.64
N TYR F 101 -33.30 -50.62 11.64
CA TYR F 101 -32.63 -49.82 10.59
C TYR F 101 -33.64 -49.48 9.49
N ASP F 102 -34.91 -49.83 9.73
CA ASP F 102 -36.06 -49.60 8.81
C ASP F 102 -37.21 -49.00 9.63
N PRO F 103 -38.27 -48.44 9.00
CA PRO F 103 -39.39 -47.87 9.73
C PRO F 103 -40.03 -48.83 10.76
N TYR F 104 -39.44 -50.02 10.94
CA TYR F 104 -39.98 -50.98 11.90
C TYR F 104 -39.63 -50.54 13.31
N TYR F 105 -39.44 -49.23 13.49
CA TYR F 105 -38.82 -48.68 14.69
C TYR F 105 -39.54 -49.11 15.96
N VAL F 106 -38.82 -49.82 16.82
CA VAL F 106 -39.33 -50.28 18.11
C VAL F 106 -38.28 -49.96 19.17
N MET F 107 -38.74 -49.45 20.31
CA MET F 107 -37.86 -49.13 21.43
C MET F 107 -37.96 -50.29 22.42
N ASP F 108 -37.11 -51.29 22.22
CA ASP F 108 -37.13 -52.51 23.03
C ASP F 108 -35.90 -52.69 23.90
N TYR F 109 -34.71 -52.43 23.37
CA TYR F 109 -33.46 -52.53 24.14
C TYR F 109 -32.97 -51.11 24.42
N TRP F 110 -32.85 -50.79 25.71
CA TRP F 110 -32.56 -49.43 26.16
C TRP F 110 -31.23 -49.39 26.90
N GLY F 111 -30.83 -48.17 27.26
CA GLY F 111 -29.78 -47.96 28.21
C GLY F 111 -30.31 -47.94 29.63
N GLN F 112 -29.41 -47.61 30.57
CA GLN F 112 -29.82 -47.51 31.97
C GLN F 112 -30.77 -46.34 32.19
N GLY F 113 -30.67 -45.31 31.37
CA GLY F 113 -31.43 -44.09 31.59
C GLY F 113 -30.66 -43.13 32.47
N THR F 114 -30.32 -41.97 31.90
CA THR F 114 -29.50 -40.96 32.61
C THR F 114 -30.29 -39.67 32.81
N THR F 115 -30.51 -39.29 34.08
CA THR F 115 -31.19 -38.04 34.38
C THR F 115 -30.21 -36.88 34.24
N VAL F 116 -30.67 -35.82 33.58
CA VAL F 116 -29.88 -34.58 33.52
C VAL F 116 -30.61 -33.54 34.36
N THR F 117 -30.31 -33.49 35.65
CA THR F 117 -30.99 -32.58 36.56
C THR F 117 -30.53 -31.15 36.30
N VAL F 118 -31.47 -30.21 36.41
CA VAL F 118 -31.19 -28.80 36.19
C VAL F 118 -31.71 -28.01 37.39
N SER F 119 -30.81 -27.29 38.05
CA SER F 119 -31.14 -26.46 39.19
C SER F 119 -30.46 -25.09 39.00
N SER F 120 -30.65 -24.22 39.98
CA SER F 120 -29.96 -22.93 39.96
C SER F 120 -28.46 -23.07 40.22
N ALA F 121 -28.00 -24.25 40.62
CA ALA F 121 -26.60 -24.52 40.89
C ALA F 121 -26.32 -25.97 40.55
N SER F 122 -25.18 -26.49 41.02
CA SER F 122 -24.80 -27.87 40.78
C SER F 122 -25.83 -28.83 41.38
N GLN G 14 -46.43 -19.44 -42.43
CA GLN G 14 -46.37 -18.59 -41.25
C GLN G 14 -45.46 -17.39 -41.48
N CYS G 15 -45.79 -16.28 -40.84
CA CYS G 15 -45.04 -15.02 -40.94
C CYS G 15 -44.82 -14.63 -42.41
N VAL G 16 -45.95 -14.34 -43.07
CA VAL G 16 -45.94 -13.91 -44.46
C VAL G 16 -44.90 -12.82 -44.67
N ASN G 17 -44.15 -12.96 -45.76
CA ASN G 17 -43.05 -12.05 -46.08
C ASN G 17 -43.59 -10.75 -46.68
N LEU G 18 -44.45 -10.05 -45.94
CA LEU G 18 -45.06 -8.82 -46.43
C LEU G 18 -44.26 -7.64 -45.90
N THR G 19 -43.22 -7.31 -46.66
CA THR G 19 -42.38 -6.11 -46.43
C THR G 19 -42.58 -5.18 -47.64
N THR G 20 -43.58 -5.50 -48.49
CA THR G 20 -43.90 -4.77 -49.74
C THR G 20 -42.58 -4.47 -50.45
N ARG G 21 -42.32 -3.19 -50.69
CA ARG G 21 -41.11 -2.68 -51.32
C ARG G 21 -40.60 -1.40 -50.67
N THR G 22 -41.37 -0.84 -49.74
CA THR G 22 -41.23 0.56 -49.36
C THR G 22 -40.44 0.68 -48.07
N GLN G 23 -39.25 1.28 -48.17
CA GLN G 23 -38.50 1.62 -46.97
C GLN G 23 -39.16 2.72 -46.17
N LEU G 24 -39.95 3.57 -46.84
CA LEU G 24 -40.70 4.65 -46.21
C LEU G 24 -39.75 5.57 -45.44
N PRO G 25 -38.99 6.41 -46.13
CA PRO G 25 -37.98 7.26 -45.47
C PRO G 25 -38.51 7.86 -44.19
N PRO G 26 -37.87 7.57 -43.05
CA PRO G 26 -38.42 7.99 -41.76
C PRO G 26 -38.32 9.51 -41.61
N ALA G 27 -39.43 10.12 -41.19
CA ALA G 27 -39.42 11.57 -41.04
C ALA G 27 -38.82 11.93 -39.69
N TYR G 28 -38.79 13.23 -39.38
CA TYR G 28 -38.14 13.71 -38.18
C TYR G 28 -39.06 14.65 -37.42
N THR G 29 -39.09 14.50 -36.10
CA THR G 29 -39.85 15.38 -35.23
C THR G 29 -38.90 15.81 -34.10
N ASN G 30 -39.34 16.80 -33.32
CA ASN G 30 -38.54 17.33 -32.23
C ASN G 30 -39.21 16.96 -30.90
N SER G 31 -38.54 16.11 -30.12
CA SER G 31 -39.00 15.78 -28.79
C SER G 31 -38.74 16.95 -27.86
N PHE G 32 -39.71 17.87 -27.79
CA PHE G 32 -39.50 19.13 -27.07
C PHE G 32 -39.13 18.89 -25.61
N THR G 33 -40.03 18.26 -24.85
CA THR G 33 -39.83 18.07 -23.41
C THR G 33 -40.13 16.64 -23.00
N ARG G 34 -39.76 15.67 -23.84
CA ARG G 34 -40.13 14.28 -23.63
C ARG G 34 -38.93 13.46 -23.18
N GLY G 35 -39.21 12.30 -22.61
CA GLY G 35 -38.19 11.33 -22.26
C GLY G 35 -37.54 11.58 -20.91
N VAL G 36 -38.32 12.03 -19.94
CA VAL G 36 -37.82 12.30 -18.59
C VAL G 36 -38.51 11.35 -17.63
N TYR G 37 -37.87 10.23 -17.33
CA TYR G 37 -38.42 9.21 -16.45
C TYR G 37 -38.02 9.49 -15.01
N TYR G 38 -38.61 8.71 -14.10
CA TYR G 38 -38.25 8.77 -12.68
C TYR G 38 -37.01 7.92 -12.45
N PRO G 39 -35.84 8.53 -12.28
CA PRO G 39 -34.60 7.73 -12.18
C PRO G 39 -34.26 7.26 -10.78
N ASP G 40 -34.80 7.89 -9.75
CA ASP G 40 -34.35 7.71 -8.38
C ASP G 40 -35.30 6.81 -7.59
N LYS G 41 -34.78 6.26 -6.50
CA LYS G 41 -35.54 5.38 -5.63
C LYS G 41 -36.13 6.10 -4.42
N VAL G 42 -35.93 7.41 -4.32
CA VAL G 42 -36.45 8.20 -3.20
C VAL G 42 -37.54 9.13 -3.69
N PHE G 43 -38.56 9.33 -2.87
CA PHE G 43 -39.63 10.27 -3.15
C PHE G 43 -39.22 11.63 -2.61
N ARG G 44 -38.87 12.55 -3.49
CA ARG G 44 -38.53 13.91 -3.09
C ARG G 44 -39.68 14.84 -3.41
N SER G 45 -39.93 15.80 -2.52
CA SER G 45 -41.05 16.72 -2.65
C SER G 45 -40.49 18.14 -2.78
N SER G 46 -40.85 18.82 -3.87
CA SER G 46 -40.40 20.18 -4.16
C SER G 46 -38.88 20.30 -4.04
N VAL G 47 -38.17 19.28 -4.53
CA VAL G 47 -36.72 19.23 -4.51
C VAL G 47 -36.21 19.36 -5.93
N LEU G 48 -35.30 20.31 -6.15
CA LEU G 48 -34.71 20.55 -7.47
C LEU G 48 -33.46 19.68 -7.59
N HIS G 49 -33.68 18.42 -7.88
CA HIS G 49 -32.59 17.45 -7.98
C HIS G 49 -31.87 17.56 -9.31
N SER G 50 -30.76 16.84 -9.42
CA SER G 50 -29.98 16.80 -10.66
C SER G 50 -29.48 15.37 -10.85
N THR G 51 -29.72 14.83 -12.05
CA THR G 51 -29.47 13.42 -12.31
C THR G 51 -28.55 13.23 -13.50
N GLN G 52 -27.51 12.42 -13.31
CA GLN G 52 -26.59 12.04 -14.38
C GLN G 52 -26.96 10.67 -14.93
N ASP G 53 -28.06 10.63 -15.66
CA ASP G 53 -28.59 9.37 -16.19
C ASP G 53 -28.81 9.49 -17.70
N LEU G 54 -29.24 8.37 -18.29
CA LEU G 54 -29.45 8.27 -19.73
C LEU G 54 -30.85 8.77 -20.07
N PHE G 55 -30.94 10.02 -20.53
CA PHE G 55 -32.20 10.61 -20.90
C PHE G 55 -32.26 10.85 -22.42
N LEU G 56 -33.47 11.01 -22.91
CA LEU G 56 -33.65 11.46 -24.29
C LEU G 56 -33.30 12.94 -24.37
N PRO G 57 -32.37 13.34 -25.24
CA PRO G 57 -32.02 14.77 -25.33
C PRO G 57 -33.22 15.62 -25.69
N PHE G 58 -33.19 16.86 -25.23
CA PHE G 58 -34.28 17.79 -25.49
C PHE G 58 -34.15 18.39 -26.88
N PHE G 59 -35.29 18.53 -27.56
CA PHE G 59 -35.33 18.99 -28.95
C PHE G 59 -34.37 18.18 -29.82
N SER G 60 -34.41 16.85 -29.63
CA SER G 60 -33.58 15.93 -30.39
C SER G 60 -34.37 15.38 -31.56
N ASN G 61 -33.66 15.03 -32.63
CA ASN G 61 -34.29 14.47 -33.82
C ASN G 61 -34.84 13.10 -33.48
N VAL G 62 -36.14 13.01 -33.27
CA VAL G 62 -36.81 11.74 -33.05
C VAL G 62 -37.31 11.24 -34.40
N THR G 63 -36.89 10.04 -34.78
CA THR G 63 -37.29 9.47 -36.05
C THR G 63 -38.76 9.06 -35.97
N TRP G 64 -39.62 9.76 -36.70
CA TRP G 64 -41.00 9.35 -36.84
C TRP G 64 -41.07 8.23 -37.88
N PHE G 65 -41.48 7.04 -37.43
CA PHE G 65 -41.65 5.89 -38.31
C PHE G 65 -43.15 5.71 -38.54
N HIS G 66 -43.60 6.08 -39.72
CA HIS G 66 -44.95 5.74 -40.15
C HIS G 66 -44.93 4.27 -40.56
N ALA G 67 -45.49 3.41 -39.70
CA ALA G 67 -45.22 1.98 -39.82
C ALA G 67 -46.10 1.36 -40.91
N ILE G 68 -47.42 1.44 -40.76
CA ILE G 68 -48.32 1.02 -41.82
C ILE G 68 -48.79 2.27 -42.54
N HIS G 69 -48.38 2.39 -43.80
CA HIS G 69 -48.56 3.62 -44.57
C HIS G 69 -49.64 3.38 -45.62
N VAL G 70 -50.89 3.61 -45.23
CA VAL G 70 -51.99 3.57 -46.18
C VAL G 70 -51.72 4.61 -47.26
N SER G 71 -51.50 4.15 -48.49
CA SER G 71 -51.22 5.06 -49.59
C SER G 71 -52.54 5.52 -50.21
N GLY G 72 -52.53 6.76 -50.72
CA GLY G 72 -53.73 7.34 -51.26
C GLY G 72 -54.11 6.91 -52.65
N THR G 73 -53.19 6.27 -53.38
CA THR G 73 -53.47 5.85 -54.75
C THR G 73 -54.58 4.82 -54.80
N ASN G 74 -54.34 3.63 -54.25
CA ASN G 74 -55.33 2.55 -54.23
C ASN G 74 -55.26 1.79 -52.91
N GLY G 75 -55.16 2.51 -51.81
CA GLY G 75 -54.91 1.86 -50.53
C GLY G 75 -53.50 1.31 -50.48
N THR G 76 -53.35 0.00 -50.52
CA THR G 76 -52.05 -0.68 -50.58
C THR G 76 -51.11 -0.14 -49.51
N LYS G 77 -51.48 -0.37 -48.25
CA LYS G 77 -50.70 0.12 -47.12
C LYS G 77 -49.28 -0.39 -47.19
N ARG G 78 -48.34 0.44 -46.76
CA ARG G 78 -46.91 0.18 -46.90
C ARG G 78 -46.34 -0.25 -45.56
N PHE G 79 -45.69 -1.41 -45.54
CA PHE G 79 -45.16 -1.97 -44.30
C PHE G 79 -43.81 -1.34 -43.97
N ASP G 80 -43.45 -1.41 -42.69
CA ASP G 80 -42.27 -0.76 -42.13
C ASP G 80 -41.74 -1.57 -40.96
N ASN G 81 -41.07 -0.90 -40.03
CA ASN G 81 -40.39 -1.47 -38.87
C ASN G 81 -39.15 -2.25 -39.27
N PRO G 82 -38.14 -1.60 -39.82
CA PRO G 82 -36.85 -2.26 -39.98
C PRO G 82 -36.23 -2.55 -38.62
N VAL G 83 -35.08 -3.21 -38.65
CA VAL G 83 -34.43 -3.58 -37.39
C VAL G 83 -33.73 -2.35 -36.85
N LEU G 84 -34.44 -1.57 -36.03
CA LEU G 84 -33.87 -0.34 -35.51
C LEU G 84 -32.81 -0.64 -34.46
N PRO G 85 -31.70 0.08 -34.48
CA PRO G 85 -30.65 -0.16 -33.47
C PRO G 85 -31.11 0.22 -32.08
N PHE G 86 -30.74 -0.63 -31.11
CA PHE G 86 -30.98 -0.39 -29.69
C PHE G 86 -29.74 0.13 -28.98
N ASN G 87 -29.02 1.07 -29.62
CA ASN G 87 -27.63 1.37 -29.30
C ASN G 87 -27.35 1.46 -27.80
N ASP G 88 -27.98 2.42 -27.11
CA ASP G 88 -27.87 2.49 -25.65
C ASP G 88 -29.22 2.30 -24.99
N GLY G 89 -30.20 3.12 -25.32
CA GLY G 89 -31.54 2.99 -24.81
C GLY G 89 -32.50 3.65 -25.77
N VAL G 90 -33.72 3.15 -25.81
CA VAL G 90 -34.69 3.57 -26.81
C VAL G 90 -35.91 4.17 -26.14
N TYR G 91 -36.24 5.40 -26.53
CA TYR G 91 -37.50 6.03 -26.14
C TYR G 91 -38.51 5.75 -27.25
N PHE G 92 -39.49 4.91 -26.94
CA PHE G 92 -40.53 4.52 -27.89
C PHE G 92 -41.81 5.25 -27.54
N ALA G 93 -42.41 5.90 -28.54
CA ALA G 93 -43.63 6.68 -28.33
C ALA G 93 -44.67 6.20 -29.33
N SER G 94 -45.60 5.38 -28.87
CA SER G 94 -46.68 4.88 -29.70
C SER G 94 -47.89 5.81 -29.59
N THR G 95 -48.42 6.23 -30.73
CA THR G 95 -49.57 7.11 -30.77
C THR G 95 -50.83 6.43 -31.29
N GLU G 96 -50.71 5.21 -31.83
CA GLU G 96 -51.81 4.61 -32.57
C GLU G 96 -53.03 4.38 -31.69
N LYS G 97 -54.20 4.74 -32.23
CA LYS G 97 -55.47 4.70 -31.52
C LYS G 97 -55.85 3.29 -31.07
N SER G 98 -56.10 2.41 -32.02
CA SER G 98 -56.30 0.99 -31.75
C SER G 98 -54.93 0.33 -31.73
N ASN G 99 -54.74 -0.61 -30.80
CA ASN G 99 -53.40 -1.09 -30.50
C ASN G 99 -52.84 -1.94 -31.63
N ILE G 100 -52.55 -1.32 -32.77
CA ILE G 100 -51.82 -1.99 -33.83
C ILE G 100 -50.42 -2.34 -33.34
N ILE G 101 -49.77 -1.41 -32.63
CA ILE G 101 -48.47 -1.68 -32.03
C ILE G 101 -48.62 -2.78 -30.99
N ARG G 102 -47.58 -3.58 -30.84
CA ARG G 102 -47.55 -4.70 -29.90
C ARG G 102 -46.18 -4.71 -29.25
N GLY G 103 -45.85 -5.82 -28.60
CA GLY G 103 -44.54 -5.98 -28.01
C GLY G 103 -43.40 -5.90 -29.02
N TRP G 104 -42.17 -6.07 -28.55
CA TRP G 104 -40.99 -5.87 -29.38
C TRP G 104 -40.13 -7.14 -29.37
N ILE G 105 -39.13 -7.15 -30.25
CA ILE G 105 -38.34 -8.34 -30.53
C ILE G 105 -36.86 -8.12 -30.25
N PHE G 106 -36.55 -7.42 -29.15
CA PHE G 106 -35.17 -7.07 -28.81
C PHE G 106 -34.22 -8.25 -28.91
N GLY G 107 -32.94 -7.98 -29.00
CA GLY G 107 -31.92 -9.01 -29.08
C GLY G 107 -30.73 -8.56 -29.91
N THR G 108 -29.61 -9.25 -29.73
CA THR G 108 -28.38 -8.88 -30.42
C THR G 108 -28.40 -9.32 -31.87
N THR G 109 -28.73 -10.58 -32.12
CA THR G 109 -28.82 -11.12 -33.47
C THR G 109 -30.24 -11.45 -33.89
N LEU G 110 -31.20 -11.37 -32.97
CA LEU G 110 -32.59 -11.78 -33.23
C LEU G 110 -32.65 -13.23 -33.71
N ASP G 111 -31.75 -14.06 -33.18
CA ASP G 111 -31.61 -15.44 -33.62
C ASP G 111 -31.18 -16.28 -32.42
N SER G 112 -30.83 -17.54 -32.68
CA SER G 112 -30.38 -18.42 -31.62
C SER G 112 -29.00 -18.01 -31.12
N LYS G 113 -28.60 -18.62 -30.00
CA LYS G 113 -27.30 -18.43 -29.35
C LYS G 113 -27.21 -17.06 -28.70
N THR G 114 -28.23 -16.22 -28.94
CA THR G 114 -28.34 -14.90 -28.32
C THR G 114 -29.83 -14.72 -28.00
N GLN G 115 -30.18 -14.83 -26.72
CA GLN G 115 -31.58 -14.84 -26.34
C GLN G 115 -32.24 -13.50 -26.67
N SER G 116 -33.03 -13.50 -27.73
CA SER G 116 -33.71 -12.31 -28.21
C SER G 116 -34.92 -12.05 -27.32
N LEU G 117 -34.82 -11.03 -26.46
CA LEU G 117 -35.96 -10.61 -25.65
C LEU G 117 -37.17 -10.35 -26.53
N LEU G 118 -38.31 -10.91 -26.14
CA LEU G 118 -39.54 -10.78 -26.89
C LEU G 118 -40.66 -10.40 -25.94
N ILE G 119 -41.10 -9.16 -26.02
CA ILE G 119 -42.32 -8.72 -25.37
C ILE G 119 -43.46 -8.90 -26.37
N VAL G 120 -44.62 -9.35 -25.88
CA VAL G 120 -45.82 -9.46 -26.71
C VAL G 120 -47.02 -9.10 -25.86
N ASN G 121 -47.78 -8.10 -26.29
CA ASN G 121 -48.97 -7.69 -25.56
C ASN G 121 -50.21 -8.33 -26.20
N ASN G 122 -50.94 -9.11 -25.42
CA ASN G 122 -52.29 -9.52 -25.74
C ASN G 122 -53.25 -8.79 -24.83
N ALA G 123 -54.52 -8.76 -25.23
CA ALA G 123 -55.52 -8.10 -24.40
C ALA G 123 -55.56 -8.68 -22.99
N THR G 124 -55.36 -9.99 -22.87
CA THR G 124 -55.36 -10.64 -21.56
C THR G 124 -54.19 -10.17 -20.71
N ASN G 125 -52.97 -10.45 -21.16
CA ASN G 125 -51.78 -10.18 -20.36
C ASN G 125 -50.58 -9.97 -21.28
N VAL G 126 -49.56 -9.32 -20.74
CA VAL G 126 -48.29 -9.16 -21.46
C VAL G 126 -47.40 -10.36 -21.18
N VAL G 127 -46.71 -10.83 -22.22
CA VAL G 127 -45.88 -12.02 -22.15
C VAL G 127 -44.46 -11.61 -22.51
N ILE G 128 -43.53 -11.76 -21.57
CA ILE G 128 -42.14 -11.40 -21.75
C ILE G 128 -41.32 -12.68 -21.74
N LYS G 129 -40.59 -12.94 -22.83
CA LYS G 129 -39.81 -14.17 -22.97
C LYS G 129 -38.39 -13.82 -23.41
N VAL G 130 -37.43 -14.06 -22.53
CA VAL G 130 -36.01 -14.01 -22.89
C VAL G 130 -35.62 -15.46 -23.19
N CYS G 131 -35.78 -15.84 -24.46
CA CYS G 131 -35.45 -17.16 -24.98
C CYS G 131 -34.58 -16.97 -26.22
N GLU G 132 -34.23 -18.08 -26.87
CA GLU G 132 -33.48 -18.03 -28.12
C GLU G 132 -34.48 -18.22 -29.27
N PHE G 133 -35.06 -17.10 -29.71
CA PHE G 133 -36.04 -17.12 -30.77
C PHE G 133 -35.34 -17.08 -32.14
N GLN G 134 -36.12 -17.40 -33.17
CA GLN G 134 -35.66 -17.36 -34.56
C GLN G 134 -36.67 -16.55 -35.36
N PHE G 135 -36.49 -15.23 -35.37
CA PHE G 135 -37.40 -14.36 -36.11
C PHE G 135 -37.15 -14.49 -37.60
N CYS G 136 -38.22 -14.61 -38.36
CA CYS G 136 -38.13 -14.67 -39.82
C CYS G 136 -38.03 -13.25 -40.38
N ASN G 137 -38.26 -13.11 -41.69
CA ASN G 137 -38.09 -11.82 -42.35
C ASN G 137 -38.96 -10.75 -41.73
N ASP G 138 -40.27 -11.02 -41.59
CA ASP G 138 -41.24 -10.03 -41.14
C ASP G 138 -41.94 -10.53 -39.88
N PRO G 139 -41.34 -10.31 -38.70
CA PRO G 139 -42.06 -10.58 -37.45
C PRO G 139 -43.22 -9.62 -37.26
N PHE G 140 -44.44 -10.17 -37.26
CA PHE G 140 -45.64 -9.41 -36.96
C PHE G 140 -46.59 -10.32 -36.19
N LEU G 141 -47.72 -9.75 -35.78
CA LEU G 141 -48.74 -10.51 -35.06
C LEU G 141 -49.85 -10.90 -36.02
N GLY G 142 -50.01 -12.21 -36.24
CA GLY G 142 -51.02 -12.68 -37.14
C GLY G 142 -52.38 -12.78 -36.47
N VAL G 143 -53.06 -11.66 -36.28
CA VAL G 143 -54.33 -11.70 -35.58
C VAL G 143 -55.37 -12.21 -36.57
N TYR G 144 -55.56 -13.52 -36.61
CA TYR G 144 -56.50 -14.16 -37.50
C TYR G 144 -57.78 -14.51 -36.76
N TYR G 145 -58.82 -14.82 -37.53
CA TYR G 145 -60.14 -15.06 -36.97
C TYR G 145 -60.22 -16.48 -36.43
N HIS G 146 -60.36 -16.60 -35.10
CA HIS G 146 -60.41 -17.92 -34.47
C HIS G 146 -61.57 -18.76 -35.02
N LYS G 147 -62.69 -18.11 -35.34
CA LYS G 147 -63.80 -18.71 -36.09
C LYS G 147 -64.58 -19.71 -35.23
N ASN G 148 -64.07 -19.98 -34.03
CA ASN G 148 -64.79 -20.71 -33.00
C ASN G 148 -65.12 -19.74 -31.88
N ASN G 149 -66.41 -19.60 -31.55
CA ASN G 149 -66.94 -18.57 -30.66
C ASN G 149 -66.74 -17.17 -31.22
N LYS G 150 -66.39 -17.06 -32.50
CA LYS G 150 -66.22 -15.79 -33.20
C LYS G 150 -65.18 -14.92 -32.49
N SER G 151 -63.94 -15.41 -32.47
CA SER G 151 -62.86 -14.75 -31.75
C SER G 151 -61.78 -14.26 -32.73
N TRP G 152 -60.71 -13.72 -32.15
CA TRP G 152 -59.64 -13.06 -32.89
C TRP G 152 -58.27 -13.63 -32.53
N MET G 153 -58.11 -14.94 -32.65
CA MET G 153 -56.90 -15.62 -32.18
C MET G 153 -55.65 -15.04 -32.84
N GLU G 154 -54.64 -14.78 -32.02
CA GLU G 154 -53.39 -14.16 -32.49
C GLU G 154 -52.33 -15.24 -32.67
N SER G 155 -52.03 -15.58 -33.92
CA SER G 155 -50.89 -16.44 -34.21
C SER G 155 -49.60 -15.67 -33.95
N GLU G 156 -48.81 -16.17 -33.01
CA GLU G 156 -47.55 -15.56 -32.62
C GLU G 156 -46.35 -16.11 -33.38
N PHE G 157 -46.52 -17.23 -34.08
CA PHE G 157 -45.45 -17.71 -34.95
C PHE G 157 -45.27 -16.87 -36.19
N ARG G 158 -46.08 -15.83 -36.37
CA ARG G 158 -45.78 -14.80 -37.36
C ARG G 158 -44.66 -13.88 -36.90
N VAL G 159 -44.14 -14.09 -35.69
CA VAL G 159 -43.03 -13.30 -35.16
C VAL G 159 -41.73 -14.05 -35.38
N TYR G 160 -41.62 -15.24 -34.80
CA TYR G 160 -40.43 -16.06 -34.88
C TYR G 160 -40.76 -17.36 -35.63
N SER G 161 -39.76 -18.24 -35.70
CA SER G 161 -39.98 -19.59 -36.22
C SER G 161 -39.76 -20.67 -35.17
N SER G 162 -39.08 -20.36 -34.07
CA SER G 162 -38.88 -21.32 -33.00
C SER G 162 -38.67 -20.57 -31.70
N ALA G 163 -38.92 -21.26 -30.58
CA ALA G 163 -38.75 -20.70 -29.25
C ALA G 163 -38.13 -21.78 -28.37
N ASN G 164 -36.82 -21.67 -28.12
CA ASN G 164 -36.10 -22.67 -27.35
C ASN G 164 -34.96 -21.99 -26.60
N ASN G 165 -34.25 -22.78 -25.80
CA ASN G 165 -33.10 -22.31 -25.02
C ASN G 165 -33.44 -21.05 -24.24
N CYS G 166 -34.53 -21.12 -23.47
CA CYS G 166 -35.09 -19.98 -22.79
C CYS G 166 -34.62 -19.93 -21.34
N THR G 167 -34.24 -18.73 -20.87
CA THR G 167 -33.83 -18.59 -19.44
C THR G 167 -34.83 -17.70 -18.68
N PHE G 168 -35.54 -16.79 -19.36
CA PHE G 168 -36.50 -15.97 -18.64
C PHE G 168 -37.88 -16.05 -19.29
N GLU G 169 -38.91 -16.15 -18.46
CA GLU G 169 -40.28 -16.13 -18.94
C GLU G 169 -41.14 -15.48 -17.86
N TYR G 170 -42.16 -14.73 -18.31
CA TYR G 170 -42.89 -13.88 -17.39
C TYR G 170 -44.20 -13.45 -18.04
N VAL G 171 -45.21 -13.24 -17.20
CA VAL G 171 -46.52 -12.77 -17.64
C VAL G 171 -46.99 -11.73 -16.63
N SER G 172 -47.43 -10.57 -17.14
CA SER G 172 -47.80 -9.46 -16.26
C SER G 172 -49.00 -8.74 -16.86
N GLN G 173 -49.33 -7.60 -16.27
CA GLN G 173 -50.47 -6.81 -16.72
C GLN G 173 -50.16 -6.14 -18.05
N PRO G 174 -51.18 -5.96 -18.91
CA PRO G 174 -50.94 -5.40 -20.25
C PRO G 174 -50.17 -4.09 -20.25
N PHE G 175 -49.06 -4.07 -20.99
CA PHE G 175 -48.30 -2.84 -21.19
C PHE G 175 -49.15 -1.83 -21.94
N LEU G 176 -49.51 -2.17 -23.18
CA LEU G 176 -50.26 -1.28 -24.06
C LEU G 176 -51.73 -1.30 -23.68
N MET G 177 -52.09 -0.48 -22.71
CA MET G 177 -53.48 -0.28 -22.34
C MET G 177 -54.06 0.88 -23.13
N ASP G 178 -55.02 0.58 -24.00
CA ASP G 178 -55.69 1.59 -24.82
C ASP G 178 -57.11 1.77 -24.29
N LEU G 179 -57.36 2.92 -23.67
CA LEU G 179 -58.61 3.25 -23.00
C LEU G 179 -59.43 4.23 -23.83
N GLU G 180 -59.52 3.98 -25.15
CA GLU G 180 -59.82 5.02 -26.14
C GLU G 180 -60.95 5.95 -25.73
N GLY G 181 -62.19 5.43 -25.65
CA GLY G 181 -63.28 6.09 -24.94
C GLY G 181 -63.49 7.58 -25.18
N LYS G 182 -62.81 8.16 -26.16
CA LYS G 182 -62.84 9.60 -26.36
C LYS G 182 -63.08 10.01 -27.80
N GLN G 183 -62.55 9.26 -28.77
CA GLN G 183 -62.75 9.53 -30.19
C GLN G 183 -62.27 10.94 -30.55
N GLY G 184 -60.97 11.14 -30.43
CA GLY G 184 -60.38 12.46 -30.48
C GLY G 184 -59.90 12.87 -29.10
N ASN G 185 -58.93 13.78 -29.07
CA ASN G 185 -58.23 14.18 -27.86
C ASN G 185 -57.57 12.99 -27.17
N PHE G 186 -57.40 11.89 -27.89
CA PHE G 186 -56.98 10.60 -27.34
C PHE G 186 -56.04 9.97 -28.35
N LYS G 187 -56.00 8.63 -28.40
CA LYS G 187 -54.95 7.83 -29.02
C LYS G 187 -53.73 7.89 -28.11
N ASN G 188 -53.94 7.65 -26.81
CA ASN G 188 -53.00 7.97 -25.75
C ASN G 188 -51.56 7.76 -26.18
N LEU G 189 -50.76 8.82 -26.05
CA LEU G 189 -49.33 8.67 -26.26
C LEU G 189 -48.82 7.71 -25.20
N ARG G 190 -48.46 6.50 -25.61
CA ARG G 190 -47.90 5.50 -24.71
C ARG G 190 -46.40 5.52 -24.89
N GLU G 191 -45.70 5.92 -23.84
CA GLU G 191 -44.25 6.11 -23.91
C GLU G 191 -43.55 5.09 -23.05
N PHE G 192 -42.47 4.53 -23.59
CA PHE G 192 -41.73 3.46 -22.94
C PHE G 192 -40.25 3.70 -23.14
N VAL G 193 -39.51 3.85 -22.05
CA VAL G 193 -38.06 3.92 -22.11
C VAL G 193 -37.51 2.53 -21.88
N PHE G 194 -36.92 1.95 -22.92
CA PHE G 194 -36.26 0.66 -22.83
C PHE G 194 -34.79 0.90 -22.54
N LYS G 195 -34.32 0.33 -21.43
CA LYS G 195 -33.02 0.69 -20.88
C LYS G 195 -32.29 -0.58 -20.47
N ASN G 196 -31.22 -0.93 -21.19
CA ASN G 196 -30.48 -2.17 -20.94
C ASN G 196 -29.32 -1.88 -19.99
N ILE G 197 -29.66 -1.72 -18.71
CA ILE G 197 -28.65 -1.43 -17.69
C ILE G 197 -28.04 -2.74 -17.24
N ASP G 198 -26.77 -2.97 -17.60
CA ASP G 198 -25.92 -4.08 -17.14
C ASP G 198 -26.68 -5.39 -16.96
N GLY G 199 -27.31 -5.83 -18.03
CA GLY G 199 -28.05 -7.09 -18.01
C GLY G 199 -29.38 -7.01 -17.31
N TYR G 200 -30.02 -5.86 -17.34
CA TYR G 200 -31.32 -5.64 -16.69
C TYR G 200 -32.12 -4.73 -17.61
N PHE G 201 -33.09 -5.31 -18.30
CA PHE G 201 -34.01 -4.54 -19.13
C PHE G 201 -34.99 -3.80 -18.23
N LYS G 202 -34.87 -2.49 -18.18
CA LYS G 202 -35.77 -1.64 -17.41
C LYS G 202 -36.76 -0.99 -18.36
N ILE G 203 -38.05 -1.15 -18.07
CA ILE G 203 -39.11 -0.58 -18.88
C ILE G 203 -39.79 0.52 -18.09
N TYR G 204 -40.06 1.63 -18.75
CA TYR G 204 -40.81 2.74 -18.19
C TYR G 204 -42.09 2.88 -19.00
N SER G 205 -42.97 3.79 -18.59
CA SER G 205 -44.28 3.87 -19.21
C SER G 205 -44.94 5.19 -18.91
N LYS G 206 -45.88 5.56 -19.78
CA LYS G 206 -46.92 6.53 -19.44
C LYS G 206 -48.00 6.48 -20.51
N HIS G 207 -49.25 6.52 -20.06
CA HIS G 207 -50.42 6.69 -20.92
C HIS G 207 -50.82 8.16 -20.83
N THR G 208 -50.69 8.89 -21.93
CA THR G 208 -50.99 10.31 -21.85
C THR G 208 -52.13 10.68 -22.79
N PRO G 209 -53.10 11.46 -22.32
CA PRO G 209 -54.18 11.92 -23.21
C PRO G 209 -53.67 12.91 -24.25
N ILE G 210 -53.00 12.39 -25.28
CA ILE G 210 -52.45 13.25 -26.31
C ILE G 210 -53.56 14.02 -27.00
N ASN G 211 -53.37 15.33 -27.14
CA ASN G 211 -54.36 16.22 -27.73
C ASN G 211 -54.21 16.32 -29.25
N LEU G 212 -52.99 16.53 -29.72
CA LEU G 212 -52.75 16.70 -31.15
C LEU G 212 -53.11 15.43 -31.91
N VAL G 213 -53.09 15.55 -33.24
CA VAL G 213 -53.43 14.41 -34.08
C VAL G 213 -52.36 13.33 -33.98
N ARG G 214 -51.12 13.64 -34.39
CA ARG G 214 -50.05 12.66 -34.28
C ARG G 214 -48.72 13.22 -33.83
N ASP G 215 -48.52 14.53 -33.78
CA ASP G 215 -47.23 15.08 -33.38
C ASP G 215 -47.06 15.02 -31.87
N LEU G 216 -45.82 14.91 -31.43
CA LEU G 216 -45.51 14.87 -30.00
C LEU G 216 -45.81 16.22 -29.37
N PRO G 217 -46.76 16.30 -28.43
CA PRO G 217 -47.05 17.58 -27.78
C PRO G 217 -46.00 17.94 -26.75
N GLN G 218 -46.05 19.19 -26.31
CA GLN G 218 -45.03 19.74 -25.41
C GLN G 218 -45.43 19.50 -23.95
N GLY G 219 -45.55 18.23 -23.60
CA GLY G 219 -45.90 17.85 -22.25
C GLY G 219 -44.75 17.15 -21.54
N PHE G 220 -44.78 17.15 -20.21
CA PHE G 220 -43.72 16.53 -19.42
C PHE G 220 -44.09 15.07 -19.19
N SER G 221 -43.44 14.18 -19.95
CA SER G 221 -43.66 12.75 -19.83
C SER G 221 -42.82 12.22 -18.68
N ALA G 222 -43.35 12.37 -17.47
CA ALA G 222 -42.69 11.87 -16.27
C ALA G 222 -42.87 10.35 -16.19
N LEU G 223 -42.13 9.65 -17.04
CA LEU G 223 -42.31 8.21 -17.18
C LEU G 223 -42.06 7.49 -15.86
N GLU G 224 -42.99 6.63 -15.49
CA GLU G 224 -42.94 5.73 -14.35
C GLU G 224 -42.55 4.33 -14.81
N PRO G 225 -41.63 3.67 -14.10
CA PRO G 225 -41.13 2.37 -14.58
C PRO G 225 -42.01 1.20 -14.19
N LEU G 226 -42.18 0.29 -15.15
CA LEU G 226 -42.99 -0.91 -14.91
C LEU G 226 -42.18 -2.01 -14.25
N VAL G 227 -41.12 -2.48 -14.92
CA VAL G 227 -40.39 -3.66 -14.48
C VAL G 227 -38.91 -3.50 -14.76
N ASP G 228 -38.11 -4.26 -14.00
CA ASP G 228 -36.67 -4.39 -14.19
C ASP G 228 -36.38 -5.89 -14.28
N LEU G 229 -36.19 -6.39 -15.51
CA LEU G 229 -36.06 -7.83 -15.73
C LEU G 229 -34.59 -8.20 -15.94
N PRO G 230 -34.06 -9.17 -15.20
CA PRO G 230 -32.66 -9.58 -15.42
C PRO G 230 -32.50 -10.31 -16.74
N ILE G 231 -31.67 -9.76 -17.62
CA ILE G 231 -31.43 -10.32 -18.94
C ILE G 231 -30.04 -10.94 -19.02
N GLY G 232 -28.99 -10.14 -18.84
CA GLY G 232 -27.63 -10.61 -18.96
C GLY G 232 -27.03 -10.51 -20.34
N ILE G 233 -27.87 -10.36 -21.35
CA ILE G 233 -27.42 -10.24 -22.73
C ILE G 233 -27.45 -8.76 -23.12
N ASN G 234 -26.54 -8.36 -23.99
CA ASN G 234 -26.45 -6.98 -24.46
C ASN G 234 -27.33 -6.81 -25.70
N ILE G 235 -28.50 -6.19 -25.52
CA ILE G 235 -29.42 -5.99 -26.64
C ILE G 235 -28.91 -4.85 -27.52
N THR G 236 -28.79 -5.09 -28.81
CA THR G 236 -28.31 -4.05 -29.70
C THR G 236 -29.30 -3.64 -30.77
N ARG G 237 -30.36 -4.41 -30.99
CA ARG G 237 -31.36 -4.09 -32.01
C ARG G 237 -32.74 -4.41 -31.45
N PHE G 238 -33.76 -3.94 -32.17
CA PHE G 238 -35.14 -4.30 -31.86
C PHE G 238 -36.01 -3.92 -33.05
N GLN G 239 -37.29 -4.30 -32.97
CA GLN G 239 -38.26 -3.99 -34.00
C GLN G 239 -39.66 -4.22 -33.47
N THR G 240 -40.52 -3.20 -33.55
CA THR G 240 -41.84 -3.35 -32.97
C THR G 240 -42.69 -4.30 -33.80
N LEU G 241 -43.71 -4.86 -33.17
CA LEU G 241 -44.62 -5.81 -33.79
C LEU G 241 -45.98 -5.16 -34.02
N LEU G 242 -46.62 -5.55 -35.11
CA LEU G 242 -47.89 -4.96 -35.51
C LEU G 242 -48.97 -6.02 -35.56
N ALA G 243 -50.16 -5.67 -35.08
CA ALA G 243 -51.32 -6.55 -35.16
C ALA G 243 -51.92 -6.42 -36.56
N LEU G 244 -51.75 -7.46 -37.37
CA LEU G 244 -52.29 -7.49 -38.72
C LEU G 244 -53.47 -8.43 -38.77
N HIS G 245 -54.58 -7.98 -39.33
CA HIS G 245 -55.78 -8.78 -39.49
C HIS G 245 -55.79 -9.41 -40.87
N ARG G 246 -56.22 -10.67 -40.94
CA ARG G 246 -56.31 -11.36 -42.21
C ARG G 246 -57.49 -10.83 -43.00
N SER G 247 -57.22 -10.12 -44.10
CA SER G 247 -58.29 -9.59 -44.94
C SER G 247 -58.99 -10.72 -45.67
N TYR G 248 -60.03 -10.36 -46.42
CA TYR G 248 -60.90 -11.30 -47.11
C TYR G 248 -60.56 -11.31 -48.59
N LEU G 249 -61.38 -12.03 -49.36
CA LEU G 249 -61.48 -11.76 -50.79
C LEU G 249 -61.93 -10.31 -50.95
N THR G 250 -61.04 -9.45 -51.47
CA THR G 250 -61.31 -8.03 -51.57
C THR G 250 -61.54 -7.65 -53.03
N PRO G 251 -62.81 -7.61 -53.49
CA PRO G 251 -63.13 -7.28 -54.89
C PRO G 251 -62.83 -5.83 -55.24
N SER G 256 -50.84 -14.28 -46.80
CA SER G 256 -51.84 -13.90 -47.78
C SER G 256 -52.27 -12.45 -47.60
N GLY G 257 -53.48 -12.25 -47.08
CA GLY G 257 -54.02 -10.93 -46.86
C GLY G 257 -53.81 -10.47 -45.44
N TRP G 258 -53.20 -9.30 -45.29
CA TRP G 258 -52.86 -8.73 -44.00
C TRP G 258 -52.92 -7.21 -44.12
N THR G 259 -52.20 -6.52 -43.22
CA THR G 259 -52.11 -5.05 -43.22
C THR G 259 -53.45 -4.38 -42.98
N ALA G 260 -54.02 -4.57 -41.80
CA ALA G 260 -55.19 -3.82 -41.37
C ALA G 260 -54.76 -2.62 -40.54
N GLY G 261 -55.50 -1.52 -40.66
CA GLY G 261 -55.19 -0.30 -39.92
C GLY G 261 -54.01 0.45 -40.51
N ALA G 262 -53.70 1.58 -39.88
CA ALA G 262 -52.55 2.40 -40.22
C ALA G 262 -51.73 2.67 -38.96
N ALA G 263 -50.41 2.55 -39.07
CA ALA G 263 -49.54 2.55 -37.90
C ALA G 263 -48.46 3.62 -38.03
N ALA G 264 -48.25 4.38 -36.96
CA ALA G 264 -47.22 5.41 -36.89
C ALA G 264 -46.78 5.58 -35.45
N TYR G 265 -45.46 5.62 -35.24
CA TYR G 265 -44.89 5.79 -33.92
C TYR G 265 -43.60 6.60 -34.03
N TYR G 266 -42.95 6.81 -32.88
CA TYR G 266 -41.75 7.65 -32.83
C TYR G 266 -40.67 6.94 -32.04
N VAL G 267 -39.43 7.06 -32.51
CA VAL G 267 -38.29 6.42 -31.88
C VAL G 267 -37.20 7.47 -31.64
N GLY G 268 -36.80 7.63 -30.38
CA GLY G 268 -35.67 8.47 -30.03
C GLY G 268 -34.63 7.65 -29.29
N TYR G 269 -33.43 8.21 -29.20
CA TYR G 269 -32.32 7.53 -28.55
C TYR G 269 -31.90 8.30 -27.30
N LEU G 270 -31.33 7.56 -26.35
CA LEU G 270 -30.93 8.11 -25.07
C LEU G 270 -29.45 8.44 -25.06
N GLN G 271 -29.08 9.39 -24.23
CA GLN G 271 -27.70 9.85 -24.07
C GLN G 271 -27.43 10.08 -22.59
N PRO G 272 -26.20 9.80 -22.14
CA PRO G 272 -25.85 9.97 -20.71
C PRO G 272 -25.51 11.42 -20.38
N ARG G 273 -26.55 12.21 -20.17
CA ARG G 273 -26.40 13.66 -20.02
C ARG G 273 -27.14 14.13 -18.78
N THR G 274 -26.58 15.13 -18.12
CA THR G 274 -27.16 15.64 -16.87
C THR G 274 -28.49 16.34 -17.13
N PHE G 275 -29.43 16.12 -16.23
CA PHE G 275 -30.71 16.80 -16.26
C PHE G 275 -31.01 17.40 -14.89
N LEU G 276 -31.83 18.44 -14.88
CA LEU G 276 -32.40 18.97 -13.66
C LEU G 276 -33.83 18.48 -13.55
N LEU G 277 -34.25 18.15 -12.32
CA LEU G 277 -35.55 17.53 -12.08
C LEU G 277 -36.24 18.31 -10.96
N LYS G 278 -37.27 19.08 -11.32
CA LYS G 278 -38.05 19.82 -10.34
C LYS G 278 -39.19 18.92 -9.88
N TYR G 279 -39.06 18.37 -8.68
CA TYR G 279 -40.15 17.60 -8.10
C TYR G 279 -41.20 18.56 -7.55
N ASN G 280 -42.40 18.04 -7.37
CA ASN G 280 -43.52 18.84 -6.88
C ASN G 280 -43.81 18.49 -5.43
N GLU G 281 -44.83 19.13 -4.87
CA GLU G 281 -45.23 18.81 -3.51
C GLU G 281 -45.79 17.39 -3.42
N ASN G 282 -46.31 16.87 -4.53
CA ASN G 282 -46.71 15.48 -4.63
C ASN G 282 -45.59 14.59 -5.15
N GLY G 283 -44.37 15.11 -5.23
CA GLY G 283 -43.25 14.33 -5.71
C GLY G 283 -43.32 13.94 -7.17
N THR G 284 -43.95 14.76 -8.01
CA THR G 284 -43.98 14.53 -9.44
C THR G 284 -43.08 15.54 -10.13
N ILE G 285 -42.53 15.14 -11.27
CA ILE G 285 -41.59 15.96 -12.01
C ILE G 285 -42.37 16.88 -12.94
N THR G 286 -42.18 18.19 -12.76
CA THR G 286 -42.86 19.18 -13.59
C THR G 286 -41.88 19.95 -14.46
N ASP G 287 -40.88 20.60 -13.88
CA ASP G 287 -39.84 21.24 -14.67
C ASP G 287 -38.69 20.28 -14.88
N ALA G 288 -38.10 20.31 -16.07
CA ALA G 288 -36.91 19.54 -16.38
C ALA G 288 -36.13 20.32 -17.42
N VAL G 289 -34.97 20.83 -17.03
CA VAL G 289 -34.10 21.57 -17.94
C VAL G 289 -32.83 20.76 -18.16
N ASP G 290 -32.39 20.69 -19.41
CA ASP G 290 -31.17 19.98 -19.75
C ASP G 290 -29.96 20.77 -19.24
N CYS G 291 -28.79 20.16 -19.34
CA CYS G 291 -27.53 20.82 -18.99
C CYS G 291 -26.62 21.04 -20.19
N ALA G 292 -26.63 20.13 -21.16
CA ALA G 292 -25.82 20.28 -22.37
C ALA G 292 -26.65 20.72 -23.57
N LEU G 293 -27.71 21.49 -23.35
CA LEU G 293 -28.58 21.93 -24.44
C LEU G 293 -28.18 23.30 -24.99
N ASP G 294 -28.21 24.32 -24.15
CA ASP G 294 -27.91 25.68 -24.57
C ASP G 294 -27.41 26.46 -23.37
N PRO G 295 -26.80 27.64 -23.58
CA PRO G 295 -26.24 28.38 -22.44
C PRO G 295 -27.20 28.63 -21.29
N LEU G 296 -28.45 28.98 -21.58
CA LEU G 296 -29.43 29.21 -20.50
C LEU G 296 -29.59 27.97 -19.63
N SER G 297 -29.76 26.80 -20.27
CA SER G 297 -29.91 25.57 -19.52
C SER G 297 -28.62 25.20 -18.79
N GLU G 298 -27.48 25.44 -19.42
CA GLU G 298 -26.20 25.26 -18.73
C GLU G 298 -26.18 26.06 -17.43
N THR G 299 -26.59 27.32 -17.49
CA THR G 299 -26.58 28.18 -16.30
C THR G 299 -27.56 27.66 -15.25
N LYS G 300 -28.77 27.31 -15.68
CA LYS G 300 -29.74 26.72 -14.76
C LYS G 300 -29.15 25.51 -14.06
N CYS G 301 -28.34 24.72 -14.76
CA CYS G 301 -27.69 23.58 -14.13
C CYS G 301 -26.55 24.01 -13.21
N THR G 302 -25.86 25.11 -13.54
CA THR G 302 -24.81 25.60 -12.65
C THR G 302 -25.38 25.99 -11.29
N LEU G 303 -26.45 26.77 -11.29
CA LEU G 303 -27.12 27.11 -10.03
C LEU G 303 -27.70 25.88 -9.34
N LYS G 304 -27.87 24.79 -10.08
CA LYS G 304 -28.21 23.46 -9.57
C LYS G 304 -29.61 23.36 -9.00
N SER G 305 -30.30 24.47 -8.79
CA SER G 305 -31.69 24.37 -8.37
C SER G 305 -32.67 25.16 -9.22
N PHE G 306 -32.46 26.47 -9.34
CA PHE G 306 -33.54 27.39 -9.66
C PHE G 306 -33.45 27.91 -11.09
N THR G 307 -34.38 28.80 -11.43
CA THR G 307 -34.40 29.48 -12.72
C THR G 307 -33.61 30.78 -12.60
N VAL G 308 -32.80 31.05 -13.63
CA VAL G 308 -31.82 32.13 -13.56
C VAL G 308 -32.51 33.49 -13.41
N GLU G 309 -31.82 34.42 -12.75
CA GLU G 309 -32.25 35.80 -12.62
C GLU G 309 -31.22 36.71 -13.29
N LYS G 310 -31.44 38.02 -13.14
CA LYS G 310 -30.54 39.01 -13.72
C LYS G 310 -29.10 38.80 -13.26
N GLY G 311 -28.17 38.93 -14.19
CA GLY G 311 -26.76 38.98 -13.84
C GLY G 311 -25.91 38.20 -14.82
N ILE G 312 -24.69 37.90 -14.36
CA ILE G 312 -23.71 37.13 -15.11
C ILE G 312 -23.25 35.98 -14.23
N TYR G 313 -23.10 34.80 -14.82
CA TYR G 313 -22.75 33.60 -14.09
C TYR G 313 -21.69 32.83 -14.86
N GLN G 314 -20.54 32.62 -14.23
CA GLN G 314 -19.52 31.77 -14.82
C GLN G 314 -20.02 30.34 -14.87
N THR G 315 -20.02 29.74 -16.06
CA THR G 315 -20.65 28.44 -16.26
C THR G 315 -19.64 27.34 -16.56
N SER G 316 -18.80 27.51 -17.58
CA SER G 316 -17.98 26.38 -18.03
C SER G 316 -16.62 26.89 -18.48
N ASN G 317 -15.87 26.01 -19.13
CA ASN G 317 -14.50 26.32 -19.56
C ASN G 317 -14.34 25.83 -21.00
N PHE G 318 -14.34 26.76 -21.94
CA PHE G 318 -13.99 26.42 -23.31
C PHE G 318 -12.48 26.28 -23.44
N ARG G 319 -12.06 25.39 -24.33
CA ARG G 319 -10.64 25.21 -24.61
C ARG G 319 -10.48 24.93 -26.09
N VAL G 320 -9.61 25.68 -26.75
CA VAL G 320 -9.24 25.35 -28.12
C VAL G 320 -8.54 24.01 -28.08
N GLN G 321 -9.21 22.96 -28.56
CA GLN G 321 -8.64 21.63 -28.50
C GLN G 321 -7.52 21.48 -29.52
N PRO G 322 -6.52 20.64 -29.23
CA PRO G 322 -5.44 20.44 -30.19
C PRO G 322 -5.98 19.93 -31.51
N THR G 323 -5.47 20.51 -32.61
CA THR G 323 -5.93 20.11 -33.93
C THR G 323 -5.59 18.66 -34.22
N GLU G 324 -4.40 18.21 -33.81
CA GLU G 324 -3.95 16.85 -34.03
C GLU G 324 -2.79 16.58 -33.06
N SER G 325 -2.08 15.47 -33.28
CA SER G 325 -0.94 15.10 -32.46
C SER G 325 0.27 14.87 -33.37
N ILE G 326 1.32 15.66 -33.17
CA ILE G 326 2.56 15.53 -33.93
C ILE G 326 3.47 14.52 -33.25
N VAL G 327 3.84 13.46 -33.96
CA VAL G 327 4.77 12.45 -33.47
C VAL G 327 6.08 12.58 -34.23
N ARG G 328 7.19 12.75 -33.51
CA ARG G 328 8.50 12.92 -34.17
C ARG G 328 9.60 12.19 -33.40
N PHE G 329 9.99 11.01 -33.88
CA PHE G 329 11.08 10.24 -33.31
C PHE G 329 12.28 10.30 -34.24
N PRO G 330 13.47 10.03 -33.74
CA PRO G 330 14.64 9.98 -34.62
C PRO G 330 14.89 8.57 -35.13
N ASN G 331 15.78 8.49 -36.13
CA ASN G 331 16.27 7.17 -36.60
C ASN G 331 17.12 6.57 -35.46
N ILE G 332 17.09 7.20 -34.28
CA ILE G 332 17.77 6.83 -33.00
C ILE G 332 19.30 7.01 -33.08
N THR G 333 19.95 6.24 -33.96
CA THR G 333 21.39 6.23 -34.10
C THR G 333 21.81 6.82 -35.44
N ASN G 334 22.90 7.59 -35.43
CA ASN G 334 23.19 8.53 -36.51
C ASN G 334 23.30 7.85 -37.87
N LEU G 335 24.25 6.93 -38.02
CA LEU G 335 24.51 6.36 -39.35
C LEU G 335 25.43 5.15 -39.23
N CYS G 336 25.21 4.19 -40.12
CA CYS G 336 26.03 2.99 -40.28
C CYS G 336 26.36 2.79 -41.74
N PRO G 337 27.49 2.12 -42.06
CA PRO G 337 27.92 1.95 -43.45
C PRO G 337 27.35 0.71 -44.14
N PHE G 338 26.02 0.58 -44.12
CA PHE G 338 25.38 -0.50 -44.86
C PHE G 338 25.74 -0.44 -46.34
N GLY G 339 25.83 0.77 -46.90
CA GLY G 339 26.23 0.94 -48.28
C GLY G 339 27.57 0.33 -48.62
N GLU G 340 28.38 0.01 -47.61
CA GLU G 340 29.62 -0.71 -47.82
C GLU G 340 29.57 -2.16 -47.39
N VAL G 341 28.66 -2.52 -46.49
CA VAL G 341 28.46 -3.92 -46.18
C VAL G 341 27.83 -4.65 -47.35
N PHE G 342 27.01 -3.94 -48.13
CA PHE G 342 26.37 -4.51 -49.31
C PHE G 342 27.20 -4.26 -50.57
N ASN G 343 27.47 -3.00 -50.88
CA ASN G 343 28.21 -2.63 -52.08
C ASN G 343 29.71 -2.58 -51.82
N ALA G 344 30.24 -3.74 -51.40
CA ALA G 344 31.66 -3.88 -51.14
C ALA G 344 32.38 -4.34 -52.41
N THR G 345 33.65 -3.94 -52.53
CA THR G 345 34.44 -4.37 -53.68
C THR G 345 34.73 -5.86 -53.63
N ARG G 346 34.79 -6.44 -52.44
CA ARG G 346 35.00 -7.87 -52.26
C ARG G 346 34.21 -8.35 -51.06
N PHE G 347 33.87 -9.63 -51.09
CA PHE G 347 33.21 -10.31 -49.98
C PHE G 347 34.12 -11.43 -49.48
N ALA G 348 33.63 -12.19 -48.52
CA ALA G 348 34.40 -13.28 -47.93
C ALA G 348 33.93 -14.63 -48.46
N SER G 349 34.65 -15.67 -48.07
CA SER G 349 34.20 -17.02 -48.30
C SER G 349 32.99 -17.33 -47.42
N VAL G 350 32.34 -18.46 -47.67
CA VAL G 350 31.23 -18.88 -46.82
C VAL G 350 31.67 -19.91 -45.78
N TYR G 351 32.74 -20.68 -46.04
CA TYR G 351 33.34 -21.45 -44.96
C TYR G 351 33.90 -20.53 -43.88
N ALA G 352 34.35 -19.34 -44.28
CA ALA G 352 34.82 -18.30 -43.37
C ALA G 352 34.15 -17.00 -43.79
N TRP G 353 32.93 -16.77 -43.30
CA TRP G 353 32.19 -15.58 -43.64
C TRP G 353 32.45 -14.47 -42.62
N ASN G 354 32.13 -13.24 -43.02
CA ASN G 354 32.37 -12.08 -42.20
C ASN G 354 31.18 -11.81 -41.28
N ARG G 355 31.45 -11.63 -39.99
CA ARG G 355 30.43 -11.33 -38.99
C ARG G 355 30.52 -9.85 -38.67
N LYS G 356 29.84 -9.05 -39.48
CA LYS G 356 29.83 -7.60 -39.32
C LYS G 356 28.74 -7.24 -38.33
N ARG G 357 29.12 -6.90 -37.10
CA ARG G 357 28.16 -6.49 -36.08
C ARG G 357 27.89 -5.00 -36.27
N ILE G 358 26.67 -4.67 -36.73
CA ILE G 358 26.28 -3.28 -36.97
C ILE G 358 25.44 -2.82 -35.79
N SER G 359 25.97 -1.80 -35.15
CA SER G 359 25.27 -1.02 -34.09
C SER G 359 25.34 0.46 -34.53
N ASN G 360 24.49 1.30 -33.94
CA ASN G 360 24.53 2.74 -34.19
C ASN G 360 24.33 3.04 -35.67
N CYS G 361 23.13 2.75 -36.17
CA CYS G 361 22.85 2.83 -37.60
C CYS G 361 21.62 3.66 -37.90
N VAL G 362 21.64 4.26 -39.09
CA VAL G 362 20.58 5.12 -39.63
C VAL G 362 19.50 4.28 -40.29
N ALA G 363 18.38 4.91 -40.64
CA ALA G 363 17.33 4.29 -41.45
C ALA G 363 17.88 3.84 -42.80
N ASP G 364 18.02 2.53 -42.99
CA ASP G 364 18.58 2.02 -44.24
C ASP G 364 17.79 0.87 -44.86
N TYR G 365 16.83 0.26 -44.15
CA TYR G 365 15.96 -0.72 -44.80
C TYR G 365 15.26 -0.10 -46.01
N SER G 366 14.85 1.17 -45.88
CA SER G 366 14.28 1.89 -47.02
C SER G 366 15.24 1.87 -48.20
N VAL G 367 16.52 2.14 -47.95
CA VAL G 367 17.51 2.08 -49.03
C VAL G 367 17.62 0.66 -49.57
N LEU G 368 17.54 -0.33 -48.68
CA LEU G 368 17.55 -1.72 -49.12
C LEU G 368 16.38 -2.04 -50.03
N TYR G 369 15.28 -1.29 -49.91
CA TYR G 369 14.18 -1.43 -50.86
C TYR G 369 14.38 -0.58 -52.10
N ASN G 370 15.08 0.56 -51.95
CA ASN G 370 15.37 1.41 -53.10
C ASN G 370 16.35 0.77 -54.06
N SER G 371 17.15 -0.18 -53.58
CA SER G 371 18.06 -0.92 -54.48
C SER G 371 17.26 -1.69 -55.52
N ALA G 372 16.37 -2.58 -55.07
CA ALA G 372 15.49 -3.36 -55.95
C ALA G 372 16.29 -4.15 -56.98
N SER G 373 17.43 -4.69 -56.56
CA SER G 373 18.27 -5.48 -57.44
C SER G 373 18.68 -6.83 -56.87
N PHE G 374 18.47 -7.07 -55.58
CA PHE G 374 18.84 -8.33 -54.97
C PHE G 374 17.94 -9.45 -55.49
N SER G 375 18.56 -10.47 -56.08
CA SER G 375 17.79 -11.58 -56.61
C SER G 375 17.03 -12.31 -55.51
N THR G 376 17.77 -12.87 -54.54
CA THR G 376 17.16 -13.58 -53.42
C THR G 376 17.09 -12.62 -52.24
N PHE G 377 16.09 -11.73 -52.27
CA PHE G 377 15.86 -10.80 -51.18
C PHE G 377 14.69 -11.33 -50.35
N LYS G 378 15.00 -12.29 -49.47
CA LYS G 378 14.03 -12.93 -48.61
C LYS G 378 14.23 -12.41 -47.19
N CYS G 379 13.15 -12.30 -46.43
CA CYS G 379 13.30 -11.68 -45.12
C CYS G 379 12.37 -12.41 -44.16
N TYR G 380 12.91 -12.79 -43.01
CA TYR G 380 12.30 -13.80 -42.15
C TYR G 380 11.89 -13.20 -40.80
N GLY G 381 11.27 -14.04 -39.98
CA GLY G 381 10.69 -13.60 -38.73
C GLY G 381 9.34 -12.96 -38.97
N VAL G 382 9.36 -11.75 -39.53
CA VAL G 382 8.17 -11.08 -40.03
C VAL G 382 8.57 -10.37 -41.31
N SER G 383 7.57 -10.02 -42.13
CA SER G 383 7.78 -9.44 -43.45
C SER G 383 8.74 -8.25 -43.37
N PRO G 384 9.60 -8.07 -44.38
CA PRO G 384 10.69 -7.08 -44.26
C PRO G 384 10.24 -5.67 -43.90
N THR G 385 9.16 -5.18 -44.51
CA THR G 385 8.76 -3.79 -44.29
C THR G 385 8.43 -3.51 -42.84
N LYS G 386 7.89 -4.48 -42.12
CA LYS G 386 7.55 -4.28 -40.72
C LYS G 386 8.77 -4.26 -39.81
N LEU G 387 9.96 -4.61 -40.33
CA LEU G 387 11.21 -4.39 -39.63
C LEU G 387 11.80 -3.02 -39.93
N ASN G 388 11.07 -2.16 -40.64
CA ASN G 388 11.61 -0.87 -41.07
C ASN G 388 11.99 -0.02 -39.87
N ASP G 389 11.03 0.29 -39.01
CA ASP G 389 11.27 1.14 -37.87
C ASP G 389 11.55 0.35 -36.59
N LEU G 390 11.38 -0.96 -36.61
CA LEU G 390 11.82 -1.80 -35.50
C LEU G 390 13.34 -1.80 -35.42
N CYS G 391 13.86 -1.59 -34.20
CA CYS G 391 15.33 -1.50 -34.01
C CYS G 391 15.89 -2.62 -33.13
N PHE G 392 16.85 -3.36 -33.68
CA PHE G 392 17.63 -4.40 -33.03
C PHE G 392 18.90 -3.78 -32.49
N THR G 393 19.60 -4.53 -31.63
CA THR G 393 20.76 -3.95 -30.99
C THR G 393 22.02 -4.14 -31.84
N ASN G 394 22.27 -5.38 -32.24
CA ASN G 394 23.48 -5.71 -33.05
C ASN G 394 23.07 -6.56 -34.25
N VAL G 395 22.89 -5.91 -35.40
CA VAL G 395 22.53 -6.62 -36.62
C VAL G 395 23.77 -7.32 -37.15
N TYR G 396 23.73 -8.64 -37.24
CA TYR G 396 24.89 -9.41 -37.68
C TYR G 396 24.80 -9.64 -39.18
N ALA G 397 25.55 -8.86 -39.94
CA ALA G 397 25.70 -9.12 -41.37
C ALA G 397 26.63 -10.32 -41.55
N ASP G 398 26.10 -11.40 -42.09
CA ASP G 398 26.88 -12.58 -42.44
C ASP G 398 27.24 -12.44 -43.92
N SER G 399 28.47 -12.02 -44.18
CA SER G 399 28.90 -11.63 -45.52
C SER G 399 29.70 -12.76 -46.16
N PHE G 400 29.29 -13.19 -47.35
CA PHE G 400 30.01 -14.23 -48.06
C PHE G 400 29.58 -14.24 -49.53
N VAL G 401 30.12 -15.19 -50.29
CA VAL G 401 29.73 -15.43 -51.67
C VAL G 401 29.50 -16.91 -51.85
N ILE G 402 28.35 -17.28 -52.43
CA ILE G 402 28.03 -18.68 -52.67
C ILE G 402 27.55 -18.84 -54.10
N ARG G 403 27.07 -20.02 -54.46
CA ARG G 403 26.53 -20.28 -55.78
C ARG G 403 25.01 -20.17 -55.77
N GLY G 404 24.45 -19.99 -56.97
CA GLY G 404 23.00 -19.94 -57.12
C GLY G 404 22.30 -21.21 -56.71
N ASP G 405 23.01 -22.34 -56.73
CA ASP G 405 22.50 -23.58 -56.16
C ASP G 405 22.95 -23.78 -54.72
N GLU G 406 24.02 -23.10 -54.29
CA GLU G 406 24.44 -23.14 -52.90
C GLU G 406 23.55 -22.29 -52.01
N VAL G 407 22.85 -21.30 -52.58
CA VAL G 407 21.89 -20.53 -51.81
C VAL G 407 20.59 -21.31 -51.61
N ARG G 408 20.44 -22.40 -52.36
CA ARG G 408 19.28 -23.31 -52.20
C ARG G 408 19.37 -23.90 -50.79
N GLN G 409 20.57 -24.31 -50.38
CA GLN G 409 20.80 -24.87 -49.05
C GLN G 409 20.72 -23.79 -47.97
N ILE G 410 21.10 -22.55 -48.30
CA ILE G 410 21.13 -21.47 -47.33
C ILE G 410 19.70 -20.98 -47.11
N ALA G 411 19.13 -21.35 -45.96
CA ALA G 411 17.82 -20.91 -45.52
C ALA G 411 17.66 -21.29 -44.05
N PRO G 412 16.88 -20.51 -43.27
CA PRO G 412 16.72 -20.82 -41.85
C PRO G 412 16.29 -22.27 -41.59
N GLY G 413 17.16 -23.05 -40.97
CA GLY G 413 16.83 -24.41 -40.60
C GLY G 413 17.13 -25.46 -41.65
N GLN G 414 17.70 -25.09 -42.79
CA GLN G 414 17.97 -26.04 -43.85
C GLN G 414 19.42 -26.53 -43.79
N THR G 415 19.66 -27.65 -44.46
CA THR G 415 20.96 -28.30 -44.50
C THR G 415 21.59 -28.15 -45.88
N GLY G 416 22.74 -28.79 -46.08
CA GLY G 416 23.50 -28.67 -47.31
C GLY G 416 24.95 -28.39 -47.04
N LYS G 417 25.83 -28.61 -48.02
CA LYS G 417 27.26 -28.43 -47.80
C LYS G 417 27.56 -27.02 -47.29
N ILE G 418 26.92 -26.01 -47.86
CA ILE G 418 27.12 -24.64 -47.41
C ILE G 418 26.37 -24.38 -46.11
N ALA G 419 25.24 -25.05 -45.91
CA ALA G 419 24.45 -24.89 -44.70
C ALA G 419 24.85 -25.84 -43.58
N ASP G 420 25.85 -26.70 -43.79
CA ASP G 420 26.30 -27.62 -42.77
C ASP G 420 27.79 -27.52 -42.46
N TYR G 421 28.63 -27.18 -43.42
CA TYR G 421 30.05 -27.04 -43.17
C TYR G 421 30.56 -25.62 -43.38
N ASN G 422 29.74 -24.73 -43.92
CA ASN G 422 30.15 -23.36 -44.20
C ASN G 422 29.39 -22.35 -43.37
N TYR G 423 28.06 -22.34 -43.45
CA TYR G 423 27.25 -21.34 -42.76
C TYR G 423 25.86 -21.92 -42.52
N LYS G 424 25.61 -22.37 -41.29
CA LYS G 424 24.32 -22.93 -40.92
C LYS G 424 23.39 -21.83 -40.44
N LEU G 425 22.13 -21.90 -40.90
CA LEU G 425 21.11 -20.95 -40.49
C LEU G 425 20.13 -21.62 -39.54
N PRO G 426 19.99 -21.12 -38.32
CA PRO G 426 19.01 -21.71 -37.40
C PRO G 426 17.58 -21.48 -37.87
N ASP G 427 16.69 -22.39 -37.48
CA ASP G 427 15.29 -22.28 -37.87
C ASP G 427 14.69 -20.97 -37.38
N ASP G 428 14.81 -20.69 -36.10
CA ASP G 428 14.36 -19.41 -35.55
C ASP G 428 15.24 -18.30 -36.10
N PHE G 429 14.70 -17.49 -37.02
CA PHE G 429 15.47 -16.47 -37.71
C PHE G 429 14.59 -15.24 -37.90
N THR G 430 14.93 -14.15 -37.20
CA THR G 430 14.29 -12.87 -37.39
C THR G 430 15.12 -11.94 -38.27
N GLY G 431 16.08 -12.49 -38.99
CA GLY G 431 16.96 -11.71 -39.84
C GLY G 431 16.42 -11.55 -41.25
N CYS G 432 17.34 -11.45 -42.21
CA CYS G 432 16.95 -11.07 -43.56
C CYS G 432 18.05 -11.52 -44.52
N VAL G 433 17.78 -12.51 -45.35
CA VAL G 433 18.78 -13.04 -46.28
C VAL G 433 18.73 -12.21 -47.56
N ILE G 434 19.87 -11.65 -47.95
CA ILE G 434 19.94 -10.72 -49.08
C ILE G 434 21.05 -11.23 -49.99
N ALA G 435 20.68 -11.96 -51.03
CA ALA G 435 21.60 -12.49 -52.02
C ALA G 435 21.36 -11.81 -53.36
N TRP G 436 22.45 -11.54 -54.08
CA TRP G 436 22.31 -10.96 -55.41
C TRP G 436 23.43 -11.49 -56.30
N ASN G 437 23.09 -11.76 -57.56
CA ASN G 437 24.06 -12.30 -58.51
C ASN G 437 25.20 -11.30 -58.71
N SER G 438 26.42 -11.75 -58.43
CA SER G 438 27.60 -10.90 -58.57
C SER G 438 28.62 -11.57 -59.47
N ASN G 439 28.17 -12.10 -60.61
CA ASN G 439 29.08 -12.75 -61.55
C ASN G 439 30.05 -11.75 -62.15
N ASN G 440 29.62 -10.50 -62.34
CA ASN G 440 30.51 -9.49 -62.89
C ASN G 440 31.61 -9.12 -61.91
N LEU G 441 31.28 -9.04 -60.62
CA LEU G 441 32.23 -8.58 -59.61
C LEU G 441 33.11 -9.71 -59.09
N ASP G 442 32.49 -10.76 -58.55
CA ASP G 442 33.27 -11.86 -57.99
C ASP G 442 34.08 -12.56 -59.08
N SER G 443 33.40 -13.18 -60.04
CA SER G 443 34.10 -13.94 -61.07
C SER G 443 34.94 -13.03 -61.95
N LYS G 444 36.16 -13.49 -62.24
CA LYS G 444 37.05 -12.85 -63.18
C LYS G 444 37.48 -13.89 -64.22
N VAL G 445 38.13 -13.41 -65.28
CA VAL G 445 38.54 -14.30 -66.35
C VAL G 445 39.51 -15.36 -65.81
N GLY G 446 39.16 -16.62 -66.03
CA GLY G 446 39.96 -17.75 -65.59
C GLY G 446 39.36 -18.49 -64.40
N GLY G 447 38.59 -17.81 -63.57
CA GLY G 447 38.01 -18.42 -62.39
C GLY G 447 38.43 -17.74 -61.10
N ASN G 448 37.46 -17.17 -60.38
CA ASN G 448 37.73 -16.47 -59.14
C ASN G 448 37.86 -17.49 -58.01
N TYR G 449 39.10 -17.86 -57.69
CA TYR G 449 39.38 -18.83 -56.64
C TYR G 449 39.81 -18.16 -55.33
N ASN G 450 39.64 -16.84 -55.22
CA ASN G 450 39.99 -16.16 -53.98
C ASN G 450 39.11 -16.62 -52.82
N TYR G 451 37.84 -16.94 -53.10
CA TYR G 451 36.98 -17.54 -52.09
C TYR G 451 37.13 -19.05 -52.12
N LEU G 452 36.98 -19.66 -50.93
CA LEU G 452 36.99 -21.11 -50.79
C LEU G 452 35.73 -21.54 -50.04
N TYR G 453 35.50 -22.85 -50.00
CA TYR G 453 34.34 -23.35 -49.28
C TYR G 453 34.67 -24.71 -48.68
N ARG G 454 33.95 -25.04 -47.61
CA ARG G 454 34.16 -26.30 -46.89
C ARG G 454 33.18 -27.32 -47.44
N LEU G 455 33.65 -28.13 -48.39
CA LEU G 455 32.80 -29.18 -48.94
C LEU G 455 32.48 -30.25 -47.91
N PHE G 456 33.46 -30.59 -47.07
CA PHE G 456 33.25 -31.55 -46.00
C PHE G 456 34.00 -31.09 -44.75
N ARG G 457 33.46 -31.45 -43.59
CA ARG G 457 33.98 -30.99 -42.32
C ARG G 457 34.07 -32.17 -41.36
N LYS G 458 34.83 -31.98 -40.27
CA LYS G 458 34.90 -32.97 -39.21
C LYS G 458 33.52 -33.28 -38.64
N SER G 459 32.67 -32.25 -38.53
CA SER G 459 31.34 -32.41 -37.97
C SER G 459 30.43 -31.35 -38.58
N ASN G 460 29.27 -31.16 -37.98
CA ASN G 460 28.28 -30.19 -38.46
C ASN G 460 28.51 -28.84 -37.79
N LEU G 461 27.92 -27.80 -38.38
CA LEU G 461 28.11 -26.43 -37.94
C LEU G 461 26.99 -26.00 -37.01
N LYS G 462 27.33 -25.11 -36.03
CA LYS G 462 26.44 -24.62 -35.00
C LYS G 462 25.80 -23.29 -35.42
N PRO G 463 24.58 -23.00 -34.92
CA PRO G 463 23.84 -21.82 -35.40
C PRO G 463 24.65 -20.53 -35.41
N PHE G 464 24.80 -19.94 -36.59
CA PHE G 464 25.50 -18.67 -36.78
C PHE G 464 26.98 -18.77 -36.40
N GLU G 465 27.66 -19.75 -36.98
CA GLU G 465 29.09 -19.95 -36.77
C GLU G 465 29.75 -20.29 -38.10
N ARG G 466 31.04 -20.56 -38.06
CA ARG G 466 31.81 -20.91 -39.24
C ARG G 466 32.96 -21.82 -38.82
N ASP G 467 33.77 -22.22 -39.80
CA ASP G 467 34.94 -23.06 -39.56
C ASP G 467 36.07 -22.60 -40.46
N ILE G 468 37.09 -21.97 -39.87
CA ILE G 468 38.29 -21.58 -40.59
C ILE G 468 39.41 -22.60 -40.39
N SER G 469 39.19 -23.65 -39.60
CA SER G 469 40.23 -24.61 -39.27
C SER G 469 40.70 -25.35 -40.51
N THR G 470 41.92 -25.04 -40.96
CA THR G 470 42.52 -25.65 -42.13
C THR G 470 42.97 -27.09 -41.85
N GLU G 471 42.92 -27.53 -40.59
CA GLU G 471 43.31 -28.88 -40.21
C GLU G 471 42.64 -29.92 -41.10
N ILE G 472 43.46 -30.70 -41.79
CA ILE G 472 42.96 -31.66 -42.77
C ILE G 472 42.12 -32.71 -42.05
N TYR G 473 40.83 -32.76 -42.38
CA TYR G 473 39.96 -33.74 -41.77
C TYR G 473 40.28 -35.14 -42.29
N GLN G 474 40.02 -36.13 -41.43
CA GLN G 474 40.26 -37.54 -41.78
C GLN G 474 38.96 -38.10 -42.33
N ALA G 475 38.84 -38.12 -43.66
CA ALA G 475 37.64 -38.68 -44.28
C ALA G 475 37.45 -40.14 -43.93
N GLY G 476 38.54 -40.88 -43.71
CA GLY G 476 38.46 -42.27 -43.32
C GLY G 476 38.93 -42.50 -41.90
N SER G 477 39.64 -43.61 -41.67
CA SER G 477 40.07 -44.00 -40.33
C SER G 477 41.55 -43.71 -40.09
N THR G 478 42.42 -44.09 -41.01
CA THR G 478 43.85 -43.91 -40.79
C THR G 478 44.19 -42.43 -40.80
N PRO G 479 45.00 -41.95 -39.85
CA PRO G 479 45.21 -40.51 -39.70
C PRO G 479 46.33 -40.00 -40.61
N CYS G 480 46.33 -38.67 -40.77
CA CYS G 480 47.39 -37.97 -41.48
C CYS G 480 47.97 -36.80 -40.71
N ASN G 481 47.23 -36.23 -39.75
CA ASN G 481 47.74 -35.22 -38.81
C ASN G 481 48.25 -33.98 -39.56
N GLY G 482 47.30 -33.33 -40.24
CA GLY G 482 47.59 -32.11 -40.96
C GLY G 482 48.27 -32.29 -42.30
N VAL G 483 48.70 -33.50 -42.62
CA VAL G 483 49.31 -33.79 -43.91
C VAL G 483 48.26 -34.43 -44.80
N GLU G 484 48.54 -34.50 -46.10
CA GLU G 484 47.66 -35.10 -47.08
C GLU G 484 48.00 -36.59 -47.27
N GLY G 485 47.06 -37.34 -47.83
CA GLY G 485 47.27 -38.74 -48.06
C GLY G 485 45.95 -39.48 -48.09
N PHE G 486 46.00 -40.76 -47.73
CA PHE G 486 44.86 -41.64 -47.83
C PHE G 486 43.96 -41.49 -46.60
N ASN G 487 42.65 -41.55 -46.82
CA ASN G 487 41.65 -41.33 -45.78
C ASN G 487 41.86 -39.99 -45.08
N CYS G 488 42.17 -38.96 -45.87
CA CYS G 488 42.25 -37.59 -45.38
C CYS G 488 42.26 -36.62 -46.56
N TYR G 489 41.42 -35.58 -46.48
CA TYR G 489 41.25 -34.64 -47.58
C TYR G 489 41.29 -33.22 -47.03
N PHE G 490 41.68 -32.29 -47.90
CA PHE G 490 41.76 -30.89 -47.51
C PHE G 490 40.37 -30.36 -47.19
N PRO G 491 40.18 -29.66 -46.07
CA PRO G 491 38.84 -29.17 -45.73
C PRO G 491 38.35 -28.07 -46.65
N LEU G 492 39.26 -27.31 -47.26
CA LEU G 492 38.89 -26.20 -48.14
C LEU G 492 38.97 -26.64 -49.60
N GLN G 493 38.06 -26.09 -50.40
CA GLN G 493 38.00 -26.38 -51.83
C GLN G 493 37.73 -25.08 -52.58
N SER G 494 38.30 -24.98 -53.78
CA SER G 494 38.18 -23.77 -54.58
C SER G 494 36.87 -23.76 -55.34
N TYR G 495 36.20 -22.61 -55.34
CA TYR G 495 34.97 -22.45 -56.10
C TYR G 495 35.24 -22.54 -57.60
N GLY G 496 34.20 -22.88 -58.34
CA GLY G 496 34.17 -22.53 -59.74
C GLY G 496 33.44 -21.22 -59.91
N PHE G 497 34.19 -20.11 -59.97
CA PHE G 497 33.63 -18.78 -60.14
C PHE G 497 34.21 -18.20 -61.43
N GLN G 498 33.57 -18.53 -62.55
CA GLN G 498 34.00 -18.10 -63.86
C GLN G 498 32.95 -17.17 -64.47
N PRO G 499 33.35 -16.28 -65.38
CA PRO G 499 32.35 -15.41 -66.02
C PRO G 499 31.31 -16.17 -66.83
N THR G 500 31.56 -17.44 -67.14
CA THR G 500 30.60 -18.27 -67.86
C THR G 500 29.81 -19.19 -66.93
N ASN G 501 29.83 -18.91 -65.63
CA ASN G 501 29.06 -19.72 -64.70
C ASN G 501 27.57 -19.54 -64.94
N GLY G 502 26.82 -20.62 -64.71
CA GLY G 502 25.40 -20.60 -64.93
C GLY G 502 24.66 -19.75 -63.92
N VAL G 503 23.40 -19.46 -64.22
CA VAL G 503 22.56 -18.68 -63.32
C VAL G 503 22.42 -19.39 -61.98
N GLY G 504 22.39 -20.72 -62.00
CA GLY G 504 22.43 -21.49 -60.78
C GLY G 504 23.81 -21.68 -60.19
N TYR G 505 24.85 -21.14 -60.84
CA TYR G 505 26.21 -21.26 -60.37
C TYR G 505 26.97 -19.94 -60.34
N GLN G 506 26.40 -18.87 -60.88
CA GLN G 506 27.03 -17.56 -60.80
C GLN G 506 27.27 -17.19 -59.35
N PRO G 507 28.38 -16.51 -59.03
CA PRO G 507 28.67 -16.18 -57.63
C PRO G 507 27.72 -15.13 -57.08
N TYR G 508 26.80 -15.55 -56.22
CA TYR G 508 25.89 -14.64 -55.55
C TYR G 508 26.58 -14.09 -54.31
N ARG G 509 26.74 -12.76 -54.27
CA ARG G 509 27.15 -12.08 -53.05
C ARG G 509 25.96 -12.08 -52.10
N VAL G 510 26.16 -12.64 -50.90
CA VAL G 510 25.07 -12.84 -49.96
C VAL G 510 25.46 -12.21 -48.63
N VAL G 511 24.66 -11.25 -48.18
CA VAL G 511 24.73 -10.72 -46.83
C VAL G 511 23.46 -11.16 -46.10
N VAL G 512 23.64 -11.85 -45.00
CA VAL G 512 22.53 -12.31 -44.18
C VAL G 512 22.46 -11.37 -42.98
N LEU G 513 21.58 -10.37 -43.06
CA LEU G 513 21.39 -9.42 -41.96
C LEU G 513 20.55 -10.10 -40.89
N SER G 514 21.22 -10.88 -40.04
CA SER G 514 20.54 -11.50 -38.91
C SER G 514 20.22 -10.41 -37.91
N PHE G 515 19.00 -9.91 -37.96
CA PHE G 515 18.54 -8.89 -37.03
C PHE G 515 18.38 -9.49 -35.64
N GLU G 516 19.08 -8.92 -34.66
CA GLU G 516 19.14 -9.48 -33.31
C GLU G 516 18.58 -8.50 -32.31
N LEU G 517 17.43 -8.82 -31.74
CA LEU G 517 16.85 -8.05 -30.63
C LEU G 517 17.40 -8.61 -29.33
N LEU G 518 18.35 -7.90 -28.74
CA LEU G 518 18.93 -8.28 -27.45
C LEU G 518 18.45 -7.32 -26.38
N HIS G 519 18.90 -7.55 -25.15
CA HIS G 519 18.49 -6.73 -24.02
C HIS G 519 19.21 -5.39 -23.96
N ALA G 520 20.27 -5.22 -24.75
CA ALA G 520 20.91 -3.92 -24.88
C ALA G 520 19.94 -2.93 -25.52
N PRO G 521 20.17 -1.63 -25.35
CA PRO G 521 19.36 -0.64 -26.06
C PRO G 521 19.37 -0.87 -27.57
N ALA G 522 18.17 -0.94 -28.14
CA ALA G 522 18.03 -1.16 -29.59
C ALA G 522 18.59 0.02 -30.38
N THR G 523 19.65 -0.22 -31.14
CA THR G 523 20.36 0.84 -31.84
C THR G 523 19.83 1.03 -33.27
N VAL G 524 19.82 -0.04 -34.07
CA VAL G 524 19.65 0.05 -35.52
C VAL G 524 18.15 0.06 -35.84
N CYS G 525 17.60 1.27 -35.96
CA CYS G 525 16.17 1.46 -36.33
C CYS G 525 16.07 2.65 -37.30
N GLY G 526 14.97 2.68 -38.08
CA GLY G 526 14.71 3.72 -39.02
C GLY G 526 13.97 4.89 -38.40
N PRO G 527 13.17 5.59 -39.22
CA PRO G 527 12.55 6.85 -38.77
C PRO G 527 11.68 6.70 -37.54
N LYS G 528 11.35 5.48 -37.11
CA LYS G 528 10.52 5.25 -35.93
C LYS G 528 9.17 5.96 -36.04
N LYS G 529 8.53 5.80 -37.20
CA LYS G 529 7.20 6.36 -37.47
C LYS G 529 7.15 7.87 -37.27
N SER G 530 8.27 8.55 -37.54
CA SER G 530 8.35 10.00 -37.35
C SER G 530 7.60 10.70 -38.47
N THR G 531 6.40 11.18 -38.16
CA THR G 531 5.66 11.96 -39.14
C THR G 531 6.27 13.36 -39.28
N ASN G 532 5.95 14.00 -40.40
CA ASN G 532 6.42 15.36 -40.65
C ASN G 532 5.79 16.32 -39.65
N LEU G 533 6.57 17.31 -39.24
CA LEU G 533 6.07 18.34 -38.35
C LEU G 533 5.19 19.34 -39.10
N VAL G 534 4.11 19.77 -38.45
CA VAL G 534 3.36 20.93 -38.90
C VAL G 534 3.64 22.06 -37.91
N LYS G 535 3.69 23.29 -38.42
CA LYS G 535 4.03 24.45 -37.62
C LYS G 535 2.85 25.42 -37.58
N ASN G 536 2.79 26.20 -36.50
CA ASN G 536 1.73 27.18 -36.27
C ASN G 536 0.36 26.50 -36.21
N LYS G 537 0.24 25.56 -35.27
CA LYS G 537 -0.99 24.81 -35.07
C LYS G 537 -0.91 24.16 -33.70
N CYS G 538 -1.70 24.65 -32.73
CA CYS G 538 -1.60 24.13 -31.33
C CYS G 538 -1.99 22.64 -31.31
N VAL G 539 -1.00 21.76 -31.06
CA VAL G 539 -1.14 20.32 -31.18
C VAL G 539 -0.42 19.62 -30.04
N ASN G 540 -0.46 18.30 -30.03
CA ASN G 540 0.21 17.46 -29.05
C ASN G 540 1.51 16.99 -29.68
N PHE G 541 2.56 17.78 -29.52
CA PHE G 541 3.86 17.43 -30.06
C PHE G 541 4.44 16.23 -29.29
N ASN G 542 4.92 15.24 -30.02
CA ASN G 542 5.48 14.04 -29.43
C ASN G 542 6.96 14.04 -29.77
N PHE G 543 7.77 14.64 -28.89
CA PHE G 543 9.19 14.89 -29.16
C PHE G 543 10.01 13.92 -28.32
N ASN G 544 10.27 12.74 -28.88
CA ASN G 544 11.02 11.68 -28.21
C ASN G 544 10.33 11.30 -26.89
N GLY G 545 9.04 10.96 -27.01
CA GLY G 545 8.21 10.63 -25.87
C GLY G 545 7.66 11.82 -25.12
N LEU G 546 8.23 13.01 -25.31
CA LEU G 546 7.74 14.21 -24.63
C LEU G 546 6.37 14.59 -25.17
N THR G 547 5.33 14.36 -24.38
CA THR G 547 3.98 14.75 -24.76
C THR G 547 3.66 16.13 -24.19
N GLY G 548 2.96 16.93 -24.97
CA GLY G 548 2.59 18.27 -24.57
C GLY G 548 1.78 18.98 -25.63
N THR G 549 0.86 19.84 -25.20
CA THR G 549 -0.04 20.53 -26.12
C THR G 549 0.25 22.02 -26.13
N GLY G 550 0.05 22.64 -27.28
CA GLY G 550 0.17 24.08 -27.39
C GLY G 550 0.50 24.51 -28.80
N VAL G 551 0.36 25.82 -29.02
CA VAL G 551 0.76 26.44 -30.28
C VAL G 551 2.27 26.29 -30.44
N LEU G 552 2.67 25.62 -31.52
CA LEU G 552 4.08 25.40 -31.84
C LEU G 552 4.52 26.43 -32.87
N THR G 553 5.15 27.50 -32.40
CA THR G 553 5.82 28.45 -33.27
C THR G 553 7.31 28.13 -33.30
N GLU G 554 8.11 29.01 -33.89
CA GLU G 554 9.56 28.84 -33.89
C GLU G 554 10.19 29.68 -32.78
N SER G 555 11.37 29.26 -32.35
CA SER G 555 12.07 29.89 -31.24
C SER G 555 13.38 30.51 -31.72
N ASN G 556 13.64 31.74 -31.28
CA ASN G 556 14.95 32.35 -31.36
C ASN G 556 15.79 32.07 -30.11
N LYS G 557 15.28 31.25 -29.20
CA LYS G 557 15.92 31.03 -27.91
C LYS G 557 17.16 30.17 -28.12
N LYS G 558 18.33 30.71 -27.76
CA LYS G 558 19.58 30.03 -28.06
C LYS G 558 19.76 28.79 -27.20
N PHE G 559 19.31 27.65 -27.70
CA PHE G 559 19.58 26.37 -27.07
C PHE G 559 20.98 25.92 -27.46
N LEU G 560 21.91 26.02 -26.52
CA LEU G 560 23.24 25.47 -26.75
C LEU G 560 23.12 23.98 -27.09
N PRO G 561 24.02 23.46 -27.94
CA PRO G 561 23.82 22.13 -28.54
C PRO G 561 23.27 21.05 -27.60
N PHE G 562 23.65 21.11 -26.32
CA PHE G 562 23.13 20.19 -25.32
C PHE G 562 21.71 20.50 -24.89
N GLN G 563 21.12 21.60 -25.37
CA GLN G 563 19.76 22.00 -24.98
C GLN G 563 18.81 21.58 -26.10
N GLN G 564 18.07 20.50 -25.88
CA GLN G 564 17.08 20.03 -26.83
C GLN G 564 15.71 20.64 -26.54
N PHE G 565 15.19 20.39 -25.35
CA PHE G 565 13.93 20.97 -24.91
C PHE G 565 14.15 21.83 -23.68
N GLY G 566 13.39 22.92 -23.58
CA GLY G 566 13.42 23.77 -22.42
C GLY G 566 12.42 23.33 -21.36
N ARG G 567 12.34 24.12 -20.29
CA ARG G 567 11.38 23.85 -19.23
C ARG G 567 10.95 25.15 -18.59
N ASP G 568 9.87 25.08 -17.82
CA ASP G 568 9.24 26.22 -17.17
C ASP G 568 9.29 26.05 -15.66
N ILE G 569 8.60 26.96 -14.96
CA ILE G 569 8.57 26.94 -13.50
C ILE G 569 7.68 25.84 -12.95
N ALA G 570 6.88 25.20 -13.80
CA ALA G 570 5.96 24.13 -13.38
C ALA G 570 6.30 22.82 -14.07
N ASP G 571 7.59 22.56 -14.26
CA ASP G 571 8.10 21.42 -15.03
C ASP G 571 7.27 21.17 -16.30
N THR G 572 7.11 22.24 -17.08
CA THR G 572 6.46 22.18 -18.38
C THR G 572 7.43 22.72 -19.43
N THR G 573 7.67 21.94 -20.47
CA THR G 573 8.53 22.40 -21.54
C THR G 573 7.97 23.66 -22.20
N ASP G 574 8.85 24.63 -22.47
CA ASP G 574 8.48 25.87 -23.12
C ASP G 574 9.05 26.01 -24.52
N ALA G 575 10.30 25.61 -24.73
CA ALA G 575 10.92 25.66 -26.04
C ALA G 575 11.53 24.31 -26.35
N VAL G 576 11.24 23.81 -27.54
CA VAL G 576 11.57 22.43 -27.91
C VAL G 576 12.42 22.41 -29.16
N ARG G 577 12.73 21.21 -29.65
CA ARG G 577 13.57 21.05 -30.83
C ARG G 577 13.18 19.77 -31.55
N ASP G 578 13.67 19.64 -32.78
CA ASP G 578 13.40 18.55 -33.73
C ASP G 578 14.34 17.39 -33.45
N PRO G 579 13.84 16.15 -33.46
CA PRO G 579 14.76 14.99 -33.41
C PRO G 579 15.38 14.62 -34.75
N GLN G 580 14.61 14.71 -35.85
CA GLN G 580 15.10 14.22 -37.13
C GLN G 580 16.02 15.23 -37.81
N THR G 581 15.51 16.42 -38.10
CA THR G 581 16.27 17.51 -38.71
C THR G 581 16.31 18.67 -37.71
N LEU G 582 17.37 18.69 -36.91
CA LEU G 582 17.43 19.48 -35.68
C LEU G 582 17.09 20.95 -35.93
N GLU G 583 15.97 21.41 -35.36
CA GLU G 583 15.51 22.79 -35.48
C GLU G 583 14.71 23.16 -34.24
N ILE G 584 14.86 24.42 -33.79
CA ILE G 584 14.30 24.88 -32.52
C ILE G 584 12.89 25.43 -32.73
N LEU G 585 12.10 25.43 -31.65
CA LEU G 585 10.69 25.80 -31.70
C LEU G 585 10.26 26.38 -30.35
N ASP G 586 9.23 27.22 -30.39
CA ASP G 586 8.60 27.80 -29.21
C ASP G 586 7.19 27.24 -29.02
N ILE G 587 6.70 27.34 -27.79
CA ILE G 587 5.38 26.84 -27.41
C ILE G 587 4.62 27.93 -26.67
N THR G 588 3.34 28.08 -27.02
CA THR G 588 2.40 28.85 -26.21
C THR G 588 1.08 28.08 -26.15
N PRO G 589 0.75 27.49 -25.00
CA PRO G 589 -0.47 26.65 -24.92
C PRO G 589 -1.69 27.41 -25.42
N CYS G 590 -2.37 26.82 -26.41
CA CYS G 590 -3.43 27.54 -27.10
C CYS G 590 -4.65 27.70 -26.21
N SER G 591 -5.56 28.55 -26.66
CA SER G 591 -6.48 29.24 -25.76
C SER G 591 -7.40 28.28 -25.02
N PHE G 592 -7.33 28.35 -23.69
CA PHE G 592 -8.41 27.98 -22.81
C PHE G 592 -9.04 29.26 -22.31
N GLY G 593 -10.23 29.16 -21.75
CA GLY G 593 -10.92 30.34 -21.29
C GLY G 593 -12.23 29.99 -20.62
N GLY G 594 -12.77 30.96 -19.91
CA GLY G 594 -14.02 30.78 -19.23
C GLY G 594 -15.21 31.08 -20.11
N VAL G 595 -16.33 30.46 -19.79
CA VAL G 595 -17.59 30.67 -20.49
C VAL G 595 -18.59 31.13 -19.46
N SER G 596 -18.95 32.42 -19.51
CA SER G 596 -19.85 33.04 -18.54
C SER G 596 -21.10 33.52 -19.27
N VAL G 597 -22.25 33.23 -18.71
CA VAL G 597 -23.54 33.53 -19.35
C VAL G 597 -24.09 34.81 -18.75
N ILE G 598 -24.42 35.77 -19.60
CA ILE G 598 -25.10 37.00 -19.23
C ILE G 598 -26.57 36.85 -19.57
N THR G 599 -27.43 37.04 -18.57
CA THR G 599 -28.86 36.91 -18.78
C THR G 599 -29.62 37.92 -17.95
N PRO G 600 -30.64 38.56 -18.52
CA PRO G 600 -31.72 39.11 -17.69
C PRO G 600 -32.46 37.96 -17.03
N GLY G 601 -33.39 38.30 -16.14
CA GLY G 601 -34.19 37.29 -15.49
C GLY G 601 -34.88 36.38 -16.49
N THR G 602 -34.91 35.08 -16.21
CA THR G 602 -35.58 34.14 -17.12
C THR G 602 -37.03 34.54 -17.36
N ASN G 603 -37.71 35.01 -16.32
CA ASN G 603 -39.08 35.48 -16.48
C ASN G 603 -39.15 36.66 -17.44
N THR G 604 -38.14 37.52 -17.41
CA THR G 604 -38.14 38.68 -18.31
C THR G 604 -37.90 38.25 -19.76
N SER G 605 -36.93 37.38 -20.00
CA SER G 605 -36.64 36.89 -21.34
C SER G 605 -35.77 35.65 -21.23
N ASN G 606 -35.65 34.93 -22.35
CA ASN G 606 -34.78 33.77 -22.44
C ASN G 606 -33.58 34.01 -23.35
N GLN G 607 -33.34 35.25 -23.77
CA GLN G 607 -32.18 35.55 -24.57
C GLN G 607 -30.92 35.57 -23.71
N VAL G 608 -29.81 35.15 -24.31
CA VAL G 608 -28.56 34.91 -23.59
C VAL G 608 -27.44 35.60 -24.33
N ALA G 609 -26.45 36.09 -23.59
CA ALA G 609 -25.23 36.64 -24.17
C ALA G 609 -24.05 35.86 -23.59
N VAL G 610 -23.40 35.06 -24.42
CA VAL G 610 -22.32 34.19 -23.96
C VAL G 610 -21.01 34.97 -24.06
N LEU G 611 -20.38 35.24 -22.92
CA LEU G 611 -19.09 35.90 -22.88
C LEU G 611 -18.02 34.83 -22.74
N TYR G 612 -17.12 34.77 -23.72
CA TYR G 612 -15.94 33.93 -23.63
C TYR G 612 -14.80 34.79 -23.10
N GLN G 613 -14.35 34.50 -21.89
CA GLN G 613 -13.24 35.18 -21.25
C GLN G 613 -11.94 34.44 -21.55
N ASP G 614 -10.86 35.21 -21.68
CA ASP G 614 -9.52 34.69 -21.97
C ASP G 614 -9.49 33.97 -23.32
N VAL G 615 -10.44 34.29 -24.20
CA VAL G 615 -10.52 33.68 -25.52
C VAL G 615 -11.03 34.73 -26.50
N ASN G 616 -10.29 34.93 -27.58
CA ASN G 616 -10.78 35.72 -28.71
C ASN G 616 -11.56 34.77 -29.62
N CYS G 617 -12.81 35.13 -29.88
CA CYS G 617 -13.66 34.33 -30.75
C CYS G 617 -13.28 34.38 -32.21
N THR G 618 -12.10 34.92 -32.53
CA THR G 618 -11.41 34.50 -33.74
C THR G 618 -11.20 33.00 -33.72
N GLU G 619 -11.01 32.43 -32.52
CA GLU G 619 -10.77 31.00 -32.39
C GLU G 619 -12.04 30.19 -32.59
N VAL G 620 -13.05 30.42 -31.75
CA VAL G 620 -14.25 29.58 -31.74
C VAL G 620 -15.01 29.68 -33.05
N ASN G 641 -23.61 39.26 -34.61
CA ASN G 641 -23.85 39.81 -33.28
C ASN G 641 -22.74 39.43 -32.31
N VAL G 642 -21.53 39.25 -32.85
CA VAL G 642 -20.35 38.97 -32.05
C VAL G 642 -19.58 40.27 -31.84
N PHE G 643 -19.22 40.55 -30.59
CA PHE G 643 -18.56 41.81 -30.24
C PHE G 643 -17.32 41.51 -29.41
N GLN G 644 -16.19 42.11 -29.78
CA GLN G 644 -14.94 41.90 -29.05
C GLN G 644 -14.78 42.96 -27.97
N THR G 645 -14.67 42.51 -26.73
CA THR G 645 -14.38 43.35 -25.58
C THR G 645 -12.91 43.21 -25.21
N ARG G 646 -12.51 43.82 -24.09
CA ARG G 646 -11.20 43.54 -23.52
C ARG G 646 -11.25 42.44 -22.46
N ALA G 647 -12.43 42.18 -21.88
CA ALA G 647 -12.56 41.05 -20.97
C ALA G 647 -12.58 39.74 -21.72
N GLY G 648 -12.99 39.76 -22.98
CA GLY G 648 -13.10 38.58 -23.80
C GLY G 648 -13.85 38.93 -25.07
N CYS G 649 -14.90 38.17 -25.37
CA CYS G 649 -15.81 38.60 -26.43
C CYS G 649 -17.20 38.01 -26.19
N LEU G 650 -18.20 38.77 -26.58
CA LEU G 650 -19.60 38.40 -26.45
C LEU G 650 -20.14 37.82 -27.74
N ILE G 651 -21.00 36.82 -27.59
CA ILE G 651 -21.82 36.28 -28.67
C ILE G 651 -23.28 36.41 -28.25
N GLY G 652 -24.04 37.21 -28.98
CA GLY G 652 -25.46 37.34 -28.72
C GLY G 652 -25.88 38.72 -28.26
N ALA G 653 -24.95 39.68 -28.29
CA ALA G 653 -25.20 41.03 -27.81
C ALA G 653 -24.69 42.05 -28.82
N GLU G 654 -25.61 42.88 -29.33
CA GLU G 654 -25.21 44.00 -30.15
C GLU G 654 -24.55 45.07 -29.29
N HIS G 655 -23.50 45.68 -29.81
CA HIS G 655 -22.74 46.69 -29.09
C HIS G 655 -23.27 48.08 -29.44
N VAL G 656 -23.99 48.69 -28.51
CA VAL G 656 -24.42 50.07 -28.66
C VAL G 656 -23.32 51.00 -28.17
N ASN G 657 -23.23 52.18 -28.78
CA ASN G 657 -22.25 53.17 -28.38
C ASN G 657 -22.76 54.13 -27.32
N ASN G 658 -24.08 54.28 -27.19
CA ASN G 658 -24.66 55.18 -26.19
C ASN G 658 -24.44 54.62 -24.80
N SER G 659 -23.61 55.29 -24.01
CA SER G 659 -23.25 54.82 -22.68
C SER G 659 -24.38 55.11 -21.69
N TYR G 660 -24.97 54.06 -21.14
CA TYR G 660 -25.99 54.17 -20.10
C TYR G 660 -25.43 53.64 -18.79
N GLU G 661 -26.14 53.93 -17.71
CA GLU G 661 -25.83 53.30 -16.43
C GLU G 661 -26.05 51.81 -16.54
N CYS G 662 -25.04 51.03 -16.16
CA CYS G 662 -24.99 49.64 -16.55
C CYS G 662 -25.53 48.73 -15.44
N ASP G 663 -26.10 47.61 -15.87
CA ASP G 663 -26.78 46.67 -14.99
C ASP G 663 -25.98 45.39 -14.76
N ILE G 664 -25.55 44.74 -15.82
CA ILE G 664 -24.79 43.50 -15.73
C ILE G 664 -23.33 43.78 -16.01
N PRO G 665 -22.48 43.92 -15.00
CA PRO G 665 -21.07 44.22 -15.25
C PRO G 665 -20.36 43.10 -15.99
N ILE G 666 -20.00 43.36 -17.25
CA ILE G 666 -19.30 42.36 -18.03
C ILE G 666 -17.83 42.32 -17.65
N GLY G 667 -17.20 43.49 -17.55
CA GLY G 667 -15.79 43.57 -17.25
C GLY G 667 -15.04 44.52 -18.16
N ALA G 668 -13.84 44.91 -17.75
CA ALA G 668 -13.02 45.86 -18.50
C ALA G 668 -13.81 47.10 -18.86
N GLY G 669 -14.66 47.56 -17.93
CA GLY G 669 -15.44 48.75 -18.11
C GLY G 669 -16.72 48.57 -18.89
N ILE G 670 -16.92 47.42 -19.53
CA ILE G 670 -18.07 47.18 -20.40
C ILE G 670 -19.16 46.48 -19.59
N CYS G 671 -20.41 46.88 -19.85
CA CYS G 671 -21.58 46.31 -19.20
C CYS G 671 -22.67 46.04 -20.23
N ALA G 672 -23.58 45.14 -19.88
CA ALA G 672 -24.71 44.78 -20.73
C ALA G 672 -26.02 45.10 -20.02
N SER G 673 -27.11 45.04 -20.80
CA SER G 673 -28.45 45.28 -20.28
C SER G 673 -29.47 44.84 -21.33
N TYR G 674 -30.68 44.58 -20.85
CA TYR G 674 -31.79 44.21 -21.73
C TYR G 674 -32.50 45.48 -22.17
N GLN G 675 -32.60 45.69 -23.48
CA GLN G 675 -33.14 46.93 -24.03
C GLN G 675 -33.47 46.72 -25.50
N THR G 676 -34.40 47.52 -26.00
CA THR G 676 -34.76 47.49 -27.41
C THR G 676 -33.63 48.06 -28.27
N SER G 689 -38.52 44.37 -30.18
CA SER G 689 -37.14 44.25 -30.63
C SER G 689 -36.19 44.15 -29.45
N GLN G 690 -36.72 43.75 -28.29
CA GLN G 690 -35.93 43.60 -27.08
C GLN G 690 -34.75 42.67 -27.34
N SER G 691 -33.57 43.10 -26.87
CA SER G 691 -32.35 42.31 -27.05
C SER G 691 -31.36 42.67 -25.97
N ILE G 692 -30.32 41.85 -25.85
CA ILE G 692 -29.21 42.13 -24.94
C ILE G 692 -28.22 43.03 -25.66
N ILE G 693 -27.89 44.16 -25.04
CA ILE G 693 -26.97 45.12 -25.63
C ILE G 693 -25.81 45.34 -24.68
N ALA G 694 -24.63 45.56 -25.26
CA ALA G 694 -23.42 45.83 -24.50
C ALA G 694 -22.88 47.21 -24.87
N TYR G 695 -22.28 47.87 -23.89
CA TYR G 695 -21.73 49.21 -24.09
C TYR G 695 -20.69 49.46 -23.01
N THR G 696 -20.17 50.68 -22.99
CA THR G 696 -19.24 51.09 -21.95
C THR G 696 -19.99 51.80 -20.84
N MET G 697 -19.47 51.68 -19.62
CA MET G 697 -20.14 52.27 -18.46
C MET G 697 -20.21 53.78 -18.58
N SER G 698 -21.42 54.33 -18.49
CA SER G 698 -21.58 55.75 -18.27
C SER G 698 -21.31 56.00 -16.80
N LEU G 699 -20.23 56.71 -16.50
CA LEU G 699 -19.88 56.93 -15.10
C LEU G 699 -20.83 57.90 -14.40
N GLY G 700 -21.82 58.42 -15.11
CA GLY G 700 -22.78 59.36 -14.55
C GLY G 700 -23.04 60.52 -15.47
N ALA G 701 -24.15 61.22 -15.25
CA ALA G 701 -24.44 62.42 -16.03
C ALA G 701 -23.34 63.45 -15.83
N GLU G 702 -22.69 63.84 -16.93
CA GLU G 702 -21.54 64.73 -16.83
C GLU G 702 -21.98 66.13 -16.48
N ASN G 703 -22.42 66.32 -15.23
CA ASN G 703 -22.94 67.60 -14.77
C ASN G 703 -21.77 68.51 -14.42
N SER G 704 -21.50 69.48 -15.30
CA SER G 704 -20.44 70.45 -15.06
C SER G 704 -20.98 71.54 -14.15
N VAL G 705 -20.39 71.67 -12.95
CA VAL G 705 -20.82 72.69 -12.01
C VAL G 705 -20.31 74.04 -12.45
N ALA G 706 -21.22 75.02 -12.59
CA ALA G 706 -20.87 76.34 -13.08
C ALA G 706 -20.15 77.11 -11.97
N TYR G 707 -18.85 76.85 -11.86
CA TYR G 707 -18.04 77.56 -10.88
C TYR G 707 -17.84 79.01 -11.29
N SER G 708 -17.69 79.87 -10.28
CA SER G 708 -17.37 81.27 -10.50
C SER G 708 -16.71 81.82 -9.24
N ASN G 709 -15.83 82.79 -9.42
CA ASN G 709 -15.06 83.32 -8.31
C ASN G 709 -15.91 84.14 -7.34
N ASN G 710 -17.16 84.48 -7.69
CA ASN G 710 -17.99 85.26 -6.78
C ASN G 710 -19.45 84.80 -6.76
N SER G 711 -19.72 83.58 -7.21
CA SER G 711 -21.09 83.05 -7.22
C SER G 711 -21.20 81.91 -6.22
N ILE G 712 -22.30 81.91 -5.46
CA ILE G 712 -22.56 80.85 -4.50
C ILE G 712 -23.97 80.32 -4.74
N ALA G 713 -24.21 79.11 -4.25
CA ALA G 713 -25.50 78.45 -4.40
C ALA G 713 -26.03 78.12 -3.00
N ILE G 714 -27.16 78.72 -2.65
CA ILE G 714 -27.77 78.57 -1.33
C ILE G 714 -29.02 77.72 -1.48
N PRO G 715 -29.22 76.71 -0.61
CA PRO G 715 -30.48 75.95 -0.64
C PRO G 715 -31.60 76.72 0.07
N THR G 716 -32.75 76.80 -0.57
CA THR G 716 -33.90 77.50 -0.01
C THR G 716 -34.89 76.53 0.62
N ASN G 717 -34.97 75.33 0.07
CA ASN G 717 -35.88 74.30 0.59
C ASN G 717 -35.14 72.98 0.76
N PHE G 718 -35.61 72.16 1.69
CA PHE G 718 -34.97 70.87 1.94
C PHE G 718 -35.95 69.70 2.08
N THR G 719 -35.40 68.50 2.14
CA THR G 719 -36.16 67.27 2.28
C THR G 719 -35.61 66.50 3.47
N ILE G 720 -36.47 65.71 4.10
CA ILE G 720 -36.04 64.83 5.17
C ILE G 720 -36.16 63.40 4.67
N SER G 721 -35.09 62.88 4.11
CA SER G 721 -35.11 61.57 3.48
C SER G 721 -34.61 60.53 4.47
N VAL G 722 -35.35 59.43 4.61
CA VAL G 722 -34.96 58.35 5.49
C VAL G 722 -34.52 57.18 4.61
N THR G 723 -33.32 56.68 4.88
CA THR G 723 -32.74 55.57 4.14
C THR G 723 -32.61 54.36 5.07
N THR G 724 -32.45 53.20 4.46
CA THR G 724 -32.26 51.96 5.21
C THR G 724 -30.83 51.48 5.06
N GLU G 725 -30.23 51.09 6.18
CA GLU G 725 -28.86 50.60 6.22
C GLU G 725 -28.89 49.23 6.86
N ILE G 726 -28.64 48.20 6.06
CA ILE G 726 -28.76 46.81 6.49
C ILE G 726 -27.38 46.30 6.87
N LEU G 727 -27.28 45.66 8.04
CA LEU G 727 -25.99 45.20 8.52
C LEU G 727 -26.12 43.81 9.14
N PRO G 728 -25.40 42.82 8.61
CA PRO G 728 -25.37 41.51 9.27
C PRO G 728 -24.65 41.59 10.61
N VAL G 729 -25.28 41.06 11.65
CA VAL G 729 -24.76 41.12 13.01
C VAL G 729 -24.26 39.77 13.48
N SER G 730 -25.09 38.74 13.34
CA SER G 730 -24.74 37.40 13.78
C SER G 730 -24.91 36.41 12.63
N MET G 731 -24.37 35.21 12.85
CA MET G 731 -24.53 34.10 11.94
C MET G 731 -24.99 32.88 12.73
N THR G 732 -25.45 31.85 12.02
CA THR G 732 -25.96 30.66 12.67
C THR G 732 -24.89 30.02 13.54
N LYS G 733 -25.15 29.98 14.85
CA LYS G 733 -24.19 29.44 15.81
C LYS G 733 -24.19 27.91 15.69
N THR G 734 -23.48 27.43 14.68
CA THR G 734 -23.42 26.00 14.42
C THR G 734 -22.41 25.33 15.35
N SER G 735 -22.47 24.00 15.35
CA SER G 735 -21.53 23.17 16.11
C SER G 735 -21.56 21.75 15.58
N VAL G 736 -20.40 21.16 15.37
CA VAL G 736 -20.31 19.84 14.77
C VAL G 736 -19.67 18.89 15.78
N ASP G 737 -20.05 17.62 15.69
CA ASP G 737 -19.37 16.55 16.39
C ASP G 737 -18.46 15.84 15.43
N CYS G 738 -17.23 15.59 15.85
CA CYS G 738 -16.23 15.08 14.92
C CYS G 738 -16.44 13.61 14.60
N THR G 739 -16.55 12.77 15.63
CA THR G 739 -16.69 11.33 15.41
C THR G 739 -17.96 11.02 14.63
N MET G 740 -19.09 11.60 15.04
CA MET G 740 -20.36 11.33 14.38
C MET G 740 -20.32 11.68 12.90
N TYR G 741 -19.76 12.85 12.56
CA TYR G 741 -19.64 13.22 11.16
C TYR G 741 -18.71 12.26 10.42
N ILE G 742 -17.49 12.11 10.93
CA ILE G 742 -16.50 11.27 10.25
C ILE G 742 -17.01 9.83 10.14
N CYS G 743 -17.80 9.39 11.12
CA CYS G 743 -18.39 8.05 11.08
C CYS G 743 -19.67 7.96 11.89
N GLY G 744 -20.69 7.36 11.30
CA GLY G 744 -21.95 7.14 11.97
C GLY G 744 -21.90 5.99 12.96
N ASP G 745 -21.20 6.20 14.08
CA ASP G 745 -21.17 5.26 15.20
C ASP G 745 -20.48 3.94 14.83
N SER G 746 -19.39 4.04 14.08
CA SER G 746 -18.55 2.89 13.77
C SER G 746 -17.33 2.91 14.69
N THR G 747 -17.17 1.86 15.50
CA THR G 747 -16.10 1.83 16.49
C THR G 747 -14.73 1.76 15.85
N GLU G 748 -14.60 1.09 14.70
CA GLU G 748 -13.32 1.04 14.01
C GLU G 748 -12.87 2.43 13.63
N CYS G 749 -13.77 3.24 13.07
CA CYS G 749 -13.47 4.65 12.85
C CYS G 749 -13.12 5.37 14.15
N SER G 750 -13.84 5.07 15.23
CA SER G 750 -13.53 5.72 16.50
C SER G 750 -12.07 5.49 16.89
N ASN G 751 -11.60 4.25 16.78
CA ASN G 751 -10.23 3.93 17.15
C ASN G 751 -9.23 4.56 16.16
N LEU G 752 -9.47 4.38 14.86
CA LEU G 752 -8.58 4.96 13.87
C LEU G 752 -8.59 6.48 13.92
N LEU G 753 -9.58 7.08 14.58
CA LEU G 753 -9.61 8.52 14.83
C LEU G 753 -8.86 8.87 16.10
N LEU G 754 -8.91 8.01 17.11
CA LEU G 754 -8.02 8.18 18.26
C LEU G 754 -6.56 8.17 17.83
N GLN G 755 -6.25 7.46 16.75
CA GLN G 755 -4.92 7.53 16.16
C GLN G 755 -4.55 8.98 15.81
N TYR G 756 -5.53 9.76 15.34
CA TYR G 756 -5.28 11.16 15.02
C TYR G 756 -5.36 12.04 16.26
N GLY G 757 -6.28 11.74 17.17
CA GLY G 757 -6.38 12.46 18.43
C GLY G 757 -7.09 13.80 18.38
N SER G 758 -6.40 14.85 18.82
CA SER G 758 -6.99 16.18 19.03
C SER G 758 -7.45 16.86 17.74
N PHE G 759 -7.26 16.22 16.58
CA PHE G 759 -7.58 16.87 15.30
C PHE G 759 -9.01 17.37 15.24
N CYS G 760 -9.92 16.84 16.04
CA CYS G 760 -11.28 17.35 16.07
C CYS G 760 -11.61 18.15 17.32
N THR G 761 -10.94 17.86 18.44
CA THR G 761 -11.11 18.72 19.62
C THR G 761 -10.73 20.15 19.28
N GLN G 762 -9.61 20.34 18.59
CA GLN G 762 -9.26 21.62 17.98
C GLN G 762 -10.48 22.26 17.33
N LEU G 763 -11.07 21.55 16.37
CA LEU G 763 -12.19 22.08 15.61
C LEU G 763 -13.31 22.51 16.53
N ASN G 764 -13.64 21.64 17.51
CA ASN G 764 -14.75 21.97 18.41
C ASN G 764 -14.44 23.24 19.18
N ARG G 765 -13.21 23.38 19.69
CA ARG G 765 -12.81 24.60 20.37
C ARG G 765 -13.05 25.80 19.46
N ALA G 766 -12.58 25.71 18.22
CA ALA G 766 -12.73 26.81 17.28
C ALA G 766 -14.20 27.19 17.13
N LEU G 767 -15.04 26.19 16.89
CA LEU G 767 -16.45 26.48 16.65
C LEU G 767 -17.10 27.07 17.89
N THR G 768 -16.70 26.59 19.07
CA THR G 768 -17.25 27.14 20.30
C THR G 768 -16.86 28.61 20.43
N GLY G 769 -15.60 28.92 20.13
CA GLY G 769 -15.19 30.31 20.07
C GLY G 769 -16.08 31.12 19.16
N ILE G 770 -16.33 30.60 17.96
CA ILE G 770 -17.18 31.29 17.00
C ILE G 770 -18.54 31.58 17.62
N ALA G 771 -19.14 30.57 18.26
CA ALA G 771 -20.47 30.75 18.84
C ALA G 771 -20.44 31.83 19.92
N VAL G 772 -19.44 31.78 20.79
CA VAL G 772 -19.32 32.80 21.84
C VAL G 772 -19.20 34.16 21.20
N GLU G 773 -18.41 34.26 20.13
CA GLU G 773 -18.24 35.54 19.44
C GLU G 773 -19.57 36.03 18.90
N GLN G 774 -20.38 35.12 18.35
CA GLN G 774 -21.70 35.51 17.87
C GLN G 774 -22.50 36.14 19.00
N ASP G 775 -22.53 35.47 20.15
CA ASP G 775 -23.22 36.04 21.30
C ASP G 775 -22.69 37.44 21.61
N LYS G 776 -21.36 37.57 21.68
CA LYS G 776 -20.75 38.85 21.98
C LYS G 776 -21.18 39.90 20.98
N ASN G 777 -21.21 39.53 19.70
CA ASN G 777 -21.62 40.46 18.66
C ASN G 777 -23.01 41.00 18.95
N THR G 778 -23.96 40.08 19.18
CA THR G 778 -25.32 40.52 19.47
C THR G 778 -25.34 41.47 20.65
N GLN G 779 -24.61 41.14 21.71
CA GLN G 779 -24.64 41.98 22.90
C GLN G 779 -23.99 43.33 22.61
N GLU G 780 -22.91 43.33 21.84
CA GLU G 780 -22.26 44.58 21.44
C GLU G 780 -23.24 45.49 20.73
N VAL G 781 -24.07 44.93 19.86
CA VAL G 781 -24.95 45.76 19.04
C VAL G 781 -26.13 46.27 19.86
N PHE G 782 -26.89 45.35 20.46
CA PHE G 782 -28.14 45.74 21.10
C PHE G 782 -27.98 46.07 22.58
N ALA G 783 -27.19 45.29 23.33
CA ALA G 783 -27.08 45.52 24.76
C ALA G 783 -26.14 46.68 25.05
N GLN G 784 -26.41 47.84 24.45
CA GLN G 784 -25.72 49.07 24.78
C GLN G 784 -26.54 49.96 25.71
N VAL G 785 -27.86 49.81 25.68
CA VAL G 785 -28.72 50.48 26.64
C VAL G 785 -28.69 49.71 27.96
N LYS G 786 -28.83 50.44 29.06
CA LYS G 786 -28.76 49.84 30.38
C LYS G 786 -30.13 49.40 30.87
N GLN G 787 -31.06 50.33 30.95
CA GLN G 787 -32.44 50.06 31.37
C GLN G 787 -33.35 49.98 30.16
N ILE G 788 -34.33 49.08 30.22
CA ILE G 788 -35.33 48.99 29.18
C ILE G 788 -36.30 50.15 29.35
N TYR G 789 -36.24 51.11 28.44
CA TYR G 789 -37.19 52.20 28.48
C TYR G 789 -38.48 51.80 27.77
N LYS G 790 -39.57 52.45 28.16
CA LYS G 790 -40.88 52.13 27.62
C LYS G 790 -41.54 53.41 27.14
N THR G 791 -42.10 53.36 25.95
CA THR G 791 -42.73 54.55 25.39
C THR G 791 -44.05 54.83 26.09
N PRO G 792 -44.35 56.09 26.40
CA PRO G 792 -45.64 56.42 26.98
C PRO G 792 -46.73 56.35 25.92
N PRO G 793 -47.97 56.08 26.31
CA PRO G 793 -49.04 55.99 25.31
C PRO G 793 -49.34 57.31 24.61
N ILE G 794 -48.98 58.45 25.22
CA ILE G 794 -49.22 59.74 24.61
C ILE G 794 -48.26 59.93 23.44
N LYS G 795 -48.78 59.84 22.22
CA LYS G 795 -47.96 59.97 21.01
C LYS G 795 -47.98 61.42 20.51
N ASP G 796 -47.64 62.33 21.41
CA ASP G 796 -47.63 63.76 21.12
C ASP G 796 -46.22 64.21 20.69
N PHE G 797 -45.73 63.61 19.61
CA PHE G 797 -44.41 63.90 19.07
C PHE G 797 -44.44 64.97 18.00
N GLY G 798 -45.48 65.82 17.98
CA GLY G 798 -45.56 66.88 17.00
C GLY G 798 -45.81 66.42 15.58
N GLY G 799 -46.63 65.38 15.40
CA GLY G 799 -46.98 64.90 14.08
C GLY G 799 -46.11 63.79 13.54
N PHE G 800 -44.96 63.57 14.17
CA PHE G 800 -44.05 62.53 13.73
C PHE G 800 -44.67 61.19 14.04
N ASN G 801 -45.39 60.63 13.06
CA ASN G 801 -46.02 59.34 13.25
C ASN G 801 -44.92 58.31 13.48
N PHE G 802 -45.03 57.56 14.57
CA PHE G 802 -44.02 56.58 14.91
C PHE G 802 -44.69 55.23 15.11
N SER G 803 -45.99 55.17 14.81
CA SER G 803 -46.70 53.90 14.98
C SER G 803 -46.05 52.80 14.15
N GLN G 804 -45.61 53.13 12.94
CA GLN G 804 -45.05 52.13 12.04
C GLN G 804 -43.73 51.57 12.52
N ILE G 805 -43.04 52.24 13.44
CA ILE G 805 -41.80 51.72 14.02
C ILE G 805 -41.89 51.53 15.52
N LEU G 806 -42.92 52.02 16.17
CA LEU G 806 -42.99 51.65 17.58
C LEU G 806 -43.69 50.30 17.73
N PRO G 807 -43.33 49.52 18.75
CA PRO G 807 -43.85 48.15 18.86
C PRO G 807 -45.37 48.12 18.97
N ASP G 808 -45.98 47.20 18.22
CA ASP G 808 -47.42 47.00 18.27
C ASP G 808 -47.74 45.93 19.30
N PRO G 809 -48.55 46.24 20.32
CA PRO G 809 -48.82 45.23 21.37
C PRO G 809 -49.61 44.03 20.86
N SER G 810 -50.49 44.23 19.87
CA SER G 810 -51.40 43.18 19.44
C SER G 810 -50.64 41.94 18.95
N LYS G 811 -49.53 42.14 18.28
CA LYS G 811 -48.76 41.03 17.75
C LYS G 811 -48.27 40.14 18.89
N PRO G 812 -48.25 38.82 18.70
CA PRO G 812 -47.70 37.95 19.77
C PRO G 812 -46.26 38.29 20.10
N SER G 813 -45.40 38.35 19.08
CA SER G 813 -44.07 38.91 19.25
C SER G 813 -44.17 40.43 19.12
N LYS G 814 -43.78 41.14 20.18
CA LYS G 814 -43.92 42.59 20.19
C LYS G 814 -42.91 43.17 19.22
N ARG G 815 -43.34 43.40 17.98
CA ARG G 815 -42.45 43.81 16.91
C ARG G 815 -43.12 44.90 16.09
N SER G 816 -42.31 45.85 15.63
CA SER G 816 -42.81 46.93 14.80
C SER G 816 -43.12 46.43 13.40
N PHE G 817 -44.12 47.05 12.77
CA PHE G 817 -44.58 46.71 11.43
C PHE G 817 -43.41 46.56 10.46
N ILE G 818 -42.46 47.50 10.54
CA ILE G 818 -41.25 47.41 9.71
C ILE G 818 -40.52 46.11 9.98
N GLU G 819 -40.32 45.77 11.26
CA GLU G 819 -39.65 44.52 11.61
C GLU G 819 -40.43 43.31 11.11
N ASP G 820 -41.77 43.41 11.06
CA ASP G 820 -42.56 42.32 10.49
C ASP G 820 -42.27 42.15 9.01
N LEU G 821 -42.25 43.27 8.27
CA LEU G 821 -41.88 43.20 6.86
C LEU G 821 -40.51 42.56 6.68
N LEU G 822 -39.54 42.95 7.52
CA LEU G 822 -38.20 42.37 7.42
C LEU G 822 -38.22 40.88 7.71
N PHE G 823 -38.93 40.47 8.76
CA PHE G 823 -39.03 39.05 9.10
C PHE G 823 -39.66 38.25 7.97
N ASN G 824 -40.64 38.83 7.27
CA ASN G 824 -41.22 38.12 6.14
C ASN G 824 -40.29 38.08 4.94
N LYS G 825 -39.45 39.11 4.76
CA LYS G 825 -38.49 39.11 3.66
C LYS G 825 -37.49 37.98 3.81
N VAL G 826 -36.69 38.00 4.88
CA VAL G 826 -35.69 36.97 5.10
C VAL G 826 -36.39 35.67 5.51
N THR G 827 -36.05 34.58 4.81
CA THR G 827 -36.65 33.29 5.10
C THR G 827 -35.60 32.28 5.55
N LYS G 854 -27.62 18.40 10.31
CA LYS G 854 -28.41 17.20 10.11
C LYS G 854 -28.28 16.24 11.29
N PHE G 855 -28.09 14.96 10.98
CA PHE G 855 -27.93 13.92 11.99
C PHE G 855 -26.50 13.38 12.00
N ASN G 856 -25.53 14.22 11.65
CA ASN G 856 -24.13 13.84 11.57
C ASN G 856 -23.28 14.81 12.39
N GLY G 857 -23.75 15.11 13.61
CA GLY G 857 -23.07 16.05 14.47
C GLY G 857 -23.35 17.50 14.11
N LEU G 858 -23.78 17.74 12.87
CA LEU G 858 -24.12 19.08 12.40
C LEU G 858 -25.35 19.56 13.15
N THR G 859 -25.16 20.44 14.12
CA THR G 859 -26.27 21.01 14.88
C THR G 859 -26.20 22.52 14.83
N VAL G 860 -27.35 23.16 15.04
CA VAL G 860 -27.46 24.61 15.07
C VAL G 860 -27.86 24.99 16.48
N LEU G 861 -26.91 25.50 17.26
CA LEU G 861 -27.23 25.96 18.60
C LEU G 861 -28.17 27.17 18.51
N PRO G 862 -29.01 27.36 19.51
CA PRO G 862 -29.95 28.48 19.46
C PRO G 862 -29.27 29.77 19.84
N PRO G 863 -29.68 30.89 19.23
CA PRO G 863 -29.14 32.19 19.65
C PRO G 863 -29.54 32.49 21.09
N LEU G 864 -28.56 32.86 21.91
CA LEU G 864 -28.83 33.15 23.31
C LEU G 864 -29.96 34.15 23.45
N LEU G 865 -29.84 35.30 22.80
CA LEU G 865 -30.92 36.28 22.77
C LEU G 865 -31.96 35.84 21.75
N THR G 866 -33.20 35.63 22.21
CA THR G 866 -34.28 35.35 21.29
C THR G 866 -34.57 36.57 20.42
N ASP G 867 -35.30 36.34 19.34
CA ASP G 867 -35.69 37.45 18.48
C ASP G 867 -36.59 38.44 19.22
N GLU G 868 -37.35 37.95 20.21
CA GLU G 868 -38.24 38.82 20.96
C GLU G 868 -37.46 39.71 21.93
N MET G 869 -36.40 39.19 22.52
CA MET G 869 -35.56 40.02 23.38
C MET G 869 -34.84 41.08 22.57
N ILE G 870 -34.39 40.74 21.37
CA ILE G 870 -33.81 41.75 20.49
C ILE G 870 -34.86 42.78 20.10
N ALA G 871 -36.09 42.34 19.88
CA ALA G 871 -37.17 43.27 19.59
C ALA G 871 -37.39 44.24 20.74
N GLN G 872 -37.37 43.73 21.98
CA GLN G 872 -37.52 44.61 23.14
C GLN G 872 -36.32 45.53 23.31
N TYR G 873 -35.13 45.07 22.94
CA TYR G 873 -33.95 45.93 22.99
C TYR G 873 -34.08 47.10 22.02
N THR G 874 -34.48 46.81 20.78
CA THR G 874 -34.72 47.88 19.83
C THR G 874 -35.86 48.78 20.27
N SER G 875 -36.87 48.22 20.94
CA SER G 875 -37.94 49.03 21.50
C SER G 875 -37.40 50.02 22.53
N ALA G 876 -36.56 49.53 23.44
CA ALA G 876 -35.97 50.41 24.45
C ALA G 876 -35.10 51.48 23.78
N LEU G 877 -34.34 51.11 22.76
CA LEU G 877 -33.50 52.08 22.07
C LEU G 877 -34.34 53.15 21.40
N LEU G 878 -35.44 52.76 20.74
CA LEU G 878 -36.32 53.73 20.12
C LEU G 878 -36.95 54.65 21.16
N ALA G 879 -37.42 54.08 22.27
CA ALA G 879 -38.00 54.90 23.33
C ALA G 879 -36.99 55.91 23.85
N GLY G 880 -35.75 55.47 24.06
CA GLY G 880 -34.73 56.40 24.53
C GLY G 880 -34.45 57.50 23.53
N THR G 881 -34.22 57.14 22.27
CA THR G 881 -33.88 58.15 21.27
C THR G 881 -35.07 59.04 20.91
N ILE G 882 -36.28 58.64 21.28
CA ILE G 882 -37.46 59.46 21.00
C ILE G 882 -37.77 60.40 22.15
N THR G 883 -37.80 59.87 23.38
CA THR G 883 -38.14 60.71 24.53
C THR G 883 -36.95 61.51 25.02
N SER G 884 -35.80 60.86 25.21
CA SER G 884 -34.60 61.53 25.72
C SER G 884 -33.62 61.95 24.65
N GLY G 885 -33.75 61.39 23.44
CA GLY G 885 -32.93 61.78 22.30
C GLY G 885 -31.57 61.14 22.26
N TRP G 886 -30.62 61.63 23.06
CA TRP G 886 -29.31 60.99 23.14
C TRP G 886 -28.76 60.88 24.55
N THR G 887 -29.20 61.69 25.51
CA THR G 887 -28.63 61.67 26.85
C THR G 887 -28.84 60.33 27.53
N PHE G 888 -29.80 59.52 27.09
CA PHE G 888 -29.98 58.19 27.65
C PHE G 888 -28.78 57.29 27.39
N GLY G 889 -27.95 57.62 26.40
CA GLY G 889 -26.76 56.84 26.13
C GLY G 889 -25.58 57.28 26.96
N ALA G 890 -25.50 58.57 27.27
CA ALA G 890 -24.40 59.09 28.08
C ALA G 890 -24.62 58.78 29.56
N GLY G 891 -25.78 59.12 30.09
CA GLY G 891 -26.11 58.84 31.47
C GLY G 891 -27.49 58.25 31.61
N ALA G 892 -28.33 58.88 32.43
CA ALA G 892 -29.72 58.47 32.56
C ALA G 892 -30.58 59.24 31.57
N ALA G 893 -31.68 58.62 31.15
CA ALA G 893 -32.55 59.23 30.17
C ALA G 893 -33.18 60.50 30.70
N LEU G 894 -33.18 61.55 29.89
CA LEU G 894 -33.69 62.87 30.27
C LEU G 894 -34.81 63.23 29.31
N GLN G 895 -36.05 63.20 29.80
CA GLN G 895 -37.19 63.56 28.97
C GLN G 895 -36.99 64.94 28.37
N ILE G 896 -37.42 65.09 27.12
CA ILE G 896 -37.26 66.34 26.39
C ILE G 896 -38.26 66.35 25.23
N PRO G 897 -38.99 67.44 25.02
CA PRO G 897 -39.98 67.47 23.93
C PRO G 897 -39.33 67.20 22.58
N PHE G 898 -39.93 66.28 21.83
CA PHE G 898 -39.33 65.80 20.59
C PHE G 898 -39.02 66.94 19.63
N ALA G 899 -39.87 67.97 19.60
CA ALA G 899 -39.59 69.13 18.77
C ALA G 899 -38.27 69.79 19.16
N MET G 900 -38.05 69.96 20.47
CA MET G 900 -36.79 70.54 20.91
C MET G 900 -35.61 69.63 20.62
N GLN G 901 -35.83 68.32 20.68
CA GLN G 901 -34.75 67.38 20.38
C GLN G 901 -34.36 67.47 18.90
N MET G 902 -35.35 67.55 18.02
CA MET G 902 -35.04 67.77 16.60
C MET G 902 -34.41 69.12 16.37
N ALA G 903 -34.77 70.12 17.18
CA ALA G 903 -34.14 71.43 17.04
C ALA G 903 -32.66 71.36 17.43
N TYR G 904 -32.34 70.57 18.45
CA TYR G 904 -30.93 70.42 18.82
C TYR G 904 -30.18 69.64 17.74
N ARG G 905 -30.83 68.64 17.14
CA ARG G 905 -30.22 67.95 16.02
C ARG G 905 -29.95 68.90 14.86
N PHE G 906 -30.91 69.79 14.58
CA PHE G 906 -30.72 70.77 13.52
C PHE G 906 -29.56 71.71 13.84
N ASN G 907 -29.47 72.18 15.09
CA ASN G 907 -28.30 72.94 15.53
C ASN G 907 -27.03 72.17 15.26
N GLY G 908 -27.05 70.86 15.50
CA GLY G 908 -25.88 70.04 15.21
C GLY G 908 -25.55 70.00 13.73
N ILE G 909 -26.57 70.03 12.87
CA ILE G 909 -26.32 70.04 11.44
C ILE G 909 -25.69 71.36 11.01
N GLY G 910 -26.09 72.46 11.62
CA GLY G 910 -25.72 73.80 11.17
C GLY G 910 -26.90 74.67 10.82
N VAL G 911 -28.11 74.15 10.90
CA VAL G 911 -29.34 74.90 10.69
C VAL G 911 -29.87 75.32 12.05
N THR G 912 -30.48 76.50 12.10
CA THR G 912 -30.93 77.07 13.37
C THR G 912 -32.32 76.60 13.72
N GLN G 913 -32.65 76.73 15.01
CA GLN G 913 -33.90 76.20 15.55
C GLN G 913 -35.12 76.78 14.83
N ASN G 914 -35.05 78.05 14.43
CA ASN G 914 -36.19 78.71 13.80
C ASN G 914 -36.68 77.95 12.58
N VAL G 915 -35.76 77.39 11.79
CA VAL G 915 -36.16 76.64 10.60
C VAL G 915 -37.08 75.49 10.98
N LEU G 916 -36.68 74.70 11.97
CA LEU G 916 -37.53 73.59 12.41
C LEU G 916 -38.85 74.09 12.98
N TYR G 917 -38.77 74.93 14.02
CA TYR G 917 -39.98 75.34 14.73
C TYR G 917 -40.97 76.03 13.81
N GLU G 918 -40.49 76.71 12.77
CA GLU G 918 -41.37 77.37 11.82
C GLU G 918 -41.89 76.40 10.76
N ASN G 919 -41.22 75.26 10.55
CA ASN G 919 -41.61 74.29 9.54
C ASN G 919 -41.87 72.92 10.15
N GLN G 920 -42.34 72.89 11.41
CA GLN G 920 -42.55 71.62 12.09
C GLN G 920 -43.54 70.73 11.35
N LYS G 921 -44.66 71.31 10.89
CA LYS G 921 -45.69 70.53 10.22
C LYS G 921 -45.18 69.97 8.89
N LEU G 922 -44.50 70.81 8.10
CA LEU G 922 -43.98 70.35 6.82
C LEU G 922 -42.96 69.24 7.01
N ILE G 923 -42.05 69.39 7.98
CA ILE G 923 -41.04 68.37 8.22
C ILE G 923 -41.69 67.09 8.72
N ALA G 924 -42.71 67.20 9.56
CA ALA G 924 -43.43 66.02 10.01
C ALA G 924 -44.08 65.28 8.84
N ASN G 925 -44.71 66.03 7.93
CA ASN G 925 -45.33 65.41 6.77
C ASN G 925 -44.29 64.71 5.90
N GLN G 926 -43.17 65.38 5.64
CA GLN G 926 -42.11 64.77 4.85
C GLN G 926 -41.60 63.49 5.52
N PHE G 927 -41.44 63.51 6.84
CA PHE G 927 -40.94 62.34 7.55
C PHE G 927 -41.92 61.19 7.44
N ASN G 928 -43.22 61.45 7.63
CA ASN G 928 -44.21 60.39 7.54
C ASN G 928 -44.28 59.81 6.13
N SER G 929 -44.24 60.68 5.11
CA SER G 929 -44.25 60.19 3.74
C SER G 929 -43.01 59.35 3.45
N ALA G 930 -41.86 59.75 4.00
CA ALA G 930 -40.65 58.96 3.82
C ALA G 930 -40.76 57.60 4.50
N ILE G 931 -41.37 57.55 5.68
CA ILE G 931 -41.61 56.27 6.34
C ILE G 931 -42.50 55.37 5.48
N GLY G 932 -43.54 55.97 4.88
CA GLY G 932 -44.38 55.20 3.98
C GLY G 932 -43.62 54.64 2.79
N LYS G 933 -42.76 55.48 2.20
CA LYS G 933 -41.93 55.03 1.08
C LYS G 933 -41.02 53.88 1.51
N ILE G 934 -40.48 53.95 2.73
CA ILE G 934 -39.63 52.87 3.23
C ILE G 934 -40.43 51.59 3.37
N GLN G 935 -41.65 51.70 3.89
CA GLN G 935 -42.54 50.54 3.95
C GLN G 935 -42.72 49.92 2.57
N ASP G 936 -43.00 50.75 1.57
CA ASP G 936 -43.25 50.22 0.23
C ASP G 936 -42.00 49.54 -0.33
N SER G 937 -40.85 50.18 -0.18
CA SER G 937 -39.61 49.62 -0.70
C SER G 937 -39.26 48.30 -0.01
N LEU G 938 -39.51 48.21 1.30
CA LEU G 938 -39.23 46.97 2.01
C LEU G 938 -40.19 45.86 1.61
N SER G 939 -41.48 46.20 1.46
CA SER G 939 -42.48 45.19 1.13
C SER G 939 -42.30 44.66 -0.29
N SER G 940 -41.99 45.53 -1.25
CA SER G 940 -41.92 45.10 -2.64
C SER G 940 -40.58 44.43 -2.93
N THR G 941 -39.49 45.16 -2.79
CA THR G 941 -38.15 44.68 -3.17
C THR G 941 -37.57 43.85 -2.03
N ALA G 942 -37.59 42.53 -2.19
CA ALA G 942 -36.97 41.64 -1.21
C ALA G 942 -35.46 41.86 -1.18
N SER G 943 -34.85 42.12 -2.34
CA SER G 943 -33.40 42.30 -2.42
C SER G 943 -32.89 43.43 -1.55
N ALA G 944 -33.78 44.26 -0.99
CA ALA G 944 -33.35 45.28 -0.04
C ALA G 944 -32.59 44.67 1.14
N LEU G 945 -32.93 43.45 1.52
CA LEU G 945 -32.24 42.77 2.61
C LEU G 945 -31.23 41.75 2.10
N GLY G 946 -30.83 41.88 0.83
CA GLY G 946 -30.00 40.86 0.20
C GLY G 946 -28.85 40.39 1.06
N LYS G 947 -28.10 41.34 1.63
CA LYS G 947 -26.93 41.02 2.44
C LYS G 947 -27.25 39.94 3.47
N LEU G 948 -28.26 40.17 4.31
CA LEU G 948 -28.61 39.20 5.33
C LEU G 948 -28.89 37.84 4.71
N GLN G 949 -29.72 37.83 3.66
CA GLN G 949 -30.02 36.59 2.97
C GLN G 949 -28.74 35.89 2.55
N ASP G 950 -27.83 36.64 1.93
CA ASP G 950 -26.54 36.09 1.51
C ASP G 950 -25.86 35.40 2.68
N VAL G 951 -25.79 36.08 3.82
CA VAL G 951 -25.18 35.50 5.00
C VAL G 951 -25.77 34.12 5.26
N VAL G 952 -27.10 34.09 5.44
CA VAL G 952 -27.77 32.82 5.71
C VAL G 952 -27.41 31.81 4.64
N ASN G 953 -27.52 32.22 3.37
CA ASN G 953 -27.26 31.31 2.27
C ASN G 953 -25.86 30.71 2.40
N GLN G 954 -24.87 31.57 2.61
CA GLN G 954 -23.49 31.09 2.75
C GLN G 954 -23.43 29.99 3.79
N ASN G 955 -23.95 30.26 4.98
CA ASN G 955 -23.92 29.26 6.04
C ASN G 955 -24.55 27.96 5.56
N ALA G 956 -25.79 28.05 5.06
CA ALA G 956 -26.47 26.86 4.57
C ALA G 956 -25.62 26.13 3.56
N GLN G 957 -25.07 26.88 2.59
CA GLN G 957 -24.25 26.30 1.54
C GLN G 957 -23.15 25.46 2.17
N ALA G 958 -22.39 26.06 3.07
CA ALA G 958 -21.29 25.35 3.72
C ALA G 958 -21.78 24.05 4.31
N LEU G 959 -22.85 24.11 5.11
CA LEU G 959 -23.35 22.91 5.76
C LEU G 959 -23.73 21.87 4.73
N ASN G 960 -24.47 22.29 3.69
CA ASN G 960 -24.88 21.35 2.66
C ASN G 960 -23.67 20.70 2.03
N THR G 961 -22.63 21.49 1.74
CA THR G 961 -21.45 20.93 1.12
C THR G 961 -20.83 19.89 2.03
N LEU G 962 -20.79 20.17 3.34
CA LEU G 962 -20.31 19.18 4.29
C LEU G 962 -21.07 17.88 4.13
N VAL G 963 -22.40 17.98 4.12
CA VAL G 963 -23.24 16.81 3.91
C VAL G 963 -22.80 16.06 2.66
N LYS G 964 -22.61 16.79 1.57
CA LYS G 964 -22.26 16.16 0.30
C LYS G 964 -20.86 15.56 0.34
N GLN G 965 -19.98 16.09 1.19
CA GLN G 965 -18.64 15.52 1.30
C GLN G 965 -18.70 14.10 1.84
N LEU G 966 -19.77 13.75 2.56
CA LEU G 966 -19.92 12.38 3.02
C LEU G 966 -20.11 11.40 1.88
N SER G 967 -20.32 11.87 0.65
CA SER G 967 -20.54 11.00 -0.50
C SER G 967 -19.30 10.79 -1.35
N SER G 968 -18.20 11.47 -1.05
CA SER G 968 -16.97 11.33 -1.83
C SER G 968 -16.14 10.16 -1.33
N ASN G 969 -15.39 9.54 -2.25
CA ASN G 969 -14.64 8.33 -1.92
C ASN G 969 -13.30 8.63 -1.28
N PHE G 970 -12.67 9.75 -1.64
CA PHE G 970 -11.33 10.11 -1.16
C PHE G 970 -10.30 9.02 -1.45
N GLY G 971 -10.55 8.18 -2.46
CA GLY G 971 -9.64 7.13 -2.82
C GLY G 971 -10.00 5.76 -2.29
N ALA G 972 -10.95 5.67 -1.38
CA ALA G 972 -11.37 4.37 -0.86
C ALA G 972 -12.38 3.73 -1.82
N ILE G 973 -12.91 2.57 -1.43
CA ILE G 973 -13.84 1.86 -2.29
C ILE G 973 -15.23 2.51 -2.24
N SER G 974 -15.65 2.95 -1.05
CA SER G 974 -16.98 3.50 -0.88
C SER G 974 -16.92 4.69 0.06
N SER G 975 -18.08 5.31 0.27
CA SER G 975 -18.22 6.39 1.25
C SER G 975 -18.94 5.93 2.50
N VAL G 976 -19.32 4.66 2.59
CA VAL G 976 -19.98 4.10 3.75
C VAL G 976 -18.99 3.18 4.44
N LEU G 977 -18.52 3.59 5.61
CA LEU G 977 -17.58 2.77 6.36
C LEU G 977 -18.15 1.39 6.66
N ASN G 978 -19.47 1.29 6.83
CA ASN G 978 -20.10 0.00 7.02
C ASN G 978 -19.89 -0.89 5.80
N ASP G 979 -20.01 -0.33 4.60
CA ASP G 979 -19.78 -1.10 3.39
C ASP G 979 -18.33 -1.56 3.29
N ILE G 980 -17.39 -0.67 3.63
CA ILE G 980 -15.98 -1.04 3.60
C ILE G 980 -15.72 -2.19 4.57
N LEU G 981 -16.22 -2.07 5.80
CA LEU G 981 -15.98 -3.11 6.79
C LEU G 981 -16.66 -4.42 6.43
N SER G 982 -17.82 -4.37 5.78
CA SER G 982 -18.50 -5.59 5.37
C SER G 982 -17.80 -6.24 4.18
N ARG G 983 -17.19 -5.44 3.30
CA ARG G 983 -16.50 -5.98 2.15
C ARG G 983 -15.07 -6.42 2.51
N LEU G 984 -14.25 -5.48 2.94
CA LEU G 984 -12.84 -5.75 3.17
C LEU G 984 -12.57 -6.25 4.59
N ASP G 985 -11.53 -7.07 4.72
CA ASP G 985 -11.11 -7.53 6.04
C ASP G 985 -10.63 -6.34 6.88
N PRO G 986 -10.73 -6.44 8.20
CA PRO G 986 -10.33 -5.32 9.07
C PRO G 986 -8.90 -4.86 8.82
N PRO G 987 -7.93 -5.77 8.57
CA PRO G 987 -6.57 -5.27 8.27
C PRO G 987 -6.49 -4.29 7.10
N GLU G 988 -7.23 -4.51 6.02
CA GLU G 988 -7.23 -3.58 4.89
C GLU G 988 -8.35 -2.55 5.00
N ALA G 989 -9.47 -2.94 5.59
CA ALA G 989 -10.51 -1.98 5.92
C ALA G 989 -9.96 -0.84 6.77
N GLU G 990 -8.93 -1.11 7.56
CA GLU G 990 -8.33 -0.04 8.36
C GLU G 990 -7.65 1.00 7.48
N VAL G 991 -6.92 0.56 6.44
CA VAL G 991 -6.29 1.51 5.54
C VAL G 991 -7.34 2.29 4.75
N GLN G 992 -8.39 1.60 4.30
CA GLN G 992 -9.44 2.29 3.56
C GLN G 992 -10.16 3.31 4.45
N ILE G 993 -10.47 2.92 5.69
CA ILE G 993 -11.10 3.84 6.63
C ILE G 993 -10.15 4.98 6.97
N ASP G 994 -8.84 4.73 6.94
CA ASP G 994 -7.89 5.81 7.16
C ASP G 994 -7.95 6.83 6.03
N ARG G 995 -8.01 6.35 4.78
CA ARG G 995 -8.21 7.26 3.65
C ARG G 995 -9.49 8.06 3.82
N LEU G 996 -10.59 7.39 4.14
CA LEU G 996 -11.87 8.07 4.28
C LEU G 996 -11.84 9.08 5.44
N ILE G 997 -11.21 8.72 6.55
CA ILE G 997 -11.12 9.61 7.70
C ILE G 997 -10.28 10.83 7.37
N THR G 998 -9.17 10.62 6.66
CA THR G 998 -8.35 11.75 6.22
C THR G 998 -9.16 12.70 5.35
N GLY G 999 -9.91 12.14 4.40
CA GLY G 999 -10.74 12.97 3.54
C GLY G 999 -11.77 13.78 4.30
N ARG G 1000 -12.51 13.12 5.19
CA ARG G 1000 -13.57 13.80 5.91
C ARG G 1000 -13.00 14.81 6.90
N LEU G 1001 -11.88 14.49 7.54
CA LEU G 1001 -11.24 15.43 8.44
C LEU G 1001 -10.71 16.65 7.70
N GLN G 1002 -10.16 16.43 6.51
CA GLN G 1002 -9.72 17.56 5.69
C GLN G 1002 -10.90 18.43 5.30
N SER G 1003 -12.04 17.80 4.96
CA SER G 1003 -13.24 18.58 4.66
C SER G 1003 -13.69 19.39 5.87
N LEU G 1004 -13.66 18.78 7.05
CA LEU G 1004 -14.03 19.50 8.27
C LEU G 1004 -13.09 20.68 8.53
N GLN G 1005 -11.79 20.48 8.33
CA GLN G 1005 -10.84 21.57 8.53
C GLN G 1005 -11.09 22.71 7.55
N THR G 1006 -11.28 22.36 6.28
CA THR G 1006 -11.63 23.37 5.28
C THR G 1006 -12.86 24.14 5.70
N TYR G 1007 -13.88 23.43 6.17
CA TYR G 1007 -15.15 24.06 6.54
C TYR G 1007 -14.96 25.00 7.72
N VAL G 1008 -14.31 24.53 8.78
CA VAL G 1008 -14.14 25.36 9.97
C VAL G 1008 -13.26 26.55 9.65
N THR G 1009 -12.35 26.41 8.69
CA THR G 1009 -11.54 27.57 8.28
C THR G 1009 -12.40 28.59 7.53
N GLN G 1010 -13.19 28.11 6.56
CA GLN G 1010 -14.13 28.98 5.86
C GLN G 1010 -15.00 29.75 6.86
N GLN G 1011 -15.53 29.04 7.85
CA GLN G 1011 -16.45 29.68 8.79
C GLN G 1011 -15.71 30.56 9.79
N LEU G 1012 -14.46 30.26 10.10
CA LEU G 1012 -13.65 31.17 10.91
C LEU G 1012 -13.47 32.50 10.18
N ILE G 1013 -13.11 32.44 8.90
CA ILE G 1013 -12.94 33.66 8.12
C ILE G 1013 -14.25 34.41 8.00
N ARG G 1014 -15.34 33.69 7.73
CA ARG G 1014 -16.64 34.33 7.59
C ARG G 1014 -17.10 34.94 8.90
N ALA G 1015 -16.81 34.29 10.02
CA ALA G 1015 -17.15 34.85 11.32
C ALA G 1015 -16.29 36.07 11.64
N ALA G 1016 -15.04 36.09 11.19
CA ALA G 1016 -14.22 37.29 11.33
C ALA G 1016 -14.84 38.45 10.56
N GLU G 1017 -15.28 38.19 9.33
CA GLU G 1017 -15.95 39.24 8.55
C GLU G 1017 -17.24 39.69 9.22
N ILE G 1018 -18.02 38.74 9.75
CA ILE G 1018 -19.25 39.08 10.45
C ILE G 1018 -18.95 39.91 11.68
N ARG G 1019 -17.86 39.61 12.38
CA ARG G 1019 -17.48 40.39 13.54
C ARG G 1019 -17.06 41.80 13.14
N ALA G 1020 -16.38 41.94 12.01
CA ALA G 1020 -16.06 43.27 11.51
C ALA G 1020 -17.34 44.06 11.24
N SER G 1021 -18.28 43.46 10.52
CA SER G 1021 -19.54 44.14 10.25
C SER G 1021 -20.32 44.43 11.53
N ALA G 1022 -20.20 43.55 12.53
CA ALA G 1022 -20.91 43.76 13.79
C ALA G 1022 -20.29 44.90 14.59
N ASN G 1023 -18.96 45.02 14.55
CA ASN G 1023 -18.32 46.17 15.18
C ASN G 1023 -18.71 47.46 14.47
N LEU G 1024 -18.83 47.41 13.15
CA LEU G 1024 -19.32 48.57 12.42
C LEU G 1024 -20.74 48.92 12.85
N ALA G 1025 -21.60 47.90 12.99
CA ALA G 1025 -22.98 48.15 13.41
C ALA G 1025 -23.04 48.70 14.83
N ALA G 1026 -22.18 48.21 15.71
CA ALA G 1026 -22.14 48.74 17.07
C ALA G 1026 -21.66 50.19 17.09
N THR G 1027 -20.64 50.49 16.27
CA THR G 1027 -20.19 51.88 16.14
C THR G 1027 -21.32 52.77 15.66
N LYS G 1028 -22.10 52.30 14.70
CA LYS G 1028 -23.28 53.05 14.26
C LYS G 1028 -24.25 53.25 15.41
N MET G 1029 -24.77 52.14 15.96
CA MET G 1029 -25.70 52.15 17.08
C MET G 1029 -25.28 53.11 18.18
N SER G 1030 -23.97 53.23 18.40
CA SER G 1030 -23.45 54.16 19.39
C SER G 1030 -23.47 55.61 18.89
N GLU G 1031 -23.05 55.83 17.64
CA GLU G 1031 -22.87 57.19 17.16
C GLU G 1031 -24.17 57.81 16.66
N CYS G 1032 -24.77 57.22 15.61
CA CYS G 1032 -25.96 57.81 15.03
C CYS G 1032 -27.17 57.68 15.95
N VAL G 1033 -27.49 56.44 16.36
CA VAL G 1033 -28.66 56.22 17.19
C VAL G 1033 -28.53 56.97 18.51
N LEU G 1034 -27.49 56.65 19.28
CA LEU G 1034 -27.31 57.23 20.61
C LEU G 1034 -26.77 58.65 20.57
N GLY G 1035 -26.72 59.28 19.41
CA GLY G 1035 -26.23 60.65 19.31
C GLY G 1035 -26.56 61.27 17.97
N GLN G 1036 -25.60 62.00 17.40
CA GLN G 1036 -25.74 62.53 16.05
C GLN G 1036 -24.34 62.56 15.44
N SER G 1037 -24.08 61.65 14.50
CA SER G 1037 -22.75 61.49 13.93
C SER G 1037 -22.52 62.56 12.87
N LYS G 1038 -21.61 63.48 13.15
CA LYS G 1038 -21.22 64.50 12.18
C LYS G 1038 -20.25 63.98 11.13
N ARG G 1039 -19.90 62.69 11.18
CA ARG G 1039 -19.07 62.08 10.15
C ARG G 1039 -19.85 62.06 8.84
N VAL G 1040 -19.37 62.81 7.85
CA VAL G 1040 -20.12 63.00 6.62
C VAL G 1040 -20.31 61.68 5.90
N ASP G 1041 -21.57 61.35 5.61
CA ASP G 1041 -21.95 60.17 4.84
C ASP G 1041 -21.54 58.86 5.51
N PHE G 1042 -21.27 58.88 6.81
CA PHE G 1042 -21.12 57.64 7.55
C PHE G 1042 -22.46 57.08 8.01
N CYS G 1043 -23.49 57.92 8.07
CA CYS G 1043 -24.80 57.55 8.56
C CYS G 1043 -25.88 57.96 7.57
N GLY G 1044 -25.65 57.65 6.28
CA GLY G 1044 -26.60 57.99 5.25
C GLY G 1044 -26.20 59.21 4.45
N LYS G 1045 -26.45 59.18 3.14
CA LYS G 1045 -26.09 60.29 2.27
C LYS G 1045 -26.83 61.57 2.65
N GLY G 1046 -26.10 62.55 3.15
CA GLY G 1046 -26.67 63.79 3.62
C GLY G 1046 -26.37 64.02 5.10
N TYR G 1047 -26.70 65.23 5.54
CA TYR G 1047 -26.55 65.57 6.95
C TYR G 1047 -27.45 64.68 7.79
N HIS G 1048 -26.85 63.91 8.68
CA HIS G 1048 -27.59 62.91 9.46
C HIS G 1048 -28.33 63.57 10.62
N LEU G 1049 -29.64 63.37 10.68
CA LEU G 1049 -30.45 63.84 11.80
C LEU G 1049 -30.62 62.78 12.87
N MET G 1050 -31.24 61.65 12.52
CA MET G 1050 -31.52 60.60 13.50
C MET G 1050 -31.25 59.25 12.87
N SER G 1051 -31.54 58.19 13.63
CA SER G 1051 -31.56 56.83 13.13
C SER G 1051 -32.47 56.02 14.03
N PHE G 1052 -33.04 54.96 13.45
CA PHE G 1052 -33.94 54.10 14.20
C PHE G 1052 -33.59 52.65 13.94
N PRO G 1053 -33.01 51.94 14.90
CA PRO G 1053 -32.66 50.54 14.66
C PRO G 1053 -33.88 49.64 14.68
N GLN G 1054 -33.87 48.65 13.80
CA GLN G 1054 -34.91 47.64 13.73
C GLN G 1054 -34.24 46.28 13.62
N SER G 1055 -34.67 45.35 14.44
CA SER G 1055 -34.11 44.01 14.39
C SER G 1055 -34.43 43.35 13.04
N ALA G 1056 -33.68 42.29 12.74
CA ALA G 1056 -33.92 41.48 11.57
C ALA G 1056 -33.20 40.15 11.78
N PRO G 1057 -33.64 39.09 11.10
CA PRO G 1057 -32.97 37.79 11.30
C PRO G 1057 -31.47 37.88 11.08
N HIS G 1058 -30.72 37.75 12.17
CA HIS G 1058 -29.26 37.81 12.15
C HIS G 1058 -28.76 39.14 11.58
N GLY G 1059 -29.40 40.24 11.97
CA GLY G 1059 -28.92 41.53 11.51
C GLY G 1059 -29.76 42.67 12.03
N VAL G 1060 -29.35 43.87 11.66
CA VAL G 1060 -30.00 45.10 12.07
C VAL G 1060 -30.24 45.95 10.83
N VAL G 1061 -31.23 46.85 10.94
CA VAL G 1061 -31.58 47.74 9.85
C VAL G 1061 -31.81 49.12 10.44
N PHE G 1062 -30.98 50.09 10.05
CA PHE G 1062 -31.10 51.45 10.56
C PHE G 1062 -31.94 52.29 9.60
N LEU G 1063 -32.85 53.08 10.18
CA LEU G 1063 -33.64 54.04 9.41
C LEU G 1063 -32.97 55.40 9.57
N HIS G 1064 -31.87 55.58 8.84
CA HIS G 1064 -31.11 56.82 8.89
C HIS G 1064 -31.96 57.98 8.38
N VAL G 1065 -32.36 58.86 9.28
CA VAL G 1065 -33.14 60.05 8.93
C VAL G 1065 -32.14 61.17 8.64
N THR G 1066 -32.05 61.58 7.38
CA THR G 1066 -31.02 62.49 6.92
C THR G 1066 -31.64 63.73 6.29
N TYR G 1067 -30.98 64.86 6.53
CA TYR G 1067 -31.36 66.13 5.91
C TYR G 1067 -30.72 66.25 4.53
N VAL G 1068 -31.50 66.68 3.55
CA VAL G 1068 -30.97 66.82 2.19
C VAL G 1068 -31.46 68.14 1.60
N PRO G 1069 -30.59 69.10 1.33
CA PRO G 1069 -31.05 70.38 0.75
C PRO G 1069 -31.58 70.17 -0.67
N ALA G 1070 -32.80 70.66 -0.91
CA ALA G 1070 -33.51 70.32 -2.14
C ALA G 1070 -33.35 71.33 -3.26
N GLN G 1071 -33.81 72.56 -3.04
CA GLN G 1071 -33.81 73.58 -4.09
C GLN G 1071 -32.66 74.55 -3.90
N GLU G 1072 -32.10 75.01 -5.03
CA GLU G 1072 -30.90 75.83 -5.02
C GLU G 1072 -31.15 77.15 -5.72
N LYS G 1073 -30.49 78.19 -5.23
CA LYS G 1073 -30.54 79.51 -5.86
C LYS G 1073 -29.14 80.10 -5.93
N ASN G 1074 -28.82 80.71 -7.07
CA ASN G 1074 -27.56 81.40 -7.21
C ASN G 1074 -27.62 82.78 -6.56
N PHE G 1075 -26.48 83.22 -6.04
CA PHE G 1075 -26.36 84.55 -5.47
C PHE G 1075 -24.95 85.06 -5.69
N THR G 1076 -24.83 86.38 -5.79
CA THR G 1076 -23.52 87.00 -5.82
C THR G 1076 -23.02 87.16 -4.39
N THR G 1077 -21.81 86.69 -4.13
CA THR G 1077 -21.29 86.64 -2.78
C THR G 1077 -20.05 87.51 -2.66
N ALA G 1078 -19.46 87.51 -1.47
CA ALA G 1078 -18.25 88.28 -1.17
C ALA G 1078 -17.65 87.78 0.13
N PRO G 1079 -16.33 87.64 0.20
CA PRO G 1079 -15.71 87.19 1.46
C PRO G 1079 -15.96 88.14 2.63
N ALA G 1080 -15.86 89.44 2.40
CA ALA G 1080 -16.06 90.42 3.45
C ALA G 1080 -16.78 91.63 2.87
N ILE G 1081 -16.94 92.67 3.68
CA ILE G 1081 -17.63 93.89 3.29
C ILE G 1081 -16.89 95.08 3.89
N CYS G 1082 -16.40 95.97 3.04
CA CYS G 1082 -15.69 97.17 3.51
C CYS G 1082 -16.72 98.24 3.83
N HIS G 1083 -17.06 98.37 5.11
CA HIS G 1083 -18.07 99.35 5.52
C HIS G 1083 -17.46 100.74 5.64
N ASP G 1084 -16.52 100.92 6.55
CA ASP G 1084 -15.86 102.19 6.81
C ASP G 1084 -14.35 102.01 6.77
N GLY G 1085 -13.85 101.33 5.74
CA GLY G 1085 -12.47 100.93 5.70
C GLY G 1085 -12.12 99.77 6.60
N LYS G 1086 -13.05 99.30 7.40
CA LYS G 1086 -12.86 98.13 8.25
C LYS G 1086 -13.53 96.94 7.58
N ALA G 1087 -12.75 95.91 7.26
CA ALA G 1087 -13.31 94.71 6.67
C ALA G 1087 -14.25 94.02 7.66
N HIS G 1088 -15.46 93.73 7.21
CA HIS G 1088 -16.48 93.07 8.02
C HIS G 1088 -16.64 91.64 7.52
N PHE G 1089 -16.44 90.68 8.40
CA PHE G 1089 -16.56 89.28 8.07
C PHE G 1089 -17.80 88.69 8.72
N PRO G 1090 -18.51 87.78 8.06
CA PRO G 1090 -19.72 87.20 8.66
C PRO G 1090 -19.34 86.30 9.82
N ARG G 1091 -19.97 86.56 10.98
CA ARG G 1091 -19.70 85.75 12.18
C ARG G 1091 -19.95 84.28 11.90
N GLU G 1092 -21.16 83.94 11.47
CA GLU G 1092 -21.49 82.57 11.07
C GLU G 1092 -22.51 82.66 9.94
N GLY G 1093 -22.07 82.33 8.73
CA GLY G 1093 -22.94 82.36 7.58
C GLY G 1093 -22.21 82.89 6.36
N VAL G 1094 -23.00 83.30 5.37
CA VAL G 1094 -22.48 83.76 4.08
C VAL G 1094 -22.94 85.18 3.85
N PHE G 1095 -22.08 85.97 3.23
CA PHE G 1095 -22.51 87.23 2.63
C PHE G 1095 -23.08 86.93 1.26
N VAL G 1096 -24.39 87.13 1.11
CA VAL G 1096 -25.08 86.85 -0.15
C VAL G 1096 -25.68 88.14 -0.67
N SER G 1097 -26.04 88.12 -1.94
CA SER G 1097 -26.63 89.26 -2.61
C SER G 1097 -27.35 88.77 -3.85
N ASN G 1098 -28.66 88.95 -3.91
CA ASN G 1098 -29.43 88.51 -5.07
C ASN G 1098 -29.04 89.33 -6.30
N GLY G 1099 -28.78 90.62 -6.10
CA GLY G 1099 -28.34 91.50 -7.17
C GLY G 1099 -28.62 92.96 -6.86
N THR G 1100 -29.14 93.23 -5.67
CA THR G 1100 -29.47 94.61 -5.30
C THR G 1100 -28.99 94.95 -3.89
N HIS G 1101 -29.42 94.20 -2.89
CA HIS G 1101 -28.96 94.41 -1.52
C HIS G 1101 -27.95 93.33 -1.14
N TRP G 1102 -27.45 93.43 0.09
CA TRP G 1102 -26.57 92.41 0.65
C TRP G 1102 -27.16 91.91 1.97
N PHE G 1103 -26.98 90.63 2.23
CA PHE G 1103 -27.55 90.00 3.40
C PHE G 1103 -26.57 88.97 3.95
N VAL G 1104 -26.86 88.51 5.16
CA VAL G 1104 -26.15 87.41 5.79
C VAL G 1104 -27.11 86.24 5.89
N THR G 1105 -26.63 85.05 5.54
CA THR G 1105 -27.47 83.85 5.54
C THR G 1105 -26.70 82.71 6.18
N GLN G 1106 -27.36 81.56 6.29
CA GLN G 1106 -26.71 80.35 6.75
C GLN G 1106 -26.23 79.53 5.55
N ARG G 1107 -25.22 78.70 5.81
CA ARG G 1107 -24.58 77.94 4.74
C ARG G 1107 -25.37 76.73 4.29
N ASN G 1108 -26.56 76.50 4.85
CA ASN G 1108 -27.38 75.36 4.45
C ASN G 1108 -28.86 75.71 4.32
N PHE G 1109 -29.22 76.97 4.51
CA PHE G 1109 -30.60 77.41 4.32
C PHE G 1109 -30.58 78.89 3.96
N TYR G 1110 -31.69 79.36 3.40
CA TYR G 1110 -31.78 80.73 2.91
C TYR G 1110 -32.65 81.54 3.88
N GLU G 1111 -32.00 82.12 4.89
CA GLU G 1111 -32.60 83.15 5.73
C GLU G 1111 -31.78 84.42 5.56
N PRO G 1112 -31.98 85.14 4.44
CA PRO G 1112 -31.21 86.38 4.25
C PRO G 1112 -31.58 87.44 5.27
N GLN G 1113 -30.68 87.72 6.18
CA GLN G 1113 -30.90 88.73 7.22
C GLN G 1113 -30.09 89.98 6.90
N ILE G 1114 -30.56 91.11 7.41
CA ILE G 1114 -29.89 92.37 7.17
C ILE G 1114 -28.57 92.39 7.94
N ILE G 1115 -27.56 93.03 7.34
CA ILE G 1115 -26.18 92.91 7.85
C ILE G 1115 -26.03 93.98 8.93
N THR G 1116 -26.39 93.60 10.14
CA THR G 1116 -26.15 94.45 11.30
C THR G 1116 -24.68 94.35 11.69
N THR G 1117 -24.31 95.02 12.79
CA THR G 1117 -22.95 94.93 13.30
C THR G 1117 -22.76 93.75 14.26
N ASP G 1118 -23.81 92.95 14.47
CA ASP G 1118 -23.73 91.80 15.34
C ASP G 1118 -23.77 90.47 14.60
N ASN G 1119 -24.20 90.46 13.34
CA ASN G 1119 -24.02 89.29 12.49
C ASN G 1119 -22.62 89.19 11.92
N THR G 1120 -21.82 90.24 12.08
CA THR G 1120 -20.48 90.30 11.51
C THR G 1120 -19.50 90.80 12.57
N PHE G 1121 -18.23 90.42 12.41
CA PHE G 1121 -17.16 90.93 13.23
C PHE G 1121 -16.13 91.64 12.36
N VAL G 1122 -15.43 92.60 12.95
CA VAL G 1122 -14.52 93.48 12.22
C VAL G 1122 -13.10 92.91 12.32
N SER G 1123 -12.35 93.01 11.22
CA SER G 1123 -10.97 92.52 11.19
C SER G 1123 -10.21 93.22 10.08
N GLY G 1124 -9.33 94.16 10.45
CA GLY G 1124 -8.42 94.74 9.50
C GLY G 1124 -9.05 95.74 8.56
N ASN G 1125 -8.30 96.04 7.50
CA ASN G 1125 -8.73 96.96 6.45
C ASN G 1125 -9.32 96.17 5.28
N CYS G 1126 -9.90 96.91 4.34
CA CYS G 1126 -10.54 96.29 3.17
C CYS G 1126 -9.65 96.31 1.94
N ASP G 1127 -8.34 96.18 2.13
CA ASP G 1127 -7.39 95.99 1.04
C ASP G 1127 -6.75 94.61 1.05
N VAL G 1128 -6.38 94.10 2.23
CA VAL G 1128 -5.81 92.76 2.32
C VAL G 1128 -6.82 91.72 1.85
N VAL G 1129 -8.11 91.95 2.09
CA VAL G 1129 -9.13 91.04 1.59
C VAL G 1129 -9.11 91.04 0.07
N ILE G 1130 -9.35 89.88 -0.51
CA ILE G 1130 -9.36 89.70 -1.96
C ILE G 1130 -10.79 89.40 -2.38
N GLY G 1131 -11.42 90.36 -3.05
CA GLY G 1131 -12.80 90.23 -3.45
C GLY G 1131 -13.79 90.95 -2.56
N ILE G 1132 -13.33 91.80 -1.65
CA ILE G 1132 -14.24 92.52 -0.77
C ILE G 1132 -15.09 93.49 -1.58
N VAL G 1133 -16.36 93.64 -1.19
CA VAL G 1133 -17.28 94.56 -1.85
C VAL G 1133 -17.61 95.74 -0.93
N ASN G 1134 -18.53 96.60 -1.36
CA ASN G 1134 -18.91 97.76 -0.56
C ASN G 1134 -20.39 97.76 -0.18
N ASN G 1135 -20.66 97.97 1.11
CA ASN G 1135 -22.02 97.99 1.64
C ASN G 1135 -22.08 98.63 3.03
N THR G 1136 -23.12 99.44 3.27
CA THR G 1136 -23.27 100.08 4.58
C THR G 1136 -23.71 99.02 5.58
N VAL G 1137 -22.79 98.62 6.46
CA VAL G 1137 -23.13 97.66 7.50
C VAL G 1137 -24.03 98.36 8.51
N TYR G 1138 -25.31 98.03 8.49
CA TYR G 1138 -26.28 98.63 9.38
C TYR G 1138 -25.89 98.36 10.84
N ASP G 1139 -26.34 99.23 11.73
CA ASP G 1139 -26.03 99.11 13.14
C ASP G 1139 -27.19 99.66 13.95
N PRO G 1140 -27.83 98.84 14.80
CA PRO G 1140 -29.00 99.33 15.55
C PRO G 1140 -28.67 100.32 16.64
N LEU G 1141 -27.42 100.35 17.11
CA LEU G 1141 -27.08 101.20 18.24
C LEU G 1141 -27.22 102.67 17.90
N GLN G 1142 -27.01 103.05 16.63
CA GLN G 1142 -27.19 104.45 16.27
C GLN G 1142 -28.67 104.85 16.24
N PRO G 1143 -29.58 104.13 15.58
CA PRO G 1143 -31.00 104.49 15.69
C PRO G 1143 -31.53 104.41 17.10
N GLU G 1144 -30.99 103.53 17.95
CA GLU G 1144 -31.46 103.52 19.33
C GLU G 1144 -30.83 104.63 20.16
N LEU G 1145 -29.61 105.04 19.84
CA LEU G 1145 -28.96 106.13 20.55
C LEU G 1145 -29.50 107.49 20.14
N ASP G 1146 -30.14 107.57 18.97
CA ASP G 1146 -30.85 108.81 18.62
C ASP G 1146 -32.00 109.06 19.59
N SER G 1147 -32.68 108.00 20.02
CA SER G 1147 -33.80 108.13 20.93
C SER G 1147 -33.30 108.22 22.37
N GLN H 1 53.56 -17.31 -55.04
CA GLN H 1 53.66 -17.29 -56.49
C GLN H 1 55.11 -17.39 -56.94
N GLN H 2 56.04 -17.35 -56.00
CA GLN H 2 57.46 -17.39 -56.33
C GLN H 2 58.24 -17.92 -55.14
N LEU H 3 59.36 -18.57 -55.42
CA LEU H 3 60.19 -19.19 -54.39
C LEU H 3 61.65 -18.83 -54.63
N VAL H 4 62.31 -18.33 -53.59
CA VAL H 4 63.74 -18.01 -53.63
C VAL H 4 64.46 -18.95 -52.68
N GLU H 5 65.62 -19.44 -53.10
CA GLU H 5 66.42 -20.34 -52.30
C GLU H 5 67.80 -19.73 -52.06
N SER H 6 68.43 -20.13 -50.96
CA SER H 6 69.70 -19.55 -50.57
C SER H 6 70.80 -19.96 -51.56
N GLY H 7 71.96 -19.32 -51.40
CA GLY H 7 73.09 -19.59 -52.28
C GLY H 7 73.79 -20.90 -51.97
N GLY H 8 73.83 -21.80 -52.96
CA GLY H 8 74.54 -23.05 -52.81
C GLY H 8 76.00 -22.93 -53.21
N GLY H 9 76.71 -24.04 -53.05
CA GLY H 9 78.13 -24.05 -53.34
C GLY H 9 78.76 -25.36 -52.91
N VAL H 10 80.08 -25.35 -52.87
CA VAL H 10 80.87 -26.52 -52.49
C VAL H 10 81.07 -26.49 -50.97
N VAL H 11 81.11 -27.68 -50.38
CA VAL H 11 81.30 -27.83 -48.94
C VAL H 11 82.08 -29.11 -48.69
N GLN H 12 82.94 -29.09 -47.68
CA GLN H 12 83.65 -30.29 -47.30
C GLN H 12 82.69 -31.31 -46.69
N PRO H 13 82.81 -32.60 -47.03
CA PRO H 13 81.87 -33.59 -46.52
C PRO H 13 81.88 -33.66 -44.99
N GLY H 14 80.75 -34.10 -44.45
CA GLY H 14 80.57 -34.18 -43.01
C GLY H 14 80.16 -32.89 -42.34
N ARG H 15 80.01 -31.80 -43.09
CA ARG H 15 79.63 -30.52 -42.51
C ARG H 15 78.10 -30.36 -42.56
N SER H 16 77.62 -29.17 -42.23
CA SER H 16 76.20 -28.88 -42.21
C SER H 16 75.96 -27.50 -42.80
N LEU H 17 74.91 -27.36 -43.61
CA LEU H 17 74.59 -26.08 -44.22
C LEU H 17 73.10 -25.80 -44.12
N ARG H 18 72.76 -24.58 -43.73
CA ARG H 18 71.36 -24.15 -43.70
C ARG H 18 70.93 -23.71 -45.09
N LEU H 19 69.82 -24.27 -45.58
CA LEU H 19 69.27 -23.96 -46.88
C LEU H 19 67.88 -23.37 -46.70
N SER H 20 67.69 -22.15 -47.20
CA SER H 20 66.43 -21.42 -47.01
C SER H 20 65.58 -21.47 -48.26
N CYS H 21 64.27 -21.61 -48.07
CA CYS H 21 63.27 -21.44 -49.12
C CYS H 21 62.26 -20.42 -48.64
N ALA H 22 62.31 -19.22 -49.22
CA ALA H 22 61.37 -18.16 -48.90
C ALA H 22 60.35 -18.03 -50.02
N ALA H 23 59.09 -17.84 -49.65
CA ALA H 23 58.00 -17.79 -50.61
C ALA H 23 57.47 -16.37 -50.74
N SER H 24 56.77 -16.13 -51.85
CA SER H 24 56.15 -14.85 -52.13
C SER H 24 54.91 -15.09 -52.97
N GLY H 25 53.99 -14.13 -52.93
CA GLY H 25 52.69 -14.30 -53.55
C GLY H 25 51.65 -14.80 -52.56
N PHE H 26 51.79 -16.04 -52.11
CA PHE H 26 50.95 -16.58 -51.06
C PHE H 26 51.82 -17.16 -49.96
N THR H 27 51.23 -17.27 -48.77
CA THR H 27 51.97 -17.68 -47.59
C THR H 27 52.21 -19.19 -47.56
N PHE H 28 53.32 -19.57 -46.94
CA PHE H 28 53.63 -20.98 -46.67
C PHE H 28 52.86 -21.50 -45.45
N SER H 29 52.31 -20.60 -44.63
CA SER H 29 51.60 -21.02 -43.43
C SER H 29 50.41 -21.92 -43.75
N SER H 30 49.58 -21.49 -44.70
CA SER H 30 48.35 -22.24 -44.99
C SER H 30 48.63 -23.62 -45.58
N TYR H 31 49.76 -23.78 -46.27
CA TYR H 31 50.10 -25.02 -46.95
C TYR H 31 51.28 -25.71 -46.26
N ALA H 32 51.67 -26.84 -46.83
CA ALA H 32 52.92 -27.51 -46.50
C ALA H 32 53.93 -27.24 -47.60
N MET H 33 55.12 -27.82 -47.45
CA MET H 33 56.15 -27.67 -48.48
C MET H 33 57.08 -28.87 -48.42
N HIS H 34 57.81 -29.08 -49.51
CA HIS H 34 58.68 -30.24 -49.67
C HIS H 34 60.04 -29.79 -50.17
N TRP H 35 61.04 -30.62 -49.88
CA TRP H 35 62.37 -30.51 -50.47
C TRP H 35 62.61 -31.72 -51.35
N VAL H 36 63.04 -31.48 -52.58
CA VAL H 36 63.30 -32.52 -53.58
C VAL H 36 64.73 -32.35 -54.06
N ARG H 37 65.34 -33.46 -54.48
CA ARG H 37 66.72 -33.47 -54.96
C ARG H 37 66.74 -33.91 -56.42
N GLN H 38 67.65 -33.32 -57.20
CA GLN H 38 67.86 -33.73 -58.58
C GLN H 38 69.36 -33.65 -58.89
N ALA H 39 69.96 -34.79 -59.17
CA ALA H 39 71.34 -34.78 -59.62
C ALA H 39 71.40 -34.71 -61.14
N PRO H 40 72.50 -34.23 -61.72
CA PRO H 40 72.63 -34.22 -63.18
C PRO H 40 72.44 -35.60 -63.77
N GLY H 41 71.36 -35.78 -64.54
CA GLY H 41 71.01 -37.07 -65.08
C GLY H 41 70.13 -37.93 -64.21
N LYS H 42 69.80 -37.50 -63.00
CA LYS H 42 68.97 -38.25 -62.08
C LYS H 42 67.52 -37.79 -62.15
N GLY H 43 66.61 -38.70 -61.81
CA GLY H 43 65.21 -38.34 -61.70
C GLY H 43 64.92 -37.58 -60.41
N LEU H 44 63.75 -36.96 -60.39
CA LEU H 44 63.34 -36.14 -59.25
C LEU H 44 63.10 -37.03 -58.05
N GLU H 45 63.95 -36.90 -57.02
CA GLU H 45 63.86 -37.70 -55.80
C GLU H 45 63.45 -36.78 -54.66
N TRP H 46 62.24 -36.97 -54.14
CA TRP H 46 61.79 -36.20 -52.98
C TRP H 46 62.69 -36.47 -51.78
N VAL H 47 62.87 -35.43 -50.94
CA VAL H 47 63.75 -35.54 -49.79
C VAL H 47 62.97 -35.41 -48.49
N ALA H 48 62.26 -34.30 -48.31
CA ALA H 48 61.69 -34.01 -47.00
C ALA H 48 60.37 -33.27 -47.12
N VAL H 49 59.62 -33.26 -46.02
CA VAL H 49 58.34 -32.55 -45.89
C VAL H 49 58.39 -31.66 -44.66
N ILE H 50 57.73 -30.51 -44.75
CA ILE H 50 57.43 -29.65 -43.61
C ILE H 50 55.96 -29.25 -43.70
N SER H 51 55.27 -29.28 -42.56
CA SER H 51 53.84 -28.96 -42.51
C SER H 51 53.61 -28.05 -41.31
N TYR H 52 53.33 -26.77 -41.56
CA TYR H 52 53.15 -25.81 -40.49
C TYR H 52 51.77 -25.90 -39.84
N ASP H 53 50.77 -26.43 -40.56
CA ASP H 53 49.41 -26.51 -40.03
C ASP H 53 49.40 -27.17 -38.66
N GLY H 54 50.13 -28.27 -38.50
CA GLY H 54 50.34 -28.87 -37.20
C GLY H 54 51.78 -28.69 -36.76
N SER H 55 52.43 -29.80 -36.41
CA SER H 55 53.86 -29.77 -36.10
C SER H 55 54.41 -31.17 -36.29
N ASN H 56 55.15 -31.38 -37.37
CA ASN H 56 55.77 -32.67 -37.65
C ASN H 56 56.75 -32.51 -38.81
N LYS H 57 57.74 -33.39 -38.85
CA LYS H 57 58.77 -33.38 -39.88
C LYS H 57 59.01 -34.80 -40.35
N TYR H 58 58.87 -35.03 -41.67
CA TYR H 58 59.04 -36.34 -42.26
C TYR H 58 60.23 -36.31 -43.22
N TYR H 59 61.14 -37.27 -43.04
CA TYR H 59 62.37 -37.34 -43.82
C TYR H 59 62.35 -38.59 -44.69
N ALA H 60 63.21 -38.58 -45.72
CA ALA H 60 63.37 -39.74 -46.57
C ALA H 60 64.30 -40.75 -45.90
N ASP H 61 63.85 -42.00 -45.80
CA ASP H 61 64.71 -43.06 -45.30
C ASP H 61 65.72 -43.52 -46.35
N SER H 62 65.52 -43.18 -47.62
CA SER H 62 66.54 -43.44 -48.62
C SER H 62 67.76 -42.55 -48.42
N VAL H 63 67.53 -41.27 -48.16
CA VAL H 63 68.60 -40.33 -47.83
C VAL H 63 68.29 -39.78 -46.44
N LYS H 64 68.83 -40.43 -45.43
CA LYS H 64 68.53 -40.13 -44.03
C LYS H 64 69.82 -39.68 -43.34
N GLY H 65 70.10 -38.38 -43.39
CA GLY H 65 71.24 -37.81 -42.71
C GLY H 65 70.82 -36.76 -41.71
N ARG H 66 69.55 -36.83 -41.28
CA ARG H 66 68.97 -35.87 -40.34
C ARG H 66 69.07 -34.44 -40.87
N PHE H 67 68.70 -34.26 -42.14
CA PHE H 67 68.61 -32.94 -42.71
C PHE H 67 67.37 -32.26 -42.13
N THR H 68 67.55 -31.53 -41.03
CA THR H 68 66.39 -31.15 -40.22
C THR H 68 65.66 -29.95 -40.84
N ILE H 69 64.34 -30.04 -40.90
CA ILE H 69 63.51 -29.03 -41.54
C ILE H 69 62.73 -28.28 -40.47
N SER H 70 62.67 -26.96 -40.60
CA SER H 70 62.00 -26.10 -39.63
C SER H 70 61.46 -24.89 -40.38
N ARG H 71 60.73 -24.04 -39.65
CA ARG H 71 59.96 -22.96 -40.24
C ARG H 71 60.44 -21.59 -39.73
N ASP H 72 60.21 -20.57 -40.56
CA ASP H 72 60.22 -19.16 -40.15
C ASP H 72 59.02 -18.56 -40.89
N ASN H 73 57.86 -18.59 -40.25
CA ASN H 73 56.62 -18.22 -40.91
C ASN H 73 56.37 -16.71 -40.89
N SER H 74 57.15 -15.94 -40.15
CA SER H 74 57.01 -14.50 -40.18
C SER H 74 57.34 -13.93 -41.56
N LYS H 75 58.20 -14.63 -42.32
CA LYS H 75 58.58 -14.16 -43.66
C LYS H 75 58.56 -15.31 -44.67
N ASN H 76 57.61 -16.22 -44.53
CA ASN H 76 57.27 -17.16 -45.59
C ASN H 76 58.42 -18.11 -45.92
N THR H 77 59.24 -18.46 -44.92
CA THR H 77 60.51 -19.13 -45.16
C THR H 77 60.57 -20.46 -44.41
N LEU H 78 61.39 -21.37 -44.93
CA LEU H 78 61.62 -22.66 -44.30
C LEU H 78 63.07 -23.06 -44.47
N TYR H 79 63.66 -23.60 -43.40
CA TYR H 79 65.08 -23.95 -43.36
C TYR H 79 65.27 -25.45 -43.31
N LEU H 80 66.12 -25.98 -44.20
CA LEU H 80 66.58 -27.37 -44.14
C LEU H 80 68.07 -27.35 -43.87
N GLN H 81 68.48 -27.87 -42.72
CA GLN H 81 69.89 -28.00 -42.38
C GLN H 81 70.36 -29.35 -42.91
N MET H 82 71.29 -29.30 -43.87
CA MET H 82 71.95 -30.49 -44.39
C MET H 82 73.06 -30.91 -43.43
N ASN H 83 72.90 -32.09 -42.85
CA ASN H 83 73.83 -32.66 -41.89
C ASN H 83 74.32 -34.02 -42.38
N SER H 84 75.55 -34.35 -41.99
CA SER H 84 76.20 -35.61 -42.36
C SER H 84 76.11 -35.86 -43.86
N LEU H 85 76.75 -34.97 -44.62
CA LEU H 85 76.68 -35.00 -46.06
C LEU H 85 77.61 -36.06 -46.63
N ARG H 86 77.36 -36.41 -47.90
CA ARG H 86 78.19 -37.37 -48.60
C ARG H 86 78.24 -36.98 -50.07
N ALA H 87 79.24 -37.54 -50.78
CA ALA H 87 79.56 -37.08 -52.12
C ALA H 87 78.39 -37.21 -53.09
N GLU H 88 77.54 -38.21 -52.91
CA GLU H 88 76.43 -38.41 -53.84
C GLU H 88 75.36 -37.33 -53.71
N ASP H 89 75.29 -36.65 -52.56
CA ASP H 89 74.27 -35.63 -52.36
C ASP H 89 74.51 -34.38 -53.18
N THR H 90 75.62 -34.30 -53.92
CA THR H 90 75.86 -33.17 -54.82
C THR H 90 74.77 -33.12 -55.89
N ALA H 91 73.92 -32.10 -55.83
CA ALA H 91 72.74 -32.02 -56.70
C ALA H 91 72.11 -30.65 -56.53
N VAL H 92 71.06 -30.39 -57.31
CA VAL H 92 70.26 -29.18 -57.17
C VAL H 92 69.05 -29.51 -56.32
N TYR H 93 68.73 -28.61 -55.39
CA TYR H 93 67.62 -28.80 -54.47
C TYR H 93 66.44 -27.93 -54.88
N TYR H 94 65.24 -28.47 -54.74
CA TYR H 94 64.02 -27.82 -55.22
C TYR H 94 63.02 -27.72 -54.09
N CYS H 95 62.44 -26.53 -53.93
CA CYS H 95 61.39 -26.28 -52.95
C CYS H 95 60.05 -26.48 -53.65
N ALA H 96 59.32 -27.52 -53.27
CA ALA H 96 58.19 -28.01 -54.04
C ALA H 96 56.91 -28.05 -53.21
N ARG H 97 55.81 -28.30 -53.91
CA ARG H 97 54.50 -28.45 -53.30
C ARG H 97 53.68 -29.41 -54.15
N HIS H 98 52.95 -30.31 -53.49
CA HIS H 98 52.23 -31.37 -54.17
C HIS H 98 50.74 -31.03 -54.25
N ALA H 99 50.21 -31.05 -55.47
CA ALA H 99 48.77 -30.85 -55.70
C ALA H 99 48.07 -32.20 -55.68
N THR H 100 47.57 -32.57 -54.50
CA THR H 100 46.92 -33.87 -54.31
C THR H 100 45.39 -33.76 -54.36
N LEU H 101 44.90 -33.50 -55.58
CA LEU H 101 43.49 -33.67 -55.92
C LEU H 101 42.58 -32.62 -55.28
N MET H 102 43.13 -31.74 -54.44
CA MET H 102 42.35 -30.71 -53.78
C MET H 102 42.75 -29.30 -54.19
N ASN H 103 44.03 -28.95 -54.02
CA ASN H 103 44.53 -27.63 -54.37
C ASN H 103 45.37 -27.70 -55.63
N ASN H 104 45.65 -26.52 -56.19
CA ASN H 104 46.55 -26.37 -57.34
C ASN H 104 47.59 -25.34 -56.96
N LYS H 105 48.64 -25.79 -56.26
CA LYS H 105 49.67 -24.89 -55.74
C LYS H 105 51.06 -25.46 -55.95
N ASP H 106 51.25 -26.28 -56.97
CA ASP H 106 52.55 -26.90 -57.20
C ASP H 106 53.54 -25.85 -57.70
N ILE H 107 54.27 -25.23 -56.77
CA ILE H 107 55.22 -24.18 -57.07
C ILE H 107 56.63 -24.68 -56.77
N TRP H 108 57.57 -24.33 -57.64
CA TRP H 108 58.95 -24.78 -57.53
C TRP H 108 59.88 -23.58 -57.63
N GLY H 109 60.93 -23.60 -56.82
CA GLY H 109 61.92 -22.54 -56.85
C GLY H 109 62.83 -22.65 -58.05
N GLN H 110 63.81 -21.75 -58.09
CA GLN H 110 64.79 -21.79 -59.17
C GLN H 110 65.75 -22.95 -59.02
N GLY H 111 66.01 -23.38 -57.79
CA GLY H 111 66.90 -24.50 -57.55
C GLY H 111 68.36 -24.09 -57.47
N THR H 112 69.01 -24.43 -56.37
CA THR H 112 70.42 -24.12 -56.17
C THR H 112 71.22 -25.40 -56.03
N LEU H 113 72.51 -25.29 -56.34
CA LEU H 113 73.42 -26.44 -56.42
C LEU H 113 74.20 -26.57 -55.13
N VAL H 114 74.07 -27.72 -54.47
CA VAL H 114 74.92 -28.09 -53.35
C VAL H 114 75.93 -29.11 -53.83
N THR H 115 77.17 -28.99 -53.39
CA THR H 115 78.27 -29.85 -53.81
C THR H 115 78.97 -30.38 -52.58
N VAL H 116 79.06 -31.71 -52.46
CA VAL H 116 79.74 -32.31 -51.32
C VAL H 116 81.07 -32.90 -51.80
N SER H 117 82.13 -32.11 -51.70
CA SER H 117 83.45 -32.55 -52.12
C SER H 117 84.50 -31.72 -51.38
N SER H 118 85.65 -32.34 -51.13
CA SER H 118 86.76 -31.64 -50.48
C SER H 118 87.51 -30.72 -51.43
N ALA H 119 87.24 -30.79 -52.72
CA ALA H 119 87.87 -29.95 -53.71
C ALA H 119 86.92 -28.83 -54.11
N SER H 120 87.32 -27.59 -53.84
CA SER H 120 86.49 -26.44 -54.17
C SER H 120 86.38 -26.24 -55.68
N GLY I 1 56.69 -51.74 -46.83
CA GLY I 1 57.76 -51.17 -47.63
C GLY I 1 57.30 -50.02 -48.50
N ASP I 2 58.21 -49.46 -49.30
CA ASP I 2 57.86 -48.36 -50.18
C ASP I 2 57.11 -48.87 -51.42
N ILE I 3 56.38 -47.95 -52.04
CA ILE I 3 55.58 -48.25 -53.21
C ILE I 3 56.42 -47.99 -54.45
N GLN I 4 56.69 -49.05 -55.22
CA GLN I 4 57.57 -48.95 -56.37
C GLN I 4 56.80 -48.54 -57.62
N LEU I 5 57.45 -47.75 -58.45
CA LEU I 5 56.91 -47.35 -59.75
C LEU I 5 57.86 -47.78 -60.85
N THR I 6 57.31 -48.03 -62.04
CA THR I 6 58.11 -48.32 -63.22
C THR I 6 57.50 -47.62 -64.42
N GLN I 7 58.31 -46.80 -65.08
CA GLN I 7 57.86 -46.00 -66.22
C GLN I 7 58.37 -46.65 -67.51
N SER I 8 57.44 -47.06 -68.37
CA SER I 8 57.80 -47.72 -69.66
C SER I 8 57.21 -46.92 -70.82
N PRO I 9 58.03 -46.51 -71.82
CA PRO I 9 59.47 -46.72 -71.79
C PRO I 9 60.22 -45.55 -71.15
N SER I 10 61.34 -45.82 -70.50
CA SER I 10 62.14 -44.78 -69.86
C SER I 10 62.66 -43.76 -70.86
N SER I 11 62.68 -44.10 -72.15
CA SER I 11 63.09 -43.19 -73.21
C SER I 11 62.48 -43.68 -74.51
N LEU I 12 61.99 -42.75 -75.33
CA LEU I 12 61.36 -43.11 -76.59
C LEU I 12 61.59 -41.97 -77.58
N SER I 13 62.22 -42.28 -78.71
CA SER I 13 62.44 -41.31 -79.78
C SER I 13 61.24 -41.33 -80.71
N ALA I 14 60.54 -40.21 -80.82
CA ALA I 14 59.31 -40.10 -81.58
C ALA I 14 59.47 -39.15 -82.75
N SER I 15 58.38 -38.97 -83.50
CA SER I 15 58.36 -38.11 -84.67
C SER I 15 57.17 -37.18 -84.61
N VAL I 16 56.89 -36.47 -85.70
CA VAL I 16 55.80 -35.50 -85.71
C VAL I 16 54.46 -36.22 -85.70
N GLY I 17 53.61 -35.88 -84.73
CA GLY I 17 52.22 -36.30 -84.74
C GLY I 17 51.97 -37.79 -84.56
N ASP I 18 52.68 -38.45 -83.66
CA ASP I 18 52.42 -39.85 -83.36
C ASP I 18 51.42 -39.97 -82.21
N ARG I 19 51.19 -41.22 -81.78
CA ARG I 19 50.29 -41.56 -80.68
C ARG I 19 51.10 -42.41 -79.71
N VAL I 20 51.84 -41.76 -78.82
CA VAL I 20 52.75 -42.46 -77.91
C VAL I 20 52.01 -42.82 -76.63
N THR I 21 52.42 -43.94 -76.04
CA THR I 21 51.74 -44.54 -74.89
C THR I 21 52.76 -44.72 -73.77
N ILE I 22 52.77 -43.81 -72.80
CA ILE I 22 53.72 -43.85 -71.69
C ILE I 22 53.02 -44.45 -70.48
N THR I 23 53.33 -45.69 -70.15
CA THR I 23 52.69 -46.33 -69.02
C THR I 23 53.51 -46.16 -67.75
N CYS I 24 52.84 -45.91 -66.64
CA CYS I 24 53.43 -45.93 -65.32
C CYS I 24 52.72 -47.05 -64.55
N ARG I 25 53.46 -48.11 -64.24
CA ARG I 25 52.92 -49.23 -63.49
C ARG I 25 53.37 -49.14 -62.05
N ALA I 26 52.46 -49.46 -61.13
CA ALA I 26 52.70 -49.31 -59.70
C ALA I 26 52.82 -50.67 -59.04
N SER I 27 53.57 -50.71 -57.94
CA SER I 27 53.72 -51.94 -57.18
C SER I 27 52.46 -52.30 -56.42
N GLN I 28 51.59 -51.33 -56.14
CA GLN I 28 50.36 -51.56 -55.41
C GLN I 28 49.18 -51.05 -56.24
N SER I 29 47.98 -51.22 -55.68
CA SER I 29 46.74 -50.80 -56.36
C SER I 29 46.37 -49.40 -55.88
N ILE I 30 46.71 -48.39 -56.68
CA ILE I 30 46.41 -46.99 -56.37
C ILE I 30 45.21 -46.57 -57.20
N SER I 31 44.17 -46.06 -56.53
CA SER I 31 42.91 -45.76 -57.20
C SER I 31 43.10 -44.77 -58.35
N SER I 32 43.48 -43.53 -58.04
CA SER I 32 43.76 -42.54 -59.08
C SER I 32 44.92 -41.63 -58.73
N TYR I 33 45.62 -41.87 -57.62
CA TYR I 33 46.63 -40.93 -57.12
C TYR I 33 47.90 -41.03 -57.97
N LEU I 34 47.78 -40.57 -59.21
CA LEU I 34 48.93 -40.47 -60.11
C LEU I 34 48.79 -39.20 -60.94
N ASN I 35 49.93 -38.54 -61.17
CA ASN I 35 50.00 -37.29 -61.91
C ASN I 35 51.11 -37.40 -62.96
N TRP I 36 51.09 -36.44 -63.88
CA TRP I 36 52.02 -36.39 -64.99
C TRP I 36 52.65 -35.00 -65.07
N TYR I 37 53.95 -34.97 -65.33
CA TYR I 37 54.72 -33.73 -65.34
C TYR I 37 55.50 -33.62 -66.64
N GLN I 38 55.48 -32.43 -67.24
CA GLN I 38 56.33 -32.07 -68.37
C GLN I 38 57.49 -31.23 -67.88
N GLN I 39 58.68 -31.47 -68.44
CA GLN I 39 59.86 -30.72 -68.02
C GLN I 39 60.91 -30.80 -69.12
N LYS I 40 61.21 -29.66 -69.73
CA LYS I 40 62.45 -29.53 -70.49
C LYS I 40 63.63 -29.59 -69.50
N PRO I 41 64.78 -30.09 -69.95
CA PRO I 41 65.93 -30.18 -69.03
C PRO I 41 66.36 -28.81 -68.51
N GLY I 42 66.16 -28.58 -67.22
CA GLY I 42 66.48 -27.31 -66.59
C GLY I 42 65.27 -26.50 -66.19
N LYS I 43 64.06 -26.93 -66.54
CA LYS I 43 62.84 -26.20 -66.22
C LYS I 43 62.17 -26.82 -65.00
N ALA I 44 61.02 -26.22 -64.61
CA ALA I 44 60.21 -26.73 -63.51
C ALA I 44 59.21 -27.75 -64.02
N PRO I 45 58.87 -28.75 -63.20
CA PRO I 45 57.93 -29.79 -63.66
C PRO I 45 56.52 -29.25 -63.85
N LYS I 46 56.09 -29.14 -65.09
CA LYS I 46 54.76 -28.63 -65.43
C LYS I 46 53.76 -29.77 -65.36
N LEU I 47 52.81 -29.68 -64.43
CA LEU I 47 51.81 -30.72 -64.28
C LEU I 47 50.96 -30.84 -65.54
N LEU I 48 50.78 -32.07 -66.01
CA LEU I 48 50.02 -32.37 -67.22
C LEU I 48 48.66 -32.99 -66.92
N ILE I 49 48.64 -34.04 -66.11
CA ILE I 49 47.42 -34.73 -65.72
C ILE I 49 47.44 -34.90 -64.21
N TYR I 50 46.33 -34.56 -63.56
CA TYR I 50 46.16 -34.84 -62.14
C TYR I 50 45.03 -35.83 -61.95
N ALA I 51 45.15 -36.65 -60.91
CA ALA I 51 44.29 -37.82 -60.66
C ALA I 51 44.39 -38.86 -61.77
N ALA I 52 45.37 -38.72 -62.66
CA ALA I 52 45.69 -39.70 -63.71
C ALA I 52 44.57 -39.88 -64.72
N SER I 53 43.48 -39.12 -64.58
CA SER I 53 42.40 -39.18 -65.57
C SER I 53 41.78 -37.82 -65.85
N SER I 54 42.52 -36.73 -65.64
CA SER I 54 41.93 -35.39 -65.77
C SER I 54 42.96 -34.43 -66.35
N LEU I 55 42.54 -33.66 -67.35
CA LEU I 55 43.42 -32.72 -68.02
C LEU I 55 43.76 -31.55 -67.08
N GLN I 56 44.70 -30.71 -67.53
CA GLN I 56 45.12 -29.54 -66.79
C GLN I 56 44.90 -28.29 -67.65
N SER I 57 44.67 -27.16 -66.98
CA SER I 57 44.45 -25.90 -67.68
C SER I 57 45.71 -25.50 -68.44
N GLY I 58 45.52 -24.91 -69.62
CA GLY I 58 46.60 -24.53 -70.49
C GLY I 58 47.10 -25.65 -71.39
N VAL I 59 46.92 -26.89 -70.99
CA VAL I 59 47.33 -28.05 -71.77
C VAL I 59 46.10 -28.57 -72.52
N PRO I 60 46.13 -28.61 -73.86
CA PRO I 60 44.96 -29.09 -74.60
C PRO I 60 44.76 -30.59 -74.48
N SER I 61 43.77 -31.13 -75.19
CA SER I 61 43.46 -32.55 -75.12
C SER I 61 44.50 -33.42 -75.81
N ARG I 62 45.58 -32.85 -76.34
CA ARG I 62 46.65 -33.67 -76.91
C ARG I 62 47.26 -34.58 -75.86
N PHE I 63 47.26 -34.16 -74.60
CA PHE I 63 47.57 -35.04 -73.49
C PHE I 63 46.28 -35.68 -72.97
N SER I 64 46.39 -36.91 -72.51
CA SER I 64 45.22 -37.62 -71.99
C SER I 64 45.71 -38.71 -71.04
N GLY I 65 45.43 -38.54 -69.75
CA GLY I 65 45.76 -39.55 -68.77
C GLY I 65 44.60 -40.51 -68.54
N SER I 66 44.93 -41.76 -68.30
CA SER I 66 43.92 -42.79 -68.05
C SER I 66 44.51 -43.85 -67.14
N GLY I 67 43.66 -44.76 -66.69
CA GLY I 67 44.09 -45.90 -65.90
C GLY I 67 43.64 -45.80 -64.44
N SER I 68 44.00 -46.82 -63.70
CA SER I 68 43.64 -46.94 -62.28
C SER I 68 44.43 -48.11 -61.70
N GLY I 69 44.19 -48.41 -60.43
CA GLY I 69 44.82 -49.54 -59.76
C GLY I 69 46.34 -49.46 -59.76
N THR I 70 46.97 -50.35 -60.52
CA THR I 70 48.41 -50.34 -60.69
C THR I 70 48.86 -49.76 -62.02
N ASP I 71 47.95 -49.64 -62.99
CA ASP I 71 48.31 -49.35 -64.38
C ASP I 71 47.78 -47.97 -64.74
N PHE I 72 48.68 -47.05 -65.10
CA PHE I 72 48.29 -45.73 -65.55
C PHE I 72 48.98 -45.43 -66.87
N THR I 73 48.38 -44.55 -67.67
CA THR I 73 48.89 -44.29 -69.01
C THR I 73 48.73 -42.83 -69.38
N LEU I 74 49.83 -42.22 -69.81
CA LEU I 74 49.83 -40.93 -70.50
C LEU I 74 49.72 -41.23 -71.99
N THR I 75 48.57 -40.91 -72.58
CA THR I 75 48.27 -41.24 -73.97
C THR I 75 48.26 -39.93 -74.75
N ILE I 76 49.43 -39.54 -75.25
CA ILE I 76 49.59 -38.26 -75.93
C ILE I 76 49.22 -38.41 -77.41
N SER I 77 48.50 -37.42 -77.94
CA SER I 77 48.03 -37.43 -79.31
C SER I 77 48.54 -36.22 -80.06
N SER I 78 48.72 -36.37 -81.37
CA SER I 78 49.08 -35.28 -82.28
C SER I 78 50.32 -34.55 -81.79
N LEU I 79 51.42 -35.29 -81.74
CA LEU I 79 52.65 -34.81 -81.15
C LEU I 79 53.22 -33.65 -81.97
N GLN I 80 53.22 -32.44 -81.39
CA GLN I 80 53.84 -31.30 -82.04
C GLN I 80 55.26 -31.09 -81.51
N PRO I 81 56.11 -30.36 -82.26
CA PRO I 81 57.54 -30.30 -81.91
C PRO I 81 57.83 -29.79 -80.51
N GLU I 82 56.92 -29.07 -79.86
CA GLU I 82 57.17 -28.58 -78.50
C GLU I 82 56.73 -29.58 -77.44
N ASP I 83 56.32 -30.78 -77.84
CA ASP I 83 55.97 -31.84 -76.91
C ASP I 83 57.18 -32.68 -76.52
N PHE I 84 58.28 -32.59 -77.25
CA PHE I 84 59.45 -33.44 -77.02
C PHE I 84 60.19 -32.94 -75.79
N ALA I 85 59.93 -33.57 -74.65
CA ALA I 85 60.51 -33.16 -73.39
C ALA I 85 60.69 -34.38 -72.50
N THR I 86 61.02 -34.13 -71.23
CA THR I 86 61.13 -35.17 -70.22
C THR I 86 59.84 -35.23 -69.42
N TYR I 87 59.16 -36.37 -69.47
CA TYR I 87 57.88 -36.53 -68.80
C TYR I 87 58.03 -37.47 -67.60
N TYR I 88 57.22 -37.22 -66.58
CA TYR I 88 57.33 -37.91 -65.31
C TYR I 88 55.95 -38.38 -64.85
N CYS I 89 55.91 -39.56 -64.23
CA CYS I 89 54.72 -40.02 -63.53
C CYS I 89 54.99 -39.96 -62.02
N GLN I 90 53.97 -39.55 -61.28
CA GLN I 90 54.09 -39.31 -59.85
C GLN I 90 52.95 -40.02 -59.12
N GLN I 91 53.29 -40.69 -58.01
CA GLN I 91 52.28 -41.26 -57.13
C GLN I 91 52.02 -40.31 -55.96
N SER I 92 50.79 -40.34 -55.47
CA SER I 92 50.40 -39.58 -54.29
C SER I 92 49.53 -40.41 -53.36
N TYR I 93 49.74 -41.73 -53.37
CA TYR I 93 48.90 -42.64 -52.58
C TYR I 93 49.27 -42.61 -51.11
N SER I 94 50.53 -42.91 -50.79
CA SER I 94 51.02 -42.95 -49.42
C SER I 94 52.34 -42.19 -49.34
N THR I 95 52.83 -42.02 -48.11
CA THR I 95 54.10 -41.35 -47.86
C THR I 95 55.17 -42.37 -47.54
N PRO I 96 56.38 -42.26 -48.11
CA PRO I 96 56.84 -41.17 -48.99
C PRO I 96 56.34 -41.23 -50.43
N ARG I 97 56.45 -40.11 -51.14
CA ARG I 97 56.04 -40.00 -52.53
C ARG I 97 57.21 -40.34 -53.45
N THR I 98 56.92 -41.14 -54.48
CA THR I 98 57.93 -41.55 -55.45
C THR I 98 57.52 -41.08 -56.83
N PHE I 99 58.49 -40.57 -57.59
CA PHE I 99 58.28 -40.12 -58.96
C PHE I 99 58.85 -41.14 -59.93
N GLY I 100 58.36 -41.09 -61.16
CA GLY I 100 58.90 -41.95 -62.20
C GLY I 100 60.33 -41.58 -62.54
N GLN I 101 61.03 -42.54 -63.16
CA GLN I 101 62.41 -42.31 -63.56
C GLN I 101 62.53 -41.31 -64.70
N GLY I 102 61.42 -40.91 -65.31
CA GLY I 102 61.45 -39.95 -66.39
C GLY I 102 61.42 -40.62 -67.76
N THR I 103 60.63 -40.07 -68.67
CA THR I 103 60.56 -40.55 -70.04
C THR I 103 60.77 -39.38 -70.99
N LYS I 104 61.66 -39.56 -71.95
CA LYS I 104 62.10 -38.48 -72.83
C LYS I 104 61.59 -38.72 -74.24
N VAL I 105 60.66 -37.90 -74.68
CA VAL I 105 60.24 -37.88 -76.08
C VAL I 105 61.19 -36.97 -76.85
N GLU I 106 61.75 -37.48 -77.94
CA GLU I 106 62.71 -36.72 -78.71
C GLU I 106 62.46 -36.93 -80.21
N ILE I 107 62.88 -35.94 -80.99
CA ILE I 107 62.63 -35.94 -82.43
C ILE I 107 63.66 -36.80 -83.15
N LYS I 108 63.22 -37.40 -84.25
CA LYS I 108 64.11 -38.18 -85.11
C LYS I 108 64.09 -37.63 -86.54
N GLN J 1 29.44 -48.71 53.83
CA GLN J 1 30.69 -48.88 54.56
C GLN J 1 30.51 -49.76 55.79
N GLN J 2 29.26 -50.14 56.06
CA GLN J 2 28.97 -50.95 57.24
C GLN J 2 27.67 -51.71 57.01
N LEU J 3 27.56 -52.88 57.63
CA LEU J 3 26.41 -53.75 57.48
C LEU J 3 25.93 -54.24 58.84
N VAL J 4 24.64 -54.07 59.12
CA VAL J 4 24.03 -54.57 60.35
C VAL J 4 23.03 -55.66 59.97
N GLU J 5 23.01 -56.72 60.77
CA GLU J 5 22.11 -57.85 60.55
C GLU J 5 21.22 -58.04 61.76
N SER J 6 20.04 -58.62 61.53
CA SER J 6 19.06 -58.77 62.60
C SER J 6 19.54 -59.77 63.64
N GLY J 7 18.82 -59.84 64.74
CA GLY J 7 19.17 -60.74 65.83
C GLY J 7 18.83 -62.18 65.54
N GLY J 8 19.84 -63.04 65.56
CA GLY J 8 19.62 -64.47 65.39
C GLY J 8 19.34 -65.17 66.69
N GLY J 9 19.10 -66.47 66.59
CA GLY J 9 18.76 -67.26 67.76
C GLY J 9 18.34 -68.66 67.36
N VAL J 10 17.74 -69.36 68.32
CA VAL J 10 17.27 -70.72 68.14
C VAL J 10 15.84 -70.68 67.63
N VAL J 11 15.50 -71.65 66.78
CA VAL J 11 14.16 -71.75 66.21
C VAL J 11 13.83 -73.22 66.01
N GLN J 12 12.57 -73.58 66.21
CA GLN J 12 12.14 -74.94 65.96
C GLN J 12 12.18 -75.22 64.46
N PRO J 13 12.65 -76.41 64.05
CA PRO J 13 12.76 -76.70 62.63
C PRO J 13 11.43 -76.64 61.91
N GLY J 14 11.48 -76.36 60.61
CA GLY J 14 10.30 -76.22 59.80
C GLY J 14 9.64 -74.85 59.84
N ARG J 15 10.18 -73.92 60.62
CA ARG J 15 9.62 -72.59 60.73
C ARG J 15 10.27 -71.65 59.72
N SER J 16 9.97 -70.35 59.81
CA SER J 16 10.50 -69.36 58.90
C SER J 16 10.89 -68.12 59.69
N LEU J 17 12.03 -67.52 59.34
CA LEU J 17 12.49 -66.32 60.04
C LEU J 17 12.96 -65.28 59.03
N ARG J 18 12.55 -64.04 59.23
CA ARG J 18 13.03 -62.94 58.40
C ARG J 18 14.39 -62.45 58.94
N LEU J 19 15.37 -62.38 58.05
CA LEU J 19 16.73 -61.94 58.39
C LEU J 19 17.04 -60.68 57.58
N SER J 20 17.36 -59.60 58.28
CA SER J 20 17.58 -58.31 57.64
C SER J 20 19.07 -58.00 57.55
N CYS J 21 19.47 -57.41 56.42
CA CYS J 21 20.81 -56.84 56.24
C CYS J 21 20.63 -55.39 55.81
N ALA J 22 20.91 -54.45 56.71
CA ALA J 22 20.84 -53.04 56.41
C ALA J 22 22.25 -52.47 56.23
N ALA J 23 22.41 -51.62 55.22
CA ALA J 23 23.72 -51.09 54.89
C ALA J 23 23.81 -49.61 55.28
N SER J 24 25.04 -49.15 55.38
CA SER J 24 25.34 -47.76 55.69
C SER J 24 26.65 -47.38 55.02
N GLY J 25 26.84 -46.08 54.82
CA GLY J 25 27.96 -45.58 54.05
C GLY J 25 27.61 -45.37 52.60
N PHE J 26 27.36 -46.45 51.87
CA PHE J 26 26.88 -46.37 50.50
C PHE J 26 25.62 -47.23 50.36
N THR J 27 24.83 -46.92 49.33
CA THR J 27 23.54 -47.54 49.14
C THR J 27 23.68 -48.94 48.54
N PHE J 28 22.72 -49.80 48.89
CA PHE J 28 22.60 -51.12 48.28
C PHE J 28 21.93 -51.05 46.91
N SER J 29 21.28 -49.94 46.59
CA SER J 29 20.57 -49.81 45.32
C SER J 29 21.52 -49.97 44.13
N SER J 30 22.64 -49.25 44.15
CA SER J 30 23.54 -49.26 43.01
C SER J 30 24.18 -50.62 42.78
N TYR J 31 24.35 -51.41 43.83
CA TYR J 31 25.02 -52.69 43.75
C TYR J 31 24.05 -53.84 43.96
N ALA J 32 24.58 -55.05 43.94
CA ALA J 32 23.87 -56.25 44.37
C ALA J 32 24.39 -56.65 45.74
N MET J 33 23.85 -57.76 46.26
CA MET J 33 24.32 -58.27 47.54
C MET J 33 24.08 -59.76 47.60
N HIS J 34 24.78 -60.42 48.52
CA HIS J 34 24.74 -61.87 48.64
C HIS J 34 24.55 -62.27 50.10
N TRP J 35 24.01 -63.46 50.28
CA TRP J 35 23.96 -64.12 51.58
C TRP J 35 24.84 -65.35 51.54
N VAL J 36 25.74 -65.48 52.53
CA VAL J 36 26.68 -66.58 52.63
C VAL J 36 26.48 -67.25 53.99
N ARG J 37 26.79 -68.54 54.06
CA ARG J 37 26.65 -69.31 55.30
C ARG J 37 28.00 -69.81 55.75
N GLN J 38 28.22 -69.86 57.06
CA GLN J 38 29.43 -70.46 57.62
C GLN J 38 29.05 -71.20 58.90
N ALA J 39 29.25 -72.50 58.90
CA ALA J 39 29.07 -73.27 60.12
C ALA J 39 30.39 -73.37 60.87
N PRO J 40 30.35 -73.59 62.20
CA PRO J 40 31.60 -73.77 62.95
C PRO J 40 32.46 -74.90 62.37
N GLY J 41 33.60 -74.53 61.82
CA GLY J 41 34.47 -75.49 61.16
C GLY J 41 34.21 -75.68 59.68
N LYS J 42 33.20 -75.03 59.12
CA LYS J 42 32.87 -75.16 57.72
C LYS J 42 33.45 -74.00 56.91
N GLY J 43 33.69 -74.26 55.62
CA GLY J 43 34.11 -73.21 54.72
C GLY J 43 32.97 -72.30 54.32
N LEU J 44 33.33 -71.14 53.77
CA LEU J 44 32.34 -70.14 53.38
C LEU J 44 31.53 -70.67 52.20
N GLU J 45 30.24 -70.92 52.43
CA GLU J 45 29.33 -71.44 51.41
C GLU J 45 28.31 -70.35 51.07
N TRP J 46 28.39 -69.82 49.85
CA TRP J 46 27.43 -68.84 49.39
C TRP J 46 26.03 -69.44 49.38
N VAL J 47 25.03 -68.59 49.66
CA VAL J 47 23.64 -69.04 49.74
C VAL J 47 22.80 -68.40 48.65
N ALA J 48 22.74 -67.08 48.62
CA ALA J 48 21.76 -66.42 47.76
C ALA J 48 22.29 -65.10 47.22
N VAL J 49 21.62 -64.60 46.17
CA VAL J 49 21.93 -63.33 45.54
C VAL J 49 20.66 -62.49 45.47
N ILE J 50 20.81 -61.18 45.61
CA ILE J 50 19.78 -60.20 45.31
C ILE J 50 20.40 -59.09 44.47
N SER J 51 19.69 -58.65 43.45
CA SER J 51 20.19 -57.62 42.54
C SER J 51 19.06 -56.63 42.28
N TYR J 52 19.18 -55.43 42.84
CA TYR J 52 18.14 -54.42 42.71
C TYR J 52 18.16 -53.72 41.36
N ASP J 53 19.30 -53.70 40.68
CA ASP J 53 19.42 -52.99 39.41
C ASP J 53 18.32 -53.43 38.44
N GLY J 54 18.07 -54.72 38.35
CA GLY J 54 16.92 -55.23 37.63
C GLY J 54 15.90 -55.81 38.58
N SER J 55 15.50 -57.06 38.33
CA SER J 55 14.62 -57.76 39.27
C SER J 55 14.80 -59.26 39.05
N ASN J 56 15.49 -59.93 39.97
CA ASN J 56 15.69 -61.36 39.90
C ASN J 56 16.29 -61.84 41.21
N LYS J 57 16.06 -63.11 41.52
CA LYS J 57 16.54 -63.73 42.74
C LYS J 57 17.12 -65.10 42.41
N TYR J 58 18.37 -65.33 42.78
CA TYR J 58 19.06 -66.58 42.50
C TYR J 58 19.40 -67.27 43.82
N TYR J 59 19.03 -68.54 43.93
CA TYR J 59 19.22 -69.31 45.15
C TYR J 59 20.22 -70.44 44.90
N ALA J 60 20.77 -70.97 45.97
CA ALA J 60 21.66 -72.12 45.89
C ALA J 60 20.86 -73.40 45.77
N ASP J 61 21.17 -74.21 44.76
CA ASP J 61 20.55 -75.51 44.64
C ASP J 61 21.13 -76.53 45.61
N SER J 62 22.29 -76.23 46.20
CA SER J 62 22.80 -77.09 47.27
C SER J 62 21.96 -76.97 48.53
N VAL J 63 21.59 -75.75 48.89
CA VAL J 63 20.69 -75.49 50.02
C VAL J 63 19.49 -74.73 49.44
N LYS J 64 18.46 -75.48 49.05
CA LYS J 64 17.29 -74.95 48.37
C LYS J 64 16.06 -75.19 49.24
N GLY J 65 15.77 -74.24 50.11
CA GLY J 65 14.58 -74.32 50.94
C GLY J 65 13.68 -73.11 50.72
N ARG J 66 13.85 -72.47 49.56
CA ARG J 66 13.10 -71.28 49.19
C ARG J 66 13.27 -70.17 50.23
N PHE J 67 14.52 -69.94 50.61
CA PHE J 67 14.85 -68.81 51.48
C PHE J 67 14.73 -67.53 50.65
N THR J 68 13.56 -66.91 50.67
CA THR J 68 13.25 -65.91 49.65
C THR J 68 13.89 -64.58 49.99
N ILE J 69 14.52 -63.95 48.99
CA ILE J 69 15.27 -62.71 49.18
C ILE J 69 14.52 -61.57 48.50
N SER J 70 14.43 -60.44 49.20
CA SER J 70 13.71 -59.27 48.70
C SER J 70 14.38 -58.02 49.26
N ARG J 71 13.89 -56.86 48.83
CA ARG J 71 14.55 -55.59 49.07
C ARG J 71 13.66 -54.66 49.89
N ASP J 72 14.32 -53.74 50.61
CA ASP J 72 13.70 -52.52 51.14
C ASP J 72 14.77 -51.45 50.90
N ASN J 73 14.69 -50.80 49.74
CA ASN J 73 15.73 -49.88 49.31
C ASN J 73 15.57 -48.48 49.87
N SER J 74 14.43 -48.18 50.51
CA SER J 74 14.27 -46.89 51.16
C SER J 74 15.26 -46.71 52.31
N LYS J 75 15.70 -47.80 52.93
CA LYS J 75 16.65 -47.73 54.04
C LYS J 75 17.76 -48.78 53.89
N ASN J 76 18.19 -49.04 52.67
CA ASN J 76 19.44 -49.74 52.41
C ASN J 76 19.42 -51.19 52.93
N THR J 77 18.24 -51.82 52.91
CA THR J 77 18.03 -53.08 53.61
C THR J 77 17.57 -54.17 52.65
N LEU J 78 17.84 -55.41 53.03
CA LEU J 78 17.41 -56.57 52.25
C LEU J 78 17.02 -57.70 53.19
N TYR J 79 15.92 -58.37 52.89
CA TYR J 79 15.35 -59.41 53.74
C TYR J 79 15.49 -60.78 53.09
N LEU J 80 16.01 -61.75 53.84
CA LEU J 80 16.01 -63.15 53.45
C LEU J 80 15.13 -63.91 54.45
N GLN J 81 14.02 -64.46 53.96
CA GLN J 81 13.16 -65.29 54.78
C GLN J 81 13.65 -66.73 54.68
N MET J 82 14.11 -67.26 55.81
CA MET J 82 14.51 -68.66 55.94
C MET J 82 13.26 -69.51 56.11
N ASN J 83 13.02 -70.38 55.13
CA ASN J 83 11.86 -71.27 55.10
C ASN J 83 12.33 -72.72 54.99
N SER J 84 11.53 -73.62 55.56
CA SER J 84 11.80 -75.06 55.55
C SER J 84 13.22 -75.35 56.04
N LEU J 85 13.47 -74.98 57.29
CA LEU J 85 14.79 -75.11 57.88
C LEU J 85 15.09 -76.54 58.28
N ARG J 86 16.38 -76.82 58.48
CA ARG J 86 16.83 -78.13 58.93
C ARG J 86 18.05 -77.96 59.82
N ALA J 87 18.35 -79.01 60.58
CA ALA J 87 19.33 -78.91 61.66
C ALA J 87 20.71 -78.47 61.17
N GLU J 88 21.09 -78.86 59.94
CA GLU J 88 22.41 -78.52 59.44
C GLU J 88 22.55 -77.04 59.15
N ASP J 89 21.44 -76.32 58.92
CA ASP J 89 21.52 -74.90 58.59
C ASP J 89 21.93 -74.05 59.78
N THR J 90 22.10 -74.62 60.96
CA THR J 90 22.61 -73.88 62.11
C THR J 90 24.01 -73.35 61.81
N ALA J 91 24.14 -72.03 61.68
CA ALA J 91 25.40 -71.43 61.25
C ALA J 91 25.27 -69.92 61.40
N VAL J 92 26.36 -69.21 61.11
CA VAL J 92 26.37 -67.76 61.07
C VAL J 92 26.18 -67.31 59.63
N TYR J 93 25.32 -66.31 59.44
CA TYR J 93 25.01 -65.81 58.11
C TYR J 93 25.73 -64.48 57.87
N TYR J 94 26.20 -64.28 56.64
CA TYR J 94 27.02 -63.14 56.28
C TYR J 94 26.41 -62.42 55.09
N CYS J 95 26.31 -61.10 55.20
CA CYS J 95 25.84 -60.24 54.12
C CYS J 95 27.06 -59.77 53.34
N ALA J 96 27.21 -60.23 52.10
CA ALA J 96 28.47 -60.11 51.37
C ALA J 96 28.26 -59.40 50.04
N ARG J 97 29.39 -59.09 49.41
CA ARG J 97 29.44 -58.45 48.10
C ARG J 97 30.70 -58.92 47.38
N HIS J 98 30.57 -59.23 46.10
CA HIS J 98 31.67 -59.80 45.32
C HIS J 98 32.31 -58.73 44.44
N ALA J 99 33.62 -58.58 44.58
CA ALA J 99 34.39 -57.66 43.74
C ALA J 99 34.90 -58.43 42.53
N THR J 100 34.14 -58.38 41.44
CA THR J 100 34.46 -59.11 40.21
C THR J 100 35.13 -58.22 39.18
N LEU J 101 36.37 -57.84 39.48
CA LEU J 101 37.30 -57.27 38.50
C LEU J 101 36.93 -55.85 38.09
N MET J 102 35.81 -55.33 38.56
CA MET J 102 35.36 -53.99 38.22
C MET J 102 35.32 -53.05 39.41
N ASN J 103 34.56 -53.40 40.45
CA ASN J 103 34.44 -52.58 41.64
C ASN J 103 35.22 -53.19 42.79
N ASN J 104 35.40 -52.40 43.85
CA ASN J 104 36.02 -52.85 45.09
C ASN J 104 35.06 -52.49 46.22
N LYS J 105 34.08 -53.37 46.46
CA LYS J 105 33.02 -53.10 47.43
C LYS J 105 32.72 -54.34 48.26
N ASP J 106 33.70 -55.23 48.44
CA ASP J 106 33.46 -56.45 49.20
C ASP J 106 33.30 -56.14 50.68
N ILE J 107 32.06 -55.92 51.11
CA ILE J 107 31.75 -55.55 52.48
C ILE J 107 30.97 -56.70 53.12
N TRP J 108 31.29 -56.98 54.39
CA TRP J 108 30.70 -58.08 55.13
C TRP J 108 30.18 -57.57 56.46
N GLY J 109 29.01 -58.07 56.87
CA GLY J 109 28.45 -57.70 58.14
C GLY J 109 29.15 -58.38 59.30
N GLN J 110 28.62 -58.15 60.50
CA GLN J 110 29.18 -58.78 61.68
C GLN J 110 28.83 -60.27 61.73
N GLY J 111 27.70 -60.66 61.16
CA GLY J 111 27.31 -62.06 61.14
C GLY J 111 26.56 -62.47 62.39
N THR J 112 25.36 -63.02 62.20
CA THR J 112 24.55 -63.48 63.32
C THR J 112 24.30 -64.98 63.19
N LEU J 113 24.00 -65.59 64.33
CA LEU J 113 23.90 -67.04 64.45
C LEU J 113 22.44 -67.47 64.39
N VAL J 114 22.10 -68.30 63.42
CA VAL J 114 20.81 -68.97 63.35
C VAL J 114 21.01 -70.41 63.79
N THR J 115 20.06 -70.93 64.56
CA THR J 115 20.13 -72.27 65.12
C THR J 115 18.82 -72.98 64.82
N VAL J 116 18.91 -74.14 64.16
CA VAL J 116 17.72 -74.92 63.85
C VAL J 116 17.69 -76.15 64.74
N SER J 117 17.01 -76.04 65.88
CA SER J 117 16.90 -77.15 66.82
C SER J 117 15.66 -76.94 67.68
N SER J 118 15.05 -78.05 68.10
CA SER J 118 13.89 -78.00 68.98
C SER J 118 14.26 -77.69 70.42
N ALA J 119 15.55 -77.72 70.77
CA ALA J 119 16.02 -77.43 72.12
C ALA J 119 16.58 -76.01 72.15
N SER J 120 15.95 -75.15 72.95
CA SER J 120 16.39 -73.76 73.07
C SER J 120 17.75 -73.67 73.77
N GLY K 1 27.11 -78.48 34.68
CA GLY K 1 27.28 -78.60 36.13
C GLY K 1 28.08 -77.46 36.73
N ASP K 2 28.30 -77.52 38.04
CA ASP K 2 29.07 -76.48 38.70
C ASP K 2 30.57 -76.65 38.45
N ILE K 3 31.29 -75.56 38.63
CA ILE K 3 32.74 -75.52 38.41
C ILE K 3 33.42 -75.85 39.73
N GLN K 4 34.16 -76.95 39.76
CA GLN K 4 34.79 -77.42 40.98
C GLN K 4 36.17 -76.80 41.17
N LEU K 5 36.51 -76.52 42.41
CA LEU K 5 37.83 -76.03 42.79
C LEU K 5 38.47 -76.99 43.79
N THR K 6 39.79 -77.03 43.78
CA THR K 6 40.54 -77.80 44.76
C THR K 6 41.76 -77.00 45.19
N GLN K 7 41.89 -76.77 46.49
CA GLN K 7 42.96 -75.97 47.06
C GLN K 7 43.98 -76.90 47.70
N SER K 8 45.21 -76.86 47.21
CA SER K 8 46.28 -77.73 47.68
C SER K 8 47.45 -76.87 48.12
N PRO K 9 47.91 -76.98 49.37
CA PRO K 9 47.28 -77.86 50.37
C PRO K 9 46.15 -77.17 51.13
N SER K 10 45.22 -77.96 51.67
CA SER K 10 44.15 -77.41 52.49
C SER K 10 44.67 -76.89 53.82
N SER K 11 45.85 -77.31 54.26
CA SER K 11 46.48 -76.84 55.47
C SER K 11 47.98 -77.07 55.37
N LEU K 12 48.77 -76.11 55.82
CA LEU K 12 50.23 -76.21 55.74
C LEU K 12 50.83 -75.45 56.92
N SER K 13 51.61 -76.14 57.74
CA SER K 13 52.31 -75.52 58.86
C SER K 13 53.66 -75.01 58.36
N ALA K 14 53.88 -73.70 58.44
CA ALA K 14 55.07 -73.07 57.90
C ALA K 14 55.90 -72.45 59.02
N SER K 15 57.01 -71.83 58.62
CA SER K 15 57.93 -71.18 59.56
C SER K 15 58.23 -69.77 59.09
N VAL K 16 59.22 -69.12 59.71
CA VAL K 16 59.54 -67.74 59.37
C VAL K 16 60.23 -67.70 58.01
N GLY K 17 59.68 -66.89 57.11
CA GLY K 17 60.35 -66.55 55.86
C GLY K 17 60.54 -67.67 54.87
N ASP K 18 59.52 -68.51 54.68
CA ASP K 18 59.59 -69.56 53.67
C ASP K 18 59.02 -69.06 52.35
N ARG K 19 58.94 -69.97 51.37
CA ARG K 19 58.39 -69.70 50.03
C ARG K 19 57.31 -70.76 49.79
N VAL K 20 56.11 -70.48 50.27
CA VAL K 20 55.01 -71.46 50.19
C VAL K 20 54.25 -71.28 48.89
N THR K 21 53.72 -72.39 48.39
CA THR K 21 53.08 -72.45 47.07
C THR K 21 51.67 -73.02 47.25
N ILE K 22 50.66 -72.15 47.26
CA ILE K 22 49.27 -72.55 47.46
C ILE K 22 48.60 -72.60 46.11
N THR K 23 48.36 -73.80 45.58
CA THR K 23 47.73 -73.92 44.27
C THR K 23 46.22 -74.07 44.41
N CYS K 24 45.50 -73.40 43.53
CA CYS K 24 44.06 -73.60 43.37
C CYS K 24 43.86 -74.12 41.95
N ARG K 25 43.42 -75.37 41.84
CA ARG K 25 43.17 -76.00 40.56
C ARG K 25 41.68 -76.00 40.29
N ALA K 26 41.31 -75.74 39.05
CA ALA K 26 39.91 -75.59 38.66
C ALA K 26 39.48 -76.76 37.78
N SER K 27 38.18 -77.07 37.84
CA SER K 27 37.64 -78.13 37.00
C SER K 27 37.56 -77.75 35.54
N GLN K 28 37.53 -76.45 35.24
CA GLN K 28 37.45 -75.95 33.87
C GLN K 28 38.62 -74.99 33.61
N SER K 29 38.68 -74.48 32.39
CA SER K 29 39.74 -73.57 31.97
C SER K 29 39.25 -72.14 32.15
N ILE K 30 39.67 -71.52 33.25
CA ILE K 30 39.30 -70.14 33.57
C ILE K 30 40.50 -69.24 33.25
N SER K 31 40.27 -68.23 32.43
CA SER K 31 41.36 -67.38 31.93
C SER K 31 42.14 -66.75 33.07
N SER K 32 41.51 -65.85 33.81
CA SER K 32 42.16 -65.23 34.97
C SER K 32 41.22 -65.00 36.13
N TYR K 33 39.96 -65.44 36.04
CA TYR K 33 38.93 -65.10 37.03
C TYR K 33 39.16 -65.91 38.31
N LEU K 34 40.23 -65.57 39.01
CA LEU K 34 40.53 -66.13 40.32
C LEU K 34 41.13 -65.06 41.20
N ASN K 35 40.74 -65.09 42.48
CA ASN K 35 41.18 -64.13 43.48
C ASN K 35 41.65 -64.86 44.72
N TRP K 36 42.33 -64.12 45.58
CA TRP K 36 42.91 -64.65 46.82
C TRP K 36 42.49 -63.78 47.99
N TYR K 37 42.15 -64.44 49.10
CA TYR K 37 41.64 -63.76 50.29
C TYR K 37 42.44 -64.17 51.51
N GLN K 38 42.79 -63.19 52.34
CA GLN K 38 43.37 -63.42 53.65
C GLN K 38 42.31 -63.23 54.72
N GLN K 39 42.33 -64.09 55.75
CA GLN K 39 41.33 -64.01 56.80
C GLN K 39 41.86 -64.71 58.05
N LYS K 40 42.12 -63.94 59.11
CA LYS K 40 42.22 -64.52 60.43
C LYS K 40 40.85 -65.07 60.84
N PRO K 41 40.82 -66.13 61.66
CA PRO K 41 39.53 -66.68 62.07
C PRO K 41 38.67 -65.68 62.82
N GLY K 42 37.57 -65.26 62.21
CA GLY K 42 36.68 -64.27 62.78
C GLY K 42 36.73 -62.92 62.09
N LYS K 43 37.62 -62.72 61.13
CA LYS K 43 37.75 -61.45 60.43
C LYS K 43 37.05 -61.52 59.08
N ALA K 44 37.11 -60.39 58.34
CA ALA K 44 36.56 -60.32 57.00
C ALA K 44 37.61 -60.75 55.96
N PRO K 45 37.18 -61.36 54.86
CA PRO K 45 38.14 -61.82 53.85
C PRO K 45 38.84 -60.66 53.15
N LYS K 46 40.12 -60.47 53.44
CA LYS K 46 40.91 -59.40 52.84
C LYS K 46 41.45 -59.88 51.51
N LEU K 47 41.03 -59.23 50.43
CA LEU K 47 41.48 -59.60 49.09
C LEU K 47 42.99 -59.40 48.97
N LEU K 48 43.67 -60.42 48.44
CA LEU K 48 45.12 -60.39 48.27
C LEU K 48 45.53 -60.22 46.82
N ILE K 49 44.99 -61.05 45.92
CA ILE K 49 45.28 -60.99 44.50
C ILE K 49 43.95 -61.00 43.75
N TYR K 50 43.81 -60.09 42.79
CA TYR K 50 42.65 -60.11 41.90
C TYR K 50 43.14 -60.37 40.48
N ALA K 51 42.28 -61.04 39.70
CA ALA K 51 42.61 -61.59 38.39
C ALA K 51 43.71 -62.63 38.45
N ALA K 52 44.06 -63.10 39.66
CA ALA K 52 45.00 -64.20 39.88
C ALA K 52 46.41 -63.88 39.41
N SER K 53 46.65 -62.67 38.91
CA SER K 53 48.00 -62.28 38.51
C SER K 53 48.31 -60.82 38.83
N SER K 54 47.64 -60.22 39.81
CA SER K 54 47.79 -58.81 40.09
C SER K 54 47.72 -58.55 41.59
N LEU K 55 48.67 -57.78 42.10
CA LEU K 55 48.73 -57.47 43.51
C LEU K 55 47.58 -56.55 43.92
N GLN K 56 47.45 -56.33 45.22
CA GLN K 56 46.43 -55.47 45.79
C GLN K 56 47.09 -54.37 46.61
N SER K 57 46.41 -53.22 46.69
CA SER K 57 46.94 -52.09 47.46
C SER K 57 47.00 -52.45 48.94
N GLY K 58 48.05 -51.97 49.61
CA GLY K 58 48.30 -52.26 50.99
C GLY K 58 49.05 -53.55 51.24
N VAL K 59 48.97 -54.50 50.30
CA VAL K 59 49.66 -55.77 50.40
C VAL K 59 50.94 -55.67 49.57
N PRO K 60 52.12 -55.84 50.17
CA PRO K 60 53.37 -55.73 49.39
C PRO K 60 53.58 -56.92 48.45
N SER K 61 54.72 -56.95 47.77
CA SER K 61 55.01 -58.01 46.81
C SER K 61 55.31 -59.35 47.48
N ARG K 62 55.22 -59.45 48.80
CA ARG K 62 55.39 -60.74 49.46
C ARG K 62 54.34 -61.73 49.00
N PHE K 63 53.16 -61.26 48.65
CA PHE K 63 52.18 -62.07 47.95
C PHE K 63 52.36 -61.91 46.45
N SER K 64 52.09 -62.99 45.72
CA SER K 64 52.25 -62.96 44.26
C SER K 64 51.36 -64.04 43.67
N GLY K 65 50.32 -63.64 42.96
CA GLY K 65 49.46 -64.58 42.28
C GLY K 65 49.90 -64.80 40.83
N SER K 66 49.73 -66.03 40.36
CA SER K 66 50.10 -66.38 39.00
C SER K 66 49.21 -67.51 38.51
N GLY K 67 49.32 -67.80 37.22
CA GLY K 67 48.61 -68.93 36.63
C GLY K 67 47.49 -68.47 35.71
N SER K 68 46.83 -69.47 35.13
CA SER K 68 45.74 -69.27 34.18
C SER K 68 45.07 -70.61 33.94
N GLY K 69 44.09 -70.62 33.04
CA GLY K 69 43.40 -71.84 32.67
C GLY K 69 42.73 -72.54 33.84
N THR K 70 43.28 -73.69 34.22
CA THR K 70 42.80 -74.42 35.38
C THR K 70 43.69 -74.28 36.60
N ASP K 71 44.93 -73.81 36.41
CA ASP K 71 45.96 -73.86 37.44
C ASP K 71 46.30 -72.45 37.88
N PHE K 72 46.09 -72.15 39.16
CA PHE K 72 46.45 -70.86 39.72
C PHE K 72 47.29 -71.07 40.98
N THR K 73 48.12 -70.10 41.31
CA THR K 73 49.05 -70.26 42.42
C THR K 73 49.22 -68.95 43.18
N LEU K 74 49.03 -69.02 44.50
CA LEU K 74 49.45 -67.98 45.42
C LEU K 74 50.86 -68.33 45.87
N THR K 75 51.83 -67.53 45.42
CA THR K 75 53.25 -67.79 45.67
C THR K 75 53.75 -66.73 46.65
N ILE K 76 53.63 -67.02 47.94
CA ILE K 76 53.97 -66.07 48.99
C ILE K 76 55.45 -66.15 49.30
N SER K 77 56.08 -64.99 49.48
CA SER K 77 57.52 -64.91 49.74
C SER K 77 57.76 -64.17 51.05
N SER K 78 58.89 -64.53 51.70
CA SER K 78 59.37 -63.86 52.91
C SER K 78 58.27 -63.80 53.98
N LEU K 79 57.88 -65.00 54.40
CA LEU K 79 56.74 -65.13 55.31
C LEU K 79 57.05 -64.51 56.66
N GLN K 80 56.34 -63.41 56.99
CA GLN K 80 56.48 -62.81 58.31
C GLN K 80 55.37 -63.29 59.24
N PRO K 81 55.56 -63.16 60.56
CA PRO K 81 54.61 -63.79 61.50
C PRO K 81 53.16 -63.37 61.35
N GLU K 82 52.87 -62.22 60.72
CA GLU K 82 51.49 -61.80 60.53
C GLU K 82 50.87 -62.34 59.24
N ASP K 83 51.60 -63.20 58.54
CA ASP K 83 51.08 -63.85 57.34
C ASP K 83 50.35 -65.15 57.65
N PHE K 84 50.51 -65.69 58.86
CA PHE K 84 49.93 -66.98 59.21
C PHE K 84 48.44 -66.81 59.45
N ALA K 85 47.64 -67.12 58.44
CA ALA K 85 46.19 -66.93 58.53
C ALA K 85 45.51 -67.98 57.66
N THR K 86 44.21 -67.82 57.45
CA THR K 86 43.43 -68.69 56.58
C THR K 86 43.28 -68.00 55.23
N TYR K 87 43.80 -68.64 54.18
CA TYR K 87 43.78 -68.08 52.84
C TYR K 87 42.80 -68.85 51.96
N TYR K 88 42.19 -68.13 51.02
CA TYR K 88 41.12 -68.66 50.19
C TYR K 88 41.38 -68.33 48.73
N CYS K 89 41.05 -69.25 47.84
CA CYS K 89 41.00 -68.99 46.41
C CYS K 89 39.54 -68.93 45.97
N GLN K 90 39.26 -68.00 45.07
CA GLN K 90 37.89 -67.71 44.63
C GLN K 90 37.84 -67.69 43.11
N GLN K 91 36.82 -68.32 42.55
CA GLN K 91 36.56 -68.22 41.11
C GLN K 91 35.49 -67.17 40.86
N SER K 92 35.58 -66.53 39.69
CA SER K 92 34.58 -65.58 39.25
C SER K 92 34.27 -65.77 37.77
N TYR K 93 34.38 -67.00 37.28
CA TYR K 93 34.19 -67.28 35.87
C TYR K 93 32.71 -67.30 35.49
N SER K 94 31.94 -68.16 36.16
CA SER K 94 30.51 -68.28 35.89
C SER K 94 29.69 -68.13 37.17
N THR K 95 28.39 -68.33 37.04
CA THR K 95 27.49 -68.23 38.18
C THR K 95 26.79 -69.55 38.46
N PRO K 96 26.92 -70.06 39.69
CA PRO K 96 27.29 -69.30 40.89
C PRO K 96 28.79 -69.31 41.13
N ARG K 97 29.24 -68.64 42.19
CA ARG K 97 30.66 -68.57 42.51
C ARG K 97 31.04 -69.53 43.62
N THR K 98 32.18 -70.20 43.45
CA THR K 98 32.67 -71.15 44.44
C THR K 98 34.01 -70.67 44.99
N PHE K 99 34.18 -70.81 46.30
CA PHE K 99 35.41 -70.43 46.98
C PHE K 99 36.20 -71.69 47.34
N GLY K 100 37.49 -71.51 47.56
CA GLY K 100 38.30 -72.62 48.01
C GLY K 100 37.94 -73.06 49.41
N GLN K 101 38.33 -74.29 49.74
CA GLN K 101 38.06 -74.82 51.07
C GLN K 101 38.87 -74.13 52.16
N GLY K 102 39.82 -73.30 51.79
CA GLY K 102 40.63 -72.58 52.77
C GLY K 102 41.96 -73.27 53.03
N THR K 103 43.02 -72.48 53.12
CA THR K 103 44.35 -73.00 53.44
C THR K 103 44.92 -72.18 54.60
N LYS K 104 45.41 -72.87 55.61
CA LYS K 104 45.84 -72.25 56.86
C LYS K 104 47.35 -72.34 56.99
N VAL K 105 48.03 -71.20 56.90
CA VAL K 105 49.44 -71.11 57.22
C VAL K 105 49.57 -70.88 58.72
N GLU K 106 50.38 -71.70 59.38
CA GLU K 106 50.53 -71.61 60.82
C GLU K 106 52.00 -71.79 61.20
N ILE K 107 52.37 -71.24 62.35
CA ILE K 107 53.75 -71.23 62.80
C ILE K 107 54.08 -72.56 63.47
N LYS K 108 55.33 -72.97 63.36
CA LYS K 108 55.85 -74.16 64.03
C LYS K 108 57.03 -73.82 64.92
N GLN L 1 -52.92 -51.34 -25.62
CA GLN L 1 -54.05 -52.09 -25.10
C GLN L 1 -54.94 -52.62 -26.23
N GLN L 2 -54.63 -52.23 -27.46
CA GLN L 2 -55.44 -52.64 -28.59
C GLN L 2 -54.60 -52.60 -29.85
N LEU L 3 -54.93 -53.47 -30.81
CA LEU L 3 -54.18 -53.58 -32.06
C LEU L 3 -55.15 -53.61 -33.23
N VAL L 4 -54.92 -52.74 -34.22
CA VAL L 4 -55.70 -52.72 -35.45
C VAL L 4 -54.79 -53.12 -36.61
N GLU L 5 -55.32 -53.92 -37.51
CA GLU L 5 -54.59 -54.41 -38.67
C GLU L 5 -55.29 -53.96 -39.96
N SER L 6 -54.52 -53.82 -41.03
CA SER L 6 -55.07 -53.32 -42.28
C SER L 6 -56.03 -54.34 -42.89
N GLY L 7 -56.73 -53.90 -43.93
CA GLY L 7 -57.70 -54.74 -44.60
C GLY L 7 -57.07 -55.79 -45.49
N GLY L 8 -57.35 -57.06 -45.20
CA GLY L 8 -56.88 -58.15 -46.02
C GLY L 8 -57.84 -58.47 -47.15
N GLY L 9 -57.43 -59.43 -47.98
CA GLY L 9 -58.23 -59.79 -49.14
C GLY L 9 -57.48 -60.77 -50.01
N VAL L 10 -58.00 -60.94 -51.22
CA VAL L 10 -57.42 -61.84 -52.21
C VAL L 10 -56.39 -61.08 -53.04
N VAL L 11 -55.34 -61.78 -53.44
CA VAL L 11 -54.27 -61.19 -54.24
C VAL L 11 -53.72 -62.26 -55.18
N GLN L 12 -53.34 -61.85 -56.37
CA GLN L 12 -52.72 -62.79 -57.30
C GLN L 12 -51.34 -63.18 -56.79
N PRO L 13 -50.97 -64.45 -56.90
CA PRO L 13 -49.67 -64.90 -56.36
C PRO L 13 -48.50 -64.18 -57.03
N GLY L 14 -47.40 -64.10 -56.28
CA GLY L 14 -46.22 -63.40 -56.74
C GLY L 14 -46.23 -61.91 -56.54
N ARG L 15 -47.29 -61.35 -55.97
CA ARG L 15 -47.38 -59.91 -55.74
C ARG L 15 -46.87 -59.58 -54.33
N SER L 16 -47.05 -58.33 -53.91
CA SER L 16 -46.60 -57.86 -52.61
C SER L 16 -47.67 -56.97 -52.01
N LEU L 17 -47.91 -57.11 -50.71
CA LEU L 17 -48.91 -56.30 -50.03
C LEU L 17 -48.37 -55.78 -48.70
N ARG L 18 -48.58 -54.50 -48.44
CA ARG L 18 -48.21 -53.92 -47.16
C ARG L 18 -49.30 -54.20 -46.13
N LEU L 19 -48.90 -54.75 -44.98
CA LEU L 19 -49.82 -55.08 -43.90
C LEU L 19 -49.43 -54.28 -42.67
N SER L 20 -50.35 -53.49 -42.15
CA SER L 20 -50.08 -52.60 -41.04
C SER L 20 -50.63 -53.15 -39.74
N CYS L 21 -49.87 -52.97 -38.66
CA CYS L 21 -50.34 -53.23 -37.30
C CYS L 21 -50.11 -51.96 -36.48
N ALA L 22 -51.19 -51.25 -36.17
CA ALA L 22 -51.12 -50.05 -35.35
C ALA L 22 -51.61 -50.37 -33.94
N ALA L 23 -50.90 -49.83 -32.95
CA ALA L 23 -51.20 -50.13 -31.55
C ALA L 23 -51.83 -48.91 -30.88
N SER L 24 -52.49 -49.18 -29.75
CA SER L 24 -53.12 -48.15 -28.95
C SER L 24 -53.10 -48.61 -27.49
N GLY L 25 -53.21 -47.64 -26.59
CA GLY L 25 -53.03 -47.91 -25.18
C GLY L 25 -51.62 -47.66 -24.71
N PHE L 26 -50.69 -48.50 -25.15
CA PHE L 26 -49.27 -48.29 -24.89
C PHE L 26 -48.50 -48.35 -26.21
N THR L 27 -47.31 -47.74 -26.20
CA THR L 27 -46.53 -47.58 -27.41
C THR L 27 -45.81 -48.88 -27.78
N PHE L 28 -45.61 -49.05 -29.09
CA PHE L 28 -44.79 -50.14 -29.61
C PHE L 28 -43.30 -49.84 -29.50
N SER L 29 -42.94 -48.58 -29.26
CA SER L 29 -41.52 -48.21 -29.19
C SER L 29 -40.81 -48.97 -28.07
N SER L 30 -41.38 -48.97 -26.87
CA SER L 30 -40.71 -49.56 -25.72
C SER L 30 -40.54 -51.07 -25.86
N TYR L 31 -41.43 -51.73 -26.61
CA TYR L 31 -41.42 -53.18 -26.74
C TYR L 31 -41.03 -53.58 -28.16
N ALA L 32 -41.03 -54.89 -28.39
CA ALA L 32 -40.93 -55.46 -29.72
C ALA L 32 -42.32 -55.96 -30.14
N MET L 33 -42.39 -56.55 -31.33
CA MET L 33 -43.66 -57.10 -31.80
C MET L 33 -43.37 -58.22 -32.78
N HIS L 34 -44.37 -59.07 -32.99
CA HIS L 34 -44.23 -60.25 -33.83
C HIS L 34 -45.40 -60.34 -34.79
N TRP L 35 -45.16 -61.04 -35.90
CA TRP L 35 -46.21 -61.44 -36.83
C TRP L 35 -46.32 -62.96 -36.80
N VAL L 36 -47.55 -63.45 -36.62
CA VAL L 36 -47.84 -64.88 -36.55
C VAL L 36 -48.88 -65.21 -37.62
N ARG L 37 -48.86 -66.44 -38.10
CA ARG L 37 -49.79 -66.90 -39.13
C ARG L 37 -50.66 -68.02 -38.59
N GLN L 38 -51.93 -68.05 -39.00
CA GLN L 38 -52.82 -69.16 -38.66
C GLN L 38 -53.70 -69.46 -39.86
N ALA L 39 -53.57 -70.66 -40.40
CA ALA L 39 -54.47 -71.09 -41.45
C ALA L 39 -55.65 -71.82 -40.84
N PRO L 40 -56.80 -71.86 -41.54
CA PRO L 40 -57.95 -72.63 -41.03
C PRO L 40 -57.58 -74.08 -40.75
N GLY L 41 -57.60 -74.46 -39.48
CA GLY L 41 -57.20 -75.78 -39.06
C GLY L 41 -55.73 -75.94 -38.72
N LYS L 42 -54.93 -74.89 -38.90
CA LYS L 42 -53.50 -74.94 -38.62
C LYS L 42 -53.20 -74.36 -37.25
N GLY L 43 -52.10 -74.82 -36.66
CA GLY L 43 -51.63 -74.25 -35.41
C GLY L 43 -50.96 -72.91 -35.62
N LEU L 44 -50.79 -72.19 -34.51
CA LEU L 44 -50.19 -70.85 -34.55
C LEU L 44 -48.72 -70.96 -34.93
N GLU L 45 -48.38 -70.46 -36.11
CA GLU L 45 -47.01 -70.48 -36.63
C GLU L 45 -46.48 -69.05 -36.66
N TRP L 46 -45.49 -68.77 -35.82
CA TRP L 46 -44.84 -67.46 -35.82
C TRP L 46 -44.19 -67.20 -37.17
N VAL L 47 -44.18 -65.93 -37.57
CA VAL L 47 -43.63 -65.55 -38.87
C VAL L 47 -42.40 -64.66 -38.71
N ALA L 48 -42.56 -63.52 -38.03
CA ALA L 48 -41.51 -62.51 -38.05
C ALA L 48 -41.45 -61.74 -36.74
N VAL L 49 -40.32 -61.07 -36.53
CA VAL L 49 -40.07 -60.22 -35.37
C VAL L 49 -39.63 -58.84 -35.84
N ILE L 50 -40.04 -57.82 -35.09
CA ILE L 50 -39.52 -56.47 -35.22
C ILE L 50 -39.19 -55.95 -33.83
N SER L 51 -38.05 -55.28 -33.68
CA SER L 51 -37.59 -54.77 -32.40
C SER L 51 -37.07 -53.36 -32.60
N TYR L 52 -37.82 -52.37 -32.12
CA TYR L 52 -37.45 -50.98 -32.30
C TYR L 52 -36.35 -50.53 -31.35
N ASP L 53 -36.20 -51.19 -30.20
CA ASP L 53 -35.21 -50.77 -29.21
C ASP L 53 -33.82 -50.63 -29.85
N GLY L 54 -33.44 -51.58 -30.68
CA GLY L 54 -32.24 -51.45 -31.49
C GLY L 54 -32.60 -51.29 -32.95
N SER L 55 -32.03 -52.14 -33.80
CA SER L 55 -32.40 -52.17 -35.22
C SER L 55 -32.03 -53.54 -35.77
N ASN L 56 -33.03 -54.38 -36.00
CA ASN L 56 -32.81 -55.70 -36.58
C ASN L 56 -34.16 -56.30 -36.94
N LYS L 57 -34.13 -57.22 -37.90
CA LYS L 57 -35.34 -57.89 -38.38
C LYS L 57 -35.04 -59.37 -38.56
N TYR L 58 -35.84 -60.21 -37.89
CA TYR L 58 -35.66 -61.65 -37.92
C TYR L 58 -36.87 -62.30 -38.58
N TYR L 59 -36.62 -63.14 -39.58
CA TYR L 59 -37.67 -63.79 -40.35
C TYR L 59 -37.65 -65.30 -40.10
N ALA L 60 -38.77 -65.94 -40.42
CA ALA L 60 -38.86 -67.39 -40.33
C ALA L 60 -38.23 -68.03 -41.55
N ASP L 61 -37.31 -68.96 -41.31
CA ASP L 61 -36.73 -69.73 -42.41
C ASP L 61 -37.68 -70.81 -42.93
N SER L 62 -38.73 -71.14 -42.16
CA SER L 62 -39.75 -72.04 -42.68
C SER L 62 -40.57 -71.36 -43.77
N VAL L 63 -40.95 -70.11 -43.56
CA VAL L 63 -41.65 -69.30 -44.56
C VAL L 63 -40.78 -68.08 -44.81
N LYS L 64 -39.89 -68.18 -45.79
CA LYS L 64 -38.90 -67.16 -46.09
C LYS L 64 -39.14 -66.62 -47.50
N GLY L 65 -39.98 -65.59 -47.59
CA GLY L 65 -40.24 -64.94 -48.85
C GLY L 65 -39.88 -63.46 -48.79
N ARG L 66 -38.99 -63.12 -47.85
CA ARG L 66 -38.56 -61.74 -47.62
C ARG L 66 -39.75 -60.82 -47.34
N PHE L 67 -40.64 -61.26 -46.45
CA PHE L 67 -41.72 -60.42 -45.99
C PHE L 67 -41.13 -59.37 -45.06
N THR L 68 -40.78 -58.21 -45.60
CA THR L 68 -39.90 -57.30 -44.88
C THR L 68 -40.69 -56.51 -43.84
N ILE L 69 -40.14 -56.42 -42.63
CA ILE L 69 -40.81 -55.77 -41.51
C ILE L 69 -40.08 -54.47 -41.17
N SER L 70 -40.84 -53.41 -40.93
CA SER L 70 -40.31 -52.09 -40.66
C SER L 70 -41.27 -51.36 -39.73
N ARG L 71 -40.87 -50.17 -39.30
CA ARG L 71 -41.57 -49.44 -38.26
C ARG L 71 -42.11 -48.11 -38.76
N ASP L 72 -43.16 -47.63 -38.10
CA ASP L 72 -43.60 -46.23 -38.14
C ASP L 72 -43.98 -45.93 -36.68
N ASN L 73 -43.01 -45.45 -35.92
CA ASN L 73 -43.19 -45.30 -34.48
C ASN L 73 -43.85 -43.98 -34.11
N SER L 74 -44.03 -43.06 -35.05
CA SER L 74 -44.77 -41.84 -34.76
C SER L 74 -46.22 -42.12 -34.42
N LYS L 75 -46.77 -43.21 -34.94
CA LYS L 75 -48.17 -43.57 -34.67
C LYS L 75 -48.31 -45.05 -34.33
N ASN L 76 -47.33 -45.62 -33.63
CA ASN L 76 -47.49 -46.90 -32.97
C ASN L 76 -47.71 -48.04 -33.96
N THR L 77 -47.12 -47.95 -35.15
CA THR L 77 -47.46 -48.82 -36.27
C THR L 77 -46.24 -49.57 -36.77
N LEU L 78 -46.49 -50.73 -37.40
CA LEU L 78 -45.43 -51.53 -37.98
C LEU L 78 -45.94 -52.17 -39.27
N TYR L 79 -45.11 -52.17 -40.30
CA TYR L 79 -45.48 -52.65 -41.63
C TYR L 79 -44.74 -53.92 -41.97
N LEU L 80 -45.47 -54.95 -42.41
CA LEU L 80 -44.88 -56.16 -42.99
C LEU L 80 -45.31 -56.23 -44.45
N GLN L 81 -44.34 -56.12 -45.36
CA GLN L 81 -44.60 -56.27 -46.78
C GLN L 81 -44.48 -57.75 -47.12
N MET L 82 -45.59 -58.34 -47.55
CA MET L 82 -45.63 -59.72 -48.03
C MET L 82 -45.16 -59.75 -49.48
N ASN L 83 -44.03 -60.42 -49.71
CA ASN L 83 -43.40 -60.54 -51.01
C ASN L 83 -43.25 -62.01 -51.39
N SER L 84 -43.30 -62.28 -52.69
CA SER L 84 -43.18 -63.63 -53.24
C SER L 84 -44.13 -64.59 -52.55
N LEU L 85 -45.43 -64.32 -52.71
CA LEU L 85 -46.46 -65.08 -52.03
C LEU L 85 -46.71 -66.42 -52.73
N ARG L 86 -47.36 -67.32 -52.01
CA ARG L 86 -47.73 -68.62 -52.55
C ARG L 86 -49.04 -69.05 -51.94
N ALA L 87 -49.68 -70.04 -52.59
CA ALA L 87 -51.06 -70.38 -52.26
C ALA L 87 -51.23 -70.81 -50.81
N GLU L 88 -50.22 -71.45 -50.22
CA GLU L 88 -50.35 -71.93 -48.85
C GLU L 88 -50.38 -70.79 -47.84
N ASP L 89 -49.85 -69.61 -48.19
CA ASP L 89 -49.81 -68.50 -47.25
C ASP L 89 -51.19 -67.90 -46.99
N THR L 90 -52.23 -68.37 -47.66
CA THR L 90 -53.60 -67.93 -47.39
C THR L 90 -53.97 -68.26 -45.95
N ALA L 91 -54.11 -67.25 -45.10
CA ALA L 91 -54.32 -67.47 -43.67
C ALA L 91 -54.65 -66.12 -43.03
N VAL L 92 -54.95 -66.15 -41.73
CA VAL L 92 -55.15 -64.94 -40.95
C VAL L 92 -53.84 -64.59 -40.25
N TYR L 93 -53.49 -63.31 -40.28
CA TYR L 93 -52.24 -62.84 -39.69
C TYR L 93 -52.53 -62.13 -38.36
N TYR L 94 -51.64 -62.34 -37.39
CA TYR L 94 -51.84 -61.86 -36.03
C TYR L 94 -50.63 -61.04 -35.59
N CYS L 95 -50.90 -59.87 -35.03
CA CYS L 95 -49.87 -59.00 -34.47
C CYS L 95 -49.74 -59.33 -32.99
N ALA L 96 -48.61 -59.91 -32.61
CA ALA L 96 -48.47 -60.56 -31.31
C ALA L 96 -47.30 -59.97 -30.52
N ARG L 97 -47.23 -60.38 -29.25
CA ARG L 97 -46.16 -60.00 -28.34
C ARG L 97 -45.96 -61.13 -27.34
N HIS L 98 -44.69 -61.44 -27.06
CA HIS L 98 -44.33 -62.58 -26.22
C HIS L 98 -43.97 -62.11 -24.82
N ALA L 99 -44.64 -62.68 -23.82
CA ALA L 99 -44.34 -62.41 -22.42
C ALA L 99 -43.32 -63.43 -21.93
N THR L 100 -42.04 -63.07 -22.02
CA THR L 100 -40.95 -63.98 -21.65
C THR L 100 -40.42 -63.68 -20.24
N LEU L 101 -41.25 -64.01 -19.25
CA LEU L 101 -40.83 -64.12 -17.85
C LEU L 101 -40.54 -62.77 -17.21
N MET L 102 -40.61 -61.68 -17.98
CA MET L 102 -40.34 -60.35 -17.44
C MET L 102 -41.55 -59.43 -17.49
N ASN L 103 -42.12 -59.24 -18.67
CA ASN L 103 -43.29 -58.38 -18.83
C ASN L 103 -44.53 -59.20 -19.07
N ASN L 104 -45.69 -58.54 -18.96
CA ASN L 104 -46.99 -59.15 -19.26
C ASN L 104 -47.69 -58.23 -20.26
N LYS L 105 -47.36 -58.40 -21.54
CA LYS L 105 -47.86 -57.53 -22.59
C LYS L 105 -48.29 -58.32 -23.83
N ASP L 106 -48.69 -59.57 -23.63
CA ASP L 106 -49.09 -60.41 -24.77
C ASP L 106 -50.41 -59.91 -25.35
N ILE L 107 -50.34 -59.03 -26.33
CA ILE L 107 -51.51 -58.43 -26.96
C ILE L 107 -51.60 -58.91 -28.40
N TRP L 108 -52.82 -59.20 -28.84
CA TRP L 108 -53.08 -59.73 -30.17
C TRP L 108 -54.16 -58.91 -30.85
N GLY L 109 -53.97 -58.65 -32.13
CA GLY L 109 -54.96 -57.93 -32.91
C GLY L 109 -56.17 -58.77 -33.23
N GLN L 110 -57.08 -58.18 -34.01
CA GLN L 110 -58.27 -58.91 -34.43
C GLN L 110 -57.94 -59.96 -35.47
N GLY L 111 -56.91 -59.72 -36.28
CA GLY L 111 -56.51 -60.68 -37.29
C GLY L 111 -57.26 -60.50 -38.59
N THR L 112 -56.53 -60.33 -39.68
CA THR L 112 -57.13 -60.16 -41.00
C THR L 112 -56.68 -61.31 -41.92
N LEU L 113 -57.49 -61.55 -42.93
CA LEU L 113 -57.33 -62.70 -43.82
C LEU L 113 -56.62 -62.26 -45.10
N VAL L 114 -55.47 -62.88 -45.38
CA VAL L 114 -54.79 -62.73 -46.66
C VAL L 114 -55.03 -64.00 -47.46
N THR L 115 -55.26 -63.85 -48.76
CA THR L 115 -55.59 -64.96 -49.64
C THR L 115 -54.68 -64.88 -50.86
N VAL L 116 -53.92 -65.95 -51.12
CA VAL L 116 -53.05 -65.98 -52.28
C VAL L 116 -53.64 -66.92 -53.32
N SER L 117 -54.41 -66.35 -54.25
CA SER L 117 -55.04 -67.13 -55.31
C SER L 117 -55.36 -66.22 -56.47
N SER L 118 -55.31 -66.77 -57.68
CA SER L 118 -55.65 -66.02 -58.88
C SER L 118 -57.15 -65.82 -59.05
N ALA L 119 -57.97 -66.52 -58.27
CA ALA L 119 -59.42 -66.41 -58.33
C ALA L 119 -59.90 -65.52 -57.19
N SER L 120 -60.51 -64.40 -57.54
CA SER L 120 -61.03 -63.47 -56.53
C SER L 120 -62.21 -64.07 -55.78
N GLY M 1 -30.23 -76.86 -35.87
CA GLY M 1 -31.58 -76.94 -36.39
C GLY M 1 -32.61 -76.33 -35.47
N ASP M 2 -33.89 -76.39 -35.87
CA ASP M 2 -34.94 -75.84 -35.04
C ASP M 2 -35.28 -76.78 -33.88
N ILE M 3 -35.89 -76.21 -32.86
CA ILE M 3 -36.26 -76.94 -31.65
C ILE M 3 -37.68 -77.46 -31.83
N GLN M 4 -37.83 -78.78 -31.83
CA GLN M 4 -39.12 -79.41 -32.09
C GLN M 4 -39.91 -79.57 -30.81
N LEU M 5 -41.23 -79.41 -30.92
CA LEU M 5 -42.15 -79.64 -29.82
C LEU M 5 -43.16 -80.70 -30.23
N THR M 6 -43.68 -81.42 -29.23
CA THR M 6 -44.75 -82.39 -29.46
C THR M 6 -45.73 -82.30 -28.29
N GLN M 7 -47.00 -82.06 -28.63
CA GLN M 7 -48.06 -81.88 -27.64
C GLN M 7 -48.89 -83.15 -27.59
N SER M 8 -48.94 -83.79 -26.43
CA SER M 8 -49.67 -85.05 -26.25
C SER M 8 -50.65 -84.88 -25.10
N PRO M 9 -51.95 -85.10 -25.33
CA PRO M 9 -52.46 -85.45 -26.65
C PRO M 9 -52.81 -84.22 -27.50
N SER M 10 -52.82 -84.39 -28.82
CA SER M 10 -53.23 -83.29 -29.69
C SER M 10 -54.73 -83.00 -29.60
N SER M 11 -55.51 -83.95 -29.08
CA SER M 11 -56.94 -83.76 -28.88
C SER M 11 -57.40 -84.74 -27.81
N LEU M 12 -58.27 -84.29 -26.91
CA LEU M 12 -58.75 -85.13 -25.82
C LEU M 12 -60.16 -84.70 -25.46
N SER M 13 -61.11 -85.63 -25.56
CA SER M 13 -62.49 -85.37 -25.16
C SER M 13 -62.65 -85.67 -23.68
N ALA M 14 -63.01 -84.66 -22.90
CA ALA M 14 -63.08 -84.77 -21.46
C ALA M 14 -64.52 -84.58 -20.97
N SER M 15 -64.69 -84.65 -19.65
CA SER M 15 -65.99 -84.50 -19.01
C SER M 15 -65.91 -83.48 -17.88
N VAL M 16 -66.95 -83.39 -17.07
CA VAL M 16 -66.99 -82.41 -16.00
C VAL M 16 -66.03 -82.82 -14.88
N GLY M 17 -65.11 -81.93 -14.53
CA GLY M 17 -64.30 -82.08 -13.33
C GLY M 17 -63.30 -83.22 -13.34
N ASP M 18 -62.60 -83.43 -14.46
CA ASP M 18 -61.55 -84.43 -14.51
C ASP M 18 -60.20 -83.82 -14.14
N ARG M 19 -59.15 -84.63 -14.26
CA ARG M 19 -57.76 -84.23 -13.99
C ARG M 19 -56.96 -84.60 -15.24
N VAL M 20 -56.96 -83.71 -16.22
CA VAL M 20 -56.32 -83.98 -17.51
C VAL M 20 -54.86 -83.53 -17.46
N THR M 21 -54.02 -84.25 -18.20
CA THR M 21 -52.57 -84.08 -18.19
C THR M 21 -52.09 -83.83 -19.61
N ILE M 22 -51.84 -82.56 -19.95
CA ILE M 22 -51.42 -82.17 -21.30
C ILE M 22 -49.91 -81.98 -21.27
N THR M 23 -49.16 -82.92 -21.83
CA THR M 23 -47.71 -82.81 -21.83
C THR M 23 -47.22 -82.15 -23.11
N CYS M 24 -46.24 -81.28 -22.97
CA CYS M 24 -45.49 -80.72 -24.10
C CYS M 24 -44.05 -81.17 -23.93
N ARG M 25 -43.60 -82.03 -24.84
CA ARG M 25 -42.24 -82.53 -24.81
C ARG M 25 -41.41 -81.79 -25.85
N ALA M 26 -40.17 -81.47 -25.48
CA ALA M 26 -39.30 -80.66 -26.32
C ALA M 26 -38.15 -81.51 -26.86
N SER M 27 -37.64 -81.10 -28.03
CA SER M 27 -36.51 -81.80 -28.63
C SER M 27 -35.21 -81.54 -27.88
N GLN M 28 -35.12 -80.44 -27.14
CA GLN M 28 -33.93 -80.09 -26.39
C GLN M 28 -34.30 -79.89 -24.91
N SER M 29 -33.29 -79.58 -24.11
CA SER M 29 -33.46 -79.38 -22.67
C SER M 29 -33.65 -77.89 -22.41
N ILE M 30 -34.91 -77.48 -22.24
CA ILE M 30 -35.27 -76.10 -21.96
C ILE M 30 -35.58 -75.97 -20.47
N SER M 31 -34.89 -75.05 -19.80
CA SER M 31 -35.01 -74.94 -18.34
C SER M 31 -36.44 -74.71 -17.89
N SER M 32 -37.01 -73.55 -18.24
CA SER M 32 -38.41 -73.27 -17.91
C SER M 32 -39.12 -72.49 -19.00
N TYR M 33 -38.48 -72.23 -20.15
CA TYR M 33 -39.03 -71.33 -21.16
C TYR M 33 -40.15 -72.04 -21.92
N LEU M 34 -41.26 -72.25 -21.22
CA LEU M 34 -42.47 -72.78 -21.82
C LEU M 34 -43.68 -72.09 -21.20
N ASN M 35 -44.68 -71.82 -22.03
CA ASN M 35 -45.90 -71.13 -21.63
C ASN M 35 -47.10 -71.92 -22.16
N TRP M 36 -48.27 -71.56 -21.62
CA TRP M 36 -49.53 -72.22 -21.95
C TRP M 36 -50.56 -71.17 -22.33
N TYR M 37 -51.33 -71.45 -23.38
CA TYR M 37 -52.32 -70.53 -23.91
C TYR M 37 -53.69 -71.19 -24.01
N GLN M 38 -54.72 -70.46 -23.60
CA GLN M 38 -56.11 -70.86 -23.82
C GLN M 38 -56.68 -70.07 -24.98
N GLN M 39 -57.49 -70.73 -25.81
CA GLN M 39 -58.07 -70.06 -26.97
C GLN M 39 -59.30 -70.82 -27.42
N LYS M 40 -60.48 -70.22 -27.27
CA LYS M 40 -61.63 -70.65 -28.04
C LYS M 40 -61.38 -70.39 -29.52
N PRO M 41 -61.96 -71.21 -30.41
CA PRO M 41 -61.73 -71.00 -31.85
C PRO M 41 -62.23 -69.64 -32.30
N GLY M 42 -61.30 -68.77 -32.69
CA GLY M 42 -61.62 -67.42 -33.11
C GLY M 42 -61.22 -66.33 -32.12
N LYS M 43 -60.73 -66.71 -30.94
CA LYS M 43 -60.34 -65.74 -29.92
C LYS M 43 -58.83 -65.55 -29.93
N ALA M 44 -58.35 -64.68 -29.02
CA ALA M 44 -56.93 -64.43 -28.85
C ALA M 44 -56.34 -65.43 -27.84
N PRO M 45 -55.08 -65.81 -28.01
CA PRO M 45 -54.48 -66.78 -27.09
C PRO M 45 -54.28 -66.21 -25.70
N LYS M 46 -55.07 -66.68 -24.74
CA LYS M 46 -55.00 -66.22 -23.36
C LYS M 46 -53.93 -67.01 -22.63
N LEU M 47 -52.88 -66.33 -22.18
CA LEU M 47 -51.80 -66.99 -21.46
C LEU M 47 -52.32 -67.60 -20.17
N LEU M 48 -51.95 -68.86 -19.93
CA LEU M 48 -52.37 -69.60 -18.75
C LEU M 48 -51.23 -69.78 -17.75
N ILE M 49 -50.09 -70.27 -18.20
CA ILE M 49 -48.92 -70.49 -17.36
C ILE M 49 -47.73 -69.87 -18.07
N TYR M 50 -46.92 -69.11 -17.34
CA TYR M 50 -45.66 -68.59 -17.86
C TYR M 50 -44.52 -69.18 -17.04
N ALA M 51 -43.38 -69.37 -17.69
CA ALA M 51 -42.23 -70.12 -17.16
C ALA M 51 -42.57 -71.57 -16.87
N ALA M 52 -43.72 -72.06 -17.34
CA ALA M 52 -44.13 -73.45 -17.27
C ALA M 52 -44.31 -73.95 -15.83
N SER M 53 -44.12 -73.07 -14.84
CA SER M 53 -44.35 -73.46 -13.46
C SER M 53 -44.99 -72.35 -12.63
N SER M 54 -45.70 -71.41 -13.26
CA SER M 54 -46.24 -70.27 -12.54
C SER M 54 -47.60 -69.89 -13.08
N LEU M 55 -48.55 -69.68 -12.19
CA LEU M 55 -49.92 -69.33 -12.57
C LEU M 55 -49.97 -67.92 -13.16
N GLN M 56 -51.14 -67.57 -13.70
CA GLN M 56 -51.37 -66.25 -14.28
C GLN M 56 -52.55 -65.59 -13.56
N SER M 57 -52.53 -64.26 -13.54
CA SER M 57 -53.60 -63.51 -12.89
C SER M 57 -54.91 -63.73 -13.63
N GLY M 58 -56.01 -63.80 -12.87
CA GLY M 58 -57.32 -64.07 -13.40
C GLY M 58 -57.63 -65.54 -13.57
N VAL M 59 -56.61 -66.37 -13.72
CA VAL M 59 -56.78 -67.82 -13.87
C VAL M 59 -56.55 -68.46 -12.50
N PRO M 60 -57.53 -69.15 -11.93
CA PRO M 60 -57.32 -69.77 -10.60
C PRO M 60 -56.38 -70.97 -10.65
N SER M 61 -56.21 -71.63 -9.51
CA SER M 61 -55.29 -72.76 -9.42
C SER M 61 -55.80 -74.01 -10.13
N ARG M 62 -56.96 -73.94 -10.79
CA ARG M 62 -57.43 -75.08 -11.58
C ARG M 62 -56.44 -75.43 -12.69
N PHE M 63 -55.72 -74.44 -13.20
CA PHE M 63 -54.58 -74.68 -14.07
C PHE M 63 -53.32 -74.76 -13.23
N SER M 64 -52.39 -75.59 -13.66
CA SER M 64 -51.14 -75.77 -12.93
C SER M 64 -50.09 -76.29 -13.90
N GLY M 65 -49.10 -75.46 -14.22
CA GLY M 65 -48.00 -75.88 -15.05
C GLY M 65 -46.84 -76.41 -14.21
N SER M 66 -46.15 -77.41 -14.77
CA SER M 66 -45.00 -78.01 -14.09
C SER M 66 -44.04 -78.55 -15.14
N GLY M 67 -42.86 -78.97 -14.67
CA GLY M 67 -41.88 -79.61 -15.53
C GLY M 67 -40.67 -78.72 -15.78
N SER M 68 -39.74 -79.28 -16.53
CA SER M 68 -38.48 -78.62 -16.86
C SER M 68 -37.80 -79.43 -17.95
N GLY M 69 -36.59 -79.01 -18.33
CA GLY M 69 -35.80 -79.73 -19.32
C GLY M 69 -36.50 -79.89 -20.65
N THR M 70 -36.89 -81.13 -20.97
CA THR M 70 -37.63 -81.41 -22.18
C THR M 70 -39.11 -81.65 -21.92
N ASP M 71 -39.50 -81.90 -20.67
CA ASP M 71 -40.82 -82.40 -20.33
C ASP M 71 -41.57 -81.33 -19.56
N PHE M 72 -42.70 -80.86 -20.10
CA PHE M 72 -43.54 -79.90 -19.40
C PHE M 72 -44.97 -80.41 -19.40
N THR M 73 -45.76 -79.98 -18.41
CA THR M 73 -47.10 -80.50 -18.25
C THR M 73 -48.06 -79.42 -17.78
N LEU M 74 -49.17 -79.28 -18.49
CA LEU M 74 -50.33 -78.52 -18.04
C LEU M 74 -51.24 -79.51 -17.32
N THR M 75 -51.34 -79.36 -16.00
CA THR M 75 -52.07 -80.30 -15.15
C THR M 75 -53.32 -79.56 -14.65
N ILE M 76 -54.40 -79.66 -15.42
CA ILE M 76 -55.63 -78.94 -15.12
C ILE M 76 -56.48 -79.75 -14.16
N SER M 77 -57.07 -79.07 -13.18
CA SER M 77 -57.88 -79.70 -12.14
C SER M 77 -59.29 -79.11 -12.13
N SER M 78 -60.25 -79.93 -11.72
CA SER M 78 -61.64 -79.52 -11.52
C SER M 78 -62.19 -78.82 -12.77
N LEU M 79 -62.25 -79.60 -13.85
CA LEU M 79 -62.59 -79.07 -15.15
C LEU M 79 -64.03 -78.58 -15.17
N GLN M 80 -64.23 -77.26 -15.29
CA GLN M 80 -65.56 -76.70 -15.43
C GLN M 80 -65.90 -76.46 -16.90
N PRO M 81 -67.18 -76.35 -17.25
CA PRO M 81 -67.58 -76.32 -18.67
C PRO M 81 -66.93 -75.23 -19.50
N GLU M 82 -66.42 -74.16 -18.90
CA GLU M 82 -65.77 -73.10 -19.66
C GLU M 82 -64.28 -73.35 -19.87
N ASP M 83 -63.79 -74.50 -19.44
CA ASP M 83 -62.40 -74.89 -19.66
C ASP M 83 -62.21 -75.59 -21.00
N PHE M 84 -63.28 -76.05 -21.65
CA PHE M 84 -63.18 -76.83 -22.88
C PHE M 84 -62.84 -75.90 -24.03
N ALA M 85 -61.56 -75.82 -24.37
CA ALA M 85 -61.09 -74.92 -25.41
C ALA M 85 -59.88 -75.53 -26.10
N THR M 86 -59.21 -74.74 -26.94
CA THR M 86 -57.98 -75.15 -27.61
C THR M 86 -56.79 -74.60 -26.81
N TYR M 87 -55.95 -75.50 -26.31
CA TYR M 87 -54.82 -75.11 -25.49
C TYR M 87 -53.52 -75.33 -26.26
N TYR M 88 -52.54 -74.48 -25.97
CA TYR M 88 -51.29 -74.45 -26.70
C TYR M 88 -50.11 -74.41 -25.73
N CYS M 89 -49.03 -75.11 -26.09
CA CYS M 89 -47.75 -74.97 -25.40
C CYS M 89 -46.78 -74.20 -26.30
N GLN M 90 -46.00 -73.33 -25.68
CA GLN M 90 -45.12 -72.43 -26.39
C GLN M 90 -43.71 -72.49 -25.80
N GLN M 91 -42.71 -72.55 -26.65
CA GLN M 91 -41.33 -72.45 -26.22
C GLN M 91 -40.83 -71.02 -26.41
N SER M 92 -39.90 -70.62 -25.53
CA SER M 92 -39.25 -69.32 -25.64
C SER M 92 -37.76 -69.44 -25.35
N TYR M 93 -37.17 -70.59 -25.69
CA TYR M 93 -35.77 -70.85 -25.39
C TYR M 93 -34.85 -70.13 -26.36
N SER M 94 -35.02 -70.42 -27.66
CA SER M 94 -34.19 -69.84 -28.71
C SER M 94 -35.08 -69.34 -29.84
N THR M 95 -34.48 -68.66 -30.80
CA THR M 95 -35.18 -68.14 -31.96
C THR M 95 -34.89 -69.02 -33.17
N PRO M 96 -35.90 -69.38 -33.98
CA PRO M 96 -37.31 -68.96 -33.89
C PRO M 96 -38.12 -69.67 -32.80
N ARG M 97 -39.27 -69.08 -32.47
CA ARG M 97 -40.18 -69.63 -31.47
C ARG M 97 -41.20 -70.56 -32.13
N THR M 98 -41.43 -71.70 -31.51
CA THR M 98 -42.37 -72.69 -32.01
C THR M 98 -43.47 -72.92 -30.98
N PHE M 99 -44.71 -73.02 -31.46
CA PHE M 99 -45.86 -73.28 -30.61
C PHE M 99 -46.30 -74.73 -30.79
N GLY M 100 -47.03 -75.23 -29.81
CA GLY M 100 -47.60 -76.56 -29.92
C GLY M 100 -48.66 -76.63 -31.00
N GLN M 101 -48.93 -77.87 -31.44
CA GLN M 101 -49.94 -78.07 -32.47
C GLN M 101 -51.35 -77.81 -31.97
N GLY M 102 -51.53 -77.61 -30.66
CA GLY M 102 -52.83 -77.34 -30.10
C GLY M 102 -53.49 -78.59 -29.54
N THR M 103 -54.10 -78.46 -28.36
CA THR M 103 -54.84 -79.55 -27.75
C THR M 103 -56.24 -79.06 -27.39
N LYS M 104 -57.24 -79.82 -27.76
CA LYS M 104 -58.65 -79.41 -27.65
C LYS M 104 -59.34 -80.25 -26.60
N VAL M 105 -59.69 -79.64 -25.48
CA VAL M 105 -60.54 -80.26 -24.48
C VAL M 105 -61.99 -80.01 -24.89
N GLU M 106 -62.79 -81.07 -24.95
CA GLU M 106 -64.17 -80.96 -25.38
C GLU M 106 -65.06 -81.84 -24.52
N ILE M 107 -66.34 -81.46 -24.44
CA ILE M 107 -67.30 -82.13 -23.57
C ILE M 107 -67.83 -83.38 -24.26
N LYS M 108 -68.14 -84.39 -23.45
CA LYS M 108 -68.78 -85.62 -23.94
C LYS M 108 -70.10 -85.86 -23.22
N GLN N 14 59.82 4.37 -26.53
CA GLN N 14 58.61 5.17 -26.55
C GLN N 14 58.27 5.66 -25.15
N CYS N 15 57.66 6.84 -25.08
CA CYS N 15 57.26 7.49 -23.83
C CYS N 15 58.43 7.55 -22.83
N VAL N 16 59.43 8.33 -23.24
CA VAL N 16 60.62 8.55 -22.43
C VAL N 16 60.22 8.88 -20.99
N ASN N 17 60.91 8.26 -20.04
CA ASN N 17 60.62 8.41 -18.63
C ASN N 17 61.19 9.71 -18.09
N LEU N 18 60.77 10.84 -18.68
CA LEU N 18 61.27 12.15 -18.28
C LEU N 18 60.29 12.77 -17.30
N THR N 19 60.50 12.41 -16.03
CA THR N 19 59.77 12.99 -14.88
C THR N 19 60.80 13.76 -14.04
N THR N 20 62.02 13.94 -14.57
CA THR N 20 63.16 14.59 -13.90
C THR N 20 63.22 14.06 -12.47
N ARG N 21 63.13 14.98 -11.52
CA ARG N 21 63.13 14.69 -10.08
C ARG N 21 62.15 15.56 -9.31
N THR N 22 61.54 16.53 -9.98
CA THR N 22 60.93 17.68 -9.31
C THR N 22 59.42 17.49 -9.20
N GLN N 23 58.94 17.34 -7.97
CA GLN N 23 57.51 17.34 -7.73
C GLN N 23 56.90 18.72 -7.99
N LEU N 24 57.69 19.79 -7.85
CA LEU N 24 57.26 21.16 -8.11
C LEU N 24 56.04 21.49 -7.25
N PRO N 25 56.23 21.72 -5.96
CA PRO N 25 55.10 21.95 -5.04
C PRO N 25 54.06 22.87 -5.66
N PRO N 26 52.82 22.40 -5.82
CA PRO N 26 51.81 23.19 -6.55
C PRO N 26 51.41 24.41 -5.75
N ALA N 27 51.39 25.56 -6.43
CA ALA N 27 51.03 26.79 -5.73
C ALA N 27 49.52 26.91 -5.66
N TYR N 28 49.04 28.01 -5.09
CA TYR N 28 47.62 28.18 -4.88
C TYR N 28 47.16 29.55 -5.38
N THR N 29 46.00 29.57 -6.03
CA THR N 29 45.40 30.80 -6.51
C THR N 29 43.93 30.78 -6.06
N ASN N 30 43.26 31.91 -6.20
CA ASN N 30 41.86 32.04 -5.80
C ASN N 30 41.01 32.22 -7.03
N SER N 31 40.16 31.23 -7.31
CA SER N 31 39.19 31.33 -8.39
C SER N 31 38.07 32.27 -7.98
N PHE N 32 38.26 33.57 -8.24
CA PHE N 32 37.34 34.58 -7.75
C PHE N 32 35.91 34.33 -8.21
N THR N 33 35.68 34.36 -9.52
CA THR N 33 34.34 34.24 -10.09
C THR N 33 34.30 33.23 -11.23
N ARG N 34 35.07 32.15 -11.11
CA ARG N 34 35.23 31.20 -12.19
C ARG N 34 34.46 29.91 -11.92
N GLY N 35 34.24 29.15 -12.98
CA GLY N 35 33.65 27.83 -12.88
C GLY N 35 32.14 27.82 -12.84
N VAL N 36 31.50 28.71 -13.59
CA VAL N 36 30.05 28.81 -13.64
C VAL N 36 29.61 28.48 -15.06
N TYR N 37 29.25 27.22 -15.28
CA TYR N 37 28.84 26.75 -16.60
C TYR N 37 27.33 26.92 -16.77
N TYR N 38 26.86 26.67 -18.00
CA TYR N 38 25.44 26.68 -18.30
C TYR N 38 24.84 25.31 -17.93
N PRO N 39 24.12 25.22 -16.81
CA PRO N 39 23.66 23.90 -16.35
C PRO N 39 22.33 23.46 -16.93
N ASP N 40 21.52 24.38 -17.44
CA ASP N 40 20.13 24.12 -17.78
C ASP N 40 19.95 23.96 -19.28
N LYS N 41 18.84 23.33 -19.65
CA LYS N 41 18.49 23.09 -21.04
C LYS N 41 17.53 24.13 -21.61
N VAL N 42 17.17 25.14 -20.83
CA VAL N 42 16.24 26.18 -21.27
C VAL N 42 17.00 27.50 -21.38
N PHE N 43 16.64 28.29 -22.39
CA PHE N 43 17.19 29.63 -22.57
C PHE N 43 16.32 30.61 -21.78
N ARG N 44 16.83 31.10 -20.67
CA ARG N 44 16.14 32.09 -19.87
C ARG N 44 16.76 33.47 -20.10
N SER N 45 15.90 34.48 -20.16
CA SER N 45 16.33 35.85 -20.45
C SER N 45 16.01 36.73 -19.25
N SER N 46 17.04 37.38 -18.70
CA SER N 46 16.90 38.25 -17.53
C SER N 46 16.17 37.55 -16.39
N VAL N 47 16.48 36.27 -16.20
CA VAL N 47 15.88 35.45 -15.16
C VAL N 47 16.93 35.15 -14.11
N LEU N 48 16.61 35.44 -12.85
CA LEU N 48 17.52 35.19 -11.73
C LEU N 48 17.24 33.78 -11.20
N HIS N 49 17.80 32.81 -11.90
CA HIS N 49 17.58 31.40 -11.57
C HIS N 49 18.48 30.98 -10.40
N SER N 50 18.24 29.76 -9.91
CA SER N 50 19.04 29.19 -8.83
C SER N 50 19.23 27.71 -9.12
N THR N 51 20.48 27.25 -9.08
CA THR N 51 20.83 25.91 -9.54
C THR N 51 21.54 25.15 -8.44
N GLN N 52 21.08 23.93 -8.17
CA GLN N 52 21.72 23.01 -7.23
C GLN N 52 22.58 22.00 -8.00
N ASP N 53 23.70 22.49 -8.52
CA ASP N 53 24.58 21.66 -9.35
C ASP N 53 26.01 21.73 -8.82
N LEU N 54 26.88 20.96 -9.47
CA LEU N 54 28.29 20.84 -9.07
C LEU N 54 29.08 21.97 -9.69
N PHE N 55 29.33 23.02 -8.91
CA PHE N 55 30.11 24.15 -9.39
C PHE N 55 31.44 24.23 -8.67
N LEU N 56 32.37 24.96 -9.27
CA LEU N 56 33.61 25.30 -8.58
C LEU N 56 33.32 26.35 -7.52
N PRO N 57 33.66 26.10 -6.25
CA PRO N 57 33.39 27.10 -5.21
C PRO N 57 34.07 28.42 -5.51
N PHE N 58 33.46 29.50 -5.02
CA PHE N 58 34.00 30.82 -5.25
C PHE N 58 35.11 31.12 -4.24
N PHE N 59 36.16 31.78 -4.73
CA PHE N 59 37.36 32.04 -3.94
C PHE N 59 37.87 30.76 -3.29
N SER N 60 37.93 29.70 -4.07
CA SER N 60 38.41 28.40 -3.62
C SER N 60 39.87 28.25 -4.00
N ASN N 61 40.59 27.46 -3.20
CA ASN N 61 42.00 27.21 -3.47
C ASN N 61 42.13 26.38 -4.73
N VAL N 62 42.48 27.04 -5.83
CA VAL N 62 42.75 26.34 -7.08
C VAL N 62 44.25 26.06 -7.14
N THR N 63 44.59 24.79 -7.30
CA THR N 63 46.00 24.39 -7.35
C THR N 63 46.57 24.83 -8.69
N TRP N 64 47.48 25.81 -8.66
CA TRP N 64 48.23 26.18 -9.84
C TRP N 64 49.37 25.19 -10.03
N PHE N 65 49.30 24.45 -11.13
CA PHE N 65 50.33 23.49 -11.50
C PHE N 65 51.19 24.11 -12.60
N HIS N 66 52.39 24.54 -12.25
CA HIS N 66 53.37 24.95 -13.24
C HIS N 66 53.94 23.66 -13.83
N ALA N 67 53.53 23.32 -15.05
CA ALA N 67 53.76 21.97 -15.55
C ALA N 67 55.18 21.79 -16.06
N ILE N 68 55.57 22.58 -17.05
CA ILE N 68 56.95 22.61 -17.51
C ILE N 68 57.61 23.84 -16.90
N HIS N 69 58.56 23.60 -16.00
CA HIS N 69 59.14 24.65 -15.16
C HIS N 69 60.56 24.91 -15.64
N VAL N 70 60.68 25.83 -16.60
CA VAL N 70 61.99 26.28 -17.05
C VAL N 70 62.70 26.89 -15.85
N SER N 71 63.78 26.27 -15.41
CA SER N 71 64.53 26.77 -14.27
C SER N 71 65.55 27.80 -14.72
N GLY N 72 65.82 28.78 -13.86
CA GLY N 72 66.70 29.86 -14.22
C GLY N 72 68.19 29.56 -14.14
N THR N 73 68.56 28.46 -13.48
CA THR N 73 69.96 28.12 -13.33
C THR N 73 70.63 27.84 -14.68
N ASN N 74 70.20 26.77 -15.35
CA ASN N 74 70.75 26.39 -16.65
C ASN N 74 69.66 25.86 -17.56
N GLY N 75 68.51 26.51 -17.57
CA GLY N 75 67.36 25.96 -18.26
C GLY N 75 66.82 24.75 -17.52
N THR N 76 67.00 23.57 -18.09
CA THR N 76 66.61 22.31 -17.46
C THR N 76 65.18 22.36 -16.92
N LYS N 77 64.24 22.49 -17.85
CA LYS N 77 62.84 22.60 -17.50
C LYS N 77 62.39 21.39 -16.68
N ARG N 78 61.50 21.64 -15.73
CA ARG N 78 61.08 20.64 -14.76
C ARG N 78 59.71 20.12 -15.13
N PHE N 79 59.60 18.80 -15.26
CA PHE N 79 58.36 18.16 -15.67
C PHE N 79 57.41 18.00 -14.48
N ASP N 80 56.13 17.88 -14.80
CA ASP N 80 55.04 17.86 -13.82
C ASP N 80 53.90 17.01 -14.35
N ASN N 81 52.68 17.31 -13.89
CA ASN N 81 51.44 16.59 -14.18
C ASN N 81 51.42 15.23 -13.49
N PRO N 82 51.41 15.18 -12.16
CA PRO N 82 51.13 13.90 -11.50
C PRO N 82 49.70 13.49 -11.76
N VAL N 83 49.35 12.31 -11.25
CA VAL N 83 48.01 11.78 -11.49
C VAL N 83 47.05 12.49 -10.55
N LEU N 84 46.48 13.60 -11.02
CA LEU N 84 45.60 14.39 -10.18
C LEU N 84 44.27 13.68 -9.99
N PRO N 85 43.71 13.68 -8.78
CA PRO N 85 42.42 13.03 -8.55
C PRO N 85 41.29 13.73 -9.29
N PHE N 86 40.40 12.92 -9.86
CA PHE N 86 39.18 13.38 -10.52
C PHE N 86 37.96 13.23 -9.62
N ASN N 87 38.11 13.57 -8.34
CA ASN N 87 37.20 13.12 -7.28
C ASN N 87 35.72 13.19 -7.67
N ASP N 88 35.20 14.39 -7.91
CA ASP N 88 33.84 14.55 -8.41
C ASP N 88 33.82 15.18 -9.79
N GLY N 89 34.40 16.36 -9.94
CA GLY N 89 34.50 17.01 -11.23
C GLY N 89 35.66 17.98 -11.19
N VAL N 90 36.27 18.22 -12.34
CA VAL N 90 37.51 18.97 -12.41
C VAL N 90 37.30 20.20 -13.28
N TYR N 91 37.60 21.37 -12.73
CA TYR N 91 37.67 22.61 -13.49
C TYR N 91 39.11 22.81 -13.92
N PHE N 92 39.37 22.66 -15.22
CA PHE N 92 40.70 22.79 -15.78
C PHE N 92 40.80 24.12 -16.50
N ALA N 93 41.84 24.88 -16.19
CA ALA N 93 42.04 26.22 -16.77
C ALA N 93 43.44 26.26 -17.36
N SER N 94 43.52 26.13 -18.68
CA SER N 94 44.79 26.20 -19.39
C SER N 94 45.04 27.64 -19.85
N THR N 95 46.22 28.15 -19.53
CA THR N 95 46.59 29.51 -19.91
C THR N 95 47.67 29.55 -20.99
N GLU N 96 48.29 28.41 -21.31
CA GLU N 96 49.50 28.43 -22.12
C GLU N 96 49.24 28.97 -23.52
N LYS N 97 50.14 29.84 -23.97
CA LYS N 97 50.02 30.57 -25.23
C LYS N 97 49.99 29.63 -26.43
N SER N 98 51.10 28.93 -26.69
CA SER N 98 51.13 27.88 -27.68
C SER N 98 50.67 26.58 -27.03
N ASN N 99 49.89 25.79 -27.77
CA ASN N 99 49.14 24.70 -27.14
C ASN N 99 50.07 23.57 -26.71
N ILE N 100 50.88 23.83 -25.68
CA ILE N 100 51.63 22.76 -25.05
C ILE N 100 50.67 21.76 -24.39
N ILE N 101 49.64 22.28 -23.73
CA ILE N 101 48.62 21.41 -23.16
C ILE N 101 47.91 20.68 -24.29
N ARG N 102 47.46 19.46 -23.99
CA ARG N 102 46.78 18.61 -24.96
C ARG N 102 45.63 17.93 -24.22
N GLY N 103 45.07 16.88 -24.83
CA GLY N 103 44.03 16.12 -24.18
C GLY N 103 44.47 15.46 -22.88
N TRP N 104 43.58 14.71 -22.26
CA TRP N 104 43.81 14.16 -20.93
C TRP N 104 43.63 12.65 -20.95
N ILE N 105 44.02 12.01 -19.84
CA ILE N 105 44.13 10.55 -19.78
C ILE N 105 43.25 9.98 -18.67
N PHE N 106 42.03 10.52 -18.54
CA PHE N 106 41.11 10.12 -17.48
C PHE N 106 40.98 8.61 -17.35
N GLY N 107 40.51 8.13 -16.22
CA GLY N 107 40.32 6.71 -15.98
C GLY N 107 40.51 6.38 -14.51
N THR N 108 40.00 5.22 -14.12
CA THR N 108 40.06 4.80 -12.72
C THR N 108 41.44 4.29 -12.35
N THR N 109 42.00 3.38 -13.14
CA THR N 109 43.33 2.84 -12.92
C THR N 109 44.34 3.28 -13.97
N LEU N 110 43.88 3.95 -15.03
CA LEU N 110 44.74 4.33 -16.16
C LEU N 110 45.42 3.10 -16.76
N ASP N 111 44.71 1.97 -16.74
CA ASP N 111 45.26 0.70 -17.18
C ASP N 111 44.13 -0.12 -17.81
N SER N 112 44.41 -1.38 -18.09
CA SER N 112 43.40 -2.26 -18.68
C SER N 112 42.32 -2.60 -17.65
N LYS N 113 41.25 -3.22 -18.15
CA LYS N 113 40.10 -3.69 -17.36
C LYS N 113 39.28 -2.51 -16.85
N THR N 114 39.77 -1.29 -17.07
CA THR N 114 39.07 -0.06 -16.72
C THR N 114 39.36 0.91 -17.87
N GLN N 115 38.36 1.13 -18.72
CA GLN N 115 38.59 1.93 -19.92
C GLN N 115 38.96 3.36 -19.56
N SER N 116 40.24 3.68 -19.71
CA SER N 116 40.76 5.00 -19.39
C SER N 116 40.42 5.95 -20.53
N LEU N 117 39.45 6.84 -20.28
CA LEU N 117 39.11 7.87 -21.24
C LEU N 117 40.36 8.66 -21.64
N LEU N 118 40.56 8.82 -22.94
CA LEU N 118 41.72 9.52 -23.47
C LEU N 118 41.25 10.54 -24.51
N ILE N 119 41.32 11.81 -24.15
CA ILE N 119 41.17 12.89 -25.10
C ILE N 119 42.56 13.24 -25.61
N VAL N 120 42.66 13.54 -26.91
CA VAL N 120 43.91 14.00 -27.50
C VAL N 120 43.58 15.03 -28.57
N ASN N 121 44.12 16.24 -28.43
CA ASN N 121 43.89 17.29 -29.41
C ASN N 121 45.06 17.35 -30.38
N ASN N 122 44.77 17.16 -31.66
CA ASN N 122 45.67 17.51 -32.74
C ASN N 122 45.14 18.73 -33.46
N ALA N 123 46.00 19.39 -34.21
CA ALA N 123 45.57 20.57 -34.97
C ALA N 123 44.41 20.24 -35.88
N THR N 124 44.41 19.05 -36.48
CA THR N 124 43.33 18.63 -37.36
C THR N 124 42.02 18.49 -36.61
N ASN N 125 41.97 17.55 -35.65
CA ASN N 125 40.72 17.23 -34.98
C ASN N 125 41.03 16.67 -33.60
N VAL N 126 40.03 16.71 -32.73
CA VAL N 126 40.14 16.11 -31.39
C VAL N 126 39.71 14.66 -31.49
N VAL N 127 40.42 13.79 -30.79
CA VAL N 127 40.21 12.34 -30.81
C VAL N 127 39.90 11.89 -29.39
N ILE N 128 38.70 11.37 -29.19
CA ILE N 128 38.24 10.90 -27.89
C ILE N 128 38.10 9.40 -27.95
N LYS N 129 38.81 8.68 -27.09
CA LYS N 129 38.80 7.22 -27.10
C LYS N 129 38.58 6.71 -25.68
N VAL N 130 37.43 6.08 -25.46
CA VAL N 130 37.17 5.32 -24.23
C VAL N 130 37.49 3.88 -24.58
N CYS N 131 38.76 3.51 -24.35
CA CYS N 131 39.29 2.18 -24.57
C CYS N 131 40.03 1.74 -23.32
N GLU N 132 40.64 0.57 -23.36
CA GLU N 132 41.46 0.07 -22.25
C GLU N 132 42.92 0.34 -22.59
N PHE N 133 43.39 1.54 -22.26
CA PHE N 133 44.75 1.94 -22.54
C PHE N 133 45.69 1.46 -21.44
N GLN N 134 46.98 1.50 -21.74
CA GLN N 134 48.04 1.15 -20.79
C GLN N 134 49.05 2.29 -20.77
N PHE N 135 48.78 3.30 -19.95
CA PHE N 135 49.69 4.45 -19.86
C PHE N 135 50.95 4.05 -19.11
N CYS N 136 52.10 4.45 -19.65
CA CYS N 136 53.37 4.20 -18.99
C CYS N 136 53.63 5.28 -17.95
N ASN N 137 54.87 5.39 -17.48
CA ASN N 137 55.20 6.31 -16.41
C ASN N 137 54.85 7.76 -16.75
N ASP N 138 55.29 8.23 -17.92
CA ASP N 138 55.13 9.63 -18.32
C ASP N 138 54.34 9.71 -19.63
N PRO N 139 53.02 9.69 -19.57
CA PRO N 139 52.22 9.97 -20.78
C PRO N 139 52.39 11.42 -21.21
N PHE N 140 52.96 11.60 -22.39
CA PHE N 140 53.06 12.91 -23.02
C PHE N 140 52.89 12.74 -24.52
N LEU N 141 52.90 13.86 -25.24
CA LEU N 141 52.77 13.84 -26.69
C LEU N 141 54.15 14.00 -27.31
N GLY N 142 54.61 12.97 -28.02
CA GLY N 142 55.90 13.03 -28.64
C GLY N 142 55.87 13.73 -29.98
N VAL N 143 55.82 15.06 -29.97
CA VAL N 143 55.71 15.78 -31.23
C VAL N 143 57.10 15.81 -31.84
N TYR N 144 57.40 14.80 -32.67
CA TYR N 144 58.69 14.69 -33.31
C TYR N 144 58.59 15.14 -34.76
N TYR N 145 59.75 15.37 -35.37
CA TYR N 145 59.83 15.92 -36.71
C TYR N 145 59.58 14.83 -37.74
N HIS N 146 58.47 14.94 -38.47
CA HIS N 146 58.13 13.92 -39.46
C HIS N 146 59.21 13.78 -40.52
N LYS N 147 59.86 14.89 -40.89
CA LYS N 147 61.07 14.91 -41.70
C LYS N 147 60.76 14.57 -43.16
N ASN N 148 59.52 14.19 -43.43
CA ASN N 148 59.00 14.07 -44.78
C ASN N 148 57.97 15.18 -44.98
N ASN N 149 58.19 16.00 -46.02
CA ASN N 149 57.44 17.24 -46.25
C ASN N 149 57.65 18.26 -45.12
N LYS N 150 58.65 18.03 -44.27
CA LYS N 150 59.02 18.94 -43.18
C LYS N 150 57.82 19.19 -42.25
N SER N 151 57.38 18.12 -41.60
CA SER N 151 56.19 18.17 -40.76
C SER N 151 56.55 17.89 -39.30
N TRP N 152 55.52 17.83 -38.47
CA TRP N 152 55.64 17.75 -37.01
C TRP N 152 54.86 16.57 -36.45
N MET N 153 55.09 15.37 -36.97
CA MET N 153 54.29 14.21 -36.62
C MET N 153 54.27 13.96 -35.12
N GLU N 154 53.09 13.70 -34.57
CA GLU N 154 52.91 13.53 -33.14
C GLU N 154 52.81 12.03 -32.83
N SER N 155 53.86 11.47 -32.25
CA SER N 155 53.79 10.10 -31.74
C SER N 155 52.92 10.09 -30.49
N GLU N 156 51.82 9.33 -30.56
CA GLU N 156 50.85 9.21 -29.48
C GLU N 156 51.15 8.04 -28.56
N PHE N 157 52.01 7.11 -28.96
CA PHE N 157 52.43 6.05 -28.07
C PHE N 157 53.34 6.54 -26.96
N ARG N 158 53.68 7.83 -26.95
CA ARG N 158 54.28 8.43 -25.77
C ARG N 158 53.28 8.64 -24.66
N VAL N 159 52.01 8.31 -24.89
CA VAL N 159 50.97 8.44 -23.87
C VAL N 159 50.75 7.09 -23.21
N TYR N 160 50.36 6.10 -24.00
CA TYR N 160 50.08 4.75 -23.52
C TYR N 160 51.07 3.77 -24.12
N SER N 161 50.87 2.49 -23.81
CA SER N 161 51.63 1.42 -24.45
C SER N 161 50.76 0.51 -25.30
N SER N 162 49.44 0.51 -25.10
CA SER N 162 48.55 -0.30 -25.90
C SER N 162 47.17 0.36 -25.91
N ALA N 163 46.38 0.02 -26.92
CA ALA N 163 45.02 0.54 -27.07
C ALA N 163 44.13 -0.62 -27.55
N ASN N 164 43.36 -1.19 -26.63
CA ASN N 164 42.53 -2.34 -26.94
C ASN N 164 41.29 -2.30 -26.05
N ASN N 165 40.39 -3.26 -26.28
CA ASN N 165 39.16 -3.41 -25.52
C ASN N 165 38.40 -2.08 -25.44
N CYS N 166 38.16 -1.50 -26.61
CA CYS N 166 37.60 -0.16 -26.71
C CYS N 166 36.09 -0.23 -26.95
N THR N 167 35.34 0.62 -26.24
CA THR N 167 33.87 0.67 -26.47
C THR N 167 33.45 2.02 -27.06
N PHE N 168 34.22 3.09 -26.83
CA PHE N 168 33.83 4.37 -27.41
C PHE N 168 34.99 4.98 -28.19
N GLU N 169 34.68 5.53 -29.37
CA GLU N 169 35.66 6.24 -30.17
C GLU N 169 34.94 7.35 -30.92
N TYR N 170 35.65 8.47 -31.10
CA TYR N 170 34.99 9.67 -31.58
C TYR N 170 36.04 10.66 -32.06
N VAL N 171 35.67 11.46 -33.05
CA VAL N 171 36.52 12.51 -33.59
C VAL N 171 35.65 13.75 -33.81
N SER N 172 36.11 14.90 -33.32
CA SER N 172 35.31 16.11 -33.39
C SER N 172 36.22 17.30 -33.65
N GLN N 173 35.66 18.50 -33.55
CA GLN N 173 36.40 19.72 -33.79
C GLN N 173 37.37 19.99 -32.64
N PRO N 174 38.53 20.60 -32.94
CA PRO N 174 39.56 20.79 -31.91
C PRO N 174 39.06 21.48 -30.65
N PHE N 175 39.25 20.83 -29.50
CA PHE N 175 38.95 21.44 -28.21
C PHE N 175 39.81 22.67 -28.00
N LEU N 176 41.13 22.45 -27.93
CA LEU N 176 42.10 23.51 -27.63
C LEU N 176 42.36 24.31 -28.90
N MET N 177 41.50 25.30 -29.14
CA MET N 177 41.70 26.24 -30.24
C MET N 177 42.48 27.44 -29.71
N ASP N 178 43.69 27.62 -30.21
CA ASP N 178 44.56 28.74 -29.84
C ASP N 178 44.63 29.70 -31.02
N LEU N 179 44.00 30.87 -30.86
CA LEU N 179 43.86 31.88 -31.90
C LEU N 179 44.80 33.06 -31.65
N GLU N 180 46.05 32.76 -31.29
CA GLU N 180 46.91 33.70 -30.56
C GLU N 180 46.85 35.13 -31.09
N GLY N 181 47.36 35.36 -32.29
CA GLY N 181 47.08 36.56 -33.06
C GLY N 181 47.15 37.90 -32.34
N LYS N 182 47.66 37.93 -31.12
CA LYS N 182 47.64 39.14 -30.30
C LYS N 182 48.98 39.46 -29.67
N GLN N 183 49.74 38.45 -29.25
CA GLN N 183 51.07 38.63 -28.65
C GLN N 183 50.98 39.53 -27.42
N GLY N 184 50.32 39.00 -26.40
CA GLY N 184 49.92 39.80 -25.25
C GLY N 184 48.42 40.03 -25.27
N ASN N 185 47.86 40.28 -24.08
CA ASN N 185 46.42 40.36 -23.87
C ASN N 185 45.71 39.08 -24.28
N PHE N 186 46.46 37.99 -24.44
CA PHE N 186 45.99 36.74 -25.03
C PHE N 186 46.61 35.61 -24.23
N LYS N 187 46.83 34.46 -24.89
CA LYS N 187 47.09 33.16 -24.26
C LYS N 187 45.77 32.65 -23.70
N ASN N 188 44.73 32.69 -24.53
CA ASN N 188 43.33 32.56 -24.12
C ASN N 188 43.16 31.58 -22.99
N LEU N 189 42.56 32.05 -21.89
CA LEU N 189 42.19 31.14 -20.83
C LEU N 189 41.18 30.17 -21.40
N ARG N 190 41.59 28.92 -21.58
CA ARG N 190 40.71 27.88 -22.08
C ARG N 190 40.24 27.07 -20.87
N GLU N 191 38.95 27.14 -20.59
CA GLU N 191 38.40 26.52 -19.40
C GLU N 191 37.49 25.37 -19.78
N PHE N 192 37.62 24.27 -19.04
CA PHE N 192 36.90 23.03 -19.32
C PHE N 192 36.44 22.43 -18.01
N VAL N 193 35.13 22.28 -17.85
CA VAL N 193 34.59 21.55 -16.71
C VAL N 193 34.36 20.11 -17.13
N PHE N 194 35.15 19.21 -16.56
CA PHE N 194 35.00 17.78 -16.78
C PHE N 194 34.10 17.22 -15.69
N LYS N 195 32.99 16.61 -16.11
CA LYS N 195 31.91 16.27 -15.18
C LYS N 195 31.44 14.85 -15.49
N ASN N 196 31.72 13.92 -14.57
CA ASN N 196 31.36 12.51 -14.77
C ASN N 196 29.99 12.22 -14.16
N ILE N 197 28.96 12.67 -14.87
CA ILE N 197 27.59 12.48 -14.41
C ILE N 197 27.12 11.09 -14.84
N ASP N 198 26.97 10.19 -13.86
CA ASP N 198 26.38 8.85 -13.99
C ASP N 198 26.71 8.18 -15.32
N GLY N 199 28.02 8.03 -15.57
CA GLY N 199 28.48 7.37 -16.78
C GLY N 199 28.37 8.22 -18.02
N TYR N 200 28.50 9.53 -17.88
CA TYR N 200 28.40 10.47 -19.00
C TYR N 200 29.42 11.57 -18.73
N PHE N 201 30.53 11.53 -19.46
CA PHE N 201 31.54 12.58 -19.39
C PHE N 201 31.00 13.82 -20.11
N LYS N 202 30.71 14.87 -19.36
CA LYS N 202 30.26 16.13 -19.91
C LYS N 202 31.42 17.11 -19.89
N ILE N 203 31.71 17.69 -21.05
CA ILE N 203 32.78 18.66 -21.19
C ILE N 203 32.18 20.03 -21.47
N TYR N 204 32.72 21.04 -20.80
CA TYR N 204 32.36 22.43 -21.03
C TYR N 204 33.59 23.15 -21.56
N SER N 205 33.43 24.42 -21.90
CA SER N 205 34.51 25.11 -22.57
C SER N 205 34.31 26.62 -22.50
N LYS N 206 35.42 27.34 -22.63
CA LYS N 206 35.39 28.74 -23.03
C LYS N 206 36.81 29.17 -23.42
N HIS N 207 36.91 29.92 -24.52
CA HIS N 207 38.13 30.60 -24.92
C HIS N 207 37.99 32.05 -24.49
N THR N 208 38.81 32.49 -23.55
CA THR N 208 38.65 33.84 -23.07
C THR N 208 39.91 34.67 -23.32
N PRO N 209 39.77 35.90 -23.83
CA PRO N 209 40.93 36.77 -24.01
C PRO N 209 41.50 37.22 -22.68
N ILE N 210 42.24 36.32 -22.02
CA ILE N 210 42.82 36.65 -20.71
C ILE N 210 43.78 37.81 -20.85
N ASN N 211 43.63 38.80 -19.97
CA ASN N 211 44.43 40.01 -19.99
C ASN N 211 45.71 39.87 -19.18
N LEU N 212 45.62 39.34 -17.97
CA LEU N 212 46.77 39.22 -17.09
C LEU N 212 47.81 38.26 -17.70
N VAL N 213 48.97 38.22 -17.07
CA VAL N 213 50.05 37.35 -17.57
C VAL N 213 49.68 35.89 -17.37
N ARG N 214 49.51 35.45 -16.12
CA ARG N 214 49.12 34.07 -15.89
C ARG N 214 48.08 33.86 -14.79
N ASP N 215 47.75 34.86 -13.99
CA ASP N 215 46.78 34.68 -12.92
C ASP N 215 45.35 34.69 -13.46
N LEU N 216 44.48 33.98 -12.78
CA LEU N 216 43.07 33.92 -13.17
C LEU N 216 42.42 35.28 -12.97
N PRO N 217 41.95 35.95 -14.01
CA PRO N 217 41.30 37.25 -13.85
C PRO N 217 39.89 37.08 -13.30
N GLN N 218 39.31 38.20 -12.88
CA GLN N 218 38.00 38.21 -12.22
C GLN N 218 36.89 38.37 -13.25
N GLY N 219 36.82 37.40 -14.16
CA GLY N 219 35.80 37.41 -15.19
C GLY N 219 34.80 36.28 -15.00
N PHE N 220 33.61 36.44 -15.57
CA PHE N 220 32.56 35.43 -15.46
C PHE N 220 32.72 34.42 -16.58
N SER N 221 33.28 33.26 -16.25
CA SER N 221 33.48 32.18 -17.21
C SER N 221 32.18 31.40 -17.35
N ALA N 222 31.28 31.93 -18.17
CA ALA N 222 30.00 31.28 -18.45
C ALA N 222 30.24 30.11 -19.42
N LEU N 223 30.82 29.04 -18.88
CA LEU N 223 31.23 27.91 -19.70
C LEU N 223 30.04 27.31 -20.45
N GLU N 224 30.22 27.11 -21.74
CA GLU N 224 29.31 26.46 -22.66
C GLU N 224 29.77 25.02 -22.90
N PRO N 225 28.86 24.05 -22.87
CA PRO N 225 29.28 22.65 -22.97
C PRO N 225 29.48 22.18 -24.41
N LEU N 226 30.54 21.40 -24.60
CA LEU N 226 30.84 20.86 -25.92
C LEU N 226 30.08 19.56 -26.18
N VAL N 227 30.31 18.54 -25.35
CA VAL N 227 29.81 17.20 -25.63
C VAL N 227 29.42 16.52 -24.32
N ASP N 228 28.54 15.52 -24.44
CA ASP N 228 28.14 14.63 -23.36
C ASP N 228 28.34 13.21 -23.90
N LEU N 229 29.43 12.56 -23.51
CA LEU N 229 29.80 11.26 -24.06
C LEU N 229 29.45 10.15 -23.08
N PRO N 230 28.72 9.13 -23.50
CA PRO N 230 28.40 8.01 -22.59
C PRO N 230 29.64 7.18 -22.30
N ILE N 231 30.01 7.11 -21.02
CA ILE N 231 31.19 6.37 -20.57
C ILE N 231 30.79 5.09 -19.84
N GLY N 232 30.08 5.23 -18.71
CA GLY N 232 29.69 4.09 -17.90
C GLY N 232 30.68 3.73 -16.82
N ILE N 233 31.91 4.20 -16.94
CA ILE N 233 32.95 3.92 -15.97
C ILE N 233 33.09 5.13 -15.06
N ASN N 234 33.45 4.90 -13.80
CA ASN N 234 33.64 5.96 -12.82
C ASN N 234 35.08 6.46 -12.86
N ILE N 235 35.30 7.62 -13.47
CA ILE N 235 36.66 8.14 -13.57
C ILE N 235 37.06 8.75 -12.24
N THR N 236 38.21 8.35 -11.72
CA THR N 236 38.65 8.88 -10.45
C THR N 236 39.96 9.65 -10.51
N ARG N 237 40.71 9.55 -11.60
CA ARG N 237 41.98 10.26 -11.75
C ARG N 237 42.09 10.79 -13.18
N PHE N 238 43.08 11.64 -13.39
CA PHE N 238 43.42 12.11 -14.73
C PHE N 238 44.79 12.77 -14.67
N GLN N 239 45.29 13.16 -15.84
CA GLN N 239 46.58 13.82 -15.97
C GLN N 239 46.70 14.43 -17.35
N THR N 240 46.97 15.73 -17.42
CA THR N 240 47.01 16.38 -18.73
C THR N 240 48.25 15.95 -19.50
N LEU N 241 48.17 16.10 -20.82
CA LEU N 241 49.25 15.71 -21.72
C LEU N 241 49.90 16.96 -22.30
N LEU N 242 51.21 16.87 -22.51
CA LEU N 242 52.00 18.01 -22.98
C LEU N 242 52.64 17.68 -24.31
N ALA N 243 52.65 18.66 -25.21
CA ALA N 243 53.32 18.54 -26.49
C ALA N 243 54.80 18.82 -26.29
N LEU N 244 55.63 17.77 -26.36
CA LEU N 244 57.06 17.91 -26.20
C LEU N 244 57.73 17.74 -27.55
N HIS N 245 58.62 18.67 -27.88
CA HIS N 245 59.37 18.61 -29.13
C HIS N 245 60.72 17.95 -28.89
N ARG N 246 61.14 17.12 -29.83
CA ARG N 246 62.44 16.45 -29.71
C ARG N 246 63.54 17.45 -29.99
N SER N 247 64.31 17.79 -28.96
CA SER N 247 65.42 18.73 -29.10
C SER N 247 66.55 18.07 -29.91
N TYR N 248 67.59 18.87 -30.18
CA TYR N 248 68.70 18.46 -31.02
C TYR N 248 69.90 18.13 -30.15
N LEU N 249 71.03 17.88 -30.80
CA LEU N 249 72.32 18.02 -30.14
C LEU N 249 72.43 19.46 -29.65
N THR N 250 72.41 19.65 -28.32
CA THR N 250 72.40 20.98 -27.73
C THR N 250 73.75 21.28 -27.09
N PRO N 251 74.67 21.94 -27.81
CA PRO N 251 76.02 22.25 -27.30
C PRO N 251 75.98 23.27 -26.16
N SER N 256 64.77 10.62 -25.26
CA SER N 256 66.02 11.38 -25.39
C SER N 256 65.81 12.84 -25.03
N GLY N 257 65.80 13.71 -26.03
CA GLY N 257 65.63 15.12 -25.85
C GLY N 257 64.18 15.53 -26.04
N TRP N 258 63.63 16.22 -25.04
CA TRP N 258 62.23 16.64 -25.04
C TRP N 258 62.14 17.93 -24.23
N THR N 259 60.94 18.22 -23.73
CA THR N 259 60.68 19.40 -22.89
C THR N 259 60.91 20.71 -23.63
N ALA N 260 60.10 20.98 -24.65
CA ALA N 260 60.07 22.28 -25.31
C ALA N 260 58.97 23.13 -24.71
N GLY N 261 59.22 24.44 -24.64
CA GLY N 261 58.24 25.36 -24.09
C GLY N 261 58.18 25.31 -22.58
N ALA N 262 57.31 26.15 -22.02
CA ALA N 262 57.03 26.19 -20.59
C ALA N 262 55.52 26.11 -20.38
N ALA N 263 55.09 25.29 -19.41
CA ALA N 263 53.69 24.95 -19.26
C ALA N 263 53.21 25.26 -17.84
N ALA N 264 52.03 25.88 -17.75
CA ALA N 264 51.41 26.21 -16.47
C ALA N 264 49.90 26.25 -16.66
N TYR N 265 49.17 25.60 -15.76
CA TYR N 265 47.71 25.58 -15.81
C TYR N 265 47.18 25.56 -14.38
N TYR N 266 45.85 25.50 -14.27
CA TYR N 266 45.18 25.56 -12.97
C TYR N 266 44.13 24.48 -12.87
N VAL N 267 44.04 23.87 -11.69
CA VAL N 267 43.09 22.79 -11.45
C VAL N 267 42.29 23.12 -10.20
N GLY N 268 40.96 23.15 -10.35
CA GLY N 268 40.06 23.29 -9.22
C GLY N 268 39.09 22.13 -9.19
N TYR N 269 38.43 21.96 -8.04
CA TYR N 269 37.50 20.87 -7.85
C TYR N 269 36.09 21.40 -7.67
N LEU N 270 35.12 20.58 -8.03
CA LEU N 270 33.72 20.96 -7.99
C LEU N 270 33.06 20.44 -6.73
N GLN N 271 32.00 21.13 -6.31
CA GLN N 271 31.24 20.79 -5.12
C GLN N 271 29.76 20.99 -5.42
N PRO N 272 28.90 20.14 -4.85
CA PRO N 272 27.44 20.24 -5.10
C PRO N 272 26.78 21.30 -4.23
N ARG N 273 26.90 22.55 -4.66
CA ARG N 273 26.49 23.69 -3.87
C ARG N 273 25.60 24.61 -4.70
N THR N 274 24.63 25.23 -4.03
CA THR N 274 23.66 26.08 -4.72
C THR N 274 24.32 27.36 -5.24
N PHE N 275 23.93 27.77 -6.44
CA PHE N 275 24.38 29.03 -7.02
C PHE N 275 23.17 29.82 -7.50
N LEU N 276 23.34 31.13 -7.56
CA LEU N 276 22.40 32.01 -8.23
C LEU N 276 22.95 32.37 -9.59
N LEU N 277 22.07 32.44 -10.59
CA LEU N 277 22.47 32.64 -11.98
C LEU N 277 21.63 33.78 -12.55
N LYS N 278 22.25 34.94 -12.76
CA LYS N 278 21.58 36.07 -13.37
C LYS N 278 21.76 35.97 -14.88
N TYR N 279 20.71 35.55 -15.57
CA TYR N 279 20.75 35.55 -17.03
C TYR N 279 20.54 36.97 -17.53
N ASN N 280 20.94 37.21 -18.77
CA ASN N 280 20.83 38.51 -19.40
C ASN N 280 19.69 38.52 -20.40
N GLU N 281 19.50 39.66 -21.06
CA GLU N 281 18.50 39.76 -22.11
C GLU N 281 18.85 38.86 -23.30
N ASN N 282 20.15 38.60 -23.48
CA ASN N 282 20.61 37.63 -24.47
C ASN N 282 20.76 36.23 -23.89
N GLY N 283 20.26 36.01 -22.67
CA GLY N 283 20.35 34.71 -22.04
C GLY N 283 21.75 34.27 -21.67
N THR N 284 22.63 35.21 -21.38
CA THR N 284 23.97 34.89 -20.90
C THR N 284 24.08 35.19 -19.42
N ILE N 285 24.95 34.44 -18.74
CA ILE N 285 25.11 34.55 -17.30
C ILE N 285 26.12 35.65 -17.00
N THR N 286 25.68 36.68 -16.27
CA THR N 286 26.56 37.79 -15.90
C THR N 286 26.83 37.81 -14.40
N ASP N 287 25.80 37.88 -13.57
CA ASP N 287 26.00 37.78 -12.13
C ASP N 287 25.85 36.34 -11.69
N ALA N 288 26.69 35.94 -10.73
CA ALA N 288 26.59 34.62 -10.13
C ALA N 288 27.10 34.75 -8.69
N VAL N 289 26.20 34.60 -7.73
CA VAL N 289 26.55 34.66 -6.32
C VAL N 289 26.35 33.28 -5.71
N ASP N 290 27.31 32.87 -4.89
CA ASP N 290 27.23 31.59 -4.22
C ASP N 290 26.16 31.65 -3.13
N CYS N 291 25.87 30.50 -2.53
CA CYS N 291 24.95 30.43 -1.40
C CYS N 291 25.61 29.99 -0.11
N ALA N 292 26.63 29.14 -0.18
CA ALA N 292 27.36 28.71 1.01
C ALA N 292 28.72 29.40 1.13
N LEU N 293 28.84 30.64 0.66
CA LEU N 293 30.10 31.36 0.70
C LEU N 293 30.23 32.24 1.95
N ASP N 294 29.33 33.21 2.10
CA ASP N 294 29.38 34.14 3.21
C ASP N 294 27.97 34.64 3.48
N PRO N 295 27.74 35.29 4.64
CA PRO N 295 26.37 35.73 4.97
C PRO N 295 25.69 36.56 3.89
N LEU N 296 26.41 37.50 3.26
CA LEU N 296 25.81 38.32 2.22
C LEU N 296 25.28 37.45 1.08
N SER N 297 26.10 36.50 0.61
CA SER N 297 25.66 35.62 -0.46
C SER N 297 24.54 34.71 -0.01
N GLU N 298 24.60 34.22 1.23
CA GLU N 298 23.49 33.47 1.80
C GLU N 298 22.18 34.25 1.67
N THR N 299 22.22 35.52 2.05
CA THR N 299 21.02 36.36 2.00
C THR N 299 20.54 36.55 0.57
N LYS N 300 21.49 36.86 -0.33
CA LYS N 300 21.14 36.98 -1.75
C LYS N 300 20.45 35.72 -2.25
N CYS N 301 20.87 34.55 -1.76
CA CYS N 301 20.20 33.31 -2.14
C CYS N 301 18.85 33.16 -1.46
N THR N 302 18.69 33.67 -0.23
CA THR N 302 17.39 33.62 0.43
C THR N 302 16.34 34.39 -0.36
N LEU N 303 16.66 35.61 -0.76
CA LEU N 303 15.75 36.39 -1.60
C LEU N 303 15.54 35.73 -2.95
N LYS N 304 16.45 34.84 -3.34
CA LYS N 304 16.34 33.94 -4.50
C LYS N 304 16.40 34.67 -5.85
N SER N 305 16.32 36.00 -5.85
CA SER N 305 16.53 36.69 -7.12
C SER N 305 17.58 37.79 -7.06
N PHE N 306 17.40 38.77 -6.17
CA PHE N 306 17.99 40.09 -6.37
C PHE N 306 19.15 40.33 -5.41
N THR N 307 19.70 41.54 -5.50
CA THR N 307 20.77 41.99 -4.62
C THR N 307 20.16 42.67 -3.40
N VAL N 308 20.71 42.36 -2.22
CA VAL N 308 20.09 42.75 -0.96
C VAL N 308 20.02 44.27 -0.83
N GLU N 309 19.00 44.75 -0.11
CA GLU N 309 18.85 46.15 0.24
C GLU N 309 18.90 46.30 1.75
N LYS N 310 18.65 47.52 2.22
CA LYS N 310 18.65 47.83 3.65
C LYS N 310 17.70 46.93 4.41
N GLY N 311 18.13 46.44 5.56
CA GLY N 311 17.24 45.77 6.48
C GLY N 311 17.89 44.56 7.11
N ILE N 312 17.03 43.71 7.68
CA ILE N 312 17.41 42.45 8.32
C ILE N 312 16.61 41.33 7.68
N TYR N 313 17.26 40.20 7.43
CA TYR N 313 16.64 39.08 6.73
C TYR N 313 17.02 37.79 7.46
N GLN N 314 16.02 37.06 7.94
CA GLN N 314 16.26 35.75 8.49
C GLN N 314 16.72 34.81 7.39
N THR N 315 17.89 34.19 7.58
CA THR N 315 18.52 33.41 6.52
C THR N 315 18.54 31.92 6.82
N SER N 316 19.10 31.51 7.96
CA SER N 316 19.34 30.09 8.17
C SER N 316 19.12 29.74 9.64
N ASN N 317 19.53 28.53 10.01
CA ASN N 317 19.32 28.00 11.36
C ASN N 317 20.62 27.37 11.83
N PHE N 318 21.32 28.05 12.73
CA PHE N 318 22.47 27.46 13.38
C PHE N 318 21.99 26.51 14.48
N ARG N 319 22.76 25.44 14.70
CA ARG N 319 22.46 24.52 15.78
C ARG N 319 23.78 24.04 16.38
N VAL N 320 23.90 24.13 17.70
CA VAL N 320 25.04 23.53 18.37
C VAL N 320 24.92 22.03 18.18
N GLN N 321 25.78 21.46 17.33
CA GLN N 321 25.69 20.05 17.03
C GLN N 321 26.17 19.22 18.21
N PRO N 322 25.63 18.01 18.39
CA PRO N 322 26.09 17.16 19.50
C PRO N 322 27.58 16.89 19.39
N THR N 323 28.27 17.00 20.52
CA THR N 323 29.71 16.78 20.55
C THR N 323 30.05 15.34 20.15
N GLU N 324 29.26 14.39 20.63
CA GLU N 324 29.48 12.97 20.34
C GLU N 324 28.18 12.22 20.66
N SER N 325 28.25 10.89 20.69
CA SER N 325 27.11 10.05 21.00
C SER N 325 27.47 9.12 22.15
N ILE N 326 26.74 9.24 23.26
CA ILE N 326 26.96 8.39 24.44
C ILE N 326 26.10 7.14 24.29
N VAL N 327 26.76 5.98 24.32
CA VAL N 327 26.10 4.68 24.27
C VAL N 327 26.24 4.01 25.63
N ARG N 328 25.11 3.63 26.23
CA ARG N 328 25.13 3.01 27.58
C ARG N 328 24.10 1.88 27.69
N PHE N 329 24.56 0.63 27.55
CA PHE N 329 23.72 -0.53 27.72
C PHE N 329 24.06 -1.23 29.03
N PRO N 330 23.16 -2.03 29.57
CA PRO N 330 23.49 -2.79 30.77
C PRO N 330 24.06 -4.16 30.44
N ASN N 331 24.62 -4.80 31.48
CA ASN N 331 25.03 -6.22 31.35
C ASN N 331 23.75 -7.06 31.16
N ILE N 332 22.60 -6.39 30.99
CA ILE N 332 21.23 -6.94 30.76
C ILE N 332 20.66 -7.62 32.02
N THR N 333 21.29 -8.70 32.48
CA THR N 333 20.83 -9.49 33.61
C THR N 333 21.79 -9.35 34.78
N ASN N 334 21.22 -9.29 35.99
CA ASN N 334 21.93 -8.77 37.14
C ASN N 334 23.21 -9.53 37.44
N LEU N 335 23.10 -10.83 37.74
CA LEU N 335 24.28 -11.57 38.20
C LEU N 335 23.98 -13.07 38.19
N CYS N 336 25.01 -13.86 37.91
CA CYS N 336 25.00 -15.31 37.95
C CYS N 336 26.22 -15.80 38.71
N PRO N 337 26.14 -17.00 39.33
CA PRO N 337 27.24 -17.51 40.15
C PRO N 337 28.29 -18.32 39.36
N PHE N 338 28.83 -17.72 38.31
CA PHE N 338 29.93 -18.35 37.58
C PHE N 338 31.10 -18.65 38.50
N GLY N 339 31.39 -17.73 39.44
CA GLY N 339 32.45 -17.94 40.41
C GLY N 339 32.29 -19.20 41.22
N GLU N 340 31.11 -19.80 41.23
CA GLU N 340 30.90 -21.10 41.88
C GLU N 340 30.75 -22.24 40.89
N VAL N 341 30.36 -21.97 39.65
CA VAL N 341 30.37 -23.01 38.62
C VAL N 341 31.80 -23.39 38.28
N PHE N 342 32.73 -22.44 38.38
CA PHE N 342 34.14 -22.70 38.10
C PHE N 342 34.89 -23.06 39.38
N ASN N 343 34.87 -22.18 40.37
CA ASN N 343 35.60 -22.38 41.61
C ASN N 343 34.74 -23.12 42.64
N ALA N 344 34.32 -24.33 42.26
CA ALA N 344 33.54 -25.17 43.13
C ALA N 344 34.45 -26.07 43.95
N THR N 345 33.98 -26.43 45.15
CA THR N 345 34.75 -27.33 46.00
C THR N 345 34.83 -28.73 45.41
N ARG N 346 33.81 -29.13 44.65
CA ARG N 346 33.79 -30.42 43.99
C ARG N 346 33.10 -30.29 42.64
N PHE N 347 33.45 -31.18 41.73
CA PHE N 347 32.83 -31.29 40.42
C PHE N 347 32.18 -32.66 40.30
N ALA N 348 31.62 -32.94 39.12
CA ALA N 348 30.95 -34.20 38.88
C ALA N 348 31.83 -35.14 38.06
N SER N 349 31.33 -36.36 37.88
CA SER N 349 31.93 -37.28 36.93
C SER N 349 31.67 -36.80 35.50
N VAL N 350 32.33 -37.43 34.54
CA VAL N 350 32.08 -37.12 33.15
C VAL N 350 31.13 -38.11 32.48
N TYR N 351 31.04 -39.34 32.99
CA TYR N 351 29.94 -40.19 32.58
C TYR N 351 28.61 -39.61 33.02
N ALA N 352 28.59 -38.91 34.15
CA ALA N 352 27.43 -38.19 34.65
C ALA N 352 27.88 -36.78 35.00
N TRP N 353 27.89 -35.89 34.02
CA TRP N 353 28.33 -34.52 34.24
C TRP N 353 27.15 -33.63 34.57
N ASN N 354 27.45 -32.47 35.15
CA ASN N 354 26.42 -31.53 35.59
C ASN N 354 26.06 -30.59 34.46
N ARG N 355 24.75 -30.46 34.21
CA ARG N 355 24.22 -29.56 33.19
C ARG N 355 23.67 -28.32 33.89
N LYS N 356 24.55 -27.36 34.15
CA LYS N 356 24.19 -26.13 34.83
C LYS N 356 23.69 -25.14 33.79
N ARG N 357 22.37 -24.95 33.73
CA ARG N 357 21.79 -23.98 32.81
C ARG N 357 21.85 -22.60 33.45
N ILE N 358 22.70 -21.73 32.93
CA ILE N 358 22.87 -20.38 33.46
C ILE N 358 22.09 -19.42 32.58
N SER N 359 21.13 -18.78 33.24
CA SER N 359 20.34 -17.65 32.69
C SER N 359 20.49 -16.49 33.69
N ASN N 360 20.16 -15.27 33.25
CA ASN N 360 20.16 -14.10 34.13
C ASN N 360 21.54 -13.90 34.77
N CYS N 361 22.52 -13.56 33.94
CA CYS N 361 23.90 -13.48 34.38
C CYS N 361 24.57 -12.15 34.03
N VAL N 362 25.53 -11.77 34.86
CA VAL N 362 26.32 -10.54 34.77
C VAL N 362 27.47 -10.74 33.79
N ALA N 363 28.16 -9.65 33.45
CA ALA N 363 29.40 -9.69 32.68
C ALA N 363 30.46 -10.50 33.42
N ASP N 364 30.77 -11.69 32.92
CA ASP N 364 31.75 -12.54 33.60
C ASP N 364 32.81 -13.14 32.68
N TYR N 365 32.65 -13.07 31.35
CA TYR N 365 33.74 -13.49 30.46
C TYR N 365 35.01 -12.73 30.78
N SER N 366 34.87 -11.44 31.08
CA SER N 366 36.02 -10.64 31.52
C SER N 366 36.70 -11.28 32.72
N VAL N 367 35.91 -11.72 33.71
CA VAL N 367 36.48 -12.40 34.86
C VAL N 367 37.14 -13.71 34.43
N LEU N 368 36.53 -14.41 33.47
CA LEU N 368 37.14 -15.63 32.95
C LEU N 368 38.48 -15.35 32.29
N TYR N 369 38.71 -14.13 31.82
CA TYR N 369 40.02 -13.75 31.34
C TYR N 369 40.93 -13.28 32.46
N ASN N 370 40.35 -12.67 33.50
CA ASN N 370 41.12 -12.22 34.65
C ASN N 370 41.69 -13.39 35.45
N SER N 371 41.09 -14.57 35.34
CA SER N 371 41.63 -15.75 36.00
C SER N 371 43.01 -16.10 35.45
N ALA N 372 43.10 -16.32 34.14
CA ALA N 372 44.37 -16.58 33.44
C ALA N 372 45.10 -17.77 34.06
N SER N 373 44.34 -18.80 34.45
CA SER N 373 44.91 -20.01 35.03
C SER N 373 44.42 -21.29 34.38
N PHE N 374 43.38 -21.24 33.56
CA PHE N 374 42.87 -22.44 32.92
C PHE N 374 43.87 -22.96 31.89
N SER N 375 44.31 -24.20 32.06
CA SER N 375 45.28 -24.78 31.13
C SER N 375 44.70 -24.88 29.73
N THR N 376 43.62 -25.64 29.57
CA THR N 376 42.96 -25.80 28.27
C THR N 376 41.77 -24.83 28.22
N PHE N 377 42.07 -23.56 27.96
CA PHE N 377 41.05 -22.54 27.81
C PHE N 377 40.86 -22.28 26.33
N LYS N 378 40.08 -23.17 25.69
CA LYS N 378 39.80 -23.09 24.27
C LYS N 378 38.36 -22.63 24.09
N CYS N 379 38.10 -21.89 23.02
CA CYS N 379 36.77 -21.31 22.89
C CYS N 379 36.39 -21.33 21.43
N TYR N 380 35.18 -21.82 21.14
CA TYR N 380 34.81 -22.25 19.80
C TYR N 380 33.68 -21.40 19.24
N GLY N 381 33.31 -21.69 18.00
CA GLY N 381 32.35 -20.88 17.27
C GLY N 381 33.03 -19.65 16.70
N VAL N 382 33.34 -18.70 17.59
CA VAL N 382 34.16 -17.54 17.27
C VAL N 382 35.06 -17.30 18.48
N SER N 383 36.15 -16.55 18.26
CA SER N 383 37.17 -16.31 19.28
C SER N 383 36.53 -15.82 20.58
N PRO N 384 37.05 -16.22 21.74
CA PRO N 384 36.35 -15.96 23.01
C PRO N 384 35.99 -14.50 23.26
N THR N 385 36.91 -13.58 22.98
CA THR N 385 36.68 -12.18 23.31
C THR N 385 35.46 -11.62 22.60
N LYS N 386 35.18 -12.08 21.38
CA LYS N 386 34.02 -11.58 20.65
C LYS N 386 32.70 -12.13 21.18
N LEU N 387 32.75 -13.10 22.09
CA LEU N 387 31.57 -13.51 22.85
C LEU N 387 31.39 -12.72 24.13
N ASN N 388 32.20 -11.68 24.33
CA ASN N 388 32.17 -10.93 25.59
C ASN N 388 30.81 -10.30 25.81
N ASP N 389 30.38 -9.43 24.89
CA ASP N 389 29.11 -8.73 25.03
C ASP N 389 27.97 -9.42 24.30
N LEU N 390 28.26 -10.42 23.49
CA LEU N 390 27.21 -11.26 22.90
C LEU N 390 26.51 -12.06 24.00
N CYS N 391 25.17 -12.04 23.99
CA CYS N 391 24.39 -12.73 25.04
C CYS N 391 23.53 -13.88 24.49
N PHE N 392 23.76 -15.07 25.05
CA PHE N 392 23.02 -16.29 24.80
C PHE N 392 21.91 -16.40 25.84
N THR N 393 20.97 -17.31 25.60
CA THR N 393 19.83 -17.39 26.51
C THR N 393 20.11 -18.29 27.69
N ASN N 394 20.66 -19.48 27.43
CA ASN N 394 20.86 -20.51 28.45
C ASN N 394 22.23 -21.13 28.21
N VAL N 395 23.24 -20.62 28.91
CA VAL N 395 24.59 -21.14 28.79
C VAL N 395 24.67 -22.45 29.58
N TYR N 396 24.97 -23.54 28.89
CA TYR N 396 24.99 -24.85 29.53
C TYR N 396 26.42 -25.14 29.97
N ALA N 397 26.69 -24.96 31.26
CA ALA N 397 27.95 -25.41 31.84
C ALA N 397 27.91 -26.93 31.98
N ASP N 398 28.79 -27.61 31.26
CA ASP N 398 28.96 -29.05 31.36
C ASP N 398 30.12 -29.27 32.33
N SER N 399 29.80 -29.61 33.56
CA SER N 399 30.76 -29.64 34.66
C SER N 399 31.19 -31.08 34.92
N PHE N 400 32.50 -31.33 34.91
CA PHE N 400 33.00 -32.67 35.18
C PHE N 400 34.50 -32.59 35.49
N VAL N 401 35.10 -33.76 35.71
CA VAL N 401 36.55 -33.89 35.89
C VAL N 401 37.03 -35.03 35.00
N ILE N 402 38.06 -34.77 34.21
CA ILE N 402 38.63 -35.80 33.34
C ILE N 402 40.13 -35.83 33.52
N ARG N 403 40.82 -36.61 32.69
CA ARG N 403 42.28 -36.66 32.72
C ARG N 403 42.88 -35.77 31.64
N GLY N 404 44.15 -35.43 31.83
CA GLY N 404 44.87 -34.63 30.85
C GLY N 404 44.97 -35.28 29.49
N ASP N 405 44.88 -36.61 29.43
CA ASP N 405 44.75 -37.33 28.17
C ASP N 405 43.31 -37.58 27.78
N GLU N 406 42.39 -37.55 28.76
CA GLU N 406 40.96 -37.66 28.45
C GLU N 406 40.41 -36.37 27.86
N VAL N 407 41.05 -35.24 28.11
CA VAL N 407 40.64 -33.99 27.46
C VAL N 407 41.09 -33.94 26.02
N ARG N 408 42.00 -34.84 25.65
CA ARG N 408 42.46 -34.96 24.23
C ARG N 408 41.23 -35.36 23.40
N GLN N 409 40.44 -36.32 23.91
CA GLN N 409 39.24 -36.77 23.23
C GLN N 409 38.14 -35.72 23.28
N ILE N 410 38.10 -34.92 24.34
CA ILE N 410 37.04 -33.93 24.54
C ILE N 410 37.36 -32.74 23.63
N ALA N 411 36.61 -32.63 22.53
CA ALA N 411 36.68 -31.51 21.59
C ALA N 411 35.48 -31.59 20.67
N PRO N 412 34.97 -30.45 20.17
CA PRO N 412 33.80 -30.48 19.27
C PRO N 412 33.98 -31.43 18.10
N GLY N 413 33.17 -32.50 18.06
CA GLY N 413 33.17 -33.43 16.97
C GLY N 413 34.15 -34.58 17.07
N GLN N 414 34.90 -34.68 18.17
CA GLN N 414 35.89 -35.73 18.33
C GLN N 414 35.32 -36.90 19.11
N THR N 415 35.99 -38.04 19.00
CA THR N 415 35.60 -39.29 19.63
C THR N 415 36.57 -39.63 20.77
N GLY N 416 36.36 -40.81 21.36
CA GLY N 416 37.16 -41.24 22.50
C GLY N 416 36.28 -41.75 23.62
N LYS N 417 36.84 -42.50 24.56
CA LYS N 417 36.03 -43.09 25.63
C LYS N 417 35.22 -42.02 26.37
N ILE N 418 35.85 -40.89 26.67
CA ILE N 418 35.15 -39.80 27.34
C ILE N 418 34.25 -39.05 26.37
N ALA N 419 34.63 -38.99 25.10
CA ALA N 419 33.84 -38.30 24.08
C ALA N 419 32.81 -39.20 23.42
N ASP N 420 32.73 -40.48 23.80
CA ASP N 420 31.77 -41.39 23.21
C ASP N 420 30.86 -42.08 24.23
N TYR N 421 31.34 -42.33 25.44
CA TYR N 421 30.51 -42.95 26.46
C TYR N 421 30.27 -42.06 27.67
N ASN N 422 30.96 -40.93 27.76
CA ASN N 422 30.84 -40.03 28.89
C ASN N 422 30.25 -38.68 28.51
N TYR N 423 30.86 -37.97 27.56
CA TYR N 423 30.42 -36.63 27.20
C TYR N 423 30.85 -36.35 25.76
N LYS N 424 29.92 -36.47 24.83
CA LYS N 424 30.19 -36.22 23.42
C LYS N 424 29.98 -34.75 23.09
N LEU N 425 30.90 -34.18 22.32
CA LEU N 425 30.82 -32.80 21.89
C LEU N 425 30.45 -32.74 20.42
N PRO N 426 29.34 -32.11 20.05
CA PRO N 426 29.00 -31.99 18.63
C PRO N 426 29.97 -31.08 17.90
N ASP N 427 30.12 -31.33 16.60
CA ASP N 427 31.03 -30.54 15.78
C ASP N 427 30.64 -29.06 15.81
N ASP N 428 29.38 -28.76 15.50
CA ASP N 428 28.88 -27.39 15.61
C ASP N 428 28.85 -26.99 17.08
N PHE N 429 29.77 -26.11 17.48
CA PHE N 429 29.92 -25.73 18.88
C PHE N 429 30.27 -24.26 18.95
N THR N 430 29.34 -23.46 19.47
CA THR N 430 29.58 -22.04 19.75
C THR N 430 29.90 -21.80 21.21
N GLY N 431 30.23 -22.86 21.95
CA GLY N 431 30.53 -22.76 23.37
C GLY N 431 31.98 -22.47 23.64
N CYS N 432 32.47 -22.98 24.78
CA CYS N 432 33.79 -22.59 25.27
C CYS N 432 34.26 -23.65 26.26
N VAL N 433 35.27 -24.43 25.88
CA VAL N 433 35.78 -25.49 26.74
C VAL N 433 36.84 -24.90 27.68
N ILE N 434 36.63 -25.07 28.98
CA ILE N 434 37.48 -24.45 29.99
C ILE N 434 37.93 -25.56 30.94
N ALA N 435 39.13 -26.07 30.72
CA ALA N 435 39.73 -27.11 31.54
C ALA N 435 40.93 -26.56 32.29
N TRP N 436 41.09 -26.98 33.53
CA TRP N 436 42.26 -26.56 34.31
C TRP N 436 42.68 -27.69 35.23
N ASN N 437 44.00 -27.87 35.37
CA ASN N 437 44.54 -28.92 36.21
C ASN N 437 44.11 -28.72 37.66
N SER N 438 43.43 -29.71 38.21
CA SER N 438 42.94 -29.65 39.58
C SER N 438 43.44 -30.85 40.37
N ASN N 439 44.73 -31.17 40.23
CA ASN N 439 45.30 -32.29 40.97
C ASN N 439 45.29 -32.03 42.47
N ASN N 440 45.46 -30.78 42.89
CA ASN N 440 45.44 -30.46 44.31
C ASN N 440 44.04 -30.64 44.90
N LEU N 441 43.01 -30.26 44.15
CA LEU N 441 41.64 -30.27 44.66
C LEU N 441 40.99 -31.64 44.51
N ASP N 442 40.91 -32.15 43.27
CA ASP N 442 40.26 -33.43 43.04
C ASP N 442 41.01 -34.56 43.73
N SER N 443 42.25 -34.82 43.31
CA SER N 443 43.01 -35.92 43.86
C SER N 443 43.32 -35.70 45.34
N LYS N 444 43.15 -36.76 46.12
CA LYS N 444 43.55 -36.80 47.52
C LYS N 444 44.45 -38.01 47.73
N VAL N 445 45.07 -38.06 48.91
CA VAL N 445 46.02 -39.13 49.20
C VAL N 445 45.29 -40.48 49.14
N GLY N 446 45.81 -41.38 48.30
CA GLY N 446 45.26 -42.71 48.13
C GLY N 446 44.55 -42.90 46.79
N GLY N 447 44.01 -41.83 46.23
CA GLY N 447 43.28 -41.91 44.99
C GLY N 447 41.85 -41.42 45.10
N ASN N 448 41.51 -40.37 44.37
CA ASN N 448 40.16 -39.79 44.42
C ASN N 448 39.26 -40.61 43.51
N TYR N 449 38.52 -41.54 44.09
CA TYR N 449 37.60 -42.40 43.36
C TYR N 449 36.16 -41.94 43.47
N ASN N 450 35.92 -40.72 43.98
CA ASN N 450 34.56 -40.21 44.07
C ASN N 450 33.94 -40.02 42.69
N TYR N 451 34.75 -39.64 41.70
CA TYR N 451 34.29 -39.58 40.33
C TYR N 451 34.48 -40.94 39.65
N LEU N 452 33.57 -41.24 38.73
CA LEU N 452 33.65 -42.45 37.93
C LEU N 452 33.55 -42.06 36.46
N TYR N 453 33.80 -43.03 35.57
CA TYR N 453 33.71 -42.76 34.15
C TYR N 453 33.25 -44.01 33.43
N ARG N 454 32.62 -43.80 32.27
CA ARG N 454 32.07 -44.90 31.47
C ARG N 454 33.12 -45.29 30.44
N LEU N 455 33.90 -46.33 30.75
CA LEU N 455 34.92 -46.80 29.82
C LEU N 455 34.27 -47.42 28.59
N PHE N 456 33.17 -48.14 28.78
CA PHE N 456 32.43 -48.73 27.67
C PHE N 456 30.94 -48.62 27.94
N ARG N 457 30.17 -48.52 26.87
CA ARG N 457 28.74 -48.29 26.95
C ARG N 457 28.01 -49.23 25.99
N LYS N 458 26.69 -49.35 26.20
CA LYS N 458 25.87 -50.12 25.28
C LYS N 458 25.96 -49.58 23.86
N SER N 459 26.04 -48.26 23.72
CA SER N 459 26.11 -47.61 22.41
C SER N 459 26.89 -46.31 22.55
N ASN N 460 26.78 -45.46 21.53
CA ASN N 460 27.46 -44.18 21.52
C ASN N 460 26.56 -43.10 22.10
N LEU N 461 27.18 -41.97 22.46
CA LEU N 461 26.49 -40.88 23.14
C LEU N 461 26.05 -39.82 22.13
N LYS N 462 24.90 -39.16 22.45
CA LYS N 462 24.25 -38.16 21.60
C LYS N 462 24.69 -36.76 22.00
N PRO N 463 24.69 -35.81 21.04
CA PRO N 463 25.25 -34.47 21.31
C PRO N 463 24.73 -33.82 22.58
N PHE N 464 25.65 -33.52 23.51
CA PHE N 464 25.34 -32.85 24.77
C PHE N 464 24.41 -33.69 25.64
N GLU N 465 24.81 -34.93 25.89
CA GLU N 465 24.07 -35.84 26.75
C GLU N 465 25.05 -36.62 27.62
N ARG N 466 24.51 -37.53 28.42
CA ARG N 466 25.32 -38.36 29.31
C ARG N 466 24.61 -39.69 29.51
N ASP N 467 25.24 -40.55 30.31
CA ASP N 467 24.66 -41.86 30.64
C ASP N 467 24.94 -42.16 32.10
N ILE N 468 23.90 -42.12 32.93
CA ILE N 468 24.01 -42.52 34.32
C ILE N 468 23.53 -43.95 34.55
N SER N 469 23.06 -44.63 33.50
CA SER N 469 22.49 -45.96 33.63
C SER N 469 23.52 -46.96 34.11
N THR N 470 23.38 -47.39 35.37
CA THR N 470 24.28 -48.35 35.98
C THR N 470 24.07 -49.77 35.45
N GLU N 471 23.02 -49.98 34.64
CA GLU N 471 22.72 -51.28 34.08
C GLU N 471 23.95 -51.88 33.41
N ILE N 472 24.36 -53.05 33.91
CA ILE N 472 25.58 -53.68 33.44
C ILE N 472 25.44 -54.05 31.97
N TYR N 473 26.28 -53.44 31.13
CA TYR N 473 26.24 -53.72 29.71
C TYR N 473 26.77 -55.12 29.43
N GLN N 474 26.26 -55.74 28.37
CA GLN N 474 26.69 -57.08 27.96
C GLN N 474 27.80 -56.91 26.93
N ALA N 475 29.04 -57.00 27.39
CA ALA N 475 30.18 -56.89 26.48
C ALA N 475 30.15 -57.98 25.41
N GLY N 476 29.64 -59.16 25.75
CA GLY N 476 29.52 -60.25 24.80
C GLY N 476 28.08 -60.54 24.44
N SER N 477 27.77 -61.83 24.28
CA SER N 477 26.44 -62.26 23.83
C SER N 477 25.57 -62.78 24.97
N THR N 478 26.11 -63.66 25.81
CA THR N 478 25.30 -64.25 26.87
C THR N 478 24.94 -63.19 27.90
N PRO N 479 23.69 -63.13 28.34
CA PRO N 479 23.25 -62.01 29.19
C PRO N 479 23.54 -62.27 30.66
N CYS N 480 23.48 -61.18 31.43
CA CYS N 480 23.58 -61.23 32.88
C CYS N 480 22.47 -60.47 33.59
N ASN N 481 21.81 -59.51 32.95
CA ASN N 481 20.62 -58.83 33.46
C ASN N 481 20.90 -58.14 34.80
N GLY N 482 21.79 -57.15 34.73
CA GLY N 482 22.15 -56.36 35.88
C GLY N 482 23.10 -57.00 36.85
N VAL N 483 23.41 -58.28 36.67
CA VAL N 483 24.34 -58.97 37.51
C VAL N 483 25.69 -59.05 36.77
N GLU N 484 26.75 -59.39 37.50
CA GLU N 484 28.08 -59.53 36.95
C GLU N 484 28.34 -60.97 36.52
N GLY N 485 29.34 -61.15 35.66
CA GLY N 485 29.67 -62.47 35.17
C GLY N 485 30.36 -62.39 33.82
N PHE N 486 30.20 -63.45 33.05
CA PHE N 486 30.89 -63.58 31.77
C PHE N 486 30.12 -62.87 30.67
N ASN N 487 30.86 -62.23 29.76
CA ASN N 487 30.29 -61.41 28.69
C ASN N 487 29.37 -60.31 29.25
N CYS N 488 29.81 -59.71 30.35
CA CYS N 488 29.13 -58.55 30.92
C CYS N 488 30.04 -57.86 31.93
N TYR N 489 30.15 -56.53 31.82
CA TYR N 489 31.07 -55.77 32.65
C TYR N 489 30.36 -54.53 33.19
N PHE N 490 30.82 -54.05 34.34
CA PHE N 490 30.23 -52.88 34.96
C PHE N 490 30.44 -51.67 34.07
N PRO N 491 29.39 -50.85 33.83
CA PRO N 491 29.57 -49.69 32.94
C PRO N 491 30.43 -48.60 33.55
N LEU N 492 30.48 -48.51 34.87
CA LEU N 492 31.26 -47.48 35.54
C LEU N 492 32.61 -48.03 35.99
N GLN N 493 33.62 -47.16 35.95
CA GLN N 493 34.98 -47.51 36.35
C GLN N 493 35.57 -46.36 37.15
N SER N 494 36.39 -46.70 38.13
CA SER N 494 36.98 -45.70 39.01
C SER N 494 38.20 -45.07 38.36
N TYR N 495 38.30 -43.75 38.48
CA TYR N 495 39.46 -43.04 37.97
C TYR N 495 40.72 -43.40 38.75
N GLY N 496 41.86 -43.20 38.12
CA GLY N 496 43.08 -43.03 38.87
C GLY N 496 43.33 -41.56 39.10
N PHE N 497 42.90 -41.04 40.25
CA PHE N 497 43.09 -39.63 40.61
C PHE N 497 43.93 -39.60 41.88
N GLN N 498 45.25 -39.64 41.70
CA GLN N 498 46.19 -39.64 42.80
C GLN N 498 47.03 -38.36 42.77
N PRO N 499 47.55 -37.92 43.91
CA PRO N 499 48.41 -36.72 43.90
C PRO N 499 49.67 -36.88 43.07
N THR N 500 50.04 -38.11 42.72
CA THR N 500 51.20 -38.38 41.89
C THR N 500 50.82 -38.62 40.43
N ASN N 501 49.61 -38.27 40.03
CA ASN N 501 49.19 -38.45 38.65
C ASN N 501 50.00 -37.52 37.74
N GLY N 502 50.26 -38.01 36.53
CA GLY N 502 51.03 -37.25 35.57
C GLY N 502 50.28 -36.04 35.05
N VAL N 503 51.04 -35.16 34.38
CA VAL N 503 50.44 -33.96 33.80
C VAL N 503 49.41 -34.35 32.75
N GLY N 504 49.64 -35.45 32.04
CA GLY N 504 48.63 -35.99 31.16
C GLY N 504 47.58 -36.83 31.83
N TYR N 505 47.66 -37.00 33.15
CA TYR N 505 46.69 -37.79 33.91
C TYR N 505 46.15 -37.07 35.14
N GLN N 506 46.72 -35.92 35.51
CA GLN N 506 46.19 -35.15 36.63
C GLN N 506 44.72 -34.83 36.38
N PRO N 507 43.88 -34.82 37.42
CA PRO N 507 42.46 -34.55 37.22
C PRO N 507 42.19 -33.10 36.84
N TYR N 508 41.86 -32.88 35.57
CA TYR N 508 41.49 -31.57 35.08
C TYR N 508 40.01 -31.34 35.37
N ARG N 509 39.71 -30.31 36.16
CA ARG N 509 38.33 -29.85 36.30
C ARG N 509 37.95 -29.11 35.02
N VAL N 510 36.88 -29.57 34.37
CA VAL N 510 36.50 -29.06 33.06
C VAL N 510 35.05 -28.61 33.11
N VAL N 511 34.83 -27.32 32.83
CA VAL N 511 33.50 -26.77 32.59
C VAL N 511 33.43 -26.40 31.12
N VAL N 512 32.47 -26.96 30.42
CA VAL N 512 32.25 -26.68 29.01
C VAL N 512 31.07 -25.73 28.94
N LEU N 513 31.34 -24.43 28.84
CA LEU N 513 30.28 -23.42 28.74
C LEU N 513 29.75 -23.42 27.32
N SER N 514 28.84 -24.36 27.04
CA SER N 514 28.20 -24.40 25.74
C SER N 514 27.26 -23.21 25.65
N PHE N 515 27.72 -22.14 25.02
CA PHE N 515 26.92 -20.95 24.83
C PHE N 515 25.83 -21.23 23.81
N GLU N 516 24.57 -21.03 24.20
CA GLU N 516 23.42 -21.40 23.39
C GLU N 516 22.59 -20.16 23.07
N LEU N 517 22.59 -19.76 21.80
CA LEU N 517 21.72 -18.70 21.31
C LEU N 517 20.41 -19.34 20.87
N LEU N 518 19.38 -19.19 21.70
CA LEU N 518 18.05 -19.69 21.39
C LEU N 518 17.12 -18.51 21.08
N HIS N 519 15.87 -18.82 20.77
CA HIS N 519 14.90 -17.80 20.42
C HIS N 519 14.36 -17.05 21.63
N ALA N 520 14.60 -17.57 22.83
CA ALA N 520 14.26 -16.82 24.04
C ALA N 520 15.08 -15.53 24.11
N PRO N 521 14.64 -14.55 24.89
CA PRO N 521 15.46 -13.36 25.12
C PRO N 521 16.84 -13.71 25.64
N ALA N 522 17.87 -13.19 24.95
CA ALA N 522 19.25 -13.44 25.35
C ALA N 522 19.56 -12.82 26.70
N THR N 523 19.85 -13.68 27.69
CA THR N 523 20.04 -13.23 29.07
C THR N 523 21.51 -12.93 29.37
N VAL N 524 22.39 -13.90 29.15
CA VAL N 524 23.75 -13.89 29.68
C VAL N 524 24.66 -13.12 28.72
N CYS N 525 24.80 -11.81 28.98
CA CYS N 525 25.68 -10.92 28.18
C CYS N 525 26.43 -9.98 29.12
N GLY N 526 27.57 -9.44 28.67
CA GLY N 526 28.37 -8.52 29.42
C GLY N 526 27.94 -7.08 29.23
N PRO N 527 28.90 -6.15 29.34
CA PRO N 527 28.55 -4.73 29.35
C PRO N 527 27.82 -4.24 28.10
N LYS N 528 27.75 -5.05 27.04
CA LYS N 528 27.06 -4.69 25.81
C LYS N 528 27.60 -3.38 25.24
N LYS N 529 28.93 -3.28 25.17
CA LYS N 529 29.63 -2.14 24.57
C LYS N 529 29.25 -0.83 25.25
N SER N 530 28.93 -0.87 26.54
CA SER N 530 28.51 0.31 27.28
C SER N 530 29.72 1.19 27.56
N THR N 531 29.85 2.27 26.80
CA THR N 531 30.92 3.22 27.07
C THR N 531 30.59 4.06 28.31
N ASN N 532 31.63 4.65 28.88
CA ASN N 532 31.45 5.50 30.04
C ASN N 532 30.66 6.76 29.65
N LEU N 533 29.82 7.21 30.58
CA LEU N 533 29.07 8.44 30.37
C LEU N 533 29.95 9.66 30.55
N VAL N 534 29.75 10.67 29.71
CA VAL N 534 30.27 12.01 29.95
C VAL N 534 29.10 12.90 30.33
N LYS N 535 29.36 13.85 31.21
CA LYS N 535 28.33 14.72 31.74
C LYS N 535 28.62 16.17 31.35
N ASN N 536 27.54 16.96 31.27
CA ASN N 536 27.62 18.38 30.90
C ASN N 536 28.23 18.55 29.51
N LYS N 537 27.58 17.92 28.54
CA LYS N 537 28.01 17.97 27.14
C LYS N 537 26.84 17.52 26.28
N CYS N 538 26.21 18.45 25.54
CA CYS N 538 25.00 18.10 24.74
C CYS N 538 25.37 17.05 23.68
N VAL N 539 24.86 15.81 23.84
CA VAL N 539 25.24 14.67 23.04
C VAL N 539 24.02 13.81 22.73
N ASN N 540 24.25 12.73 22.00
CA ASN N 540 23.21 11.76 21.64
C ASN N 540 23.32 10.61 22.62
N PHE N 541 22.63 10.73 23.76
CA PHE N 541 22.63 9.68 24.76
C PHE N 541 21.89 8.46 24.23
N ASN N 542 22.51 7.29 24.38
CA ASN N 542 21.93 6.03 23.91
C ASN N 542 21.63 5.21 25.17
N PHE N 543 20.43 5.38 25.70
CA PHE N 543 20.05 4.80 26.99
C PHE N 543 19.10 3.62 26.75
N ASN N 544 19.68 2.44 26.56
CA ASN N 544 18.92 1.22 26.26
C ASN N 544 18.08 1.40 25.00
N GLY N 545 18.77 1.79 23.93
CA GLY N 545 18.12 2.08 22.66
C GLY N 545 17.49 3.45 22.55
N LEU N 546 17.25 4.13 23.67
CA LEU N 546 16.65 5.45 23.66
C LEU N 546 17.65 6.45 23.07
N THR N 547 17.39 6.90 21.84
CA THR N 547 18.22 7.91 21.21
C THR N 547 17.63 9.29 21.45
N GLY N 548 18.50 10.26 21.68
CA GLY N 548 18.08 11.63 21.93
C GLY N 548 19.26 12.55 22.15
N THR N 549 19.12 13.81 21.74
CA THR N 549 20.20 14.77 21.81
C THR N 549 19.87 15.87 22.81
N GLY N 550 20.91 16.37 23.48
CA GLY N 550 20.73 17.50 24.37
C GLY N 550 21.80 17.54 25.43
N VAL N 551 21.86 18.70 26.11
CA VAL N 551 22.74 18.88 27.27
C VAL N 551 22.30 17.93 28.37
N LEU N 552 23.21 17.04 28.78
CA LEU N 552 22.95 16.07 29.83
C LEU N 552 23.54 16.59 31.13
N THR N 553 22.71 17.20 31.96
CA THR N 553 23.07 17.57 33.32
C THR N 553 22.55 16.49 34.27
N GLU N 554 22.61 16.75 35.57
CA GLU N 554 22.05 15.83 36.55
C GLU N 554 20.66 16.31 36.99
N SER N 555 19.85 15.36 37.46
CA SER N 555 18.47 15.64 37.85
C SER N 555 18.28 15.41 39.34
N ASN N 556 17.59 16.34 39.98
CA ASN N 556 17.04 16.14 41.31
C ASN N 556 15.62 15.60 41.27
N LYS N 557 15.13 15.26 40.07
CA LYS N 557 13.74 14.87 39.89
C LYS N 557 13.55 13.46 40.45
N LYS N 558 12.68 13.33 41.43
CA LYS N 558 12.54 12.06 42.13
C LYS N 558 11.87 11.01 41.25
N PHE N 559 12.69 10.24 40.55
CA PHE N 559 12.20 9.09 39.81
C PHE N 559 12.05 7.92 40.77
N LEU N 560 10.80 7.60 41.12
CA LEU N 560 10.55 6.41 41.91
C LEU N 560 11.13 5.19 41.19
N PRO N 561 11.61 4.19 41.95
CA PRO N 561 12.44 3.11 41.35
C PRO N 561 11.97 2.60 40.00
N PHE N 562 10.66 2.58 39.76
CA PHE N 562 10.12 2.18 38.47
C PHE N 562 10.26 3.25 37.39
N GLN N 563 10.76 4.43 37.74
CA GLN N 563 10.91 5.53 36.78
C GLN N 563 12.37 5.58 36.33
N GLN N 564 12.62 5.09 35.12
CA GLN N 564 13.96 5.12 34.54
C GLN N 564 14.16 6.40 33.72
N PHE N 565 13.35 6.59 32.70
CA PHE N 565 13.37 7.79 31.88
C PHE N 565 12.03 8.52 31.99
N GLY N 566 12.09 9.85 31.95
CA GLY N 566 10.90 10.67 31.93
C GLY N 566 10.43 10.93 30.51
N ARG N 567 9.38 11.74 30.40
CA ARG N 567 8.86 12.14 29.10
C ARG N 567 8.26 13.53 29.20
N ASP N 568 8.01 14.12 28.04
CA ASP N 568 7.51 15.48 27.90
C ASP N 568 6.14 15.47 27.21
N ILE N 569 5.67 16.67 26.86
CA ILE N 569 4.37 16.82 26.22
C ILE N 569 4.40 16.43 24.75
N ALA N 570 5.58 16.23 24.17
CA ALA N 570 5.75 15.86 22.77
C ALA N 570 6.43 14.52 22.62
N ASP N 571 6.12 13.59 23.53
CA ASP N 571 6.78 12.28 23.62
C ASP N 571 8.28 12.38 23.43
N THR N 572 8.90 13.29 24.19
CA THR N 572 10.35 13.45 24.23
C THR N 572 10.81 13.29 25.66
N THR N 573 11.77 12.40 25.89
CA THR N 573 12.32 12.21 27.22
C THR N 573 12.94 13.50 27.74
N ASP N 574 12.68 13.82 29.01
CA ASP N 574 13.24 15.00 29.65
C ASP N 574 14.24 14.66 30.74
N ALA N 575 13.98 13.64 31.55
CA ALA N 575 14.90 13.23 32.59
C ALA N 575 15.14 11.73 32.46
N VAL N 576 16.40 11.34 32.49
CA VAL N 576 16.82 9.98 32.17
C VAL N 576 17.60 9.38 33.33
N ARG N 577 18.09 8.16 33.13
CA ARG N 577 18.83 7.45 34.16
C ARG N 577 19.84 6.52 33.51
N ASP N 578 20.76 6.03 34.33
CA ASP N 578 21.89 5.15 33.96
C ASP N 578 21.44 3.70 33.93
N PRO N 579 21.83 2.92 32.92
CA PRO N 579 21.59 1.47 32.97
C PRO N 579 22.60 0.70 33.79
N GLN N 580 23.89 1.07 33.74
CA GLN N 580 24.91 0.26 34.39
C GLN N 580 25.00 0.55 35.90
N THR N 581 25.29 1.80 36.26
CA THR N 581 25.37 2.25 37.66
C THR N 581 24.28 3.30 37.86
N LEU N 582 23.13 2.84 38.32
CA LEU N 582 21.88 3.59 38.25
C LEU N 582 22.01 4.97 38.87
N GLU N 583 21.88 6.01 38.03
CA GLU N 583 21.97 7.41 38.47
C GLU N 583 21.11 8.28 37.55
N ILE N 584 20.47 9.29 38.12
CA ILE N 584 19.49 10.11 37.42
C ILE N 584 20.16 11.31 36.75
N LEU N 585 19.51 11.83 35.70
CA LEU N 585 20.07 12.90 34.88
C LEU N 585 18.95 13.74 34.29
N ASP N 586 19.27 15.00 34.00
CA ASP N 586 18.37 15.94 33.32
C ASP N 586 18.87 16.23 31.91
N ILE N 587 17.94 16.72 31.07
CA ILE N 587 18.22 17.04 29.68
C ILE N 587 17.70 18.43 29.37
N THR N 588 18.50 19.20 28.65
CA THR N 588 18.05 20.44 28.02
C THR N 588 18.64 20.50 26.62
N PRO N 589 17.84 20.30 25.57
CA PRO N 589 18.38 20.26 24.20
C PRO N 589 19.22 21.49 23.89
N CYS N 590 20.47 21.26 23.50
CA CYS N 590 21.41 22.36 23.39
C CYS N 590 21.09 23.23 22.19
N SER N 591 21.73 24.40 22.16
CA SER N 591 21.20 25.56 21.45
C SER N 591 21.05 25.31 19.96
N PHE N 592 19.81 25.47 19.48
CA PHE N 592 19.50 25.82 18.11
C PHE N 592 19.12 27.29 18.10
N GLY N 593 19.12 27.89 16.93
CA GLY N 593 18.80 29.30 16.85
C GLY N 593 18.78 29.77 15.42
N GLY N 594 18.21 30.95 15.22
CA GLY N 594 18.14 31.53 13.91
C GLY N 594 19.38 32.33 13.57
N VAL N 595 19.64 32.45 12.27
CA VAL N 595 20.75 33.23 11.75
C VAL N 595 20.15 34.26 10.80
N SER N 596 20.16 35.51 11.24
CA SER N 596 19.56 36.61 10.48
C SER N 596 20.65 37.61 10.13
N VAL N 597 20.66 38.04 8.87
CA VAL N 597 21.71 38.91 8.35
C VAL N 597 21.20 40.35 8.35
N ILE N 598 21.96 41.25 8.98
CA ILE N 598 21.71 42.68 8.96
C ILE N 598 22.64 43.29 7.93
N THR N 599 22.07 44.02 6.96
CA THR N 599 22.86 44.65 5.93
C THR N 599 22.26 46.00 5.55
N PRO N 600 23.09 47.02 5.36
CA PRO N 600 22.71 48.13 4.50
C PRO N 600 22.59 47.63 3.07
N GLY N 601 22.12 48.52 2.19
CA GLY N 601 22.00 48.15 0.79
C GLY N 601 23.32 47.67 0.23
N THR N 602 23.29 46.61 -0.60
CA THR N 602 24.51 46.09 -1.19
C THR N 602 25.26 47.16 -1.96
N ASN N 603 24.52 48.04 -2.66
CA ASN N 603 25.17 49.14 -3.37
C ASN N 603 25.88 50.07 -2.39
N THR N 604 25.31 50.27 -1.20
CA THR N 604 25.95 51.14 -0.21
C THR N 604 27.21 50.51 0.34
N SER N 605 27.16 49.24 0.71
CA SER N 605 28.33 48.53 1.24
C SER N 605 28.06 47.05 1.19
N ASN N 606 29.13 46.26 1.38
CA ASN N 606 29.03 44.81 1.46
C ASN N 606 29.33 44.28 2.85
N GLN N 607 29.42 45.15 3.85
CA GLN N 607 29.63 44.71 5.21
C GLN N 607 28.34 44.13 5.79
N VAL N 608 28.49 43.12 6.64
CA VAL N 608 27.36 42.34 7.13
C VAL N 608 27.48 42.23 8.64
N ALA N 609 26.33 42.20 9.32
CA ALA N 609 26.26 41.94 10.76
C ALA N 609 25.39 40.71 10.97
N VAL N 610 25.99 39.62 11.39
CA VAL N 610 25.26 38.36 11.54
C VAL N 610 24.71 38.30 12.96
N LEU N 611 23.39 38.31 13.09
CA LEU N 611 22.72 38.17 14.38
C LEU N 611 22.32 36.72 14.55
N TYR N 612 22.85 36.08 15.59
CA TYR N 612 22.42 34.75 16.00
C TYR N 612 21.35 34.93 17.07
N GLN N 613 20.12 34.56 16.73
CA GLN N 613 18.99 34.60 17.64
C GLN N 613 18.83 33.26 18.34
N ASP N 614 18.41 33.31 19.60
CA ASP N 614 18.19 32.14 20.45
C ASP N 614 19.50 31.38 20.66
N VAL N 615 20.63 32.06 20.49
CA VAL N 615 21.95 31.46 20.67
C VAL N 615 22.89 32.52 21.26
N ASN N 616 23.53 32.18 22.37
CA ASN N 616 24.62 32.99 22.89
C ASN N 616 25.90 32.53 22.21
N CYS N 617 26.60 33.46 21.58
CA CYS N 617 27.85 33.15 20.89
C CYS N 617 29.00 32.84 21.82
N THR N 618 28.72 32.65 23.12
CA THR N 618 29.60 31.80 23.92
C THR N 618 29.71 30.42 23.27
N GLU N 619 28.65 29.97 22.61
CA GLU N 619 28.64 28.65 22.00
C GLU N 619 29.47 28.64 20.71
N VAL N 620 29.09 29.44 19.73
CA VAL N 620 29.69 29.39 18.40
C VAL N 620 31.17 29.74 18.44
N ASN N 641 34.62 42.23 17.74
CA ASN N 641 33.44 42.95 17.29
C ASN N 641 32.17 42.13 17.50
N VAL N 642 32.19 41.28 18.52
CA VAL N 642 31.03 40.50 18.92
C VAL N 642 30.33 41.19 20.08
N PHE N 643 29.02 41.37 19.96
CA PHE N 643 28.24 42.10 20.96
C PHE N 643 27.03 41.27 21.37
N GLN N 644 26.82 41.14 22.68
CA GLN N 644 25.69 40.37 23.19
C GLN N 644 24.49 41.28 23.40
N THR N 645 23.39 40.97 22.73
CA THR N 645 22.12 41.65 22.89
C THR N 645 21.21 40.77 23.75
N ARG N 646 19.95 41.18 23.90
CA ARG N 646 18.94 40.30 24.47
C ARG N 646 18.17 39.52 23.42
N ALA N 647 18.16 39.99 22.17
CA ALA N 647 17.56 39.21 21.09
C ALA N 647 18.46 38.04 20.70
N GLY N 648 19.75 38.15 20.95
CA GLY N 648 20.71 37.13 20.60
C GLY N 648 22.10 37.69 20.76
N CYS N 649 22.92 37.59 19.71
CA CYS N 649 24.17 38.32 19.70
C CYS N 649 24.61 38.59 18.28
N LEU N 650 25.26 39.73 18.08
CA LEU N 650 25.76 40.18 16.80
C LEU N 650 27.24 39.85 16.64
N ILE N 651 27.61 39.50 15.42
CA ILE N 651 28.99 39.37 15.00
C ILE N 651 29.19 40.29 13.80
N GLY N 652 30.04 41.30 13.96
CA GLY N 652 30.36 42.20 12.87
C GLY N 652 29.91 43.63 13.10
N ALA N 653 29.42 43.92 14.30
CA ALA N 653 28.87 45.25 14.60
C ALA N 653 29.42 45.73 15.94
N GLU N 654 30.12 46.85 15.91
CA GLU N 654 30.54 47.51 17.14
C GLU N 654 29.32 48.14 17.82
N HIS N 655 29.28 48.04 19.14
CA HIS N 655 28.17 48.56 19.93
C HIS N 655 28.49 49.97 20.42
N VAL N 656 27.85 50.95 19.81
CA VAL N 656 27.96 52.33 20.27
C VAL N 656 26.93 52.57 21.36
N ASN N 657 27.26 53.44 22.30
CA ASN N 657 26.35 53.80 23.38
C ASN N 657 25.46 54.99 23.05
N ASN N 658 25.86 55.82 22.09
CA ASN N 658 25.07 56.99 21.72
C ASN N 658 23.80 56.54 21.00
N SER N 659 22.65 56.75 21.63
CA SER N 659 21.38 56.29 21.08
C SER N 659 20.90 57.24 19.99
N TYR N 660 20.82 56.73 18.77
CA TYR N 660 20.27 57.47 17.63
C TYR N 660 18.95 56.86 17.21
N GLU N 661 18.21 57.60 16.38
CA GLU N 661 17.02 57.03 15.75
C GLU N 661 17.44 55.87 14.85
N CYS N 662 16.80 54.73 15.02
CA CYS N 662 17.35 53.48 14.50
C CYS N 662 16.71 53.12 13.16
N ASP N 663 17.49 52.45 12.33
CA ASP N 663 17.12 52.11 10.97
C ASP N 663 16.78 50.65 10.79
N ILE N 664 17.66 49.75 11.24
CA ILE N 664 17.45 48.31 11.10
C ILE N 664 17.07 47.74 12.46
N PRO N 665 15.79 47.52 12.72
CA PRO N 665 15.40 46.98 14.03
C PRO N 665 15.95 45.58 14.28
N ILE N 666 16.90 45.49 15.21
CA ILE N 666 17.48 44.19 15.54
C ILE N 666 16.54 43.41 16.45
N GLY N 667 16.02 44.07 17.48
CA GLY N 667 15.15 43.40 18.44
C GLY N 667 15.53 43.71 19.87
N ALA N 668 14.60 43.44 20.80
CA ALA N 668 14.81 43.73 22.22
C ALA N 668 15.27 45.16 22.43
N GLY N 669 14.69 46.08 21.66
CA GLY N 669 15.00 47.49 21.78
C GLY N 669 16.25 47.94 21.06
N ILE N 670 17.08 47.01 20.59
CA ILE N 670 18.37 47.34 19.97
C ILE N 670 18.20 47.43 18.45
N CYS N 671 18.88 48.39 17.85
CA CYS N 671 18.85 48.61 16.41
C CYS N 671 20.26 48.85 15.89
N ALA N 672 20.45 48.62 14.59
CA ALA N 672 21.72 48.85 13.93
C ALA N 672 21.58 49.89 12.83
N SER N 673 22.74 50.34 12.33
CA SER N 673 22.78 51.30 11.24
C SER N 673 24.20 51.38 10.70
N TYR N 674 24.31 51.85 9.45
CA TYR N 674 25.60 52.06 8.82
C TYR N 674 26.10 53.46 9.14
N GLN N 675 27.29 53.54 9.73
CA GLN N 675 27.81 54.82 10.21
C GLN N 675 29.30 54.67 10.48
N THR N 676 30.01 55.79 10.41
CA THR N 676 31.43 55.82 10.73
C THR N 676 31.66 55.60 12.23
N SER N 689 35.92 54.93 7.48
CA SER N 689 35.80 54.04 8.64
C SER N 689 34.35 53.57 8.79
N GLN N 690 33.59 53.64 7.69
CA GLN N 690 32.20 53.21 7.70
C GLN N 690 32.09 51.77 8.19
N SER N 691 31.12 51.55 9.09
CA SER N 691 30.92 50.22 9.65
C SER N 691 29.48 50.10 10.12
N ILE N 692 29.08 48.87 10.41
CA ILE N 692 27.77 48.61 10.99
C ILE N 692 27.86 48.76 12.50
N ILE N 693 27.01 49.59 13.08
CA ILE N 693 27.02 49.85 14.51
C ILE N 693 25.65 49.50 15.08
N ALA N 694 25.66 48.99 16.31
CA ALA N 694 24.44 48.66 17.03
C ALA N 694 24.35 49.48 18.30
N TYR N 695 23.12 49.82 18.68
CA TYR N 695 22.88 50.63 19.87
C TYR N 695 21.44 50.39 20.33
N THR N 696 21.02 51.14 21.33
CA THR N 696 19.65 51.10 21.81
C THR N 696 18.84 52.21 21.15
N MET N 697 17.55 51.95 20.95
CA MET N 697 16.71 52.92 20.28
C MET N 697 16.61 54.21 21.07
N SER N 698 16.94 55.33 20.41
CA SER N 698 16.59 56.62 20.95
C SER N 698 15.10 56.84 20.66
N LEU N 699 14.29 56.90 21.70
CA LEU N 699 12.86 57.03 21.49
C LEU N 699 12.47 58.42 21.01
N GLY N 700 13.43 59.31 20.83
CA GLY N 700 13.17 60.66 20.38
C GLY N 700 13.93 61.69 21.18
N ALA N 701 14.08 62.89 20.63
CA ALA N 701 14.73 63.98 21.37
C ALA N 701 13.94 64.27 22.63
N GLU N 702 14.60 64.14 23.78
CA GLU N 702 13.91 64.28 25.06
C GLU N 702 13.57 65.73 25.31
N ASN N 703 12.60 66.25 24.57
CA ASN N 703 12.19 67.65 24.65
C ASN N 703 11.27 67.82 25.85
N SER N 704 11.81 68.40 26.92
CA SER N 704 11.00 68.68 28.11
C SER N 704 10.24 69.98 27.91
N VAL N 705 8.91 69.89 27.90
CA VAL N 705 8.07 71.06 27.71
C VAL N 705 8.06 71.88 29.00
N ALA N 706 8.41 73.16 28.88
CA ALA N 706 8.51 74.04 30.05
C ALA N 706 7.10 74.42 30.50
N TYR N 707 6.52 73.52 31.28
CA TYR N 707 5.19 73.78 31.84
C TYR N 707 5.25 74.85 32.92
N SER N 708 4.16 75.59 33.06
CA SER N 708 4.02 76.58 34.12
C SER N 708 2.54 76.81 34.36
N ASN N 709 2.20 77.14 35.60
CA ASN N 709 0.79 77.29 35.97
C ASN N 709 0.14 78.52 35.36
N ASN N 710 0.91 79.44 34.77
CA ASN N 710 0.31 80.63 34.17
C ASN N 710 0.96 81.02 32.84
N SER N 711 1.66 80.11 32.18
CA SER N 711 2.30 80.38 30.91
C SER N 711 1.62 79.59 29.80
N ILE N 712 1.39 80.25 28.67
CA ILE N 712 0.78 79.60 27.52
C ILE N 712 1.66 79.89 26.30
N ALA N 713 1.50 79.04 25.27
CA ALA N 713 2.25 79.17 24.04
C ALA N 713 1.27 79.31 22.89
N ILE N 714 1.32 80.46 22.22
CA ILE N 714 0.40 80.79 21.13
C ILE N 714 1.16 80.73 19.82
N PRO N 715 0.62 80.08 18.78
CA PRO N 715 1.28 80.11 17.46
C PRO N 715 0.97 81.42 16.74
N THR N 716 2.01 82.05 16.20
CA THR N 716 1.87 83.30 15.47
C THR N 716 1.85 83.08 13.96
N ASN N 717 2.56 82.05 13.50
CA ASN N 717 2.62 81.73 12.08
C ASN N 717 2.37 80.25 11.87
N PHE N 718 1.83 79.90 10.71
CA PHE N 718 1.55 78.50 10.39
C PHE N 718 1.99 78.06 9.00
N THR N 719 1.90 76.76 8.75
CA THR N 719 2.27 76.16 7.48
C THR N 719 1.09 75.33 7.00
N ILE N 720 1.00 75.19 5.68
CA ILE N 720 -0.02 74.34 5.07
C ILE N 720 0.70 73.15 4.45
N SER N 721 0.85 72.07 5.22
CA SER N 721 1.62 70.93 4.78
C SER N 721 0.69 69.89 4.19
N VAL N 722 1.03 69.39 3.01
CA VAL N 722 0.24 68.35 2.36
C VAL N 722 1.03 67.04 2.45
N THR N 723 0.38 66.01 2.96
CA THR N 723 0.96 64.70 3.12
C THR N 723 0.26 63.71 2.19
N THR N 724 0.91 62.58 1.96
CA THR N 724 0.35 61.53 1.14
C THR N 724 -0.02 60.34 2.01
N GLU N 725 -1.21 59.81 1.79
CA GLU N 725 -1.73 58.67 2.52
C GLU N 725 -2.09 57.59 1.51
N ILE N 726 -1.32 56.50 1.50
CA ILE N 726 -1.44 55.45 0.49
C ILE N 726 -2.28 54.33 1.09
N LEU N 727 -3.27 53.86 0.35
CA LEU N 727 -4.15 52.83 0.86
C LEU N 727 -4.45 51.80 -0.22
N PRO N 728 -4.13 50.52 0.01
CA PRO N 728 -4.53 49.47 -0.94
C PRO N 728 -6.05 49.30 -0.92
N VAL N 729 -6.64 49.29 -2.10
CA VAL N 729 -8.09 49.20 -2.26
C VAL N 729 -8.50 47.85 -2.80
N SER N 730 -7.88 47.40 -3.88
CA SER N 730 -8.22 46.14 -4.52
C SER N 730 -6.98 45.28 -4.67
N MET N 731 -7.21 44.01 -5.00
CA MET N 731 -6.15 43.07 -5.31
C MET N 731 -6.51 42.38 -6.62
N THR N 732 -5.52 41.69 -7.18
CA THR N 732 -5.71 41.03 -8.47
C THR N 732 -6.83 40.01 -8.38
N LYS N 733 -7.90 40.24 -9.14
CA LYS N 733 -9.07 39.37 -9.12
C LYS N 733 -8.73 38.08 -9.86
N THR N 734 -8.04 37.19 -9.16
CA THR N 734 -7.61 35.93 -9.76
C THR N 734 -8.75 34.92 -9.76
N SER N 735 -8.54 33.83 -10.49
CA SER N 735 -9.49 32.72 -10.56
C SER N 735 -8.79 31.49 -11.10
N VAL N 736 -8.97 30.36 -10.45
CA VAL N 736 -8.28 29.14 -10.83
C VAL N 736 -9.29 28.10 -11.27
N ASP N 737 -8.86 27.23 -12.18
CA ASP N 737 -9.61 26.05 -12.53
C ASP N 737 -9.00 24.85 -11.82
N CYS N 738 -9.86 24.02 -11.21
CA CYS N 738 -9.35 22.97 -10.35
C CYS N 738 -8.75 21.82 -11.15
N THR N 739 -9.52 21.28 -12.10
CA THR N 739 -9.04 20.13 -12.86
C THR N 739 -7.77 20.47 -13.63
N MET N 740 -7.77 21.61 -14.33
CA MET N 740 -6.61 21.99 -15.14
C MET N 740 -5.35 22.11 -14.30
N TYR N 741 -5.44 22.76 -13.14
CA TYR N 741 -4.28 22.86 -12.26
C TYR N 741 -3.86 21.48 -11.77
N ILE N 742 -4.78 20.75 -11.15
CA ILE N 742 -4.45 19.45 -10.58
C ILE N 742 -3.93 18.51 -11.66
N CYS N 743 -4.42 18.66 -12.89
CA CYS N 743 -3.95 17.85 -14.00
C CYS N 743 -4.14 18.54 -15.34
N GLY N 744 -3.10 18.51 -16.16
CA GLY N 744 -3.16 19.07 -17.49
C GLY N 744 -3.90 18.19 -18.48
N ASP N 745 -5.22 18.10 -18.32
CA ASP N 745 -6.10 17.41 -19.27
C ASP N 745 -5.85 15.90 -19.29
N SER N 746 -5.64 15.32 -18.11
CA SER N 746 -5.53 13.87 -17.95
C SER N 746 -6.85 13.33 -17.42
N THR N 747 -7.48 12.44 -18.20
CA THR N 747 -8.81 11.95 -17.84
C THR N 747 -8.78 11.09 -16.59
N GLU N 748 -7.69 10.35 -16.37
CA GLU N 748 -7.59 9.54 -15.16
C GLU N 748 -7.64 10.43 -13.92
N CYS N 749 -6.90 11.54 -13.94
CA CYS N 749 -7.02 12.54 -12.89
C CYS N 749 -8.44 13.08 -12.80
N SER N 750 -9.09 13.33 -13.94
CA SER N 750 -10.46 13.84 -13.91
C SER N 750 -11.36 12.91 -13.11
N ASN N 751 -11.26 11.60 -13.37
CA ASN N 751 -12.11 10.65 -12.67
C ASN N 751 -11.72 10.53 -11.20
N LEU N 752 -10.42 10.38 -10.92
CA LEU N 752 -9.98 10.29 -9.53
C LEU N 752 -10.26 11.58 -8.75
N LEU N 753 -10.54 12.67 -9.46
CA LEU N 753 -10.97 13.92 -8.84
C LEU N 753 -12.47 13.95 -8.63
N LEU N 754 -13.23 13.35 -9.54
CA LEU N 754 -14.65 13.14 -9.29
C LEU N 754 -14.85 12.31 -8.03
N GLN N 755 -13.90 11.43 -7.72
CA GLN N 755 -13.92 10.73 -6.44
C GLN N 755 -13.98 11.71 -5.27
N TYR N 756 -13.27 12.84 -5.38
CA TYR N 756 -13.30 13.85 -4.34
C TYR N 756 -14.52 14.76 -4.45
N GLY N 757 -14.92 15.09 -5.67
CA GLY N 757 -16.12 15.87 -5.90
C GLY N 757 -15.99 17.37 -5.71
N SER N 758 -16.82 17.93 -4.84
CA SER N 758 -16.96 19.38 -4.67
C SER N 758 -15.73 20.06 -4.12
N PHE N 759 -14.66 19.32 -3.81
CA PHE N 759 -13.48 19.90 -3.18
C PHE N 759 -12.92 21.08 -3.94
N CYS N 760 -13.19 21.19 -5.24
CA CYS N 760 -12.73 22.35 -5.99
C CYS N 760 -13.85 23.32 -6.33
N THR N 761 -15.09 22.84 -6.46
CA THR N 761 -16.20 23.76 -6.64
C THR N 761 -16.28 24.74 -5.48
N GLN N 762 -16.14 24.21 -4.26
CA GLN N 762 -15.93 25.04 -3.08
C GLN N 762 -14.94 26.17 -3.37
N LEU N 763 -13.73 25.79 -3.76
CA LEU N 763 -12.67 26.76 -3.99
C LEU N 763 -13.11 27.82 -5.01
N ASN N 764 -13.72 27.37 -6.10
CA ASN N 764 -14.14 28.31 -7.12
C ASN N 764 -15.15 29.30 -6.55
N ARG N 765 -16.12 28.80 -5.80
CA ARG N 765 -17.08 29.70 -5.15
C ARG N 765 -16.35 30.74 -4.31
N ALA N 766 -15.41 30.28 -3.48
CA ALA N 766 -14.67 31.19 -2.62
C ALA N 766 -14.00 32.28 -3.46
N LEU N 767 -13.28 31.86 -4.51
CA LEU N 767 -12.54 32.83 -5.30
C LEU N 767 -13.47 33.81 -5.99
N THR N 768 -14.63 33.31 -6.45
CA THR N 768 -15.59 34.19 -7.08
C THR N 768 -16.10 35.23 -6.08
N GLY N 769 -16.37 34.78 -4.85
CA GLY N 769 -16.71 35.72 -3.81
C GLY N 769 -15.65 36.79 -3.65
N ILE N 770 -14.38 36.35 -3.61
CA ILE N 770 -13.29 37.30 -3.47
C ILE N 770 -13.33 38.33 -4.58
N ALA N 771 -13.51 37.87 -5.83
CA ALA N 771 -13.53 38.78 -6.96
C ALA N 771 -14.66 39.78 -6.83
N VAL N 772 -15.85 39.30 -6.49
CA VAL N 772 -17.00 40.18 -6.31
C VAL N 772 -16.68 41.21 -5.23
N GLU N 773 -16.04 40.76 -4.14
CA GLU N 773 -15.70 41.68 -3.07
C GLU N 773 -14.74 42.74 -3.56
N GLN N 774 -13.77 42.36 -4.41
CA GLN N 774 -12.86 43.34 -4.98
C GLN N 774 -13.64 44.42 -5.72
N ASP N 775 -14.58 43.99 -6.58
CA ASP N 775 -15.42 44.95 -7.28
C ASP N 775 -16.13 45.86 -6.28
N LYS N 776 -16.74 45.26 -5.26
CA LYS N 776 -17.46 46.06 -4.27
C LYS N 776 -16.54 47.06 -3.60
N ASN N 777 -15.32 46.63 -3.28
CA ASN N 777 -14.36 47.53 -2.66
C ASN N 777 -14.13 48.76 -3.54
N THR N 778 -13.82 48.52 -4.82
CA THR N 778 -13.59 49.64 -5.72
C THR N 778 -14.79 50.57 -5.73
N GLN N 779 -15.99 50.00 -5.82
CA GLN N 779 -17.17 50.85 -5.90
C GLN N 779 -17.39 51.61 -4.60
N GLU N 780 -17.13 50.95 -3.47
CA GLU N 780 -17.22 51.61 -2.16
C GLU N 780 -16.31 52.83 -2.11
N VAL N 781 -15.11 52.71 -2.66
CA VAL N 781 -14.13 53.79 -2.53
C VAL N 781 -14.48 54.93 -3.48
N PHE N 782 -14.57 54.64 -4.77
CA PHE N 782 -14.70 55.69 -5.76
C PHE N 782 -16.14 56.04 -6.11
N ALA N 783 -17.02 55.04 -6.24
CA ALA N 783 -18.39 55.32 -6.65
C ALA N 783 -19.21 55.81 -5.47
N GLN N 784 -18.74 56.86 -4.81
CA GLN N 784 -19.51 57.57 -3.79
C GLN N 784 -20.14 58.85 -4.33
N VAL N 785 -19.55 59.42 -5.37
CA VAL N 785 -20.17 60.54 -6.07
C VAL N 785 -21.25 60.01 -6.99
N LYS N 786 -22.30 60.81 -7.19
CA LYS N 786 -23.43 60.40 -8.00
C LYS N 786 -23.25 60.82 -9.46
N GLN N 787 -23.06 62.11 -9.69
CA GLN N 787 -22.86 62.66 -11.03
C GLN N 787 -21.38 62.95 -11.24
N ILE N 788 -20.90 62.71 -12.47
CA ILE N 788 -19.53 63.07 -12.81
C ILE N 788 -19.48 64.59 -13.00
N TYR N 789 -18.82 65.27 -12.07
CA TYR N 789 -18.64 66.70 -12.22
C TYR N 789 -17.42 66.98 -13.07
N LYS N 790 -17.42 68.14 -13.72
CA LYS N 790 -16.35 68.52 -14.63
C LYS N 790 -15.85 69.90 -14.24
N THR N 791 -14.53 70.04 -14.18
CA THR N 791 -13.95 71.32 -13.79
C THR N 791 -14.08 72.33 -14.92
N PRO N 792 -14.43 73.58 -14.60
CA PRO N 792 -14.48 74.60 -15.63
C PRO N 792 -13.07 75.02 -16.03
N PRO N 793 -12.88 75.49 -17.26
CA PRO N 793 -11.53 75.89 -17.67
C PRO N 793 -10.98 77.09 -16.91
N ILE N 794 -11.84 77.90 -16.30
CA ILE N 794 -11.39 79.06 -15.54
C ILE N 794 -10.76 78.59 -14.24
N LYS N 795 -9.44 78.67 -14.16
CA LYS N 795 -8.70 78.22 -12.97
C LYS N 795 -8.45 79.40 -12.03
N ASP N 796 -9.55 80.08 -11.68
CA ASP N 796 -9.50 81.23 -10.79
C ASP N 796 -9.77 80.81 -9.34
N PHE N 797 -8.90 79.94 -8.84
CA PHE N 797 -9.00 79.43 -7.47
C PHE N 797 -8.17 80.23 -6.49
N GLY N 798 -7.86 81.49 -6.80
CA GLY N 798 -7.10 82.33 -5.90
C GLY N 798 -5.66 81.93 -5.72
N GLY N 799 -5.00 81.48 -6.80
CA GLY N 799 -3.61 81.13 -6.75
C GLY N 799 -3.29 79.69 -6.46
N PHE N 800 -4.30 78.95 -5.99
CA PHE N 800 -4.11 77.55 -5.68
C PHE N 800 -3.93 76.79 -6.98
N ASN N 801 -2.68 76.60 -7.39
CA ASN N 801 -2.39 75.87 -8.61
C ASN N 801 -2.89 74.45 -8.44
N PHE N 802 -3.73 73.99 -9.36
CA PHE N 802 -4.29 72.66 -9.26
C PHE N 802 -4.00 71.91 -10.54
N SER N 803 -3.19 72.51 -11.40
CA SER N 803 -2.86 71.84 -12.66
C SER N 803 -2.22 70.49 -12.42
N GLN N 804 -1.35 70.41 -11.40
CA GLN N 804 -0.61 69.19 -11.14
C GLN N 804 -1.50 68.05 -10.65
N ILE N 805 -2.71 68.35 -10.18
CA ILE N 805 -3.66 67.31 -9.77
C ILE N 805 -4.95 67.34 -10.56
N LEU N 806 -5.19 68.36 -11.36
CA LEU N 806 -6.37 68.23 -12.19
C LEU N 806 -6.02 67.50 -13.48
N PRO N 807 -6.97 66.74 -14.05
CA PRO N 807 -6.65 65.90 -15.20
C PRO N 807 -6.12 66.69 -16.39
N ASP N 808 -5.06 66.18 -17.00
CA ASP N 808 -4.48 66.77 -18.20
C ASP N 808 -5.13 66.15 -19.43
N PRO N 809 -5.76 66.94 -20.30
CA PRO N 809 -6.44 66.34 -21.47
C PRO N 809 -5.47 65.71 -22.47
N SER N 810 -4.26 66.25 -22.60
CA SER N 810 -3.34 65.80 -23.64
C SER N 810 -3.03 64.32 -23.51
N LYS N 811 -2.90 63.82 -22.29
CA LYS N 811 -2.57 62.42 -22.09
C LYS N 811 -3.66 61.53 -22.66
N PRO N 812 -3.30 60.39 -23.28
CA PRO N 812 -4.36 59.48 -23.76
C PRO N 812 -5.29 59.02 -22.66
N SER N 813 -4.74 58.51 -21.56
CA SER N 813 -5.51 58.29 -20.35
C SER N 813 -5.59 59.61 -19.58
N LYS N 814 -6.81 60.11 -19.38
CA LYS N 814 -6.97 61.40 -18.71
C LYS N 814 -6.60 61.24 -17.26
N ARG N 815 -5.35 61.54 -16.93
CA ARG N 815 -4.81 61.30 -15.61
C ARG N 815 -3.96 62.49 -15.19
N SER N 816 -4.01 62.80 -13.90
CA SER N 816 -3.23 63.90 -13.36
C SER N 816 -1.77 63.50 -13.26
N PHE N 817 -0.89 64.50 -13.40
CA PHE N 817 0.55 64.32 -13.36
C PHE N 817 0.98 63.47 -12.16
N ILE N 818 0.39 63.76 -10.99
CA ILE N 818 0.65 62.95 -9.80
C ILE N 818 0.31 61.50 -10.06
N GLU N 819 -0.87 61.24 -10.62
CA GLU N 819 -1.28 59.87 -10.92
C GLU N 819 -0.33 59.23 -11.93
N ASP N 820 0.25 60.01 -12.84
CA ASP N 820 1.24 59.45 -13.75
C ASP N 820 2.49 59.02 -13.01
N LEU N 821 2.97 59.86 -12.09
CA LEU N 821 4.11 59.47 -11.26
C LEU N 821 3.80 58.18 -10.51
N LEU N 822 2.61 58.08 -9.94
CA LEU N 822 2.23 56.87 -9.20
C LEU N 822 2.20 55.66 -10.11
N PHE N 823 1.61 55.79 -11.30
CA PHE N 823 1.56 54.69 -12.25
C PHE N 823 2.95 54.24 -12.67
N ASN N 824 3.89 55.18 -12.79
CA ASN N 824 5.26 54.79 -13.12
C ASN N 824 5.96 54.14 -11.95
N LYS N 825 5.62 54.53 -10.72
CA LYS N 825 6.23 53.91 -9.53
C LYS N 825 5.85 52.43 -9.45
N VAL N 826 4.56 52.14 -9.29
CA VAL N 826 4.11 50.76 -9.18
C VAL N 826 4.23 50.08 -10.54
N THR N 827 4.88 48.92 -10.58
CA THR N 827 5.07 48.19 -11.82
C THR N 827 4.38 46.82 -11.76
N LYS N 854 -1.06 31.38 -15.10
CA LYS N 854 -0.38 30.78 -16.23
C LYS N 854 -1.35 30.03 -17.14
N PHE N 855 -0.95 28.81 -17.54
CA PHE N 855 -1.75 27.96 -18.39
C PHE N 855 -2.28 26.74 -17.62
N ASN N 856 -2.48 26.89 -16.31
CA ASN N 856 -2.92 25.83 -15.44
C ASN N 856 -4.16 26.26 -14.65
N GLY N 857 -5.11 26.88 -15.35
CA GLY N 857 -6.30 27.40 -14.72
C GLY N 857 -6.08 28.73 -14.02
N LEU N 858 -4.83 29.03 -13.69
CA LEU N 858 -4.48 30.29 -13.04
C LEU N 858 -4.71 31.43 -14.02
N THR N 859 -5.80 32.17 -13.83
CA THR N 859 -6.12 33.31 -14.68
C THR N 859 -6.33 34.55 -13.81
N VAL N 860 -6.15 35.71 -14.41
CA VAL N 860 -6.35 36.99 -13.75
C VAL N 860 -7.51 37.67 -14.45
N LEU N 861 -8.68 37.67 -13.80
CA LEU N 861 -9.82 38.35 -14.36
C LEU N 861 -9.56 39.86 -14.39
N PRO N 862 -10.14 40.57 -15.35
CA PRO N 862 -9.88 42.01 -15.44
C PRO N 862 -10.69 42.77 -14.41
N PRO N 863 -10.15 43.87 -13.88
CA PRO N 863 -10.94 44.70 -12.97
C PRO N 863 -12.10 45.32 -13.73
N LEU N 864 -13.31 45.19 -13.15
CA LEU N 864 -14.51 45.72 -13.78
C LEU N 864 -14.33 47.18 -14.16
N LEU N 865 -13.95 48.01 -13.20
CA LEU N 865 -13.63 49.41 -13.47
C LEU N 865 -12.23 49.49 -14.05
N THR N 866 -12.11 50.03 -15.26
CA THR N 866 -10.80 50.28 -15.83
C THR N 866 -10.09 51.37 -15.04
N ASP N 867 -8.78 51.45 -15.23
CA ASP N 867 -8.01 52.51 -14.59
C ASP N 867 -8.46 53.89 -15.06
N GLU N 868 -8.97 53.99 -16.28
CA GLU N 868 -9.41 55.28 -16.80
C GLU N 868 -10.73 55.70 -16.18
N MET N 869 -11.63 54.75 -15.91
CA MET N 869 -12.86 55.10 -15.22
C MET N 869 -12.59 55.52 -13.78
N ILE N 870 -11.64 54.86 -13.12
CA ILE N 870 -11.24 55.31 -11.79
C ILE N 870 -10.62 56.69 -11.87
N ALA N 871 -9.84 56.96 -12.92
CA ALA N 871 -9.28 58.29 -13.11
C ALA N 871 -10.39 59.34 -13.25
N GLN N 872 -11.43 59.03 -14.03
CA GLN N 872 -12.55 59.96 -14.17
C GLN N 872 -13.32 60.12 -12.87
N TYR N 873 -13.41 59.05 -12.07
CA TYR N 873 -14.07 59.16 -10.77
C TYR N 873 -13.31 60.10 -9.85
N THR N 874 -12.00 59.95 -9.77
CA THR N 874 -11.19 60.88 -8.98
C THR N 874 -11.26 62.29 -9.55
N SER N 875 -11.37 62.42 -10.87
CA SER N 875 -11.57 63.74 -11.47
C SER N 875 -12.85 64.38 -11.00
N ALA N 876 -13.95 63.62 -11.02
CA ALA N 876 -15.23 64.13 -10.54
C ALA N 876 -15.15 64.51 -9.06
N LEU N 877 -14.47 63.68 -8.26
CA LEU N 877 -14.34 63.98 -6.84
C LEU N 877 -13.55 65.26 -6.61
N LEU N 878 -12.47 65.45 -7.36
CA LEU N 878 -11.69 66.68 -7.24
C LEU N 878 -12.50 67.88 -7.67
N ALA N 879 -13.23 67.76 -8.78
CA ALA N 879 -14.08 68.87 -9.24
C ALA N 879 -15.11 69.23 -8.18
N GLY N 880 -15.74 68.23 -7.57
CA GLY N 880 -16.72 68.50 -6.53
C GLY N 880 -16.11 69.18 -5.33
N THR N 881 -15.01 68.63 -4.81
CA THR N 881 -14.39 69.19 -3.61
C THR N 881 -13.72 70.53 -3.88
N ILE N 882 -13.50 70.89 -5.14
CA ILE N 882 -12.89 72.18 -5.45
C ILE N 882 -13.95 73.25 -5.68
N THR N 883 -14.96 72.95 -6.50
CA THR N 883 -15.98 73.95 -6.81
C THR N 883 -17.03 74.04 -5.70
N SER N 884 -17.56 72.89 -5.27
CA SER N 884 -18.61 72.87 -4.26
C SER N 884 -18.10 72.58 -2.86
N GLY N 885 -16.89 72.06 -2.74
CA GLY N 885 -16.26 71.85 -1.44
C GLY N 885 -16.66 70.56 -0.74
N TRP N 886 -17.85 70.55 -0.13
CA TRP N 886 -18.36 69.32 0.48
C TRP N 886 -19.84 69.07 0.22
N THR N 887 -20.64 70.09 -0.08
CA THR N 887 -22.08 69.91 -0.24
C THR N 887 -22.42 68.96 -1.38
N PHE N 888 -21.49 68.75 -2.32
CA PHE N 888 -21.73 67.79 -3.39
C PHE N 888 -21.85 66.36 -2.86
N GLY N 889 -21.35 66.10 -1.66
CA GLY N 889 -21.47 64.78 -1.07
C GLY N 889 -22.77 64.60 -0.31
N ALA N 890 -23.27 65.68 0.29
CA ALA N 890 -24.52 65.61 1.02
C ALA N 890 -25.72 65.61 0.09
N GLY N 891 -25.77 66.58 -0.83
CA GLY N 891 -26.84 66.65 -1.80
C GLY N 891 -26.31 66.90 -3.19
N ALA N 892 -26.80 67.96 -3.84
CA ALA N 892 -26.30 68.38 -5.13
C ALA N 892 -25.17 69.38 -4.95
N ALA N 893 -24.26 69.40 -5.91
CA ALA N 893 -23.10 70.28 -5.81
C ALA N 893 -23.53 71.75 -5.85
N LEU N 894 -22.95 72.55 -4.94
CA LEU N 894 -23.28 73.95 -4.80
C LEU N 894 -22.01 74.77 -5.04
N GLN N 895 -21.96 75.45 -6.18
CA GLN N 895 -20.80 76.28 -6.49
C GLN N 895 -20.54 77.28 -5.37
N ILE N 896 -19.26 77.50 -5.07
CA ILE N 896 -18.85 78.39 -3.99
C ILE N 896 -17.41 78.82 -4.25
N PRO N 897 -17.09 80.10 -4.12
CA PRO N 897 -15.71 80.54 -4.38
C PRO N 897 -14.72 79.83 -3.48
N PHE N 898 -13.65 79.31 -4.08
CA PHE N 898 -12.71 78.46 -3.36
C PHE N 898 -12.14 79.16 -2.14
N ALA N 899 -11.94 80.47 -2.21
CA ALA N 899 -11.47 81.21 -1.05
C ALA N 899 -12.46 81.10 0.10
N MET N 900 -13.75 81.25 -0.19
CA MET N 900 -14.75 81.12 0.87
C MET N 900 -14.83 79.69 1.38
N GLN N 901 -14.60 78.71 0.52
CA GLN N 901 -14.62 77.32 0.94
C GLN N 901 -13.48 77.03 1.90
N MET N 902 -12.28 77.54 1.59
CA MET N 902 -11.17 77.40 2.52
C MET N 902 -11.42 78.20 3.80
N ALA N 903 -12.15 79.31 3.71
CA ALA N 903 -12.48 80.05 4.93
C ALA N 903 -13.41 79.24 5.82
N TYR N 904 -14.36 78.51 5.22
CA TYR N 904 -15.23 77.66 6.02
C TYR N 904 -14.46 76.51 6.62
N ARG N 905 -13.51 75.95 5.87
CA ARG N 905 -12.64 74.93 6.44
C ARG N 905 -11.84 75.47 7.63
N PHE N 906 -11.33 76.70 7.50
CA PHE N 906 -10.60 77.32 8.60
C PHE N 906 -11.51 77.50 9.81
N ASN N 907 -12.73 77.99 9.59
CA ASN N 907 -13.71 78.05 10.67
C ASN N 907 -13.88 76.69 11.33
N GLY N 908 -13.89 75.62 10.53
CA GLY N 908 -13.98 74.29 11.09
C GLY N 908 -12.78 73.93 11.95
N ILE N 909 -11.60 74.41 11.56
CA ILE N 909 -10.40 74.15 12.36
C ILE N 909 -10.47 74.87 13.70
N GLY N 910 -11.03 76.07 13.72
CA GLY N 910 -10.97 76.95 14.88
C GLY N 910 -10.31 78.28 14.60
N VAL N 911 -9.81 78.49 13.39
CA VAL N 911 -9.24 79.76 12.98
C VAL N 911 -10.30 80.54 12.22
N THR N 912 -10.28 81.86 12.36
CA THR N 912 -11.33 82.70 11.81
C THR N 912 -11.01 83.09 10.36
N GLN N 913 -12.06 83.51 9.65
CA GLN N 913 -11.95 83.78 8.22
C GLN N 913 -10.90 84.84 7.92
N ASN N 914 -10.76 85.83 8.81
CA ASN N 914 -9.83 86.93 8.58
C ASN N 914 -8.41 86.43 8.33
N VAL N 915 -7.99 85.39 9.05
CA VAL N 915 -6.65 84.85 8.87
C VAL N 915 -6.44 84.42 7.42
N LEU N 916 -7.37 83.64 6.88
CA LEU N 916 -7.26 83.20 5.50
C LEU N 916 -7.32 84.40 4.54
N TYR N 917 -8.41 85.16 4.59
CA TYR N 917 -8.61 86.22 3.61
C TYR N 917 -7.48 87.24 3.63
N GLU N 918 -6.85 87.45 4.78
CA GLU N 918 -5.72 88.37 4.88
C GLU N 918 -4.42 87.73 4.43
N ASN N 919 -4.32 86.40 4.43
CA ASN N 919 -3.11 85.69 4.05
C ASN N 919 -3.36 84.74 2.88
N GLN N 920 -4.28 85.10 1.99
CA GLN N 920 -4.63 84.21 0.88
C GLN N 920 -3.42 83.92 -0.01
N LYS N 921 -2.64 84.96 -0.33
CA LYS N 921 -1.50 84.77 -1.22
C LYS N 921 -0.43 83.90 -0.58
N LEU N 922 -0.11 84.17 0.70
CA LEU N 922 0.89 83.37 1.40
C LEU N 922 0.49 81.91 1.48
N ILE N 923 -0.79 81.65 1.83
CA ILE N 923 -1.27 80.29 1.93
C ILE N 923 -1.25 79.60 0.58
N ALA N 924 -1.61 80.34 -0.48
CA ALA N 924 -1.54 79.77 -1.82
C ALA N 924 -0.12 79.37 -2.19
N ASN N 925 0.84 80.25 -1.88
CA ASN N 925 2.25 79.95 -2.17
C ASN N 925 2.71 78.71 -1.41
N GLN N 926 2.38 78.65 -0.11
CA GLN N 926 2.75 77.49 0.69
C GLN N 926 2.14 76.21 0.12
N PHE N 927 0.88 76.28 -0.30
CA PHE N 927 0.21 75.10 -0.85
C PHE N 927 0.88 74.65 -2.14
N ASN N 928 1.19 75.59 -3.04
CA ASN N 928 1.84 75.21 -4.29
C ASN N 928 3.23 74.63 -4.05
N SER N 929 4.00 75.23 -3.14
CA SER N 929 5.32 74.68 -2.82
C SER N 929 5.20 73.28 -2.22
N ALA N 930 4.17 73.05 -1.39
CA ALA N 930 3.96 71.73 -0.82
C ALA N 930 3.60 70.72 -1.90
N ILE N 931 2.81 71.12 -2.89
CA ILE N 931 2.49 70.24 -4.01
C ILE N 931 3.76 69.88 -4.78
N GLY N 932 4.64 70.87 -4.99
CA GLY N 932 5.91 70.58 -5.64
C GLY N 932 6.75 69.60 -4.84
N LYS N 933 6.82 69.79 -3.52
CA LYS N 933 7.54 68.84 -2.68
C LYS N 933 6.96 67.44 -2.78
N ILE N 934 5.63 67.33 -2.86
CA ILE N 934 5.00 66.02 -3.01
C ILE N 934 5.40 65.39 -4.33
N GLN N 935 5.41 66.19 -5.40
CA GLN N 935 5.89 65.69 -6.68
C GLN N 935 7.30 65.12 -6.56
N ASP N 936 8.19 65.87 -5.91
CA ASP N 936 9.58 65.43 -5.81
C ASP N 936 9.69 64.14 -5.00
N SER N 937 8.97 64.07 -3.87
CA SER N 937 9.02 62.88 -3.03
C SER N 937 8.46 61.67 -3.76
N LEU N 938 7.40 61.85 -4.54
CA LEU N 938 6.83 60.72 -5.28
C LEU N 938 7.76 60.28 -6.40
N SER N 939 8.36 61.24 -7.11
CA SER N 939 9.21 60.89 -8.24
C SER N 939 10.49 60.20 -7.79
N SER N 940 11.10 60.67 -6.70
CA SER N 940 12.39 60.13 -6.27
C SER N 940 12.22 58.82 -5.52
N THR N 941 11.52 58.87 -4.38
CA THR N 941 11.40 57.72 -3.49
C THR N 941 10.26 56.81 -3.97
N ALA N 942 10.62 55.70 -4.61
CA ALA N 942 9.61 54.73 -5.02
C ALA N 942 8.94 54.11 -3.81
N SER N 943 9.69 53.88 -2.73
CA SER N 943 9.16 53.25 -1.53
C SER N 943 7.99 54.01 -0.92
N ALA N 944 7.72 55.24 -1.39
CA ALA N 944 6.54 55.96 -0.94
C ALA N 944 5.26 55.17 -1.19
N LEU N 945 5.23 54.36 -2.24
CA LEU N 945 4.08 53.52 -2.55
C LEU N 945 4.28 52.09 -2.11
N GLY N 946 5.24 51.85 -1.22
CA GLY N 946 5.63 50.48 -0.87
C GLY N 946 4.46 49.57 -0.62
N LYS N 947 3.49 50.02 0.19
CA LYS N 947 2.34 49.21 0.54
C LYS N 947 1.70 48.57 -0.70
N LEU N 948 1.31 49.40 -1.67
CA LEU N 948 0.68 48.87 -2.87
C LEU N 948 1.57 47.82 -3.53
N GLN N 949 2.85 48.15 -3.69
CA GLN N 949 3.78 47.19 -4.29
C GLN N 949 3.74 45.88 -3.52
N ASP N 950 3.82 45.96 -2.19
CA ASP N 950 3.76 44.77 -1.35
C ASP N 950 2.53 43.95 -1.69
N VAL N 951 1.37 44.60 -1.77
CA VAL N 951 0.14 43.90 -2.13
C VAL N 951 0.36 43.08 -3.40
N VAL N 952 0.75 43.78 -4.47
CA VAL N 952 0.97 43.11 -5.75
C VAL N 952 1.94 41.95 -5.56
N ASN N 953 3.07 42.23 -4.88
CA ASN N 953 4.08 41.22 -4.70
C ASN N 953 3.49 39.99 -4.03
N GLN N 954 2.77 40.19 -2.93
CA GLN N 954 2.16 39.07 -2.22
C GLN N 954 1.37 38.21 -3.19
N ASN N 955 0.46 38.85 -3.95
CA ASN N 955 -0.36 38.09 -4.89
C ASN N 955 0.53 37.29 -5.83
N ALA N 956 1.48 37.97 -6.48
CA ALA N 956 2.36 37.30 -7.42
C ALA N 956 3.05 36.13 -6.73
N GLN N 957 3.58 36.37 -5.53
CA GLN N 957 4.27 35.33 -4.79
C GLN N 957 3.40 34.11 -4.67
N ALA N 958 2.17 34.30 -4.17
CA ALA N 958 1.26 33.18 -4.00
C ALA N 958 1.12 32.40 -5.31
N LEU N 959 0.82 33.11 -6.39
CA LEU N 959 0.62 32.44 -7.67
C LEU N 959 1.87 31.66 -8.06
N ASN N 960 3.03 32.30 -7.95
CA ASN N 960 4.27 31.63 -8.31
C ASN N 960 4.45 30.37 -7.48
N THR N 961 4.17 30.45 -6.18
CA THR N 961 4.33 29.29 -5.33
C THR N 961 3.41 28.17 -5.80
N LEU N 962 2.18 28.52 -6.18
CA LEU N 962 1.28 27.52 -6.74
C LEU N 962 1.92 26.83 -7.92
N VAL N 963 2.46 27.62 -8.85
CA VAL N 963 3.16 27.06 -10.00
C VAL N 963 4.22 26.07 -9.53
N LYS N 964 5.02 26.48 -8.54
CA LYS N 964 6.11 25.64 -8.08
C LYS N 964 5.60 24.39 -7.38
N GLN N 965 4.40 24.44 -6.80
CA GLN N 965 3.84 23.26 -6.16
C GLN N 965 3.60 22.15 -7.16
N LEU N 966 3.44 22.50 -8.45
CA LEU N 966 3.29 21.48 -9.46
C LEU N 966 4.55 20.65 -9.65
N SER N 967 5.67 21.03 -9.03
CA SER N 967 6.92 20.31 -9.17
C SER N 967 7.21 19.38 -8.00
N SER N 968 6.39 19.39 -6.95
CA SER N 968 6.61 18.54 -5.78
C SER N 968 6.00 17.16 -5.99
N ASN N 969 6.62 16.16 -5.37
CA ASN N 969 6.20 14.78 -5.59
C ASN N 969 5.03 14.37 -4.71
N PHE N 970 4.93 14.93 -3.51
CA PHE N 970 3.90 14.58 -2.52
C PHE N 970 3.91 13.08 -2.21
N GLY N 971 5.04 12.41 -2.41
CA GLY N 971 5.16 11.00 -2.13
C GLY N 971 5.03 10.09 -3.33
N ALA N 972 4.60 10.62 -4.48
CA ALA N 972 4.52 9.81 -5.68
C ALA N 972 5.88 9.71 -6.36
N ILE N 973 5.92 9.06 -7.52
CA ILE N 973 7.19 8.87 -8.22
C ILE N 973 7.60 10.16 -8.92
N SER N 974 6.65 10.88 -9.51
CA SER N 974 6.95 12.07 -10.28
C SER N 974 5.89 13.14 -10.01
N SER N 975 6.08 14.29 -10.64
CA SER N 975 5.10 15.37 -10.60
C SER N 975 4.32 15.50 -11.90
N VAL N 976 4.59 14.64 -12.87
CA VAL N 976 3.91 14.65 -14.15
C VAL N 976 3.02 13.41 -14.19
N LEU N 977 1.71 13.63 -14.12
CA LEU N 977 0.77 12.51 -14.17
C LEU N 977 0.95 11.68 -15.43
N ASN N 978 1.34 12.33 -16.54
CA ASN N 978 1.63 11.60 -17.76
C ASN N 978 2.78 10.62 -17.56
N ASP N 979 3.82 11.03 -16.84
CA ASP N 979 4.94 10.14 -16.57
C ASP N 979 4.50 8.97 -15.69
N ILE N 980 3.69 9.24 -14.67
CA ILE N 980 3.18 8.18 -13.81
C ILE N 980 2.38 7.16 -14.62
N LEU N 981 1.46 7.66 -15.45
CA LEU N 981 0.62 6.76 -16.24
C LEU N 981 1.43 5.98 -17.27
N SER N 982 2.47 6.59 -17.83
CA SER N 982 3.30 5.87 -18.79
C SER N 982 4.19 4.84 -18.11
N ARG N 983 4.61 5.10 -16.88
CA ARG N 983 5.46 4.15 -16.16
C ARG N 983 4.62 3.06 -15.49
N LEU N 984 3.74 3.46 -14.56
CA LEU N 984 3.01 2.50 -13.75
C LEU N 984 1.69 2.08 -14.42
N ASP N 985 1.27 0.86 -14.14
CA ASP N 985 -0.02 0.37 -14.63
C ASP N 985 -1.15 1.20 -14.00
N PRO N 986 -2.28 1.31 -14.69
CA PRO N 986 -3.39 2.12 -14.17
C PRO N 986 -3.82 1.71 -12.76
N PRO N 987 -3.85 0.41 -12.41
CA PRO N 987 -4.21 0.07 -11.02
C PRO N 987 -3.34 0.73 -9.95
N GLU N 988 -2.03 0.83 -10.15
CA GLU N 988 -1.16 1.50 -9.19
C GLU N 988 -0.94 2.97 -9.53
N ALA N 989 -0.97 3.30 -10.83
CA ALA N 989 -0.98 4.70 -11.23
C ALA N 989 -2.14 5.44 -10.59
N GLU N 990 -3.24 4.75 -10.29
CA GLU N 990 -4.37 5.40 -9.63
C GLU N 990 -4.01 5.82 -8.21
N VAL N 991 -3.30 4.96 -7.47
CA VAL N 991 -2.89 5.34 -6.11
C VAL N 991 -1.87 6.47 -6.15
N GLN N 992 -0.93 6.40 -7.09
CA GLN N 992 0.06 7.47 -7.20
C GLN N 992 -0.60 8.80 -7.58
N ILE N 993 -1.53 8.77 -8.53
CA ILE N 993 -2.27 9.96 -8.92
C ILE N 993 -3.13 10.44 -7.77
N ASP N 994 -3.60 9.54 -6.91
CA ASP N 994 -4.35 9.96 -5.73
C ASP N 994 -3.46 10.73 -4.77
N ARG N 995 -2.24 10.24 -4.55
CA ARG N 995 -1.27 10.99 -3.74
C ARG N 995 -1.03 12.38 -4.34
N LEU N 996 -0.77 12.42 -5.64
CA LEU N 996 -0.49 13.71 -6.30
C LEU N 996 -1.68 14.64 -6.23
N ILE N 997 -2.89 14.12 -6.42
CA ILE N 997 -4.10 14.93 -6.37
C ILE N 997 -4.32 15.47 -4.97
N THR N 998 -4.10 14.63 -3.95
CA THR N 998 -4.22 15.10 -2.58
C THR N 998 -3.24 16.23 -2.32
N GLY N 999 -1.99 16.07 -2.76
CA GLY N 999 -1.01 17.13 -2.57
C GLY N 999 -1.40 18.43 -3.24
N ARG N 1000 -1.79 18.37 -4.52
CA ARG N 1000 -2.12 19.57 -5.25
C ARG N 1000 -3.39 20.22 -4.72
N LEU N 1001 -4.38 19.41 -4.32
CA LEU N 1001 -5.59 19.96 -3.74
C LEU N 1001 -5.32 20.61 -2.39
N GLN N 1002 -4.44 20.02 -1.59
CA GLN N 1002 -4.05 20.65 -0.34
C GLN N 1002 -3.34 21.97 -0.59
N SER N 1003 -2.49 22.02 -1.62
CA SER N 1003 -1.85 23.28 -1.98
C SER N 1003 -2.88 24.33 -2.40
N LEU N 1004 -3.87 23.92 -3.19
CA LEU N 1004 -4.92 24.85 -3.60
C LEU N 1004 -5.71 25.36 -2.40
N GLN N 1005 -6.04 24.48 -1.46
CA GLN N 1005 -6.77 24.90 -0.27
C GLN N 1005 -5.96 25.88 0.55
N THR N 1006 -4.67 25.57 0.77
CA THR N 1006 -3.79 26.50 1.46
C THR N 1006 -3.77 27.85 0.78
N TYR N 1007 -3.68 27.85 -0.56
CA TYR N 1007 -3.60 29.09 -1.31
C TYR N 1007 -4.87 29.90 -1.19
N VAL N 1008 -6.02 29.26 -1.40
CA VAL N 1008 -7.28 29.98 -1.34
C VAL N 1008 -7.54 30.49 0.07
N THR N 1009 -7.03 29.79 1.08
CA THR N 1009 -7.16 30.29 2.45
C THR N 1009 -6.29 31.52 2.67
N GLN N 1010 -5.02 31.45 2.23
CA GLN N 1010 -4.14 32.61 2.29
C GLN N 1010 -4.81 33.82 1.63
N GLN N 1011 -5.37 33.61 0.45
CA GLN N 1011 -5.94 34.73 -0.29
C GLN N 1011 -7.27 35.18 0.28
N LEU N 1012 -8.02 34.28 0.92
CA LEU N 1012 -9.21 34.71 1.66
C LEU N 1012 -8.83 35.64 2.80
N ILE N 1013 -7.82 35.26 3.57
CA ILE N 1013 -7.36 36.12 4.67
C ILE N 1013 -6.84 37.45 4.13
N ARG N 1014 -6.05 37.39 3.06
CA ARG N 1014 -5.49 38.61 2.49
C ARG N 1014 -6.57 39.51 1.92
N ALA N 1015 -7.60 38.92 1.31
CA ALA N 1015 -8.72 39.71 0.81
C ALA N 1015 -9.53 40.30 1.95
N ALA N 1016 -9.64 39.60 3.08
CA ALA N 1016 -10.28 40.19 4.25
C ALA N 1016 -9.51 41.41 4.73
N GLU N 1017 -8.18 41.30 4.78
CA GLU N 1017 -7.37 42.46 5.17
C GLU N 1017 -7.53 43.60 4.16
N ILE N 1018 -7.53 43.27 2.87
CA ILE N 1018 -7.71 44.28 1.83
C ILE N 1018 -9.07 44.95 1.97
N ARG N 1019 -10.10 44.18 2.32
CA ARG N 1019 -11.42 44.75 2.52
C ARG N 1019 -11.45 45.67 3.74
N ALA N 1020 -10.72 45.30 4.80
CA ALA N 1020 -10.60 46.20 5.94
C ALA N 1020 -9.96 47.52 5.53
N SER N 1021 -8.83 47.45 4.81
CA SER N 1021 -8.18 48.67 4.35
C SER N 1021 -9.06 49.45 3.39
N ALA N 1022 -9.87 48.76 2.59
CA ALA N 1022 -10.76 49.44 1.64
C ALA N 1022 -11.90 50.14 2.36
N ASN N 1023 -12.43 49.52 3.42
CA ASN N 1023 -13.43 50.21 4.23
C ASN N 1023 -12.83 51.42 4.92
N LEU N 1024 -11.57 51.31 5.36
CA LEU N 1024 -10.90 52.48 5.91
C LEU N 1024 -10.76 53.58 4.86
N ALA N 1025 -10.38 53.20 3.63
CA ALA N 1025 -10.23 54.18 2.56
C ALA N 1025 -11.56 54.83 2.21
N ALA N 1026 -12.64 54.05 2.22
CA ALA N 1026 -13.97 54.60 1.94
C ALA N 1026 -14.40 55.55 3.05
N THR N 1027 -14.12 55.19 4.31
CA THR N 1027 -14.39 56.09 5.42
C THR N 1027 -13.64 57.40 5.25
N LYS N 1028 -12.37 57.33 4.83
CA LYS N 1028 -11.62 58.54 4.54
C LYS N 1028 -12.29 59.35 3.44
N MET N 1029 -12.41 58.75 2.25
CA MET N 1029 -13.03 59.37 1.08
C MET N 1029 -14.35 60.06 1.43
N SER N 1030 -15.09 59.49 2.38
CA SER N 1030 -16.34 60.09 2.82
C SER N 1030 -16.10 61.25 3.78
N GLU N 1031 -15.18 61.10 4.72
CA GLU N 1031 -15.03 62.10 5.78
C GLU N 1031 -14.13 63.26 5.34
N CYS N 1032 -12.86 62.98 5.04
CA CYS N 1032 -11.93 64.06 4.72
C CYS N 1032 -12.25 64.68 3.36
N VAL N 1033 -12.30 63.85 2.31
CA VAL N 1033 -12.55 64.38 0.97
C VAL N 1033 -13.90 65.06 0.90
N LEU N 1034 -14.97 64.33 1.18
CA LEU N 1034 -16.33 64.84 1.05
C LEU N 1034 -16.74 65.75 2.21
N GLY N 1035 -15.80 66.13 3.08
CA GLY N 1035 -16.11 67.01 4.19
C GLY N 1035 -14.86 67.58 4.85
N GLN N 1036 -14.86 67.61 6.16
CA GLN N 1036 -13.66 67.99 6.92
C GLN N 1036 -13.69 67.21 8.22
N SER N 1037 -12.80 66.22 8.34
CA SER N 1037 -12.82 65.31 9.48
C SER N 1037 -12.11 65.97 10.65
N LYS N 1038 -12.87 66.30 11.70
CA LYS N 1038 -12.31 66.84 12.92
C LYS N 1038 -11.69 65.78 13.82
N ARG N 1039 -11.68 64.52 13.38
CA ARG N 1039 -10.99 63.46 14.11
C ARG N 1039 -9.50 63.72 14.07
N VAL N 1040 -8.92 64.00 15.25
CA VAL N 1040 -7.53 64.44 15.30
C VAL N 1040 -6.60 63.35 14.77
N ASP N 1041 -5.77 63.72 13.80
CA ASP N 1041 -4.75 62.86 13.22
C ASP N 1041 -5.32 61.60 12.56
N PHE N 1042 -6.61 61.62 12.22
CA PHE N 1042 -7.15 60.56 11.37
C PHE N 1042 -6.92 60.86 9.90
N CYS N 1043 -6.70 62.12 9.54
CA CYS N 1043 -6.55 62.57 8.17
C CYS N 1043 -5.27 63.38 8.01
N GLY N 1044 -4.17 62.87 8.55
CA GLY N 1044 -2.90 63.56 8.47
C GLY N 1044 -2.52 64.29 9.74
N LYS N 1045 -1.24 64.27 10.09
CA LYS N 1045 -0.76 64.92 11.31
C LYS N 1045 -1.00 66.42 11.26
N GLY N 1046 -1.90 66.90 12.11
CA GLY N 1046 -2.28 68.30 12.14
C GLY N 1046 -3.77 68.47 11.85
N TYR N 1047 -4.21 69.71 12.05
CA TYR N 1047 -5.60 70.06 11.75
C TYR N 1047 -5.85 69.88 10.25
N HIS N 1048 -6.79 69.01 9.92
CA HIS N 1048 -7.02 68.65 8.53
C HIS N 1048 -7.88 69.70 7.84
N LEU N 1049 -7.36 70.24 6.73
CA LEU N 1049 -8.11 71.18 5.91
C LEU N 1049 -8.84 70.48 4.77
N MET N 1050 -8.11 69.83 3.87
CA MET N 1050 -8.72 69.21 2.70
C MET N 1050 -8.06 67.86 2.45
N SER N 1051 -8.46 67.21 1.37
CA SER N 1051 -7.80 66.03 0.87
C SER N 1051 -8.12 65.91 -0.61
N PHE N 1052 -7.21 65.29 -1.34
CA PHE N 1052 -7.40 65.11 -2.78
C PHE N 1052 -7.06 63.68 -3.18
N PRO N 1053 -8.07 62.87 -3.52
CA PRO N 1053 -7.78 61.49 -3.89
C PRO N 1053 -7.17 61.40 -5.28
N GLN N 1054 -6.23 60.46 -5.41
CA GLN N 1054 -5.58 60.17 -6.67
C GLN N 1054 -5.55 58.66 -6.84
N SER N 1055 -5.98 58.18 -8.01
CA SER N 1055 -5.95 56.75 -8.26
C SER N 1055 -4.52 56.23 -8.27
N ALA N 1056 -4.40 54.92 -8.14
CA ALA N 1056 -3.11 54.24 -8.25
C ALA N 1056 -3.39 52.77 -8.50
N PRO N 1057 -2.44 52.04 -9.09
CA PRO N 1057 -2.69 50.62 -9.36
C PRO N 1057 -3.12 49.87 -8.11
N HIS N 1058 -4.40 49.47 -8.08
CA HIS N 1058 -4.98 48.74 -6.96
C HIS N 1058 -4.87 49.53 -5.66
N GLY N 1059 -5.13 50.83 -5.72
CA GLY N 1059 -5.09 51.61 -4.50
C GLY N 1059 -5.40 53.07 -4.74
N VAL N 1060 -5.42 53.83 -3.65
CA VAL N 1060 -5.71 55.25 -3.66
C VAL N 1060 -4.63 55.97 -2.88
N VAL N 1061 -4.45 57.25 -3.18
CA VAL N 1061 -3.46 58.09 -2.51
C VAL N 1061 -4.12 59.43 -2.21
N PHE N 1062 -4.24 59.76 -0.94
CA PHE N 1062 -4.86 61.01 -0.53
C PHE N 1062 -3.78 62.07 -0.31
N LEU N 1063 -4.04 63.27 -0.82
CA LEU N 1063 -3.18 64.42 -0.56
C LEU N 1063 -3.80 65.22 0.57
N HIS N 1064 -3.63 64.71 1.78
CA HIS N 1064 -4.16 65.35 2.98
C HIS N 1064 -3.54 66.72 3.17
N VAL N 1065 -4.32 67.77 2.96
CA VAL N 1065 -3.86 69.14 3.15
C VAL N 1065 -4.18 69.52 4.59
N THR N 1066 -3.14 69.70 5.41
CA THR N 1066 -3.28 69.86 6.84
C THR N 1066 -2.64 71.17 7.30
N TYR N 1067 -3.30 71.80 8.27
CA TYR N 1067 -2.79 72.99 8.92
C TYR N 1067 -1.82 72.62 10.03
N VAL N 1068 -0.69 73.30 10.10
CA VAL N 1068 0.29 73.00 11.14
C VAL N 1068 0.84 74.30 11.70
N PRO N 1069 0.58 74.62 12.97
CA PRO N 1069 1.09 75.88 13.53
C PRO N 1069 2.62 75.84 13.64
N ALA N 1070 3.26 76.89 13.10
CA ALA N 1070 4.70 76.85 12.91
C ALA N 1070 5.49 77.51 14.04
N GLN N 1071 5.30 78.81 14.24
CA GLN N 1071 6.10 79.55 15.21
C GLN N 1071 5.31 79.77 16.50
N GLU N 1072 6.03 79.74 17.61
CA GLU N 1072 5.40 79.79 18.93
C GLU N 1072 5.94 80.97 19.73
N LYS N 1073 5.08 81.53 20.57
CA LYS N 1073 5.46 82.61 21.48
C LYS N 1073 4.86 82.34 22.86
N ASN N 1074 5.67 82.57 23.89
CA ASN N 1074 5.18 82.46 25.26
C ASN N 1074 4.41 83.71 25.66
N PHE N 1075 3.40 83.53 26.50
CA PHE N 1075 2.65 84.64 27.04
C PHE N 1075 2.20 84.29 28.44
N THR N 1076 2.05 85.32 29.27
CA THR N 1076 1.43 85.14 30.57
C THR N 1076 -0.07 85.15 30.42
N THR N 1077 -0.73 84.14 30.97
CA THR N 1077 -2.16 83.95 30.75
C THR N 1077 -2.89 84.04 32.09
N ALA N 1078 -4.21 83.84 32.01
CA ALA N 1078 -5.08 83.87 33.19
C ALA N 1078 -6.42 83.25 32.82
N PRO N 1079 -7.01 82.44 33.70
CA PRO N 1079 -8.33 81.87 33.38
C PRO N 1079 -9.42 82.91 33.20
N ALA N 1080 -9.45 83.93 34.05
CA ALA N 1080 -10.48 84.95 33.98
C ALA N 1080 -9.82 86.30 34.31
N ILE N 1081 -10.65 87.34 34.40
CA ILE N 1081 -10.21 88.70 34.70
C ILE N 1081 -11.23 89.36 35.60
N CYS N 1082 -10.80 89.76 36.80
CA CYS N 1082 -11.70 90.43 37.75
C CYS N 1082 -11.73 91.91 37.42
N HIS N 1083 -12.75 92.33 36.68
CA HIS N 1083 -12.86 93.73 36.27
C HIS N 1083 -13.43 94.60 37.39
N ASP N 1084 -14.67 94.32 37.81
CA ASP N 1084 -15.35 95.06 38.86
C ASP N 1084 -15.91 94.10 39.90
N GLY N 1085 -15.08 93.17 40.34
CA GLY N 1085 -15.54 92.09 41.18
C GLY N 1085 -16.31 91.01 40.45
N LYS N 1086 -16.60 91.20 39.17
CA LYS N 1086 -17.26 90.20 38.34
C LYS N 1086 -16.20 89.49 37.51
N ALA N 1087 -16.08 88.18 37.68
CA ALA N 1087 -15.13 87.41 36.89
C ALA N 1087 -15.54 87.44 35.42
N HIS N 1088 -14.60 87.79 34.56
CA HIS N 1088 -14.82 87.87 33.12
C HIS N 1088 -14.08 86.70 32.46
N PHE N 1089 -14.82 85.88 31.74
CA PHE N 1089 -14.25 84.73 31.05
C PHE N 1089 -14.25 84.97 29.56
N PRO N 1090 -13.22 84.52 28.83
CA PRO N 1090 -13.18 84.73 27.38
C PRO N 1090 -14.25 83.90 26.70
N ARG N 1091 -15.07 84.56 25.88
CA ARG N 1091 -16.13 83.87 25.16
C ARG N 1091 -15.57 82.73 24.32
N GLU N 1092 -14.64 83.05 23.42
CA GLU N 1092 -13.94 82.04 22.63
C GLU N 1092 -12.51 82.55 22.41
N GLY N 1093 -11.55 81.91 23.06
CA GLY N 1093 -10.17 82.29 22.92
C GLY N 1093 -9.45 82.22 24.26
N VAL N 1094 -8.30 82.89 24.31
CA VAL N 1094 -7.41 82.87 25.47
C VAL N 1094 -7.23 84.29 25.97
N PHE N 1095 -7.15 84.43 27.29
CA PHE N 1095 -6.62 85.64 27.89
C PHE N 1095 -5.11 85.56 27.88
N VAL N 1096 -4.46 86.41 27.07
CA VAL N 1096 -3.02 86.42 26.95
C VAL N 1096 -2.50 87.77 27.40
N SER N 1097 -1.20 87.81 27.66
CA SER N 1097 -0.53 89.03 28.10
C SER N 1097 0.95 88.87 27.83
N ASN N 1098 1.51 89.72 26.97
CA ASN N 1098 2.95 89.64 26.67
C ASN N 1098 3.77 90.00 27.91
N GLY N 1099 3.28 90.95 28.69
CA GLY N 1099 3.94 91.35 29.92
C GLY N 1099 3.55 92.75 30.35
N THR N 1100 2.65 93.39 29.61
CA THR N 1100 2.23 94.76 29.92
C THR N 1100 0.73 94.93 29.86
N HIS N 1101 0.10 94.62 28.73
CA HIS N 1101 -1.34 94.69 28.60
C HIS N 1101 -1.94 93.29 28.63
N TRP N 1102 -3.26 93.23 28.53
CA TRP N 1102 -3.96 91.97 28.41
C TRP N 1102 -4.83 92.00 27.16
N PHE N 1103 -4.95 90.84 26.50
CA PHE N 1103 -5.68 90.73 25.26
C PHE N 1103 -6.42 89.41 25.22
N VAL N 1104 -7.32 89.30 24.26
CA VAL N 1104 -8.01 88.06 23.94
C VAL N 1104 -7.54 87.60 22.57
N THR N 1105 -7.22 86.31 22.45
CA THR N 1105 -6.71 85.75 21.21
C THR N 1105 -7.43 84.45 20.91
N GLN N 1106 -7.09 83.85 19.78
CA GLN N 1106 -7.58 82.52 19.43
C GLN N 1106 -6.58 81.46 19.87
N ARG N 1107 -7.09 80.25 20.07
CA ARG N 1107 -6.28 79.17 20.60
C ARG N 1107 -5.36 78.53 19.57
N ASN N 1108 -5.35 79.02 18.33
CA ASN N 1108 -4.48 78.47 17.31
C ASN N 1108 -3.82 79.54 16.45
N PHE N 1109 -4.03 80.81 16.75
CA PHE N 1109 -3.37 81.90 16.04
C PHE N 1109 -3.27 83.10 16.98
N TYR N 1110 -2.38 84.02 16.65
CA TYR N 1110 -2.12 85.18 17.50
C TYR N 1110 -2.75 86.41 16.87
N GLU N 1111 -4.02 86.66 17.22
CA GLU N 1111 -4.69 87.93 16.96
C GLU N 1111 -5.05 88.54 18.31
N PRO N 1112 -4.09 89.13 19.01
CA PRO N 1112 -4.40 89.74 20.31
C PRO N 1112 -5.33 90.94 20.16
N GLN N 1113 -6.57 90.78 20.58
CA GLN N 1113 -7.56 91.85 20.51
C GLN N 1113 -7.80 92.43 21.90
N ILE N 1114 -8.23 93.69 21.92
CA ILE N 1114 -8.49 94.35 23.18
C ILE N 1114 -9.71 93.75 23.84
N ILE N 1115 -9.69 93.68 25.17
CA ILE N 1115 -10.68 92.90 25.93
C ILE N 1115 -11.88 93.83 26.14
N THR N 1116 -12.78 93.81 25.16
CA THR N 1116 -14.04 94.52 25.29
C THR N 1116 -14.98 93.70 26.17
N THR N 1117 -16.21 94.17 26.32
CA THR N 1117 -17.22 93.42 27.07
C THR N 1117 -17.97 92.42 26.19
N ASP N 1118 -17.62 92.34 24.91
CA ASP N 1118 -18.27 91.41 23.99
C ASP N 1118 -17.38 90.24 23.57
N ASN N 1119 -16.07 90.34 23.79
CA ASN N 1119 -15.20 89.18 23.66
C ASN N 1119 -15.25 88.28 24.89
N THR N 1120 -15.87 88.75 25.97
CA THR N 1120 -15.92 88.03 27.23
C THR N 1120 -17.34 88.03 27.78
N PHE N 1121 -17.65 87.03 28.58
CA PHE N 1121 -18.91 86.96 29.30
C PHE N 1121 -18.64 86.91 30.81
N VAL N 1122 -19.60 87.42 31.56
CA VAL N 1122 -19.46 87.58 33.01
C VAL N 1122 -20.02 86.36 33.71
N SER N 1123 -19.36 85.93 34.79
CA SER N 1123 -19.83 84.79 35.56
C SER N 1123 -19.24 84.85 36.97
N GLY N 1124 -20.07 85.20 37.95
CA GLY N 1124 -19.68 85.11 39.34
C GLY N 1124 -18.73 86.19 39.79
N ASN N 1125 -18.12 85.94 40.95
CA ASN N 1125 -17.14 86.83 41.55
C ASN N 1125 -15.73 86.36 41.20
N CYS N 1126 -14.75 87.19 41.55
CA CYS N 1126 -13.35 86.90 41.25
C CYS N 1126 -12.61 86.33 42.45
N ASP N 1127 -13.30 85.53 43.26
CA ASP N 1127 -12.67 84.75 44.32
C ASP N 1127 -12.73 83.26 44.07
N VAL N 1128 -13.86 82.75 43.58
CA VAL N 1128 -13.97 81.34 43.26
C VAL N 1128 -12.98 80.95 42.17
N VAL N 1129 -12.71 81.86 41.24
CA VAL N 1129 -11.71 81.59 40.22
C VAL N 1129 -10.35 81.43 40.87
N ILE N 1130 -9.55 80.51 40.34
CA ILE N 1130 -8.21 80.22 40.86
C ILE N 1130 -7.21 80.70 39.81
N GLY N 1131 -6.50 81.77 40.13
CA GLY N 1131 -5.56 82.37 39.21
C GLY N 1131 -6.06 83.59 38.47
N ILE N 1132 -7.20 84.15 38.88
CA ILE N 1132 -7.72 85.32 38.21
C ILE N 1132 -6.79 86.51 38.43
N VAL N 1133 -6.65 87.36 37.41
CA VAL N 1133 -5.82 88.55 37.47
C VAL N 1133 -6.70 89.80 37.45
N ASN N 1134 -6.07 90.98 37.40
CA ASN N 1134 -6.80 92.24 37.39
C ASN N 1134 -6.56 93.07 36.13
N ASN N 1135 -7.63 93.51 35.49
CA ASN N 1135 -7.55 94.31 34.27
C ASN N 1135 -8.87 95.02 33.97
N THR N 1136 -8.80 96.28 33.54
CA THR N 1136 -10.00 97.03 33.21
C THR N 1136 -10.57 96.49 31.90
N VAL N 1137 -11.68 95.74 32.00
CA VAL N 1137 -12.34 95.21 30.81
C VAL N 1137 -12.99 96.39 30.08
N TYR N 1138 -12.39 96.79 28.97
CA TYR N 1138 -12.90 97.91 28.18
C TYR N 1138 -14.32 97.62 27.72
N ASP N 1139 -15.07 98.69 27.46
CA ASP N 1139 -16.46 98.56 27.04
C ASP N 1139 -16.79 99.72 26.12
N PRO N 1140 -17.17 99.46 24.87
CA PRO N 1140 -17.43 100.56 23.93
C PRO N 1140 -18.71 101.34 24.24
N LEU N 1141 -19.65 100.73 24.98
CA LEU N 1141 -20.93 101.38 25.20
C LEU N 1141 -20.78 102.65 26.01
N GLN N 1142 -19.78 102.74 26.89
CA GLN N 1142 -19.60 103.98 27.65
C GLN N 1142 -19.03 105.10 26.77
N PRO N 1143 -17.96 104.91 26.01
CA PRO N 1143 -17.54 105.98 25.09
C PRO N 1143 -18.59 106.34 24.06
N GLU N 1144 -19.43 105.40 23.64
CA GLU N 1144 -20.49 105.78 22.71
C GLU N 1144 -21.66 106.47 23.40
N LEU N 1145 -21.93 106.12 24.66
CA LEU N 1145 -23.00 106.76 25.41
C LEU N 1145 -22.61 108.15 25.88
N ASP N 1146 -21.31 108.45 25.95
CA ASP N 1146 -20.89 109.82 26.21
C ASP N 1146 -21.33 110.74 25.09
N SER N 1147 -21.28 110.26 23.84
CA SER N 1147 -21.67 111.06 22.70
C SER N 1147 -23.18 111.02 22.51
N SER O 1 91.79 17.03 -50.58
CA SER O 1 91.40 17.00 -52.00
C SER O 1 91.84 18.27 -52.71
N VAL O 2 90.88 19.21 -52.86
CA VAL O 2 91.21 20.50 -53.46
C VAL O 2 91.79 21.46 -52.45
N LEU O 3 91.50 21.28 -51.17
CA LEU O 3 91.91 22.21 -50.14
C LEU O 3 93.42 22.09 -49.89
N THR O 4 93.94 23.01 -49.09
CA THR O 4 95.38 23.11 -48.86
C THR O 4 95.65 23.10 -47.36
N GLN O 5 96.40 22.11 -46.90
CA GLN O 5 96.92 22.09 -45.54
C GLN O 5 98.13 21.15 -45.52
N ALA O 6 99.12 21.50 -44.70
CA ALA O 6 100.36 20.76 -44.67
C ALA O 6 100.11 19.31 -44.23
N PRO O 7 100.89 18.36 -44.75
CA PRO O 7 100.68 16.96 -44.35
C PRO O 7 100.97 16.71 -42.88
N SER O 8 101.99 17.36 -42.32
CA SER O 8 102.34 17.18 -40.92
C SER O 8 102.92 18.47 -40.37
N VAL O 9 102.66 18.72 -39.09
CA VAL O 9 103.22 19.85 -38.36
C VAL O 9 103.64 19.36 -36.98
N SER O 10 104.70 19.98 -36.44
CA SER O 10 105.27 19.55 -35.17
C SER O 10 105.21 20.69 -34.16
N GLY O 11 105.25 20.32 -32.89
CA GLY O 11 105.20 21.29 -31.81
C GLY O 11 105.58 20.68 -30.49
N ALA O 12 105.84 21.55 -29.52
CA ALA O 12 106.18 21.15 -28.17
C ALA O 12 104.93 20.82 -27.36
N PRO O 13 105.08 20.14 -26.22
CA PRO O 13 103.91 19.89 -25.37
C PRO O 13 103.47 21.14 -24.63
N GLY O 14 102.16 21.26 -24.43
CA GLY O 14 101.59 22.33 -23.63
C GLY O 14 101.72 23.72 -24.19
N GLN O 15 102.11 23.87 -25.47
CA GLN O 15 102.29 25.17 -26.07
C GLN O 15 101.10 25.50 -26.98
N LYS O 16 101.21 26.60 -27.72
CA LYS O 16 100.13 27.13 -28.54
C LYS O 16 100.54 27.08 -30.01
N VAL O 17 99.76 26.36 -30.81
CA VAL O 17 99.95 26.32 -32.25
C VAL O 17 98.61 25.99 -32.91
N THR O 18 98.33 26.66 -34.02
CA THR O 18 97.10 26.45 -34.77
C THR O 18 97.38 25.59 -35.98
N ILE O 19 96.33 25.28 -36.74
CA ILE O 19 96.45 24.53 -37.99
C ILE O 19 95.55 25.16 -39.04
N SER O 20 96.13 25.52 -40.17
CA SER O 20 95.43 26.32 -41.17
C SER O 20 94.87 25.45 -42.29
N CYS O 21 93.96 26.05 -43.06
CA CYS O 21 93.30 25.37 -44.17
C CYS O 21 93.02 26.43 -45.23
N SER O 22 93.73 26.34 -46.35
CA SER O 22 93.60 27.32 -47.42
C SER O 22 92.59 26.80 -48.45
N GLY O 23 91.48 27.52 -48.62
CA GLY O 23 90.49 27.16 -49.60
C GLY O 23 90.20 28.29 -50.57
N SER O 24 88.99 28.32 -51.11
CA SER O 24 88.56 29.36 -52.03
C SER O 24 87.19 29.89 -51.59
N SER O 25 86.69 30.87 -52.35
CA SER O 25 85.38 31.43 -52.04
C SER O 25 84.24 30.49 -52.38
N SER O 26 84.49 29.49 -53.22
CA SER O 26 83.46 28.54 -53.60
C SER O 26 83.22 27.47 -52.55
N ASN O 27 84.18 27.22 -51.67
CA ASN O 27 84.06 26.18 -50.65
C ASN O 27 84.16 26.71 -49.23
N ILE O 28 85.06 27.66 -48.97
CA ILE O 28 85.18 28.26 -47.65
C ILE O 28 84.46 29.60 -47.58
N GLY O 29 84.46 30.36 -48.67
CA GLY O 29 83.89 31.70 -48.65
C GLY O 29 82.43 31.73 -48.25
N ASN O 30 81.62 30.85 -48.85
CA ASN O 30 80.19 30.85 -48.60
C ASN O 30 79.70 29.65 -47.81
N ASN O 31 80.57 28.72 -47.44
CA ASN O 31 80.20 27.57 -46.64
C ASN O 31 80.95 27.58 -45.31
N TYR O 32 80.44 26.78 -44.37
CA TYR O 32 81.08 26.66 -43.07
C TYR O 32 82.18 25.60 -43.11
N VAL O 33 83.16 25.76 -42.23
CA VAL O 33 84.34 24.90 -42.17
C VAL O 33 84.22 23.98 -40.97
N SER O 34 84.49 22.69 -41.17
CA SER O 34 84.48 21.72 -40.11
C SER O 34 85.86 21.10 -39.97
N TRP O 35 86.24 20.81 -38.74
CA TRP O 35 87.52 20.19 -38.41
C TRP O 35 87.27 18.90 -37.65
N TYR O 36 87.86 17.82 -38.13
CA TYR O 36 87.76 16.50 -37.53
C TYR O 36 89.13 16.06 -37.04
N GLN O 37 89.13 15.12 -36.09
CA GLN O 37 90.35 14.52 -35.57
C GLN O 37 90.26 13.01 -35.72
N GLN O 38 91.31 12.40 -36.25
CA GLN O 38 91.40 10.94 -36.32
C GLN O 38 92.74 10.47 -35.79
N LEU O 39 92.72 9.38 -35.04
CA LEU O 39 93.89 8.70 -34.51
C LEU O 39 94.28 7.52 -35.39
N PRO O 40 95.51 7.04 -35.30
CA PRO O 40 95.92 5.89 -36.12
C PRO O 40 95.03 4.67 -35.87
N GLY O 41 94.45 4.15 -36.95
CA GLY O 41 93.63 2.96 -36.87
C GLY O 41 92.34 3.12 -36.10
N THR O 42 91.78 4.33 -36.09
CA THR O 42 90.51 4.58 -35.40
C THR O 42 89.67 5.50 -36.29
N ALA O 43 88.58 5.99 -35.73
CA ALA O 43 87.58 6.73 -36.50
C ALA O 43 87.76 8.24 -36.36
N PRO O 44 87.51 8.97 -37.44
CA PRO O 44 87.58 10.45 -37.37
C PRO O 44 86.52 11.02 -36.46
N LYS O 45 86.95 11.76 -35.44
CA LYS O 45 86.05 12.43 -34.52
C LYS O 45 85.99 13.92 -34.84
N LEU O 46 84.78 14.45 -34.89
CA LEU O 46 84.60 15.87 -35.20
C LEU O 46 85.18 16.74 -34.10
N LEU O 47 86.12 17.62 -34.46
CA LEU O 47 86.66 18.57 -33.50
C LEU O 47 85.73 19.78 -33.34
N ILE O 48 85.52 20.52 -34.42
CA ILE O 48 84.78 21.78 -34.38
C ILE O 48 83.92 21.88 -35.63
N TYR O 49 82.71 22.39 -35.49
CA TYR O 49 81.84 22.65 -36.63
C TYR O 49 81.56 24.14 -36.73
N ASP O 50 81.67 24.68 -37.94
CA ASP O 50 81.53 26.09 -38.30
C ASP O 50 82.67 26.95 -37.77
N ASN O 51 83.61 26.38 -37.02
CA ASN O 51 84.81 27.00 -36.45
C ASN O 51 84.55 27.87 -35.22
N ASN O 52 83.31 28.14 -34.84
CA ASN O 52 83.03 28.79 -33.57
C ASN O 52 82.09 28.00 -32.65
N LYS O 53 81.69 26.79 -33.02
CA LYS O 53 80.83 25.97 -32.18
C LYS O 53 81.50 24.65 -31.88
N ARG O 54 81.47 24.24 -30.60
CA ARG O 54 82.11 23.01 -30.14
C ARG O 54 81.07 21.93 -29.89
N PRO O 55 81.25 20.74 -30.46
CA PRO O 55 80.32 19.64 -30.18
C PRO O 55 80.39 19.20 -28.73
N SER O 56 79.51 18.26 -28.38
CA SER O 56 79.51 17.68 -27.05
C SER O 56 80.73 16.78 -26.87
N GLY O 57 81.48 17.01 -25.81
CA GLY O 57 82.68 16.24 -25.53
C GLY O 57 83.96 16.83 -26.06
N ILE O 58 83.93 18.05 -26.57
CA ILE O 58 85.11 18.73 -27.10
C ILE O 58 85.60 19.74 -26.07
N PRO O 59 86.88 19.74 -25.72
CA PRO O 59 87.38 20.71 -24.73
C PRO O 59 87.26 22.14 -25.24
N ASP O 60 87.10 23.06 -24.30
CA ASP O 60 86.99 24.48 -24.63
C ASP O 60 88.29 25.06 -25.18
N ARG O 61 89.40 24.35 -25.03
CA ARG O 61 90.70 24.82 -25.51
C ARG O 61 90.76 24.90 -27.03
N PHE O 62 89.80 24.31 -27.73
CA PHE O 62 89.78 24.34 -29.19
C PHE O 62 88.96 25.55 -29.66
N SER O 63 89.43 26.17 -30.73
CA SER O 63 88.75 27.33 -31.30
C SER O 63 88.94 27.30 -32.82
N GLY O 64 88.36 28.29 -33.48
CA GLY O 64 88.58 28.42 -34.91
C GLY O 64 88.14 29.77 -35.43
N SER O 65 88.59 30.08 -36.64
CA SER O 65 88.28 31.36 -37.28
C SER O 65 88.26 31.16 -38.79
N LYS O 66 87.51 32.04 -39.47
CA LYS O 66 87.40 32.03 -40.93
C LYS O 66 87.77 33.41 -41.44
N SER O 67 88.98 33.54 -42.00
CA SER O 67 89.47 34.78 -42.58
C SER O 67 89.41 34.66 -44.09
N GLY O 68 88.32 35.16 -44.67
CA GLY O 68 88.15 35.10 -46.11
C GLY O 68 88.13 33.66 -46.59
N THR O 69 89.14 33.29 -47.38
CA THR O 69 89.25 31.95 -47.94
C THR O 69 90.05 31.00 -47.06
N SER O 70 90.58 31.48 -45.93
CA SER O 70 91.36 30.65 -45.03
C SER O 70 90.54 30.31 -43.79
N ALA O 71 90.81 29.14 -43.22
CA ALA O 71 90.16 28.69 -42.00
C ALA O 71 91.21 28.15 -41.04
N THR O 72 91.29 28.73 -39.85
CA THR O 72 92.28 28.34 -38.85
C THR O 72 91.58 27.59 -37.72
N LEU O 73 92.14 26.44 -37.35
CA LEU O 73 91.73 25.69 -36.17
C LEU O 73 92.75 25.96 -35.08
N GLY O 74 92.37 26.81 -34.12
CA GLY O 74 93.23 27.12 -33.00
C GLY O 74 93.26 26.01 -31.97
N ILE O 75 94.45 25.48 -31.70
CA ILE O 75 94.64 24.33 -30.83
C ILE O 75 95.52 24.77 -29.66
N THR O 76 94.91 24.99 -28.51
CA THR O 76 95.62 25.45 -27.32
C THR O 76 95.77 24.29 -26.33
N GLY O 77 96.83 24.36 -25.52
CA GLY O 77 97.08 23.34 -24.52
C GLY O 77 97.27 21.96 -25.09
N LEU O 78 98.32 21.77 -25.88
CA LEU O 78 98.58 20.47 -26.48
C LEU O 78 98.97 19.45 -25.42
N GLN O 79 98.45 18.23 -25.56
CA GLN O 79 98.77 17.14 -24.65
C GLN O 79 99.59 16.08 -25.39
N THR O 80 99.98 15.05 -24.65
CA THR O 80 100.71 13.94 -25.25
C THR O 80 99.81 13.13 -26.19
N GLY O 81 98.52 13.02 -25.86
CA GLY O 81 97.59 12.28 -26.70
C GLY O 81 96.89 13.16 -27.71
N ASP O 82 97.52 14.28 -28.05
CA ASP O 82 96.96 15.21 -29.04
C ASP O 82 97.41 14.87 -30.46
N GLU O 83 98.42 14.02 -30.61
CA GLU O 83 98.99 13.70 -31.92
C GLU O 83 97.97 12.90 -32.72
N ALA O 84 97.32 13.58 -33.66
CA ALA O 84 96.34 12.97 -34.53
C ALA O 84 96.25 13.80 -35.79
N ASP O 85 95.60 13.26 -36.81
CA ASP O 85 95.46 13.98 -38.08
C ASP O 85 94.13 14.75 -38.08
N TYR O 86 94.22 16.04 -38.35
CA TYR O 86 93.05 16.91 -38.34
C TYR O 86 92.65 17.22 -39.77
N TYR O 87 91.37 16.98 -40.06
CA TYR O 87 90.83 17.13 -41.41
C TYR O 87 90.00 18.40 -41.50
N CYS O 88 90.34 19.25 -42.45
CA CYS O 88 89.53 20.38 -42.83
C CYS O 88 88.52 19.96 -43.89
N GLY O 89 87.27 20.37 -43.71
CA GLY O 89 86.23 19.96 -44.64
C GLY O 89 85.18 21.03 -44.85
N THR O 90 84.72 21.18 -46.09
CA THR O 90 83.74 22.21 -46.42
C THR O 90 82.77 21.69 -47.46
N TRP O 91 81.61 22.35 -47.53
CA TRP O 91 80.69 22.12 -48.62
C TRP O 91 81.17 22.80 -49.89
N ASP O 92 80.78 22.25 -51.03
CA ASP O 92 81.20 22.74 -52.34
C ASP O 92 79.95 23.04 -53.17
N SER O 93 79.89 24.27 -53.69
CA SER O 93 78.82 24.65 -54.61
C SER O 93 79.21 24.42 -56.07
N SER O 94 80.50 24.49 -56.39
CA SER O 94 80.96 24.15 -57.73
C SER O 94 80.65 22.70 -58.05
N LEU O 95 81.13 21.78 -57.22
CA LEU O 95 80.78 20.37 -57.33
C LEU O 95 79.50 20.04 -56.56
N SER O 96 79.10 20.89 -55.61
CA SER O 96 77.89 20.69 -54.81
C SER O 96 77.96 19.37 -54.04
N ALA O 97 79.00 19.25 -53.23
CA ALA O 97 79.26 18.00 -52.52
C ALA O 97 80.08 18.32 -51.27
N VAL O 98 80.66 17.29 -50.67
CA VAL O 98 81.43 17.39 -49.44
C VAL O 98 82.89 17.17 -49.77
N VAL O 99 83.75 18.15 -49.46
CA VAL O 99 85.16 18.05 -49.78
C VAL O 99 85.97 18.18 -48.50
N PHE O 100 87.19 17.62 -48.54
CA PHE O 100 88.08 17.60 -47.38
C PHE O 100 89.49 17.97 -47.83
N GLY O 101 90.32 18.30 -46.84
CA GLY O 101 91.72 18.58 -47.07
C GLY O 101 92.58 17.33 -47.01
N GLY O 102 93.88 17.53 -47.25
CA GLY O 102 94.81 16.41 -47.25
C GLY O 102 95.03 15.81 -45.88
N GLY O 103 94.86 16.59 -44.83
CA GLY O 103 95.08 16.11 -43.48
C GLY O 103 96.37 16.65 -42.89
N THR O 104 96.34 16.89 -41.58
CA THR O 104 97.45 17.49 -40.85
C THR O 104 97.89 16.55 -39.74
N LYS O 105 98.93 15.76 -40.01
CA LYS O 105 99.47 14.83 -39.02
C LYS O 105 100.28 15.59 -37.97
N LEU O 106 99.59 16.16 -36.99
CA LEU O 106 100.26 16.94 -35.95
C LEU O 106 101.06 16.03 -35.04
N THR O 107 102.23 16.52 -34.61
CA THR O 107 103.14 15.78 -33.74
C THR O 107 103.54 16.67 -32.59
N VAL O 108 103.29 16.21 -31.37
CA VAL O 108 103.62 16.94 -30.15
C VAL O 108 104.93 16.38 -29.61
N LEU O 109 105.98 17.19 -29.65
CA LEU O 109 107.30 16.76 -29.20
C LEU O 109 107.36 16.68 -27.68
N GLU P 1 73.29 10.06 -25.24
CA GLU P 1 72.15 10.48 -26.05
C GLU P 1 71.66 9.35 -26.96
N VAL P 2 72.43 9.09 -28.01
CA VAL P 2 72.02 8.19 -29.09
C VAL P 2 73.05 7.07 -29.22
N GLN P 3 72.56 5.84 -29.38
CA GLN P 3 73.38 4.67 -29.61
C GLN P 3 73.13 4.19 -31.03
N LEU P 4 74.15 4.31 -31.88
CA LEU P 4 74.06 3.83 -33.25
C LEU P 4 74.51 2.38 -33.33
N LEU P 5 73.82 1.61 -34.16
CA LEU P 5 74.07 0.18 -34.26
C LEU P 5 75.06 -0.09 -35.38
N GLU P 6 75.35 -1.36 -35.62
CA GLU P 6 76.23 -1.72 -36.73
C GLU P 6 75.49 -1.51 -38.05
N GLN P 7 76.26 -1.20 -39.10
CA GLN P 7 75.69 -0.83 -40.38
C GLN P 7 75.45 -2.07 -41.24
N SER P 8 76.51 -2.83 -41.52
CA SER P 8 76.37 -4.15 -42.11
C SER P 8 77.04 -5.24 -41.29
N GLY P 9 78.28 -5.01 -40.85
CA GLY P 9 79.01 -6.01 -40.11
C GLY P 9 80.15 -6.60 -40.91
N ALA P 10 80.39 -7.90 -40.75
CA ALA P 10 81.42 -8.60 -41.50
C ALA P 10 80.80 -9.07 -42.81
N GLU P 11 81.11 -8.38 -43.90
CA GLU P 11 80.59 -8.68 -45.22
C GLU P 11 81.74 -8.86 -46.19
N VAL P 12 81.78 -10.00 -46.86
CA VAL P 12 82.84 -10.37 -47.80
C VAL P 12 82.19 -11.05 -48.99
N LYS P 13 82.48 -10.57 -50.19
CA LYS P 13 81.92 -11.12 -51.41
C LYS P 13 82.98 -11.17 -52.50
N LYS P 14 82.93 -12.24 -53.31
CA LYS P 14 83.82 -12.35 -54.44
C LYS P 14 83.35 -11.43 -55.56
N PRO P 15 84.22 -11.10 -56.52
CA PRO P 15 83.82 -10.20 -57.61
C PRO P 15 82.61 -10.73 -58.37
N GLY P 16 81.69 -9.82 -58.69
CA GLY P 16 80.48 -10.19 -59.42
C GLY P 16 79.26 -10.37 -58.53
N ALA P 17 79.02 -9.42 -57.63
CA ALA P 17 77.88 -9.50 -56.73
C ALA P 17 77.53 -8.08 -56.27
N SER P 18 76.65 -7.98 -55.27
CA SER P 18 76.18 -6.71 -54.76
C SER P 18 75.79 -6.86 -53.30
N VAL P 19 76.03 -5.82 -52.51
CA VAL P 19 75.85 -5.87 -51.07
C VAL P 19 75.09 -4.63 -50.61
N ARG P 20 74.28 -4.80 -49.56
CA ARG P 20 73.54 -3.71 -48.95
C ARG P 20 74.26 -3.23 -47.69
N VAL P 21 73.87 -2.04 -47.23
CA VAL P 21 74.35 -1.52 -45.95
C VAL P 21 73.17 -0.91 -45.21
N SER P 22 72.66 -1.62 -44.21
CA SER P 22 71.44 -1.25 -43.50
C SER P 22 71.78 -0.59 -42.16
N CYS P 23 71.90 0.73 -42.17
CA CYS P 23 72.29 1.48 -40.98
C CYS P 23 71.13 1.51 -39.98
N LYS P 24 71.37 0.95 -38.81
CA LYS P 24 70.39 0.83 -37.73
C LYS P 24 70.61 1.94 -36.71
N VAL P 25 69.53 2.33 -36.02
CA VAL P 25 69.57 3.42 -35.06
C VAL P 25 68.82 3.01 -33.79
N SER P 26 69.23 3.61 -32.68
CA SER P 26 68.59 3.39 -31.39
C SER P 26 68.74 4.64 -30.53
N GLY P 27 67.76 4.88 -29.69
CA GLY P 27 67.67 6.12 -28.93
C GLY P 27 66.84 7.15 -29.66
N TYR P 28 66.96 7.17 -30.98
CA TYR P 28 66.11 7.93 -31.89
C TYR P 28 65.37 6.94 -32.78
N THR P 29 64.65 7.47 -33.76
CA THR P 29 64.07 6.66 -34.82
C THR P 29 64.54 7.20 -36.17
N LEU P 30 64.14 6.50 -37.24
CA LEU P 30 64.70 6.82 -38.56
C LEU P 30 64.24 8.18 -39.08
N PRO P 31 62.92 8.46 -39.21
CA PRO P 31 62.53 9.73 -39.83
C PRO P 31 62.62 10.91 -38.87
N GLU P 32 63.71 10.96 -38.09
CA GLU P 32 64.02 12.13 -37.29
C GLU P 32 65.52 12.40 -37.24
N VAL P 33 66.28 11.78 -38.14
CA VAL P 33 67.71 12.05 -38.33
C VAL P 33 68.05 11.74 -39.77
N ALA P 34 68.80 12.63 -40.41
CA ALA P 34 69.15 12.46 -41.82
C ALA P 34 70.39 11.56 -41.95
N MET P 35 70.36 10.64 -42.90
CA MET P 35 71.46 9.71 -43.07
C MET P 35 72.51 10.28 -44.04
N HIS P 36 73.73 9.76 -43.93
CA HIS P 36 74.86 10.14 -44.77
C HIS P 36 75.84 8.98 -44.79
N TRP P 37 76.79 9.00 -45.73
CA TRP P 37 77.74 7.90 -45.84
C TRP P 37 79.10 8.43 -46.25
N VAL P 38 80.15 7.69 -45.89
CA VAL P 38 81.53 8.08 -46.19
C VAL P 38 82.34 6.84 -46.57
N ARG P 39 82.83 6.80 -47.81
CA ARG P 39 83.91 5.89 -48.15
C ARG P 39 85.18 6.29 -47.40
N GLN P 40 85.92 5.27 -46.95
CA GLN P 40 87.19 5.47 -46.26
C GLN P 40 88.06 4.26 -46.59
N ALA P 41 88.89 4.42 -47.62
CA ALA P 41 89.75 3.30 -48.01
C ALA P 41 90.95 3.22 -47.07
N PRO P 42 91.44 2.01 -46.78
CA PRO P 42 92.61 1.88 -45.89
C PRO P 42 93.81 2.61 -46.46
N GLY P 43 94.32 3.56 -45.68
CA GLY P 43 95.41 4.40 -46.14
C GLY P 43 94.99 5.49 -47.10
N LYS P 44 93.75 5.94 -47.02
CA LYS P 44 93.23 6.98 -47.91
C LYS P 44 92.46 7.98 -47.04
N GLY P 45 91.79 8.93 -47.69
CA GLY P 45 90.98 9.92 -47.02
C GLY P 45 89.50 9.58 -47.05
N LEU P 46 88.68 10.59 -46.88
CA LEU P 46 87.23 10.45 -46.86
C LEU P 46 86.65 10.73 -48.24
N GLU P 47 85.51 10.08 -48.53
CA GLU P 47 84.83 10.23 -49.82
C GLU P 47 83.33 10.19 -49.54
N TRP P 48 82.72 11.37 -49.41
CA TRP P 48 81.32 11.42 -49.00
C TRP P 48 80.41 10.80 -50.06
N MET P 49 79.30 10.24 -49.61
CA MET P 49 78.36 9.54 -50.49
C MET P 49 77.01 9.43 -49.80
N GLY P 50 76.04 8.95 -50.56
CA GLY P 50 74.69 8.76 -50.04
C GLY P 50 74.15 10.08 -49.52
N GLY P 51 73.75 10.07 -48.26
CA GLY P 51 73.31 11.31 -47.66
C GLY P 51 71.81 11.51 -47.79
N PHE P 52 71.25 12.18 -46.79
CA PHE P 52 69.91 12.76 -46.88
C PHE P 52 70.05 14.28 -46.93
N ASP P 53 69.29 14.91 -47.82
CA ASP P 53 69.42 16.34 -48.03
C ASP P 53 68.55 17.09 -47.04
N PRO P 54 69.13 17.91 -46.15
CA PRO P 54 68.27 18.74 -45.28
C PRO P 54 67.32 19.64 -46.05
N GLU P 55 67.79 20.23 -47.15
CA GLU P 55 66.91 20.89 -48.10
C GLU P 55 66.31 19.84 -49.03
N ASP P 56 65.14 20.15 -49.59
CA ASP P 56 64.38 19.29 -50.49
C ASP P 56 63.80 18.07 -49.81
N GLY P 57 64.17 17.77 -48.56
CA GLY P 57 63.71 16.56 -47.92
C GLY P 57 64.05 15.28 -48.67
N GLU P 58 65.00 15.34 -49.58
CA GLU P 58 65.37 14.21 -50.42
C GLU P 58 66.61 13.51 -49.85
N THR P 59 66.76 12.23 -50.20
CA THR P 59 67.86 11.42 -49.71
C THR P 59 68.98 11.45 -50.75
N MET P 60 70.06 12.18 -50.44
CA MET P 60 71.06 12.51 -51.46
C MET P 60 71.77 11.27 -51.98
N TYR P 61 72.55 11.48 -53.02
CA TYR P 61 73.48 10.50 -53.54
C TYR P 61 74.68 11.25 -54.12
N ALA P 62 75.87 10.68 -53.93
CA ALA P 62 77.08 11.32 -54.43
C ALA P 62 77.02 11.49 -55.95
N GLN P 63 77.28 12.70 -56.41
CA GLN P 63 77.25 12.96 -57.86
C GLN P 63 78.24 12.09 -58.60
N LYS P 64 79.36 11.75 -57.97
CA LYS P 64 80.33 10.83 -58.57
C LYS P 64 79.83 9.39 -58.56
N PHE P 65 78.83 9.07 -57.74
CA PHE P 65 78.32 7.71 -57.61
C PHE P 65 76.82 7.63 -57.87
N GLN P 66 76.31 8.48 -58.77
CA GLN P 66 74.90 8.41 -59.13
C GLN P 66 74.60 7.16 -59.94
N GLY P 67 73.40 6.60 -59.75
CA GLY P 67 72.96 5.44 -60.49
C GLY P 67 73.53 4.14 -59.95
N ARG P 68 74.80 4.17 -59.56
CA ARG P 68 75.45 2.98 -59.02
C ARG P 68 74.96 2.66 -57.61
N VAL P 69 74.78 3.67 -56.77
CA VAL P 69 74.46 3.48 -55.37
C VAL P 69 73.05 4.00 -55.12
N THR P 70 72.27 3.24 -54.36
CA THR P 70 70.90 3.65 -54.03
C THR P 70 70.64 3.40 -52.55
N MET P 71 69.48 3.85 -52.07
CA MET P 71 69.14 3.71 -50.67
C MET P 71 67.64 3.61 -50.47
N THR P 72 67.24 2.80 -49.50
CA THR P 72 65.87 2.73 -49.03
C THR P 72 65.84 2.93 -47.52
N GLU P 73 64.67 3.24 -47.00
CA GLU P 73 64.50 3.50 -45.57
C GLU P 73 63.25 2.79 -45.06
N ASP P 74 63.39 2.07 -43.96
CA ASP P 74 62.28 1.48 -43.23
C ASP P 74 62.24 2.14 -41.87
N THR P 75 61.26 3.03 -41.67
CA THR P 75 61.27 3.92 -40.51
C THR P 75 60.88 3.21 -39.23
N SER P 76 60.01 2.21 -39.31
CA SER P 76 59.58 1.49 -38.11
C SER P 76 60.74 0.74 -37.47
N THR P 77 61.31 -0.21 -38.20
CA THR P 77 62.50 -0.93 -37.73
C THR P 77 63.79 -0.17 -37.98
N ASP P 78 63.70 1.05 -38.53
CA ASP P 78 64.82 1.99 -38.56
C ASP P 78 66.01 1.48 -39.38
N THR P 79 65.74 0.76 -40.46
CA THR P 79 66.80 0.18 -41.28
C THR P 79 66.97 1.01 -42.55
N ALA P 80 68.16 1.59 -42.72
CA ALA P 80 68.47 2.43 -43.86
C ALA P 80 69.43 1.66 -44.77
N TYR P 81 68.87 1.01 -45.79
CA TYR P 81 69.68 0.17 -46.68
C TYR P 81 70.40 1.01 -47.71
N MET P 82 71.70 0.75 -47.88
CA MET P 82 72.53 1.35 -48.92
C MET P 82 73.00 0.26 -49.86
N GLU P 83 72.51 0.29 -51.09
CA GLU P 83 72.80 -0.75 -52.08
C GLU P 83 73.91 -0.30 -53.01
N LEU P 84 74.95 -1.11 -53.09
CA LEU P 84 76.05 -1.03 -54.03
C LEU P 84 75.81 -1.98 -55.20
N SER P 85 76.37 -1.63 -56.36
CA SER P 85 76.36 -2.49 -57.53
C SER P 85 77.53 -2.13 -58.42
N SER P 86 77.73 -2.91 -59.48
CA SER P 86 78.79 -2.70 -60.45
C SER P 86 80.17 -2.68 -59.77
N LEU P 87 80.51 -3.81 -59.15
CA LEU P 87 81.74 -3.90 -58.38
C LEU P 87 82.96 -3.71 -59.27
N ARG P 88 83.89 -2.89 -58.80
CA ARG P 88 85.15 -2.63 -59.49
C ARG P 88 86.32 -3.00 -58.56
N SER P 89 87.53 -2.68 -59.01
CA SER P 89 88.72 -3.05 -58.24
C SER P 89 88.83 -2.24 -56.95
N GLU P 90 88.88 -0.91 -57.06
CA GLU P 90 89.13 -0.02 -55.94
C GLU P 90 87.90 0.23 -55.08
N ASP P 91 86.86 -0.59 -55.24
CA ASP P 91 85.62 -0.44 -54.48
C ASP P 91 85.78 -0.83 -53.01
N THR P 92 86.75 -1.67 -52.67
CA THR P 92 86.91 -2.15 -51.31
C THR P 92 87.37 -1.02 -50.39
N ALA P 93 86.58 -0.75 -49.34
CA ALA P 93 86.82 0.36 -48.43
C ALA P 93 85.81 0.26 -47.28
N VAL P 94 86.08 1.02 -46.22
CA VAL P 94 85.14 1.14 -45.10
C VAL P 94 84.02 2.08 -45.52
N TYR P 95 82.79 1.60 -45.36
CA TYR P 95 81.58 2.41 -45.70
C TYR P 95 80.92 2.87 -44.40
N TYR P 96 81.26 4.08 -43.96
CA TYR P 96 80.71 4.64 -42.73
C TYR P 96 79.29 5.15 -42.94
N CYS P 97 78.41 4.83 -42.00
CA CYS P 97 77.11 5.47 -41.88
C CYS P 97 77.23 6.61 -40.88
N ALA P 98 76.63 7.76 -41.22
CA ALA P 98 76.64 8.92 -40.34
C ALA P 98 75.28 9.57 -40.42
N THR P 99 75.08 10.63 -39.63
CA THR P 99 73.78 11.26 -39.61
C THR P 99 73.91 12.73 -39.23
N THR P 100 73.00 13.53 -39.77
CA THR P 100 72.85 14.95 -39.50
C THR P 100 71.48 15.20 -38.87
N THR P 101 71.28 16.43 -38.40
CA THR P 101 70.07 16.78 -37.69
C THR P 101 68.86 16.68 -38.63
N PRO P 102 67.67 16.38 -38.08
CA PRO P 102 66.49 16.28 -38.96
C PRO P 102 66.11 17.58 -39.64
N PHE P 103 66.09 18.69 -38.90
CA PHE P 103 65.49 19.93 -39.40
C PHE P 103 66.13 20.44 -40.68
N SER P 104 67.38 20.92 -40.59
CA SER P 104 68.11 21.48 -41.72
C SER P 104 69.47 21.96 -41.23
N SER P 105 70.29 22.38 -42.19
CA SER P 105 71.51 23.18 -41.95
C SER P 105 72.43 22.51 -40.93
N SER P 106 72.98 21.36 -41.34
CA SER P 106 74.00 20.69 -40.54
C SER P 106 74.97 19.97 -41.45
N TYR P 107 76.26 20.15 -41.19
CA TYR P 107 77.34 19.58 -41.97
C TYR P 107 78.09 18.47 -41.24
N TRP P 108 77.87 18.32 -39.94
CA TRP P 108 78.64 17.42 -39.10
C TRP P 108 78.00 16.04 -39.01
N PHE P 109 78.83 15.05 -38.68
CA PHE P 109 78.42 13.64 -38.65
C PHE P 109 78.54 13.04 -37.24
N ASP P 110 78.25 13.82 -36.21
CA ASP P 110 78.59 13.50 -34.81
C ASP P 110 78.43 12.04 -34.42
N PRO P 111 77.31 11.36 -34.68
CA PRO P 111 77.27 9.92 -34.43
C PRO P 111 77.51 9.10 -35.69
N TRP P 112 78.27 8.01 -35.57
CA TRP P 112 78.51 7.10 -36.67
C TRP P 112 78.69 5.69 -36.14
N GLY P 113 78.79 4.73 -37.06
CA GLY P 113 78.78 3.32 -36.69
C GLY P 113 80.02 2.53 -37.01
N GLN P 114 81.18 3.19 -37.02
CA GLN P 114 82.50 2.56 -37.21
C GLN P 114 82.66 1.91 -38.59
N GLY P 115 81.72 2.15 -39.52
CA GLY P 115 81.90 1.76 -40.90
C GLY P 115 81.96 0.26 -41.19
N THR P 116 81.99 -0.08 -42.48
CA THR P 116 82.00 -1.48 -42.92
C THR P 116 82.89 -1.62 -44.15
N LEU P 117 83.90 -2.49 -44.07
CA LEU P 117 84.66 -2.87 -45.25
C LEU P 117 83.88 -3.80 -46.16
N VAL P 118 84.13 -3.69 -47.46
CA VAL P 118 83.57 -4.61 -48.44
C VAL P 118 84.71 -5.39 -49.07
N THR P 119 84.38 -6.34 -49.95
CA THR P 119 85.38 -7.15 -50.64
C THR P 119 85.14 -7.07 -52.14
N VAL P 120 86.23 -6.98 -52.90
CA VAL P 120 86.15 -6.87 -54.34
C VAL P 120 86.60 -8.15 -55.01
N SER Q 1 4.96 -40.51 97.82
CA SER Q 1 6.39 -40.45 98.11
C SER Q 1 6.65 -39.68 99.39
N VAL Q 2 7.00 -38.40 99.27
CA VAL Q 2 7.19 -37.56 100.44
C VAL Q 2 5.89 -37.00 100.95
N LEU Q 3 4.88 -36.88 100.10
CA LEU Q 3 3.62 -36.24 100.47
C LEU Q 3 2.83 -37.15 101.40
N THR Q 4 1.74 -36.60 101.95
CA THR Q 4 0.95 -37.31 102.94
C THR Q 4 -0.51 -37.33 102.51
N GLN Q 5 -1.05 -38.53 102.34
CA GLN Q 5 -2.48 -38.73 102.15
C GLN Q 5 -2.81 -40.16 102.52
N ALA Q 6 -4.01 -40.33 103.09
CA ALA Q 6 -4.39 -41.64 103.60
C ALA Q 6 -4.45 -42.66 102.46
N PRO Q 7 -4.12 -43.93 102.75
CA PRO Q 7 -4.17 -44.95 101.69
C PRO Q 7 -5.57 -45.19 101.15
N SER Q 8 -6.58 -45.16 102.02
CA SER Q 8 -7.95 -45.38 101.58
C SER Q 8 -8.90 -44.59 102.46
N VAL Q 9 -10.00 -44.14 101.86
CA VAL Q 9 -11.07 -43.44 102.57
C VAL Q 9 -12.39 -43.97 102.04
N SER Q 10 -13.40 -44.00 102.91
CA SER Q 10 -14.70 -44.55 102.57
C SER Q 10 -15.78 -43.50 102.70
N GLY Q 11 -16.90 -43.73 102.00
CA GLY Q 11 -18.00 -42.79 102.03
C GLY Q 11 -19.25 -43.39 101.43
N ALA Q 12 -20.37 -42.72 101.67
CA ALA Q 12 -21.66 -43.15 101.15
C ALA Q 12 -21.84 -42.66 99.71
N PRO Q 13 -22.81 -43.20 98.98
CA PRO Q 13 -23.07 -42.70 97.62
C PRO Q 13 -23.80 -41.36 97.65
N GLY Q 14 -23.47 -40.52 96.67
CA GLY Q 14 -24.15 -39.25 96.48
C GLY Q 14 -23.93 -38.22 97.56
N GLN Q 15 -22.96 -38.41 98.45
CA GLN Q 15 -22.71 -37.47 99.53
C GLN Q 15 -21.47 -36.62 99.22
N LYS Q 16 -21.04 -35.83 100.19
CA LYS Q 16 -19.96 -34.87 100.02
C LYS Q 16 -18.78 -35.26 100.91
N VAL Q 17 -17.63 -35.50 100.29
CA VAL Q 17 -16.39 -35.76 101.03
C VAL Q 17 -15.22 -35.35 100.13
N THR Q 18 -14.22 -34.73 100.75
CA THR Q 18 -13.03 -34.29 100.05
C THR Q 18 -11.88 -35.26 100.32
N ILE Q 19 -10.73 -34.99 99.70
CA ILE Q 19 -9.53 -35.80 99.91
C ILE Q 19 -8.34 -34.86 100.03
N SER Q 20 -7.59 -34.98 101.12
CA SER Q 20 -6.56 -34.02 101.45
C SER Q 20 -5.18 -34.53 101.05
N CYS Q 21 -4.22 -33.59 101.03
CA CYS Q 21 -2.84 -33.88 100.65
C CYS Q 21 -1.95 -32.94 101.45
N SER Q 22 -1.22 -33.49 102.40
CA SER Q 22 -0.36 -32.70 103.28
C SER Q 22 1.05 -32.67 102.69
N GLY Q 23 1.51 -31.47 102.32
CA GLY Q 23 2.85 -31.31 101.81
C GLY Q 23 3.65 -30.30 102.61
N SER Q 24 4.61 -29.64 101.96
CA SER Q 24 5.43 -28.61 102.58
C SER Q 24 5.49 -27.39 101.68
N SER Q 25 6.21 -26.37 102.14
CA SER Q 25 6.35 -25.15 101.35
C SER Q 25 7.27 -25.34 100.15
N SER Q 26 8.11 -26.37 100.16
CA SER Q 26 9.02 -26.63 99.06
C SER Q 26 8.34 -27.29 97.86
N ASN Q 27 7.21 -27.95 98.08
CA ASN Q 27 6.51 -28.67 97.01
C ASN Q 27 5.09 -28.16 96.76
N ILE Q 28 4.34 -27.85 97.82
CA ILE Q 28 3.00 -27.30 97.67
C ILE Q 28 3.00 -25.78 97.82
N GLY Q 29 3.86 -25.25 98.69
CA GLY Q 29 3.83 -23.82 98.97
C GLY Q 29 4.04 -22.96 97.74
N ASN Q 30 5.04 -23.29 96.94
CA ASN Q 30 5.40 -22.48 95.78
C ASN Q 30 5.07 -23.14 94.44
N ASN Q 31 4.55 -24.36 94.44
CA ASN Q 31 4.17 -25.05 93.22
C ASN Q 31 2.68 -25.34 93.21
N TYR Q 32 2.16 -25.65 92.03
CA TYR Q 32 0.76 -25.99 91.87
C TYR Q 32 0.54 -27.47 92.14
N VAL Q 33 -0.67 -27.81 92.57
CA VAL Q 33 -1.04 -29.16 92.97
C VAL Q 33 -1.93 -29.77 91.89
N SER Q 34 -1.63 -30.99 91.49
CA SER Q 34 -2.42 -31.71 90.51
C SER Q 34 -2.98 -32.98 91.14
N TRP Q 35 -4.20 -33.33 90.75
CA TRP Q 35 -4.89 -34.51 91.23
C TRP Q 35 -5.25 -35.38 90.03
N TYR Q 36 -4.87 -36.65 90.10
CA TYR Q 36 -5.15 -37.63 89.07
C TYR Q 36 -6.06 -38.72 89.63
N GLN Q 37 -6.77 -39.41 88.74
CA GLN Q 37 -7.60 -40.55 89.09
C GLN Q 37 -7.19 -41.76 88.29
N GLN Q 38 -7.00 -42.90 88.97
CA GLN Q 38 -6.74 -44.16 88.28
C GLN Q 38 -7.66 -45.25 88.80
N LEU Q 39 -8.15 -46.08 87.88
CA LEU Q 39 -8.98 -47.24 88.17
C LEU Q 39 -8.12 -48.49 88.19
N PRO Q 40 -8.61 -49.58 88.80
CA PRO Q 40 -7.83 -50.82 88.84
C PRO Q 40 -7.50 -51.33 87.45
N GLY Q 41 -6.21 -51.53 87.19
CA GLY Q 41 -5.76 -52.07 85.92
C GLY Q 41 -5.98 -51.15 84.73
N THR Q 42 -5.97 -49.84 84.95
CA THR Q 42 -6.13 -48.87 83.87
C THR Q 42 -5.15 -47.73 84.11
N ALA Q 43 -5.31 -46.66 83.34
CA ALA Q 43 -4.35 -45.57 83.32
C ALA Q 43 -4.80 -44.41 84.19
N PRO Q 44 -3.86 -43.74 84.85
CA PRO Q 44 -4.20 -42.56 85.66
C PRO Q 44 -4.70 -41.41 84.79
N LYS Q 45 -5.91 -40.95 85.08
CA LYS Q 45 -6.51 -39.82 84.38
C LYS Q 45 -6.45 -38.59 85.26
N LEU Q 46 -6.01 -37.47 84.68
CA LEU Q 46 -5.91 -36.23 85.43
C LEU Q 46 -7.28 -35.74 85.85
N LEU Q 47 -7.46 -35.54 87.16
CA LEU Q 47 -8.71 -34.97 87.66
C LEU Q 47 -8.70 -33.45 87.55
N ILE Q 48 -7.76 -32.81 88.24
CA ILE Q 48 -7.72 -31.35 88.35
C ILE Q 48 -6.26 -30.90 88.30
N TYR Q 49 -6.01 -29.79 87.61
CA TYR Q 49 -4.68 -29.19 87.59
C TYR Q 49 -4.74 -27.81 88.22
N ASP Q 50 -3.77 -27.53 89.10
CA ASP Q 50 -3.64 -26.31 89.90
C ASP Q 50 -4.70 -26.17 90.97
N ASN Q 51 -5.65 -27.10 91.04
CA ASN Q 51 -6.76 -27.21 92.01
C ASN Q 51 -7.91 -26.24 91.77
N ASN Q 52 -7.80 -25.29 90.84
CA ASN Q 52 -8.95 -24.50 90.44
C ASN Q 52 -9.28 -24.56 88.95
N LYS Q 53 -8.59 -25.37 88.17
CA LYS Q 53 -8.86 -25.51 86.75
C LYS Q 53 -9.17 -26.95 86.41
N ARG Q 54 -10.25 -27.17 85.63
CA ARG Q 54 -10.71 -28.50 85.26
C ARG Q 54 -10.33 -28.80 83.82
N PRO Q 55 -9.69 -29.93 83.54
CA PRO Q 55 -9.39 -30.32 82.17
C PRO Q 55 -10.65 -30.60 81.37
N SER Q 56 -10.45 -30.86 80.08
CA SER Q 56 -11.57 -31.23 79.21
C SER Q 56 -12.05 -32.63 79.55
N GLY Q 57 -13.36 -32.77 79.78
CA GLY Q 57 -13.94 -34.04 80.13
C GLY Q 57 -14.06 -34.31 81.62
N ILE Q 58 -13.81 -33.32 82.46
CA ILE Q 58 -13.91 -33.46 83.91
C ILE Q 58 -15.20 -32.80 84.37
N PRO Q 59 -16.03 -33.47 85.16
CA PRO Q 59 -17.28 -32.85 85.62
C PRO Q 59 -17.02 -31.65 86.52
N ASP Q 60 -17.96 -30.70 86.49
CA ASP Q 60 -17.86 -29.50 87.30
C ASP Q 60 -17.97 -29.79 88.79
N ARG Q 61 -18.43 -30.98 89.18
CA ARG Q 61 -18.58 -31.34 90.58
C ARG Q 61 -17.25 -31.44 91.31
N PHE Q 62 -16.13 -31.46 90.59
CA PHE Q 62 -14.82 -31.54 91.21
C PHE Q 62 -14.28 -30.13 91.44
N SER Q 63 -13.59 -29.95 92.56
CA SER Q 63 -13.00 -28.66 92.92
C SER Q 63 -11.71 -28.92 93.68
N GLY Q 64 -11.05 -27.83 94.06
CA GLY Q 64 -9.86 -27.98 94.90
C GLY Q 64 -9.46 -26.65 95.50
N SER Q 65 -8.59 -26.74 96.50
CA SER Q 65 -8.11 -25.57 97.22
C SER Q 65 -6.71 -25.85 97.75
N LYS Q 66 -5.95 -24.76 97.94
CA LYS Q 66 -4.59 -24.83 98.47
C LYS Q 66 -4.50 -23.93 99.70
N SER Q 67 -4.49 -24.53 100.89
CA SER Q 67 -4.38 -23.82 102.15
C SER Q 67 -2.96 -24.01 102.68
N GLY Q 68 -2.09 -23.06 102.39
CA GLY Q 68 -0.71 -23.13 102.83
C GLY Q 68 -0.03 -24.36 102.25
N THR Q 69 0.34 -25.28 103.14
CA THR Q 69 1.03 -26.50 102.75
C THR Q 69 0.08 -27.66 102.46
N SER Q 70 -1.22 -27.46 102.62
CA SER Q 70 -2.21 -28.50 102.38
C SER Q 70 -2.95 -28.23 101.07
N ALA Q 71 -3.36 -29.31 100.41
CA ALA Q 71 -4.14 -29.22 99.18
C ALA Q 71 -5.33 -30.16 99.26
N THR Q 72 -6.53 -29.63 99.14
CA THR Q 72 -7.75 -30.41 99.22
C THR Q 72 -8.37 -30.55 97.84
N LEU Q 73 -8.74 -31.79 97.50
CA LEU Q 73 -9.51 -32.08 96.29
C LEU Q 73 -10.95 -32.32 96.73
N GLY Q 74 -11.81 -31.34 96.49
CA GLY Q 74 -13.21 -31.46 96.82
C GLY Q 74 -13.96 -32.31 95.82
N ILE Q 75 -14.59 -33.37 96.30
CA ILE Q 75 -15.25 -34.37 95.45
C ILE Q 75 -16.72 -34.38 95.86
N THR Q 76 -17.57 -33.77 95.04
CA THR Q 76 -18.99 -33.69 95.30
C THR Q 76 -19.75 -34.63 94.38
N GLY Q 77 -20.91 -35.10 94.85
CA GLY Q 77 -21.75 -36.00 94.07
C GLY Q 77 -21.06 -37.30 93.71
N LEU Q 78 -20.74 -38.11 94.72
CA LEU Q 78 -20.07 -39.37 94.48
C LEU Q 78 -21.01 -40.34 93.78
N GLN Q 79 -20.48 -41.08 92.81
CA GLN Q 79 -21.23 -42.09 92.08
C GLN Q 79 -20.70 -43.48 92.43
N THR Q 80 -21.35 -44.49 91.86
CA THR Q 80 -20.91 -45.87 92.06
C THR Q 80 -19.58 -46.12 91.37
N GLY Q 81 -19.34 -45.48 90.22
CA GLY Q 81 -18.09 -45.64 89.50
C GLY Q 81 -17.05 -44.61 89.87
N ASP Q 82 -17.18 -44.06 91.07
CA ASP Q 82 -16.23 -43.07 91.57
C ASP Q 82 -15.06 -43.72 92.32
N GLU Q 83 -15.18 -44.99 92.68
CA GLU Q 83 -14.17 -45.68 93.47
C GLU Q 83 -12.91 -45.84 92.64
N ALA Q 84 -11.92 -45.01 92.92
CA ALA Q 84 -10.64 -45.05 92.23
C ALA Q 84 -9.61 -44.41 93.15
N ASP Q 85 -8.33 -44.60 92.81
CA ASP Q 85 -7.27 -44.01 93.62
C ASP Q 85 -6.88 -42.66 93.05
N TYR Q 86 -6.88 -41.64 93.91
CA TYR Q 86 -6.58 -40.27 93.52
C TYR Q 86 -5.18 -39.93 93.99
N TYR Q 87 -4.37 -39.45 93.05
CA TYR Q 87 -2.97 -39.14 93.29
C TYR Q 87 -2.78 -37.63 93.39
N CYS Q 88 -2.19 -37.20 94.49
CA CYS Q 88 -1.72 -35.82 94.66
C CYS Q 88 -0.30 -35.73 94.15
N GLY Q 89 -0.03 -34.68 93.36
CA GLY Q 89 1.28 -34.51 92.78
C GLY Q 89 1.70 -33.07 92.66
N THR Q 90 2.98 -32.80 92.91
CA THR Q 90 3.48 -31.43 92.88
C THR Q 90 4.90 -31.41 92.33
N TRP Q 91 5.31 -30.23 91.86
CA TRP Q 91 6.70 -30.01 91.52
C TRP Q 91 7.54 -29.82 92.77
N ASP Q 92 8.81 -30.15 92.67
CA ASP Q 92 9.75 -30.09 93.79
C ASP Q 92 10.93 -29.22 93.38
N SER Q 93 11.23 -28.20 94.20
CA SER Q 93 12.42 -27.39 94.01
C SER Q 93 13.61 -27.90 94.79
N SER Q 94 13.38 -28.59 95.92
CA SER Q 94 14.47 -29.24 96.64
C SER Q 94 15.14 -30.30 95.76
N LEU Q 95 14.34 -31.26 95.29
CA LEU Q 95 14.82 -32.24 94.32
C LEU Q 95 14.69 -31.75 92.89
N SER Q 96 13.85 -30.74 92.64
CA SER Q 96 13.63 -30.17 91.32
C SER Q 96 13.14 -31.25 90.34
N ALA Q 97 12.01 -31.84 90.69
CA ALA Q 97 11.48 -32.97 89.92
C ALA Q 97 9.97 -33.05 90.16
N VAL Q 98 9.38 -34.18 89.79
CA VAL Q 98 7.94 -34.41 89.89
C VAL Q 98 7.71 -35.44 90.99
N VAL Q 99 6.92 -35.06 92.01
CA VAL Q 99 6.67 -35.95 93.14
C VAL Q 99 5.18 -36.19 93.27
N PHE Q 100 4.83 -37.32 93.87
CA PHE Q 100 3.44 -37.73 94.04
C PHE Q 100 3.21 -38.24 95.45
N GLY Q 101 1.93 -38.34 95.82
CA GLY Q 101 1.55 -38.89 97.10
C GLY Q 101 1.38 -40.40 97.05
N GLY Q 102 1.04 -40.97 98.21
CA GLY Q 102 0.87 -42.41 98.31
C GLY Q 102 -0.35 -42.92 97.57
N GLY Q 103 -1.38 -42.08 97.42
CA GLY Q 103 -2.60 -42.50 96.75
C GLY Q 103 -3.73 -42.70 97.74
N THR Q 104 -4.95 -42.39 97.29
CA THR Q 104 -6.15 -42.43 98.13
C THR Q 104 -7.17 -43.37 97.47
N LYS Q 105 -7.20 -44.62 97.93
CA LYS Q 105 -8.15 -45.60 97.43
C LYS Q 105 -9.54 -45.33 97.98
N LEU Q 106 -10.26 -44.39 97.35
CA LEU Q 106 -11.58 -44.03 97.83
C LEU Q 106 -12.57 -45.15 97.55
N THR Q 107 -13.48 -45.36 98.52
CA THR Q 107 -14.51 -46.43 98.44
C THR Q 107 -15.90 -45.83 98.71
N VAL Q 108 -16.79 -45.91 97.74
CA VAL Q 108 -18.14 -45.39 97.86
C VAL Q 108 -19.06 -46.53 98.29
N LEU Q 109 -19.57 -46.44 99.51
CA LEU Q 109 -20.43 -47.48 100.07
C LEU Q 109 -21.82 -47.46 99.44
N GLU R 1 -8.68 -34.10 69.54
CA GLU R 1 -7.54 -33.21 69.33
C GLU R 1 -6.33 -33.95 68.78
N VAL R 2 -5.67 -34.70 69.67
CA VAL R 2 -4.38 -35.32 69.39
C VAL R 2 -4.51 -36.83 69.57
N GLN R 3 -3.92 -37.57 68.64
CA GLN R 3 -3.85 -39.03 68.69
C GLN R 3 -2.40 -39.42 68.92
N LEU R 4 -2.10 -39.98 70.09
CA LEU R 4 -0.77 -40.46 70.39
C LEU R 4 -0.61 -41.91 69.96
N LEU R 5 0.56 -42.23 69.43
CA LEU R 5 0.80 -43.56 68.89
C LEU R 5 1.42 -44.45 69.96
N GLU R 6 1.74 -45.69 69.59
CA GLU R 6 2.43 -46.58 70.52
C GLU R 6 3.87 -46.13 70.72
N GLN R 7 4.40 -46.39 71.90
CA GLN R 7 5.72 -45.91 72.29
C GLN R 7 6.81 -46.88 71.84
N SER R 8 6.73 -48.12 72.30
CA SER R 8 7.57 -49.19 71.77
C SER R 8 6.75 -50.37 71.28
N GLY R 9 5.80 -50.84 72.09
CA GLY R 9 5.01 -51.99 71.72
C GLY R 9 5.34 -53.20 72.58
N ALA R 10 5.34 -54.39 71.99
CA ALA R 10 5.69 -55.61 72.69
C ALA R 10 7.20 -55.79 72.58
N GLU R 11 7.90 -55.49 73.68
CA GLU R 11 9.35 -55.59 73.73
C GLU R 11 9.75 -56.47 74.90
N VAL R 12 10.54 -57.50 74.61
CA VAL R 12 10.99 -58.48 75.60
C VAL R 12 12.45 -58.80 75.32
N LYS R 13 13.29 -58.68 76.34
CA LYS R 13 14.72 -58.95 76.18
C LYS R 13 15.24 -59.69 77.40
N LYS R 14 16.16 -60.61 77.17
CA LYS R 14 16.81 -61.32 78.26
C LYS R 14 17.84 -60.40 78.93
N PRO R 15 18.26 -60.72 80.16
CA PRO R 15 19.21 -59.85 80.84
C PRO R 15 20.51 -59.70 80.06
N GLY R 16 21.01 -58.47 80.03
CA GLY R 16 22.24 -58.16 79.32
C GLY R 16 22.01 -57.54 77.95
N ALA R 17 21.14 -56.54 77.87
CA ALA R 17 20.84 -55.87 76.62
C ALA R 17 20.33 -54.46 76.91
N SER R 18 19.81 -53.79 75.89
CA SER R 18 19.32 -52.43 76.02
C SER R 18 18.22 -52.20 74.98
N VAL R 19 17.22 -51.39 75.36
CA VAL R 19 16.03 -51.20 74.56
C VAL R 19 15.73 -49.71 74.46
N ARG R 20 15.18 -49.29 73.33
CA ARG R 20 14.74 -47.91 73.11
C ARG R 20 13.24 -47.79 73.30
N VAL R 21 12.78 -46.55 73.46
CA VAL R 21 11.34 -46.27 73.49
C VAL R 21 11.07 -45.03 72.65
N SER R 22 10.54 -45.24 71.44
CA SER R 22 10.37 -44.18 70.46
C SER R 22 8.92 -43.70 70.45
N CYS R 23 8.63 -42.67 71.24
CA CYS R 23 7.27 -42.16 71.38
C CYS R 23 6.87 -41.39 70.12
N LYS R 24 5.83 -41.87 69.45
CA LYS R 24 5.32 -41.31 68.21
C LYS R 24 4.12 -40.42 68.50
N VAL R 25 3.90 -39.43 67.63
CA VAL R 25 2.84 -38.45 67.79
C VAL R 25 2.11 -38.26 66.48
N SER R 26 0.83 -37.88 66.59
CA SER R 26 0.01 -37.58 65.41
C SER R 26 -1.04 -36.54 65.81
N GLY R 27 -1.42 -35.71 64.85
CA GLY R 27 -2.28 -34.57 65.11
C GLY R 27 -1.47 -33.33 65.42
N TYR R 28 -0.35 -33.52 66.11
CA TYR R 28 0.67 -32.50 66.32
C TYR R 28 1.96 -32.98 65.67
N THR R 29 3.04 -32.24 65.89
CA THR R 29 4.37 -32.69 65.53
C THR R 29 5.26 -32.65 66.77
N LEU R 30 6.52 -33.09 66.60
CA LEU R 30 7.38 -33.28 67.77
C LEU R 30 7.79 -31.96 68.40
N PRO R 31 8.42 -30.99 67.68
CA PRO R 31 8.90 -29.79 68.37
C PRO R 31 7.79 -28.79 68.63
N GLU R 32 6.63 -29.28 69.07
CA GLU R 32 5.57 -28.40 69.55
C GLU R 32 4.83 -29.02 70.74
N VAL R 33 5.42 -30.04 71.37
CA VAL R 33 4.93 -30.63 72.61
C VAL R 33 6.12 -31.23 73.34
N ALA R 34 6.20 -30.97 74.64
CA ALA R 34 7.32 -31.46 75.43
C ALA R 34 7.08 -32.89 75.89
N MET R 35 8.10 -33.73 75.81
CA MET R 35 7.95 -35.13 76.17
C MET R 35 8.26 -35.34 77.65
N HIS R 36 7.74 -36.45 78.19
CA HIS R 36 7.93 -36.84 79.58
C HIS R 36 7.74 -38.36 79.67
N TRP R 37 8.16 -38.96 80.79
CA TRP R 37 8.06 -40.41 80.91
C TRP R 37 7.73 -40.78 82.35
N VAL R 38 7.11 -41.94 82.53
CA VAL R 38 6.71 -42.42 83.85
C VAL R 38 6.93 -43.93 83.94
N ARG R 39 7.82 -44.35 84.83
CA ARG R 39 7.83 -45.74 85.27
C ARG R 39 6.56 -46.06 86.04
N GLN R 40 6.03 -47.25 85.81
CA GLN R 40 4.83 -47.73 86.51
C GLN R 40 4.99 -49.26 86.62
N ALA R 41 5.50 -49.70 87.76
CA ALA R 41 5.69 -51.12 87.96
C ALA R 41 4.36 -51.77 88.34
N PRO R 42 4.12 -53.02 87.90
CA PRO R 42 2.86 -53.69 88.26
C PRO R 42 2.71 -53.81 89.76
N GLY R 43 1.62 -53.25 90.28
CA GLY R 43 1.42 -53.21 91.71
C GLY R 43 2.25 -52.17 92.44
N LYS R 44 2.62 -51.10 91.76
CA LYS R 44 3.43 -50.04 92.35
C LYS R 44 2.81 -48.70 91.96
N GLY R 45 3.51 -47.61 92.28
CA GLY R 45 3.07 -46.27 91.94
C GLY R 45 3.79 -45.73 90.71
N LEU R 46 3.80 -44.41 90.61
CA LEU R 46 4.43 -43.72 89.48
C LEU R 46 5.85 -43.30 89.84
N GLU R 47 6.71 -43.22 88.83
CA GLU R 47 8.11 -42.84 89.01
C GLU R 47 8.52 -42.01 87.80
N TRP R 48 8.45 -40.69 87.94
CA TRP R 48 8.68 -39.82 86.80
C TRP R 48 10.11 -39.94 86.30
N MET R 49 10.29 -39.72 84.99
CA MET R 49 11.60 -39.86 84.35
C MET R 49 11.58 -39.13 83.01
N GLY R 50 12.77 -39.06 82.42
CA GLY R 50 12.92 -38.40 81.13
C GLY R 50 12.45 -36.97 81.21
N GLY R 51 11.49 -36.63 80.36
CA GLY R 51 10.93 -35.30 80.43
C GLY R 51 11.64 -34.30 79.53
N PHE R 52 10.88 -33.34 79.04
CA PHE R 52 11.41 -32.13 78.44
C PHE R 52 11.12 -30.96 79.38
N ASP R 53 12.11 -30.10 79.58
CA ASP R 53 12.00 -29.02 80.54
C ASP R 53 11.35 -27.81 79.87
N PRO R 54 10.16 -27.38 80.32
CA PRO R 54 9.60 -26.13 79.76
C PRO R 54 10.52 -24.94 79.93
N GLU R 55 11.19 -24.83 81.07
CA GLU R 55 12.28 -23.88 81.23
C GLU R 55 13.55 -24.50 80.68
N ASP R 56 14.49 -23.64 80.26
CA ASP R 56 15.78 -24.02 79.67
C ASP R 56 15.64 -24.63 78.28
N GLY R 57 14.44 -24.95 77.83
CA GLY R 57 14.29 -25.63 76.55
C GLY R 57 15.05 -26.94 76.44
N GLU R 58 15.43 -27.52 77.57
CA GLU R 58 16.23 -28.74 77.60
C GLU R 58 15.32 -29.96 77.85
N THR R 59 15.81 -31.12 77.43
CA THR R 59 15.05 -32.36 77.55
C THR R 59 15.49 -33.07 78.84
N MET R 60 14.62 -33.04 79.86
CA MET R 60 15.02 -33.42 81.20
C MET R 60 15.42 -34.90 81.27
N TYR R 61 15.97 -35.26 82.43
CA TYR R 61 16.21 -36.65 82.79
C TYR R 61 16.07 -36.76 84.30
N ALA R 62 15.51 -37.87 84.77
CA ALA R 62 15.30 -38.07 86.19
C ALA R 62 16.64 -38.05 86.92
N GLN R 63 16.72 -37.24 87.98
CA GLN R 63 17.96 -37.15 88.75
C GLN R 63 18.36 -38.49 89.33
N LYS R 64 17.38 -39.34 89.66
CA LYS R 64 17.67 -40.70 90.11
C LYS R 64 18.15 -41.60 88.99
N PHE R 65 17.90 -41.22 87.72
CA PHE R 65 18.25 -42.05 86.58
C PHE R 65 19.15 -41.31 85.59
N GLN R 66 20.00 -40.41 86.08
CA GLN R 66 20.94 -39.71 85.22
C GLN R 66 22.02 -40.66 84.71
N GLY R 67 22.46 -40.41 83.47
CA GLY R 67 23.51 -41.20 82.87
C GLY R 67 23.04 -42.53 82.32
N ARG R 68 22.14 -43.18 83.06
CA ARG R 68 21.61 -44.47 82.63
C ARG R 68 20.63 -44.32 81.47
N VAL R 69 19.77 -43.31 81.52
CA VAL R 69 18.71 -43.14 80.54
C VAL R 69 19.00 -41.90 79.71
N THR R 70 18.79 -42.02 78.39
CA THR R 70 19.01 -40.88 77.50
C THR R 70 17.85 -40.80 76.51
N MET R 71 17.85 -39.73 75.72
CA MET R 71 16.77 -39.51 74.76
C MET R 71 17.26 -38.73 73.54
N THR R 72 16.73 -39.09 72.38
CA THR R 72 16.90 -38.32 71.16
C THR R 72 15.54 -38.00 70.56
N GLU R 73 15.52 -37.03 69.65
CA GLU R 73 14.29 -36.59 69.03
C GLU R 73 14.50 -36.43 67.53
N ASP R 74 13.59 -36.99 66.74
CA ASP R 74 13.54 -36.78 65.29
C ASP R 74 12.23 -36.07 65.00
N THR R 75 12.31 -34.78 64.69
CA THR R 75 11.11 -33.93 64.66
C THR R 75 10.28 -34.19 63.42
N SER R 76 10.90 -34.53 62.29
CA SER R 76 10.15 -34.75 61.06
C SER R 76 9.24 -35.96 61.18
N THR R 77 9.82 -37.13 61.42
CA THR R 77 9.02 -38.33 61.65
C THR R 77 8.55 -38.45 63.10
N ASP R 78 8.84 -37.47 63.94
CA ASP R 78 8.23 -37.31 65.25
C ASP R 78 8.54 -38.49 66.19
N THR R 79 9.74 -39.04 66.11
CA THR R 79 10.12 -40.19 66.92
C THR R 79 11.02 -39.73 68.07
N ALA R 80 10.55 -39.93 69.30
CA ALA R 80 11.27 -39.53 70.50
C ALA R 80 11.82 -40.78 71.18
N TYR R 81 13.07 -41.11 70.89
CA TYR R 81 13.68 -42.34 71.41
C TYR R 81 14.12 -42.15 72.86
N MET R 82 13.76 -43.11 73.71
CA MET R 82 14.21 -43.17 75.10
C MET R 82 15.05 -44.44 75.27
N GLU R 83 16.35 -44.26 75.50
CA GLU R 83 17.29 -45.36 75.59
C GLU R 83 17.56 -45.71 77.05
N LEU R 84 17.32 -46.98 77.38
CA LEU R 84 17.67 -47.63 78.64
C LEU R 84 18.99 -48.38 78.50
N SER R 85 19.71 -48.51 79.61
CA SER R 85 20.90 -49.34 79.65
C SER R 85 21.13 -49.78 81.09
N SER R 86 22.14 -50.64 81.29
CA SER R 86 22.50 -51.16 82.61
C SER R 86 21.30 -51.84 83.29
N LEU R 87 20.82 -52.89 82.64
CA LEU R 87 19.63 -53.59 83.10
C LEU R 87 19.86 -54.19 84.49
N ARG R 88 18.90 -53.99 85.39
CA ARG R 88 18.91 -54.57 86.72
C ARG R 88 17.68 -55.43 86.93
N SER R 89 17.48 -55.89 88.16
CA SER R 89 16.36 -56.78 88.46
C SER R 89 15.02 -56.05 88.39
N GLU R 90 14.86 -55.00 89.19
CA GLU R 90 13.59 -54.30 89.34
C GLU R 90 13.31 -53.31 88.20
N ASP R 91 14.04 -53.42 87.09
CA ASP R 91 13.88 -52.53 85.95
C ASP R 91 12.58 -52.80 85.19
N THR R 92 12.02 -54.00 85.28
CA THR R 92 10.83 -54.35 84.50
C THR R 92 9.62 -53.57 85.03
N ALA R 93 8.97 -52.82 84.13
CA ALA R 93 7.86 -51.95 84.48
C ALA R 93 7.29 -51.35 83.20
N VAL R 94 6.10 -50.78 83.31
CA VAL R 94 5.49 -50.05 82.21
C VAL R 94 6.16 -48.68 82.09
N TYR R 95 6.64 -48.36 80.89
CA TYR R 95 7.30 -47.06 80.63
C TYR R 95 6.35 -46.17 79.81
N TYR R 96 5.59 -45.33 80.52
CA TYR R 96 4.64 -44.44 79.85
C TYR R 96 5.34 -43.26 79.22
N CYS R 97 4.94 -42.94 77.98
CA CYS R 97 5.26 -41.66 77.36
C CYS R 97 4.12 -40.69 77.60
N ALA R 98 4.45 -39.45 77.95
CA ALA R 98 3.47 -38.42 78.18
C ALA R 98 4.00 -37.12 77.60
N THR R 99 3.19 -36.06 77.66
CA THR R 99 3.62 -34.81 77.07
C THR R 99 2.94 -33.63 77.78
N THR R 100 3.68 -32.52 77.82
CA THR R 100 3.24 -31.24 78.35
C THR R 100 3.21 -30.21 77.22
N THR R 101 2.65 -29.05 77.54
CA THR R 101 2.48 -28.00 76.53
C THR R 101 3.84 -27.51 76.04
N PRO R 102 3.92 -27.03 74.80
CA PRO R 102 5.22 -26.54 74.30
C PRO R 102 5.75 -25.33 75.05
N PHE R 103 4.90 -24.32 75.29
CA PHE R 103 5.36 -23.02 75.75
C PHE R 103 6.12 -23.09 77.07
N SER R 104 5.42 -23.38 78.16
CA SER R 104 6.01 -23.44 79.49
C SER R 104 4.91 -23.76 80.50
N SER R 105 5.33 -23.96 81.75
CA SER R 105 4.45 -23.96 82.92
C SER R 105 3.28 -24.94 82.77
N SER R 106 3.61 -26.23 82.72
CA SER R 106 2.60 -27.26 82.73
C SER R 106 3.13 -28.50 83.44
N TYR R 107 2.31 -29.04 84.33
CA TYR R 107 2.65 -30.19 85.15
C TYR R 107 1.89 -31.45 84.75
N TRP R 108 0.85 -31.33 83.92
CA TRP R 108 -0.05 -32.42 83.60
C TRP R 108 0.40 -33.18 82.36
N PHE R 109 -0.06 -34.43 82.26
CA PHE R 109 0.34 -35.35 81.21
C PHE R 109 -0.84 -35.79 80.33
N ASP R 110 -1.78 -34.87 80.08
CA ASP R 110 -3.11 -35.19 79.52
C ASP R 110 -3.12 -36.26 78.44
N PRO R 111 -2.28 -36.21 77.38
CA PRO R 111 -2.21 -37.36 76.47
C PRO R 111 -1.05 -38.30 76.78
N TRP R 112 -1.29 -39.60 76.66
CA TRP R 112 -0.24 -40.59 76.87
C TRP R 112 -0.53 -41.81 75.99
N GLY R 113 0.43 -42.74 75.96
CA GLY R 113 0.36 -43.85 75.02
C GLY R 113 0.26 -45.24 75.63
N GLN R 114 -0.35 -45.34 76.82
CA GLN R 114 -0.63 -46.62 77.49
C GLN R 114 0.65 -47.38 77.89
N GLY R 115 1.82 -46.74 77.78
CA GLY R 115 3.04 -47.31 78.32
C GLY R 115 3.55 -48.60 77.69
N THR R 116 4.73 -49.03 78.11
CA THR R 116 5.38 -50.23 77.57
C THR R 116 6.12 -50.97 78.68
N LEU R 117 5.78 -52.24 78.89
CA LEU R 117 6.57 -53.09 79.77
C LEU R 117 7.88 -53.50 79.12
N VAL R 118 8.91 -53.68 79.95
CA VAL R 118 10.19 -54.22 79.51
C VAL R 118 10.40 -55.56 80.19
N THR R 119 11.48 -56.25 79.85
CA THR R 119 11.82 -57.54 80.43
C THR R 119 13.24 -57.49 80.98
N VAL R 120 13.43 -58.10 82.15
CA VAL R 120 14.73 -58.10 82.80
C VAL R 120 15.35 -59.49 82.76
N SER S 1 -82.95 -28.06 -59.44
CA SER S 1 -83.76 -28.84 -58.50
C SER S 1 -85.18 -28.28 -58.43
N VAL S 2 -85.43 -27.46 -57.41
CA VAL S 2 -86.73 -26.82 -57.27
C VAL S 2 -86.83 -25.56 -58.12
N LEU S 3 -85.70 -24.93 -58.44
CA LEU S 3 -85.70 -23.66 -59.13
C LEU S 3 -86.08 -23.87 -60.60
N THR S 4 -86.28 -22.76 -61.31
CA THR S 4 -86.76 -22.80 -62.69
C THR S 4 -85.82 -21.98 -63.56
N GLN S 5 -85.23 -22.64 -64.56
CA GLN S 5 -84.48 -21.98 -65.62
C GLN S 5 -84.43 -22.92 -66.81
N ALA S 6 -84.46 -22.33 -68.00
CA ALA S 6 -84.53 -23.12 -69.22
C ALA S 6 -83.28 -24.00 -69.36
N PRO S 7 -83.41 -25.19 -69.94
CA PRO S 7 -82.23 -26.05 -70.10
C PRO S 7 -81.18 -25.46 -71.02
N SER S 8 -81.59 -24.80 -72.09
CA SER S 8 -80.64 -24.20 -73.03
C SER S 8 -81.25 -22.94 -73.63
N VAL S 9 -80.39 -21.97 -73.92
CA VAL S 9 -80.77 -20.74 -74.60
C VAL S 9 -79.70 -20.42 -75.64
N SER S 10 -80.11 -19.80 -76.73
CA SER S 10 -79.22 -19.51 -77.84
C SER S 10 -79.14 -18.01 -78.09
N GLY S 11 -78.05 -17.59 -78.72
CA GLY S 11 -77.85 -16.18 -79.03
C GLY S 11 -76.72 -15.98 -80.01
N ALA S 12 -76.66 -14.77 -80.55
CA ALA S 12 -75.62 -14.38 -81.50
C ALA S 12 -74.35 -13.98 -80.75
N PRO S 13 -73.22 -13.90 -81.46
CA PRO S 13 -71.99 -13.42 -80.81
C PRO S 13 -72.02 -11.91 -80.60
N GLY S 14 -71.41 -11.49 -79.50
CA GLY S 14 -71.24 -10.08 -79.20
C GLY S 14 -72.50 -9.30 -78.91
N GLN S 15 -73.62 -9.97 -78.69
CA GLN S 15 -74.89 -9.29 -78.44
C GLN S 15 -75.22 -9.35 -76.94
N LYS S 16 -76.42 -8.91 -76.59
CA LYS S 16 -76.86 -8.77 -75.21
C LYS S 16 -78.03 -9.72 -74.94
N VAL S 17 -77.84 -10.63 -73.99
CA VAL S 17 -78.91 -11.51 -73.54
C VAL S 17 -78.62 -11.93 -72.10
N THR S 18 -79.66 -11.96 -71.28
CA THR S 18 -79.56 -12.36 -69.89
C THR S 18 -80.03 -13.80 -69.72
N ILE S 19 -79.95 -14.29 -68.48
CA ILE S 19 -80.42 -15.63 -68.15
C ILE S 19 -81.15 -15.57 -66.82
N SER S 20 -82.40 -16.03 -66.80
CA SER S 20 -83.27 -15.84 -65.65
C SER S 20 -83.32 -17.08 -64.78
N CYS S 21 -83.83 -16.88 -63.56
CA CYS S 21 -83.93 -17.95 -62.56
C CYS S 21 -85.18 -17.67 -61.73
N SER S 22 -86.21 -18.49 -61.90
CA SER S 22 -87.47 -18.30 -61.20
C SER S 22 -87.47 -19.13 -59.92
N GLY S 23 -87.55 -18.45 -58.77
CA GLY S 23 -87.61 -19.14 -57.50
C GLY S 23 -88.82 -18.73 -56.69
N SER S 24 -88.71 -18.81 -55.37
CA SER S 24 -89.79 -18.43 -54.47
C SER S 24 -89.22 -17.52 -53.37
N SER S 25 -90.11 -17.09 -52.47
CA SER S 25 -89.68 -16.23 -51.37
C SER S 25 -88.90 -17.01 -50.31
N SER S 26 -89.01 -18.33 -50.30
CA SER S 26 -88.30 -19.14 -49.32
C SER S 26 -86.83 -19.36 -49.69
N ASN S 27 -86.48 -19.22 -50.96
CA ASN S 27 -85.11 -19.45 -51.41
C ASN S 27 -84.47 -18.23 -52.05
N ILE S 28 -85.20 -17.47 -52.86
CA ILE S 28 -84.68 -16.24 -53.46
C ILE S 28 -85.11 -15.01 -52.69
N GLY S 29 -86.33 -15.03 -52.12
CA GLY S 29 -86.85 -13.85 -51.47
C GLY S 29 -85.98 -13.35 -50.33
N ASN S 30 -85.55 -14.26 -49.46
CA ASN S 30 -84.79 -13.88 -48.28
C ASN S 30 -83.33 -14.31 -48.33
N ASN S 31 -82.90 -14.99 -49.38
CA ASN S 31 -81.51 -15.40 -49.52
C ASN S 31 -80.90 -14.76 -50.76
N TYR S 32 -79.57 -14.78 -50.82
CA TYR S 32 -78.84 -14.24 -51.95
C TYR S 32 -78.72 -15.30 -53.04
N VAL S 33 -78.59 -14.83 -54.28
CA VAL S 33 -78.55 -15.70 -55.47
C VAL S 33 -77.13 -15.73 -56.00
N SER S 34 -76.63 -16.93 -56.30
CA SER S 34 -75.31 -17.10 -56.87
C SER S 34 -75.43 -17.75 -58.23
N TRP S 35 -74.56 -17.35 -59.14
CA TRP S 35 -74.51 -17.87 -60.50
C TRP S 35 -73.12 -18.43 -60.75
N TYR S 36 -73.07 -19.68 -61.20
CA TYR S 36 -71.83 -20.37 -61.54
C TYR S 36 -71.79 -20.68 -63.03
N GLN S 37 -70.59 -20.89 -63.54
CA GLN S 37 -70.39 -21.29 -64.93
C GLN S 37 -69.57 -22.57 -64.97
N GLN S 38 -70.03 -23.54 -65.76
CA GLN S 38 -69.26 -24.76 -65.97
C GLN S 38 -69.18 -25.06 -67.47
N LEU S 39 -68.00 -25.52 -67.89
CA LEU S 39 -67.72 -25.95 -69.25
C LEU S 39 -67.82 -27.46 -69.34
N PRO S 40 -67.98 -28.02 -70.55
CA PRO S 40 -68.06 -29.48 -70.69
C PRO S 40 -66.81 -30.16 -70.16
N GLY S 41 -67.02 -31.10 -69.24
CA GLY S 41 -65.92 -31.88 -68.70
C GLY S 41 -64.95 -31.09 -67.84
N THR S 42 -65.41 -30.02 -67.20
CA THR S 42 -64.55 -29.21 -66.34
C THR S 42 -65.35 -28.84 -65.09
N ALA S 43 -64.81 -27.93 -64.29
CA ALA S 43 -65.35 -27.62 -62.98
C ALA S 43 -66.21 -26.36 -63.02
N PRO S 44 -67.29 -26.33 -62.24
CA PRO S 44 -68.12 -25.12 -62.18
C PRO S 44 -67.38 -23.97 -61.53
N LYS S 45 -67.28 -22.86 -62.27
CA LYS S 45 -66.64 -21.65 -61.79
C LYS S 45 -67.71 -20.63 -61.42
N LEU S 46 -67.56 -20.02 -60.24
CA LEU S 46 -68.53 -19.03 -59.79
C LEU S 46 -68.50 -17.80 -60.68
N LEU S 47 -69.66 -17.45 -61.24
CA LEU S 47 -69.76 -16.23 -62.04
C LEU S 47 -69.97 -15.01 -61.14
N ILE S 48 -71.06 -14.99 -60.39
CA ILE S 48 -71.46 -13.84 -59.59
C ILE S 48 -72.04 -14.33 -58.27
N TYR S 49 -71.74 -13.63 -57.18
CA TYR S 49 -72.32 -13.93 -55.89
C TYR S 49 -73.15 -12.74 -55.42
N ASP S 50 -74.36 -13.02 -54.93
CA ASP S 50 -75.36 -12.06 -54.48
C ASP S 50 -75.97 -11.25 -55.63
N ASN S 51 -75.51 -11.44 -56.86
CA ASN S 51 -75.96 -10.82 -58.10
C ASN S 51 -75.50 -9.38 -58.31
N ASN S 52 -74.88 -8.73 -57.31
CA ASN S 52 -74.25 -7.45 -57.54
C ASN S 52 -72.76 -7.40 -57.20
N LYS S 53 -72.15 -8.51 -56.82
CA LYS S 53 -70.73 -8.55 -56.51
C LYS S 53 -70.02 -9.56 -57.40
N ARG S 54 -68.88 -9.15 -57.97
CA ARG S 54 -68.11 -9.99 -58.89
C ARG S 54 -66.88 -10.53 -58.20
N PRO S 55 -66.66 -11.84 -58.25
CA PRO S 55 -65.44 -12.41 -57.67
C PRO S 55 -64.18 -11.96 -58.41
N SER S 56 -63.03 -12.37 -57.89
CA SER S 56 -61.77 -12.07 -58.52
C SER S 56 -61.62 -12.90 -59.80
N GLY S 57 -61.33 -12.23 -60.91
CA GLY S 57 -61.18 -12.89 -62.19
C GLY S 57 -62.43 -12.94 -63.04
N ILE S 58 -63.48 -12.23 -62.65
CA ILE S 58 -64.73 -12.19 -63.39
C ILE S 58 -64.80 -10.88 -64.15
N PRO S 59 -65.09 -10.89 -65.46
CA PRO S 59 -65.17 -9.63 -66.20
C PRO S 59 -66.31 -8.76 -65.71
N ASP S 60 -66.12 -7.44 -65.86
CA ASP S 60 -67.13 -6.47 -65.45
C ASP S 60 -68.39 -6.54 -66.31
N ARG S 61 -68.33 -7.21 -67.46
CA ARG S 61 -69.48 -7.32 -68.34
C ARG S 61 -70.61 -8.13 -67.75
N PHE S 62 -70.37 -8.85 -66.65
CA PHE S 62 -71.40 -9.64 -66.00
C PHE S 62 -72.09 -8.82 -64.92
N SER S 63 -73.40 -9.00 -64.79
CA SER S 63 -74.19 -8.28 -63.81
C SER S 63 -75.31 -9.19 -63.33
N GLY S 64 -76.11 -8.69 -62.40
CA GLY S 64 -77.28 -9.43 -61.98
C GLY S 64 -78.23 -8.57 -61.19
N SER S 65 -79.46 -9.08 -61.03
CA SER S 65 -80.51 -8.37 -60.33
C SER S 65 -81.46 -9.38 -59.69
N LYS S 66 -82.13 -8.94 -58.63
CA LYS S 66 -83.10 -9.75 -57.90
C LYS S 66 -84.42 -9.00 -57.84
N SER S 67 -85.38 -9.42 -58.66
CA SER S 67 -86.71 -8.82 -58.71
C SER S 67 -87.67 -9.78 -58.01
N GLY S 68 -87.93 -9.53 -56.73
CA GLY S 68 -88.81 -10.38 -55.96
C GLY S 68 -88.30 -11.80 -55.91
N THR S 69 -89.06 -12.71 -56.52
CA THR S 69 -88.73 -14.13 -56.53
C THR S 69 -87.88 -14.53 -57.75
N SER S 70 -87.59 -13.59 -58.64
CA SER S 70 -86.81 -13.87 -59.83
C SER S 70 -85.40 -13.30 -59.68
N ALA S 71 -84.43 -13.96 -60.30
CA ALA S 71 -83.04 -13.52 -60.29
C ALA S 71 -82.50 -13.59 -61.71
N THR S 72 -82.04 -12.45 -62.23
CA THR S 72 -81.52 -12.36 -63.59
C THR S 72 -80.00 -12.20 -63.54
N LEU S 73 -79.31 -13.00 -64.35
CA LEU S 73 -77.88 -12.88 -64.57
C LEU S 73 -77.70 -12.20 -65.93
N GLY S 74 -77.35 -10.92 -65.90
CA GLY S 74 -77.11 -10.16 -67.11
C GLY S 74 -75.76 -10.47 -67.72
N ILE S 75 -75.75 -10.95 -68.96
CA ILE S 75 -74.55 -11.41 -69.64
C ILE S 75 -74.36 -10.54 -70.88
N THR S 76 -73.43 -9.60 -70.81
CA THR S 76 -73.15 -8.67 -71.90
C THR S 76 -71.85 -9.06 -72.59
N GLY S 77 -71.76 -8.73 -73.88
CA GLY S 77 -70.57 -9.01 -74.66
C GLY S 77 -70.24 -10.49 -74.75
N LEU S 78 -71.12 -11.27 -75.37
CA LEU S 78 -70.90 -12.70 -75.50
C LEU S 78 -69.73 -12.98 -76.43
N GLN S 79 -68.90 -13.94 -76.05
CA GLN S 79 -67.76 -14.37 -76.85
C GLN S 79 -67.99 -15.78 -77.39
N THR S 80 -67.04 -16.25 -78.18
CA THR S 80 -67.12 -17.61 -78.71
C THR S 80 -66.93 -18.64 -77.60
N GLY S 81 -66.11 -18.32 -76.60
CA GLY S 81 -65.87 -19.24 -75.50
C GLY S 81 -66.80 -19.00 -74.33
N ASP S 82 -67.96 -18.40 -74.60
CA ASP S 82 -68.96 -18.12 -73.58
C ASP S 82 -69.93 -19.27 -73.40
N GLU S 83 -69.97 -20.20 -74.35
CA GLU S 83 -70.93 -21.31 -74.34
C GLU S 83 -70.61 -22.23 -73.17
N ALA S 84 -71.39 -22.12 -72.10
CA ALA S 84 -71.23 -22.95 -70.92
C ALA S 84 -72.57 -22.98 -70.20
N ASP S 85 -72.70 -23.89 -69.24
CA ASP S 85 -73.94 -24.00 -68.49
C ASP S 85 -73.84 -23.17 -67.21
N TYR S 86 -74.82 -22.28 -67.01
CA TYR S 86 -74.83 -21.39 -65.87
C TYR S 86 -75.85 -21.89 -64.85
N TYR S 87 -75.39 -22.05 -63.62
CA TYR S 87 -76.18 -22.60 -62.54
C TYR S 87 -76.64 -21.48 -61.61
N CYS S 88 -77.94 -21.40 -61.39
CA CYS S 88 -78.54 -20.57 -60.37
C CYS S 88 -78.61 -21.35 -59.06
N GLY S 89 -78.21 -20.71 -57.97
CA GLY S 89 -78.19 -21.39 -56.69
C GLY S 89 -78.52 -20.46 -55.53
N THR S 90 -79.28 -20.98 -54.57
CA THR S 90 -79.71 -20.18 -53.43
C THR S 90 -79.72 -21.03 -52.16
N TRP S 91 -79.68 -20.34 -51.03
CA TRP S 91 -79.93 -21.00 -49.75
C TRP S 91 -81.42 -21.25 -49.57
N ASP S 92 -81.73 -22.28 -48.79
CA ASP S 92 -83.11 -22.70 -48.53
C ASP S 92 -83.34 -22.72 -47.03
N SER S 93 -84.39 -22.02 -46.60
CA SER S 93 -84.81 -22.07 -45.20
C SER S 93 -85.87 -23.14 -44.94
N SER S 94 -86.67 -23.48 -45.96
CA SER S 94 -87.60 -24.60 -45.83
C SER S 94 -86.84 -25.90 -45.58
N LEU S 95 -85.93 -26.25 -46.49
CA LEU S 95 -85.04 -27.37 -46.30
C LEU S 95 -83.78 -27.00 -45.52
N SER S 96 -83.45 -25.71 -45.47
CA SER S 96 -82.27 -25.21 -44.76
C SER S 96 -81.00 -25.84 -45.31
N ALA S 97 -80.78 -25.64 -46.60
CA ALA S 97 -79.67 -26.29 -47.29
C ALA S 97 -79.31 -25.46 -48.53
N VAL S 98 -78.53 -26.05 -49.43
CA VAL S 98 -78.05 -25.39 -50.64
C VAL S 98 -78.77 -26.00 -51.82
N VAL S 99 -79.48 -25.18 -52.60
CA VAL S 99 -80.23 -25.68 -53.75
C VAL S 99 -79.75 -24.98 -55.02
N PHE S 100 -79.95 -25.65 -56.14
CA PHE S 100 -79.50 -25.16 -57.44
C PHE S 100 -80.61 -25.35 -58.47
N GLY S 101 -80.45 -24.66 -59.60
CA GLY S 101 -81.36 -24.80 -60.71
C GLY S 101 -80.95 -25.92 -61.66
N GLY S 102 -81.78 -26.11 -62.69
CA GLY S 102 -81.51 -27.16 -63.66
C GLY S 102 -80.29 -26.91 -64.53
N GLY S 103 -79.94 -25.65 -64.73
CA GLY S 103 -78.82 -25.30 -65.57
C GLY S 103 -79.24 -24.75 -66.91
N THR S 104 -78.45 -23.80 -67.42
CA THR S 104 -78.76 -23.09 -68.66
C THR S 104 -77.60 -23.29 -69.64
N LYS S 105 -77.76 -24.25 -70.55
CA LYS S 105 -76.76 -24.52 -71.57
C LYS S 105 -76.80 -23.44 -72.65
N LEU S 106 -76.15 -22.32 -72.39
CA LEU S 106 -76.16 -21.21 -73.34
C LEU S 106 -75.33 -21.56 -74.56
N THR S 107 -75.80 -21.12 -75.73
CA THR S 107 -75.14 -21.37 -77.00
C THR S 107 -75.01 -20.06 -77.76
N VAL S 108 -73.78 -19.69 -78.10
CA VAL S 108 -73.50 -18.47 -78.85
C VAL S 108 -73.34 -18.83 -80.32
N LEU S 109 -74.27 -18.38 -81.14
CA LEU S 109 -74.26 -18.69 -82.57
C LEU S 109 -73.17 -17.89 -83.30
N GLU T 1 -53.58 -16.99 -54.10
CA GLU T 1 -53.98 -16.88 -52.70
C GLU T 1 -53.78 -18.19 -51.95
N VAL T 2 -54.67 -19.15 -52.20
CA VAL T 2 -54.76 -20.38 -51.44
C VAL T 2 -54.59 -21.56 -52.38
N GLN T 3 -53.80 -22.54 -51.93
CA GLN T 3 -53.60 -23.79 -52.65
C GLN T 3 -54.25 -24.90 -51.85
N LEU T 4 -55.31 -25.50 -52.41
CA LEU T 4 -55.98 -26.61 -51.77
C LEU T 4 -55.36 -27.93 -52.23
N LEU T 5 -55.24 -28.86 -51.30
CA LEU T 5 -54.58 -30.12 -51.56
C LEU T 5 -55.61 -31.16 -52.00
N GLU T 6 -55.14 -32.39 -52.24
CA GLU T 6 -56.05 -33.47 -52.57
C GLU T 6 -56.85 -33.88 -51.33
N GLN T 7 -58.07 -34.35 -51.56
CA GLN T 7 -58.99 -34.65 -50.47
C GLN T 7 -58.79 -36.07 -49.97
N SER T 8 -58.95 -37.06 -50.85
CA SER T 8 -58.55 -38.43 -50.55
C SER T 8 -57.58 -38.99 -51.57
N GLY T 9 -57.87 -38.82 -52.86
CA GLY T 9 -57.02 -39.37 -53.90
C GLY T 9 -57.70 -40.52 -54.62
N ALA T 10 -56.91 -41.53 -55.00
CA ALA T 10 -57.44 -42.72 -55.64
C ALA T 10 -57.87 -43.70 -54.55
N GLU T 11 -59.17 -43.80 -54.33
CA GLU T 11 -59.74 -44.66 -53.30
C GLU T 11 -60.77 -45.58 -53.94
N VAL T 12 -60.60 -46.89 -53.75
CA VAL T 12 -61.46 -47.91 -54.33
C VAL T 12 -61.66 -48.99 -53.28
N LYS T 13 -62.93 -49.32 -53.00
CA LYS T 13 -63.26 -50.32 -52.00
C LYS T 13 -64.41 -51.18 -52.50
N LYS T 14 -64.36 -52.47 -52.18
CA LYS T 14 -65.44 -53.37 -52.51
C LYS T 14 -66.60 -53.14 -51.54
N PRO T 15 -67.81 -53.60 -51.90
CA PRO T 15 -68.97 -53.37 -51.00
C PRO T 15 -68.75 -53.98 -49.62
N GLY T 16 -69.15 -53.23 -48.60
CA GLY T 16 -69.00 -53.67 -47.23
C GLY T 16 -67.80 -53.08 -46.52
N ALA T 17 -67.61 -51.78 -46.62
CA ALA T 17 -66.49 -51.10 -45.99
C ALA T 17 -66.86 -49.63 -45.78
N SER T 18 -65.86 -48.82 -45.40
CA SER T 18 -66.06 -47.41 -45.12
C SER T 18 -64.77 -46.66 -45.41
N VAL T 19 -64.91 -45.43 -45.90
CA VAL T 19 -63.77 -44.63 -46.36
C VAL T 19 -63.87 -43.22 -45.79
N ARG T 20 -62.72 -42.62 -45.52
CA ARG T 20 -62.63 -41.24 -45.05
C ARG T 20 -62.29 -40.31 -46.20
N VAL T 21 -62.50 -39.02 -45.98
CA VAL T 21 -62.08 -37.99 -46.92
C VAL T 21 -61.45 -36.84 -46.14
N SER T 22 -60.12 -36.77 -46.16
CA SER T 22 -59.36 -35.83 -45.33
C SER T 22 -58.92 -34.63 -46.18
N CYS T 23 -59.75 -33.59 -46.19
CA CYS T 23 -59.48 -32.41 -47.00
C CYS T 23 -58.34 -31.60 -46.39
N LYS T 24 -57.26 -31.45 -47.14
CA LYS T 24 -56.05 -30.75 -46.73
C LYS T 24 -56.04 -29.34 -47.29
N VAL T 25 -55.37 -28.43 -46.58
CA VAL T 25 -55.33 -27.02 -46.95
C VAL T 25 -53.90 -26.50 -46.86
N SER T 26 -53.60 -25.48 -47.68
CA SER T 26 -52.31 -24.83 -47.65
C SER T 26 -52.48 -23.37 -48.09
N GLY T 27 -51.64 -22.51 -47.54
CA GLY T 27 -51.78 -21.07 -47.71
C GLY T 27 -52.61 -20.47 -46.59
N TYR T 28 -53.61 -21.21 -46.12
CA TYR T 28 -54.37 -20.91 -44.92
C TYR T 28 -54.15 -22.05 -43.93
N THR T 29 -54.89 -22.01 -42.82
CA THR T 29 -54.96 -23.13 -41.91
C THR T 29 -56.41 -23.54 -41.73
N LEU T 30 -56.63 -24.61 -40.94
CA LEU T 30 -57.98 -25.19 -40.87
C LEU T 30 -58.97 -24.28 -40.14
N PRO T 31 -58.72 -23.86 -38.88
CA PRO T 31 -59.76 -23.09 -38.19
C PRO T 31 -59.79 -21.63 -38.62
N GLU T 32 -59.68 -21.38 -39.92
CA GLU T 32 -59.90 -20.05 -40.47
C GLU T 32 -60.60 -20.12 -41.83
N VAL T 33 -61.17 -21.27 -42.17
CA VAL T 33 -62.00 -21.45 -43.36
C VAL T 33 -62.99 -22.57 -43.06
N ALA T 34 -64.26 -22.35 -43.41
CA ALA T 34 -65.29 -23.34 -43.14
C ALA T 34 -65.33 -24.38 -44.26
N MET T 35 -65.47 -25.65 -43.88
CA MET T 35 -65.48 -26.73 -44.86
C MET T 35 -66.89 -27.01 -45.34
N HIS T 36 -66.97 -27.62 -46.53
CA HIS T 36 -68.22 -28.01 -47.17
C HIS T 36 -67.94 -29.17 -48.11
N TRP T 37 -68.99 -29.86 -48.57
CA TRP T 37 -68.79 -31.00 -49.44
C TRP T 37 -69.91 -31.07 -50.47
N VAL T 38 -69.61 -31.70 -51.60
CA VAL T 38 -70.58 -31.83 -52.71
C VAL T 38 -70.44 -33.20 -53.34
N ARG T 39 -71.50 -34.01 -53.26
CA ARG T 39 -71.62 -35.16 -54.14
C ARG T 39 -71.80 -34.70 -55.59
N GLN T 40 -71.16 -35.41 -56.50
CA GLN T 40 -71.27 -35.14 -57.94
C GLN T 40 -71.13 -36.48 -58.65
N ALA T 41 -72.26 -37.09 -58.96
CA ALA T 41 -72.22 -38.38 -59.63
C ALA T 41 -71.96 -38.17 -61.13
N PRO T 42 -71.23 -39.10 -61.76
CA PRO T 42 -70.95 -38.96 -63.20
C PRO T 42 -72.25 -38.92 -64.00
N GLY T 43 -72.44 -37.83 -64.73
CA GLY T 43 -73.68 -37.63 -65.47
C GLY T 43 -74.84 -37.19 -64.62
N LYS T 44 -74.58 -36.52 -63.49
CA LYS T 44 -75.62 -36.06 -62.59
C LYS T 44 -75.29 -34.62 -62.20
N GLY T 45 -76.06 -34.08 -61.25
CA GLY T 45 -75.85 -32.73 -60.75
C GLY T 45 -75.11 -32.73 -59.43
N LEU T 46 -75.27 -31.63 -58.69
CA LEU T 46 -74.61 -31.45 -57.41
C LEU T 46 -75.54 -31.85 -56.27
N GLU T 47 -74.94 -32.31 -55.16
CA GLU T 47 -75.70 -32.75 -54.00
C GLU T 47 -74.90 -32.33 -52.76
N TRP T 48 -75.27 -31.18 -52.19
CA TRP T 48 -74.47 -30.62 -51.10
C TRP T 48 -74.52 -31.53 -49.87
N MET T 49 -73.44 -31.50 -49.09
CA MET T 49 -73.31 -32.35 -47.92
C MET T 49 -72.24 -31.79 -47.00
N GLY T 50 -72.14 -32.40 -45.82
CA GLY T 50 -71.15 -31.99 -44.85
C GLY T 50 -71.32 -30.53 -44.49
N GLY T 51 -70.27 -29.76 -44.68
CA GLY T 51 -70.39 -28.33 -44.46
C GLY T 51 -70.04 -27.93 -43.04
N PHE T 52 -69.50 -26.71 -42.92
CA PHE T 52 -69.39 -26.03 -41.64
C PHE T 52 -70.36 -24.86 -41.65
N ASP T 53 -71.08 -24.68 -40.55
CA ASP T 53 -72.13 -23.66 -40.47
C ASP T 53 -71.52 -22.33 -40.07
N PRO T 54 -71.58 -21.29 -40.91
CA PRO T 54 -71.11 -19.97 -40.48
C PRO T 54 -71.83 -19.48 -39.24
N GLU T 55 -73.14 -19.70 -39.16
CA GLU T 55 -73.87 -19.51 -37.90
C GLU T 55 -73.70 -20.74 -37.03
N ASP T 56 -73.84 -20.55 -35.72
CA ASP T 56 -73.70 -21.60 -34.70
C ASP T 56 -72.26 -22.09 -34.55
N GLY T 57 -71.34 -21.72 -35.43
CA GLY T 57 -70.00 -22.26 -35.36
C GLY T 57 -69.92 -23.76 -35.43
N GLU T 58 -70.97 -24.42 -35.89
CA GLU T 58 -71.05 -25.88 -35.94
C GLU T 58 -70.71 -26.37 -37.34
N THR T 59 -70.27 -27.64 -37.40
CA THR T 59 -69.86 -28.25 -38.67
C THR T 59 -71.05 -29.03 -39.23
N MET T 60 -71.67 -28.49 -40.28
CA MET T 60 -72.96 -28.98 -40.74
C MET T 60 -72.88 -30.43 -41.22
N TYR T 61 -74.06 -30.99 -41.47
CA TYR T 61 -74.21 -32.27 -42.16
C TYR T 61 -75.52 -32.22 -42.93
N ALA T 62 -75.51 -32.82 -44.13
CA ALA T 62 -76.69 -32.82 -44.96
C ALA T 62 -77.84 -33.51 -44.25
N GLN T 63 -79.00 -32.83 -44.20
CA GLN T 63 -80.17 -33.41 -43.55
C GLN T 63 -80.58 -34.73 -44.18
N LYS T 64 -80.35 -34.89 -45.49
CA LYS T 64 -80.60 -36.16 -46.15
C LYS T 64 -79.58 -37.22 -45.79
N PHE T 65 -78.42 -36.82 -45.26
CA PHE T 65 -77.33 -37.75 -44.94
C PHE T 65 -76.91 -37.65 -43.48
N GLN T 66 -77.85 -37.35 -42.58
CA GLN T 66 -77.53 -37.32 -41.16
C GLN T 66 -77.27 -38.72 -40.63
N GLY T 67 -76.35 -38.81 -39.67
CA GLY T 67 -76.05 -40.07 -39.02
C GLY T 67 -75.11 -40.94 -39.84
N ARG T 68 -75.32 -40.96 -41.15
CA ARG T 68 -74.48 -41.76 -42.04
C ARG T 68 -73.11 -41.14 -42.23
N VAL T 69 -73.03 -39.82 -42.36
CA VAL T 69 -71.79 -39.14 -42.68
C VAL T 69 -71.38 -38.30 -41.48
N THR T 70 -70.09 -38.33 -41.15
CA THR T 70 -69.58 -37.54 -40.04
C THR T 70 -68.28 -36.88 -40.46
N MET T 71 -67.75 -36.00 -39.59
CA MET T 71 -66.54 -35.27 -39.89
C MET T 71 -65.77 -34.95 -38.62
N THR T 72 -64.44 -34.99 -38.73
CA THR T 72 -63.54 -34.50 -37.69
C THR T 72 -62.56 -33.51 -38.31
N GLU T 73 -61.92 -32.72 -37.45
CA GLU T 73 -60.99 -31.69 -37.89
C GLU T 73 -59.74 -31.73 -37.02
N ASP T 74 -58.57 -31.74 -37.68
CA ASP T 74 -57.28 -31.58 -37.01
C ASP T 74 -56.67 -30.29 -37.52
N THR T 75 -56.68 -29.26 -36.67
CA THR T 75 -56.38 -27.91 -37.11
C THR T 75 -54.89 -27.71 -37.36
N SER T 76 -54.03 -28.38 -36.60
CA SER T 76 -52.59 -28.21 -36.77
C SER T 76 -52.13 -28.70 -38.14
N THR T 77 -52.33 -29.99 -38.41
CA THR T 77 -52.01 -30.55 -39.71
C THR T 77 -53.12 -30.33 -40.73
N ASP T 78 -54.20 -29.64 -40.34
CA ASP T 78 -55.20 -29.12 -41.27
C ASP T 78 -55.94 -30.23 -42.03
N THR T 79 -56.19 -31.36 -41.37
CA THR T 79 -56.85 -32.49 -42.00
C THR T 79 -58.31 -32.55 -41.57
N ALA T 80 -59.22 -32.42 -42.53
CA ALA T 80 -60.66 -32.44 -42.27
C ALA T 80 -61.21 -33.76 -42.80
N TYR T 81 -61.35 -34.73 -41.90
CA TYR T 81 -61.80 -36.06 -42.29
C TYR T 81 -63.32 -36.10 -42.45
N MET T 82 -63.77 -36.66 -43.57
CA MET T 82 -65.18 -36.93 -43.83
C MET T 82 -65.41 -38.42 -43.93
N GLU T 83 -66.12 -38.98 -42.95
CA GLU T 83 -66.32 -40.41 -42.85
C GLU T 83 -67.69 -40.80 -43.43
N LEU T 84 -67.66 -41.71 -44.40
CA LEU T 84 -68.80 -42.39 -44.97
C LEU T 84 -69.00 -43.75 -44.31
N SER T 85 -70.25 -44.21 -44.31
CA SER T 85 -70.57 -45.55 -43.84
C SER T 85 -71.87 -45.99 -44.50
N SER T 86 -72.24 -47.25 -44.26
CA SER T 86 -73.48 -47.84 -44.80
C SER T 86 -73.53 -47.72 -46.32
N LEU T 87 -72.55 -48.37 -46.96
CA LEU T 87 -72.41 -48.28 -48.42
C LEU T 87 -73.63 -48.85 -49.12
N ARG T 88 -74.12 -48.12 -50.11
CA ARG T 88 -75.24 -48.56 -50.94
C ARG T 88 -74.80 -48.59 -52.41
N SER T 89 -75.77 -48.81 -53.29
CA SER T 89 -75.46 -48.94 -54.72
C SER T 89 -75.05 -47.60 -55.32
N GLU T 90 -75.92 -46.59 -55.23
CA GLU T 90 -75.74 -45.30 -55.89
C GLU T 90 -74.79 -44.38 -55.13
N ASP T 91 -74.03 -44.91 -54.17
CA ASP T 91 -73.11 -44.12 -53.37
C ASP T 91 -71.89 -43.66 -54.17
N THR T 92 -71.53 -44.35 -55.25
CA THR T 92 -70.32 -44.03 -56.00
C THR T 92 -70.50 -42.69 -56.73
N ALA T 93 -69.60 -41.75 -56.45
CA ALA T 93 -69.69 -40.39 -56.99
C ALA T 93 -68.43 -39.63 -56.58
N VAL T 94 -68.21 -38.49 -57.23
CA VAL T 94 -67.13 -37.59 -56.85
C VAL T 94 -67.54 -36.83 -55.60
N TYR T 95 -66.68 -36.87 -54.58
CA TYR T 95 -66.94 -36.16 -53.32
C TYR T 95 -66.03 -34.93 -53.24
N TYR T 96 -66.56 -33.77 -53.66
CA TYR T 96 -65.78 -32.54 -53.65
C TYR T 96 -65.70 -31.95 -52.25
N CYS T 97 -64.49 -31.52 -51.88
CA CYS T 97 -64.28 -30.65 -50.73
C CYS T 97 -64.27 -29.21 -51.18
N ALA T 98 -64.96 -28.34 -50.44
CA ALA T 98 -65.02 -26.93 -50.74
C ALA T 98 -64.94 -26.15 -49.44
N THR T 99 -64.90 -24.83 -49.53
CA THR T 99 -64.78 -24.03 -48.33
C THR T 99 -65.41 -22.66 -48.52
N THR T 100 -65.92 -22.14 -47.42
CA THR T 100 -66.49 -20.81 -47.31
C THR T 100 -65.67 -19.98 -46.33
N THR T 101 -65.98 -18.68 -46.28
CA THR T 101 -65.21 -17.75 -45.46
C THR T 101 -65.36 -18.11 -43.98
N PRO T 102 -64.36 -17.80 -43.16
CA PRO T 102 -64.46 -18.12 -41.73
C PRO T 102 -65.58 -17.37 -41.01
N PHE T 103 -65.68 -16.05 -41.24
CA PHE T 103 -66.53 -15.20 -40.41
C PHE T 103 -67.99 -15.63 -40.42
N SER T 104 -68.68 -15.44 -41.55
CA SER T 104 -70.09 -15.76 -41.68
C SER T 104 -70.54 -15.39 -43.09
N SER T 105 -71.80 -15.74 -43.40
CA SER T 105 -72.54 -15.21 -44.55
C SER T 105 -71.77 -15.39 -45.86
N SER T 106 -71.61 -16.65 -46.24
CA SER T 106 -71.04 -16.96 -47.55
C SER T 106 -71.64 -18.25 -48.08
N TYR T 107 -72.03 -18.23 -49.34
CA TYR T 107 -72.68 -19.34 -50.01
C TYR T 107 -71.80 -19.99 -51.07
N TRP T 108 -70.69 -19.35 -51.44
CA TRP T 108 -69.85 -19.76 -52.55
C TRP T 108 -68.74 -20.71 -52.10
N PHE T 109 -68.23 -21.50 -53.05
CA PHE T 109 -67.24 -22.53 -52.78
C PHE T 109 -65.93 -22.28 -53.53
N ASP T 110 -65.53 -21.01 -53.66
CA ASP T 110 -64.47 -20.57 -54.58
C ASP T 110 -63.27 -21.51 -54.70
N PRO T 111 -62.63 -21.96 -53.61
CA PRO T 111 -61.60 -22.99 -53.77
C PRO T 111 -62.12 -24.41 -53.51
N TRP T 112 -61.67 -25.38 -54.31
CA TRP T 112 -62.05 -26.77 -54.12
C TRP T 112 -60.90 -27.65 -54.59
N GLY T 113 -61.03 -28.95 -54.34
CA GLY T 113 -59.94 -29.88 -54.58
C GLY T 113 -60.19 -30.97 -55.62
N GLN T 114 -61.03 -30.67 -56.61
CA GLN T 114 -61.29 -31.56 -57.75
C GLN T 114 -61.96 -32.87 -57.35
N GLY T 115 -62.41 -32.99 -56.11
CA GLY T 115 -63.24 -34.12 -55.69
C GLY T 115 -62.60 -35.49 -55.72
N THR T 116 -63.33 -36.50 -55.22
CA THR T 116 -62.84 -37.86 -55.12
C THR T 116 -63.96 -38.84 -55.40
N LEU T 117 -63.78 -39.70 -56.40
CA LEU T 117 -64.71 -40.82 -56.61
C LEU T 117 -64.51 -41.91 -55.57
N VAL T 118 -65.61 -42.59 -55.22
CA VAL T 118 -65.57 -43.75 -54.36
C VAL T 118 -66.00 -44.97 -55.17
N THR T 119 -65.94 -46.15 -54.56
CA THR T 119 -66.34 -47.39 -55.21
C THR T 119 -67.37 -48.11 -54.35
N VAL T 120 -68.38 -48.68 -55.01
CA VAL T 120 -69.46 -49.35 -54.30
C VAL T 120 -69.36 -50.87 -54.51
N GLN U 14 -1.77 -30.98 58.08
CA GLN U 14 -1.37 -29.66 57.61
C GLN U 14 -2.57 -28.93 57.00
N CYS U 15 -2.56 -27.60 57.13
CA CYS U 15 -3.61 -26.72 56.62
C CYS U 15 -5.00 -27.20 57.09
N VAL U 16 -5.18 -27.12 58.41
CA VAL U 16 -6.44 -27.49 59.04
C VAL U 16 -7.61 -26.86 58.30
N ASN U 17 -8.65 -27.66 58.07
CA ASN U 17 -9.82 -27.23 57.31
C ASN U 17 -10.73 -26.38 58.18
N LEU U 18 -10.22 -25.27 58.70
CA LEU U 18 -11.00 -24.40 59.58
C LEU U 18 -11.56 -23.26 58.75
N THR U 19 -12.72 -23.55 58.17
CA THR U 19 -13.54 -22.55 57.43
C THR U 19 -14.85 -22.37 58.21
N THR U 20 -14.90 -22.93 59.45
CA THR U 20 -16.08 -22.92 60.34
C THR U 20 -17.31 -23.25 59.49
N ARG U 21 -18.28 -22.34 59.48
CA ARG U 21 -19.50 -22.44 58.70
C ARG U 21 -19.93 -21.11 58.10
N THR U 22 -19.23 -20.03 58.45
CA THR U 22 -19.75 -18.68 58.29
C THR U 22 -19.20 -18.03 57.04
N GLN U 23 -20.07 -17.78 56.07
CA GLN U 23 -19.69 -16.99 54.91
C GLN U 23 -19.43 -15.53 55.28
N LEU U 24 -20.06 -15.05 56.36
CA LEU U 24 -19.85 -13.69 56.86
C LEU U 24 -20.17 -12.67 55.76
N PRO U 25 -21.45 -12.45 55.45
CA PRO U 25 -21.82 -11.57 54.34
C PRO U 25 -20.98 -10.30 54.32
N PRO U 26 -20.25 -10.05 53.24
CA PRO U 26 -19.31 -8.94 53.22
C PRO U 26 -20.04 -7.60 53.21
N ALA U 27 -19.62 -6.70 54.08
CA ALA U 27 -20.29 -5.40 54.15
C ALA U 27 -19.74 -4.49 53.06
N TYR U 28 -20.22 -3.25 53.04
CA TYR U 28 -19.86 -2.32 51.98
C TYR U 28 -19.43 -0.99 52.58
N THR U 29 -18.37 -0.42 52.02
CA THR U 29 -17.88 0.89 52.40
C THR U 29 -17.67 1.69 51.13
N ASN U 30 -17.45 3.00 51.27
CA ASN U 30 -17.25 3.88 50.14
C ASN U 30 -15.80 4.37 50.14
N SER U 31 -15.05 3.97 49.13
CA SER U 31 -13.70 4.46 48.94
C SER U 31 -13.75 5.89 48.41
N PHE U 32 -13.79 6.85 49.33
CA PHE U 32 -14.02 8.24 48.96
C PHE U 32 -12.97 8.74 47.98
N THR U 33 -11.70 8.76 48.40
CA THR U 33 -10.62 9.32 47.60
C THR U 33 -9.43 8.38 47.55
N ARG U 34 -9.67 7.08 47.50
CA ARG U 34 -8.62 6.08 47.59
C ARG U 34 -8.35 5.44 46.24
N GLY U 35 -7.18 4.80 46.15
CA GLY U 35 -6.82 4.02 44.99
C GLY U 35 -6.22 4.82 43.85
N VAL U 36 -5.43 5.84 44.17
CA VAL U 36 -4.79 6.69 43.17
C VAL U 36 -3.28 6.50 43.30
N TYR U 37 -2.73 5.61 42.47
CA TYR U 37 -1.31 5.31 42.49
C TYR U 37 -0.55 6.23 41.55
N TYR U 38 0.78 6.15 41.62
CA TYR U 38 1.64 6.88 40.70
C TYR U 38 1.77 6.10 39.40
N PRO U 39 1.09 6.51 38.32
CA PRO U 39 1.08 5.69 37.11
C PRO U 39 2.23 5.97 36.15
N ASP U 40 2.88 7.13 36.25
CA ASP U 40 3.79 7.62 35.24
C ASP U 40 5.24 7.43 35.67
N LYS U 41 6.13 7.46 34.69
CA LYS U 41 7.57 7.30 34.91
C LYS U 41 8.31 8.63 34.99
N VAL U 42 7.60 9.75 34.90
CA VAL U 42 8.20 11.07 34.96
C VAL U 42 7.79 11.77 36.24
N PHE U 43 8.71 12.53 36.83
CA PHE U 43 8.44 13.34 38.00
C PHE U 43 7.93 14.70 37.52
N ARG U 44 6.65 14.95 37.68
CA ARG U 44 6.06 16.24 37.33
C ARG U 44 5.79 17.04 38.60
N SER U 45 6.04 18.35 38.53
CA SER U 45 5.90 19.24 39.67
C SER U 45 4.83 20.26 39.36
N SER U 46 3.80 20.32 40.22
CA SER U 46 2.68 21.24 40.06
C SER U 46 2.06 21.15 38.66
N VAL U 47 1.97 19.93 38.15
CA VAL U 47 1.42 19.67 36.82
C VAL U 47 0.09 18.95 36.99
N LEU U 48 -0.95 19.49 36.36
CA LEU U 48 -2.29 18.91 36.41
C LEU U 48 -2.43 17.92 35.25
N HIS U 49 -1.88 16.73 35.45
CA HIS U 49 -1.86 15.71 34.42
C HIS U 49 -3.21 14.99 34.36
N SER U 50 -3.36 14.14 33.34
CA SER U 50 -4.56 13.35 33.16
C SER U 50 -4.15 11.97 32.66
N THR U 51 -4.63 10.93 33.33
CA THR U 51 -4.16 9.57 33.09
C THR U 51 -5.33 8.65 32.75
N GLN U 52 -5.17 7.89 31.66
CA GLN U 52 -6.14 6.87 31.25
C GLN U 52 -5.64 5.49 31.69
N ASP U 53 -5.71 5.25 33.00
CA ASP U 53 -5.21 4.01 33.58
C ASP U 53 -6.29 3.35 34.43
N LEU U 54 -5.95 2.18 34.96
CA LEU U 54 -6.87 1.37 35.75
C LEU U 54 -6.83 1.85 37.20
N PHE U 55 -7.80 2.66 37.60
CA PHE U 55 -7.88 3.16 38.96
C PHE U 55 -9.09 2.58 39.67
N LEU U 56 -9.06 2.65 41.00
CA LEU U 56 -10.24 2.34 41.79
C LEU U 56 -11.24 3.47 41.65
N PRO U 57 -12.47 3.21 41.22
CA PRO U 57 -13.45 4.30 41.08
C PRO U 57 -13.68 5.02 42.39
N PHE U 58 -14.03 6.30 42.29
CA PHE U 58 -14.27 7.11 43.47
C PHE U 58 -15.68 6.86 44.01
N PHE U 59 -15.79 6.81 45.33
CA PHE U 59 -17.03 6.47 46.02
C PHE U 59 -17.63 5.19 45.45
N SER U 60 -16.77 4.19 45.28
CA SER U 60 -17.17 2.88 44.77
C SER U 60 -17.42 1.93 45.93
N ASN U 61 -18.31 0.97 45.70
CA ASN U 61 -18.62 -0.02 46.73
C ASN U 61 -17.41 -0.91 46.94
N VAL U 62 -16.67 -0.66 48.01
CA VAL U 62 -15.56 -1.50 48.41
C VAL U 62 -16.08 -2.54 49.38
N THR U 63 -15.88 -3.81 49.06
CA THR U 63 -16.35 -4.89 49.91
C THR U 63 -15.47 -4.96 51.15
N TRP U 64 -16.03 -4.63 52.30
CA TRP U 64 -15.35 -4.82 53.56
C TRP U 64 -15.49 -6.28 53.96
N PHE U 65 -14.36 -6.98 54.03
CA PHE U 65 -14.31 -8.37 54.44
C PHE U 65 -13.77 -8.42 55.86
N HIS U 66 -14.66 -8.65 56.82
CA HIS U 66 -14.24 -8.94 58.19
C HIS U 66 -13.76 -10.38 58.20
N ALA U 67 -12.44 -10.56 58.26
CA ALA U 67 -11.87 -11.87 57.94
C ALA U 67 -11.97 -12.82 59.12
N ILE U 68 -11.37 -12.47 60.24
CA ILE U 68 -11.55 -13.23 61.48
C ILE U 68 -12.57 -12.48 62.32
N HIS U 69 -13.73 -13.10 62.51
CA HIS U 69 -14.89 -12.45 63.11
C HIS U 69 -15.09 -13.03 64.52
N VAL U 70 -14.42 -12.42 65.50
CA VAL U 70 -14.65 -12.78 66.89
C VAL U 70 -16.11 -12.52 67.21
N SER U 71 -16.86 -13.58 67.49
CA SER U 71 -18.27 -13.44 67.80
C SER U 71 -18.44 -13.16 69.29
N GLY U 72 -19.48 -12.41 69.62
CA GLY U 72 -19.70 -11.99 70.99
C GLY U 72 -20.35 -13.03 71.88
N THR U 73 -20.92 -14.09 71.30
CA THR U 73 -21.58 -15.11 72.09
C THR U 73 -20.60 -15.83 73.02
N ASN U 74 -19.66 -16.57 72.45
CA ASN U 74 -18.67 -17.31 73.23
C ASN U 74 -17.31 -17.27 72.54
N GLY U 75 -16.93 -16.10 72.03
CA GLY U 75 -15.74 -16.02 71.20
C GLY U 75 -15.99 -16.68 69.86
N THR U 76 -15.36 -17.83 69.62
CA THR U 76 -15.57 -18.62 68.41
C THR U 76 -15.46 -17.76 67.16
N LYS U 77 -14.25 -17.24 66.95
CA LYS U 77 -14.00 -16.36 65.81
C LYS U 77 -14.36 -17.06 64.50
N ARG U 78 -14.87 -16.29 63.55
CA ARG U 78 -15.42 -16.81 62.31
C ARG U 78 -14.43 -16.56 61.18
N PHE U 79 -14.06 -17.62 60.47
CA PHE U 79 -13.06 -17.53 59.41
C PHE U 79 -13.72 -17.05 58.12
N ASP U 80 -12.88 -16.49 57.24
CA ASP U 80 -13.30 -15.85 56.01
C ASP U 80 -12.21 -16.00 54.95
N ASN U 81 -12.17 -15.06 54.01
CA ASN U 81 -11.28 -15.04 52.85
C ASN U 81 -11.66 -16.09 51.83
N PRO U 82 -12.84 -16.00 51.22
CA PRO U 82 -13.13 -16.86 50.07
C PRO U 82 -12.22 -16.47 48.91
N VAL U 83 -12.34 -17.22 47.82
CA VAL U 83 -11.49 -16.99 46.67
C VAL U 83 -12.04 -15.78 45.91
N LEU U 84 -11.56 -14.59 46.28
CA LEU U 84 -12.07 -13.37 45.67
C LEU U 84 -11.57 -13.24 44.24
N PRO U 85 -12.43 -12.82 43.31
CA PRO U 85 -11.98 -12.67 41.92
C PRO U 85 -10.97 -11.55 41.76
N PHE U 86 -9.95 -11.81 40.93
CA PHE U 86 -8.94 -10.84 40.56
C PHE U 86 -9.21 -10.23 39.19
N ASN U 87 -10.47 -9.90 38.92
CA ASN U 87 -10.97 -9.69 37.56
C ASN U 87 -10.02 -8.88 36.67
N ASP U 88 -9.76 -7.62 37.03
CA ASP U 88 -8.78 -6.81 36.32
C ASP U 88 -7.63 -6.40 37.22
N GLY U 89 -7.93 -5.74 38.33
CA GLY U 89 -6.92 -5.36 39.30
C GLY U 89 -7.60 -5.16 40.63
N VAL U 90 -6.85 -5.40 41.71
CA VAL U 90 -7.44 -5.43 43.05
C VAL U 90 -6.76 -4.38 43.91
N TYR U 91 -7.57 -3.49 44.49
CA TYR U 91 -7.11 -2.57 45.52
C TYR U 91 -7.36 -3.21 46.87
N PHE U 92 -6.28 -3.60 47.55
CA PHE U 92 -6.36 -4.26 48.84
C PHE U 92 -5.97 -3.26 49.91
N ALA U 93 -6.80 -3.14 50.94
CA ALA U 93 -6.57 -2.18 52.02
C ALA U 93 -6.63 -2.95 53.34
N SER U 94 -5.46 -3.25 53.91
CA SER U 94 -5.37 -3.92 55.18
C SER U 94 -5.28 -2.89 56.31
N THR U 95 -6.14 -3.05 57.31
CA THR U 95 -6.18 -2.15 58.45
C THR U 95 -5.67 -2.79 59.74
N GLU U 96 -5.47 -4.11 59.74
CA GLU U 96 -5.25 -4.82 60.99
C GLU U 96 -3.97 -4.37 61.70
N LYS U 97 -4.08 -4.16 63.01
CA LYS U 97 -3.02 -3.61 63.84
C LYS U 97 -1.78 -4.50 63.85
N SER U 98 -1.90 -5.70 64.41
CA SER U 98 -0.85 -6.70 64.33
C SER U 98 -1.04 -7.47 63.03
N ASN U 99 0.06 -7.81 62.38
CA ASN U 99 0.00 -8.26 61.00
C ASN U 99 -0.59 -9.66 60.90
N ILE U 100 -1.89 -9.77 61.18
CA ILE U 100 -2.61 -11.01 60.90
C ILE U 100 -2.64 -11.27 59.41
N ILE U 101 -2.88 -10.22 58.62
CA ILE U 101 -2.83 -10.36 57.17
C ILE U 101 -1.40 -10.70 56.75
N ARG U 102 -1.29 -11.46 55.67
CA ARG U 102 0.00 -11.91 55.14
C ARG U 102 -0.07 -11.80 53.63
N GLY U 103 0.86 -12.44 52.94
CA GLY U 103 0.84 -12.47 51.49
C GLY U 103 -0.40 -13.12 50.92
N TRP U 104 -0.47 -13.21 49.60
CA TRP U 104 -1.67 -13.67 48.91
C TRP U 104 -1.33 -14.85 48.00
N ILE U 105 -2.39 -15.48 47.48
CA ILE U 105 -2.27 -16.76 46.78
C ILE U 105 -2.78 -16.67 45.35
N PHE U 106 -2.48 -15.56 44.67
CA PHE U 106 -3.00 -15.30 43.32
C PHE U 106 -2.81 -16.49 42.39
N GLY U 107 -3.55 -16.52 41.30
CA GLY U 107 -3.47 -17.60 40.33
C GLY U 107 -4.80 -17.83 39.66
N THR U 108 -4.76 -18.50 38.51
CA THR U 108 -5.96 -18.74 37.73
C THR U 108 -6.80 -19.87 38.33
N THR U 109 -6.16 -21.01 38.61
CA THR U 109 -6.84 -22.14 39.22
C THR U 109 -6.39 -22.42 40.64
N LEU U 110 -5.36 -21.71 41.11
CA LEU U 110 -4.76 -21.97 42.44
C LEU U 110 -4.32 -23.42 42.56
N ASP U 111 -3.85 -23.98 41.45
CA ASP U 111 -3.48 -25.40 41.37
C ASP U 111 -2.32 -25.54 40.40
N SER U 112 -1.98 -26.79 40.07
CA SER U 112 -0.90 -27.04 39.13
C SER U 112 -1.31 -26.66 37.71
N LYS U 113 -0.32 -26.65 36.81
CA LYS U 113 -0.48 -26.36 35.39
C LYS U 113 -0.78 -24.88 35.17
N THR U 114 -0.98 -24.14 36.25
CA THR U 114 -1.20 -22.70 36.23
C THR U 114 -0.45 -22.14 37.43
N GLN U 115 0.70 -21.51 37.19
CA GLN U 115 1.56 -21.09 38.30
C GLN U 115 0.85 -20.04 39.15
N SER U 116 0.39 -20.47 40.31
CA SER U 116 -0.32 -19.61 41.25
C SER U 116 0.69 -18.73 41.98
N LEU U 117 0.74 -17.45 41.62
CA LEU U 117 1.57 -16.49 42.33
C LEU U 117 1.28 -16.53 43.82
N LEU U 118 2.34 -16.62 44.63
CA LEU U 118 2.22 -16.72 46.07
C LEU U 118 3.17 -15.71 46.70
N ILE U 119 2.62 -14.64 47.25
CA ILE U 119 3.37 -13.74 48.12
C ILE U 119 3.19 -14.24 49.54
N VAL U 120 4.26 -14.18 50.33
CA VAL U 120 4.20 -14.51 51.75
C VAL U 120 5.12 -13.57 52.51
N ASN U 121 4.58 -12.83 53.46
CA ASN U 121 5.39 -11.92 54.27
C ASN U 121 5.77 -12.59 55.59
N ASN U 122 7.06 -12.72 55.83
CA ASN U 122 7.59 -13.02 57.15
C ASN U 122 8.26 -11.76 57.69
N ALA U 123 8.47 -11.74 59.00
CA ALA U 123 9.14 -10.60 59.63
C ALA U 123 10.50 -10.35 59.00
N THR U 124 11.21 -11.42 58.64
CA THR U 124 12.53 -11.28 58.02
C THR U 124 12.43 -10.63 56.64
N ASN U 125 11.74 -11.29 55.71
CA ASN U 125 11.71 -10.83 54.33
C ASN U 125 10.43 -11.33 53.66
N VAL U 126 10.06 -10.67 52.57
CA VAL U 126 8.92 -11.12 51.77
C VAL U 126 9.42 -12.11 50.73
N VAL U 127 8.62 -13.16 50.51
CA VAL U 127 8.97 -14.26 49.62
C VAL U 127 7.90 -14.33 48.53
N ILE U 128 8.30 -14.11 47.29
CA ILE U 128 7.39 -14.13 46.15
C ILE U 128 7.76 -15.33 45.28
N LYS U 129 6.80 -16.22 45.06
CA LYS U 129 7.03 -17.45 44.31
C LYS U 129 5.94 -17.61 43.26
N VAL U 130 6.33 -17.51 41.99
CA VAL U 130 5.46 -17.89 40.88
C VAL U 130 5.86 -19.31 40.52
N CYS U 131 5.19 -20.27 41.16
CA CYS U 131 5.38 -21.70 40.97
C CYS U 131 4.02 -22.34 40.74
N GLU U 132 3.99 -23.66 40.59
CA GLU U 132 2.74 -24.40 40.46
C GLU U 132 2.39 -24.99 41.82
N PHE U 133 1.71 -24.19 42.64
CA PHE U 133 1.33 -24.60 43.98
C PHE U 133 0.03 -25.39 43.94
N GLN U 134 -0.25 -26.09 45.05
CA GLN U 134 -1.48 -26.85 45.23
C GLN U 134 -2.10 -26.43 46.56
N PHE U 135 -2.89 -25.35 46.53
CA PHE U 135 -3.53 -24.87 47.74
C PHE U 135 -4.66 -25.80 48.15
N CYS U 136 -4.73 -26.12 49.43
CA CYS U 136 -5.79 -26.95 49.96
C CYS U 136 -7.01 -26.06 50.24
N ASN U 137 -7.96 -26.60 51.02
CA ASN U 137 -9.22 -25.90 51.28
C ASN U 137 -8.98 -24.53 51.91
N ASP U 138 -8.20 -24.48 52.99
CA ASP U 138 -7.99 -23.25 53.76
C ASP U 138 -6.51 -22.90 53.81
N PRO U 139 -6.00 -22.20 52.79
CA PRO U 139 -4.64 -21.66 52.87
C PRO U 139 -4.55 -20.57 53.92
N PHE U 140 -3.76 -20.84 54.97
CA PHE U 140 -3.45 -19.84 55.99
C PHE U 140 -2.01 -20.05 56.42
N LEU U 141 -1.55 -19.19 57.33
CA LEU U 141 -0.19 -19.28 57.85
C LEU U 141 -0.24 -19.94 59.22
N GLY U 142 0.37 -21.12 59.33
CA GLY U 142 0.38 -21.82 60.59
C GLY U 142 1.47 -21.34 61.51
N VAL U 143 1.28 -20.20 62.15
CA VAL U 143 2.33 -19.66 63.00
C VAL U 143 2.31 -20.43 64.30
N TYR U 144 3.07 -21.52 64.35
CA TYR U 144 3.13 -22.37 65.53
C TYR U 144 4.40 -22.08 66.32
N TYR U 145 4.42 -22.57 67.55
CA TYR U 145 5.51 -22.27 68.48
C TYR U 145 6.70 -23.16 68.19
N HIS U 146 7.80 -22.55 67.75
CA HIS U 146 8.99 -23.31 67.39
C HIS U 146 9.51 -24.12 68.58
N LYS U 147 9.39 -23.57 69.79
CA LYS U 147 9.61 -24.28 71.05
C LYS U 147 11.10 -24.54 71.28
N ASN U 148 11.92 -24.23 70.29
CA ASN U 148 13.37 -24.18 70.43
C ASN U 148 13.80 -22.72 70.33
N ASN U 149 14.50 -22.24 71.36
CA ASN U 149 14.82 -20.83 71.56
C ASN U 149 13.58 -19.98 71.76
N LYS U 150 12.43 -20.61 72.00
CA LYS U 150 11.16 -19.93 72.26
C LYS U 150 10.78 -18.99 71.11
N SER U 151 10.55 -19.60 69.95
CA SER U 151 10.28 -18.84 68.73
C SER U 151 8.87 -19.12 68.22
N TRP U 152 8.57 -18.54 67.06
CA TRP U 152 7.23 -18.53 66.48
C TRP U 152 7.23 -19.05 65.04
N MET U 153 7.80 -20.24 64.82
CA MET U 153 8.01 -20.74 63.47
C MET U 153 6.70 -20.80 62.69
N GLU U 154 6.75 -20.33 61.44
CA GLU U 154 5.56 -20.25 60.59
C GLU U 154 5.58 -21.42 59.61
N SER U 155 4.71 -22.40 59.84
CA SER U 155 4.50 -23.46 58.86
C SER U 155 3.75 -22.89 57.67
N GLU U 156 4.39 -22.94 56.50
CA GLU U 156 3.84 -22.42 55.26
C GLU U 156 3.08 -23.47 54.47
N PHE U 157 3.23 -24.76 54.80
CA PHE U 157 2.42 -25.78 54.15
C PHE U 157 0.97 -25.75 54.61
N ARG U 158 0.62 -24.85 55.53
CA ARG U 158 -0.78 -24.55 55.77
C ARG U 158 -1.40 -23.72 54.65
N VAL U 159 -0.62 -23.34 53.65
CA VAL U 159 -1.10 -22.58 52.51
C VAL U 159 -1.40 -23.54 51.35
N TYR U 160 -0.37 -24.24 50.90
CA TYR U 160 -0.46 -25.17 49.79
C TYR U 160 -0.18 -26.59 50.28
N SER U 161 -0.18 -27.53 49.33
CA SER U 161 0.25 -28.89 49.61
C SER U 161 1.52 -29.29 48.86
N SER U 162 1.88 -28.56 47.82
CA SER U 162 3.12 -28.83 47.08
C SER U 162 3.58 -27.56 46.40
N ALA U 163 4.88 -27.51 46.09
CA ALA U 163 5.49 -26.37 45.42
C ALA U 163 6.47 -26.92 44.38
N ASN U 164 6.06 -26.90 43.11
CA ASN U 164 6.87 -27.45 42.03
C ASN U 164 6.59 -26.67 40.75
N ASN U 165 7.32 -27.03 39.70
CA ASN U 165 7.17 -26.42 38.38
C ASN U 165 7.21 -24.90 38.48
N CYS U 166 8.25 -24.39 39.11
CA CYS U 166 8.37 -22.97 39.44
C CYS U 166 9.22 -22.26 38.40
N THR U 167 8.77 -21.07 37.96
CA THR U 167 9.58 -20.28 37.00
C THR U 167 10.08 -18.97 37.65
N PHE U 168 9.37 -18.45 38.68
CA PHE U 168 9.86 -17.24 39.30
C PHE U 168 9.98 -17.42 40.81
N GLU U 169 11.06 -16.90 41.38
CA GLU U 169 11.27 -16.91 42.82
C GLU U 169 12.05 -15.66 43.20
N TYR U 170 11.74 -15.11 44.37
CA TYR U 170 12.26 -13.80 44.71
C TYR U 170 12.08 -13.58 46.20
N VAL U 171 13.00 -12.80 46.78
CA VAL U 171 12.96 -12.42 48.19
C VAL U 171 13.33 -10.95 48.28
N SER U 172 12.52 -10.17 49.00
CA SER U 172 12.72 -8.73 49.07
C SER U 172 12.38 -8.24 50.47
N GLN U 173 12.33 -6.92 50.63
CA GLN U 173 12.04 -6.32 51.92
C GLN U 173 10.58 -6.50 52.27
N PRO U 174 10.26 -6.63 53.57
CA PRO U 174 8.88 -6.91 53.98
C PRO U 174 7.85 -5.94 53.42
N PHE U 175 6.84 -6.48 52.73
CA PHE U 175 5.73 -5.67 52.27
C PHE U 175 4.97 -5.09 53.44
N LEU U 176 4.40 -5.96 54.27
CA LEU U 176 3.57 -5.56 55.39
C LEU U 176 4.46 -5.15 56.56
N MET U 177 4.88 -3.89 56.54
CA MET U 177 5.62 -3.30 57.65
C MET U 177 4.64 -2.66 58.61
N ASP U 178 4.55 -3.21 59.83
CA ASP U 178 3.68 -2.69 60.87
C ASP U 178 4.55 -2.04 61.94
N LEU U 179 4.49 -0.71 62.01
CA LEU U 179 5.31 0.12 62.88
C LEU U 179 4.52 0.64 64.07
N GLU U 180 3.71 -0.24 64.69
CA GLU U 180 2.55 0.16 65.49
C GLU U 180 2.82 1.34 66.41
N GLY U 181 3.65 1.14 67.44
CA GLY U 181 4.27 2.23 68.18
C GLY U 181 3.38 3.39 68.61
N LYS U 182 2.06 3.25 68.47
CA LYS U 182 1.16 4.37 68.73
C LYS U 182 -0.03 4.00 69.61
N GLN U 183 -0.55 2.77 69.47
CA GLN U 183 -1.67 2.28 70.28
C GLN U 183 -2.89 3.20 70.13
N GLY U 184 -3.43 3.22 68.93
CA GLY U 184 -4.41 4.21 68.55
C GLY U 184 -3.81 5.20 67.57
N ASN U 185 -4.69 5.81 66.77
CA ASN U 185 -4.29 6.67 65.66
C ASN U 185 -3.42 5.94 64.66
N PHE U 186 -3.42 4.61 64.71
CA PHE U 186 -2.49 3.75 63.99
C PHE U 186 -3.28 2.54 63.51
N LYS U 187 -2.62 1.40 63.36
CA LYS U 187 -3.08 0.24 62.60
C LYS U 187 -2.95 0.56 61.13
N ASN U 188 -1.77 1.07 60.73
CA ASN U 188 -1.54 1.74 59.46
C ASN U 188 -2.33 1.12 58.33
N LEU U 189 -3.13 1.93 57.67
CA LEU U 189 -3.79 1.47 56.46
C LEU U 189 -2.70 1.14 55.45
N ARG U 190 -2.50 -0.14 55.19
CA ARG U 190 -1.53 -0.60 54.21
C ARG U 190 -2.28 -0.92 52.93
N GLU U 191 -2.01 -0.15 51.89
CA GLU U 191 -2.75 -0.25 50.65
C GLU U 191 -1.85 -0.78 49.55
N PHE U 192 -2.39 -1.70 48.75
CA PHE U 192 -1.64 -2.37 47.71
C PHE U 192 -2.53 -2.51 46.49
N VAL U 193 -2.10 -1.92 45.37
CA VAL U 193 -2.78 -2.13 44.10
C VAL U 193 -2.08 -3.27 43.37
N PHE U 194 -2.77 -4.40 43.24
CA PHE U 194 -2.29 -5.54 42.48
C PHE U 194 -2.80 -5.41 41.05
N LYS U 195 -1.87 -5.38 40.09
CA LYS U 195 -2.19 -5.00 38.73
C LYS U 195 -1.50 -5.98 37.78
N ASN U 196 -2.28 -6.81 37.09
CA ASN U 196 -1.72 -7.83 36.20
C ASN U 196 -1.66 -7.28 34.77
N ILE U 197 -0.67 -6.43 34.55
CA ILE U 197 -0.48 -5.81 33.24
C ILE U 197 0.31 -6.78 32.36
N ASP U 198 -0.35 -7.35 31.37
CA ASP U 198 0.23 -8.18 30.30
C ASP U 198 1.39 -9.06 30.78
N GLY U 199 1.09 -9.90 31.76
CA GLY U 199 2.08 -10.82 32.28
C GLY U 199 3.11 -10.17 33.19
N TYR U 200 2.72 -9.12 33.90
CA TYR U 200 3.61 -8.39 34.80
C TYR U 200 2.78 -7.97 36.00
N PHE U 201 2.97 -8.67 37.11
CA PHE U 201 2.33 -8.31 38.37
C PHE U 201 2.99 -7.07 38.94
N LYS U 202 2.26 -5.95 38.94
CA LYS U 202 2.76 -4.70 39.50
C LYS U 202 2.11 -4.49 40.84
N ILE U 203 2.93 -4.27 41.87
CA ILE U 203 2.45 -4.05 43.22
C ILE U 203 2.72 -2.61 43.61
N TYR U 204 1.75 -1.98 44.23
CA TYR U 204 1.87 -0.64 44.78
C TYR U 204 1.73 -0.74 46.29
N SER U 205 1.90 0.39 46.99
CA SER U 205 1.93 0.33 48.44
C SER U 205 1.72 1.70 49.03
N LYS U 206 1.26 1.71 50.28
CA LYS U 206 1.41 2.86 51.16
C LYS U 206 1.09 2.44 52.59
N HIS U 207 1.92 2.90 53.52
CA HIS U 207 1.66 2.78 54.96
C HIS U 207 1.10 4.12 55.42
N THR U 208 -0.16 4.14 55.84
CA THR U 208 -0.74 5.42 56.22
C THR U 208 -1.16 5.41 57.68
N PRO U 209 -0.84 6.48 58.43
CA PRO U 209 -1.31 6.56 59.81
C PRO U 209 -2.81 6.77 59.90
N ILE U 210 -3.57 5.69 59.69
CA ILE U 210 -5.02 5.78 59.72
C ILE U 210 -5.48 6.25 61.08
N ASN U 211 -6.38 7.24 61.10
CA ASN U 211 -6.87 7.83 62.32
C ASN U 211 -8.11 7.11 62.84
N LEU U 212 -9.07 6.83 61.97
CA LEU U 212 -10.31 6.19 62.38
C LEU U 212 -10.05 4.79 62.92
N VAL U 213 -11.10 4.18 63.49
CA VAL U 213 -10.96 2.84 64.04
C VAL U 213 -10.74 1.82 62.92
N ARG U 214 -11.73 1.67 62.03
CA ARG U 214 -11.56 0.74 60.92
C ARG U 214 -12.06 1.23 59.58
N ASP U 215 -12.81 2.32 59.50
CA ASP U 215 -13.34 2.78 58.22
C ASP U 215 -12.26 3.51 57.43
N LEU U 216 -12.38 3.44 56.10
CA LEU U 216 -11.45 4.10 55.21
C LEU U 216 -11.57 5.61 55.35
N PRO U 217 -10.54 6.32 55.80
CA PRO U 217 -10.63 7.77 55.92
C PRO U 217 -10.50 8.44 54.56
N GLN U 218 -10.83 9.73 54.53
CA GLN U 218 -10.87 10.49 53.28
C GLN U 218 -9.50 11.13 52.99
N GLY U 219 -8.51 10.27 52.83
CA GLY U 219 -7.16 10.71 52.52
C GLY U 219 -6.74 10.31 51.13
N PHE U 220 -5.75 11.01 50.58
CA PHE U 220 -5.25 10.74 49.24
C PHE U 220 -4.16 9.70 49.33
N SER U 221 -4.50 8.45 48.99
CA SER U 221 -3.56 7.35 49.00
C SER U 221 -2.77 7.36 47.70
N ALA U 222 -1.74 8.21 47.67
CA ALA U 222 -0.85 8.31 46.51
C ALA U 222 0.10 7.11 46.50
N LEU U 223 -0.46 5.96 46.13
CA LEU U 223 0.29 4.71 46.21
C LEU U 223 1.54 4.76 45.35
N GLU U 224 2.66 4.38 45.95
CA GLU U 224 3.97 4.21 45.34
C GLU U 224 4.22 2.74 45.04
N PRO U 225 4.73 2.40 43.85
CA PRO U 225 4.87 0.99 43.48
C PRO U 225 6.14 0.36 43.99
N LEU U 226 6.00 -0.88 44.47
CA LEU U 226 7.14 -1.62 44.98
C LEU U 226 7.90 -2.34 43.87
N VAL U 227 7.22 -3.24 43.15
CA VAL U 227 7.88 -4.13 42.20
C VAL U 227 6.99 -4.38 41.00
N ASP U 228 7.63 -4.74 39.89
CA ASP U 228 6.96 -5.18 38.66
C ASP U 228 7.58 -6.52 38.29
N LEU U 229 6.88 -7.61 38.60
CA LEU U 229 7.44 -8.96 38.43
C LEU U 229 6.88 -9.61 37.18
N PRO U 230 7.73 -10.13 36.29
CA PRO U 230 7.22 -10.80 35.08
C PRO U 230 6.57 -12.14 35.45
N ILE U 231 5.28 -12.26 35.13
CA ILE U 231 4.51 -13.46 35.42
C ILE U 231 4.23 -14.26 34.15
N GLY U 232 3.50 -13.66 33.20
CA GLY U 232 3.11 -14.33 31.98
C GLY U 232 1.79 -15.05 32.04
N ILE U 233 1.30 -15.32 33.26
CA ILE U 233 0.03 -16.00 33.44
C ILE U 233 -0.98 -14.95 33.87
N ASN U 234 -2.24 -15.17 33.50
CA ASN U 234 -3.33 -14.25 33.83
C ASN U 234 -3.98 -14.65 35.17
N ILE U 235 -3.73 -13.85 36.21
CA ILE U 235 -4.29 -14.16 37.52
C ILE U 235 -5.75 -13.73 37.57
N THR U 236 -6.65 -14.67 37.78
CA THR U 236 -8.07 -14.34 37.82
C THR U 236 -8.67 -14.39 39.21
N ARG U 237 -7.99 -14.98 40.18
CA ARG U 237 -8.50 -15.08 41.54
C ARG U 237 -7.36 -14.84 42.52
N PHE U 238 -7.71 -14.66 43.79
CA PHE U 238 -6.73 -14.58 44.86
C PHE U 238 -7.46 -14.74 46.19
N GLN U 239 -6.68 -14.81 47.26
CA GLN U 239 -7.21 -14.95 48.61
C GLN U 239 -6.11 -14.63 49.62
N THR U 240 -6.37 -13.69 50.53
CA THR U 240 -5.32 -13.30 51.45
C THR U 240 -5.07 -14.40 52.48
N LEU U 241 -3.89 -14.36 53.07
CA LEU U 241 -3.47 -15.34 54.06
C LEU U 241 -3.43 -14.69 55.44
N LEU U 242 -3.77 -15.49 56.45
CA LEU U 242 -3.86 -15.00 57.83
C LEU U 242 -2.88 -15.75 58.71
N ALA U 243 -2.24 -15.01 59.61
CA ALA U 243 -1.35 -15.60 60.60
C ALA U 243 -2.20 -16.13 61.74
N LEU U 244 -2.31 -17.45 61.84
CA LEU U 244 -3.08 -18.10 62.90
C LEU U 244 -2.11 -18.72 63.89
N HIS U 245 -2.32 -18.45 65.17
CA HIS U 245 -1.52 -19.02 66.25
C HIS U 245 -2.20 -20.27 66.79
N ARG U 246 -1.39 -21.29 67.08
CA ARG U 246 -1.93 -22.53 67.64
C ARG U 246 -2.31 -22.30 69.10
N SER U 247 -3.61 -22.32 69.39
CA SER U 247 -4.08 -22.14 70.75
C SER U 247 -3.73 -23.36 71.60
N TYR U 248 -4.04 -23.28 72.88
CA TYR U 248 -3.69 -24.29 73.87
C TYR U 248 -4.92 -25.13 74.20
N LEU U 249 -4.76 -26.01 75.20
CA LEU U 249 -5.92 -26.51 75.92
C LEU U 249 -6.63 -25.31 76.53
N THR U 250 -7.84 -25.01 76.04
CA THR U 250 -8.58 -23.82 76.46
C THR U 250 -9.75 -24.24 77.33
N PRO U 251 -9.61 -24.24 78.67
CA PRO U 251 -10.67 -24.63 79.59
C PRO U 251 -11.83 -23.65 79.60
N SER U 256 -5.97 -28.23 64.40
CA SER U 256 -6.48 -28.27 65.77
C SER U 256 -6.95 -26.89 66.22
N GLY U 257 -6.18 -26.26 67.10
CA GLY U 257 -6.51 -24.95 67.62
C GLY U 257 -5.80 -23.86 66.85
N TRP U 258 -6.57 -22.90 66.36
CA TRP U 258 -6.06 -21.80 65.56
C TRP U 258 -6.94 -20.58 65.80
N THR U 259 -6.95 -19.64 64.85
CA THR U 259 -7.78 -18.44 64.90
C THR U 259 -7.42 -17.53 66.07
N ALA U 260 -6.20 -16.98 66.06
CA ALA U 260 -5.81 -15.93 66.99
C ALA U 260 -6.02 -14.57 66.36
N GLY U 261 -6.40 -13.59 67.19
CA GLY U 261 -6.63 -12.24 66.72
C GLY U 261 -7.95 -12.10 65.98
N ALA U 262 -8.22 -10.88 65.53
CA ALA U 262 -9.39 -10.56 64.72
C ALA U 262 -8.94 -9.81 63.47
N ALA U 263 -9.50 -10.17 62.32
CA ALA U 263 -8.99 -9.69 61.03
C ALA U 263 -10.11 -9.04 60.23
N ALA U 264 -9.81 -7.88 59.65
CA ALA U 264 -10.74 -7.15 58.81
C ALA U 264 -9.96 -6.33 57.80
N TYR U 265 -10.35 -6.40 56.53
CA TYR U 265 -9.69 -5.64 55.46
C TYR U 265 -10.73 -5.23 54.44
N TYR U 266 -10.28 -4.57 53.37
CA TYR U 266 -11.17 -4.02 52.36
C TYR U 266 -10.66 -4.37 50.97
N VAL U 267 -11.57 -4.72 50.08
CA VAL U 267 -11.22 -5.11 48.71
C VAL U 267 -12.06 -4.28 47.75
N GLY U 268 -11.39 -3.56 46.85
CA GLY U 268 -12.04 -2.85 45.78
C GLY U 268 -11.48 -3.31 44.44
N TYR U 269 -12.20 -2.99 43.38
CA TYR U 269 -11.81 -3.39 42.04
C TYR U 269 -11.47 -2.17 41.20
N LEU U 270 -10.61 -2.38 40.21
CA LEU U 270 -10.12 -1.31 39.36
C LEU U 270 -10.90 -1.27 38.06
N GLN U 271 -10.95 -0.09 37.45
CA GLN U 271 -11.64 0.14 36.19
C GLN U 271 -10.79 1.07 35.34
N PRO U 272 -10.80 0.87 34.02
CA PRO U 272 -9.99 1.71 33.10
C PRO U 272 -10.66 3.04 32.79
N ARG U 273 -10.51 3.98 33.72
CA ARG U 273 -11.24 5.24 33.64
C ARG U 273 -10.27 6.40 33.83
N THR U 274 -10.56 7.51 33.15
CA THR U 274 -9.67 8.67 33.18
C THR U 274 -9.69 9.34 34.54
N PHE U 275 -8.53 9.78 34.99
CA PHE U 275 -8.39 10.53 36.22
C PHE U 275 -7.59 11.80 35.95
N LEU U 276 -7.80 12.81 36.78
CA LEU U 276 -6.94 13.98 36.83
C LEU U 276 -6.01 13.86 38.03
N LEU U 277 -4.77 14.29 37.84
CA LEU U 277 -3.73 14.11 38.85
C LEU U 277 -3.04 15.45 39.07
N LYS U 278 -3.30 16.07 40.21
CA LYS U 278 -2.65 17.33 40.57
C LYS U 278 -1.36 17.00 41.31
N TYR U 279 -0.24 17.14 40.61
CA TYR U 279 1.05 16.98 41.28
C TYR U 279 1.36 18.24 42.09
N ASN U 280 2.27 18.09 43.03
CA ASN U 280 2.66 19.19 43.91
C ASN U 280 4.03 19.70 43.51
N GLU U 281 4.52 20.70 44.25
CA GLU U 281 5.87 21.20 44.00
C GLU U 281 6.92 20.15 44.33
N ASN U 282 6.60 19.22 45.22
CA ASN U 282 7.43 18.06 45.48
C ASN U 282 7.07 16.86 44.63
N GLY U 283 6.23 17.06 43.62
CA GLY U 283 5.84 15.98 42.74
C GLY U 283 5.00 14.90 43.38
N THR U 284 4.21 15.26 44.39
CA THR U 284 3.28 14.32 45.00
C THR U 284 1.85 14.66 44.58
N ILE U 285 1.01 13.64 44.56
CA ILE U 285 -0.37 13.79 44.10
C ILE U 285 -1.23 14.20 45.27
N THR U 286 -1.87 15.36 45.16
CA THR U 286 -2.74 15.87 46.23
C THR U 286 -4.20 15.90 45.79
N ASP U 287 -4.52 16.59 44.70
CA ASP U 287 -5.88 16.54 44.17
C ASP U 287 -5.98 15.43 43.13
N ALA U 288 -7.13 14.76 43.12
CA ALA U 288 -7.42 13.76 42.10
C ALA U 288 -8.93 13.74 41.92
N VAL U 289 -9.39 14.18 40.75
CA VAL U 289 -10.81 14.19 40.44
C VAL U 289 -11.06 13.20 39.32
N ASP U 290 -12.13 12.42 39.45
CA ASP U 290 -12.49 11.45 38.43
C ASP U 290 -13.03 12.19 37.20
N CYS U 291 -13.25 11.43 36.13
CA CYS U 291 -13.87 11.96 34.92
C CYS U 291 -15.24 11.38 34.63
N ALA U 292 -15.47 10.11 34.96
CA ALA U 292 -16.77 9.47 34.78
C ALA U 292 -17.55 9.34 36.08
N LEU U 293 -17.37 10.29 37.01
CA LEU U 293 -18.05 10.21 38.30
C LEU U 293 -19.36 11.01 38.30
N ASP U 294 -19.27 12.31 38.07
CA ASP U 294 -20.44 13.18 38.11
C ASP U 294 -20.18 14.38 37.21
N PRO U 295 -21.22 15.16 36.87
CA PRO U 295 -21.01 16.29 35.96
C PRO U 295 -19.90 17.25 36.34
N LEU U 296 -19.78 17.60 37.63
CA LEU U 296 -18.72 18.50 38.07
C LEU U 296 -17.34 17.94 37.73
N SER U 297 -17.12 16.66 38.04
CA SER U 297 -15.84 16.04 37.73
C SER U 297 -15.62 15.92 36.23
N GLU U 298 -16.69 15.60 35.49
CA GLU U 298 -16.61 15.61 34.03
C GLU U 298 -16.08 16.95 33.52
N THR U 299 -16.64 18.05 34.04
CA THR U 299 -16.23 19.38 33.61
C THR U 299 -14.78 19.65 34.00
N LYS U 300 -14.42 19.33 35.24
CA LYS U 300 -13.02 19.46 35.66
C LYS U 300 -12.09 18.73 34.71
N CYS U 301 -12.52 17.57 34.21
CA CYS U 301 -11.70 16.84 33.24
C CYS U 301 -11.72 17.51 31.86
N THR U 302 -12.83 18.13 31.49
CA THR U 302 -12.88 18.85 30.21
C THR U 302 -11.85 19.97 30.17
N LEU U 303 -11.83 20.81 31.22
CA LEU U 303 -10.82 21.85 31.31
C LEU U 303 -9.41 21.28 31.41
N LYS U 304 -9.29 20.00 31.79
CA LYS U 304 -8.07 19.21 31.75
C LYS U 304 -7.02 19.64 32.76
N SER U 305 -7.18 20.80 33.39
CA SER U 305 -6.24 21.16 34.45
C SER U 305 -6.91 21.52 35.77
N PHE U 306 -7.78 22.52 35.75
CA PHE U 306 -8.06 23.30 36.95
C PHE U 306 -9.44 22.97 37.52
N THR U 307 -9.78 23.69 38.59
CA THR U 307 -11.09 23.60 39.22
C THR U 307 -12.04 24.61 38.59
N VAL U 308 -13.27 24.18 38.33
CA VAL U 308 -14.20 24.96 37.53
C VAL U 308 -14.53 26.28 38.21
N GLU U 309 -14.82 27.30 37.39
CA GLU U 309 -15.30 28.59 37.86
C GLU U 309 -16.71 28.83 37.31
N LYS U 310 -17.21 30.04 37.56
CA LYS U 310 -18.54 30.44 37.10
C LYS U 310 -18.68 30.27 35.59
N GLY U 311 -19.82 29.75 35.16
CA GLY U 311 -20.15 29.74 33.75
C GLY U 311 -20.81 28.44 33.33
N ILE U 312 -20.81 28.24 32.01
CA ILE U 312 -21.35 27.05 31.37
C ILE U 312 -20.27 26.46 30.48
N TYR U 313 -20.13 25.15 30.48
CA TYR U 313 -19.07 24.46 29.74
C TYR U 313 -19.66 23.25 29.04
N GLN U 314 -19.56 23.22 27.71
CA GLN U 314 -19.96 22.04 26.97
C GLN U 314 -19.01 20.89 27.31
N THR U 315 -19.57 19.77 27.76
CA THR U 315 -18.76 18.67 28.29
C THR U 315 -18.80 17.44 27.40
N SER U 316 -19.99 16.90 27.11
CA SER U 316 -20.05 15.60 26.46
C SER U 316 -21.22 15.58 25.48
N ASN U 317 -21.53 14.37 24.98
CA ASN U 317 -22.57 14.18 23.98
C ASN U 317 -23.43 13.01 24.39
N PHE U 318 -24.64 13.29 24.88
CA PHE U 318 -25.60 12.24 25.13
C PHE U 318 -26.23 11.80 23.81
N ARG U 319 -26.58 10.52 23.73
CA ARG U 319 -27.27 10.00 22.56
C ARG U 319 -28.28 8.97 23.03
N VAL U 320 -29.53 9.11 22.60
CA VAL U 320 -30.51 8.06 22.82
C VAL U 320 -30.05 6.85 22.04
N GLN U 321 -29.57 5.83 22.75
CA GLN U 321 -29.03 4.65 22.09
C GLN U 321 -30.16 3.82 21.50
N PRO U 322 -29.90 3.11 20.40
CA PRO U 322 -30.94 2.26 19.82
C PRO U 322 -31.43 1.23 20.82
N THR U 323 -32.75 1.06 20.89
CA THR U 323 -33.33 0.11 21.83
C THR U 323 -32.89 -1.31 21.51
N GLU U 324 -32.84 -1.66 20.23
CA GLU U 324 -32.45 -2.99 19.78
C GLU U 324 -32.07 -2.89 18.30
N SER U 325 -31.92 -4.05 17.65
CA SER U 325 -31.59 -4.12 16.24
C SER U 325 -32.62 -4.98 15.52
N ILE U 326 -33.32 -4.39 14.56
CA ILE U 326 -34.33 -5.09 13.77
C ILE U 326 -33.66 -5.71 12.56
N VAL U 327 -33.76 -7.03 12.43
CA VAL U 327 -33.23 -7.77 11.29
C VAL U 327 -34.40 -8.27 10.45
N ARG U 328 -34.40 -7.93 9.16
CA ARG U 328 -35.53 -8.33 8.28
C ARG U 328 -35.01 -8.72 6.89
N PHE U 329 -34.88 -10.03 6.63
CA PHE U 329 -34.50 -10.55 5.34
C PHE U 329 -35.70 -11.19 4.66
N PRO U 330 -35.68 -11.33 3.35
CA PRO U 330 -36.79 -12.02 2.68
C PRO U 330 -36.51 -13.51 2.53
N ASN U 331 -37.57 -14.24 2.15
CA ASN U 331 -37.40 -15.67 1.78
C ASN U 331 -36.56 -15.72 0.48
N ILE U 332 -36.04 -14.56 0.06
CA ILE U 332 -35.17 -14.32 -1.14
C ILE U 332 -35.94 -14.45 -2.46
N THR U 333 -36.45 -15.66 -2.74
CA THR U 333 -37.14 -15.96 -3.98
C THR U 333 -38.61 -16.25 -3.71
N ASN U 334 -39.47 -15.77 -4.62
CA ASN U 334 -40.89 -15.60 -4.34
C ASN U 334 -41.57 -16.90 -3.93
N LEU U 335 -41.59 -17.89 -4.81
CA LEU U 335 -42.36 -19.10 -4.52
C LEU U 335 -41.99 -20.21 -5.51
N CYS U 336 -42.04 -21.44 -5.03
CA CYS U 336 -41.85 -22.65 -5.81
C CYS U 336 -42.96 -23.63 -5.50
N PRO U 337 -43.28 -24.54 -6.45
CA PRO U 337 -44.40 -25.48 -6.25
C PRO U 337 -44.00 -26.79 -5.56
N PHE U 338 -43.38 -26.68 -4.39
CA PHE U 338 -43.09 -27.87 -3.59
C PHE U 338 -44.36 -28.65 -3.29
N GLY U 339 -45.45 -27.94 -3.00
CA GLY U 339 -46.73 -28.58 -2.75
C GLY U 339 -47.19 -29.49 -3.87
N GLU U 340 -46.61 -29.35 -5.06
CA GLU U 340 -46.89 -30.26 -6.16
C GLU U 340 -45.77 -31.25 -6.43
N VAL U 341 -44.54 -30.93 -6.04
CA VAL U 341 -43.46 -31.92 -6.13
C VAL U 341 -43.70 -33.03 -5.13
N PHE U 342 -44.32 -32.72 -3.99
CA PHE U 342 -44.61 -33.71 -2.96
C PHE U 342 -46.01 -34.29 -3.16
N ASN U 343 -47.03 -33.44 -3.14
CA ASN U 343 -48.42 -33.88 -3.25
C ASN U 343 -48.85 -33.94 -4.72
N ALA U 344 -48.15 -34.77 -5.47
CA ALA U 344 -48.46 -34.99 -6.87
C ALA U 344 -49.44 -36.15 -7.02
N THR U 345 -50.26 -36.07 -8.08
CA THR U 345 -51.20 -37.16 -8.34
C THR U 345 -50.49 -38.43 -8.75
N ARG U 346 -49.31 -38.31 -9.38
CA ARG U 346 -48.51 -39.45 -9.78
C ARG U 346 -47.04 -39.10 -9.62
N PHE U 347 -46.22 -40.13 -9.44
CA PHE U 347 -44.78 -40.01 -9.39
C PHE U 347 -44.18 -40.83 -10.52
N ALA U 348 -42.86 -40.89 -10.57
CA ALA U 348 -42.15 -41.62 -11.61
C ALA U 348 -41.63 -42.95 -11.09
N SER U 349 -41.07 -43.73 -12.01
CA SER U 349 -40.32 -44.92 -11.64
C SER U 349 -39.02 -44.51 -10.95
N VAL U 350 -38.34 -45.50 -10.37
CA VAL U 350 -37.03 -45.22 -9.78
C VAL U 350 -35.88 -45.62 -10.72
N TYR U 351 -36.10 -46.55 -11.63
CA TYR U 351 -35.14 -46.74 -12.72
C TYR U 351 -35.07 -45.49 -13.59
N ALA U 352 -36.19 -44.78 -13.72
CA ALA U 352 -36.26 -43.51 -14.43
C ALA U 352 -37.00 -42.53 -13.52
N TRP U 353 -36.25 -41.88 -12.62
CA TRP U 353 -36.85 -40.94 -11.68
C TRP U 353 -36.80 -39.53 -12.24
N ASN U 354 -37.63 -38.66 -11.67
CA ASN U 354 -37.74 -37.29 -12.14
C ASN U 354 -36.72 -36.41 -11.42
N ARG U 355 -35.99 -35.62 -12.21
CA ARG U 355 -34.99 -34.68 -11.68
C ARG U 355 -35.59 -33.28 -11.77
N LYS U 356 -36.34 -32.93 -10.72
CA LYS U 356 -37.00 -31.63 -10.66
C LYS U 356 -36.02 -30.63 -10.06
N ARG U 357 -35.45 -29.77 -10.90
CA ARG U 357 -34.53 -28.75 -10.43
C ARG U 357 -35.35 -27.54 -9.95
N ILE U 358 -35.38 -27.31 -8.65
CA ILE U 358 -36.12 -26.22 -8.05
C ILE U 358 -35.17 -25.08 -7.75
N SER U 359 -35.45 -23.97 -8.41
CA SER U 359 -34.83 -22.66 -8.16
C SER U 359 -35.97 -21.66 -7.89
N ASN U 360 -35.64 -20.51 -7.31
CA ASN U 360 -36.60 -19.44 -7.10
C ASN U 360 -37.79 -19.93 -6.25
N CYS U 361 -37.50 -20.26 -4.99
CA CYS U 361 -38.48 -20.88 -4.11
C CYS U 361 -38.65 -20.14 -2.79
N VAL U 362 -39.86 -20.27 -2.25
CA VAL U 362 -40.30 -19.67 -0.99
C VAL U 362 -39.88 -20.54 0.18
N ALA U 363 -40.03 -20.02 1.41
CA ALA U 363 -39.85 -20.78 2.63
C ALA U 363 -40.84 -21.96 2.67
N ASP U 364 -40.33 -23.17 2.49
CA ASP U 364 -41.19 -24.34 2.49
C ASP U 364 -40.72 -25.50 3.35
N TYR U 365 -39.48 -25.49 3.85
CA TYR U 365 -39.07 -26.50 4.82
C TYR U 365 -40.01 -26.52 6.02
N SER U 366 -40.43 -25.32 6.46
CA SER U 366 -41.43 -25.22 7.52
C SER U 366 -42.68 -26.01 7.17
N VAL U 367 -43.17 -25.85 5.93
CA VAL U 367 -44.33 -26.62 5.50
C VAL U 367 -44.01 -28.12 5.49
N LEU U 368 -42.79 -28.47 5.10
CA LEU U 368 -42.38 -29.88 5.14
C LEU U 368 -42.40 -30.42 6.56
N TYR U 369 -42.26 -29.56 7.56
CA TYR U 369 -42.43 -29.98 8.95
C TYR U 369 -43.89 -29.96 9.37
N ASN U 370 -44.67 -29.04 8.81
CA ASN U 370 -46.10 -28.96 9.10
C ASN U 370 -46.86 -30.17 8.57
N SER U 371 -46.33 -30.85 7.55
CA SER U 371 -46.96 -32.07 7.06
C SER U 371 -46.99 -33.14 8.14
N ALA U 372 -45.81 -33.50 8.66
CA ALA U 372 -45.68 -34.47 9.76
C ALA U 372 -46.34 -35.80 9.41
N SER U 373 -46.21 -36.23 8.16
CA SER U 373 -46.78 -37.48 7.70
C SER U 373 -45.79 -38.37 6.96
N PHE U 374 -44.63 -37.86 6.58
CA PHE U 374 -43.65 -38.66 5.85
C PHE U 374 -43.07 -39.72 6.78
N SER U 375 -43.20 -40.99 6.38
CA SER U 375 -42.68 -42.08 7.19
C SER U 375 -41.17 -42.00 7.34
N THR U 376 -40.45 -42.07 6.21
CA THR U 376 -39.00 -41.98 6.20
C THR U 376 -38.61 -40.55 5.85
N PHE U 377 -38.71 -39.66 6.85
CA PHE U 377 -38.31 -38.27 6.68
C PHE U 377 -36.93 -38.10 7.32
N LYS U 378 -35.91 -38.50 6.57
CA LYS U 378 -34.52 -38.41 7.03
C LYS U 378 -33.84 -37.28 6.27
N CYS U 379 -32.89 -36.62 6.93
CA CYS U 379 -32.32 -35.44 6.31
C CYS U 379 -30.85 -35.39 6.65
N TYR U 380 -30.01 -35.21 5.64
CA TYR U 380 -28.59 -35.49 5.71
C TYR U 380 -27.75 -34.23 5.57
N GLY U 381 -26.43 -34.40 5.69
CA GLY U 381 -25.50 -33.28 5.73
C GLY U 381 -25.49 -32.66 7.10
N VAL U 382 -26.56 -31.95 7.44
CA VAL U 382 -26.80 -31.45 8.79
C VAL U 382 -28.30 -31.59 9.04
N SER U 383 -28.67 -31.57 10.33
CA SER U 383 -30.04 -31.80 10.75
C SER U 383 -31.02 -30.92 9.98
N PRO U 384 -32.21 -31.43 9.65
CA PRO U 384 -33.10 -30.72 8.71
C PRO U 384 -33.40 -29.28 9.09
N THR U 385 -33.68 -29.01 10.37
CA THR U 385 -34.10 -27.68 10.78
C THR U 385 -33.04 -26.62 10.48
N LYS U 386 -31.77 -26.97 10.57
CA LYS U 386 -30.71 -26.02 10.29
C LYS U 386 -30.55 -25.73 8.80
N LEU U 387 -31.23 -26.47 7.93
CA LEU U 387 -31.34 -26.11 6.53
C LEU U 387 -32.54 -25.24 6.25
N ASN U 388 -33.23 -24.77 7.29
CA ASN U 388 -34.46 -23.99 7.11
C ASN U 388 -34.20 -22.72 6.34
N ASP U 389 -33.34 -21.86 6.87
CA ASP U 389 -33.04 -20.58 6.24
C ASP U 389 -31.80 -20.61 5.37
N LEU U 390 -31.03 -21.71 5.41
CA LEU U 390 -29.94 -21.90 4.46
C LEU U 390 -30.50 -22.09 3.05
N CYS U 391 -29.93 -21.36 2.08
CA CYS U 391 -30.44 -21.42 0.69
C CYS U 391 -29.42 -21.98 -0.30
N PHE U 392 -29.81 -23.06 -0.99
CA PHE U 392 -29.09 -23.72 -2.06
C PHE U 392 -29.55 -23.11 -3.39
N THR U 393 -28.80 -23.40 -4.44
CA THR U 393 -29.12 -22.77 -5.72
C THR U 393 -30.15 -23.56 -6.51
N ASN U 394 -29.95 -24.88 -6.60
CA ASN U 394 -30.79 -25.75 -7.42
C ASN U 394 -31.05 -27.03 -6.63
N VAL U 395 -32.18 -27.06 -5.93
CA VAL U 395 -32.55 -28.24 -5.15
C VAL U 395 -33.08 -29.30 -6.10
N TYR U 396 -32.41 -30.44 -6.15
CA TYR U 396 -32.79 -31.50 -7.09
C TYR U 396 -33.73 -32.47 -6.38
N ALA U 397 -35.02 -32.33 -6.65
CA ALA U 397 -36.00 -33.32 -6.22
C ALA U 397 -35.86 -34.56 -7.08
N ASP U 398 -35.47 -35.67 -6.47
CA ASP U 398 -35.42 -36.96 -7.14
C ASP U 398 -36.73 -37.67 -6.81
N SER U 399 -37.65 -37.66 -7.76
CA SER U 399 -39.02 -38.09 -7.54
C SER U 399 -39.21 -39.50 -8.10
N PHE U 400 -39.70 -40.42 -7.26
CA PHE U 400 -39.94 -41.78 -7.70
C PHE U 400 -40.85 -42.48 -6.69
N VAL U 401 -41.11 -43.76 -6.94
CA VAL U 401 -41.86 -44.62 -6.02
C VAL U 401 -41.08 -45.93 -5.87
N ILE U 402 -40.85 -46.35 -4.63
CA ILE U 402 -40.14 -47.59 -4.37
C ILE U 402 -40.92 -48.40 -3.35
N ARG U 403 -40.35 -49.51 -2.88
CA ARG U 403 -40.97 -50.32 -1.85
C ARG U 403 -40.39 -49.99 -0.47
N GLY U 404 -41.15 -50.37 0.56
CA GLY U 404 -40.70 -50.17 1.93
C GLY U 404 -39.42 -50.91 2.26
N ASP U 405 -39.11 -51.98 1.52
CA ASP U 405 -37.83 -52.63 1.61
C ASP U 405 -36.83 -52.13 0.58
N GLU U 406 -37.32 -51.51 -0.50
CA GLU U 406 -36.44 -50.88 -1.48
C GLU U 406 -35.88 -49.56 -0.97
N VAL U 407 -36.55 -48.92 -0.01
CA VAL U 407 -36.00 -47.71 0.60
C VAL U 407 -34.91 -48.06 1.61
N ARG U 408 -34.81 -49.34 1.95
CA ARG U 408 -33.72 -49.81 2.85
C ARG U 408 -32.40 -49.59 2.11
N GLN U 409 -32.38 -49.93 0.81
CA GLN U 409 -31.19 -49.72 -0.02
C GLN U 409 -30.95 -48.25 -0.31
N ILE U 410 -32.00 -47.45 -0.38
CA ILE U 410 -31.89 -46.03 -0.74
C ILE U 410 -31.41 -45.29 0.50
N ALA U 411 -30.13 -44.91 0.50
CA ALA U 411 -29.50 -44.10 1.53
C ALA U 411 -28.15 -43.61 1.00
N PRO U 412 -27.67 -42.44 1.44
CA PRO U 412 -26.39 -41.94 0.95
C PRO U 412 -25.24 -42.94 1.10
N GLY U 413 -24.72 -43.41 -0.02
CA GLY U 413 -23.59 -44.30 -0.03
C GLY U 413 -23.91 -45.77 0.05
N GLN U 414 -25.19 -46.15 0.07
CA GLN U 414 -25.58 -47.55 0.19
C GLN U 414 -25.85 -48.15 -1.19
N THR U 415 -25.85 -49.48 -1.23
CA THR U 415 -26.05 -50.26 -2.45
C THR U 415 -27.41 -50.95 -2.40
N GLY U 416 -27.69 -51.77 -3.41
CA GLY U 416 -28.96 -52.45 -3.55
C GLY U 416 -29.51 -52.28 -4.95
N LYS U 417 -30.47 -53.13 -5.33
CA LYS U 417 -30.99 -53.09 -6.70
C LYS U 417 -31.50 -51.70 -7.06
N ILE U 418 -32.20 -51.05 -6.14
CA ILE U 418 -32.68 -49.70 -6.39
C ILE U 418 -31.56 -48.68 -6.24
N ALA U 419 -30.59 -48.95 -5.37
CA ALA U 419 -29.46 -48.06 -5.16
C ALA U 419 -28.29 -48.33 -6.10
N ASP U 420 -28.40 -49.32 -6.98
CA ASP U 420 -27.33 -49.64 -7.91
C ASP U 420 -27.75 -49.62 -9.37
N TYR U 421 -28.99 -49.98 -9.68
CA TYR U 421 -29.47 -49.96 -11.06
C TYR U 421 -30.59 -48.97 -11.29
N ASN U 422 -31.13 -48.36 -10.24
CA ASN U 422 -32.25 -47.43 -10.35
C ASN U 422 -31.87 -46.03 -9.93
N TYR U 423 -31.38 -45.85 -8.70
CA TYR U 423 -31.09 -44.52 -8.18
C TYR U 423 -30.03 -44.66 -7.08
N LYS U 424 -28.78 -44.35 -7.43
CA LYS U 424 -27.68 -44.42 -6.48
C LYS U 424 -27.53 -43.11 -5.73
N LEU U 425 -27.31 -43.20 -4.42
CA LEU U 425 -27.11 -42.03 -3.58
C LEU U 425 -25.65 -41.94 -3.18
N PRO U 426 -24.96 -40.85 -3.52
CA PRO U 426 -23.56 -40.71 -3.09
C PRO U 426 -23.46 -40.54 -1.59
N ASP U 427 -22.32 -40.96 -1.05
CA ASP U 427 -22.09 -40.84 0.39
C ASP U 427 -22.19 -39.39 0.86
N ASP U 428 -21.44 -38.50 0.22
CA ASP U 428 -21.55 -37.08 0.51
C ASP U 428 -22.91 -36.57 0.06
N PHE U 429 -23.79 -36.29 1.01
CA PHE U 429 -25.18 -35.91 0.72
C PHE U 429 -25.61 -34.85 1.71
N THR U 430 -25.82 -33.63 1.20
CA THR U 430 -26.39 -32.55 1.99
C THR U 430 -27.88 -32.37 1.71
N GLY U 431 -28.51 -33.35 1.10
CA GLY U 431 -29.92 -33.29 0.74
C GLY U 431 -30.81 -33.80 1.85
N CYS U 432 -31.95 -34.37 1.45
CA CYS U 432 -32.99 -34.70 2.42
C CYS U 432 -33.91 -35.74 1.78
N VAL U 433 -33.88 -36.97 2.28
CA VAL U 433 -34.69 -38.06 1.74
C VAL U 433 -36.05 -38.03 2.42
N ILE U 434 -37.12 -37.93 1.61
CA ILE U 434 -38.47 -37.76 2.11
C ILE U 434 -39.32 -38.84 1.46
N ALA U 435 -39.55 -39.93 2.18
CA ALA U 435 -40.37 -41.04 1.72
C ALA U 435 -41.62 -41.14 2.57
N TRP U 436 -42.75 -41.46 1.94
CA TRP U 436 -43.99 -41.66 2.67
C TRP U 436 -44.81 -42.74 2.00
N ASN U 437 -45.45 -43.57 2.82
CA ASN U 437 -46.26 -44.67 2.30
C ASN U 437 -47.41 -44.12 1.46
N SER U 438 -47.46 -44.54 0.21
CA SER U 438 -48.50 -44.10 -0.72
C SER U 438 -49.23 -45.30 -1.32
N ASN U 439 -49.59 -46.27 -0.47
CA ASN U 439 -50.31 -47.43 -0.95
C ASN U 439 -51.69 -47.07 -1.48
N ASN U 440 -52.33 -46.06 -0.87
CA ASN U 440 -53.64 -45.64 -1.35
C ASN U 440 -53.56 -44.99 -2.73
N LEU U 441 -52.52 -44.20 -2.97
CA LEU U 441 -52.41 -43.44 -4.20
C LEU U 441 -51.78 -44.25 -5.33
N ASP U 442 -50.56 -44.75 -5.11
CA ASP U 442 -49.87 -45.51 -6.15
C ASP U 442 -50.63 -46.79 -6.49
N SER U 443 -50.73 -47.71 -5.52
CA SER U 443 -51.36 -48.98 -5.79
C SER U 443 -52.84 -48.82 -6.08
N LYS U 444 -53.31 -49.54 -7.08
CA LYS U 444 -54.72 -49.65 -7.42
C LYS U 444 -55.09 -51.13 -7.47
N VAL U 445 -56.40 -51.38 -7.55
CA VAL U 445 -56.89 -52.76 -7.55
C VAL U 445 -56.31 -53.51 -8.75
N GLY U 446 -55.64 -54.64 -8.47
CA GLY U 446 -55.03 -55.48 -9.48
C GLY U 446 -53.52 -55.38 -9.52
N GLY U 447 -52.96 -54.25 -9.12
CA GLY U 447 -51.52 -54.05 -9.16
C GLY U 447 -51.11 -52.88 -10.02
N ASN U 448 -50.49 -51.87 -9.40
CA ASN U 448 -50.06 -50.68 -10.12
C ASN U 448 -48.74 -50.96 -10.80
N TYR U 449 -48.81 -51.30 -12.09
CA TYR U 449 -47.62 -51.60 -12.89
C TYR U 449 -47.20 -50.43 -13.77
N ASN U 450 -47.75 -49.24 -13.54
CA ASN U 450 -47.35 -48.08 -14.31
C ASN U 450 -45.89 -47.73 -14.07
N TYR U 451 -45.40 -47.93 -12.85
CA TYR U 451 -43.98 -47.77 -12.55
C TYR U 451 -43.24 -49.07 -12.82
N LEU U 452 -41.99 -48.95 -13.24
CA LEU U 452 -41.11 -50.09 -13.46
C LEU U 452 -39.82 -49.85 -12.70
N TYR U 453 -38.98 -50.88 -12.63
CA TYR U 453 -37.70 -50.75 -11.94
C TYR U 453 -36.67 -51.62 -12.62
N ARG U 454 -35.40 -51.23 -12.47
CA ARG U 454 -34.29 -51.93 -13.09
C ARG U 454 -33.74 -52.92 -12.07
N LEU U 455 -34.19 -54.17 -12.16
CA LEU U 455 -33.70 -55.21 -11.26
C LEU U 455 -32.23 -55.52 -11.52
N PHE U 456 -31.82 -55.51 -12.79
CA PHE U 456 -30.42 -55.72 -13.16
C PHE U 456 -30.06 -54.81 -14.31
N ARG U 457 -28.79 -54.42 -14.37
CA ARG U 457 -28.31 -53.45 -15.34
C ARG U 457 -27.01 -53.95 -15.94
N LYS U 458 -26.62 -53.33 -17.06
CA LYS U 458 -25.33 -53.64 -17.68
C LYS U 458 -24.19 -53.37 -16.71
N SER U 459 -24.31 -52.32 -15.91
CA SER U 459 -23.26 -51.94 -14.96
C SER U 459 -23.92 -51.24 -13.77
N ASN U 460 -23.09 -50.56 -12.96
CA ASN U 460 -23.57 -49.84 -11.79
C ASN U 460 -23.90 -48.40 -12.14
N LEU U 461 -24.65 -47.75 -11.26
CA LEU U 461 -25.14 -46.40 -11.50
C LEU U 461 -24.23 -45.38 -10.85
N LYS U 462 -24.13 -44.18 -11.48
CA LYS U 462 -23.26 -43.08 -11.08
C LYS U 462 -24.02 -42.08 -10.20
N PRO U 463 -23.32 -41.39 -9.28
CA PRO U 463 -24.01 -40.53 -8.30
C PRO U 463 -25.04 -39.59 -8.91
N PHE U 464 -26.29 -39.74 -8.48
CA PHE U 464 -27.40 -38.89 -8.90
C PHE U 464 -27.66 -39.00 -10.40
N GLU U 465 -27.85 -40.24 -10.86
CA GLU U 465 -28.17 -40.52 -12.25
C GLU U 465 -29.23 -41.62 -12.31
N ARG U 466 -29.59 -42.02 -13.52
CA ARG U 466 -30.58 -43.05 -13.74
C ARG U 466 -30.26 -43.77 -15.04
N ASP U 467 -31.09 -44.75 -15.38
CA ASP U 467 -30.93 -45.52 -16.62
C ASP U 467 -32.31 -45.78 -17.20
N ILE U 468 -32.63 -45.11 -18.31
CA ILE U 468 -33.87 -45.36 -19.05
C ILE U 468 -33.63 -46.28 -20.23
N SER U 469 -32.39 -46.71 -20.47
CA SER U 469 -32.06 -47.51 -21.64
C SER U 469 -32.77 -48.85 -21.61
N THR U 470 -33.76 -49.02 -22.48
CA THR U 470 -34.54 -50.25 -22.57
C THR U 470 -33.74 -51.37 -23.24
N GLU U 471 -32.55 -51.07 -23.77
CA GLU U 471 -31.71 -52.07 -24.41
C GLU U 471 -31.53 -53.29 -23.53
N ILE U 472 -31.96 -54.45 -24.05
CA ILE U 472 -31.95 -55.68 -23.27
C ILE U 472 -30.52 -56.05 -22.93
N TYR U 473 -30.22 -56.07 -21.63
CA TYR U 473 -28.87 -56.42 -21.20
C TYR U 473 -28.63 -57.91 -21.40
N GLN U 474 -27.36 -58.26 -21.63
CA GLN U 474 -26.97 -59.65 -21.83
C GLN U 474 -26.53 -60.21 -20.48
N ALA U 475 -27.44 -60.90 -19.81
CA ALA U 475 -27.13 -61.50 -18.51
C ALA U 475 -25.99 -62.51 -18.63
N GLY U 476 -25.89 -63.19 -19.78
CA GLY U 476 -24.82 -64.13 -20.01
C GLY U 476 -23.84 -63.67 -21.06
N SER U 477 -23.35 -64.59 -21.90
CA SER U 477 -22.35 -64.27 -22.90
C SER U 477 -22.91 -64.15 -24.30
N THR U 478 -23.75 -65.09 -24.73
CA THR U 478 -24.27 -65.05 -26.09
C THR U 478 -25.21 -63.86 -26.25
N PRO U 479 -25.10 -63.10 -27.34
CA PRO U 479 -25.85 -61.85 -27.45
C PRO U 479 -27.25 -62.07 -28.01
N CYS U 480 -28.08 -61.05 -27.82
CA CYS U 480 -29.42 -61.00 -28.41
C CYS U 480 -29.71 -59.70 -29.15
N ASN U 481 -29.01 -58.61 -28.85
CA ASN U 481 -29.08 -57.36 -29.60
C ASN U 481 -30.50 -56.80 -29.62
N GLY U 482 -30.96 -56.45 -28.42
CA GLY U 482 -32.27 -55.85 -28.26
C GLY U 482 -33.44 -56.80 -28.30
N VAL U 483 -33.20 -58.07 -28.67
CA VAL U 483 -34.24 -59.07 -28.70
C VAL U 483 -34.12 -59.91 -27.42
N GLU U 484 -35.17 -60.69 -27.13
CA GLU U 484 -35.20 -61.57 -25.98
C GLU U 484 -34.69 -62.97 -26.35
N GLY U 485 -34.31 -63.74 -25.33
CA GLY U 485 -33.80 -65.07 -25.56
C GLY U 485 -32.89 -65.49 -24.42
N PHE U 486 -31.97 -66.38 -24.75
CA PHE U 486 -31.09 -66.98 -23.77
C PHE U 486 -29.90 -66.08 -23.48
N ASN U 487 -29.49 -66.03 -22.21
CA ASN U 487 -28.43 -65.14 -21.73
C ASN U 487 -28.72 -63.69 -22.08
N CYS U 488 -29.99 -63.29 -21.94
CA CYS U 488 -30.40 -61.90 -22.08
C CYS U 488 -31.79 -61.70 -21.49
N TYR U 489 -31.95 -60.66 -20.68
CA TYR U 489 -33.20 -60.42 -19.96
C TYR U 489 -33.58 -58.95 -20.10
N PHE U 490 -34.88 -58.69 -19.99
CA PHE U 490 -35.37 -57.32 -20.10
C PHE U 490 -34.86 -56.50 -18.92
N PRO U 491 -34.33 -55.29 -19.17
CA PRO U 491 -33.80 -54.49 -18.06
C PRO U 491 -34.88 -53.97 -17.12
N LEU U 492 -36.10 -53.79 -17.60
CA LEU U 492 -37.18 -53.26 -16.79
C LEU U 492 -38.06 -54.40 -16.28
N GLN U 493 -38.58 -54.22 -15.07
CA GLN U 493 -39.45 -55.19 -14.43
C GLN U 493 -40.59 -54.46 -13.74
N SER U 494 -41.76 -55.09 -13.73
CA SER U 494 -42.95 -54.47 -13.17
C SER U 494 -42.98 -54.66 -11.66
N TYR U 495 -43.33 -53.59 -10.96
CA TYR U 495 -43.48 -53.66 -9.51
C TYR U 495 -44.64 -54.56 -9.12
N GLY U 496 -44.59 -55.07 -7.89
CA GLY U 496 -45.80 -55.50 -7.23
C GLY U 496 -46.33 -54.37 -6.38
N PHE U 497 -47.26 -53.59 -6.93
CA PHE U 497 -47.89 -52.48 -6.22
C PHE U 497 -49.39 -52.76 -6.13
N GLN U 498 -49.76 -53.52 -5.11
CA GLN U 498 -51.15 -53.91 -4.89
C GLN U 498 -51.67 -53.29 -3.60
N PRO U 499 -52.98 -53.08 -3.48
CA PRO U 499 -53.51 -52.53 -2.23
C PRO U 499 -53.28 -53.41 -1.02
N THR U 500 -52.92 -54.68 -1.23
CA THR U 500 -52.61 -55.61 -0.15
C THR U 500 -51.12 -55.76 0.08
N ASN U 501 -50.30 -54.85 -0.46
CA ASN U 501 -48.87 -54.91 -0.25
C ASN U 501 -48.53 -54.66 1.21
N GLY U 502 -47.48 -55.32 1.69
CA GLY U 502 -47.08 -55.19 3.07
C GLY U 502 -46.48 -53.82 3.36
N VAL U 503 -46.35 -53.55 4.66
CA VAL U 503 -45.76 -52.28 5.09
C VAL U 503 -44.33 -52.16 4.58
N GLY U 504 -43.61 -53.28 4.50
CA GLY U 504 -42.32 -53.29 3.86
C GLY U 504 -42.35 -53.37 2.35
N TYR U 505 -43.55 -53.42 1.76
CA TYR U 505 -43.69 -53.49 0.31
C TYR U 505 -44.68 -52.48 -0.26
N GLN U 506 -45.43 -51.78 0.58
CA GLN U 506 -46.33 -50.75 0.12
C GLN U 506 -45.55 -49.72 -0.70
N PRO U 507 -46.13 -49.16 -1.76
CA PRO U 507 -45.40 -48.20 -2.58
C PRO U 507 -45.18 -46.87 -1.87
N TYR U 508 -43.94 -46.64 -1.45
CA TYR U 508 -43.56 -45.38 -0.83
C TYR U 508 -43.23 -44.37 -1.93
N ARG U 509 -43.98 -43.28 -1.96
CA ARG U 509 -43.61 -42.13 -2.79
C ARG U 509 -42.43 -41.44 -2.14
N VAL U 510 -41.33 -41.31 -2.88
CA VAL U 510 -40.07 -40.82 -2.33
C VAL U 510 -39.59 -39.66 -3.18
N VAL U 511 -39.45 -38.49 -2.56
CA VAL U 511 -38.77 -37.35 -3.15
C VAL U 511 -37.49 -37.14 -2.36
N VAL U 512 -36.37 -37.16 -3.06
CA VAL U 512 -35.05 -36.94 -2.46
C VAL U 512 -34.65 -35.53 -2.82
N LEU U 513 -34.89 -34.58 -1.90
CA LEU U 513 -34.51 -33.19 -2.11
C LEU U 513 -33.02 -33.05 -1.88
N SER U 514 -32.25 -33.38 -2.91
CA SER U 514 -30.80 -33.20 -2.85
C SER U 514 -30.52 -31.70 -2.89
N PHE U 515 -30.32 -31.12 -1.72
CA PHE U 515 -30.00 -29.71 -1.60
C PHE U 515 -28.60 -29.46 -2.12
N GLU U 516 -28.45 -28.58 -3.11
CA GLU U 516 -27.19 -28.37 -3.80
C GLU U 516 -26.75 -26.92 -3.63
N LEU U 517 -25.68 -26.71 -2.87
CA LEU U 517 -25.05 -25.40 -2.75
C LEU U 517 -24.01 -25.27 -3.86
N LEU U 518 -24.34 -24.52 -4.90
CA LEU U 518 -23.43 -24.26 -6.00
C LEU U 518 -22.96 -22.80 -5.94
N HIS U 519 -22.10 -22.44 -6.89
CA HIS U 519 -21.54 -21.09 -6.92
C HIS U 519 -22.52 -20.06 -7.46
N ALA U 520 -23.62 -20.50 -8.07
CA ALA U 520 -24.68 -19.58 -8.46
C ALA U 520 -25.29 -18.92 -7.22
N PRO U 521 -25.96 -17.78 -7.38
CA PRO U 521 -26.69 -17.19 -6.26
C PRO U 521 -27.68 -18.17 -5.64
N ALA U 522 -27.58 -18.36 -4.33
CA ALA U 522 -28.46 -19.26 -3.59
C ALA U 522 -29.91 -18.78 -3.65
N THR U 523 -30.77 -19.55 -4.30
CA THR U 523 -32.16 -19.14 -4.53
C THR U 523 -33.09 -19.64 -3.43
N VAL U 524 -33.10 -20.95 -3.18
CA VAL U 524 -34.15 -21.60 -2.40
C VAL U 524 -33.79 -21.54 -0.92
N CYS U 525 -34.29 -20.49 -0.25
CA CYS U 525 -34.09 -20.29 1.20
C CYS U 525 -35.39 -19.80 1.84
N GLY U 526 -35.54 -19.99 3.15
CA GLY U 526 -36.69 -19.56 3.90
C GLY U 526 -36.58 -18.15 4.40
N PRO U 527 -37.21 -17.87 5.55
CA PRO U 527 -37.31 -16.48 6.02
C PRO U 527 -35.96 -15.81 6.27
N LYS U 528 -34.86 -16.56 6.27
CA LYS U 528 -33.52 -16.00 6.48
C LYS U 528 -33.45 -15.26 7.81
N LYS U 529 -33.95 -15.90 8.86
CA LYS U 529 -33.90 -15.35 10.23
C LYS U 529 -34.55 -13.98 10.34
N SER U 530 -35.56 -13.73 9.51
CA SER U 530 -36.24 -12.43 9.49
C SER U 530 -37.14 -12.31 10.71
N THR U 531 -36.68 -11.55 11.70
CA THR U 531 -37.52 -11.29 12.87
C THR U 531 -38.62 -10.30 12.51
N ASN U 532 -39.66 -10.28 13.34
CA ASN U 532 -40.76 -9.35 13.15
C ASN U 532 -40.29 -7.92 13.38
N LEU U 533 -40.84 -7.01 12.60
CA LEU U 533 -40.53 -5.60 12.77
C LEU U 533 -41.26 -5.02 13.98
N VAL U 534 -40.57 -4.14 14.71
CA VAL U 534 -41.23 -3.28 15.68
C VAL U 534 -41.22 -1.86 15.11
N LYS U 535 -42.26 -1.11 15.41
CA LYS U 535 -42.45 0.22 14.88
C LYS U 535 -42.45 1.24 16.01
N ASN U 536 -42.06 2.47 15.66
CA ASN U 536 -41.98 3.58 16.62
C ASN U 536 -41.02 3.27 17.76
N LYS U 537 -39.77 2.99 17.37
CA LYS U 537 -38.72 2.66 18.33
C LYS U 537 -37.39 2.82 17.60
N CYS U 538 -36.61 3.86 17.94
CA CYS U 538 -35.33 4.14 17.22
C CYS U 538 -34.37 2.96 17.40
N VAL U 539 -34.11 2.21 16.32
CA VAL U 539 -33.36 0.96 16.36
C VAL U 539 -32.44 0.86 15.16
N ASN U 540 -31.70 -0.25 15.07
CA ASN U 540 -30.80 -0.54 13.96
C ASN U 540 -31.55 -1.48 13.02
N PHE U 541 -32.29 -0.89 12.09
CA PHE U 541 -33.03 -1.68 11.11
C PHE U 541 -32.05 -2.37 10.16
N ASN U 542 -32.25 -3.66 9.94
CA ASN U 542 -31.40 -4.45 9.06
C ASN U 542 -32.26 -4.86 7.88
N PHE U 543 -32.27 -4.03 6.83
CA PHE U 543 -33.18 -4.18 5.70
C PHE U 543 -32.36 -4.69 4.51
N ASN U 544 -32.25 -6.01 4.40
CA ASN U 544 -31.48 -6.67 3.35
C ASN U 544 -30.03 -6.19 3.37
N GLY U 545 -29.41 -6.33 4.54
CA GLY U 545 -28.06 -5.87 4.76
C GLY U 545 -27.92 -4.40 5.05
N LEU U 546 -28.92 -3.59 4.74
CA LEU U 546 -28.87 -2.16 5.00
C LEU U 546 -28.92 -1.90 6.50
N THR U 547 -27.79 -1.51 7.08
CA THR U 547 -27.72 -1.17 8.48
C THR U 547 -27.91 0.34 8.66
N GLY U 548 -28.64 0.70 9.70
CA GLY U 548 -28.91 2.10 9.98
C GLY U 548 -29.74 2.28 11.24
N THR U 549 -29.52 3.36 11.96
CA THR U 549 -30.18 3.60 13.23
C THR U 549 -31.12 4.80 13.12
N GLY U 550 -32.22 4.74 13.85
CA GLY U 550 -33.13 5.88 13.92
C GLY U 550 -34.53 5.44 14.27
N VAL U 551 -35.35 6.46 14.62
CA VAL U 551 -36.77 6.26 14.86
C VAL U 551 -37.42 5.80 13.56
N LEU U 552 -38.03 4.60 13.60
CA LEU U 552 -38.71 4.03 12.44
C LEU U 552 -40.21 4.28 12.59
N THR U 553 -40.70 5.32 11.92
CA THR U 553 -42.12 5.57 11.79
C THR U 553 -42.58 5.03 10.43
N GLU U 554 -43.82 5.34 10.05
CA GLU U 554 -44.32 4.96 8.73
C GLU U 554 -44.20 6.15 7.77
N SER U 555 -44.14 5.83 6.48
CA SER U 555 -43.96 6.83 5.43
C SER U 555 -45.17 6.89 4.52
N ASN U 556 -45.62 8.11 4.23
CA ASN U 556 -46.54 8.36 3.13
C ASN U 556 -45.82 8.65 1.82
N LYS U 557 -44.49 8.52 1.81
CA LYS U 557 -43.68 8.91 0.65
C LYS U 557 -43.88 7.88 -0.45
N LYS U 558 -44.38 8.34 -1.60
CA LYS U 558 -44.75 7.41 -2.67
C LYS U 558 -43.52 6.80 -3.31
N PHE U 559 -43.10 5.64 -2.80
CA PHE U 559 -42.05 4.86 -3.42
C PHE U 559 -42.66 4.05 -4.57
N LEU U 560 -42.41 4.48 -5.80
CA LEU U 560 -42.83 3.69 -6.95
C LEU U 560 -42.23 2.29 -6.84
N PRO U 561 -42.94 1.26 -7.34
CA PRO U 561 -42.58 -0.13 -7.02
C PRO U 561 -41.09 -0.46 -7.04
N PHE U 562 -40.34 0.20 -7.92
CA PHE U 562 -38.90 0.02 -7.96
C PHE U 562 -38.16 0.74 -6.84
N GLN U 563 -38.86 1.51 -6.00
CA GLN U 563 -38.24 2.25 -4.91
C GLN U 563 -38.45 1.48 -3.61
N GLN U 564 -37.40 0.81 -3.15
CA GLN U 564 -37.45 0.07 -1.89
C GLN U 564 -37.00 0.96 -0.74
N PHE U 565 -35.77 1.46 -0.80
CA PHE U 565 -35.24 2.37 0.20
C PHE U 565 -34.89 3.70 -0.45
N GLY U 566 -35.10 4.78 0.31
CA GLY U 566 -34.71 6.10 -0.15
C GLY U 566 -33.28 6.44 0.26
N ARG U 567 -32.88 7.67 -0.05
CA ARG U 567 -31.56 8.15 0.33
C ARG U 567 -31.62 9.65 0.58
N ASP U 568 -30.57 10.17 1.20
CA ASP U 568 -30.46 11.56 1.60
C ASP U 568 -29.27 12.21 0.89
N ILE U 569 -28.96 13.43 1.31
CA ILE U 569 -27.86 14.19 0.70
C ILE U 569 -26.49 13.70 1.16
N ALA U 570 -26.45 12.84 2.19
CA ALA U 570 -25.20 12.32 2.73
C ALA U 570 -25.12 10.80 2.60
N ASP U 571 -25.67 10.27 1.49
CA ASP U 571 -25.81 8.84 1.25
C ASP U 571 -26.29 8.11 2.52
N THR U 572 -27.37 8.61 3.10
CA THR U 572 -28.03 7.99 4.23
C THR U 572 -29.48 7.74 3.87
N THR U 573 -29.94 6.51 4.03
CA THR U 573 -31.33 6.19 3.74
C THR U 573 -32.26 6.99 4.65
N ASP U 574 -33.34 7.52 4.06
CA ASP U 574 -34.33 8.27 4.80
C ASP U 574 -35.68 7.58 4.90
N ALA U 575 -36.13 6.93 3.82
CA ALA U 575 -37.38 6.19 3.84
C ALA U 575 -37.12 4.79 3.29
N VAL U 576 -37.61 3.80 4.02
CA VAL U 576 -37.28 2.40 3.75
C VAL U 576 -38.55 1.60 3.52
N ARG U 577 -38.38 0.29 3.33
CA ARG U 577 -39.51 -0.60 3.06
C ARG U 577 -39.19 -1.99 3.61
N ASP U 578 -40.23 -2.81 3.69
CA ASP U 578 -40.23 -4.18 4.21
C ASP U 578 -39.79 -5.17 3.15
N PRO U 579 -38.92 -6.13 3.47
CA PRO U 579 -38.63 -7.21 2.52
C PRO U 579 -39.68 -8.32 2.51
N GLN U 580 -40.22 -8.69 3.67
CA GLN U 580 -41.11 -9.86 3.73
C GLN U 580 -42.53 -9.52 3.30
N THR U 581 -43.18 -8.58 4.00
CA THR U 581 -44.53 -8.12 3.67
C THR U 581 -44.43 -6.63 3.32
N LEU U 582 -44.28 -6.36 2.03
CA LEU U 582 -43.81 -5.07 1.53
C LEU U 582 -44.65 -3.91 2.08
N GLU U 583 -44.01 -3.05 2.88
CA GLU U 583 -44.66 -1.89 3.47
C GLU U 583 -43.62 -0.79 3.70
N ILE U 584 -44.02 0.47 3.50
CA ILE U 584 -43.12 1.61 3.51
C ILE U 584 -42.98 2.19 4.91
N LEU U 585 -41.87 2.87 5.16
CA LEU U 585 -41.52 3.38 6.48
C LEU U 585 -40.67 4.64 6.35
N ASP U 586 -40.74 5.50 7.36
CA ASP U 586 -39.91 6.69 7.49
C ASP U 586 -38.90 6.55 8.62
N ILE U 587 -37.84 7.35 8.54
CA ILE U 587 -36.76 7.34 9.52
C ILE U 587 -36.49 8.77 9.99
N THR U 588 -36.31 8.92 11.30
CA THR U 588 -35.75 10.14 11.88
C THR U 588 -34.74 9.73 12.95
N PRO U 589 -33.43 9.88 12.72
CA PRO U 589 -32.44 9.43 13.69
C PRO U 589 -32.70 9.99 15.08
N CYS U 590 -32.84 9.09 16.06
CA CYS U 590 -33.31 9.51 17.36
C CYS U 590 -32.23 10.29 18.10
N SER U 591 -32.66 10.92 19.20
CA SER U 591 -31.99 12.11 19.71
C SER U 591 -30.55 11.85 20.12
N PHE U 592 -29.63 12.58 19.49
CA PHE U 592 -28.34 12.91 20.05
C PHE U 592 -28.41 14.35 20.53
N GLY U 593 -27.45 14.74 21.34
CA GLY U 593 -27.47 16.09 21.87
C GLY U 593 -26.24 16.34 22.73
N GLY U 594 -26.03 17.62 23.00
CA GLY U 594 -24.92 18.02 23.83
C GLY U 594 -25.25 18.00 25.30
N VAL U 595 -24.22 17.83 26.11
CA VAL U 595 -24.34 17.84 27.56
C VAL U 595 -23.41 18.93 28.07
N SER U 596 -24.00 20.04 28.53
CA SER U 596 -23.25 21.20 28.99
C SER U 596 -23.54 21.43 30.46
N VAL U 597 -22.49 21.67 31.25
CA VAL U 597 -22.61 21.79 32.68
C VAL U 597 -22.62 23.27 33.05
N ILE U 598 -23.65 23.67 33.80
CA ILE U 598 -23.74 25.01 34.38
C ILE U 598 -23.31 24.93 35.83
N THR U 599 -22.32 25.76 36.19
CA THR U 599 -21.83 25.76 37.56
C THR U 599 -21.44 27.17 37.98
N PRO U 600 -21.80 27.56 39.20
CA PRO U 600 -21.04 28.62 39.86
C PRO U 600 -19.63 28.14 40.15
N GLY U 601 -18.79 29.03 40.64
CA GLY U 601 -17.43 28.65 40.97
C GLY U 601 -17.39 27.48 41.94
N THR U 602 -16.48 26.54 41.72
CA THR U 602 -16.37 25.39 42.61
C THR U 602 -16.16 25.82 44.06
N ASN U 603 -15.37 26.88 44.27
CA ASN U 603 -15.18 27.39 45.63
C ASN U 603 -16.50 27.89 46.21
N THR U 604 -17.36 28.48 45.37
CA THR U 604 -18.64 28.97 45.86
C THR U 604 -19.57 27.81 46.23
N SER U 605 -19.68 26.81 45.37
CA SER U 605 -20.52 25.65 45.64
C SER U 605 -20.13 24.53 44.69
N ASN U 606 -20.63 23.33 44.99
CA ASN U 606 -20.42 22.16 44.14
C ASN U 606 -21.70 21.70 43.47
N GLN U 607 -22.77 22.48 43.56
CA GLN U 607 -24.01 22.12 42.89
C GLN U 607 -23.90 22.39 41.39
N VAL U 608 -24.56 21.55 40.61
CA VAL U 608 -24.41 21.53 39.16
C VAL U 608 -25.79 21.53 38.53
N ALA U 609 -25.91 22.18 37.37
CA ALA U 609 -27.13 22.14 36.57
C ALA U 609 -26.77 21.60 35.19
N VAL U 610 -27.22 20.39 34.88
CA VAL U 610 -26.85 19.74 33.63
C VAL U 610 -27.88 20.11 32.58
N LEU U 611 -27.44 20.85 31.55
CA LEU U 611 -28.29 21.21 30.43
C LEU U 611 -28.05 20.22 29.30
N TYR U 612 -29.11 19.51 28.92
CA TYR U 612 -29.08 18.67 27.73
C TYR U 612 -29.62 19.49 26.57
N GLN U 613 -28.74 19.80 25.62
CA GLN U 613 -29.10 20.52 24.40
C GLN U 613 -29.45 19.54 23.30
N ASP U 614 -30.40 19.94 22.47
CA ASP U 614 -30.89 19.15 21.33
C ASP U 614 -31.50 17.83 21.82
N VAL U 615 -31.94 17.79 23.07
CA VAL U 615 -32.55 16.59 23.65
C VAL U 615 -33.62 17.04 24.63
N ASN U 616 -34.84 16.54 24.45
CA ASN U 616 -35.89 16.68 25.45
C ASN U 616 -35.73 15.55 26.44
N CYS U 617 -35.61 15.90 27.71
CA CYS U 617 -35.47 14.91 28.78
C CYS U 617 -36.73 14.12 29.06
N THR U 618 -37.74 14.24 28.20
CA THR U 618 -38.69 13.14 28.05
C THR U 618 -37.95 11.85 27.71
N GLU U 619 -36.84 11.97 26.98
CA GLU U 619 -36.07 10.81 26.56
C GLU U 619 -35.26 10.23 27.71
N VAL U 620 -34.35 11.02 28.28
CA VAL U 620 -33.40 10.51 29.27
C VAL U 620 -34.12 10.03 30.53
N ASN U 641 -36.91 18.62 39.84
CA ASN U 641 -36.14 19.82 39.54
C ASN U 641 -35.67 19.82 38.08
N VAL U 642 -36.45 19.19 37.21
CA VAL U 642 -36.19 19.19 35.78
C VAL U 642 -37.05 20.27 35.12
N PHE U 643 -36.44 21.10 34.29
CA PHE U 643 -37.12 22.22 33.66
C PHE U 643 -36.86 22.21 32.17
N GLN U 644 -37.91 22.34 31.37
CA GLN U 644 -37.77 22.35 29.92
C GLN U 644 -37.61 23.77 29.42
N THR U 645 -36.49 24.03 28.74
CA THR U 645 -36.22 25.29 28.07
C THR U 645 -36.48 25.12 26.58
N ARG U 646 -36.14 26.16 25.80
CA ARG U 646 -36.10 26.01 24.35
C ARG U 646 -34.71 25.66 23.85
N ALA U 647 -33.66 25.94 24.62
CA ALA U 647 -32.32 25.49 24.25
C ALA U 647 -32.16 23.99 24.46
N GLY U 648 -32.94 23.42 25.37
CA GLY U 648 -32.87 22.01 25.70
C GLY U 648 -33.68 21.76 26.95
N CYS U 649 -33.07 21.14 27.95
CA CYS U 649 -33.70 21.09 29.26
C CYS U 649 -32.64 20.94 30.35
N LEU U 650 -32.93 21.54 31.50
CA LEU U 650 -32.06 21.53 32.66
C LEU U 650 -32.48 20.45 33.64
N ILE U 651 -31.48 19.83 34.27
CA ILE U 651 -31.66 18.95 35.41
C ILE U 651 -30.82 19.50 36.55
N GLY U 652 -31.48 19.91 37.62
CA GLY U 652 -30.78 20.39 38.79
C GLY U 652 -31.01 21.85 39.10
N ALA U 653 -31.94 22.48 38.38
CA ALA U 653 -32.19 23.91 38.53
C ALA U 653 -33.69 24.16 38.60
N GLU U 654 -34.14 24.73 39.71
CA GLU U 654 -35.52 25.18 39.82
C GLU U 654 -35.72 26.41 38.96
N HIS U 655 -36.87 26.49 38.30
CA HIS U 655 -37.20 27.60 37.41
C HIS U 655 -37.98 28.65 38.16
N VAL U 656 -37.32 29.76 38.47
CA VAL U 656 -38.00 30.91 39.05
C VAL U 656 -38.59 31.77 37.94
N ASN U 657 -39.72 32.42 38.24
CA ASN U 657 -40.36 33.30 37.26
C ASN U 657 -39.87 34.75 37.37
N ASN U 658 -39.33 35.14 38.52
CA ASN U 658 -38.85 36.51 38.70
C ASN U 658 -37.60 36.73 37.85
N SER U 659 -37.71 37.59 36.84
CA SER U 659 -36.62 37.83 35.90
C SER U 659 -35.60 38.77 36.51
N TYR U 660 -34.38 38.27 36.72
CA TYR U 660 -33.26 39.06 37.19
C TYR U 660 -32.23 39.22 36.08
N GLU U 661 -31.30 40.14 36.29
CA GLU U 661 -30.16 40.24 35.39
C GLU U 661 -29.35 38.96 35.49
N CYS U 662 -29.05 38.35 34.36
CA CYS U 662 -28.60 36.97 34.33
C CYS U 662 -27.09 36.87 34.26
N ASP U 663 -26.56 35.81 34.85
CA ASP U 663 -25.13 35.58 34.99
C ASP U 663 -24.60 34.51 34.06
N ILE U 664 -25.22 33.33 34.05
CA ILE U 664 -24.78 32.22 33.22
C ILE U 664 -25.74 32.08 32.06
N PRO U 665 -25.41 32.59 30.87
CA PRO U 665 -26.34 32.49 29.74
C PRO U 665 -26.58 31.04 29.33
N ILE U 666 -27.78 30.55 29.55
CA ILE U 666 -28.11 29.18 29.16
C ILE U 666 -28.42 29.12 27.67
N GLY U 667 -29.23 30.05 27.19
CA GLY U 667 -29.61 30.05 25.79
C GLY U 667 -31.10 30.24 25.60
N ALA U 668 -31.50 30.60 24.38
CA ALA U 668 -32.90 30.87 24.06
C ALA U 668 -33.52 31.86 25.04
N GLY U 669 -32.73 32.85 25.44
CA GLY U 669 -33.19 33.89 26.34
C GLY U 669 -33.14 33.52 27.81
N ILE U 670 -32.91 32.26 28.15
CA ILE U 670 -32.94 31.80 29.53
C ILE U 670 -31.54 31.81 30.10
N CYS U 671 -31.43 32.19 31.37
CA CYS U 671 -30.17 32.26 32.09
C CYS U 671 -30.34 31.66 33.48
N ALA U 672 -29.21 31.24 34.07
CA ALA U 672 -29.19 30.68 35.41
C ALA U 672 -28.31 31.52 36.33
N SER U 673 -28.41 31.24 37.62
CA SER U 673 -27.61 31.93 38.63
C SER U 673 -27.72 31.17 39.95
N TYR U 674 -26.74 31.39 40.82
CA TYR U 674 -26.73 30.81 42.15
C TYR U 674 -27.45 31.75 43.10
N GLN U 675 -28.49 31.25 43.77
CA GLN U 675 -29.33 32.10 44.61
C GLN U 675 -30.17 31.21 45.51
N THR U 676 -30.59 31.76 46.64
CA THR U 676 -31.48 31.06 47.56
C THR U 676 -32.87 30.90 46.97
N SER U 689 -30.29 27.60 51.83
CA SER U 689 -31.13 27.04 50.77
C SER U 689 -30.59 27.42 49.39
N GLN U 690 -29.31 27.77 49.35
CA GLN U 690 -28.66 28.15 48.10
C GLN U 690 -28.82 27.05 47.06
N SER U 691 -29.20 27.46 45.84
CA SER U 691 -29.41 26.52 44.75
C SER U 691 -29.20 27.23 43.42
N ILE U 692 -29.10 26.44 42.37
CA ILE U 692 -29.03 26.97 41.02
C ILE U 692 -30.45 27.19 40.51
N ILE U 693 -30.74 28.40 40.05
CA ILE U 693 -32.07 28.75 39.57
C ILE U 693 -31.96 29.25 38.15
N ALA U 694 -32.97 28.94 37.35
CA ALA U 694 -33.07 29.38 35.96
C ALA U 694 -34.29 30.25 35.78
N TYR U 695 -34.18 31.22 34.88
CA TYR U 695 -35.27 32.15 34.60
C TYR U 695 -35.03 32.75 33.22
N THR U 696 -35.88 33.71 32.85
CA THR U 696 -35.73 34.45 31.61
C THR U 696 -34.98 35.74 31.89
N MET U 697 -34.23 36.20 30.89
CA MET U 697 -33.42 37.40 31.06
C MET U 697 -34.29 38.62 31.31
N SER U 698 -34.02 39.31 32.42
CA SER U 698 -34.56 40.65 32.59
C SER U 698 -33.72 41.59 31.74
N LEU U 699 -34.32 42.17 30.71
CA LEU U 699 -33.55 43.02 29.83
C LEU U 699 -33.18 44.34 30.47
N GLY U 700 -33.57 44.57 31.72
CA GLY U 700 -33.27 45.80 32.41
C GLY U 700 -34.46 46.33 33.17
N ALA U 701 -34.23 47.22 34.13
CA ALA U 701 -35.33 47.86 34.84
C ALA U 701 -36.18 48.65 33.87
N GLU U 702 -37.47 48.29 33.79
CA GLU U 702 -38.35 48.90 32.79
C GLU U 702 -38.66 50.34 33.18
N ASN U 703 -37.67 51.22 33.06
CA ASN U 703 -37.79 52.62 33.45
C ASN U 703 -38.51 53.37 32.35
N SER U 704 -39.79 53.67 32.56
CA SER U 704 -40.56 54.45 31.60
C SER U 704 -40.27 55.93 31.79
N VAL U 705 -39.69 56.57 30.78
CA VAL U 705 -39.36 57.99 30.85
C VAL U 705 -40.63 58.80 30.71
N ALA U 706 -40.89 59.68 31.68
CA ALA U 706 -42.11 60.48 31.71
C ALA U 706 -42.00 61.59 30.66
N TYR U 707 -42.30 61.23 29.42
CA TYR U 707 -42.29 62.20 28.34
C TYR U 707 -43.46 63.18 28.47
N SER U 708 -43.24 64.39 27.99
CA SER U 708 -44.28 65.41 27.93
C SER U 708 -43.92 66.41 26.85
N ASN U 709 -44.94 66.99 26.23
CA ASN U 709 -44.71 67.90 25.12
C ASN U 709 -44.10 69.22 25.53
N ASN U 710 -44.03 69.52 26.83
CA ASN U 710 -43.43 70.79 27.27
C ASN U 710 -42.57 70.64 28.53
N SER U 711 -42.14 69.43 28.86
CA SER U 711 -41.30 69.20 30.03
C SER U 711 -39.91 68.79 29.60
N ILE U 712 -38.90 69.36 30.26
CA ILE U 712 -37.50 69.02 29.98
C ILE U 712 -36.83 68.68 31.30
N ALA U 713 -35.72 67.95 31.19
CA ALA U 713 -34.94 67.53 32.35
C ALA U 713 -33.53 68.07 32.21
N ILE U 714 -33.12 68.93 33.12
CA ILE U 714 -31.82 69.59 33.08
C ILE U 714 -30.95 69.01 34.20
N PRO U 715 -29.70 68.65 33.91
CA PRO U 715 -28.79 68.20 34.97
C PRO U 715 -28.23 69.39 35.74
N THR U 716 -28.28 69.30 37.07
CA THR U 716 -27.77 70.37 37.93
C THR U 716 -26.37 70.05 38.46
N ASN U 717 -26.10 68.76 38.66
CA ASN U 717 -24.81 68.32 39.15
C ASN U 717 -24.27 67.18 38.29
N PHE U 718 -22.95 67.06 38.23
CA PHE U 718 -22.33 65.99 37.42
C PHE U 718 -21.20 65.26 38.14
N THR U 719 -20.72 64.19 37.50
CA THR U 719 -19.64 63.37 38.01
C THR U 719 -18.59 63.25 36.93
N ILE U 720 -17.35 63.05 37.35
CA ILE U 720 -16.25 62.81 36.43
C ILE U 720 -15.81 61.37 36.62
N SER U 721 -16.39 60.47 35.83
CA SER U 721 -16.13 59.04 36.00
C SER U 721 -15.05 58.61 35.03
N VAL U 722 -14.05 57.89 35.53
CA VAL U 722 -12.97 57.37 34.70
C VAL U 722 -13.17 55.87 34.56
N THR U 723 -13.20 55.39 33.33
CA THR U 723 -13.37 53.99 33.01
C THR U 723 -12.10 53.44 32.38
N THR U 724 -11.99 52.12 32.39
CA THR U 724 -10.84 51.45 31.79
C THR U 724 -11.29 50.74 30.52
N GLU U 725 -10.50 50.90 29.46
CA GLU U 725 -10.76 50.29 28.16
C GLU U 725 -9.54 49.48 27.78
N ILE U 726 -9.67 48.16 27.80
CA ILE U 726 -8.56 47.24 27.60
C ILE U 726 -8.57 46.80 26.14
N LEU U 727 -7.41 46.85 25.50
CA LEU U 727 -7.33 46.51 24.08
C LEU U 727 -6.08 45.70 23.80
N PRO U 728 -6.22 44.48 23.28
CA PRO U 728 -5.04 43.72 22.86
C PRO U 728 -4.39 44.37 21.64
N VAL U 729 -3.08 44.56 21.71
CA VAL U 729 -2.34 45.25 20.67
C VAL U 729 -1.45 44.28 19.89
N SER U 730 -0.67 43.47 20.59
CA SER U 730 0.24 42.52 19.97
C SER U 730 -0.01 41.12 20.50
N MET U 731 0.57 40.15 19.82
CA MET U 731 0.57 38.76 20.24
C MET U 731 2.00 38.24 20.20
N THR U 732 2.21 37.08 20.82
CA THR U 732 3.54 36.50 20.90
C THR U 732 4.09 36.25 19.50
N LYS U 733 5.18 36.94 19.16
CA LYS U 733 5.79 36.83 17.83
C LYS U 733 6.52 35.50 17.74
N THR U 734 5.75 34.45 17.49
CA THR U 734 6.29 33.10 17.41
C THR U 734 6.93 32.86 16.05
N SER U 735 7.67 31.76 15.97
CA SER U 735 8.30 31.32 14.72
C SER U 735 8.69 29.86 14.83
N VAL U 736 8.37 29.07 13.82
CA VAL U 736 8.61 27.64 13.88
C VAL U 736 9.60 27.26 12.79
N ASP U 737 10.37 26.21 13.05
CA ASP U 737 11.19 25.58 12.03
C ASP U 737 10.48 24.32 11.55
N CYS U 738 10.42 24.14 10.23
CA CYS U 738 9.61 23.07 9.68
C CYS U 738 10.25 21.70 9.88
N THR U 739 11.51 21.56 9.45
CA THR U 739 12.18 20.27 9.53
C THR U 739 12.28 19.80 10.98
N MET U 740 12.73 20.68 11.88
CA MET U 740 12.91 20.31 13.28
C MET U 740 11.61 19.82 13.91
N TYR U 741 10.51 20.54 13.67
CA TYR U 741 9.23 20.09 14.19
C TYR U 741 8.83 18.76 13.58
N ILE U 742 8.78 18.69 12.25
CA ILE U 742 8.33 17.49 11.57
C ILE U 742 9.23 16.31 11.94
N CYS U 743 10.52 16.57 12.19
CA CYS U 743 11.44 15.52 12.60
C CYS U 743 12.61 16.08 13.40
N GLY U 744 12.91 15.42 14.51
CA GLY U 744 14.04 15.80 15.34
C GLY U 744 15.37 15.35 14.76
N ASP U 745 15.80 15.99 13.67
CA ASP U 745 17.12 15.78 13.08
C ASP U 745 17.27 14.38 12.49
N SER U 746 16.23 13.89 11.84
CA SER U 746 16.27 12.64 11.10
C SER U 746 16.44 12.94 9.62
N THR U 747 17.53 12.45 9.03
CA THR U 747 17.84 12.78 7.64
C THR U 747 16.84 12.16 6.66
N GLU U 748 16.31 10.98 6.99
CA GLU U 748 15.31 10.37 6.13
C GLU U 748 14.09 11.27 6.01
N CYS U 749 13.62 11.79 7.14
CA CYS U 749 12.58 12.81 7.11
C CYS U 749 13.00 14.03 6.30
N SER U 750 14.25 14.47 6.45
CA SER U 750 14.71 15.62 5.69
C SER U 750 14.52 15.40 4.19
N ASN U 751 14.91 14.23 3.71
CA ASN U 751 14.79 13.95 2.28
C ASN U 751 13.33 13.78 1.87
N LEU U 752 12.57 13.00 2.62
CA LEU U 752 11.16 12.82 2.31
C LEU U 752 10.38 14.13 2.43
N LEU U 753 10.94 15.14 3.10
CA LEU U 753 10.37 16.47 3.15
C LEU U 753 10.80 17.31 1.97
N LEU U 754 12.04 17.12 1.50
CA LEU U 754 12.44 17.73 0.23
C LEU U 754 11.52 17.26 -0.89
N GLN U 755 10.98 16.04 -0.79
CA GLN U 755 9.96 15.59 -1.73
C GLN U 755 8.78 16.56 -1.76
N TYR U 756 8.41 17.12 -0.61
CA TYR U 756 7.32 18.09 -0.57
C TYR U 756 7.79 19.50 -0.94
N GLY U 757 9.00 19.87 -0.53
CA GLY U 757 9.57 21.14 -0.92
C GLY U 757 9.12 22.35 -0.12
N SER U 758 8.59 23.35 -0.83
CA SER U 758 8.27 24.66 -0.25
C SER U 758 7.15 24.63 0.77
N PHE U 759 6.55 23.46 1.04
CA PHE U 759 5.40 23.39 1.93
C PHE U 759 5.66 24.01 3.30
N CYS U 760 6.92 24.12 3.71
CA CYS U 760 7.22 24.78 4.97
C CYS U 760 7.84 26.16 4.80
N THR U 761 8.55 26.40 3.69
CA THR U 761 9.03 27.75 3.43
C THR U 761 7.86 28.72 3.37
N GLN U 762 6.78 28.33 2.66
CA GLN U 762 5.51 29.03 2.75
C GLN U 762 5.18 29.43 4.18
N LEU U 763 5.09 28.42 5.05
CA LEU U 763 4.70 28.65 6.44
C LEU U 763 5.62 29.67 7.10
N ASN U 764 6.93 29.51 6.89
CA ASN U 764 7.87 30.43 7.51
C ASN U 764 7.63 31.85 7.04
N ARG U 765 7.43 32.03 5.73
CA ARG U 765 7.10 33.35 5.20
C ARG U 765 5.89 33.91 5.92
N ALA U 766 4.83 33.11 6.02
CA ALA U 766 3.60 33.58 6.66
C ALA U 766 3.89 34.04 8.08
N LEU U 767 4.60 33.22 8.85
CA LEU U 767 4.84 33.55 10.23
C LEU U 767 5.71 34.81 10.35
N THR U 768 6.68 34.96 9.44
CA THR U 768 7.50 36.15 9.46
C THR U 768 6.65 37.38 9.20
N GLY U 769 5.74 37.29 8.22
CA GLY U 769 4.79 38.36 8.01
C GLY U 769 4.05 38.70 9.28
N ILE U 770 3.54 37.67 9.97
CA ILE U 770 2.81 37.89 11.21
C ILE U 770 3.67 38.67 12.19
N ALA U 771 4.92 38.25 12.36
CA ALA U 771 5.80 38.92 13.32
C ALA U 771 6.00 40.39 12.94
N VAL U 772 6.26 40.64 11.66
CA VAL U 772 6.44 42.02 11.20
C VAL U 772 5.18 42.81 11.49
N GLU U 773 4.02 42.20 11.26
CA GLU U 773 2.77 42.89 11.52
C GLU U 773 2.64 43.23 12.99
N GLN U 774 3.05 42.31 13.87
CA GLN U 774 3.03 42.60 15.30
C GLN U 774 3.84 43.85 15.60
N ASP U 775 5.07 43.90 15.07
CA ASP U 775 5.89 45.08 15.24
C ASP U 775 5.14 46.33 14.77
N LYS U 776 4.59 46.25 13.56
CA LYS U 776 3.88 47.39 13.00
C LYS U 776 2.74 47.82 13.92
N ASN U 777 2.02 46.84 14.46
CA ASN U 777 0.91 47.15 15.37
C ASN U 777 1.41 47.98 16.53
N THR U 778 2.45 47.48 17.20
CA THR U 778 2.99 48.21 18.34
C THR U 778 3.36 49.62 17.95
N GLN U 779 4.02 49.79 16.81
CA GLN U 779 4.45 51.12 16.41
C GLN U 779 3.25 51.99 16.07
N GLU U 780 2.24 51.41 15.43
CA GLU U 780 1.01 52.15 15.14
C GLU U 780 0.39 52.70 16.41
N VAL U 781 0.39 51.90 17.48
CA VAL U 781 -0.29 52.31 18.70
C VAL U 781 0.51 53.36 19.45
N PHE U 782 1.76 53.03 19.79
CA PHE U 782 2.53 53.88 20.67
C PHE U 782 3.38 54.90 19.94
N ALA U 783 4.03 54.51 18.83
CA ALA U 783 4.92 55.44 18.14
C ALA U 783 4.12 56.41 17.28
N GLN U 784 3.18 57.12 17.89
CA GLN U 784 2.47 58.22 17.25
C GLN U 784 3.01 59.57 17.68
N VAL U 785 3.61 59.64 18.86
CA VAL U 785 4.31 60.84 19.29
C VAL U 785 5.67 60.87 18.62
N LYS U 786 6.16 62.09 18.34
CA LYS U 786 7.43 62.26 17.64
C LYS U 786 8.59 62.37 18.64
N GLN U 787 8.52 63.34 19.53
CA GLN U 787 9.54 63.56 20.56
C GLN U 787 9.07 63.00 21.89
N ILE U 788 9.99 62.44 22.65
CA ILE U 788 9.68 61.97 24.00
C ILE U 788 9.58 63.19 24.91
N TYR U 789 8.37 63.51 25.33
CA TYR U 789 8.19 64.60 26.27
C TYR U 789 8.41 64.10 27.70
N LYS U 790 8.81 65.02 28.58
CA LYS U 790 9.12 64.68 29.96
C LYS U 790 8.33 65.60 30.87
N THR U 791 7.71 65.02 31.89
CA THR U 791 6.92 65.83 32.79
C THR U 791 7.83 66.65 33.72
N PRO U 792 7.49 67.91 33.96
CA PRO U 792 8.27 68.69 34.92
C PRO U 792 7.97 68.25 36.34
N PRO U 793 8.91 68.43 37.26
CA PRO U 793 8.66 68.01 38.65
C PRO U 793 7.55 68.79 39.34
N ILE U 794 7.25 70.00 38.86
CA ILE U 794 6.19 70.82 39.46
C ILE U 794 4.83 70.21 39.11
N LYS U 795 4.20 69.57 40.09
CA LYS U 795 2.91 68.93 39.89
C LYS U 795 1.77 69.88 40.26
N ASP U 796 1.81 71.06 39.66
CA ASP U 796 0.80 72.10 39.91
C ASP U 796 -0.32 72.03 38.86
N PHE U 797 -0.99 70.88 38.84
CA PHE U 797 -2.09 70.64 37.91
C PHE U 797 -3.44 70.98 38.51
N GLY U 798 -3.49 71.83 39.51
CA GLY U 798 -4.75 72.23 40.11
C GLY U 798 -5.44 71.13 40.89
N GLY U 799 -4.69 70.30 41.61
CA GLY U 799 -5.26 69.27 42.44
C GLY U 799 -5.42 67.91 41.79
N PHE U 800 -5.29 67.88 40.47
CA PHE U 800 -5.44 66.64 39.74
C PHE U 800 -4.23 65.78 40.05
N ASN U 801 -4.36 64.91 41.04
CA ASN U 801 -3.26 64.01 41.42
C ASN U 801 -2.98 63.10 40.23
N PHE U 802 -1.73 63.07 39.79
CA PHE U 802 -1.38 62.27 38.64
C PHE U 802 -0.23 61.35 39.02
N SER U 803 0.11 61.34 40.31
CA SER U 803 1.20 60.48 40.75
C SER U 803 0.93 59.02 40.41
N GLN U 804 -0.32 58.60 40.57
CA GLN U 804 -0.68 57.20 40.37
C GLN U 804 -0.55 56.76 38.92
N ILE U 805 -0.52 57.71 37.98
CA ILE U 805 -0.33 57.38 36.57
C ILE U 805 0.92 58.02 35.97
N LEU U 806 1.56 58.93 36.67
CA LEU U 806 2.83 59.36 36.09
C LEU U 806 3.95 58.43 36.54
N PRO U 807 4.97 58.25 35.70
CA PRO U 807 6.00 57.24 35.99
C PRO U 807 6.73 57.51 37.30
N ASP U 808 6.91 56.46 38.09
CA ASP U 808 7.64 56.54 39.34
C ASP U 808 9.11 56.24 39.09
N PRO U 809 10.03 57.16 39.40
CA PRO U 809 11.45 56.90 39.10
C PRO U 809 12.04 55.76 39.92
N SER U 810 11.57 55.56 41.15
CA SER U 810 12.19 54.59 42.05
C SER U 810 12.18 53.18 41.47
N LYS U 811 11.11 52.81 40.76
CA LYS U 811 11.02 51.48 40.20
C LYS U 811 12.13 51.25 39.18
N PRO U 812 12.72 50.05 39.12
CA PRO U 812 13.73 49.79 38.09
C PRO U 812 13.20 50.01 36.68
N SER U 813 12.07 49.40 36.35
CA SER U 813 11.34 49.75 35.13
C SER U 813 10.48 50.96 35.42
N LYS U 814 10.72 52.05 34.70
CA LYS U 814 10.00 53.29 34.95
C LYS U 814 8.56 53.10 34.51
N ARG U 815 7.71 52.73 35.45
CA ARG U 815 6.33 52.36 35.15
C ARG U 815 5.42 52.95 36.20
N SER U 816 4.23 53.38 35.76
CA SER U 816 3.24 53.93 36.68
C SER U 816 2.61 52.82 37.51
N PHE U 817 2.21 53.19 38.73
CA PHE U 817 1.59 52.27 39.68
C PHE U 817 0.48 51.45 39.03
N ILE U 818 -0.35 52.11 38.24
CA ILE U 818 -1.41 51.42 37.50
C ILE U 818 -0.80 50.34 36.61
N GLU U 819 0.23 50.72 35.84
CA GLU U 819 0.89 49.74 34.98
C GLU U 819 1.50 48.59 35.77
N ASP U 820 1.95 48.86 37.00
CA ASP U 820 2.44 47.78 37.85
C ASP U 820 1.33 46.82 38.22
N LEU U 821 0.16 47.37 38.61
CA LEU U 821 -0.98 46.51 38.88
C LEU U 821 -1.34 45.66 37.66
N LEU U 822 -1.32 46.27 36.48
CA LEU U 822 -1.63 45.53 35.26
C LEU U 822 -0.60 44.43 35.00
N PHE U 823 0.68 44.74 35.16
CA PHE U 823 1.73 43.75 34.96
C PHE U 823 1.59 42.59 35.94
N ASN U 824 1.16 42.87 37.17
CA ASN U 824 0.94 41.78 38.11
C ASN U 824 -0.30 40.97 37.79
N LYS U 825 -1.32 41.60 37.21
CA LYS U 825 -2.52 40.88 36.81
C LYS U 825 -2.21 39.84 35.74
N VAL U 826 -1.77 40.29 34.57
CA VAL U 826 -1.46 39.37 33.48
C VAL U 826 -0.19 38.61 33.80
N THR U 827 -0.24 37.29 33.69
CA THR U 827 0.91 36.45 33.99
C THR U 827 1.36 35.68 32.75
N LYS U 854 9.08 25.27 22.21
CA LYS U 854 9.90 24.27 22.90
C LYS U 854 11.23 24.07 22.19
N PHE U 855 11.61 22.81 22.03
CA PHE U 855 12.85 22.43 21.35
C PHE U 855 12.56 21.76 20.01
N ASN U 856 11.46 22.13 19.37
CA ASN U 856 11.03 21.55 18.10
C ASN U 856 10.78 22.65 17.09
N GLY U 857 11.69 23.61 17.01
CA GLY U 857 11.55 24.74 16.13
C GLY U 857 10.62 25.81 16.67
N LEU U 858 9.76 25.44 17.61
CA LEU U 858 8.83 26.36 18.23
C LEU U 858 9.62 27.36 19.08
N THR U 859 9.79 28.58 18.57
CA THR U 859 10.49 29.62 19.30
C THR U 859 9.61 30.86 19.40
N VAL U 860 9.89 31.67 20.40
CA VAL U 860 9.18 32.93 20.63
C VAL U 860 10.19 34.05 20.42
N LEU U 861 10.09 34.73 19.28
CA LEU U 861 10.95 35.86 19.04
C LEU U 861 10.63 36.98 20.03
N PRO U 862 11.61 37.80 20.39
CA PRO U 862 11.36 38.86 21.37
C PRO U 862 10.66 40.03 20.71
N PRO U 863 9.78 40.71 21.44
CA PRO U 863 9.17 41.93 20.89
C PRO U 863 10.23 43.00 20.69
N LEU U 864 10.23 43.59 19.48
CA LEU U 864 11.22 44.61 19.14
C LEU U 864 11.25 45.70 20.20
N LEU U 865 10.10 46.29 20.48
CA LEU U 865 9.99 47.27 21.56
C LEU U 865 9.91 46.54 22.89
N THR U 866 10.86 46.80 23.78
CA THR U 866 10.78 46.26 25.12
C THR U 866 9.59 46.87 25.86
N ASP U 867 9.22 46.24 26.97
CA ASP U 867 8.15 46.78 27.79
C ASP U 867 8.53 48.13 28.38
N GLU U 868 9.83 48.36 28.59
CA GLU U 868 10.27 49.63 29.16
C GLU U 868 10.20 50.75 28.13
N MET U 869 10.49 50.46 26.87
CA MET U 869 10.32 51.47 25.83
C MET U 869 8.86 51.83 25.63
N ILE U 870 7.97 50.83 25.70
CA ILE U 870 6.54 51.12 25.65
C ILE U 870 6.13 51.96 26.86
N ALA U 871 6.72 51.66 28.02
CA ALA U 871 6.44 52.47 29.21
C ALA U 871 6.86 53.91 28.99
N GLN U 872 8.03 54.13 28.41
CA GLN U 872 8.48 55.50 28.13
C GLN U 872 7.62 56.17 27.07
N TYR U 873 7.10 55.40 26.11
CA TYR U 873 6.20 55.96 25.11
C TYR U 873 4.92 56.45 25.76
N THR U 874 4.32 55.62 26.61
CA THR U 874 3.13 56.06 27.34
C THR U 874 3.44 57.22 28.27
N SER U 875 4.65 57.27 28.84
CA SER U 875 5.05 58.41 29.63
C SER U 875 5.07 59.69 28.80
N ALA U 876 5.66 59.62 27.61
CA ALA U 876 5.68 60.79 26.73
C ALA U 876 4.27 61.21 26.34
N LEU U 877 3.41 60.23 26.06
CA LEU U 877 2.03 60.55 25.70
C LEU U 877 1.30 61.24 26.84
N LEU U 878 1.48 60.74 28.06
CA LEU U 878 0.85 61.37 29.23
C LEU U 878 1.38 62.78 29.42
N ALA U 879 2.70 62.96 29.32
CA ALA U 879 3.28 64.29 29.47
C ALA U 879 2.71 65.24 28.43
N GLY U 880 2.59 64.80 27.18
CA GLY U 880 2.02 65.65 26.15
C GLY U 880 0.57 66.02 26.43
N THR U 881 -0.25 65.01 26.73
CA THR U 881 -1.67 65.28 26.95
C THR U 881 -1.92 66.03 28.25
N ILE U 882 -0.95 66.08 29.15
CA ILE U 882 -1.12 66.81 30.41
C ILE U 882 -0.64 68.25 30.28
N THR U 883 0.56 68.46 29.73
CA THR U 883 1.09 69.81 29.63
C THR U 883 0.52 70.55 28.42
N SER U 884 0.55 69.92 27.25
CA SER U 884 0.09 70.55 26.02
C SER U 884 -1.34 70.17 25.65
N GLY U 885 -1.87 69.11 26.22
CA GLY U 885 -3.25 68.72 26.00
C GLY U 885 -3.50 67.92 24.74
N TRP U 886 -3.56 68.61 23.59
CA TRP U 886 -3.70 67.91 22.32
C TRP U 886 -2.81 68.45 21.21
N THR U 887 -2.37 69.72 21.28
CA THR U 887 -1.59 70.31 20.19
C THR U 887 -0.28 69.57 19.94
N PHE U 888 0.21 68.82 20.92
CA PHE U 888 1.41 68.03 20.72
C PHE U 888 1.22 66.94 19.66
N GLY U 889 -0.03 66.57 19.38
CA GLY U 889 -0.30 65.59 18.35
C GLY U 889 -0.40 66.20 16.96
N ALA U 890 -0.90 67.43 16.90
CA ALA U 890 -1.03 68.12 15.62
C ALA U 890 0.31 68.66 15.14
N GLY U 891 1.00 69.42 15.99
CA GLY U 891 2.31 69.95 15.66
C GLY U 891 3.29 69.75 16.80
N ALA U 892 3.90 70.83 17.26
CA ALA U 892 4.78 70.79 18.41
C ALA U 892 3.99 71.05 19.68
N ALA U 893 4.46 70.48 20.79
CA ALA U 893 3.76 70.62 22.06
C ALA U 893 3.73 72.07 22.51
N LEU U 894 2.56 72.52 22.95
CA LEU U 894 2.34 73.91 23.39
C LEU U 894 1.90 73.89 24.83
N GLN U 895 2.78 74.32 25.73
CA GLN U 895 2.45 74.37 27.15
C GLN U 895 1.17 75.17 27.37
N ILE U 896 0.34 74.71 28.29
CA ILE U 896 -0.93 75.35 28.59
C ILE U 896 -1.37 74.92 29.98
N PRO U 897 -1.83 75.84 30.83
CA PRO U 897 -2.24 75.45 32.19
C PRO U 897 -3.35 74.42 32.15
N PHE U 898 -3.16 73.35 32.93
CA PHE U 898 -4.07 72.20 32.87
C PHE U 898 -5.51 72.61 33.12
N ALA U 899 -5.74 73.60 33.99
CA ALA U 899 -7.10 74.08 34.21
C ALA U 899 -7.69 74.62 32.91
N MET U 900 -6.92 75.42 32.18
CA MET U 900 -7.42 75.95 30.90
C MET U 900 -7.63 74.84 29.88
N GLN U 901 -6.78 73.80 29.92
CA GLN U 901 -6.95 72.68 29.01
C GLN U 901 -8.24 71.92 29.29
N MET U 902 -8.53 71.68 30.56
CA MET U 902 -9.82 71.08 30.91
C MET U 902 -10.97 72.00 30.58
N ALA U 903 -10.77 73.31 30.65
CA ALA U 903 -11.83 74.24 30.26
C ALA U 903 -12.11 74.14 28.77
N TYR U 904 -11.07 73.97 27.95
CA TYR U 904 -11.28 73.80 26.53
C TYR U 904 -11.97 72.47 26.24
N ARG U 905 -11.60 71.43 26.97
CA ARG U 905 -12.32 70.15 26.84
C ARG U 905 -13.79 70.32 27.19
N PHE U 906 -14.09 71.06 28.26
CA PHE U 906 -15.48 71.29 28.63
C PHE U 906 -16.21 72.06 27.54
N ASN U 907 -15.57 73.09 26.98
CA ASN U 907 -16.14 73.77 25.82
C ASN U 907 -16.45 72.78 24.70
N GLY U 908 -15.55 71.81 24.50
CA GLY U 908 -15.80 70.80 23.50
C GLY U 908 -17.02 69.94 23.82
N ILE U 909 -17.24 69.67 25.11
CA ILE U 909 -18.41 68.89 25.51
C ILE U 909 -19.69 69.67 25.25
N GLY U 910 -19.68 70.98 25.46
CA GLY U 910 -20.88 71.80 25.44
C GLY U 910 -21.12 72.54 26.74
N VAL U 911 -20.27 72.34 27.74
CA VAL U 911 -20.35 73.05 29.01
C VAL U 911 -19.34 74.20 28.94
N THR U 912 -19.70 75.32 29.58
CA THR U 912 -18.89 76.52 29.48
C THR U 912 -17.80 76.54 30.55
N GLN U 913 -16.79 77.38 30.31
CA GLN U 913 -15.59 77.42 31.15
C GLN U 913 -15.94 77.71 32.61
N ASN U 914 -16.95 78.55 32.83
CA ASN U 914 -17.30 78.96 34.19
C ASN U 914 -17.59 77.77 35.08
N VAL U 915 -18.25 76.74 34.54
CA VAL U 915 -18.56 75.55 35.34
C VAL U 915 -17.28 74.94 35.89
N LEU U 916 -16.29 74.73 35.03
CA LEU U 916 -15.02 74.16 35.50
C LEU U 916 -14.34 75.10 36.49
N TYR U 917 -14.05 76.33 36.05
CA TYR U 917 -13.25 77.23 36.88
C TYR U 917 -13.90 77.50 38.24
N GLU U 918 -15.23 77.45 38.30
CA GLU U 918 -15.93 77.63 39.56
C GLU U 918 -15.98 76.35 40.40
N ASN U 919 -15.79 75.19 39.77
CA ASN U 919 -15.85 73.91 40.46
C ASN U 919 -14.55 73.12 40.30
N GLN U 920 -13.42 73.82 40.19
CA GLN U 920 -12.14 73.15 39.96
C GLN U 920 -11.81 72.19 41.09
N LYS U 921 -12.01 72.61 42.34
CA LYS U 921 -11.66 71.75 43.47
C LYS U 921 -12.54 70.52 43.52
N LEU U 922 -13.85 70.70 43.35
CA LEU U 922 -14.77 69.57 43.38
C LEU U 922 -14.44 68.56 42.27
N ILE U 923 -14.19 69.06 41.07
CA ILE U 923 -13.86 68.17 39.95
C ILE U 923 -12.55 67.45 40.20
N ALA U 924 -11.57 68.15 40.77
CA ALA U 924 -10.31 67.52 41.12
C ALA U 924 -10.51 66.38 42.12
N ASN U 925 -11.32 66.63 43.15
CA ASN U 925 -11.60 65.61 44.15
C ASN U 925 -12.29 64.40 43.53
N GLN U 926 -13.29 64.66 42.68
CA GLN U 926 -13.98 63.56 42.01
C GLN U 926 -13.01 62.76 41.14
N PHE U 927 -12.12 63.44 40.44
CA PHE U 927 -11.16 62.75 39.57
C PHE U 927 -10.21 61.88 40.39
N ASN U 928 -9.69 62.42 41.50
CA ASN U 928 -8.78 61.64 42.33
C ASN U 928 -9.48 60.42 42.94
N SER U 929 -10.72 60.61 43.42
CA SER U 929 -11.46 59.48 43.96
C SER U 929 -11.72 58.43 42.89
N ALA U 930 -12.00 58.87 41.66
CA ALA U 930 -12.21 57.92 40.58
C ALA U 930 -10.93 57.15 40.26
N ILE U 931 -9.78 57.83 40.31
CA ILE U 931 -8.52 57.14 40.11
C ILE U 931 -8.31 56.08 41.19
N GLY U 932 -8.64 56.43 42.44
CA GLY U 932 -8.53 55.44 43.51
C GLY U 932 -9.44 54.25 43.28
N LYS U 933 -10.68 54.50 42.84
CA LYS U 933 -11.59 53.40 42.53
C LYS U 933 -11.03 52.52 41.41
N ILE U 934 -10.39 53.13 40.42
CA ILE U 934 -9.79 52.35 39.34
C ILE U 934 -8.67 51.48 39.88
N GLN U 935 -7.85 52.04 40.76
CA GLN U 935 -6.81 51.24 41.42
C GLN U 935 -7.42 50.02 42.11
N ASP U 936 -8.49 50.25 42.87
CA ASP U 936 -9.09 49.15 43.62
C ASP U 936 -9.65 48.08 42.69
N SER U 937 -10.35 48.52 41.64
CA SER U 937 -10.94 47.57 40.70
C SER U 937 -9.87 46.77 39.95
N LEU U 938 -8.75 47.42 39.61
CA LEU U 938 -7.68 46.71 38.93
C LEU U 938 -6.98 45.72 39.88
N SER U 939 -6.76 46.14 41.13
CA SER U 939 -6.04 45.28 42.06
C SER U 939 -6.87 44.06 42.45
N SER U 940 -8.17 44.26 42.68
CA SER U 940 -8.99 43.15 43.16
C SER U 940 -9.41 42.20 42.03
N THR U 941 -10.14 42.73 41.05
CA THR U 941 -10.70 41.92 39.97
C THR U 941 -9.66 41.72 38.88
N ALA U 942 -9.05 40.53 38.84
CA ALA U 942 -8.11 40.21 37.77
C ALA U 942 -8.81 40.16 36.42
N SER U 943 -10.06 39.67 36.39
CA SER U 943 -10.81 39.55 35.15
C SER U 943 -10.98 40.87 34.43
N ALA U 944 -10.65 41.99 35.06
CA ALA U 944 -10.68 43.28 34.37
C ALA U 944 -9.79 43.27 33.12
N LEU U 945 -8.71 42.50 33.15
CA LEU U 945 -7.82 42.39 32.00
C LEU U 945 -8.07 41.11 31.20
N GLY U 946 -9.23 40.49 31.40
CA GLY U 946 -9.49 39.17 30.83
C GLY U 946 -9.08 39.05 29.38
N LYS U 947 -9.47 40.02 28.56
CA LYS U 947 -9.18 39.98 27.13
C LYS U 947 -7.71 39.66 26.87
N LEU U 948 -6.81 40.47 27.45
CA LEU U 948 -5.38 40.24 27.22
C LEU U 948 -4.99 38.82 27.62
N GLN U 949 -5.43 38.40 28.81
CA GLN U 949 -5.15 37.05 29.25
C GLN U 949 -5.60 36.04 28.21
N ASP U 950 -6.84 36.19 27.73
CA ASP U 950 -7.37 35.31 26.71
C ASP U 950 -6.42 35.23 25.53
N VAL U 951 -5.97 36.39 25.05
CA VAL U 951 -5.04 36.42 23.92
C VAL U 951 -3.86 35.50 24.22
N VAL U 952 -3.16 35.77 25.33
CA VAL U 952 -2.01 34.97 25.71
C VAL U 952 -2.41 33.50 25.74
N ASN U 953 -3.51 33.20 26.41
CA ASN U 953 -3.95 31.82 26.56
C ASN U 953 -4.10 31.17 25.20
N GLN U 954 -4.82 31.83 24.29
CA GLN U 954 -5.01 31.28 22.96
C GLN U 954 -3.68 30.89 22.35
N ASN U 955 -2.73 31.83 22.35
CA ASN U 955 -1.43 31.53 21.76
C ASN U 955 -0.83 30.30 22.41
N ALA U 956 -0.74 30.31 23.74
CA ALA U 956 -0.17 29.17 24.45
C ALA U 956 -0.88 27.89 24.05
N GLN U 957 -2.22 27.93 24.05
CA GLN U 957 -3.01 26.76 23.70
C GLN U 957 -2.55 26.20 22.36
N ALA U 958 -2.51 27.06 21.34
CA ALA U 958 -2.11 26.63 20.02
C ALA U 958 -0.77 25.92 20.09
N LEU U 959 0.22 26.57 20.70
CA LEU U 959 1.55 25.98 20.76
C LEU U 959 1.50 24.63 21.45
N ASN U 960 0.82 24.56 22.59
CA ASN U 960 0.73 23.30 23.31
C ASN U 960 0.12 22.23 22.43
N THR U 961 -0.94 22.58 21.70
CA THR U 961 -1.59 21.59 20.85
C THR U 961 -0.61 21.10 19.81
N LEU U 962 0.19 22.01 19.23
CA LEU U 962 1.23 21.59 18.30
C LEU U 962 2.13 20.56 18.93
N VAL U 963 2.61 20.84 20.14
CA VAL U 963 3.43 19.88 20.87
C VAL U 963 2.72 18.54 20.93
N LYS U 964 1.45 18.56 21.30
CA LYS U 964 0.71 17.31 21.48
C LYS U 964 0.50 16.60 20.14
N GLN U 965 0.48 17.34 19.03
CA GLN U 965 0.32 16.71 17.73
C GLN U 965 1.49 15.81 17.41
N LEU U 966 2.65 16.06 18.04
CA LEU U 966 3.79 15.18 17.85
C LEU U 966 3.57 13.79 18.42
N SER U 967 2.48 13.58 19.17
CA SER U 967 2.19 12.30 19.78
C SER U 967 1.17 11.46 19.00
N SER U 968 0.58 12.02 17.95
CA SER U 968 -0.42 11.31 17.17
C SER U 968 0.24 10.45 16.10
N ASN U 969 -0.41 9.33 15.76
CA ASN U 969 0.18 8.37 14.84
C ASN U 969 -0.06 8.74 13.38
N PHE U 970 -1.18 9.39 13.08
CA PHE U 970 -1.58 9.72 11.70
C PHE U 970 -1.62 8.49 10.80
N GLY U 971 -1.82 7.31 11.37
CA GLY U 971 -1.89 6.09 10.60
C GLY U 971 -0.61 5.27 10.56
N ALA U 972 0.51 5.83 11.03
CA ALA U 972 1.75 5.08 11.07
C ALA U 972 1.80 4.20 12.31
N ILE U 973 2.92 3.52 12.51
CA ILE U 973 3.06 2.63 13.66
C ILE U 973 3.31 3.41 14.93
N SER U 974 4.11 4.47 14.85
CA SER U 974 4.49 5.24 16.03
C SER U 974 4.52 6.72 15.68
N SER U 975 4.82 7.53 16.68
CA SER U 975 5.02 8.96 16.51
C SER U 975 6.49 9.36 16.57
N VAL U 976 7.38 8.39 16.75
CA VAL U 976 8.82 8.64 16.81
C VAL U 976 9.41 8.07 15.52
N LEU U 977 9.87 8.95 14.63
CA LEU U 977 10.48 8.51 13.39
C LEU U 977 11.67 7.59 13.65
N ASN U 978 12.38 7.82 14.75
CA ASN U 978 13.48 6.93 15.11
C ASN U 978 12.97 5.51 15.36
N ASP U 979 11.83 5.39 16.03
CA ASP U 979 11.26 4.06 16.28
C ASP U 979 10.84 3.40 14.97
N ILE U 980 10.24 4.16 14.07
CA ILE U 980 9.83 3.62 12.77
C ILE U 980 11.06 3.12 12.01
N LEU U 981 12.10 3.94 11.95
CA LEU U 981 13.30 3.56 11.21
C LEU U 981 14.01 2.37 11.84
N SER U 982 13.98 2.27 13.18
CA SER U 982 14.62 1.13 13.83
C SER U 982 13.80 -0.15 13.66
N ARG U 983 12.48 -0.02 13.57
CA ARG U 983 11.64 -1.20 13.38
C ARG U 983 11.56 -1.61 11.92
N LEU U 984 11.03 -0.73 11.07
CA LEU U 984 10.77 -1.06 9.68
C LEU U 984 11.97 -0.78 8.79
N ASP U 985 12.09 -1.56 7.72
CA ASP U 985 13.14 -1.32 6.74
C ASP U 985 12.92 0.03 6.06
N PRO U 986 13.99 0.66 5.57
CA PRO U 986 13.86 1.99 4.94
C PRO U 986 12.84 2.01 3.81
N PRO U 987 12.75 0.97 2.96
CA PRO U 987 11.71 1.01 1.91
C PRO U 987 10.29 1.21 2.43
N GLU U 988 9.91 0.58 3.54
CA GLU U 988 8.58 0.77 4.11
C GLU U 988 8.56 1.86 5.18
N ALA U 989 9.67 2.03 5.88
CA ALA U 989 9.81 3.17 6.78
C ALA U 989 9.61 4.47 6.03
N GLU U 990 9.91 4.50 4.74
CA GLU U 990 9.68 5.72 3.95
C GLU U 990 8.20 6.01 3.82
N VAL U 991 7.37 5.00 3.57
CA VAL U 991 5.93 5.22 3.48
C VAL U 991 5.36 5.63 4.84
N GLN U 992 5.83 4.98 5.91
CA GLN U 992 5.34 5.35 7.23
C GLN U 992 5.75 6.76 7.60
N ILE U 993 6.99 7.15 7.30
CA ILE U 993 7.45 8.51 7.56
C ILE U 993 6.70 9.48 6.66
N ASP U 994 6.27 9.06 5.47
CA ASP U 994 5.47 9.93 4.63
C ASP U 994 4.10 10.19 5.26
N ARG U 995 3.47 9.16 5.82
CA ARG U 995 2.23 9.35 6.56
C ARG U 995 2.44 10.32 7.72
N LEU U 996 3.49 10.10 8.51
CA LEU U 996 3.76 10.95 9.65
C LEU U 996 4.05 12.39 9.24
N ILE U 997 4.81 12.58 8.16
CA ILE U 997 5.14 13.91 7.67
C ILE U 997 3.89 14.61 7.18
N THR U 998 3.03 13.89 6.45
CA THR U 998 1.76 14.48 6.01
C THR U 998 0.94 14.93 7.21
N GLY U 999 0.86 14.10 8.24
CA GLY U 999 0.10 14.49 9.42
C GLY U 999 0.66 15.72 10.11
N ARG U 1000 1.97 15.74 10.33
CA ARG U 1000 2.58 16.87 11.04
C ARG U 1000 2.53 18.14 10.20
N LEU U 1001 2.71 18.03 8.88
CA LEU U 1001 2.60 19.19 8.01
C LEU U 1001 1.19 19.73 7.97
N GLN U 1002 0.19 18.84 7.96
CA GLN U 1002 -1.19 19.28 8.03
C GLN U 1002 -1.47 20.00 9.35
N SER U 1003 -0.91 19.48 10.45
CA SER U 1003 -1.05 20.16 11.73
C SER U 1003 -0.42 21.55 11.69
N LEU U 1004 0.76 21.66 11.10
CA LEU U 1004 1.43 22.96 10.98
C LEU U 1004 0.60 23.92 10.15
N GLN U 1005 0.03 23.44 9.03
CA GLN U 1005 -0.79 24.30 8.20
C GLN U 1005 -2.02 24.78 8.95
N THR U 1006 -2.71 23.87 9.63
CA THR U 1006 -3.84 24.24 10.46
C THR U 1006 -3.44 25.31 11.49
N TYR U 1007 -2.30 25.12 12.13
CA TYR U 1007 -1.85 26.04 13.16
C TYR U 1007 -1.56 27.42 12.59
N VAL U 1008 -0.79 27.46 11.50
CA VAL U 1008 -0.43 28.75 10.91
C VAL U 1008 -1.66 29.45 10.37
N THR U 1009 -2.68 28.69 9.95
CA THR U 1009 -3.92 29.32 9.52
C THR U 1009 -4.68 29.90 10.71
N GLN U 1010 -4.80 29.13 11.79
CA GLN U 1010 -5.40 29.65 13.01
C GLN U 1010 -4.73 30.94 13.44
N GLN U 1011 -3.40 30.95 13.43
CA GLN U 1011 -2.69 32.13 13.91
C GLN U 1011 -2.71 33.28 12.91
N LEU U 1012 -2.83 32.98 11.61
CA LEU U 1012 -3.06 34.04 10.63
C LEU U 1012 -4.38 34.74 10.90
N ILE U 1013 -5.44 33.96 11.13
CA ILE U 1013 -6.75 34.55 11.42
C ILE U 1013 -6.70 35.34 12.73
N ARG U 1014 -6.06 34.76 13.75
CA ARG U 1014 -5.99 35.42 15.04
C ARG U 1014 -5.16 36.70 14.94
N ALA U 1015 -4.10 36.69 14.15
CA ALA U 1015 -3.31 37.90 13.95
C ALA U 1015 -4.08 38.95 13.16
N ALA U 1016 -4.94 38.52 12.23
CA ALA U 1016 -5.81 39.47 11.55
C ALA U 1016 -6.75 40.14 12.55
N GLU U 1017 -7.34 39.36 13.45
CA GLU U 1017 -8.20 39.93 14.48
C GLU U 1017 -7.42 40.87 15.39
N ILE U 1018 -6.20 40.47 15.78
CA ILE U 1018 -5.37 41.32 16.62
C ILE U 1018 -5.03 42.61 15.89
N ARG U 1019 -4.80 42.54 14.59
CA ARG U 1019 -4.51 43.76 13.83
C ARG U 1019 -5.73 44.65 13.75
N ALA U 1020 -6.93 44.06 13.64
CA ALA U 1020 -8.14 44.87 13.70
C ALA U 1020 -8.25 45.60 15.03
N SER U 1021 -8.07 44.87 16.13
CA SER U 1021 -8.12 45.50 17.45
C SER U 1021 -7.01 46.54 17.62
N ALA U 1022 -5.85 46.31 17.01
CA ALA U 1022 -4.75 47.26 17.13
C ALA U 1022 -5.02 48.53 16.33
N ASN U 1023 -5.66 48.39 15.17
CA ASN U 1023 -6.07 49.58 14.42
C ASN U 1023 -7.13 50.35 15.20
N LEU U 1024 -8.03 49.63 15.87
CA LEU U 1024 -8.99 50.31 16.74
C LEU U 1024 -8.28 51.05 17.87
N ALA U 1025 -7.28 50.42 18.48
CA ALA U 1025 -6.54 51.05 19.56
C ALA U 1025 -5.77 52.27 19.07
N ALA U 1026 -5.21 52.19 17.86
CA ALA U 1026 -4.51 53.33 17.30
C ALA U 1026 -5.47 54.47 17.00
N THR U 1027 -6.65 54.14 16.46
CA THR U 1027 -7.67 55.16 16.24
C THR U 1027 -8.04 55.84 17.54
N LYS U 1028 -8.18 55.06 18.62
CA LYS U 1028 -8.43 55.66 19.93
C LYS U 1028 -7.29 56.58 20.34
N MET U 1029 -6.08 56.03 20.45
CA MET U 1029 -4.87 56.76 20.82
C MET U 1029 -4.75 58.07 20.06
N SER U 1030 -5.20 58.08 18.81
CA SER U 1030 -5.17 59.30 18.01
C SER U 1030 -6.31 60.24 18.37
N GLU U 1031 -7.52 59.72 18.56
CA GLU U 1031 -8.68 60.58 18.72
C GLU U 1031 -8.85 61.03 20.17
N CYS U 1032 -9.06 60.09 21.10
CA CYS U 1032 -9.33 60.46 22.47
C CYS U 1032 -8.08 61.03 23.15
N VAL U 1033 -6.99 60.27 23.14
CA VAL U 1033 -5.77 60.70 23.82
C VAL U 1033 -5.26 61.99 23.21
N LEU U 1034 -4.94 61.97 21.92
CA LEU U 1034 -4.34 63.12 21.24
C LEU U 1034 -5.36 64.20 20.91
N GLY U 1035 -6.59 64.11 21.42
CA GLY U 1035 -7.59 65.13 21.16
C GLY U 1035 -8.77 65.01 22.09
N GLN U 1036 -9.98 65.16 21.54
CA GLN U 1036 -11.20 64.92 22.28
C GLN U 1036 -12.24 64.40 21.30
N SER U 1037 -12.55 63.12 21.38
CA SER U 1037 -13.43 62.47 20.42
C SER U 1037 -14.88 62.77 20.76
N LYS U 1038 -15.55 63.54 19.91
CA LYS U 1038 -16.96 63.83 20.08
C LYS U 1038 -17.85 62.68 19.59
N ARG U 1039 -17.27 61.59 19.14
CA ARG U 1039 -18.04 60.40 18.78
C ARG U 1039 -18.67 59.82 20.04
N VAL U 1040 -20.00 59.85 20.10
CA VAL U 1040 -20.71 59.49 21.32
C VAL U 1040 -20.44 58.04 21.67
N ASP U 1041 -19.98 57.81 22.90
CA ASP U 1041 -19.75 56.48 23.46
C ASP U 1041 -18.72 55.66 22.68
N PHE U 1042 -17.88 56.32 21.88
CA PHE U 1042 -16.73 55.65 21.31
C PHE U 1042 -15.55 55.63 22.27
N CYS U 1043 -15.53 56.54 23.24
CA CYS U 1043 -14.42 56.69 24.18
C CYS U 1043 -14.95 56.68 25.62
N GLY U 1044 -15.81 55.72 25.92
CA GLY U 1044 -16.37 55.61 27.26
C GLY U 1044 -17.78 56.15 27.36
N LYS U 1045 -18.63 55.49 28.14
CA LYS U 1045 -20.01 55.90 28.29
C LYS U 1045 -20.12 57.28 28.91
N GLY U 1046 -20.59 58.25 28.13
CA GLY U 1046 -20.67 59.64 28.56
C GLY U 1046 -19.83 60.54 27.69
N TYR U 1047 -20.01 61.84 27.90
CA TYR U 1047 -19.22 62.84 27.20
C TYR U 1047 -17.76 62.68 27.57
N HIS U 1048 -16.92 62.41 26.57
CA HIS U 1048 -15.52 62.09 26.81
C HIS U 1048 -14.72 63.37 27.03
N LEU U 1049 -14.02 63.44 28.18
CA LEU U 1049 -13.13 64.55 28.46
C LEU U 1049 -11.69 64.24 28.06
N MET U 1050 -11.09 63.22 28.66
CA MET U 1050 -9.69 62.90 28.38
C MET U 1050 -9.53 61.39 28.29
N SER U 1051 -8.29 60.95 28.12
CA SER U 1051 -7.93 59.55 28.23
C SER U 1051 -6.44 59.48 28.58
N PHE U 1052 -6.06 58.40 29.24
CA PHE U 1052 -4.68 58.21 29.64
C PHE U 1052 -4.23 56.79 29.31
N PRO U 1053 -3.38 56.61 28.30
CA PRO U 1053 -2.95 55.26 27.95
C PRO U 1053 -1.95 54.72 28.96
N GLN U 1054 -2.07 53.42 29.22
CA GLN U 1054 -1.16 52.71 30.10
C GLN U 1054 -0.78 51.40 29.42
N SER U 1055 0.51 51.11 29.36
CA SER U 1055 0.96 49.88 28.75
C SER U 1055 0.45 48.68 29.55
N ALA U 1056 0.49 47.52 28.91
CA ALA U 1056 0.16 46.26 29.55
C ALA U 1056 0.73 45.14 28.69
N PRO U 1057 0.98 43.96 29.27
CA PRO U 1057 1.55 42.88 28.46
C PRO U 1057 0.73 42.59 27.22
N HIS U 1058 1.31 42.94 26.06
CA HIS U 1058 0.66 42.74 24.76
C HIS U 1058 -0.68 43.48 24.68
N GLY U 1059 -0.71 44.70 25.19
CA GLY U 1059 -1.95 45.47 25.10
C GLY U 1059 -1.84 46.83 25.73
N VAL U 1060 -2.94 47.58 25.62
CA VAL U 1060 -3.02 48.93 26.15
C VAL U 1060 -4.29 49.04 26.99
N VAL U 1061 -4.29 49.99 27.92
CA VAL U 1061 -5.44 50.23 28.79
C VAL U 1061 -5.65 51.73 28.86
N PHE U 1062 -6.80 52.21 28.38
CA PHE U 1062 -7.11 53.62 28.40
C PHE U 1062 -7.92 53.96 29.64
N LEU U 1063 -7.55 55.07 30.29
CA LEU U 1063 -8.31 55.60 31.42
C LEU U 1063 -9.20 56.72 30.88
N HIS U 1064 -10.27 56.31 30.22
CA HIS U 1064 -11.22 57.25 29.64
C HIS U 1064 -11.86 58.09 30.72
N VAL U 1065 -11.52 59.37 30.78
CA VAL U 1065 -12.10 60.30 31.75
C VAL U 1065 -13.32 60.93 31.08
N THR U 1066 -14.50 60.61 31.59
CA THR U 1066 -15.76 60.96 30.94
C THR U 1066 -16.64 61.77 31.89
N TYR U 1067 -17.34 62.74 31.31
CA TYR U 1067 -18.32 63.54 32.02
C TYR U 1067 -19.66 62.81 32.05
N VAL U 1068 -20.30 62.78 33.21
CA VAL U 1068 -21.59 62.11 33.33
C VAL U 1068 -22.53 62.98 34.15
N PRO U 1069 -23.62 63.50 33.58
CA PRO U 1069 -24.53 64.34 34.36
C PRO U 1069 -25.26 63.52 35.43
N ALA U 1070 -25.20 64.00 36.67
CA ALA U 1070 -25.63 63.18 37.81
C ALA U 1070 -27.07 63.42 38.23
N GLN U 1071 -27.39 64.64 38.67
CA GLN U 1071 -28.70 64.94 39.22
C GLN U 1071 -29.57 65.66 38.20
N GLU U 1072 -30.85 65.37 38.22
CA GLU U 1072 -31.78 65.87 37.22
C GLU U 1072 -32.91 66.65 37.87
N LYS U 1073 -33.39 67.68 37.17
CA LYS U 1073 -34.53 68.46 37.60
C LYS U 1073 -35.47 68.70 36.44
N ASN U 1074 -36.77 68.56 36.69
CA ASN U 1074 -37.78 68.86 35.68
C ASN U 1074 -38.01 70.36 35.59
N PHE U 1075 -38.31 70.82 34.39
CA PHE U 1075 -38.66 72.21 34.17
C PHE U 1075 -39.67 72.30 33.05
N THR U 1076 -40.51 73.33 33.11
CA THR U 1076 -41.40 73.63 31.99
C THR U 1076 -40.63 74.43 30.95
N THR U 1077 -40.68 73.98 29.72
CA THR U 1077 -39.88 74.56 28.66
C THR U 1077 -40.78 75.15 27.57
N ALA U 1078 -40.13 75.68 26.53
CA ALA U 1078 -40.81 76.28 25.40
C ALA U 1078 -39.83 76.45 24.25
N PRO U 1079 -40.25 76.17 23.01
CA PRO U 1079 -39.33 76.34 21.88
C PRO U 1079 -38.88 77.78 21.70
N ALA U 1080 -39.78 78.75 21.83
CA ALA U 1080 -39.46 80.16 21.64
C ALA U 1080 -40.24 80.97 22.66
N ILE U 1081 -40.13 82.29 22.56
CA ILE U 1081 -40.80 83.22 23.47
C ILE U 1081 -41.29 84.41 22.66
N CYS U 1082 -42.61 84.64 22.66
CA CYS U 1082 -43.19 85.77 21.94
C CYS U 1082 -43.12 87.00 22.82
N HIS U 1083 -42.09 87.83 22.60
CA HIS U 1083 -41.91 89.03 23.42
C HIS U 1083 -42.82 90.16 22.97
N ASP U 1084 -42.63 90.63 21.73
CA ASP U 1084 -43.40 91.72 21.16
C ASP U 1084 -43.94 91.32 19.80
N GLY U 1085 -44.53 90.13 19.74
CA GLY U 1085 -44.92 89.54 18.47
C GLY U 1085 -43.78 88.99 17.65
N LYS U 1086 -42.55 89.17 18.10
CA LYS U 1086 -41.37 88.60 17.45
C LYS U 1086 -40.95 87.36 18.23
N ALA U 1087 -40.94 86.21 17.57
CA ALA U 1087 -40.51 84.98 18.22
C ALA U 1087 -39.03 85.08 18.57
N HIS U 1088 -38.71 84.78 19.82
CA HIS U 1088 -37.34 84.82 20.33
C HIS U 1088 -36.87 83.40 20.55
N PHE U 1089 -35.79 83.01 19.90
CA PHE U 1089 -35.23 81.68 20.02
C PHE U 1089 -33.92 81.73 20.79
N PRO U 1090 -33.64 80.73 21.63
CA PRO U 1090 -32.39 80.76 22.39
C PRO U 1090 -31.19 80.55 21.47
N ARG U 1091 -30.23 81.46 21.57
CA ARG U 1091 -29.03 81.38 20.75
C ARG U 1091 -28.34 80.03 20.94
N GLU U 1092 -27.96 79.73 22.18
CA GLU U 1092 -27.40 78.43 22.53
C GLU U 1092 -27.87 78.07 23.93
N GLY U 1093 -28.75 77.09 24.02
CA GLY U 1093 -29.26 76.65 25.30
C GLY U 1093 -30.74 76.34 25.21
N VAL U 1094 -31.38 76.30 26.38
CA VAL U 1094 -32.77 75.92 26.51
C VAL U 1094 -33.53 77.07 27.17
N PHE U 1095 -34.76 77.27 26.73
CA PHE U 1095 -35.72 78.08 27.48
C PHE U 1095 -36.32 77.19 28.57
N VAL U 1096 -36.01 77.50 29.82
CA VAL U 1096 -36.50 76.72 30.95
C VAL U 1096 -37.33 77.63 31.84
N SER U 1097 -38.12 76.99 32.70
CA SER U 1097 -38.99 77.70 33.63
C SER U 1097 -39.34 76.75 34.76
N ASN U 1098 -38.93 77.09 35.98
CA ASN U 1098 -39.24 76.23 37.13
C ASN U 1098 -40.76 76.21 37.40
N GLY U 1099 -41.41 77.35 37.19
CA GLY U 1099 -42.84 77.46 37.35
C GLY U 1099 -43.29 78.88 37.59
N THR U 1100 -42.35 79.83 37.57
CA THR U 1100 -42.68 81.23 37.84
C THR U 1100 -42.03 82.17 36.84
N HIS U 1101 -40.70 82.13 36.73
CA HIS U 1101 -39.99 82.95 35.75
C HIS U 1101 -39.55 82.09 34.57
N TRP U 1102 -38.91 82.73 33.62
CA TRP U 1102 -38.29 82.04 32.49
C TRP U 1102 -36.83 82.40 32.40
N PHE U 1103 -36.01 81.43 32.01
CA PHE U 1103 -34.57 81.60 31.96
C PHE U 1103 -34.02 80.87 30.75
N VAL U 1104 -32.76 81.17 30.44
CA VAL U 1104 -31.99 80.46 29.42
C VAL U 1104 -30.88 79.68 30.13
N THR U 1105 -30.71 78.42 29.75
CA THR U 1105 -29.72 77.56 30.38
C THR U 1105 -28.95 76.82 29.31
N GLN U 1106 -27.98 76.01 29.75
CA GLN U 1106 -27.26 75.14 28.85
C GLN U 1106 -27.88 73.75 28.85
N ARG U 1107 -27.67 73.02 27.75
CA ARG U 1107 -28.31 71.73 27.56
C ARG U 1107 -27.67 70.60 28.35
N ASN U 1108 -26.65 70.90 29.16
CA ASN U 1108 -25.99 69.87 29.96
C ASN U 1108 -25.67 70.33 31.37
N PHE U 1109 -26.05 71.54 31.75
CA PHE U 1109 -25.87 72.04 33.10
C PHE U 1109 -26.94 73.07 33.38
N TYR U 1110 -27.16 73.35 34.66
CA TYR U 1110 -28.22 74.26 35.09
C TYR U 1110 -27.58 75.58 35.53
N GLU U 1111 -27.41 76.50 34.57
CA GLU U 1111 -27.11 77.90 34.84
C GLU U 1111 -28.26 78.73 34.31
N PRO U 1112 -29.38 78.78 35.02
CA PRO U 1112 -30.50 79.59 34.54
C PRO U 1112 -30.17 81.07 34.54
N GLN U 1113 -30.01 81.65 33.36
CA GLN U 1113 -29.71 83.07 33.21
C GLN U 1113 -30.95 83.82 32.74
N ILE U 1114 -30.98 85.12 33.06
CA ILE U 1114 -32.12 85.93 32.66
C ILE U 1114 -32.10 86.14 31.16
N ILE U 1115 -33.29 86.20 30.56
CA ILE U 1115 -33.42 86.15 29.11
C ILE U 1115 -33.26 87.59 28.61
N THR U 1116 -32.02 87.95 28.36
CA THR U 1116 -31.71 89.24 27.74
C THR U 1116 -31.97 89.13 26.24
N THR U 1117 -31.68 90.19 25.51
CA THR U 1117 -31.81 90.18 24.05
C THR U 1117 -30.54 89.66 23.37
N ASP U 1118 -29.53 89.26 24.14
CA ASP U 1118 -28.29 88.74 23.58
C ASP U 1118 -28.11 87.25 23.81
N ASN U 1119 -28.86 86.65 24.73
CA ASN U 1119 -28.92 85.20 24.83
C ASN U 1119 -29.86 84.60 23.80
N THR U 1120 -30.64 85.42 23.11
CA THR U 1120 -31.64 84.97 22.15
C THR U 1120 -31.53 85.78 20.87
N PHE U 1121 -31.97 85.17 19.77
CA PHE U 1121 -32.07 85.86 18.50
C PHE U 1121 -33.51 85.83 18.01
N VAL U 1122 -33.88 86.84 17.24
CA VAL U 1122 -35.26 87.04 16.80
C VAL U 1122 -35.47 86.39 15.44
N SER U 1123 -36.64 85.78 15.24
CA SER U 1123 -36.95 85.14 13.97
C SER U 1123 -38.47 85.03 13.83
N GLY U 1124 -39.05 85.86 12.97
CA GLY U 1124 -40.44 85.71 12.60
C GLY U 1124 -41.41 86.14 13.67
N ASN U 1125 -42.67 85.73 13.48
CA ASN U 1125 -43.75 86.01 14.41
C ASN U 1125 -43.94 84.84 15.36
N CYS U 1126 -44.81 85.05 16.35
CA CYS U 1126 -45.07 84.03 17.37
C CYS U 1126 -46.36 83.27 17.10
N ASP U 1127 -46.68 83.05 15.82
CA ASP U 1127 -47.77 82.17 15.42
C ASP U 1127 -47.29 80.91 14.70
N VAL U 1128 -46.29 81.05 13.83
CA VAL U 1128 -45.72 79.88 13.15
C VAL U 1128 -45.11 78.92 14.15
N VAL U 1129 -44.53 79.45 15.24
CA VAL U 1129 -43.98 78.60 16.28
C VAL U 1129 -45.12 77.79 16.92
N ILE U 1130 -44.83 76.55 17.27
CA ILE U 1130 -45.79 75.64 17.87
C ILE U 1130 -45.36 75.41 19.30
N GLY U 1131 -46.11 75.96 20.25
CA GLY U 1131 -45.77 75.87 21.65
C GLY U 1131 -45.10 77.09 22.24
N ILE U 1132 -45.08 78.21 21.51
CA ILE U 1132 -44.44 79.41 22.01
C ILE U 1132 -45.22 79.94 23.23
N VAL U 1133 -44.49 80.47 24.22
CA VAL U 1133 -45.09 81.04 25.42
C VAL U 1133 -44.91 82.56 25.42
N ASN U 1134 -45.32 83.20 26.52
CA ASN U 1134 -45.20 84.66 26.63
C ASN U 1134 -44.30 85.10 27.79
N ASN U 1135 -43.36 85.98 27.51
CA ASN U 1135 -42.43 86.49 28.51
C ASN U 1135 -41.72 87.76 28.03
N THR U 1136 -41.55 88.73 28.92
CA THR U 1136 -40.87 89.98 28.57
C THR U 1136 -39.39 89.69 28.43
N VAL U 1137 -38.89 89.66 27.20
CA VAL U 1137 -37.48 89.45 26.96
C VAL U 1137 -36.74 90.72 27.40
N TYR U 1138 -36.05 90.62 28.53
CA TYR U 1138 -35.32 91.76 29.08
C TYR U 1138 -34.26 92.23 28.08
N ASP U 1139 -33.89 93.49 28.19
CA ASP U 1139 -32.91 94.08 27.29
C ASP U 1139 -32.13 95.16 28.04
N PRO U 1140 -30.81 95.01 28.17
CA PRO U 1140 -30.04 95.99 28.96
C PRO U 1140 -29.92 97.34 28.28
N LEU U 1141 -30.09 97.41 26.96
CA LEU U 1141 -29.85 98.66 26.25
C LEU U 1141 -30.84 99.74 26.66
N GLN U 1142 -32.06 99.36 27.06
CA GLN U 1142 -33.01 100.38 27.52
C GLN U 1142 -32.64 100.94 28.89
N PRO U 1143 -32.37 100.12 29.92
CA PRO U 1143 -31.90 100.71 31.19
C PRO U 1143 -30.60 101.48 31.04
N GLU U 1144 -29.72 101.09 30.11
CA GLU U 1144 -28.50 101.87 29.95
C GLU U 1144 -28.75 103.14 29.13
N LEU U 1145 -29.70 103.12 28.20
CA LEU U 1145 -30.03 104.31 27.42
C LEU U 1145 -30.84 105.31 28.22
N ASP U 1146 -31.49 104.87 29.30
CA ASP U 1146 -32.11 105.84 30.21
C ASP U 1146 -31.07 106.73 30.85
N SER U 1147 -29.91 106.18 31.17
CA SER U 1147 -28.85 106.95 31.80
C SER U 1147 -28.04 107.70 30.75
C1 NAG V . -23.27 -3.64 -26.31
C2 NAG V . -21.80 -3.54 -26.70
C3 NAG V . -21.48 -2.10 -27.09
C4 NAG V . -22.39 -1.68 -28.23
C5 NAG V . -23.85 -1.84 -27.79
C6 NAG V . -24.82 -1.48 -28.89
C7 NAG V . -20.40 -5.17 -25.59
C8 NAG V . -19.49 -5.46 -24.43
N2 NAG V . -20.95 -3.96 -25.61
O3 NAG V . -20.12 -2.02 -27.52
O4 NAG V . -22.13 -0.31 -28.55
O5 NAG V . -24.09 -3.20 -27.40
O6 NAG V . -24.62 -2.34 -30.02
O7 NAG V . -20.63 -6.00 -26.45
C1 NAG V . -21.88 -0.17 -29.96
C2 NAG V . -22.20 1.26 -30.41
C3 NAG V . -22.00 1.37 -31.90
C4 NAG V . -20.56 0.97 -32.24
C5 NAG V . -20.30 -0.43 -31.73
C6 NAG V . -18.87 -0.86 -32.03
C7 NAG V . -23.85 2.37 -29.02
C8 NAG V . -24.09 3.82 -29.34
N2 NAG V . -23.57 1.59 -30.05
O3 NAG V . -22.23 2.72 -32.32
O4 NAG V . -20.38 1.02 -33.66
O5 NAG V . -20.53 -0.50 -30.32
O6 NAG V . -17.95 -0.03 -31.32
O7 NAG V . -23.89 1.94 -27.87
C1 NAG W . -40.64 73.00 0.15
C2 NAG W . -41.87 73.77 -0.32
C3 NAG W . -43.12 73.22 0.36
C4 NAG W . -43.22 71.74 0.05
C5 NAG W . -41.96 71.03 0.50
C6 NAG W . -42.02 69.54 0.19
C7 NAG W . -41.35 76.06 -0.96
C8 NAG W . -41.21 77.48 -0.49
N2 NAG W . -41.73 75.18 -0.02
O3 NAG W . -44.28 73.90 -0.14
O4 NAG W . -44.36 71.18 0.72
O5 NAG W . -40.82 71.61 -0.13
O6 NAG W . -42.03 69.35 -1.23
O7 NAG W . -41.14 75.73 -2.11
C1 NAG W . -45.29 70.68 -0.28
C2 NAG W . -46.22 69.65 0.34
C3 NAG W . -47.14 69.09 -0.73
C4 NAG W . -47.90 70.25 -1.37
C5 NAG W . -46.91 71.27 -1.92
C6 NAG W . -47.64 72.45 -2.54
C7 NAG W . -45.40 68.42 2.26
C8 NAG W . -44.53 67.30 2.75
N2 NAG W . -45.46 68.57 0.94
O3 NAG W . -48.06 68.17 -0.15
O4 NAG W . -48.74 69.76 -2.42
O5 NAG W . -46.05 71.73 -0.88
O6 NAG W . -48.40 73.12 -1.53
O7 NAG W . -46.01 69.15 3.02
C1 NAG X . -50.22 57.29 11.62
C2 NAG X . -51.34 57.82 10.73
C3 NAG X . -52.66 57.24 11.18
C4 NAG X . -52.57 55.72 11.13
C5 NAG X . -51.41 55.26 12.01
C6 NAG X . -51.28 53.75 11.98
C7 NAG X . -50.86 60.04 9.83
C8 NAG X . -51.24 61.49 9.87
N2 NAG X . -51.39 59.28 10.79
O3 NAG X . -53.70 57.67 10.29
O4 NAG X . -53.79 55.17 11.62
O5 NAG X . -50.19 55.87 11.57
O6 NAG X . -50.99 53.32 10.64
O7 NAG X . -50.10 59.58 8.99
C1 NAG X . -54.35 54.28 10.65
C2 NAG X . -55.19 53.20 11.33
C3 NAG X . -55.75 52.25 10.30
C4 NAG X . -56.55 53.05 9.27
C5 NAG X . -55.66 54.12 8.65
C6 NAG X . -56.45 54.95 7.65
C7 NAG X . -54.48 52.72 13.61
C8 NAG X . -53.58 51.88 14.48
N2 NAG X . -54.39 52.48 12.30
O3 NAG X . -56.60 51.28 10.93
O4 NAG X . -57.02 52.17 8.25
O5 NAG X . -55.14 54.97 9.68
O6 NAG X . -57.48 55.67 8.34
O7 NAG X . -55.22 53.57 14.06
C1 NAG Y . -33.37 91.22 -3.73
C2 NAG Y . -34.26 91.82 -4.81
C3 NAG Y . -34.81 93.16 -4.34
C4 NAG Y . -35.56 92.95 -3.03
C5 NAG Y . -34.62 92.32 -2.00
C6 NAG Y . -35.35 92.07 -0.70
C7 NAG Y . -33.59 91.15 -7.05
C8 NAG Y . -32.90 91.56 -8.31
N2 NAG Y . -33.51 92.01 -6.04
O3 NAG Y . -35.70 93.69 -5.33
O4 NAG Y . -36.00 94.23 -2.54
O5 NAG Y . -34.12 91.09 -2.52
O6 NAG Y . -36.37 91.08 -0.89
O7 NAG Y . -34.19 90.08 -6.95
C1 NAG Y . -37.44 94.19 -2.38
C2 NAG Y . -37.86 95.19 -1.30
C3 NAG Y . -39.36 95.12 -1.12
C4 NAG Y . -40.04 95.41 -2.45
C5 NAG Y . -39.54 94.41 -3.49
C6 NAG Y . -40.17 94.70 -4.85
C7 NAG Y . -36.15 95.56 0.38
C8 NAG Y . -35.27 94.87 1.38
N2 NAG Y . -37.20 94.87 -0.05
O3 NAG Y . -39.77 96.09 -0.15
O4 NAG Y . -41.45 95.30 -2.31
O5 NAG Y . -38.12 94.49 -3.61
O6 NAG Y . -39.78 96.00 -5.30
O7 NAG Y . -35.91 96.70 -0.01
C1 NAG Z . -15.53 100.03 -3.31
C2 NAG Z . -15.35 99.62 -4.76
C3 NAG Z . -13.90 99.77 -5.16
C4 NAG Z . -13.46 101.20 -4.92
C5 NAG Z . -13.70 101.56 -3.45
C6 NAG Z . -13.30 103.01 -3.17
C7 NAG Z . -16.98 97.95 -5.46
C8 NAG Z . -17.30 96.49 -5.56
N2 NAG Z . -15.78 98.25 -4.96
O3 NAG Z . -13.74 99.45 -6.55
O4 NAG Z . -12.07 101.33 -5.22
O5 NAG Z . -15.07 101.37 -3.12
O6 NAG Z . -14.19 103.88 -3.87
O7 NAG Z . -17.76 98.81 -5.82
C1 NAG Z . -11.91 102.37 -6.21
C2 NAG Z . -10.54 103.02 -6.04
C3 NAG Z . -10.38 104.14 -7.07
C4 NAG Z . -10.59 103.56 -8.46
C5 NAG Z . -11.96 102.89 -8.54
C6 NAG Z . -12.18 102.27 -9.91
C7 NAG Z . -9.68 102.93 -3.77
C8 NAG Z . -9.62 103.61 -2.44
N2 NAG Z . -10.38 103.56 -4.70
O3 NAG Z . -9.08 104.71 -6.97
O4 NAG Z . -10.51 104.60 -9.44
O5 NAG Z . -12.05 101.88 -7.53
O6 NAG Z . -11.26 101.20 -10.11
O7 NAG Z . -9.11 101.86 -4.00
C1 NAG AA . 33.49 6.88 -7.93
C2 NAG AA . 33.23 6.14 -6.63
C3 NAG AA . 33.24 7.13 -5.47
C4 NAG AA . 34.56 7.86 -5.45
C5 NAG AA . 34.78 8.54 -6.80
C6 NAG AA . 36.12 9.26 -6.86
C7 NAG AA . 31.90 4.13 -6.93
C8 NAG AA . 30.53 3.52 -6.88
N2 NAG AA . 31.96 5.43 -6.68
O3 NAG AA . 33.05 6.44 -4.24
O4 NAG AA . 34.53 8.85 -4.40
O5 NAG AA . 34.74 7.57 -7.85
O6 NAG AA . 37.19 8.32 -6.68
O7 NAG AA . 32.90 3.47 -7.17
C1 NAG AA . 35.67 8.70 -3.54
C2 NAG AA . 35.98 10.03 -2.86
C3 NAG AA . 37.25 9.89 -2.02
C4 NAG AA . 37.04 8.77 -1.03
C5 NAG AA . 36.70 7.48 -1.77
C6 NAG AA . 36.46 6.33 -0.79
C7 NAG AA . 35.20 11.98 -4.10
C8 NAG AA . 35.36 13.30 -3.41
N2 NAG AA . 36.16 11.08 -3.85
O3 NAG AA . 37.49 11.12 -1.32
O4 NAG AA . 38.24 8.58 -0.26
O5 NAG AA . 35.53 7.67 -2.57
O6 NAG AA . 35.33 6.63 0.03
O7 NAG AA . 34.26 11.73 -4.82
C1 NAG BA . 5.14 83.10 8.05
C2 NAG BA . 5.84 84.42 7.73
C3 NAG BA . 5.82 84.67 6.24
C4 NAG BA . 6.48 83.49 5.54
C5 NAG BA . 5.78 82.20 5.92
C6 NAG BA . 6.43 81.00 5.27
C7 NAG BA . 5.66 86.03 9.55
C8 NAG BA . 4.92 87.21 10.11
N2 NAG BA . 5.18 85.52 8.42
O3 NAG BA . 6.54 85.88 5.93
O4 NAG BA . 6.43 83.68 4.12
O5 NAG BA . 5.79 82.05 7.34
O6 NAG BA . 5.64 79.83 5.51
O7 NAG BA . 6.65 85.57 10.10
C1 NAG BA . 7.78 83.73 3.61
C2 NAG BA . 7.80 83.37 2.13
C3 NAG BA . 9.23 83.37 1.63
C4 NAG BA . 9.84 84.74 1.88
C5 NAG BA . 9.75 85.06 3.37
C6 NAG BA . 10.32 86.45 3.66
C7 NAG BA . 6.03 81.91 1.34
C8 NAG BA . 5.51 80.50 1.26
N2 NAG BA . 7.21 82.05 1.92
O3 NAG BA . 9.26 83.08 0.23
O4 NAG BA . 11.21 84.75 1.47
O5 NAG BA . 8.38 85.01 3.80
O6 NAG BA . 9.53 87.44 2.98
O7 NAG BA . 5.40 82.86 0.90
C1 NAG CA . 1.07 76.15 -12.12
C2 NAG CA . 2.28 77.07 -12.27
C3 NAG CA . 2.52 77.36 -13.74
C4 NAG CA . 2.70 76.05 -14.49
C5 NAG CA . 1.47 75.18 -14.27
C6 NAG CA . 1.63 73.84 -15.00
C7 NAG CA . 2.62 78.50 -10.34
C8 NAG CA . 2.54 79.91 -9.82
N2 NAG CA . 2.07 78.29 -11.54
O3 NAG CA . 3.70 78.17 -13.88
O4 NAG CA . 2.85 76.33 -15.88
O5 NAG CA . 1.28 74.95 -12.87
O6 NAG CA . 2.75 73.13 -14.45
O7 NAG CA . 3.14 77.60 -9.71
C1 NAG CA . 4.07 75.75 -16.37
C2 NAG CA . 3.94 75.43 -17.85
C3 NAG CA . 5.22 74.78 -18.34
C4 NAG CA . 6.39 75.72 -18.07
C5 NAG CA . 6.44 76.04 -16.57
C6 NAG CA . 7.58 77.00 -16.27
C7 NAG CA . 1.66 74.97 -18.55
C8 NAG CA . 0.59 73.93 -18.73
N2 NAG CA . 2.82 74.54 -18.07
O3 NAG CA . 5.13 74.54 -19.75
O4 NAG CA . 7.61 75.10 -18.47
O5 NAG CA . 5.20 76.61 -16.16
O6 NAG CA . 7.32 78.26 -16.92
O7 NAG CA . 1.46 76.15 -18.82
C1 NAG DA . 2.90 94.16 24.60
C2 NAG DA . 4.14 95.04 24.70
C3 NAG DA . 3.72 96.49 24.80
C4 NAG DA . 2.86 96.85 23.59
C5 NAG DA . 1.67 95.91 23.54
C6 NAG DA . 0.79 96.21 22.33
C7 NAG DA . 6.01 93.90 25.78
C8 NAG DA . 6.80 93.74 27.03
N2 NAG DA . 4.94 94.67 25.86
O3 NAG DA . 4.89 97.34 24.83
O4 NAG DA . 2.40 98.20 23.72
O5 NAG DA . 2.11 94.55 23.47
O6 NAG DA . 1.52 95.90 21.13
O7 NAG DA . 6.34 93.35 24.73
C1 NAG DA . 2.83 98.95 22.58
C2 NAG DA . 1.86 100.09 22.32
C3 NAG DA . 2.31 100.87 21.08
C4 NAG DA . 3.73 101.36 21.30
C5 NAG DA . 4.64 100.16 21.58
C6 NAG DA . 6.08 100.61 21.82
C7 NAG DA . -0.39 99.67 23.10
C8 NAG DA . -1.53 98.69 22.98
N2 NAG DA . 0.52 99.60 22.12
O3 NAG DA . 1.45 101.99 20.89
O4 NAG DA . 4.19 102.03 20.12
O5 NAG DA . 4.16 99.46 22.73
O6 NAG DA . 6.12 101.43 23.01
O7 NAG DA . -0.30 100.46 24.01
C1 NAG EA . -6.07 92.04 42.24
C2 NAG EA . -4.76 91.47 42.76
C3 NAG EA . -5.01 90.76 44.09
C4 NAG EA . -5.63 91.75 45.06
C5 NAG EA . -6.91 92.33 44.46
C6 NAG EA . -7.54 93.36 45.39
C7 NAG EA . -3.22 90.86 40.98
C8 NAG EA . -2.79 89.80 40.01
N2 NAG EA . -4.20 90.52 41.81
O3 NAG EA . -3.77 90.28 44.62
O4 NAG EA . -5.94 91.09 46.29
O5 NAG EA . -6.62 92.95 43.20
O6 NAG EA . -6.68 94.50 45.48
O7 NAG EA . -2.69 91.96 41.01
C1 NAG EA . -5.27 91.77 47.37
C2 NAG EA . -6.07 91.61 48.65
C3 NAG EA . -5.37 92.36 49.78
C4 NAG EA . -3.95 91.85 49.91
C5 NAG EA . -3.23 92.01 48.58
C6 NAG EA . -1.80 91.48 48.66
C7 NAG EA . -8.45 91.29 48.29
C8 NAG EA . -9.79 91.96 48.12
N2 NAG EA . -7.41 92.10 48.49
O3 NAG EA . -6.08 92.16 51.01
O4 NAG EA . -3.26 92.60 50.93
O5 NAG EA . -3.93 91.31 47.56
O6 NAG EA . -1.83 90.07 48.88
O7 NAG EA . -8.32 90.07 48.25
C1 NAG FA . -7.65 -12.49 32.10
C2 NAG FA . -8.46 -12.48 30.80
C3 NAG FA . -9.61 -11.49 30.93
C4 NAG FA . -10.46 -11.85 32.13
C5 NAG FA . -9.58 -11.88 33.37
C6 NAG FA . -10.36 -12.30 34.61
C7 NAG FA . -7.12 -13.07 28.86
C8 NAG FA . -6.70 -12.59 27.51
N2 NAG FA . -7.62 -12.13 29.67
O3 NAG FA . -10.40 -11.53 29.74
O4 NAG FA . -11.48 -10.86 32.27
O5 NAG FA . -8.50 -12.80 33.20
O6 NAG FA . -10.75 -13.67 34.49
O7 NAG FA . -7.02 -14.24 29.19
C1 NAG FA . -12.78 -11.47 32.37
C2 NAG FA . -13.80 -10.45 32.89
C3 NAG FA . -15.14 -11.13 33.08
C4 NAG FA . -15.56 -11.76 31.76
C5 NAG FA . -14.49 -12.73 31.29
C6 NAG FA . -14.87 -13.36 29.95
C7 NAG FA . -12.82 -8.66 34.21
C8 NAG FA . -13.68 -7.59 34.81
N2 NAG FA . -13.35 -9.87 34.14
O3 NAG FA . -16.12 -10.18 33.49
O4 NAG FA . -16.81 -12.46 31.94
O5 NAG FA . -13.24 -12.05 31.16
O6 NAG FA . -14.94 -12.35 28.95
O7 NAG FA . -11.69 -8.43 33.78
C1 NAG GA . -22.46 67.74 43.48
C2 NAG GA . -22.69 68.43 44.82
C3 NAG GA . -21.38 68.49 45.59
C4 NAG GA . -20.84 67.07 45.77
C5 NAG GA . -20.68 66.43 44.40
C6 NAG GA . -20.18 64.99 44.53
C7 NAG GA . -24.49 70.05 44.74
C8 NAG GA . -24.86 71.50 44.59
N2 NAG GA . -23.20 69.77 44.62
O3 NAG GA . -21.60 69.09 46.87
O4 NAG GA . -19.58 67.11 46.44
O5 NAG GA . -21.93 66.42 43.71
O6 NAG GA . -19.87 64.47 43.23
O7 NAG GA . -25.33 69.19 44.96
C1 NAG GA . -19.71 66.39 47.69
C2 NAG GA . -18.34 65.91 48.16
C3 NAG GA . -18.50 65.11 49.44
C4 NAG GA . -19.19 65.98 50.48
C5 NAG GA . -20.53 66.46 49.93
C6 NAG GA . -21.23 67.36 50.94
C7 NAG GA . -16.68 65.55 46.43
C8 NAG GA . -16.18 64.63 45.35
N2 NAG GA . -17.71 65.10 47.14
O3 NAG GA . -17.21 64.71 49.92
O4 NAG GA . -19.40 65.22 51.67
O5 NAG GA . -20.32 67.18 48.71
O6 NAG GA . -20.45 68.52 51.16
O7 NAG GA . -16.16 66.64 46.63
C1 NAG HA . -1.63 62.08 45.66
C2 NAG HA . -2.14 62.22 47.09
C3 NAG HA . -0.96 62.19 48.05
C4 NAG HA . -0.18 60.90 47.84
C5 NAG HA . 0.26 60.81 46.38
C6 NAG HA . 1.03 59.52 46.13
C7 NAG HA . -4.21 63.47 47.25
C8 NAG HA . -4.84 64.76 47.70
N2 NAG HA . -2.88 63.45 47.25
O3 NAG HA . -1.44 62.25 49.40
O4 NAG HA . 0.98 60.92 48.69
O5 NAG HA . -0.88 60.87 45.52
O6 NAG HA . 0.18 58.40 46.39
O7 NAG HA . -4.87 62.52 46.88
C1 NAG HA . 0.98 59.73 49.52
C2 NAG HA . 2.41 59.37 49.89
C3 NAG HA . 2.41 58.10 50.73
C4 NAG HA . 1.53 58.33 51.95
C5 NAG HA . 0.13 58.73 51.51
C6 NAG HA . -0.76 59.00 52.72
C7 NAG HA . 4.05 60.09 48.25
C8 NAG HA . 4.81 59.74 47.00
N2 NAG HA . 3.21 59.16 48.70
O3 NAG HA . 3.74 57.80 51.14
O4 NAG HA . 1.47 57.13 52.73
O5 NAG HA . 0.20 59.90 50.70
O6 NAG HA . -0.24 60.12 53.45
O7 NAG HA . 4.21 61.16 48.82
C1 NAG IA . -38.12 79.82 40.38
C2 NAG IA . -38.89 79.89 41.70
C3 NAG IA . -39.04 81.34 42.12
C4 NAG IA . -37.67 81.97 42.24
C5 NAG IA . -36.94 81.84 40.90
C6 NAG IA . -35.54 82.43 40.99
C7 NAG IA . -40.45 78.04 41.95
C8 NAG IA . -41.89 77.62 41.91
N2 NAG IA . -40.20 79.28 41.54
O3 NAG IA . -39.71 81.40 43.38
O4 NAG IA . -37.82 83.36 42.55
O5 NAG IA . -36.85 80.46 40.54
O6 NAG IA . -34.75 81.66 41.90
O7 NAG IA . -39.57 77.29 42.33
C1 NAG IA . -37.11 83.64 43.78
C2 NAG IA . -36.68 85.10 43.81
C3 NAG IA . -35.91 85.39 45.08
C4 NAG IA . -36.79 85.03 46.27
C5 NAG IA . -37.21 83.57 46.17
C6 NAG IA . -38.12 83.19 47.33
C7 NAG IA . -36.32 86.05 41.60
C8 NAG IA . -35.55 85.87 40.32
N2 NAG IA . -35.84 85.41 42.65
O3 NAG IA . -35.56 86.77 45.14
O4 NAG IA . -36.06 85.23 47.49
O5 NAG IA . -37.90 83.35 44.93
O6 NAG IA . -39.32 83.97 47.28
O7 NAG IA . -37.33 86.74 41.65
C1 NAG JA . -49.83 84.58 25.00
C2 NAG JA . -50.75 83.44 25.42
C3 NAG JA . -51.72 83.13 24.30
C4 NAG JA . -52.49 84.39 23.94
C5 NAG JA . -51.51 85.50 23.57
C6 NAG JA . -52.26 86.79 23.24
C7 NAG JA . -49.70 81.95 27.03
C8 NAG JA . -48.85 80.72 27.21
N2 NAG JA . -49.98 82.26 25.76
O3 NAG JA . -52.63 82.10 24.72
O4 NAG JA . -53.36 84.12 22.84
O5 NAG JA . -50.61 85.73 24.65
O6 NAG JA . -52.87 87.30 24.43
O7 NAG JA . -50.10 82.60 27.97
C1 NAG JA . -54.72 84.45 23.22
C2 NAG JA . -55.51 84.86 21.98
C3 NAG JA . -56.92 85.24 22.38
C4 NAG JA . -57.55 84.06 23.11
C5 NAG JA . -56.70 83.67 24.31
C6 NAG JA . -57.29 82.47 25.04
C7 NAG JA . -54.14 85.81 20.22
C8 NAG JA . -53.54 87.06 19.64
N2 NAG JA . -54.87 85.97 21.31
O3 NAG JA . -57.69 85.55 21.22
O4 NAG JA . -58.87 84.41 23.55
O5 NAG JA . -55.37 83.36 23.87
O6 NAG JA . -57.21 81.32 24.19
O7 NAG JA . -53.96 84.72 19.71
#